data_7O7R
#
_entry.id   7O7R
#
_cell.length_a   1.00
_cell.length_b   1.00
_cell.length_c   1.00
_cell.angle_alpha   90.00
_cell.angle_beta   90.00
_cell.angle_gamma   90.00
#
_symmetry.space_group_name_H-M   'P 1'
#
loop_
_entity.id
_entity.type
_entity.pdbx_description
1 polymer Alpha-2-macroglobulin
2 branched 2-acetamido-2-deoxy-beta-D-glucopyranose-(1-4)-2-acetamido-2-deoxy-beta-D-glucopyranose
3 branched beta-D-mannopyranose-(1-4)-2-acetamido-2-deoxy-beta-D-glucopyranose-(1-4)-2-acetamido-2-deoxy-beta-D-glucopyranose
4 non-polymer 2-acetamido-2-deoxy-beta-D-glucopyranose
#
_entity_poly.entity_id   1
_entity_poly.type   'polypeptide(L)'
_entity_poly.pdbx_seq_one_letter_code
;MGKNKLLHPSLVLLLLVLLPTDASVSGKPQYMVLVPSLLHTETTEKGCVLLSYLNETVTVSASLESVRGNRSLFTDLEAE
NDVLHCVAFAVPKSSSNEEVMFLTVQVKGPTQEFKKRTTVMVKNEDSLVFVQTDKSIYKPGQTVKFRVVSMDENFHPLNE
LIPLVYIQDPKGNRIAQWQSFQLEGGLKQFSFPLSSEPFQGSYKVVVQKKSGGRTEHPFTVEEFVLPKFEVQVTVPKIIT
ILEEEMNVSVCGLYTYGKPVPGHVTVSICRKYSDASDCHGEDSQAFCEKFSGQLNSHGCFYQQVKTKVFQLKRKEYEMKL
HTEAQIQEEGTVVELTGRQSSEITRTITKLSFVKVDSHFRQGIPFFGQVRLVDGKGVPIPNKVIFIRGNEANYYSNATTD
EHGLVQFSINTTNVMGTSLTVRVNYKDRSPCYGYQWVSEEHEEAHHTAYLVFSPSKSFVHLEPMSHELPCGHTQTVQAHY
ILNGGTLLGLKKLSFYYLIMAKGGIVRTGTHGLLVKQEDMKGHFSISIPVKSDIAPVARLLIYAVLPTGDVIGDSAKYDV
ENCLANKVDLSFSPSQSLPASHAHLRVTAAPQSVCALRAVDQSVLLMKPDAELSASSVYNLLPEKDLTGFPGPLNDQDNE
DCINRHNVYINGITYTPVSSTNEKDMYSFLEDMGLKAFTNSKIRKPKMCPQLQQYEMHGPEGLRVGFYESDVMGRGHARL
VHVEEPHTETVRKYFPETWIWDLVVVNSAGVAEVGVTVPDTITEWKAGAFCLSEDAGLGISSTASLRAFQPFFVELTMPY
SVIRGEAFTLKATVLNYLPKCIRVSVQLEASPAFLAVPVEKEQAPHCICANGRQTVSWAVTPKSLGNVNFTVSAEALESQ
ELCGTEVPSVPEHGRKDTVIKPLLVEPEGLEKETTFNSLLCPSGGEVSEELSLKLPPNVVEESARASVSVLGDILGSAMQ
NTQNLLQMPYGCGEQNMVLFAPNIYVLDYLNETQQLTPEIKSKAIGYLNTGYQRQLNYKHYDGSYSTFGERYGRNQGNTW
LTAFVLKTFAQARAYIFIDEAHITQALIWLSQRQKDNGCFRSSGSLLNNAIKGGVEDEVTLSAYITIALLEIPLTVTHPV
VRNALFCLESAWKTAQEGDHGSHVYTKALLAYAFALAGNQDKRKEVLKSLNEEAVKKDNSVHWERPQKPKAPVGHFYEPQ
APSAEVEMTSYVLLAYLTAQPAPTSEDLTSATNIVKWITKQQNAQGGFSSTQDTVVALHALSKYGAATFTRTGKAAQVTI
QSSGTFSSKFQVDNNNRLLLQQVSLPELPGEYSMKVTGEGCVYLQTSLKYNILPEKEEFPFALGVQTLPQTCDEPKAHTS
FQISLSVSYTGSRSASNMAIVDVKMVSGFIPLKPTVKMLERSNHVSRTEVSSNHVLIYLDKVSNQTLSLFFTVLQDVPVR
DLKPAIVKVYDYYETDEFAIAEYNAPCSKDLGNA
;
_entity_poly.pdbx_strand_id   A,B,C,D
#
# COMPACT_ATOMS: atom_id res chain seq x y z
N SER A 26 -3.72 -0.78 -67.10
CA SER A 26 -4.61 -1.75 -66.47
C SER A 26 -4.51 -1.68 -64.95
N GLY A 27 -3.42 -2.23 -64.40
CA GLY A 27 -3.22 -2.27 -62.97
C GLY A 27 -2.30 -1.18 -62.48
N LYS A 28 -1.97 -1.19 -61.18
CA LYS A 28 -1.28 -0.03 -60.64
C LYS A 28 0.20 -0.07 -61.00
N PRO A 29 0.87 1.08 -60.99
CA PRO A 29 2.28 1.11 -61.34
C PRO A 29 3.15 0.85 -60.12
N GLN A 30 4.15 -0.01 -60.30
CA GLN A 30 4.85 -0.59 -59.16
C GLN A 30 6.35 -0.61 -59.33
N TYR A 31 7.00 -0.94 -58.22
CA TYR A 31 8.45 -0.89 -58.05
C TYR A 31 8.78 -1.70 -56.81
N MET A 32 10.04 -2.12 -56.71
CA MET A 32 10.52 -2.72 -55.47
C MET A 32 12.03 -2.88 -55.56
N VAL A 33 12.73 -2.73 -54.44
CA VAL A 33 14.18 -2.64 -54.41
C VAL A 33 14.70 -3.11 -53.07
N LEU A 34 15.68 -4.00 -53.08
CA LEU A 34 16.00 -4.81 -51.92
C LEU A 34 17.47 -4.67 -51.56
N VAL A 35 17.78 -4.80 -50.28
CA VAL A 35 19.15 -4.63 -49.79
C VAL A 35 19.27 -5.01 -48.32
N PRO A 36 20.40 -5.58 -47.90
CA PRO A 36 20.66 -5.74 -46.47
C PRO A 36 20.67 -4.44 -45.72
N SER A 37 20.80 -4.59 -44.41
CA SER A 37 20.90 -3.50 -43.46
C SER A 37 22.32 -3.39 -42.91
N LEU A 38 22.92 -4.53 -42.63
CA LEU A 38 24.29 -4.60 -42.15
C LEU A 38 25.19 -4.54 -43.38
N LEU A 39 25.47 -3.33 -43.84
CA LEU A 39 26.42 -3.12 -44.92
C LEU A 39 27.79 -3.63 -44.55
N HIS A 40 28.66 -3.60 -45.52
CA HIS A 40 30.07 -3.79 -45.29
C HIS A 40 30.83 -2.71 -46.03
N THR A 41 32.15 -2.81 -45.98
CA THR A 41 33.06 -1.93 -46.68
C THR A 41 34.13 -2.75 -47.36
N GLU A 42 35.00 -2.03 -48.07
CA GLU A 42 36.17 -2.62 -48.67
C GLU A 42 35.79 -3.60 -49.77
N THR A 43 34.59 -3.45 -50.30
CA THR A 43 34.11 -4.29 -51.39
C THR A 43 32.79 -3.71 -51.87
N THR A 44 32.17 -4.40 -52.80
CA THR A 44 30.84 -4.08 -53.25
C THR A 44 29.85 -4.90 -52.46
N GLU A 45 28.68 -4.32 -52.27
CA GLU A 45 27.57 -5.07 -51.71
C GLU A 45 26.33 -4.72 -52.52
N LYS A 46 25.62 -5.77 -52.87
CA LYS A 46 24.62 -5.73 -53.93
C LYS A 46 23.21 -5.85 -53.35
N GLY A 47 22.28 -5.17 -54.00
CA GLY A 47 20.87 -5.33 -53.76
C GLY A 47 20.21 -5.58 -55.11
N CYS A 48 18.89 -5.55 -55.21
CA CYS A 48 18.25 -5.72 -56.51
C CYS A 48 16.99 -4.87 -56.58
N VAL A 49 16.30 -4.95 -57.71
CA VAL A 49 15.22 -3.98 -58.02
C VAL A 49 14.20 -4.65 -58.95
N LEU A 50 12.92 -4.60 -58.56
CA LEU A 50 11.85 -4.64 -59.54
C LEU A 50 11.43 -3.22 -59.86
N LEU A 51 11.20 -3.00 -61.14
CA LEU A 51 10.26 -2.01 -61.63
C LEU A 51 9.26 -2.77 -62.48
N SER A 52 8.08 -2.19 -62.70
CA SER A 52 7.16 -2.70 -63.70
C SER A 52 6.01 -1.71 -63.84
N TYR A 53 5.17 -1.96 -64.84
CA TYR A 53 3.87 -1.31 -64.96
C TYR A 53 3.85 0.19 -65.29
N LEU A 54 3.72 0.47 -66.60
CA LEU A 54 3.40 1.77 -67.26
C LEU A 54 4.40 2.94 -67.14
N ASN A 55 4.62 3.64 -68.25
CA ASN A 55 5.53 4.83 -68.27
C ASN A 55 6.85 4.36 -67.63
N GLU A 56 7.31 3.18 -68.07
CA GLU A 56 8.47 2.49 -67.55
C GLU A 56 9.79 3.05 -68.02
N THR A 57 9.80 4.17 -68.74
CA THR A 57 11.03 4.83 -69.12
C THR A 57 11.49 5.64 -67.92
N VAL A 58 11.95 4.92 -66.91
CA VAL A 58 12.14 5.45 -65.57
C VAL A 58 13.59 5.24 -65.17
N THR A 59 14.02 5.97 -64.15
CA THR A 59 15.34 5.82 -63.56
C THR A 59 15.21 5.76 -62.05
N VAL A 60 16.30 5.39 -61.41
CA VAL A 60 16.38 5.37 -59.97
C VAL A 60 17.71 5.95 -59.52
N SER A 61 17.83 6.15 -58.21
CA SER A 61 19.13 6.28 -57.57
C SER A 61 18.94 6.07 -56.07
N ALA A 62 19.64 5.08 -55.53
CA ALA A 62 19.74 4.91 -54.09
C ALA A 62 20.85 5.80 -53.58
N SER A 63 20.46 6.88 -52.94
CA SER A 63 21.40 7.87 -52.42
C SER A 63 21.74 7.46 -51.00
N LEU A 64 22.99 7.13 -50.80
CA LEU A 64 23.55 6.98 -49.48
C LEU A 64 24.20 8.30 -49.10
N GLU A 65 23.58 9.01 -48.18
CA GLU A 65 24.00 10.35 -47.80
C GLU A 65 24.04 10.47 -46.29
N SER A 66 25.24 10.66 -45.76
CA SER A 66 25.44 10.77 -44.33
C SER A 66 24.65 11.96 -43.82
N VAL A 67 24.29 11.91 -42.57
CA VAL A 67 23.37 12.85 -41.99
C VAL A 67 24.10 14.09 -41.54
N ARG A 68 25.20 13.89 -40.83
CA ARG A 68 25.95 15.00 -40.26
C ARG A 68 27.07 15.40 -41.21
N GLY A 69 27.14 16.68 -41.52
CA GLY A 69 28.16 17.17 -42.43
C GLY A 69 27.77 16.90 -43.86
N ASN A 70 28.60 16.19 -44.61
CA ASN A 70 28.15 15.70 -45.95
C ASN A 70 29.12 14.64 -46.39
N ARG A 71 28.58 13.84 -47.28
CA ARG A 71 29.20 12.69 -47.93
C ARG A 71 28.14 12.15 -48.88
N SER A 72 28.55 11.39 -49.89
CA SER A 72 27.57 10.75 -50.75
C SER A 72 28.23 9.67 -51.58
N LEU A 73 27.80 8.43 -51.40
CA LEU A 73 28.18 7.33 -52.28
C LEU A 73 27.05 7.18 -53.29
N PHE A 74 26.84 8.24 -54.06
CA PHE A 74 25.77 8.31 -55.06
C PHE A 74 25.89 7.16 -56.05
N THR A 75 24.74 6.68 -56.48
CA THR A 75 24.64 5.66 -57.52
C THR A 75 23.34 5.92 -58.25
N ASP A 76 23.35 5.73 -59.57
CA ASP A 76 22.21 6.01 -60.42
C ASP A 76 21.97 4.83 -61.35
N LEU A 77 20.76 4.74 -61.87
CA LEU A 77 20.47 3.61 -62.74
C LEU A 77 19.17 3.84 -63.49
N GLU A 78 19.21 3.51 -64.79
CA GLU A 78 18.03 3.46 -65.61
C GLU A 78 17.11 2.34 -65.16
N ALA A 79 15.82 2.60 -65.24
CA ALA A 79 14.81 1.69 -64.75
C ALA A 79 13.95 1.19 -65.91
N GLU A 80 14.01 -0.12 -66.15
CA GLU A 80 13.14 -0.84 -67.09
C GLU A 80 11.87 -1.27 -66.34
N ASN A 81 11.18 -2.26 -66.90
CA ASN A 81 10.06 -2.89 -66.22
C ASN A 81 10.39 -4.32 -65.86
N ASP A 82 9.62 -4.83 -64.90
CA ASP A 82 9.44 -6.23 -64.55
C ASP A 82 10.68 -7.09 -64.71
N VAL A 83 11.84 -6.56 -64.37
CA VAL A 83 13.11 -7.25 -64.53
C VAL A 83 13.89 -7.12 -63.25
N LEU A 84 14.72 -8.12 -62.98
CA LEU A 84 15.67 -8.08 -61.88
C LEU A 84 17.07 -8.10 -62.48
N HIS A 85 17.59 -6.91 -62.77
CA HIS A 85 19.02 -6.70 -62.80
C HIS A 85 19.43 -6.23 -61.42
N CYS A 86 20.57 -6.73 -60.95
CA CYS A 86 21.09 -6.38 -59.63
C CYS A 86 22.41 -5.64 -59.79
N VAL A 87 22.41 -4.35 -59.44
CA VAL A 87 23.62 -3.55 -59.36
C VAL A 87 24.26 -3.75 -58.00
N ALA A 88 25.58 -3.79 -58.00
CA ALA A 88 26.38 -3.84 -56.80
C ALA A 88 27.21 -2.57 -56.71
N PHE A 89 26.69 -1.55 -55.99
CA PHE A 89 27.53 -0.42 -55.59
C PHE A 89 28.61 -0.92 -54.63
N ALA A 90 29.47 0.00 -54.23
CA ALA A 90 30.53 -0.35 -53.29
C ALA A 90 30.87 0.84 -52.41
N VAL A 91 31.74 0.56 -51.44
CA VAL A 91 31.83 1.36 -50.24
C VAL A 91 33.28 1.75 -49.96
N PRO A 92 33.55 2.99 -49.59
CA PRO A 92 34.86 3.33 -49.05
C PRO A 92 34.84 3.21 -47.56
N LYS A 93 35.97 3.47 -46.92
CA LYS A 93 35.92 3.67 -45.49
C LYS A 93 35.24 4.99 -45.18
N SER A 94 35.05 5.25 -43.89
CA SER A 94 34.46 6.48 -43.41
C SER A 94 35.28 7.05 -42.27
N SER A 95 34.84 8.20 -41.80
CA SER A 95 35.48 8.85 -40.66
C SER A 95 35.44 7.94 -39.43
N SER A 96 34.24 7.69 -38.92
CA SER A 96 34.09 6.87 -37.74
C SER A 96 34.16 5.40 -38.14
N ASN A 97 34.33 4.54 -37.15
CA ASN A 97 34.32 3.11 -37.40
C ASN A 97 32.94 2.66 -37.81
N GLU A 98 31.99 2.79 -36.90
CA GLU A 98 30.62 2.40 -37.11
C GLU A 98 29.78 3.67 -37.16
N GLU A 99 28.64 3.59 -37.82
CA GLU A 99 27.70 4.68 -37.84
C GLU A 99 26.39 4.14 -38.34
N VAL A 100 25.37 4.96 -38.22
CA VAL A 100 24.15 4.80 -38.98
C VAL A 100 24.49 5.26 -40.38
N MET A 101 23.58 5.00 -41.30
CA MET A 101 23.54 5.77 -42.50
C MET A 101 22.11 5.83 -43.01
N PHE A 102 21.62 7.05 -43.13
CA PHE A 102 20.51 7.37 -44.02
C PHE A 102 20.82 6.77 -45.40
N LEU A 103 19.95 5.87 -45.87
CA LEU A 103 19.76 5.68 -47.30
C LEU A 103 18.53 6.46 -47.71
N THR A 104 18.58 7.03 -48.89
CA THR A 104 17.42 7.62 -49.52
C THR A 104 17.46 7.27 -51.00
N VAL A 105 16.35 6.73 -51.51
CA VAL A 105 16.20 6.40 -52.92
C VAL A 105 15.40 7.51 -53.57
N GLN A 106 15.67 7.75 -54.86
CA GLN A 106 14.85 8.59 -55.70
C GLN A 106 14.60 7.87 -57.01
N VAL A 107 13.36 7.89 -57.47
CA VAL A 107 12.93 7.30 -58.73
C VAL A 107 12.25 8.38 -59.52
N LYS A 108 12.43 8.35 -60.84
CA LYS A 108 11.81 9.35 -61.71
C LYS A 108 11.39 8.71 -63.00
N GLY A 109 10.10 8.43 -63.11
CA GLY A 109 9.51 8.13 -64.38
C GLY A 109 9.05 9.40 -65.05
N PRO A 110 8.69 9.30 -66.31
CA PRO A 110 8.23 10.48 -67.03
C PRO A 110 6.94 11.02 -66.46
N THR A 111 6.10 10.15 -65.90
CA THR A 111 4.81 10.59 -65.29
C THR A 111 4.74 10.09 -63.85
N GLN A 112 5.72 9.26 -63.44
CA GLN A 112 5.76 8.71 -62.07
C GLN A 112 7.11 9.01 -61.42
N GLU A 113 7.26 8.64 -60.16
CA GLU A 113 8.46 8.84 -59.37
C GLU A 113 8.32 8.06 -58.08
N PHE A 114 9.41 7.97 -57.34
CA PHE A 114 9.29 7.58 -55.95
C PHE A 114 10.59 7.90 -55.23
N LYS A 115 10.45 8.64 -54.12
CA LYS A 115 11.58 8.93 -53.24
C LYS A 115 11.30 8.31 -51.87
N LYS A 116 12.24 7.52 -51.38
CA LYS A 116 11.99 6.88 -50.10
C LYS A 116 13.29 6.49 -49.43
N ARG A 117 13.28 6.60 -48.11
CA ARG A 117 14.47 6.62 -47.30
C ARG A 117 14.27 5.78 -46.04
N THR A 118 15.39 5.42 -45.47
CA THR A 118 15.47 4.73 -44.20
C THR A 118 16.87 4.96 -43.67
N THR A 119 17.27 4.17 -42.70
CA THR A 119 18.58 4.23 -42.12
C THR A 119 19.24 2.91 -42.38
N VAL A 120 20.54 2.91 -42.38
CA VAL A 120 21.32 1.74 -42.66
C VAL A 120 22.51 1.71 -41.73
N MET A 121 22.99 0.52 -41.44
CA MET A 121 24.17 0.35 -40.65
C MET A 121 25.37 0.41 -41.57
N VAL A 122 26.44 1.01 -41.09
CA VAL A 122 27.73 1.00 -41.75
C VAL A 122 28.78 0.53 -40.77
N LYS A 123 29.90 0.06 -41.30
CA LYS A 123 30.93 -0.49 -40.45
C LYS A 123 32.26 -0.57 -41.17
N ASN A 124 33.19 0.28 -40.77
CA ASN A 124 34.56 0.23 -41.28
C ASN A 124 35.14 -1.06 -40.72
N GLU A 125 34.94 -2.12 -41.48
CA GLU A 125 34.86 -3.46 -40.91
C GLU A 125 36.14 -3.95 -40.29
N ASP A 126 36.00 -5.13 -39.73
CA ASP A 126 37.10 -6.03 -39.43
C ASP A 126 37.11 -7.16 -40.44
N SER A 127 38.23 -7.29 -41.14
CA SER A 127 38.51 -8.45 -41.93
C SER A 127 38.77 -9.67 -41.04
N LEU A 128 37.97 -10.72 -41.21
CA LEU A 128 38.12 -11.92 -40.38
C LEU A 128 39.42 -12.57 -40.83
N VAL A 129 40.34 -12.75 -39.89
CA VAL A 129 41.68 -13.21 -40.18
C VAL A 129 42.10 -14.18 -39.10
N PHE A 130 43.14 -14.95 -39.37
CA PHE A 130 43.47 -16.04 -38.49
C PHE A 130 44.81 -16.65 -38.88
N VAL A 131 45.23 -17.60 -38.06
CA VAL A 131 46.54 -18.22 -38.13
C VAL A 131 46.40 -19.71 -38.31
N GLN A 132 47.40 -20.27 -38.97
CA GLN A 132 47.76 -21.66 -38.86
C GLN A 132 49.19 -21.65 -38.34
N THR A 133 49.49 -22.58 -37.45
CA THR A 133 50.82 -22.72 -36.87
C THR A 133 51.44 -24.01 -37.37
N ASP A 134 52.71 -24.19 -37.03
CA ASP A 134 53.32 -25.48 -37.32
C ASP A 134 52.97 -26.48 -36.26
N LYS A 135 52.70 -26.03 -35.06
CA LYS A 135 52.54 -26.92 -33.94
C LYS A 135 51.45 -26.35 -33.05
N SER A 136 50.90 -27.24 -32.25
CA SER A 136 50.12 -26.90 -31.07
C SER A 136 50.90 -27.14 -29.79
N ILE A 137 52.22 -27.33 -29.88
CA ILE A 137 53.06 -27.63 -28.75
C ILE A 137 54.51 -27.44 -29.15
N TYR A 138 55.39 -27.20 -28.18
CA TYR A 138 56.83 -27.15 -28.39
C TYR A 138 57.59 -27.67 -27.18
N LYS A 139 58.87 -27.81 -27.37
CA LYS A 139 59.82 -28.23 -26.37
C LYS A 139 60.99 -27.25 -26.35
N PRO A 140 61.92 -27.40 -25.40
CA PRO A 140 63.08 -26.51 -25.35
C PRO A 140 63.86 -26.36 -26.64
N GLY A 141 64.28 -25.13 -26.92
CA GLY A 141 65.14 -24.82 -28.04
C GLY A 141 64.48 -24.87 -29.40
N GLN A 142 63.16 -24.98 -29.45
CA GLN A 142 62.44 -25.12 -30.69
C GLN A 142 62.06 -23.78 -31.27
N THR A 143 61.47 -23.85 -32.45
CA THR A 143 61.36 -22.73 -33.36
C THR A 143 59.92 -22.65 -33.84
N VAL A 144 59.32 -21.47 -33.73
CA VAL A 144 57.94 -21.32 -34.17
C VAL A 144 57.93 -21.30 -35.67
N LYS A 145 56.83 -21.74 -36.25
CA LYS A 145 56.55 -21.56 -37.66
C LYS A 145 55.04 -21.49 -37.83
N PHE A 146 54.55 -20.35 -38.33
CA PHE A 146 53.13 -20.14 -38.50
C PHE A 146 52.87 -19.27 -39.69
N ARG A 147 51.58 -19.09 -39.97
CA ARG A 147 51.10 -18.31 -41.08
C ARG A 147 49.83 -17.62 -40.65
N VAL A 148 49.25 -16.84 -41.53
CA VAL A 148 48.10 -16.04 -41.22
C VAL A 148 47.32 -15.80 -42.50
N VAL A 149 46.15 -15.18 -42.41
CA VAL A 149 45.31 -14.93 -43.58
C VAL A 149 44.69 -13.55 -43.54
N SER A 150 44.52 -12.99 -44.73
CA SER A 150 43.66 -11.85 -45.00
C SER A 150 42.43 -12.28 -45.80
N MET A 151 41.35 -11.50 -45.72
CA MET A 151 40.12 -11.82 -46.44
C MET A 151 39.29 -10.56 -46.67
N ASP A 152 38.24 -10.72 -47.46
CA ASP A 152 37.12 -9.79 -47.59
C ASP A 152 35.84 -10.51 -47.15
N GLU A 153 34.70 -9.90 -47.45
CA GLU A 153 33.43 -10.60 -47.38
C GLU A 153 33.52 -11.96 -48.05
N ASN A 154 33.82 -11.95 -49.33
CA ASN A 154 34.17 -13.18 -50.00
C ASN A 154 35.44 -13.72 -49.40
N PHE A 155 35.82 -14.89 -49.86
CA PHE A 155 37.15 -15.40 -49.52
C PHE A 155 38.06 -15.32 -50.72
N HIS A 156 37.74 -14.37 -51.58
CA HIS A 156 38.67 -13.85 -52.55
C HIS A 156 39.59 -12.87 -51.87
N PRO A 157 40.83 -13.25 -51.54
CA PRO A 157 41.66 -12.40 -50.67
C PRO A 157 41.97 -11.02 -51.26
N LEU A 158 42.47 -10.15 -50.39
CA LEU A 158 42.81 -8.76 -50.71
C LEU A 158 44.24 -8.47 -50.26
N ASN A 159 44.86 -7.48 -50.88
CA ASN A 159 46.19 -7.03 -50.51
C ASN A 159 46.13 -5.82 -49.60
N GLU A 160 46.79 -5.92 -48.45
CA GLU A 160 46.81 -4.83 -47.49
C GLU A 160 48.05 -4.95 -46.62
N LEU A 161 48.21 -3.98 -45.74
CA LEU A 161 49.37 -3.85 -44.87
C LEU A 161 48.94 -4.01 -43.42
N ILE A 162 49.83 -4.56 -42.61
CA ILE A 162 49.52 -4.92 -41.24
C ILE A 162 50.24 -3.98 -40.27
N PRO A 163 49.61 -3.55 -39.18
CA PRO A 163 50.36 -2.83 -38.13
C PRO A 163 51.41 -3.69 -37.44
N LEU A 164 51.04 -4.82 -36.87
CA LEU A 164 51.97 -5.64 -36.14
C LEU A 164 51.39 -7.02 -35.93
N VAL A 165 52.27 -7.99 -35.75
CA VAL A 165 51.94 -9.25 -35.14
C VAL A 165 53.09 -9.65 -34.24
N TYR A 166 52.76 -10.20 -33.07
CA TYR A 166 53.78 -10.45 -32.08
C TYR A 166 53.49 -11.71 -31.28
N ILE A 167 54.36 -11.94 -30.32
CA ILE A 167 54.32 -13.08 -29.43
C ILE A 167 54.26 -12.55 -28.01
N GLN A 168 53.62 -13.32 -27.15
CA GLN A 168 53.40 -12.93 -25.77
C GLN A 168 53.73 -14.10 -24.87
N ASP A 169 54.61 -13.88 -23.93
CA ASP A 169 54.94 -14.87 -22.95
C ASP A 169 53.78 -15.10 -22.01
N PRO A 170 53.89 -16.10 -21.13
CA PRO A 170 52.86 -16.28 -20.10
C PRO A 170 52.68 -15.09 -19.19
N LYS A 171 53.70 -14.25 -19.03
CA LYS A 171 53.72 -13.23 -18.00
C LYS A 171 53.52 -11.83 -18.55
N GLY A 172 52.94 -11.69 -19.73
CA GLY A 172 52.85 -10.40 -20.36
C GLY A 172 54.12 -9.95 -21.02
N ASN A 173 55.19 -10.71 -20.91
CA ASN A 173 56.47 -10.34 -21.50
C ASN A 173 56.45 -10.62 -23.00
N ARG A 174 56.15 -9.56 -23.75
CA ARG A 174 56.33 -9.61 -25.19
C ARG A 174 57.73 -10.07 -25.52
N ILE A 175 57.83 -11.23 -26.14
CA ILE A 175 59.11 -11.95 -26.26
C ILE A 175 59.83 -11.66 -27.58
N ALA A 176 59.21 -10.94 -28.50
CA ALA A 176 59.91 -10.50 -29.71
C ALA A 176 59.04 -9.52 -30.44
N GLN A 177 59.42 -9.23 -31.69
CA GLN A 177 58.56 -8.44 -32.57
C GLN A 177 58.93 -8.66 -34.01
N TRP A 178 57.93 -8.58 -34.90
CA TRP A 178 58.11 -8.27 -36.30
C TRP A 178 57.00 -7.35 -36.71
N GLN A 179 57.34 -6.37 -37.51
CA GLN A 179 56.53 -5.18 -37.65
C GLN A 179 56.55 -4.69 -39.07
N SER A 180 55.47 -3.97 -39.41
CA SER A 180 55.34 -3.25 -40.66
C SER A 180 55.60 -4.14 -41.87
N PHE A 181 54.83 -5.22 -41.99
CA PHE A 181 54.83 -6.09 -43.14
C PHE A 181 53.51 -5.99 -43.86
N GLN A 182 53.51 -6.46 -45.10
CA GLN A 182 52.39 -6.31 -46.01
C GLN A 182 51.99 -7.70 -46.52
N LEU A 183 50.73 -7.81 -46.91
CA LEU A 183 50.21 -9.05 -47.47
C LEU A 183 49.89 -8.87 -48.94
N GLU A 184 50.66 -9.55 -49.78
CA GLU A 184 50.38 -9.67 -51.22
C GLU A 184 49.93 -11.09 -51.47
N GLY A 185 50.57 -12.03 -50.79
CA GLY A 185 50.10 -13.39 -50.80
C GLY A 185 48.72 -13.50 -50.22
N GLY A 186 48.35 -12.56 -49.34
CA GLY A 186 47.17 -12.66 -48.53
C GLY A 186 47.35 -13.55 -47.33
N LEU A 187 48.40 -14.37 -47.34
CA LEU A 187 48.96 -14.93 -46.15
C LEU A 187 50.35 -14.34 -46.02
N LYS A 188 51.01 -14.67 -44.92
CA LYS A 188 52.45 -14.56 -44.87
C LYS A 188 52.89 -15.53 -43.79
N GLN A 189 54.19 -15.78 -43.74
CA GLN A 189 54.76 -16.82 -42.94
C GLN A 189 55.97 -16.29 -42.18
N PHE A 190 56.06 -16.65 -40.90
CA PHE A 190 57.04 -16.10 -40.00
C PHE A 190 57.73 -17.21 -39.24
N SER A 191 58.71 -16.82 -38.42
CA SER A 191 59.49 -17.76 -37.66
C SER A 191 60.14 -17.04 -36.49
N PHE A 192 60.74 -17.83 -35.60
CA PHE A 192 61.50 -17.31 -34.48
C PHE A 192 62.22 -18.45 -33.76
N PRO A 193 63.45 -18.24 -33.29
CA PRO A 193 64.11 -19.28 -32.49
C PRO A 193 63.97 -19.04 -31.01
N LEU A 194 63.54 -20.06 -30.27
CA LEU A 194 63.53 -19.95 -28.83
C LEU A 194 64.88 -20.34 -28.25
N SER A 195 65.17 -19.79 -27.08
CA SER A 195 66.46 -19.96 -26.43
C SER A 195 66.51 -21.32 -25.75
N SER A 196 67.47 -21.47 -24.84
CA SER A 196 67.66 -22.75 -24.18
C SER A 196 66.57 -23.07 -23.17
N GLU A 197 66.33 -22.18 -22.20
CA GLU A 197 65.35 -22.41 -21.14
C GLU A 197 64.42 -21.23 -20.97
N PRO A 198 63.81 -20.71 -22.05
CA PRO A 198 62.86 -19.62 -21.89
C PRO A 198 61.55 -20.14 -21.31
N PHE A 199 60.57 -19.25 -21.28
CA PHE A 199 59.48 -19.34 -20.34
C PHE A 199 58.70 -20.64 -20.51
N GLN A 200 58.49 -21.33 -19.40
CA GLN A 200 57.54 -22.43 -19.35
C GLN A 200 56.13 -21.86 -19.32
N GLY A 201 55.14 -22.75 -19.26
CA GLY A 201 53.75 -22.36 -19.26
C GLY A 201 53.22 -22.26 -20.66
N SER A 202 52.09 -21.58 -20.78
CA SER A 202 51.34 -21.54 -22.02
C SER A 202 51.62 -20.26 -22.80
N TYR A 203 52.43 -20.37 -23.84
CA TYR A 203 52.75 -19.24 -24.69
C TYR A 203 51.52 -18.76 -25.43
N LYS A 204 51.67 -17.65 -26.16
CA LYS A 204 50.56 -16.99 -26.82
C LYS A 204 51.11 -16.16 -27.97
N VAL A 205 50.44 -16.21 -29.12
CA VAL A 205 50.86 -15.51 -30.31
C VAL A 205 49.65 -14.83 -30.92
N VAL A 206 49.77 -13.53 -31.17
CA VAL A 206 48.64 -12.63 -31.25
C VAL A 206 48.98 -11.46 -32.16
N VAL A 207 47.96 -10.74 -32.62
CA VAL A 207 48.08 -9.68 -33.61
C VAL A 207 47.37 -8.43 -33.11
N GLN A 208 47.22 -7.46 -34.02
CA GLN A 208 46.18 -6.45 -33.92
C GLN A 208 46.08 -5.73 -35.25
N LYS A 209 45.02 -4.94 -35.41
CA LYS A 209 44.72 -4.31 -36.68
C LYS A 209 44.68 -2.79 -36.58
N LYS A 210 44.63 -2.18 -37.76
CA LYS A 210 44.57 -0.74 -37.91
C LYS A 210 43.43 -0.15 -37.10
N SER A 211 42.34 -0.86 -37.00
CA SER A 211 41.21 -0.41 -36.20
C SER A 211 41.46 -0.72 -34.75
N GLY A 212 42.25 -1.76 -34.49
CA GLY A 212 42.54 -2.22 -33.16
C GLY A 212 42.06 -3.61 -32.88
N GLY A 213 41.41 -4.25 -33.83
CA GLY A 213 40.96 -5.60 -33.61
C GLY A 213 42.12 -6.55 -33.46
N ARG A 214 41.98 -7.46 -32.51
CA ARG A 214 43.05 -8.28 -31.99
C ARG A 214 42.65 -9.74 -32.07
N THR A 215 43.65 -10.61 -32.22
CA THR A 215 43.38 -12.01 -32.42
C THR A 215 44.63 -12.85 -32.21
N GLU A 216 44.42 -14.09 -31.81
CA GLU A 216 45.43 -14.95 -31.20
C GLU A 216 45.60 -16.24 -31.97
N HIS A 217 46.39 -17.13 -31.41
CA HIS A 217 46.42 -18.55 -31.78
C HIS A 217 47.17 -19.26 -30.66
N PRO A 218 46.53 -19.55 -29.55
CA PRO A 218 47.24 -20.07 -28.39
C PRO A 218 47.82 -21.45 -28.56
N PHE A 219 48.64 -21.77 -27.58
CA PHE A 219 49.53 -22.91 -27.61
C PHE A 219 50.33 -22.90 -26.33
N THR A 220 51.17 -23.90 -26.19
CA THR A 220 52.00 -24.08 -25.00
C THR A 220 53.42 -24.43 -25.41
N VAL A 221 54.35 -24.12 -24.51
CA VAL A 221 55.68 -24.69 -24.54
C VAL A 221 55.82 -25.46 -23.25
N GLU A 222 56.41 -26.65 -23.32
CA GLU A 222 56.54 -27.50 -22.15
C GLU A 222 57.48 -28.63 -22.53
N GLU A 223 57.51 -29.65 -21.68
CA GLU A 223 58.29 -30.86 -21.94
C GLU A 223 57.38 -32.10 -21.93
N PHE A 224 57.84 -33.15 -22.62
CA PHE A 224 57.04 -34.32 -22.94
C PHE A 224 57.92 -35.37 -23.60
N VAL A 225 57.61 -36.64 -23.36
CA VAL A 225 58.13 -37.75 -24.16
C VAL A 225 57.15 -37.98 -25.30
N LEU A 226 57.66 -38.33 -26.45
CA LEU A 226 56.81 -38.53 -27.61
C LEU A 226 55.88 -39.70 -27.35
N PRO A 227 54.57 -39.58 -27.57
CA PRO A 227 53.69 -40.74 -27.46
C PRO A 227 53.57 -41.46 -28.79
N LYS A 228 53.81 -42.77 -28.74
CA LYS A 228 53.56 -43.64 -29.87
C LYS A 228 52.24 -44.41 -29.71
N PHE A 229 51.31 -43.89 -28.91
CA PHE A 229 50.04 -44.56 -28.70
C PHE A 229 49.02 -43.58 -28.15
N GLU A 230 47.84 -43.59 -28.78
CA GLU A 230 46.64 -42.99 -28.25
C GLU A 230 45.72 -44.08 -27.76
N VAL A 231 45.66 -44.25 -26.43
CA VAL A 231 44.59 -45.02 -25.83
C VAL A 231 43.27 -44.56 -26.43
N GLN A 232 42.44 -45.50 -26.84
CA GLN A 232 41.20 -45.11 -27.47
C GLN A 232 40.15 -46.17 -27.24
N VAL A 233 38.92 -45.70 -27.06
CA VAL A 233 37.81 -46.51 -26.62
C VAL A 233 36.60 -46.21 -27.46
N THR A 234 35.57 -47.02 -27.24
CA THR A 234 34.24 -46.80 -27.81
C THR A 234 33.25 -47.28 -26.78
N VAL A 235 32.62 -46.33 -26.11
CA VAL A 235 31.84 -46.55 -24.91
C VAL A 235 30.73 -45.53 -25.05
N PRO A 236 29.53 -45.79 -24.54
CA PRO A 236 28.40 -44.88 -24.81
C PRO A 236 28.71 -43.43 -24.54
N LYS A 237 28.50 -42.66 -25.58
CA LYS A 237 28.33 -41.23 -25.41
C LYS A 237 27.20 -40.99 -24.46
N ILE A 238 26.19 -41.85 -24.50
CA ILE A 238 24.91 -41.59 -23.88
C ILE A 238 24.41 -42.90 -23.29
N ILE A 239 24.50 -43.04 -21.97
CA ILE A 239 23.62 -43.92 -21.20
C ILE A 239 22.47 -43.04 -20.77
N THR A 240 21.31 -43.64 -20.53
CA THR A 240 20.10 -42.91 -20.18
C THR A 240 19.40 -43.65 -19.04
N ILE A 241 18.19 -43.19 -18.73
CA ILE A 241 17.51 -43.57 -17.49
C ILE A 241 17.31 -45.08 -17.46
N LEU A 242 16.81 -45.62 -18.56
CA LEU A 242 16.34 -47.00 -18.59
C LEU A 242 17.49 -47.89 -19.05
N GLU A 243 18.57 -47.84 -18.28
CA GLU A 243 19.75 -48.62 -18.59
C GLU A 243 20.24 -49.30 -17.33
N GLU A 244 20.48 -50.60 -17.45
CA GLU A 244 20.72 -51.47 -16.31
C GLU A 244 22.17 -51.91 -16.22
N GLU A 245 22.84 -52.00 -17.36
CA GLU A 245 24.28 -52.15 -17.42
C GLU A 245 24.77 -51.31 -18.59
N MET A 246 26.01 -51.52 -19.01
CA MET A 246 26.58 -50.65 -20.01
C MET A 246 27.75 -51.35 -20.68
N ASN A 247 27.90 -51.08 -21.99
CA ASN A 247 28.96 -51.66 -22.85
C ASN A 247 30.24 -50.80 -22.76
N VAL A 248 31.40 -51.45 -22.72
CA VAL A 248 32.70 -50.81 -22.59
C VAL A 248 33.67 -51.47 -23.54
N SER A 249 34.50 -50.67 -24.20
CA SER A 249 35.41 -51.20 -25.20
C SER A 249 36.57 -50.25 -25.38
N VAL A 250 37.75 -50.83 -25.54
CA VAL A 250 39.01 -50.11 -25.53
C VAL A 250 39.93 -50.66 -26.60
N CYS A 251 40.66 -49.77 -27.25
CA CYS A 251 41.39 -50.10 -28.46
C CYS A 251 42.67 -49.26 -28.55
N GLY A 252 43.80 -49.94 -28.57
CA GLY A 252 45.09 -49.28 -28.61
C GLY A 252 45.67 -49.15 -29.99
N LEU A 253 45.47 -47.99 -30.58
CA LEU A 253 46.20 -47.59 -31.77
C LEU A 253 47.61 -47.16 -31.35
N TYR A 254 48.49 -46.94 -32.33
CA TYR A 254 49.93 -47.02 -32.08
C TYR A 254 50.65 -46.28 -33.20
N THR A 255 51.93 -46.54 -33.33
CA THR A 255 52.55 -46.43 -34.64
C THR A 255 51.67 -47.16 -35.63
N TYR A 256 51.30 -46.47 -36.70
CA TYR A 256 50.79 -47.16 -37.88
C TYR A 256 49.43 -47.81 -37.64
N GLY A 257 48.79 -47.49 -36.53
CA GLY A 257 47.54 -48.15 -36.21
C GLY A 257 47.67 -49.62 -35.92
N LYS A 258 48.88 -50.11 -35.66
CA LYS A 258 49.04 -51.51 -35.29
C LYS A 258 48.31 -51.80 -33.98
N PRO A 259 48.07 -53.07 -33.69
CA PRO A 259 47.50 -53.41 -32.38
C PRO A 259 48.60 -53.64 -31.35
N VAL A 260 48.37 -53.10 -30.16
CA VAL A 260 49.40 -53.07 -29.12
C VAL A 260 49.11 -54.09 -28.02
N PRO A 261 50.12 -54.71 -27.42
CA PRO A 261 49.91 -55.49 -26.21
C PRO A 261 50.08 -54.66 -24.95
N GLY A 262 49.92 -55.34 -23.82
CA GLY A 262 50.21 -54.77 -22.52
C GLY A 262 48.99 -54.86 -21.61
N HIS A 263 49.02 -54.01 -20.59
CA HIS A 263 47.98 -53.93 -19.57
C HIS A 263 47.32 -52.56 -19.65
N VAL A 264 46.04 -52.53 -19.30
CA VAL A 264 45.26 -51.31 -19.32
C VAL A 264 44.41 -51.27 -18.06
N THR A 265 44.12 -50.07 -17.59
CA THR A 265 43.18 -49.86 -16.51
C THR A 265 42.37 -48.62 -16.84
N VAL A 266 41.12 -48.63 -16.40
CA VAL A 266 40.13 -47.64 -16.81
C VAL A 266 39.30 -47.29 -15.60
N SER A 267 38.61 -46.15 -15.67
CA SER A 267 37.78 -45.64 -14.59
C SER A 267 36.52 -45.03 -15.17
N ILE A 268 35.48 -45.81 -15.27
CA ILE A 268 34.14 -45.30 -15.53
C ILE A 268 33.63 -44.64 -14.25
N CYS A 269 33.32 -43.35 -14.31
CA CYS A 269 33.15 -42.55 -13.09
C CYS A 269 31.95 -41.63 -13.15
N ARG A 270 31.11 -41.75 -12.11
CA ARG A 270 30.10 -40.76 -11.75
C ARG A 270 30.78 -39.69 -10.89
N LYS A 271 30.19 -38.50 -10.83
CA LYS A 271 30.87 -37.32 -10.27
C LYS A 271 30.11 -36.69 -9.11
N TYR A 272 30.85 -35.96 -8.29
CA TYR A 272 30.28 -34.95 -7.39
C TYR A 272 29.35 -35.60 -6.38
N SER A 273 29.93 -36.44 -5.54
CA SER A 273 29.21 -37.41 -4.73
C SER A 273 28.42 -36.73 -3.63
N ASP A 274 27.85 -37.56 -2.75
CA ASP A 274 27.06 -37.06 -1.64
C ASP A 274 27.89 -36.25 -0.64
N ALA A 275 29.21 -36.32 -0.70
CA ALA A 275 30.02 -35.52 0.19
C ALA A 275 29.93 -34.04 -0.17
N SER A 276 30.61 -33.20 0.62
CA SER A 276 30.44 -31.75 0.50
C SER A 276 31.32 -31.13 -0.58
N ASP A 277 32.40 -31.83 -0.96
CA ASP A 277 33.41 -31.50 -2.01
C ASP A 277 34.39 -30.43 -1.57
N CYS A 278 34.29 -29.94 -0.34
CA CYS A 278 34.99 -28.72 0.08
C CYS A 278 36.10 -29.11 1.05
N HIS A 279 37.31 -29.29 0.50
CA HIS A 279 38.55 -29.22 1.25
C HIS A 279 38.81 -30.41 2.18
N GLY A 280 37.86 -31.32 2.32
CA GLY A 280 38.08 -32.56 3.03
C GLY A 280 37.41 -33.75 2.37
N GLU A 281 36.77 -33.51 1.22
CA GLU A 281 35.84 -34.45 0.62
C GLU A 281 36.18 -34.62 -0.86
N ASP A 282 36.54 -35.84 -1.24
CA ASP A 282 36.84 -36.14 -2.63
C ASP A 282 35.55 -36.07 -3.44
N SER A 283 35.40 -35.02 -4.25
CA SER A 283 34.18 -34.84 -5.03
C SER A 283 34.04 -35.93 -6.08
N GLN A 284 35.15 -36.56 -6.46
CA GLN A 284 35.07 -37.65 -7.40
C GLN A 284 34.19 -38.73 -6.83
N ALA A 285 32.98 -38.80 -7.36
CA ALA A 285 32.00 -39.77 -6.92
C ALA A 285 32.34 -41.11 -7.58
N PHE A 286 31.36 -42.00 -7.63
CA PHE A 286 31.61 -43.42 -7.87
C PHE A 286 32.43 -43.63 -9.13
N CYS A 287 33.68 -44.01 -8.92
CA CYS A 287 34.58 -44.49 -9.95
C CYS A 287 34.65 -45.99 -9.88
N GLU A 288 34.15 -46.63 -10.91
CA GLU A 288 34.27 -48.06 -11.08
C GLU A 288 35.52 -48.27 -11.92
N LYS A 289 36.45 -49.05 -11.41
CA LYS A 289 37.76 -49.23 -12.02
C LYS A 289 37.84 -50.62 -12.62
N PHE A 290 38.25 -50.69 -13.88
CA PHE A 290 38.39 -51.95 -14.58
C PHE A 290 39.82 -52.12 -15.05
N SER A 291 40.39 -53.27 -14.73
CA SER A 291 41.74 -53.65 -15.15
C SER A 291 41.62 -54.58 -16.35
N GLY A 292 42.11 -54.13 -17.50
CA GLY A 292 42.14 -54.95 -18.69
C GLY A 292 43.56 -55.27 -19.08
N GLN A 293 43.72 -56.45 -19.66
CA GLN A 293 45.02 -56.91 -20.15
C GLN A 293 44.90 -56.95 -21.66
N LEU A 294 45.69 -56.13 -22.32
CA LEU A 294 45.64 -56.06 -23.77
C LEU A 294 46.12 -57.38 -24.34
N ASN A 295 45.24 -58.05 -25.08
CA ASN A 295 45.63 -59.29 -25.74
C ASN A 295 46.60 -59.00 -26.88
N SER A 296 46.97 -60.05 -27.59
CA SER A 296 47.97 -59.95 -28.63
C SER A 296 47.55 -58.98 -29.73
N HIS A 297 46.28 -59.04 -30.13
CA HIS A 297 45.76 -58.21 -31.22
C HIS A 297 44.41 -57.64 -30.83
N GLY A 298 44.12 -56.44 -31.29
CA GLY A 298 42.77 -55.95 -31.26
C GLY A 298 42.48 -55.07 -30.07
N CYS A 299 41.47 -55.51 -29.32
CA CYS A 299 40.82 -54.65 -28.35
C CYS A 299 40.40 -55.47 -27.14
N PHE A 300 40.63 -54.92 -25.96
CA PHE A 300 40.01 -55.40 -24.74
C PHE A 300 38.58 -54.88 -24.70
N TYR A 301 37.70 -55.69 -24.12
CA TYR A 301 36.27 -55.41 -24.07
C TYR A 301 35.80 -55.51 -22.63
N GLN A 302 34.66 -54.85 -22.36
CA GLN A 302 34.04 -54.95 -21.05
C GLN A 302 32.58 -54.51 -21.10
N GLN A 303 31.77 -55.18 -20.28
CA GLN A 303 30.32 -54.92 -20.10
C GLN A 303 30.18 -54.46 -18.65
N VAL A 304 29.70 -53.23 -18.41
CA VAL A 304 29.76 -52.72 -17.07
C VAL A 304 28.36 -52.42 -16.56
N LYS A 305 28.16 -52.69 -15.27
CA LYS A 305 26.88 -52.58 -14.60
C LYS A 305 26.73 -51.18 -14.04
N THR A 306 25.60 -50.54 -14.33
CA THR A 306 25.33 -49.18 -13.89
C THR A 306 24.53 -49.13 -12.59
N LYS A 307 24.46 -50.24 -11.85
CA LYS A 307 23.77 -50.23 -10.56
C LYS A 307 24.45 -49.29 -9.59
N VAL A 308 25.77 -49.45 -9.41
CA VAL A 308 26.47 -48.75 -8.35
C VAL A 308 26.58 -47.27 -8.62
N PHE A 309 26.33 -46.82 -9.85
CA PHE A 309 26.26 -45.38 -10.11
C PHE A 309 24.88 -44.82 -9.81
N GLN A 310 23.86 -45.67 -9.74
CA GLN A 310 22.51 -45.23 -9.44
C GLN A 310 22.08 -44.14 -10.40
N LEU A 311 21.94 -44.52 -11.66
CA LEU A 311 21.73 -43.55 -12.72
C LEU A 311 20.36 -42.93 -12.52
N LYS A 312 20.29 -42.02 -11.54
CA LYS A 312 19.02 -41.60 -10.95
C LYS A 312 19.20 -40.15 -10.50
N ARG A 313 18.29 -39.69 -9.65
CA ARG A 313 17.99 -38.29 -9.40
C ARG A 313 19.19 -37.37 -9.30
N LYS A 314 20.04 -37.59 -8.30
CA LYS A 314 21.10 -36.66 -7.96
C LYS A 314 22.42 -37.40 -7.83
N GLU A 315 23.01 -37.69 -8.99
CA GLU A 315 24.45 -37.99 -9.12
C GLU A 315 24.84 -37.58 -10.54
N TYR A 316 26.10 -37.19 -10.74
CA TYR A 316 26.37 -36.24 -11.80
C TYR A 316 26.89 -36.92 -13.04
N GLU A 317 27.07 -36.14 -14.13
CA GLU A 317 27.45 -36.67 -15.45
C GLU A 317 28.64 -37.59 -15.35
N MET A 318 28.69 -38.57 -16.22
CA MET A 318 29.69 -39.62 -16.14
C MET A 318 30.94 -39.08 -16.80
N LYS A 319 32.09 -39.43 -16.24
CA LYS A 319 33.37 -39.14 -16.83
C LYS A 319 34.19 -40.41 -16.74
N LEU A 320 34.98 -40.68 -17.76
CA LEU A 320 35.46 -42.02 -18.02
C LEU A 320 36.89 -41.90 -18.49
N HIS A 321 37.77 -42.57 -17.80
CA HIS A 321 39.20 -42.37 -17.97
C HIS A 321 39.84 -43.72 -18.12
N THR A 322 40.51 -43.88 -19.25
CA THR A 322 40.99 -45.17 -19.73
C THR A 322 42.47 -45.05 -20.05
N GLU A 323 43.24 -45.93 -19.46
CA GLU A 323 44.67 -45.70 -19.28
C GLU A 323 45.42 -46.99 -19.50
N ALA A 324 46.24 -47.01 -20.53
CA ALA A 324 46.90 -48.21 -21.01
C ALA A 324 48.34 -48.27 -20.53
N GLN A 325 48.63 -49.23 -19.68
CA GLN A 325 50.00 -49.51 -19.29
C GLN A 325 50.64 -50.27 -20.43
N ILE A 326 51.10 -49.52 -21.44
CA ILE A 326 51.71 -50.12 -22.61
C ILE A 326 52.96 -50.88 -22.18
N GLN A 327 52.98 -52.19 -22.45
CA GLN A 327 54.09 -52.99 -21.97
C GLN A 327 55.38 -52.59 -22.68
N GLU A 328 56.49 -53.09 -22.12
CA GLU A 328 57.88 -52.81 -22.52
C GLU A 328 58.22 -51.31 -22.60
N GLU A 329 57.37 -50.43 -22.06
CA GLU A 329 57.64 -49.00 -22.04
C GLU A 329 57.31 -48.33 -20.71
N GLY A 330 56.42 -48.88 -19.90
CA GLY A 330 56.01 -48.23 -18.67
C GLY A 330 55.16 -46.99 -18.88
N THR A 331 54.87 -46.62 -20.13
CA THR A 331 54.14 -45.40 -20.42
C THR A 331 52.66 -45.67 -20.31
N VAL A 332 51.92 -44.68 -19.82
CA VAL A 332 50.48 -44.70 -19.87
C VAL A 332 50.02 -43.30 -20.20
N VAL A 333 48.91 -43.18 -20.92
CA VAL A 333 48.25 -41.91 -21.14
C VAL A 333 46.76 -42.18 -21.13
N GLU A 334 45.97 -41.11 -21.03
CA GLU A 334 44.53 -41.19 -20.91
C GLU A 334 43.84 -40.25 -21.87
N LEU A 335 42.63 -40.65 -22.26
CA LEU A 335 41.69 -39.84 -23.03
C LEU A 335 40.37 -39.93 -22.30
N THR A 336 39.92 -38.81 -21.77
CA THR A 336 38.59 -38.74 -21.19
C THR A 336 37.63 -38.90 -22.36
N GLY A 337 37.14 -40.12 -22.54
CA GLY A 337 36.32 -40.40 -23.71
C GLY A 337 34.87 -40.09 -23.42
N ARG A 338 34.28 -39.23 -24.25
CA ARG A 338 32.84 -39.02 -24.26
C ARG A 338 32.39 -38.51 -22.90
N GLN A 339 33.11 -37.50 -22.45
CA GLN A 339 32.91 -36.94 -21.12
C GLN A 339 31.47 -36.47 -20.91
N SER A 340 30.82 -35.99 -21.97
CA SER A 340 29.60 -35.19 -21.83
C SER A 340 28.34 -36.03 -21.84
N SER A 341 28.40 -37.27 -21.37
CA SER A 341 27.23 -38.13 -21.34
C SER A 341 26.16 -37.56 -20.43
N GLU A 342 24.98 -37.32 -20.99
CA GLU A 342 23.81 -36.90 -20.23
C GLU A 342 22.82 -38.05 -20.15
N ILE A 343 22.58 -38.50 -18.92
CA ILE A 343 21.61 -39.53 -18.65
C ILE A 343 20.32 -38.79 -18.40
N THR A 344 19.67 -38.40 -19.47
CA THR A 344 18.61 -37.41 -19.37
C THR A 344 17.29 -38.06 -19.02
N ARG A 345 16.64 -37.49 -18.00
CA ARG A 345 15.25 -37.79 -17.68
C ARG A 345 14.39 -37.92 -18.92
N THR A 346 14.58 -37.04 -19.90
CA THR A 346 13.84 -37.07 -21.15
C THR A 346 14.19 -38.35 -21.90
N ILE A 347 13.18 -39.00 -22.43
CA ILE A 347 13.39 -40.23 -23.16
C ILE A 347 12.15 -40.48 -24.01
N THR A 348 12.31 -41.31 -25.03
CA THR A 348 11.39 -41.34 -26.15
C THR A 348 11.37 -39.97 -26.81
N LYS A 349 12.53 -39.30 -26.83
CA LYS A 349 12.58 -37.90 -27.25
C LYS A 349 12.39 -37.85 -28.75
N LEU A 350 11.14 -37.65 -29.16
CA LEU A 350 10.89 -37.33 -30.55
C LEU A 350 11.63 -36.06 -30.88
N SER A 351 11.76 -35.79 -32.16
CA SER A 351 12.26 -34.48 -32.53
C SER A 351 11.60 -34.03 -33.81
N PHE A 352 11.28 -32.75 -33.87
CA PHE A 352 10.83 -32.13 -35.10
C PHE A 352 12.04 -32.03 -36.00
N VAL A 353 11.81 -32.16 -37.30
CA VAL A 353 12.88 -31.92 -38.26
C VAL A 353 12.39 -30.99 -39.36
N LYS A 354 11.37 -31.41 -40.10
CA LYS A 354 10.78 -30.59 -41.14
C LYS A 354 9.51 -29.97 -40.58
N VAL A 355 9.68 -29.31 -39.44
CA VAL A 355 8.58 -28.66 -38.76
C VAL A 355 8.42 -27.29 -39.39
N ASP A 356 7.27 -27.07 -39.98
CA ASP A 356 7.03 -25.75 -40.52
C ASP A 356 6.87 -24.75 -39.42
N SER A 357 7.16 -23.51 -39.75
CA SER A 357 6.94 -22.39 -38.87
C SER A 357 5.58 -21.79 -39.06
N HIS A 358 4.82 -22.24 -40.05
CA HIS A 358 3.66 -21.50 -40.49
C HIS A 358 2.62 -22.43 -41.11
N PHE A 359 1.51 -21.80 -41.48
CA PHE A 359 0.29 -22.45 -41.90
C PHE A 359 -0.65 -21.36 -42.37
N ARG A 360 -1.68 -21.74 -43.13
CA ARG A 360 -2.60 -20.75 -43.65
C ARG A 360 -4.02 -21.27 -43.61
N GLN A 361 -4.96 -20.35 -43.78
CA GLN A 361 -6.37 -20.66 -43.73
C GLN A 361 -6.91 -21.10 -45.08
N GLY A 362 -6.03 -21.35 -46.05
CA GLY A 362 -6.47 -21.79 -47.35
C GLY A 362 -5.54 -22.83 -47.90
N ILE A 363 -4.88 -23.57 -47.03
CA ILE A 363 -3.86 -24.51 -47.43
C ILE A 363 -4.01 -25.83 -46.69
N PRO A 364 -3.76 -26.98 -47.34
CA PRO A 364 -3.34 -28.15 -46.58
C PRO A 364 -1.86 -28.10 -46.26
N PHE A 365 -1.51 -27.82 -45.02
CA PHE A 365 -0.11 -27.88 -44.62
C PHE A 365 0.15 -29.22 -43.98
N PHE A 366 1.43 -29.49 -43.77
CA PHE A 366 1.87 -30.70 -43.11
C PHE A 366 3.27 -30.50 -42.59
N GLY A 367 3.41 -30.51 -41.28
CA GLY A 367 4.68 -30.79 -40.65
C GLY A 367 5.00 -32.26 -40.86
N GLN A 368 6.05 -32.50 -41.62
CA GLN A 368 6.64 -33.82 -41.72
C GLN A 368 7.57 -34.00 -40.54
N VAL A 369 7.28 -35.00 -39.72
CA VAL A 369 7.79 -35.05 -38.37
C VAL A 369 8.51 -36.36 -38.15
N ARG A 370 9.42 -36.37 -37.19
CA ARG A 370 10.29 -37.48 -36.89
C ARG A 370 10.12 -37.84 -35.42
N LEU A 371 10.54 -39.05 -35.09
CA LEU A 371 10.76 -39.45 -33.71
C LEU A 371 12.07 -40.18 -33.61
N VAL A 372 12.71 -40.03 -32.47
CA VAL A 372 13.93 -40.76 -32.12
C VAL A 372 13.85 -40.99 -30.61
N ASP A 373 14.70 -41.88 -30.12
CA ASP A 373 14.79 -42.14 -28.69
C ASP A 373 16.23 -42.18 -28.23
N GLY A 374 16.44 -41.68 -27.02
CA GLY A 374 17.64 -41.98 -26.27
C GLY A 374 18.93 -41.62 -26.96
N LYS A 375 19.61 -42.67 -27.42
CA LYS A 375 20.94 -42.51 -27.99
C LYS A 375 20.94 -41.64 -29.24
N GLY A 376 19.81 -41.58 -29.94
CA GLY A 376 19.73 -40.86 -31.20
C GLY A 376 19.29 -41.75 -32.34
N VAL A 377 18.55 -42.80 -32.02
CA VAL A 377 18.10 -43.78 -33.00
C VAL A 377 16.58 -43.89 -32.88
N PRO A 378 15.85 -44.12 -33.98
CA PRO A 378 14.40 -44.27 -33.87
C PRO A 378 14.00 -45.69 -33.49
N ILE A 379 12.75 -45.81 -33.07
CA ILE A 379 12.04 -47.08 -32.94
C ILE A 379 10.94 -47.08 -34.01
N PRO A 380 10.64 -48.22 -34.63
CA PRO A 380 9.45 -48.29 -35.47
C PRO A 380 8.27 -48.84 -34.72
N ASN A 381 7.09 -48.37 -35.13
CA ASN A 381 5.82 -48.91 -34.71
C ASN A 381 5.62 -48.74 -33.20
N LYS A 382 5.52 -47.48 -32.82
CA LYS A 382 5.05 -47.08 -31.50
C LYS A 382 4.07 -45.94 -31.70
N VAL A 383 2.86 -46.15 -31.19
CA VAL A 383 1.69 -45.23 -31.33
C VAL A 383 1.87 -43.95 -30.50
N ILE A 384 1.40 -42.82 -31.03
CA ILE A 384 1.47 -41.54 -30.34
C ILE A 384 0.14 -40.83 -30.58
N PHE A 385 0.01 -39.72 -29.84
CA PHE A 385 -1.24 -38.91 -29.84
C PHE A 385 -0.97 -37.49 -30.33
N ILE A 386 -1.71 -37.13 -31.39
CA ILE A 386 -1.68 -35.80 -31.96
C ILE A 386 -2.51 -34.87 -31.08
N ARG A 387 -2.11 -33.61 -31.02
CA ARG A 387 -2.85 -32.58 -30.31
C ARG A 387 -3.03 -31.36 -31.19
N GLY A 388 -4.28 -31.10 -31.60
CA GLY A 388 -4.62 -29.94 -32.38
C GLY A 388 -5.44 -28.95 -31.59
N ASN A 389 -4.79 -27.86 -31.25
CA ASN A 389 -5.26 -26.94 -30.25
C ASN A 389 -5.70 -25.65 -30.91
N GLU A 390 -7.00 -25.40 -30.87
CA GLU A 390 -7.69 -24.30 -31.53
C GLU A 390 -7.83 -24.57 -33.01
N ALA A 391 -7.35 -25.72 -33.51
CA ALA A 391 -7.88 -26.33 -34.70
C ALA A 391 -8.54 -27.66 -34.40
N ASN A 392 -8.44 -28.15 -33.17
CA ASN A 392 -9.30 -29.20 -32.67
C ASN A 392 -9.02 -30.49 -33.41
N TYR A 393 -7.74 -30.79 -33.52
CA TYR A 393 -7.25 -31.98 -34.21
C TYR A 393 -6.42 -32.74 -33.20
N TYR A 394 -7.10 -33.51 -32.37
CA TYR A 394 -6.48 -34.57 -31.61
C TYR A 394 -6.55 -35.80 -32.51
N SER A 395 -5.48 -36.59 -32.51
CA SER A 395 -5.45 -37.77 -33.35
C SER A 395 -4.31 -38.66 -32.89
N ASN A 396 -4.21 -39.81 -33.57
CA ASN A 396 -3.23 -40.86 -33.22
C ASN A 396 -2.39 -41.28 -34.44
N ALA A 397 -1.10 -41.57 -34.22
CA ALA A 397 -0.26 -42.10 -35.29
C ALA A 397 0.90 -42.85 -34.67
N THR A 398 1.76 -43.37 -35.54
CA THR A 398 2.77 -44.34 -35.16
C THR A 398 4.09 -44.04 -35.81
N THR A 399 5.06 -44.93 -35.55
CA THR A 399 6.41 -44.81 -36.07
C THR A 399 6.64 -45.75 -37.24
N ASP A 400 7.43 -45.30 -38.21
CA ASP A 400 7.91 -46.13 -39.31
C ASP A 400 9.32 -46.60 -38.99
N GLU A 401 9.98 -47.20 -39.99
CA GLU A 401 11.37 -47.63 -39.87
C GLU A 401 12.27 -46.56 -39.30
N HIS A 402 12.00 -45.30 -39.66
CA HIS A 402 12.79 -44.16 -39.21
C HIS A 402 12.12 -43.36 -38.12
N GLY A 403 10.94 -43.77 -37.65
CA GLY A 403 10.17 -42.89 -36.78
C GLY A 403 9.69 -41.64 -37.48
N LEU A 404 9.75 -41.63 -38.81
CA LEU A 404 9.34 -40.52 -39.61
C LEU A 404 7.86 -40.61 -39.88
N VAL A 405 7.18 -39.52 -39.59
CA VAL A 405 5.73 -39.46 -39.66
C VAL A 405 5.34 -38.16 -40.35
N GLN A 406 4.12 -38.12 -40.82
CA GLN A 406 3.61 -36.99 -41.56
C GLN A 406 2.18 -36.78 -41.15
N PHE A 407 1.97 -35.97 -40.12
CA PHE A 407 0.65 -35.43 -39.87
C PHE A 407 0.38 -34.44 -40.98
N SER A 408 -0.87 -34.00 -41.06
CA SER A 408 -1.30 -33.04 -42.05
C SER A 408 -2.72 -32.64 -41.71
N ILE A 409 -3.01 -31.35 -41.85
CA ILE A 409 -4.11 -30.74 -41.14
C ILE A 409 -4.92 -29.86 -42.08
N ASN A 410 -6.26 -30.02 -41.99
CA ASN A 410 -7.32 -29.19 -42.66
C ASN A 410 -7.44 -27.92 -41.79
N THR A 411 -7.48 -26.73 -42.41
CA THR A 411 -7.28 -25.49 -41.68
C THR A 411 -8.38 -24.49 -42.00
N THR A 412 -9.35 -24.25 -41.11
CA THR A 412 -10.40 -23.16 -41.21
C THR A 412 -10.67 -22.75 -39.75
N ASN A 413 -9.66 -22.11 -39.13
CA ASN A 413 -9.46 -22.02 -37.69
C ASN A 413 -9.00 -20.61 -37.34
N VAL A 414 -8.59 -20.43 -36.09
CA VAL A 414 -8.23 -19.12 -35.53
C VAL A 414 -6.73 -18.86 -35.62
N MET A 415 -6.34 -17.61 -35.40
CA MET A 415 -4.98 -17.11 -35.62
C MET A 415 -3.85 -17.93 -34.99
N GLY A 416 -3.80 -18.02 -33.67
CA GLY A 416 -2.63 -18.49 -32.97
C GLY A 416 -2.75 -19.97 -32.68
N THR A 417 -1.87 -20.74 -33.30
CA THR A 417 -1.86 -22.18 -33.18
C THR A 417 -0.55 -22.66 -32.59
N SER A 418 -0.65 -23.66 -31.71
CA SER A 418 0.49 -24.21 -30.93
C SER A 418 0.28 -25.71 -30.72
N LEU A 419 1.25 -26.52 -31.13
CA LEU A 419 1.02 -27.87 -31.59
C LEU A 419 1.90 -28.86 -30.87
N THR A 420 1.50 -30.13 -30.90
CA THR A 420 2.29 -31.20 -30.32
C THR A 420 1.67 -32.55 -30.61
N VAL A 421 2.53 -33.58 -30.52
CA VAL A 421 2.15 -34.98 -30.46
C VAL A 421 3.07 -35.61 -29.43
N ARG A 422 2.58 -36.61 -28.71
CA ARG A 422 3.35 -37.23 -27.66
C ARG A 422 3.09 -38.72 -27.62
N VAL A 423 3.95 -39.42 -26.90
CA VAL A 423 3.78 -40.84 -26.63
C VAL A 423 3.29 -41.10 -25.21
N ASN A 424 3.43 -40.13 -24.30
CA ASN A 424 2.77 -40.15 -23.01
C ASN A 424 1.93 -38.89 -22.86
N TYR A 425 1.35 -38.64 -21.68
CA TYR A 425 0.35 -37.60 -21.48
C TYR A 425 0.90 -36.49 -20.59
N LYS A 426 0.02 -35.55 -20.20
CA LYS A 426 0.41 -34.33 -19.51
C LYS A 426 0.81 -34.58 -18.07
N ASP A 427 1.84 -35.41 -17.86
CA ASP A 427 2.38 -35.68 -16.54
C ASP A 427 3.60 -36.58 -16.70
N ARG A 428 4.50 -36.54 -15.73
CA ARG A 428 5.65 -37.43 -15.70
C ARG A 428 5.17 -38.71 -15.05
N SER A 429 4.80 -39.69 -15.87
CA SER A 429 4.10 -40.88 -15.42
C SER A 429 4.74 -41.57 -14.22
N PRO A 430 6.06 -41.74 -14.14
CA PRO A 430 6.65 -42.26 -12.89
C PRO A 430 6.98 -41.16 -11.87
N CYS A 431 6.23 -41.14 -10.77
CA CYS A 431 6.52 -40.34 -9.57
C CYS A 431 6.98 -38.93 -9.89
N TYR A 432 6.09 -38.16 -10.50
CA TYR A 432 6.42 -36.82 -10.99
C TYR A 432 6.94 -35.91 -9.87
N GLY A 433 6.07 -35.55 -8.93
CA GLY A 433 6.34 -34.43 -8.06
C GLY A 433 6.83 -34.78 -6.67
N TYR A 434 7.58 -35.88 -6.54
CA TYR A 434 8.26 -36.17 -5.29
C TYR A 434 9.49 -35.31 -5.07
N GLN A 435 9.86 -34.46 -6.03
CA GLN A 435 11.06 -33.63 -5.96
C GLN A 435 12.33 -34.47 -5.94
N TRP A 436 12.24 -35.77 -6.20
CA TRP A 436 13.36 -36.68 -6.10
C TRP A 436 13.32 -37.73 -7.20
N VAL A 437 12.87 -37.32 -8.39
CA VAL A 437 12.68 -38.25 -9.52
C VAL A 437 13.14 -37.57 -10.80
N SER A 438 13.74 -38.37 -11.68
CA SER A 438 14.53 -37.86 -12.81
C SER A 438 14.23 -38.63 -14.08
N GLU A 439 12.94 -38.81 -14.39
CA GLU A 439 12.49 -39.43 -15.63
C GLU A 439 11.54 -38.48 -16.34
N GLU A 440 11.57 -38.50 -17.67
CA GLU A 440 10.73 -37.60 -18.46
C GLU A 440 10.55 -38.17 -19.85
N HIS A 441 9.43 -37.80 -20.46
CA HIS A 441 9.24 -37.93 -21.88
C HIS A 441 9.23 -36.53 -22.45
N GLU A 442 10.22 -36.21 -23.27
CA GLU A 442 10.10 -35.00 -24.05
C GLU A 442 8.85 -35.07 -24.90
N GLU A 443 8.20 -33.92 -25.05
CA GLU A 443 6.97 -33.79 -25.80
C GLU A 443 7.19 -32.79 -26.91
N ALA A 444 6.48 -32.96 -28.01
CA ALA A 444 6.70 -32.11 -29.17
C ALA A 444 6.26 -30.70 -28.85
N HIS A 445 7.07 -29.74 -29.23
CA HIS A 445 6.76 -28.35 -29.00
C HIS A 445 7.09 -27.55 -30.24
N HIS A 446 6.14 -26.73 -30.68
CA HIS A 446 6.37 -25.85 -31.80
C HIS A 446 5.20 -24.89 -31.92
N THR A 447 5.54 -23.66 -32.26
CA THR A 447 4.59 -22.61 -32.49
C THR A 447 4.69 -22.23 -33.95
N ALA A 448 3.54 -21.99 -34.57
CA ALA A 448 3.52 -21.50 -35.92
C ALA A 448 2.50 -20.39 -36.05
N TYR A 449 2.83 -19.44 -36.91
CA TYR A 449 2.00 -18.28 -37.16
C TYR A 449 1.53 -18.33 -38.61
N LEU A 450 0.75 -17.34 -38.98
CA LEU A 450 0.19 -17.27 -40.32
C LEU A 450 0.42 -15.88 -40.91
N VAL A 451 0.19 -15.78 -42.20
CA VAL A 451 0.35 -14.53 -42.90
C VAL A 451 -0.83 -13.62 -42.62
N PHE A 452 -0.60 -12.34 -42.86
CA PHE A 452 -1.65 -11.40 -43.20
C PHE A 452 -1.69 -11.29 -44.71
N SER A 453 -2.88 -11.29 -45.25
CA SER A 453 -3.07 -11.15 -46.68
C SER A 453 -4.48 -10.63 -46.95
N PRO A 454 -4.69 -9.32 -47.03
CA PRO A 454 -6.07 -8.83 -47.17
C PRO A 454 -6.67 -9.17 -48.52
N SER A 455 -5.82 -9.50 -49.49
CA SER A 455 -6.26 -10.25 -50.66
C SER A 455 -6.93 -11.55 -50.28
N LYS A 456 -6.47 -12.17 -49.20
CA LYS A 456 -6.70 -13.55 -48.82
C LYS A 456 -6.04 -14.51 -49.79
N SER A 457 -5.18 -14.02 -50.67
CA SER A 457 -4.32 -14.83 -51.50
C SER A 457 -3.01 -14.98 -50.76
N PHE A 458 -2.31 -16.07 -50.99
CA PHE A 458 -1.05 -16.26 -50.29
C PHE A 458 -0.28 -17.44 -50.86
N VAL A 459 0.96 -17.54 -50.43
CA VAL A 459 1.88 -18.61 -50.75
C VAL A 459 2.19 -19.34 -49.47
N HIS A 460 2.84 -20.49 -49.60
CA HIS A 460 3.48 -21.17 -48.49
C HIS A 460 4.20 -22.36 -49.07
N LEU A 461 5.39 -22.65 -48.56
CA LEU A 461 6.29 -23.56 -49.22
C LEU A 461 6.56 -24.83 -48.44
N GLU A 462 6.93 -25.86 -49.19
CA GLU A 462 7.29 -27.16 -48.67
C GLU A 462 8.77 -27.33 -48.87
N PRO A 463 9.61 -26.75 -48.02
CA PRO A 463 11.05 -26.81 -48.25
C PRO A 463 11.62 -28.22 -48.30
N MET A 464 12.90 -28.28 -48.59
CA MET A 464 13.67 -29.53 -48.57
C MET A 464 14.45 -29.60 -47.27
N SER A 465 13.70 -29.48 -46.18
CA SER A 465 14.28 -29.09 -44.93
C SER A 465 15.10 -30.22 -44.35
N HIS A 466 16.35 -30.27 -44.76
CA HIS A 466 17.30 -31.21 -44.17
C HIS A 466 18.69 -30.76 -44.55
N GLU A 467 19.67 -31.61 -44.27
CA GLU A 467 21.08 -31.33 -44.57
C GLU A 467 21.27 -31.15 -46.08
N LEU A 468 21.52 -29.92 -46.47
CA LEU A 468 21.74 -29.57 -47.87
C LEU A 468 23.13 -30.01 -48.36
N PRO A 469 23.23 -30.73 -49.47
CA PRO A 469 24.55 -31.02 -50.05
C PRO A 469 25.13 -29.78 -50.74
N CYS A 470 26.32 -29.96 -51.31
CA CYS A 470 26.83 -29.06 -52.34
C CYS A 470 27.36 -29.90 -53.50
N GLY A 471 27.86 -29.21 -54.50
CA GLY A 471 28.14 -29.89 -55.75
C GLY A 471 26.89 -30.40 -56.43
N HIS A 472 25.73 -29.81 -56.12
CA HIS A 472 24.45 -30.23 -56.67
C HIS A 472 23.58 -29.00 -56.82
N THR A 473 22.29 -29.24 -57.01
CA THR A 473 21.29 -28.21 -57.12
C THR A 473 20.05 -28.58 -56.32
N GLN A 474 18.98 -27.84 -56.54
CA GLN A 474 17.72 -28.32 -56.02
C GLN A 474 16.55 -27.65 -56.69
N THR A 475 15.50 -28.44 -56.86
CA THR A 475 14.19 -27.97 -57.26
C THR A 475 13.33 -27.86 -56.03
N VAL A 476 12.50 -26.84 -56.01
CA VAL A 476 11.89 -26.38 -54.78
C VAL A 476 10.43 -26.10 -55.07
N GLN A 477 9.57 -26.95 -54.55
CA GLN A 477 8.16 -26.84 -54.85
C GLN A 477 7.54 -25.73 -54.02
N ALA A 478 6.60 -25.02 -54.63
CA ALA A 478 5.87 -23.96 -53.98
C ALA A 478 4.39 -24.04 -54.32
N HIS A 479 3.57 -23.47 -53.44
CA HIS A 479 2.12 -23.61 -53.48
C HIS A 479 1.52 -22.22 -53.54
N TYR A 480 0.81 -21.93 -54.62
CA TYR A 480 0.40 -20.56 -54.93
C TYR A 480 -1.10 -20.46 -54.93
N ILE A 481 -1.61 -19.61 -54.07
CA ILE A 481 -3.03 -19.47 -53.82
C ILE A 481 -3.37 -18.01 -54.09
N LEU A 482 -4.33 -17.81 -54.98
CA LEU A 482 -4.58 -16.52 -55.58
C LEU A 482 -6.08 -16.28 -55.62
N ASN A 483 -6.61 -15.73 -54.53
CA ASN A 483 -8.00 -15.31 -54.51
C ASN A 483 -8.19 -14.13 -55.43
N GLY A 484 -8.89 -14.35 -56.53
CA GLY A 484 -9.04 -13.33 -57.53
C GLY A 484 -7.88 -13.21 -58.50
N GLY A 485 -6.65 -13.42 -58.04
CA GLY A 485 -5.49 -13.27 -58.90
C GLY A 485 -5.47 -11.91 -59.54
N THR A 486 -5.32 -11.89 -60.86
CA THR A 486 -5.58 -10.67 -61.60
C THR A 486 -7.04 -10.31 -61.43
N LEU A 487 -7.32 -9.34 -60.56
CA LEU A 487 -8.69 -8.91 -60.39
C LEU A 487 -9.21 -8.29 -61.68
N LEU A 488 -8.46 -7.31 -62.20
CA LEU A 488 -8.58 -6.93 -63.60
C LEU A 488 -7.28 -7.23 -64.34
N GLY A 489 -6.17 -6.62 -63.91
CA GLY A 489 -4.82 -6.98 -64.27
C GLY A 489 -4.59 -7.52 -65.66
N LEU A 490 -3.84 -8.61 -65.72
CA LEU A 490 -3.45 -9.19 -66.99
C LEU A 490 -3.29 -10.70 -66.86
N LYS A 491 -3.04 -11.36 -67.97
CA LYS A 491 -3.02 -12.83 -68.00
C LYS A 491 -1.73 -13.43 -67.51
N LYS A 492 -0.69 -12.63 -67.33
CA LYS A 492 0.64 -13.14 -67.04
C LYS A 492 1.15 -12.54 -65.75
N LEU A 493 1.96 -13.31 -65.03
CA LEU A 493 2.46 -12.89 -63.74
C LEU A 493 3.78 -13.59 -63.43
N SER A 494 4.65 -12.87 -62.73
CA SER A 494 6.05 -13.25 -62.60
C SER A 494 6.34 -13.81 -61.23
N PHE A 495 7.48 -14.47 -61.17
CA PHE A 495 8.01 -15.10 -59.97
C PHE A 495 9.49 -14.77 -59.84
N TYR A 496 9.91 -14.37 -58.63
CA TYR A 496 11.18 -13.69 -58.40
C TYR A 496 11.80 -14.15 -57.10
N TYR A 497 12.88 -14.91 -57.22
CA TYR A 497 13.49 -15.53 -56.06
C TYR A 497 14.91 -15.05 -55.87
N LEU A 498 15.33 -15.02 -54.61
CA LEU A 498 16.60 -14.45 -54.17
C LEU A 498 17.21 -15.35 -53.13
N ILE A 499 18.50 -15.53 -53.21
CA ILE A 499 19.24 -16.19 -52.17
C ILE A 499 20.43 -15.30 -51.88
N MET A 500 20.36 -14.61 -50.76
CA MET A 500 21.53 -14.03 -50.14
C MET A 500 22.10 -15.02 -49.15
N ALA A 501 23.26 -14.67 -48.63
CA ALA A 501 23.84 -15.35 -47.51
C ALA A 501 24.89 -14.42 -46.95
N LYS A 502 25.34 -14.73 -45.75
CA LYS A 502 26.52 -14.08 -45.25
C LYS A 502 26.29 -12.58 -45.09
N GLY A 503 25.04 -12.22 -44.88
CA GLY A 503 24.64 -10.83 -44.94
C GLY A 503 24.81 -10.19 -46.28
N GLY A 504 25.02 -11.00 -47.32
CA GLY A 504 25.35 -10.50 -48.63
C GLY A 504 24.21 -10.60 -49.63
N ILE A 505 24.56 -10.80 -50.89
CA ILE A 505 23.70 -11.40 -51.90
C ILE A 505 24.62 -12.32 -52.65
N VAL A 506 24.18 -13.55 -52.86
CA VAL A 506 25.02 -14.58 -53.46
C VAL A 506 24.44 -15.06 -54.79
N ARG A 507 23.12 -15.25 -54.88
CA ARG A 507 22.48 -15.53 -56.16
C ARG A 507 21.13 -14.86 -56.25
N THR A 508 20.50 -15.08 -57.38
CA THR A 508 19.19 -14.51 -57.65
C THR A 508 18.65 -15.08 -58.96
N GLY A 509 17.35 -14.92 -59.17
CA GLY A 509 16.75 -15.26 -60.46
C GLY A 509 15.25 -15.05 -60.40
N THR A 510 14.55 -15.74 -61.33
CA THR A 510 13.15 -15.43 -61.58
C THR A 510 12.41 -16.60 -62.21
N HIS A 511 11.12 -16.34 -62.50
CA HIS A 511 10.17 -17.25 -63.15
C HIS A 511 8.88 -16.47 -63.35
N GLY A 512 7.83 -17.11 -63.84
CA GLY A 512 6.49 -16.58 -63.75
C GLY A 512 5.49 -17.62 -64.20
N LEU A 513 4.22 -17.21 -64.28
CA LEU A 513 3.23 -18.05 -64.93
C LEU A 513 2.12 -17.19 -65.52
N LEU A 514 1.55 -17.70 -66.60
CA LEU A 514 0.34 -17.17 -67.22
C LEU A 514 -0.85 -17.58 -66.37
N VAL A 515 -1.56 -16.57 -65.87
CA VAL A 515 -2.45 -16.74 -64.68
C VAL A 515 -3.83 -17.20 -65.14
N LYS A 516 -4.35 -18.28 -64.56
CA LYS A 516 -5.73 -18.71 -64.88
C LYS A 516 -6.67 -17.58 -64.45
N GLN A 517 -7.63 -17.20 -65.29
CA GLN A 517 -8.56 -16.07 -64.99
C GLN A 517 -8.74 -15.87 -63.49
N GLU A 518 -9.54 -16.74 -62.85
CA GLU A 518 -10.11 -16.47 -61.53
C GLU A 518 -10.13 -17.70 -60.64
N ASP A 519 -9.07 -18.52 -60.67
CA ASP A 519 -8.93 -19.64 -59.75
C ASP A 519 -7.53 -19.65 -59.13
N MET A 520 -7.23 -20.75 -58.43
CA MET A 520 -6.12 -20.88 -57.48
C MET A 520 -5.15 -21.98 -57.84
N LYS A 521 -4.69 -22.00 -59.10
CA LYS A 521 -3.77 -23.00 -59.63
C LYS A 521 -2.68 -23.39 -58.64
N GLY A 522 -2.36 -24.68 -58.56
CA GLY A 522 -1.76 -25.23 -57.37
C GLY A 522 -0.25 -25.26 -57.23
N HIS A 523 0.45 -25.92 -58.15
CA HIS A 523 1.81 -26.38 -57.89
C HIS A 523 2.74 -26.11 -59.05
N PHE A 524 4.01 -25.86 -58.71
CA PHE A 524 5.14 -25.83 -59.63
C PHE A 524 6.38 -25.63 -58.78
N SER A 525 7.53 -25.86 -59.38
CA SER A 525 8.79 -25.72 -58.67
C SER A 525 9.82 -25.00 -59.53
N ILE A 526 11.05 -25.02 -59.06
CA ILE A 526 12.13 -24.17 -59.53
C ILE A 526 13.36 -25.03 -59.67
N SER A 527 14.50 -24.40 -59.91
CA SER A 527 15.81 -24.98 -59.65
C SER A 527 16.69 -23.96 -58.95
N ILE A 528 17.72 -24.46 -58.27
CA ILE A 528 18.78 -23.61 -57.74
C ILE A 528 20.05 -24.43 -57.59
N PRO A 529 21.21 -23.89 -57.93
CA PRO A 529 22.45 -24.67 -57.83
C PRO A 529 23.16 -24.40 -56.52
N VAL A 530 24.11 -25.27 -56.22
CA VAL A 530 24.89 -25.20 -54.99
C VAL A 530 26.37 -25.18 -55.31
N LYS A 531 26.75 -24.41 -56.34
CA LYS A 531 28.17 -24.29 -56.67
C LYS A 531 28.99 -23.87 -55.46
N SER A 532 28.83 -22.63 -55.03
CA SER A 532 29.51 -22.12 -53.86
C SER A 532 28.98 -20.75 -53.49
N ASP A 533 29.76 -20.05 -52.68
CA ASP A 533 29.59 -18.63 -52.45
C ASP A 533 28.50 -18.37 -51.44
N ILE A 534 27.88 -19.44 -50.93
CA ILE A 534 26.70 -19.37 -50.09
C ILE A 534 27.04 -20.02 -48.76
N ALA A 535 26.66 -19.35 -47.66
CA ALA A 535 27.21 -19.65 -46.36
C ALA A 535 26.55 -20.90 -45.86
N PRO A 536 26.86 -21.34 -44.65
CA PRO A 536 26.03 -22.33 -43.98
C PRO A 536 24.57 -21.93 -43.92
N VAL A 537 24.30 -20.66 -43.99
CA VAL A 537 22.95 -20.19 -44.26
C VAL A 537 22.56 -20.57 -45.68
N ALA A 538 21.28 -20.79 -45.87
CA ALA A 538 20.73 -20.55 -47.18
C ALA A 538 19.28 -20.13 -46.99
N ARG A 539 19.12 -18.84 -46.85
CA ARG A 539 17.84 -18.21 -46.86
C ARG A 539 17.32 -18.30 -48.27
N LEU A 540 16.02 -18.47 -48.39
CA LEU A 540 15.35 -18.15 -49.63
C LEU A 540 14.04 -17.46 -49.31
N LEU A 541 13.67 -16.54 -50.18
CA LEU A 541 12.33 -16.02 -50.24
C LEU A 541 11.91 -16.02 -51.69
N ILE A 542 10.65 -15.73 -51.91
CA ILE A 542 10.17 -15.38 -53.23
C ILE A 542 8.77 -14.85 -53.09
N TYR A 543 8.45 -13.90 -53.94
CA TYR A 543 7.27 -13.08 -53.80
C TYR A 543 6.70 -12.80 -55.18
N ALA A 544 5.40 -12.99 -55.32
CA ALA A 544 4.70 -12.86 -56.60
C ALA A 544 3.71 -11.73 -56.43
N VAL A 545 3.93 -10.69 -57.19
CA VAL A 545 3.30 -9.42 -56.99
C VAL A 545 1.96 -9.38 -57.70
N LEU A 546 1.12 -8.45 -57.24
CA LEU A 546 -0.08 -8.04 -57.92
C LEU A 546 0.12 -6.64 -58.44
N PRO A 547 -0.04 -6.36 -59.74
CA PRO A 547 0.00 -4.96 -60.21
C PRO A 547 -1.05 -4.04 -59.60
N THR A 548 -1.97 -4.57 -58.79
CA THR A 548 -2.85 -3.77 -57.96
C THR A 548 -2.11 -2.93 -56.96
N GLY A 549 -0.92 -3.36 -56.57
CA GLY A 549 -0.17 -2.73 -55.50
C GLY A 549 -0.08 -3.56 -54.25
N ASP A 550 -0.12 -4.88 -54.37
CA ASP A 550 0.05 -5.78 -53.24
C ASP A 550 0.86 -6.99 -53.66
N VAL A 551 1.31 -7.75 -52.67
CA VAL A 551 2.17 -8.88 -52.92
C VAL A 551 2.04 -9.87 -51.78
N ILE A 552 2.52 -11.06 -52.05
CA ILE A 552 2.68 -12.13 -51.08
C ILE A 552 4.07 -12.70 -51.28
N GLY A 553 4.47 -13.56 -50.36
CA GLY A 553 5.77 -14.19 -50.44
C GLY A 553 6.10 -14.76 -49.10
N ASP A 554 6.94 -15.79 -49.12
CA ASP A 554 7.25 -16.52 -47.92
C ASP A 554 8.69 -16.98 -47.96
N SER A 555 9.19 -17.33 -46.79
CA SER A 555 10.60 -17.41 -46.49
C SER A 555 11.16 -18.79 -46.77
N ALA A 556 12.38 -18.97 -46.30
CA ALA A 556 13.03 -20.26 -46.35
C ALA A 556 14.26 -20.22 -45.48
N LYS A 557 14.99 -21.32 -45.53
CA LYS A 557 16.19 -21.53 -44.75
C LYS A 557 16.70 -22.89 -45.12
N TYR A 558 18.00 -23.02 -45.30
CA TYR A 558 18.60 -24.31 -45.64
C TYR A 558 19.96 -24.40 -44.97
N ASP A 559 20.16 -25.47 -44.23
CA ASP A 559 21.43 -25.74 -43.58
C ASP A 559 22.38 -26.21 -44.66
N VAL A 560 22.94 -25.22 -45.38
CA VAL A 560 24.11 -25.46 -46.21
C VAL A 560 25.18 -26.15 -45.39
N GLU A 561 25.98 -26.96 -46.05
CA GLU A 561 27.10 -27.62 -45.41
C GLU A 561 28.39 -26.91 -45.77
N ASN A 562 29.47 -27.27 -45.08
CA ASN A 562 30.71 -26.52 -45.23
C ASN A 562 31.33 -26.75 -46.60
N CYS A 563 31.03 -25.85 -47.54
CA CYS A 563 31.40 -26.03 -48.93
C CYS A 563 31.85 -24.70 -49.49
N LEU A 564 32.71 -24.82 -50.47
CA LEU A 564 33.69 -23.81 -50.79
C LEU A 564 33.65 -23.50 -52.29
N ALA A 565 34.33 -22.43 -52.66
CA ALA A 565 34.46 -22.11 -54.08
C ALA A 565 35.63 -22.84 -54.70
N ASN A 566 36.82 -22.60 -54.18
CA ASN A 566 38.02 -23.18 -54.76
C ASN A 566 38.19 -24.60 -54.24
N LYS A 567 38.01 -25.55 -55.13
CA LYS A 567 38.09 -26.94 -54.74
C LYS A 567 39.55 -27.35 -54.56
N VAL A 568 39.74 -28.39 -53.76
CA VAL A 568 41.07 -28.95 -53.58
C VAL A 568 40.95 -30.27 -52.85
N ASP A 569 41.95 -31.12 -53.03
CA ASP A 569 42.17 -32.29 -52.23
C ASP A 569 43.68 -32.46 -52.16
N LEU A 570 44.11 -33.67 -51.82
CA LEU A 570 45.51 -34.04 -51.85
C LEU A 570 45.69 -35.39 -52.50
N SER A 571 46.86 -35.57 -53.09
CA SER A 571 47.29 -36.91 -53.50
C SER A 571 48.81 -36.96 -53.46
N PHE A 572 49.33 -38.17 -53.35
CA PHE A 572 50.74 -38.36 -53.08
C PHE A 572 51.16 -39.73 -53.59
N SER A 573 52.41 -39.80 -54.09
CA SER A 573 53.15 -41.08 -54.21
C SER A 573 52.93 -41.93 -52.96
N PRO A 574 52.42 -43.18 -53.08
CA PRO A 574 52.07 -44.01 -51.91
C PRO A 574 53.05 -44.16 -50.75
N SER A 575 52.49 -44.49 -49.57
CA SER A 575 53.16 -44.93 -48.37
C SER A 575 54.40 -45.73 -48.72
N GLN A 576 55.51 -45.41 -48.06
CA GLN A 576 56.71 -46.18 -48.23
C GLN A 576 57.57 -46.04 -46.98
N SER A 577 57.74 -47.16 -46.30
CA SER A 577 58.69 -47.29 -45.21
C SER A 577 60.06 -47.40 -45.82
N LEU A 578 61.04 -47.83 -45.01
CA LEU A 578 62.45 -47.90 -45.47
C LEU A 578 62.80 -46.53 -46.06
N PRO A 579 62.79 -45.44 -45.25
CA PRO A 579 63.02 -44.09 -45.76
C PRO A 579 63.67 -43.96 -47.14
N ALA A 580 62.90 -44.27 -48.20
CA ALA A 580 63.24 -43.78 -49.53
C ALA A 580 63.03 -42.29 -49.59
N SER A 581 64.12 -41.53 -49.68
CA SER A 581 64.04 -40.08 -49.63
C SER A 581 63.20 -39.57 -50.79
N HIS A 582 63.41 -40.15 -51.97
CA HIS A 582 62.63 -39.74 -53.12
C HIS A 582 61.18 -40.11 -52.85
N ALA A 583 60.34 -39.10 -52.65
CA ALA A 583 59.00 -39.31 -52.17
C ALA A 583 58.22 -38.01 -52.35
N HIS A 584 57.02 -38.14 -52.91
CA HIS A 584 56.31 -37.02 -53.53
C HIS A 584 55.00 -36.72 -52.81
N LEU A 585 54.43 -35.59 -53.18
CA LEU A 585 53.06 -35.28 -52.82
C LEU A 585 52.54 -34.20 -53.74
N ARG A 586 51.22 -34.18 -53.90
CA ARG A 586 50.57 -33.54 -55.01
C ARG A 586 49.19 -33.05 -54.60
N VAL A 587 48.69 -32.08 -55.34
CA VAL A 587 47.37 -31.52 -55.14
C VAL A 587 46.83 -31.05 -56.48
N THR A 588 45.51 -31.16 -56.64
CA THR A 588 44.78 -30.50 -57.71
C THR A 588 44.22 -29.18 -57.18
N ALA A 589 44.22 -28.16 -58.03
CA ALA A 589 43.75 -26.85 -57.64
C ALA A 589 43.64 -26.00 -58.90
N ALA A 590 43.20 -24.75 -58.74
CA ALA A 590 42.96 -23.87 -59.87
C ALA A 590 44.25 -23.65 -60.66
N PRO A 591 44.15 -23.24 -61.93
CA PRO A 591 45.32 -23.35 -62.81
C PRO A 591 46.39 -22.31 -62.54
N GLN A 592 46.08 -21.25 -61.82
CA GLN A 592 47.04 -20.17 -61.57
C GLN A 592 46.88 -19.81 -60.09
N SER A 593 47.58 -20.55 -59.24
CA SER A 593 47.24 -20.55 -57.84
C SER A 593 48.46 -20.93 -57.01
N VAL A 594 48.24 -21.12 -55.71
CA VAL A 594 49.29 -21.12 -54.71
C VAL A 594 48.82 -21.97 -53.54
N CYS A 595 49.77 -22.57 -52.83
CA CYS A 595 49.37 -23.31 -51.63
C CYS A 595 50.37 -23.20 -50.51
N ALA A 596 49.82 -23.18 -49.29
CA ALA A 596 50.57 -23.14 -48.04
C ALA A 596 50.19 -24.38 -47.24
N LEU A 597 51.19 -25.09 -46.75
CA LEU A 597 51.09 -26.51 -46.51
C LEU A 597 51.65 -26.87 -45.15
N ARG A 598 51.27 -28.03 -44.68
CA ARG A 598 51.65 -28.53 -43.38
C ARG A 598 51.79 -30.03 -43.43
N ALA A 599 52.89 -30.50 -42.90
CA ALA A 599 53.03 -31.90 -42.48
C ALA A 599 53.45 -31.98 -41.04
N VAL A 600 53.09 -33.08 -40.40
CA VAL A 600 53.52 -33.37 -39.05
C VAL A 600 53.62 -34.88 -38.88
N ASP A 601 54.70 -35.30 -38.26
CA ASP A 601 54.67 -36.53 -37.50
C ASP A 601 53.80 -36.26 -36.30
N GLN A 602 52.58 -36.75 -36.33
CA GLN A 602 51.57 -36.41 -35.32
C GLN A 602 51.69 -37.28 -34.08
N SER A 603 52.90 -37.34 -33.53
CA SER A 603 53.17 -37.92 -32.22
C SER A 603 53.00 -36.92 -31.09
N VAL A 604 53.80 -35.84 -31.11
CA VAL A 604 53.50 -34.68 -30.29
C VAL A 604 52.04 -34.27 -30.44
N LEU A 605 51.51 -34.35 -31.66
CA LEU A 605 50.16 -33.92 -31.91
C LEU A 605 49.18 -35.07 -31.71
N LEU A 606 49.68 -36.27 -31.40
CA LEU A 606 48.85 -37.24 -30.70
C LEU A 606 48.62 -36.78 -29.27
N MET A 607 49.70 -36.37 -28.58
CA MET A 607 49.59 -35.98 -27.18
C MET A 607 48.56 -34.87 -27.00
N LYS A 608 48.48 -34.00 -27.96
CA LYS A 608 47.51 -32.93 -27.98
C LYS A 608 46.97 -32.75 -29.38
N PRO A 609 45.69 -32.45 -29.54
CA PRO A 609 45.19 -32.05 -30.86
C PRO A 609 45.76 -30.71 -31.31
N ASP A 610 45.41 -30.38 -32.55
CA ASP A 610 45.42 -29.02 -33.03
C ASP A 610 44.16 -28.33 -32.50
N ALA A 611 43.76 -27.23 -33.13
CA ALA A 611 42.63 -26.44 -32.65
C ALA A 611 41.80 -25.94 -33.83
N GLU A 612 40.69 -26.62 -34.10
CA GLU A 612 39.59 -26.11 -34.90
C GLU A 612 40.06 -25.73 -36.29
N LEU A 613 40.65 -26.68 -36.99
CA LEU A 613 41.22 -26.45 -38.31
C LEU A 613 40.34 -27.13 -39.33
N SER A 614 39.31 -26.41 -39.75
CA SER A 614 38.29 -26.89 -40.68
C SER A 614 37.78 -25.69 -41.45
N ALA A 615 37.16 -25.95 -42.60
CA ALA A 615 36.57 -24.87 -43.38
C ALA A 615 35.44 -24.22 -42.62
N SER A 616 34.76 -25.00 -41.78
CA SER A 616 33.75 -24.45 -40.90
C SER A 616 34.33 -23.39 -40.00
N SER A 617 35.59 -23.53 -39.62
CA SER A 617 36.25 -22.52 -38.83
C SER A 617 36.28 -21.20 -39.58
N VAL A 618 36.69 -21.27 -40.83
CA VAL A 618 36.77 -20.08 -41.66
C VAL A 618 35.41 -19.47 -41.78
N TYR A 619 34.41 -20.31 -41.90
CA TYR A 619 33.06 -19.80 -41.93
C TYR A 619 32.73 -19.09 -40.62
N ASN A 620 32.86 -19.78 -39.49
CA ASN A 620 32.26 -19.24 -38.28
C ASN A 620 33.10 -18.14 -37.65
N LEU A 621 34.26 -17.82 -38.22
CA LEU A 621 35.01 -16.71 -37.66
C LEU A 621 34.41 -15.36 -38.01
N LEU A 622 33.40 -15.35 -38.86
CA LEU A 622 33.08 -14.17 -39.60
C LEU A 622 32.37 -13.12 -38.74
N PRO A 623 32.44 -11.87 -39.15
CA PRO A 623 31.37 -10.93 -38.84
C PRO A 623 30.04 -11.37 -39.39
N GLU A 624 29.10 -11.68 -38.51
CA GLU A 624 27.69 -11.91 -38.84
C GLU A 624 27.56 -12.97 -39.93
N LYS A 625 27.92 -14.20 -39.53
CA LYS A 625 27.64 -15.41 -40.28
C LYS A 625 26.31 -15.31 -40.99
N ASP A 626 25.30 -15.02 -40.21
CA ASP A 626 23.93 -14.85 -40.66
C ASP A 626 23.55 -13.41 -40.43
N LEU A 627 22.46 -13.00 -41.04
CA LEU A 627 21.78 -11.79 -40.63
C LEU A 627 20.30 -12.07 -40.61
N THR A 628 19.74 -12.10 -39.41
CA THR A 628 18.32 -11.99 -39.18
C THR A 628 18.13 -10.80 -38.26
N GLY A 629 17.07 -10.05 -38.47
CA GLY A 629 16.82 -8.90 -37.64
C GLY A 629 17.75 -7.76 -37.94
N PHE A 630 17.22 -6.55 -37.91
CA PHE A 630 18.08 -5.42 -38.11
C PHE A 630 19.04 -5.29 -36.94
N PRO A 631 20.08 -4.48 -37.06
CA PRO A 631 21.00 -4.27 -35.94
C PRO A 631 20.37 -3.48 -34.80
N GLY A 632 21.23 -3.09 -33.85
CA GLY A 632 20.82 -2.46 -32.62
C GLY A 632 20.24 -1.06 -32.75
N PRO A 633 21.06 -0.09 -33.15
CA PRO A 633 20.73 1.32 -32.89
C PRO A 633 19.46 1.76 -33.59
N LEU A 634 19.45 1.51 -34.88
CA LEU A 634 18.25 1.65 -35.66
C LEU A 634 17.16 0.81 -35.05
N ASN A 635 15.92 1.24 -35.26
CA ASN A 635 14.77 0.60 -34.63
C ASN A 635 13.86 -0.06 -35.64
N ASP A 636 13.35 0.71 -36.58
CA ASP A 636 12.20 0.29 -37.36
C ASP A 636 12.03 1.26 -38.52
N GLN A 637 10.92 1.11 -39.22
CA GLN A 637 10.45 2.06 -40.22
C GLN A 637 8.97 2.25 -39.91
N ASP A 638 8.68 3.08 -38.91
CA ASP A 638 7.31 3.24 -38.48
C ASP A 638 6.48 3.94 -39.55
N ASN A 639 5.20 3.65 -39.53
CA ASN A 639 4.23 4.19 -40.47
C ASN A 639 3.22 5.03 -39.68
N GLU A 640 2.49 5.86 -40.42
CA GLU A 640 1.47 6.73 -39.87
C GLU A 640 0.07 6.13 -39.94
N ASP A 641 -0.15 5.13 -40.79
CA ASP A 641 -1.52 4.74 -41.11
C ASP A 641 -2.17 4.01 -39.94
N CYS A 642 -2.65 4.76 -38.96
CA CYS A 642 -3.45 4.22 -37.88
C CYS A 642 -4.88 4.08 -38.37
N ILE A 643 -5.61 3.16 -37.77
CA ILE A 643 -6.92 2.78 -38.25
C ILE A 643 -7.94 2.67 -37.13
N ASN A 644 -7.62 3.20 -35.95
CA ASN A 644 -8.46 2.95 -34.79
C ASN A 644 -9.84 3.58 -34.98
N ARG A 645 -10.86 2.74 -34.95
CA ARG A 645 -12.22 3.23 -34.85
C ARG A 645 -12.51 3.64 -33.41
N HIS A 646 -13.47 4.54 -33.26
CA HIS A 646 -13.94 4.91 -31.92
C HIS A 646 -14.39 3.67 -31.17
N ASN A 647 -15.02 2.74 -31.87
CA ASN A 647 -15.24 1.38 -31.40
C ASN A 647 -15.31 0.51 -32.64
N VAL A 648 -15.02 -0.79 -32.50
CA VAL A 648 -14.76 -1.63 -33.72
C VAL A 648 -16.01 -1.73 -34.62
N TYR A 649 -17.19 -1.38 -34.10
CA TYR A 649 -18.44 -1.36 -34.93
C TYR A 649 -18.84 -2.76 -35.42
N ILE A 650 -19.25 -3.61 -34.48
CA ILE A 650 -20.11 -4.78 -34.66
C ILE A 650 -21.54 -4.29 -34.80
N ASN A 651 -21.97 -4.06 -36.04
CA ASN A 651 -23.39 -3.96 -36.33
C ASN A 651 -23.98 -5.35 -36.25
N GLY A 652 -24.57 -5.67 -35.11
CA GLY A 652 -24.95 -7.04 -34.84
C GLY A 652 -24.97 -7.38 -33.37
N ILE A 653 -24.19 -8.39 -33.01
CA ILE A 653 -24.28 -8.97 -31.68
C ILE A 653 -23.98 -7.94 -30.60
N THR A 654 -22.82 -7.31 -30.65
CA THR A 654 -22.41 -6.30 -29.68
C THR A 654 -21.05 -5.77 -30.11
N TYR A 655 -20.79 -4.51 -29.78
CA TYR A 655 -19.55 -3.89 -30.19
C TYR A 655 -18.37 -4.53 -29.46
N THR A 656 -17.58 -5.24 -30.24
CA THR A 656 -16.28 -5.74 -29.91
C THR A 656 -15.30 -4.57 -29.79
N PRO A 657 -14.48 -4.47 -28.73
CA PRO A 657 -13.56 -3.32 -28.65
C PRO A 657 -12.27 -3.42 -29.45
N VAL A 658 -11.39 -2.47 -29.16
CA VAL A 658 -10.10 -2.32 -29.80
C VAL A 658 -9.04 -3.15 -29.07
N SER A 659 -8.32 -3.95 -29.85
CA SER A 659 -7.02 -4.45 -29.41
C SER A 659 -6.21 -4.90 -30.62
N SER A 660 -4.91 -5.09 -30.39
CA SER A 660 -3.98 -5.44 -31.45
C SER A 660 -4.18 -6.88 -31.92
N THR A 661 -3.33 -7.27 -32.87
CA THR A 661 -3.17 -8.65 -33.26
C THR A 661 -1.72 -9.07 -33.09
N ASN A 662 -1.45 -10.26 -33.57
CA ASN A 662 -0.10 -10.81 -33.56
C ASN A 662 -0.04 -11.91 -34.62
N GLU A 663 0.51 -11.57 -35.77
CA GLU A 663 0.71 -12.55 -36.83
C GLU A 663 1.93 -12.16 -37.64
N LYS A 664 2.21 -12.99 -38.64
CA LYS A 664 3.44 -12.82 -39.40
C LYS A 664 3.20 -11.94 -40.62
N ASP A 665 4.29 -11.37 -41.13
CA ASP A 665 4.21 -10.32 -42.15
C ASP A 665 5.32 -10.47 -43.18
N MET A 666 5.04 -9.93 -44.36
CA MET A 666 6.03 -9.88 -45.42
C MET A 666 7.18 -8.99 -45.02
N TYR A 667 6.86 -7.79 -44.55
CA TYR A 667 7.84 -6.97 -43.85
C TYR A 667 8.62 -7.81 -42.87
N SER A 668 7.92 -8.61 -42.10
CA SER A 668 8.59 -9.44 -41.12
C SER A 668 9.36 -10.53 -41.81
N PHE A 669 8.87 -11.02 -42.94
CA PHE A 669 9.59 -12.06 -43.64
C PHE A 669 10.92 -11.52 -44.13
N LEU A 670 10.91 -10.28 -44.55
CA LEU A 670 12.08 -9.70 -45.21
C LEU A 670 13.00 -9.02 -44.21
N GLU A 671 12.52 -8.84 -42.99
CA GLU A 671 13.39 -8.36 -41.92
C GLU A 671 14.05 -9.55 -41.23
N ASP A 672 13.28 -10.61 -40.99
CA ASP A 672 13.87 -11.84 -40.53
C ASP A 672 14.80 -12.41 -41.57
N MET A 673 14.50 -12.14 -42.84
CA MET A 673 15.46 -12.37 -43.89
C MET A 673 16.80 -11.80 -43.50
N GLY A 674 16.77 -10.58 -43.01
CA GLY A 674 17.95 -9.87 -42.62
C GLY A 674 18.05 -8.49 -43.21
N LEU A 675 17.03 -8.04 -43.93
CA LEU A 675 17.19 -6.92 -44.83
C LEU A 675 15.97 -6.02 -44.86
N LYS A 676 15.96 -5.13 -45.85
CA LYS A 676 14.93 -4.13 -46.01
C LYS A 676 14.73 -3.88 -47.49
N ALA A 677 13.59 -3.30 -47.83
CA ALA A 677 13.32 -2.83 -49.17
C ALA A 677 12.48 -1.57 -49.12
N PHE A 678 12.28 -0.99 -50.30
CA PHE A 678 11.39 0.14 -50.50
C PHE A 678 10.30 -0.27 -51.50
N THR A 679 9.05 -0.08 -51.11
CA THR A 679 7.90 -0.12 -52.01
C THR A 679 6.86 0.86 -51.49
N ASN A 680 5.65 0.75 -52.00
CA ASN A 680 4.46 1.29 -51.36
C ASN A 680 3.34 0.26 -51.30
N SER A 681 3.65 -1.00 -51.56
CA SER A 681 2.64 -2.03 -51.44
C SER A 681 2.17 -2.17 -50.01
N LYS A 682 1.15 -3.01 -49.83
CA LYS A 682 0.59 -3.26 -48.52
C LYS A 682 1.38 -4.40 -47.90
N ILE A 683 2.57 -4.08 -47.44
CA ILE A 683 3.50 -5.06 -46.86
C ILE A 683 3.29 -5.20 -45.37
N ARG A 684 3.59 -4.14 -44.63
CA ARG A 684 3.39 -4.19 -43.20
C ARG A 684 1.91 -4.26 -42.91
N LYS A 685 1.58 -4.91 -41.82
CA LYS A 685 0.19 -5.00 -41.43
C LYS A 685 -0.40 -3.62 -41.18
N PRO A 686 -1.71 -3.47 -41.24
CA PRO A 686 -2.30 -2.14 -41.08
C PRO A 686 -2.37 -1.69 -39.63
N LYS A 687 -1.23 -1.78 -38.96
CA LYS A 687 -1.19 -1.60 -37.53
C LYS A 687 -1.64 -0.19 -37.17
N MET A 688 -2.01 -0.02 -35.92
CA MET A 688 -2.83 1.09 -35.50
C MET A 688 -2.17 1.87 -34.38
N CYS A 689 -2.61 3.09 -34.22
CA CYS A 689 -2.07 3.96 -33.21
C CYS A 689 -2.51 3.48 -31.84
N PRO A 690 -1.63 3.51 -30.84
CA PRO A 690 -2.10 3.27 -29.47
C PRO A 690 -3.02 4.38 -29.03
N GLN A 691 -3.57 4.22 -27.84
CA GLN A 691 -4.67 5.06 -27.41
C GLN A 691 -4.17 6.46 -27.11
N LEU A 692 -4.47 7.40 -28.01
CA LEU A 692 -4.04 8.79 -27.85
C LEU A 692 -4.49 9.37 -26.52
N GLN A 693 -5.72 9.07 -26.13
CA GLN A 693 -6.28 9.64 -24.92
C GLN A 693 -5.54 9.09 -23.70
N GLN A 694 -5.19 9.98 -22.78
CA GLN A 694 -4.43 9.60 -21.59
C GLN A 694 -4.82 10.50 -20.44
N TYR A 695 -4.33 10.16 -19.24
CA TYR A 695 -4.60 10.94 -18.04
C TYR A 695 -3.56 12.04 -17.88
N THR A 730 72.20 -47.22 -41.34
CA THR A 730 71.52 -47.00 -42.61
C THR A 730 70.65 -45.75 -42.59
N VAL A 731 70.20 -45.37 -41.40
CA VAL A 731 69.28 -44.26 -41.21
C VAL A 731 70.01 -43.17 -40.44
N ARG A 732 69.78 -41.92 -40.88
CA ARG A 732 70.51 -40.75 -40.40
C ARG A 732 69.46 -39.75 -39.94
N LYS A 733 69.39 -39.52 -38.63
CA LYS A 733 68.28 -38.82 -38.02
C LYS A 733 68.12 -37.43 -38.60
N TYR A 734 67.08 -37.25 -39.41
CA TYR A 734 66.63 -35.95 -39.88
C TYR A 734 65.44 -35.56 -39.05
N PHE A 735 65.01 -34.31 -39.16
CA PHE A 735 64.36 -33.69 -38.02
C PHE A 735 62.96 -34.24 -37.80
N PRO A 736 62.68 -34.83 -36.64
CA PRO A 736 61.30 -35.15 -36.33
C PRO A 736 60.54 -33.96 -35.83
N GLU A 737 59.28 -34.20 -35.52
CA GLU A 737 58.37 -33.20 -35.05
C GLU A 737 58.21 -32.04 -36.03
N THR A 738 58.56 -32.27 -37.29
CA THR A 738 58.21 -31.43 -38.41
C THR A 738 58.67 -32.22 -39.63
N TRP A 739 57.86 -32.17 -40.69
CA TRP A 739 58.22 -32.79 -41.96
C TRP A 739 58.18 -31.74 -43.04
N ILE A 740 57.11 -30.95 -43.04
CA ILE A 740 56.87 -30.02 -44.12
C ILE A 740 56.40 -28.70 -43.56
N TRP A 741 57.12 -27.66 -43.96
CA TRP A 741 56.68 -26.30 -43.77
C TRP A 741 57.26 -25.54 -44.96
N ASP A 742 56.51 -25.47 -46.03
CA ASP A 742 57.01 -24.81 -47.21
C ASP A 742 55.83 -24.53 -48.10
N LEU A 743 56.14 -23.96 -49.25
CA LEU A 743 55.18 -23.22 -50.04
C LEU A 743 55.33 -23.64 -51.50
N VAL A 744 54.24 -23.53 -52.25
CA VAL A 744 54.23 -24.00 -53.62
C VAL A 744 53.26 -23.17 -54.44
N VAL A 745 53.54 -23.10 -55.70
CA VAL A 745 52.70 -22.44 -56.66
C VAL A 745 52.02 -23.50 -57.51
N VAL A 746 50.86 -23.13 -58.03
CA VAL A 746 50.02 -24.04 -58.80
C VAL A 746 50.11 -23.58 -60.24
N ASN A 747 50.80 -24.37 -61.05
CA ASN A 747 50.79 -24.20 -62.49
C ASN A 747 49.40 -24.57 -63.01
N SER A 748 49.23 -24.53 -64.32
CA SER A 748 47.94 -24.88 -64.90
C SER A 748 47.70 -26.38 -64.97
N ALA A 749 48.48 -27.21 -64.26
CA ALA A 749 48.28 -28.65 -64.24
C ALA A 749 48.60 -29.31 -62.89
N GLY A 750 48.74 -28.54 -61.81
CA GLY A 750 48.90 -29.13 -60.50
C GLY A 750 50.34 -29.41 -60.10
N VAL A 751 50.65 -29.26 -58.81
CA VAL A 751 52.06 -29.44 -58.35
C VAL A 751 52.25 -30.92 -58.00
N ALA A 752 53.49 -31.41 -58.02
CA ALA A 752 53.78 -32.58 -57.19
C ALA A 752 55.17 -32.34 -56.62
N GLU A 753 55.20 -31.89 -55.39
CA GLU A 753 56.47 -31.63 -54.72
C GLU A 753 57.05 -32.94 -54.21
N VAL A 754 58.35 -32.92 -53.91
CA VAL A 754 59.05 -34.06 -53.35
C VAL A 754 59.39 -33.71 -51.91
N GLY A 755 58.40 -33.97 -51.04
CA GLY A 755 58.58 -33.97 -49.57
C GLY A 755 59.17 -35.27 -49.09
N VAL A 756 60.36 -35.19 -48.50
CA VAL A 756 61.36 -36.24 -48.52
C VAL A 756 61.24 -37.05 -47.25
N THR A 757 61.61 -38.32 -47.35
CA THR A 757 61.37 -39.28 -46.28
C THR A 757 62.29 -39.00 -45.10
N VAL A 758 61.94 -39.55 -43.95
CA VAL A 758 62.50 -39.14 -42.66
C VAL A 758 62.58 -40.37 -41.75
N PRO A 759 63.64 -40.54 -40.96
CA PRO A 759 63.94 -41.87 -40.42
C PRO A 759 63.35 -42.18 -39.05
N ASP A 760 63.02 -43.45 -38.85
CA ASP A 760 62.75 -44.03 -37.54
C ASP A 760 61.62 -43.32 -36.82
N THR A 761 60.71 -42.74 -37.58
CA THR A 761 59.60 -41.96 -37.07
C THR A 761 58.34 -42.56 -37.66
N ILE A 762 57.64 -43.30 -36.81
CA ILE A 762 56.69 -44.34 -37.29
C ILE A 762 55.36 -44.08 -36.59
N THR A 763 54.42 -43.46 -37.31
CA THR A 763 53.14 -43.16 -36.71
C THR A 763 52.14 -42.74 -37.77
N GLU A 764 51.01 -42.24 -37.29
CA GLU A 764 50.08 -41.42 -38.01
C GLU A 764 50.67 -40.02 -38.20
N TRP A 765 50.68 -39.56 -39.45
CA TRP A 765 51.27 -38.29 -39.83
C TRP A 765 50.22 -37.55 -40.61
N LYS A 766 49.33 -36.87 -39.93
CA LYS A 766 48.42 -36.00 -40.65
C LYS A 766 49.24 -34.89 -41.29
N ALA A 767 48.63 -34.18 -42.21
CA ALA A 767 49.33 -33.16 -42.96
C ALA A 767 48.30 -32.30 -43.65
N GLY A 768 48.50 -31.00 -43.60
CA GLY A 768 47.47 -30.05 -43.90
C GLY A 768 47.84 -29.18 -45.07
N ALA A 769 46.82 -28.71 -45.77
CA ALA A 769 46.99 -27.96 -46.99
C ALA A 769 46.15 -26.69 -46.91
N PHE A 770 46.69 -25.62 -47.47
CA PHE A 770 45.95 -24.39 -47.66
C PHE A 770 46.37 -23.84 -49.01
N CYS A 771 45.46 -23.15 -49.66
CA CYS A 771 45.69 -22.59 -50.97
C CYS A 771 44.88 -21.33 -51.17
N LEU A 772 45.16 -20.64 -52.27
CA LEU A 772 44.57 -19.35 -52.53
C LEU A 772 44.55 -19.01 -54.00
N SER A 773 43.78 -17.98 -54.33
CA SER A 773 43.72 -17.40 -55.66
C SER A 773 42.83 -16.17 -55.61
N GLU A 774 43.03 -15.26 -56.54
CA GLU A 774 42.07 -14.18 -56.72
C GLU A 774 40.74 -14.68 -57.25
N ASP A 775 40.77 -15.67 -58.14
CA ASP A 775 39.60 -16.04 -58.93
C ASP A 775 38.68 -17.03 -58.24
N ALA A 776 39.21 -17.82 -57.31
CA ALA A 776 38.47 -18.92 -56.70
C ALA A 776 38.35 -18.78 -55.20
N GLY A 777 39.47 -18.69 -54.50
CA GLY A 777 39.48 -18.48 -53.07
C GLY A 777 40.45 -19.37 -52.32
N LEU A 778 40.17 -19.56 -51.03
CA LEU A 778 41.05 -20.19 -50.08
C LEU A 778 41.13 -21.69 -50.30
N GLY A 779 41.73 -22.39 -49.32
CA GLY A 779 42.08 -23.77 -49.50
C GLY A 779 42.06 -24.66 -48.27
N ILE A 780 41.38 -25.78 -48.42
CA ILE A 780 41.03 -26.68 -47.33
C ILE A 780 41.03 -28.08 -47.89
N SER A 781 41.76 -28.99 -47.27
CA SER A 781 41.55 -30.41 -47.48
C SER A 781 42.34 -31.24 -46.50
N SER A 782 41.88 -32.47 -46.34
CA SER A 782 42.22 -33.36 -45.24
C SER A 782 43.58 -34.04 -45.37
N THR A 783 43.78 -35.07 -44.56
CA THR A 783 45.09 -35.54 -44.14
C THR A 783 45.60 -36.69 -45.00
N ALA A 784 46.70 -36.44 -45.68
CA ALA A 784 47.45 -37.52 -46.31
C ALA A 784 48.36 -38.20 -45.30
N SER A 785 47.86 -39.26 -44.69
CA SER A 785 48.65 -40.00 -43.72
C SER A 785 49.74 -40.81 -44.39
N LEU A 786 50.79 -40.14 -44.84
CA LEU A 786 51.93 -40.81 -45.44
C LEU A 786 52.71 -41.58 -44.38
N ARG A 787 52.07 -42.56 -43.78
CA ARG A 787 52.69 -43.33 -42.73
C ARG A 787 53.73 -44.26 -43.31
N ALA A 788 54.70 -44.60 -42.51
CA ALA A 788 55.69 -45.58 -42.89
C ALA A 788 55.98 -46.46 -41.69
N PHE A 789 56.99 -47.29 -41.80
CA PHE A 789 57.04 -48.55 -41.07
C PHE A 789 58.49 -48.99 -40.99
N GLN A 790 58.67 -50.16 -40.45
CA GLN A 790 59.86 -50.96 -40.66
C GLN A 790 59.44 -52.36 -40.23
N PRO A 791 59.69 -53.41 -41.01
CA PRO A 791 59.26 -54.75 -40.56
C PRO A 791 60.01 -55.19 -39.34
N PHE A 792 61.24 -54.72 -39.16
CA PHE A 792 62.01 -54.99 -37.96
C PHE A 792 62.83 -53.75 -37.70
N PHE A 793 62.84 -53.31 -36.46
CA PHE A 793 63.45 -52.05 -36.09
C PHE A 793 63.82 -52.09 -34.63
N VAL A 794 64.41 -50.99 -34.18
CA VAL A 794 64.74 -50.78 -32.79
C VAL A 794 64.19 -49.42 -32.38
N GLU A 795 63.49 -49.38 -31.25
CA GLU A 795 62.86 -48.19 -30.70
C GLU A 795 63.16 -48.10 -29.21
N LEU A 796 63.05 -46.91 -28.67
CA LEU A 796 63.27 -46.65 -27.26
C LEU A 796 62.07 -45.96 -26.66
N THR A 797 62.13 -45.77 -25.36
CA THR A 797 61.37 -44.72 -24.70
C THR A 797 62.09 -44.40 -23.40
N MET A 798 62.01 -43.15 -23.00
CA MET A 798 62.85 -42.64 -21.92
C MET A 798 62.39 -41.22 -21.64
N PRO A 799 62.61 -40.68 -20.43
CA PRO A 799 62.08 -39.34 -20.12
C PRO A 799 62.66 -38.26 -21.02
N TYR A 800 61.95 -37.16 -21.16
CA TYR A 800 62.35 -36.11 -22.08
C TYR A 800 63.70 -35.50 -21.72
N SER A 801 63.99 -35.41 -20.42
CA SER A 801 65.19 -34.73 -19.95
C SER A 801 65.64 -35.41 -18.68
N VAL A 802 66.94 -35.36 -18.45
CA VAL A 802 67.58 -36.05 -17.35
C VAL A 802 68.61 -35.10 -16.74
N ILE A 803 69.39 -35.63 -15.81
CA ILE A 803 70.42 -34.89 -15.10
C ILE A 803 71.75 -35.56 -15.34
N ARG A 804 72.78 -34.73 -15.48
CA ARG A 804 74.13 -35.26 -15.66
C ARG A 804 74.56 -36.10 -14.46
N GLY A 805 74.00 -35.84 -13.28
CA GLY A 805 74.45 -36.46 -12.05
C GLY A 805 73.94 -37.85 -11.74
N GLU A 806 72.63 -38.00 -11.57
CA GLU A 806 72.11 -39.24 -11.02
C GLU A 806 71.96 -40.31 -12.10
N ALA A 807 71.57 -41.50 -11.65
CA ALA A 807 71.49 -42.69 -12.49
C ALA A 807 70.09 -42.85 -13.10
N PHE A 808 70.07 -43.19 -14.38
CA PHE A 808 68.84 -43.56 -15.06
C PHE A 808 69.18 -44.55 -16.17
N THR A 809 68.17 -45.29 -16.58
CA THR A 809 68.35 -46.36 -17.55
C THR A 809 67.85 -45.93 -18.92
N LEU A 810 68.32 -46.66 -19.92
CA LEU A 810 67.82 -46.53 -21.29
C LEU A 810 67.12 -47.83 -21.62
N LYS A 811 65.88 -47.72 -22.08
CA LYS A 811 65.08 -48.84 -22.50
C LYS A 811 64.88 -48.77 -24.01
N ALA A 812 65.69 -49.53 -24.74
CA ALA A 812 65.67 -49.57 -26.19
C ALA A 812 64.96 -50.82 -26.64
N THR A 813 63.70 -50.68 -27.04
CA THR A 813 62.86 -51.80 -27.41
C THR A 813 63.04 -52.14 -28.89
N VAL A 814 63.40 -53.39 -29.16
CA VAL A 814 63.57 -53.89 -30.51
C VAL A 814 62.39 -54.79 -30.85
N LEU A 815 61.96 -54.74 -32.10
CA LEU A 815 60.66 -55.26 -32.51
C LEU A 815 60.77 -55.99 -33.83
N ASN A 816 59.98 -57.07 -33.96
CA ASN A 816 59.90 -57.87 -35.17
C ASN A 816 58.46 -57.98 -35.61
N TYR A 817 58.19 -57.54 -36.83
CA TYR A 817 56.87 -57.59 -37.43
C TYR A 817 56.81 -58.30 -38.77
N LEU A 818 57.93 -58.78 -39.32
CA LEU A 818 57.84 -59.71 -40.43
C LEU A 818 57.56 -61.10 -39.88
N PRO A 819 56.84 -61.97 -40.63
CA PRO A 819 56.52 -63.29 -40.09
C PRO A 819 57.73 -64.12 -39.70
N LYS A 820 58.88 -63.86 -40.31
CA LYS A 820 60.08 -64.59 -39.93
C LYS A 820 60.46 -64.26 -38.49
N CYS A 821 61.30 -65.10 -37.92
CA CYS A 821 61.53 -65.16 -36.50
C CYS A 821 63.03 -65.28 -36.27
N ILE A 822 63.66 -64.16 -35.95
CA ILE A 822 65.11 -64.02 -36.05
C ILE A 822 65.65 -63.39 -34.76
N ARG A 823 66.79 -63.90 -34.32
CA ARG A 823 67.57 -63.26 -33.27
C ARG A 823 68.25 -62.01 -33.82
N VAL A 824 68.33 -60.98 -32.99
CA VAL A 824 68.93 -59.69 -33.35
C VAL A 824 69.99 -59.36 -32.32
N SER A 825 71.01 -58.61 -32.76
CA SER A 825 72.10 -58.16 -31.89
C SER A 825 71.96 -56.66 -31.68
N VAL A 826 71.09 -56.24 -30.76
CA VAL A 826 70.83 -54.83 -30.48
C VAL A 826 71.71 -54.41 -29.31
N GLN A 827 72.15 -53.16 -29.35
CA GLN A 827 73.19 -52.69 -28.46
C GLN A 827 73.27 -51.17 -28.61
N LEU A 828 74.32 -50.58 -28.02
CA LEU A 828 74.55 -49.14 -28.10
C LEU A 828 76.04 -48.88 -28.19
N GLU A 829 76.40 -47.79 -28.86
CA GLU A 829 77.79 -47.35 -28.91
C GLU A 829 78.02 -46.40 -27.75
N ALA A 830 79.17 -46.52 -27.11
CA ALA A 830 79.53 -45.75 -25.94
C ALA A 830 80.36 -44.53 -26.33
N SER A 831 79.94 -43.36 -25.87
CA SER A 831 80.61 -42.10 -26.12
C SER A 831 81.33 -41.63 -24.88
N PRO A 832 82.14 -40.58 -25.00
CA PRO A 832 82.53 -39.83 -23.80
C PRO A 832 81.38 -39.16 -23.10
N ALA A 833 80.28 -38.90 -23.82
CA ALA A 833 79.21 -38.06 -23.31
C ALA A 833 78.29 -38.76 -22.33
N PHE A 834 78.51 -40.03 -22.00
CA PHE A 834 77.76 -40.68 -20.95
C PHE A 834 78.56 -41.88 -20.43
N LEU A 835 77.93 -42.66 -19.56
CA LEU A 835 78.52 -43.87 -18.98
C LEU A 835 77.39 -44.85 -18.75
N ALA A 836 77.46 -46.02 -19.41
CA ALA A 836 76.37 -46.99 -19.39
C ALA A 836 76.88 -48.42 -19.18
N VAL A 837 75.99 -49.26 -18.68
CA VAL A 837 76.26 -50.69 -18.44
C VAL A 837 74.95 -51.44 -18.69
N PRO A 838 74.89 -52.43 -19.61
CA PRO A 838 73.66 -53.22 -19.74
C PRO A 838 73.28 -53.97 -18.48
N VAL A 839 72.11 -54.63 -18.52
CA VAL A 839 71.62 -55.41 -17.39
C VAL A 839 71.72 -56.91 -17.67
N GLU A 840 71.44 -57.33 -18.91
CA GLU A 840 71.39 -58.74 -19.28
C GLU A 840 72.10 -58.98 -20.63
N LYS A 841 73.30 -58.44 -20.81
CA LYS A 841 74.02 -58.62 -22.08
C LYS A 841 74.65 -60.00 -22.20
N GLU A 842 75.01 -60.63 -21.07
CA GLU A 842 75.71 -61.91 -21.15
C GLU A 842 74.85 -62.98 -21.80
N GLN A 843 73.62 -63.16 -21.33
CA GLN A 843 72.70 -64.10 -21.95
C GLN A 843 72.24 -63.52 -23.29
N ALA A 844 72.35 -64.32 -24.34
CA ALA A 844 72.04 -63.83 -25.67
C ALA A 844 70.52 -63.88 -25.91
N PRO A 845 69.98 -62.98 -26.74
CA PRO A 845 68.57 -63.11 -27.11
C PRO A 845 68.30 -64.42 -27.83
N HIS A 846 67.03 -64.83 -27.80
CA HIS A 846 66.63 -66.09 -28.41
C HIS A 846 66.10 -65.91 -29.83
N CYS A 847 64.96 -65.23 -29.98
CA CYS A 847 64.30 -64.97 -31.25
C CYS A 847 63.01 -64.23 -30.94
N ILE A 848 62.43 -63.62 -31.97
CA ILE A 848 61.07 -63.09 -31.88
C ILE A 848 60.45 -63.18 -33.27
N CYS A 849 59.30 -63.82 -33.35
CA CYS A 849 58.58 -63.93 -34.60
C CYS A 849 57.78 -62.63 -34.81
N ALA A 850 56.88 -62.63 -35.79
CA ALA A 850 56.08 -61.44 -36.07
C ALA A 850 55.29 -61.01 -34.83
N ASN A 851 55.19 -59.69 -34.66
CA ASN A 851 54.41 -59.11 -33.57
C ASN A 851 55.05 -59.44 -32.22
N GLY A 852 56.38 -59.49 -32.21
CA GLY A 852 57.15 -59.78 -31.02
C GLY A 852 58.09 -58.63 -30.71
N ARG A 853 58.16 -58.25 -29.43
CA ARG A 853 59.07 -57.22 -28.96
C ARG A 853 59.61 -57.60 -27.58
N GLN A 854 60.94 -57.78 -27.52
CA GLN A 854 61.67 -57.98 -26.29
C GLN A 854 62.60 -56.80 -26.10
N THR A 855 62.89 -56.50 -24.84
CA THR A 855 63.62 -55.30 -24.50
C THR A 855 64.46 -55.57 -23.25
N VAL A 856 65.50 -54.76 -23.08
CA VAL A 856 66.41 -54.85 -21.95
C VAL A 856 66.86 -53.43 -21.62
N SER A 857 67.68 -53.31 -20.57
CA SER A 857 68.01 -52.02 -20.00
C SER A 857 69.52 -51.78 -20.03
N TRP A 858 69.88 -50.49 -19.99
CA TRP A 858 71.25 -50.04 -19.79
C TRP A 858 71.21 -48.91 -18.79
N ALA A 859 71.81 -49.10 -17.62
CA ALA A 859 71.88 -48.03 -16.64
C ALA A 859 72.91 -47.00 -17.10
N VAL A 860 72.44 -45.87 -17.60
CA VAL A 860 73.28 -44.83 -18.20
C VAL A 860 73.44 -43.68 -17.21
N THR A 861 74.58 -42.99 -17.31
CA THR A 861 74.75 -41.70 -16.65
C THR A 861 75.34 -40.75 -17.69
N PRO A 862 74.66 -39.64 -18.02
CA PRO A 862 75.23 -38.73 -19.01
C PRO A 862 76.27 -37.80 -18.42
N LYS A 863 77.37 -37.67 -19.16
CA LYS A 863 78.55 -36.96 -18.68
C LYS A 863 78.61 -35.52 -19.16
N SER A 864 78.64 -35.30 -20.47
CA SER A 864 78.69 -33.93 -20.96
C SER A 864 77.34 -33.27 -20.77
N LEU A 865 77.32 -31.96 -20.89
CA LEU A 865 76.10 -31.17 -20.75
C LEU A 865 75.65 -30.65 -22.11
N GLY A 866 74.33 -30.58 -22.26
CA GLY A 866 73.71 -30.20 -23.51
C GLY A 866 72.93 -31.34 -24.12
N ASN A 867 72.52 -31.15 -25.39
CA ASN A 867 71.80 -32.19 -26.16
C ASN A 867 72.84 -33.23 -26.57
N VAL A 868 72.65 -34.49 -26.15
CA VAL A 868 73.62 -35.54 -26.42
C VAL A 868 72.98 -36.60 -27.30
N ASN A 869 73.66 -36.94 -28.40
CA ASN A 869 73.17 -37.96 -29.38
C ASN A 869 73.40 -39.37 -28.82
N PHE A 870 72.33 -40.11 -28.51
CA PHE A 870 72.46 -41.50 -28.07
C PHE A 870 72.09 -42.40 -29.23
N THR A 871 72.80 -43.52 -29.36
CA THR A 871 72.74 -44.38 -30.54
C THR A 871 72.64 -45.84 -30.12
N VAL A 872 71.74 -46.56 -30.78
CA VAL A 872 71.65 -48.01 -30.68
C VAL A 872 71.60 -48.58 -32.09
N SER A 873 72.06 -49.83 -32.24
CA SER A 873 72.14 -50.47 -33.54
C SER A 873 71.94 -51.97 -33.38
N ALA A 874 71.24 -52.59 -34.35
CA ALA A 874 70.90 -54.00 -34.30
C ALA A 874 70.80 -54.55 -35.71
N GLU A 875 71.06 -55.85 -35.85
CA GLU A 875 71.01 -56.51 -37.15
C GLU A 875 70.55 -57.95 -36.95
N ALA A 876 70.01 -58.52 -38.03
CA ALA A 876 69.60 -59.91 -38.01
C ALA A 876 70.83 -60.81 -38.03
N LEU A 877 70.60 -62.09 -37.76
CA LEU A 877 71.67 -63.06 -37.63
C LEU A 877 71.24 -64.41 -38.20
N GLU A 878 71.94 -64.84 -39.24
CA GLU A 878 71.59 -66.02 -40.03
C GLU A 878 72.26 -67.26 -39.45
N SER A 879 71.60 -68.40 -39.64
CA SER A 879 72.16 -69.73 -39.35
C SER A 879 72.38 -69.94 -37.85
N GLN A 880 71.37 -69.58 -37.06
CA GLN A 880 71.31 -69.91 -35.64
C GLN A 880 69.93 -70.49 -35.36
N GLU A 881 69.56 -71.53 -36.11
CA GLU A 881 68.26 -72.16 -35.93
C GLU A 881 68.26 -72.97 -34.64
N LEU A 882 68.30 -72.26 -33.51
CA LEU A 882 68.24 -72.86 -32.19
C LEU A 882 66.96 -72.52 -31.45
N CYS A 883 66.22 -71.51 -31.90
CA CYS A 883 65.02 -71.04 -31.22
C CYS A 883 63.77 -71.72 -31.77
N GLY A 884 63.66 -71.80 -33.09
CA GLY A 884 62.50 -72.39 -33.73
C GLY A 884 62.83 -73.06 -35.05
N THR A 885 62.11 -72.68 -36.10
CA THR A 885 62.18 -73.39 -37.37
C THR A 885 63.33 -72.89 -38.24
N GLU A 886 63.33 -71.60 -38.59
CA GLU A 886 64.29 -71.02 -39.52
C GLU A 886 64.70 -69.63 -39.07
N VAL A 887 65.72 -69.08 -39.74
CA VAL A 887 66.25 -67.75 -39.44
C VAL A 887 66.93 -67.18 -40.69
N PRO A 888 66.19 -66.58 -41.62
CA PRO A 888 66.83 -66.16 -42.88
C PRO A 888 67.88 -65.07 -42.70
N SER A 889 67.51 -63.94 -42.11
CA SER A 889 68.44 -62.90 -41.68
C SER A 889 69.32 -62.40 -42.84
N VAL A 890 68.66 -61.94 -43.89
CA VAL A 890 69.35 -61.24 -44.98
C VAL A 890 68.45 -60.10 -45.44
N PRO A 891 68.43 -58.98 -44.71
CA PRO A 891 67.64 -57.81 -45.16
C PRO A 891 68.34 -57.02 -46.26
N GLU A 892 67.80 -55.85 -46.57
CA GLU A 892 68.36 -54.99 -47.59
C GLU A 892 69.77 -54.56 -47.21
N HIS A 893 70.41 -53.82 -48.12
CA HIS A 893 71.74 -53.28 -47.85
C HIS A 893 71.78 -52.45 -46.57
N GLY A 894 70.65 -51.85 -46.21
CA GLY A 894 70.48 -51.28 -44.89
C GLY A 894 69.89 -52.30 -43.94
N ARG A 895 70.64 -53.36 -43.61
CA ARG A 895 70.13 -54.40 -42.74
C ARG A 895 70.31 -54.11 -41.26
N LYS A 896 70.43 -52.85 -40.87
CA LYS A 896 70.54 -52.48 -39.47
C LYS A 896 70.00 -51.07 -39.25
N ASP A 897 69.14 -50.91 -38.23
CA ASP A 897 68.44 -49.66 -37.97
C ASP A 897 69.30 -48.77 -37.08
N THR A 898 70.22 -48.03 -37.68
CA THR A 898 71.17 -47.17 -36.96
C THR A 898 70.46 -45.87 -36.64
N VAL A 899 69.60 -45.92 -35.65
CA VAL A 899 68.76 -44.79 -35.28
C VAL A 899 69.52 -43.88 -34.31
N ILE A 900 69.55 -42.58 -34.62
CA ILE A 900 70.32 -41.59 -33.86
C ILE A 900 69.33 -40.78 -33.04
N LYS A 901 69.37 -40.96 -31.71
CA LYS A 901 68.38 -40.39 -30.81
C LYS A 901 69.02 -39.56 -29.72
N PRO A 902 68.60 -38.30 -29.52
CA PRO A 902 69.27 -37.46 -28.54
C PRO A 902 68.63 -37.63 -27.18
N LEU A 903 69.11 -36.85 -26.21
CA LEU A 903 68.34 -36.58 -25.02
C LEU A 903 68.90 -35.35 -24.31
N LEU A 904 67.99 -34.58 -23.76
CA LEU A 904 68.26 -33.34 -23.07
C LEU A 904 68.73 -33.62 -21.64
N VAL A 905 69.71 -32.84 -21.16
CA VAL A 905 70.25 -33.00 -19.81
C VAL A 905 70.44 -31.63 -19.17
N GLU A 906 70.21 -31.57 -17.83
CA GLU A 906 70.55 -30.41 -17.01
C GLU A 906 71.73 -30.75 -16.12
N PRO A 907 72.47 -29.74 -15.65
CA PRO A 907 73.62 -30.03 -14.79
C PRO A 907 73.18 -30.44 -13.41
N GLU A 908 73.89 -31.40 -12.85
CA GLU A 908 73.56 -31.96 -11.55
C GLU A 908 73.62 -30.90 -10.46
N GLY A 909 73.06 -31.25 -9.30
CA GLY A 909 73.06 -30.39 -8.14
C GLY A 909 71.71 -29.71 -7.92
N LEU A 910 71.51 -29.24 -6.69
CA LEU A 910 70.31 -28.47 -6.39
C LEU A 910 70.40 -27.11 -7.03
N GLU A 911 69.39 -26.74 -7.79
CA GLU A 911 69.39 -25.47 -8.50
C GLU A 911 68.81 -24.36 -7.65
N LYS A 912 69.30 -23.15 -7.87
CA LYS A 912 68.62 -21.97 -7.37
C LYS A 912 69.08 -20.76 -8.16
N GLU A 913 68.47 -19.63 -7.84
CA GLU A 913 68.51 -18.44 -8.66
C GLU A 913 69.13 -17.29 -7.90
N THR A 914 69.19 -16.16 -8.60
CA THR A 914 69.53 -14.88 -7.99
C THR A 914 68.93 -13.78 -8.86
N THR A 915 68.40 -12.77 -8.20
CA THR A 915 67.70 -11.66 -8.83
C THR A 915 68.49 -10.38 -8.64
N PHE A 916 68.33 -9.48 -9.61
CA PHE A 916 68.90 -8.14 -9.54
C PHE A 916 68.01 -7.21 -10.33
N ASN A 917 68.28 -5.93 -10.21
CA ASN A 917 67.35 -4.94 -10.73
C ASN A 917 68.09 -3.63 -10.93
N SER A 918 67.34 -2.65 -11.42
CA SER A 918 67.83 -1.30 -11.63
C SER A 918 66.67 -0.48 -12.14
N LEU A 919 66.95 0.79 -12.33
CA LEU A 919 66.00 1.73 -12.93
C LEU A 919 66.78 3.00 -13.19
N LEU A 920 66.70 3.46 -14.41
CA LEU A 920 67.54 4.51 -14.93
C LEU A 920 66.72 5.33 -15.90
N CYS A 921 66.89 6.64 -15.88
CA CYS A 921 66.08 7.52 -16.70
C CYS A 921 66.73 8.90 -16.79
N PRO A 922 67.81 9.03 -17.54
CA PRO A 922 68.33 10.36 -17.86
C PRO A 922 67.30 11.16 -18.65
N SER A 923 66.89 12.28 -18.09
CA SER A 923 65.96 13.18 -18.77
C SER A 923 66.74 14.27 -19.51
N GLY A 924 67.65 13.81 -20.36
CA GLY A 924 68.39 14.69 -21.24
C GLY A 924 69.88 14.63 -21.07
N GLY A 925 70.40 13.57 -20.43
CA GLY A 925 71.81 13.47 -20.16
C GLY A 925 72.32 12.05 -20.14
N GLU A 926 73.04 11.67 -19.09
CA GLU A 926 73.68 10.37 -19.00
C GLU A 926 73.54 9.82 -17.59
N VAL A 927 73.63 8.50 -17.51
CA VAL A 927 73.66 7.75 -16.26
C VAL A 927 74.61 6.58 -16.51
N SER A 928 75.20 6.07 -15.44
CA SER A 928 75.98 4.86 -15.53
C SER A 928 75.75 4.06 -14.26
N GLU A 929 76.17 2.80 -14.29
CA GLU A 929 75.91 1.89 -13.20
C GLU A 929 76.68 0.61 -13.47
N GLU A 930 76.79 -0.22 -12.44
CA GLU A 930 77.52 -1.46 -12.49
C GLU A 930 76.76 -2.49 -11.68
N LEU A 931 76.67 -3.71 -12.20
CA LEU A 931 75.99 -4.81 -11.53
C LEU A 931 76.94 -5.99 -11.47
N SER A 932 77.69 -6.08 -10.38
CA SER A 932 78.74 -7.07 -10.22
C SER A 932 78.27 -8.15 -9.26
N LEU A 933 78.59 -9.39 -9.59
CA LEU A 933 77.83 -10.56 -9.17
C LEU A 933 78.77 -11.75 -9.16
N LYS A 934 78.83 -12.44 -8.03
CA LYS A 934 79.85 -13.47 -7.82
C LYS A 934 79.28 -14.46 -6.81
N LEU A 935 79.18 -15.72 -7.20
CA LEU A 935 78.77 -16.78 -6.28
C LEU A 935 79.47 -18.07 -6.64
N PRO A 936 80.72 -18.23 -6.19
CA PRO A 936 81.31 -19.57 -6.05
C PRO A 936 81.35 -20.06 -4.61
N PRO A 937 80.21 -20.05 -3.82
CA PRO A 937 80.20 -20.90 -2.62
C PRO A 937 79.61 -22.28 -2.85
N ASN A 938 80.44 -23.32 -2.75
CA ASN A 938 80.01 -24.72 -2.87
C ASN A 938 79.08 -24.94 -4.06
N VAL A 939 79.63 -24.77 -5.27
CA VAL A 939 78.87 -24.91 -6.51
C VAL A 939 79.69 -25.76 -7.47
N VAL A 940 79.21 -25.88 -8.71
CA VAL A 940 79.98 -26.45 -9.81
C VAL A 940 79.82 -25.55 -11.02
N GLU A 941 80.85 -25.52 -11.86
CA GLU A 941 80.98 -24.51 -12.89
C GLU A 941 79.84 -24.58 -13.90
N GLU A 942 79.54 -23.42 -14.48
CA GLU A 942 78.84 -23.29 -15.75
C GLU A 942 77.34 -23.59 -15.65
N SER A 943 76.87 -24.01 -14.49
CA SER A 943 75.48 -23.80 -14.14
C SER A 943 75.17 -22.32 -13.97
N ALA A 944 76.20 -21.53 -13.76
CA ALA A 944 76.09 -20.09 -13.79
C ALA A 944 75.45 -19.67 -15.10
N ARG A 945 74.30 -19.04 -14.98
CA ARG A 945 73.61 -18.50 -16.11
C ARG A 945 72.84 -17.28 -15.62
N ALA A 946 72.84 -16.24 -16.45
CA ALA A 946 72.26 -14.98 -16.02
C ALA A 946 71.79 -14.19 -17.23
N SER A 947 70.89 -13.25 -16.97
CA SER A 947 70.09 -12.64 -18.03
C SER A 947 69.53 -11.31 -17.56
N VAL A 948 69.37 -10.39 -18.52
CA VAL A 948 68.92 -9.03 -18.27
C VAL A 948 67.58 -8.84 -18.94
N SER A 949 67.08 -7.61 -18.90
CA SER A 949 65.76 -7.28 -19.43
C SER A 949 65.67 -5.79 -19.68
N VAL A 950 65.67 -5.39 -20.93
CA VAL A 950 65.48 -4.00 -21.32
C VAL A 950 64.04 -3.77 -21.77
N LEU A 951 63.38 -2.79 -21.17
CA LEU A 951 61.94 -2.60 -21.34
C LEU A 951 61.41 -1.31 -20.74
N GLY A 952 60.08 -1.21 -20.66
CA GLY A 952 59.39 -0.45 -19.64
C GLY A 952 58.05 -1.07 -19.34
N ASP A 953 57.76 -1.33 -18.07
CA ASP A 953 56.74 -2.29 -17.68
C ASP A 953 55.42 -1.66 -17.30
N ILE A 954 55.00 -0.66 -18.06
CA ILE A 954 53.66 -0.10 -17.90
C ILE A 954 52.60 -0.87 -18.68
N LEU A 955 52.93 -1.35 -19.88
CA LEU A 955 51.91 -1.84 -20.80
C LEU A 955 51.71 -3.34 -20.78
N GLY A 956 52.23 -4.06 -19.80
CA GLY A 956 51.92 -5.47 -19.67
C GLY A 956 50.45 -5.72 -19.38
N SER A 957 49.74 -4.70 -18.89
CA SER A 957 48.33 -4.80 -18.54
C SER A 957 47.57 -3.54 -18.94
N ALA A 958 48.12 -2.72 -19.82
CA ALA A 958 47.50 -1.43 -20.10
C ALA A 958 46.26 -1.57 -20.99
N MET A 959 46.02 -2.76 -21.54
CA MET A 959 44.92 -2.92 -22.49
C MET A 959 43.61 -3.21 -21.77
N GLN A 960 43.55 -4.35 -21.11
CA GLN A 960 42.28 -4.95 -20.72
C GLN A 960 41.56 -4.08 -19.71
N ASN A 961 42.18 -3.86 -18.55
CA ASN A 961 41.60 -3.13 -17.44
C ASN A 961 41.08 -1.78 -17.90
N THR A 962 41.89 -1.15 -18.75
CA THR A 962 41.60 0.19 -19.24
C THR A 962 40.30 0.20 -19.98
N GLN A 963 40.19 -0.64 -21.00
CA GLN A 963 38.93 -0.64 -21.74
C GLN A 963 37.83 -1.29 -20.92
N ASN A 964 38.19 -2.03 -19.88
CA ASN A 964 37.19 -2.77 -19.13
C ASN A 964 36.33 -1.82 -18.34
N LEU A 965 36.94 -1.10 -17.41
CA LEU A 965 36.12 -0.52 -16.36
C LEU A 965 35.76 0.92 -16.69
N LEU A 966 34.75 1.05 -17.53
CA LEU A 966 34.11 2.31 -17.81
C LEU A 966 32.64 1.99 -17.89
N GLN A 967 31.89 2.46 -16.92
CA GLN A 967 30.66 1.80 -16.51
C GLN A 967 29.59 2.84 -16.25
N MET A 968 28.42 2.39 -16.28
CA MET A 968 27.31 3.26 -16.00
C MET A 968 27.29 3.58 -14.51
N PRO A 969 26.97 4.81 -14.14
CA PRO A 969 26.66 5.09 -12.75
C PRO A 969 25.22 4.77 -12.41
N TYR A 970 25.03 4.34 -11.18
CA TYR A 970 23.71 4.06 -10.65
C TYR A 970 23.86 3.87 -9.14
N GLY A 971 22.80 3.39 -8.53
CA GLY A 971 22.89 2.79 -7.22
C GLY A 971 22.94 3.81 -6.10
N CYS A 972 23.08 3.28 -4.88
CA CYS A 972 23.19 4.10 -3.69
C CYS A 972 24.42 4.98 -3.77
N GLY A 973 24.50 5.95 -2.85
CA GLY A 973 25.66 6.81 -2.80
C GLY A 973 26.95 6.02 -2.70
N GLU A 974 26.93 4.96 -1.90
CA GLU A 974 28.07 4.05 -1.83
C GLU A 974 28.36 3.46 -3.21
N GLN A 975 27.40 2.71 -3.74
CA GLN A 975 27.56 2.12 -5.06
C GLN A 975 27.83 3.18 -6.11
N ASN A 976 27.25 4.37 -5.90
CA ASN A 976 27.43 5.42 -6.88
C ASN A 976 28.88 5.81 -6.96
N MET A 977 29.50 6.03 -5.81
CA MET A 977 30.92 6.31 -5.82
C MET A 977 31.70 5.13 -6.35
N VAL A 978 31.25 3.93 -6.02
CA VAL A 978 31.99 2.73 -6.37
C VAL A 978 32.15 2.66 -7.86
N LEU A 979 31.09 2.99 -8.57
CA LEU A 979 31.14 3.01 -10.01
C LEU A 979 31.74 4.29 -10.53
N PHE A 980 31.69 5.38 -9.76
CA PHE A 980 32.01 6.70 -10.27
C PHE A 980 33.50 6.94 -10.23
N ALA A 981 34.05 6.89 -9.03
CA ALA A 981 35.46 7.18 -8.79
C ALA A 981 36.44 6.41 -9.65
N PRO A 982 36.32 5.10 -9.86
CA PRO A 982 37.40 4.39 -10.56
C PRO A 982 37.62 4.88 -11.97
N ASN A 983 36.59 5.50 -12.53
CA ASN A 983 36.61 5.94 -13.91
C ASN A 983 37.78 6.86 -14.15
N ILE A 984 38.13 7.64 -13.16
CA ILE A 984 38.85 8.85 -13.43
C ILE A 984 40.33 8.58 -13.28
N TYR A 985 40.69 7.72 -12.34
CA TYR A 985 42.04 7.18 -12.34
C TYR A 985 42.24 6.27 -13.54
N VAL A 986 41.17 5.65 -14.04
CA VAL A 986 41.31 4.93 -15.30
C VAL A 986 41.61 5.90 -16.42
N LEU A 987 40.93 7.03 -16.41
CA LEU A 987 41.13 8.01 -17.46
C LEU A 987 42.53 8.57 -17.40
N ASP A 988 42.95 8.87 -16.17
CA ASP A 988 44.36 9.27 -15.91
C ASP A 988 45.25 8.24 -16.60
N TYR A 989 45.01 6.95 -16.33
CA TYR A 989 45.83 5.92 -16.93
C TYR A 989 45.80 6.04 -18.43
N LEU A 990 44.61 6.23 -18.96
CA LEU A 990 44.40 6.23 -20.39
C LEU A 990 45.18 7.35 -21.03
N ASN A 991 45.25 8.47 -20.31
CA ASN A 991 45.93 9.71 -20.77
C ASN A 991 47.43 9.61 -20.51
N GLU A 992 47.82 9.07 -19.35
CA GLU A 992 49.25 8.92 -19.00
C GLU A 992 49.92 7.96 -20.01
N THR A 993 49.49 6.70 -20.01
CA THR A 993 50.02 5.70 -20.91
C THR A 993 49.75 6.02 -22.37
N GLN A 994 48.99 7.08 -22.65
CA GLN A 994 48.78 7.67 -23.97
C GLN A 994 47.82 6.88 -24.83
N GLN A 995 47.44 5.67 -24.43
CA GLN A 995 46.43 4.91 -25.13
C GLN A 995 45.09 5.59 -24.88
N LEU A 996 44.68 6.43 -25.84
CA LEU A 996 43.43 7.21 -25.64
C LEU A 996 42.84 7.70 -26.96
N THR A 997 41.51 7.65 -27.05
CA THR A 997 40.75 8.23 -28.13
C THR A 997 39.73 9.21 -27.56
N PRO A 998 39.26 10.17 -28.36
CA PRO A 998 38.21 11.07 -27.85
C PRO A 998 36.88 10.39 -27.58
N GLU A 999 36.69 9.16 -28.03
CA GLU A 999 35.36 8.56 -28.01
C GLU A 999 35.07 7.94 -26.65
N ILE A 1000 35.94 7.03 -26.22
CA ILE A 1000 35.91 6.53 -24.85
C ILE A 1000 35.94 7.70 -23.88
N LYS A 1001 36.69 8.74 -24.24
CA LYS A 1001 36.70 9.97 -23.47
C LYS A 1001 35.30 10.52 -23.30
N SER A 1002 34.59 10.70 -24.40
CA SER A 1002 33.28 11.31 -24.35
C SER A 1002 32.32 10.45 -23.56
N LYS A 1003 32.38 9.14 -23.79
CA LYS A 1003 31.57 8.19 -23.07
C LYS A 1003 31.73 8.35 -21.57
N ALA A 1004 32.97 8.32 -21.12
CA ALA A 1004 33.21 8.37 -19.68
C ALA A 1004 32.91 9.76 -19.14
N ILE A 1005 32.99 10.80 -19.98
CA ILE A 1005 32.59 12.12 -19.52
C ILE A 1005 31.13 12.11 -19.14
N GLY A 1006 30.31 11.56 -20.02
CA GLY A 1006 28.90 11.50 -19.74
C GLY A 1006 28.63 10.68 -18.49
N TYR A 1007 29.25 9.50 -18.42
CA TYR A 1007 29.22 8.70 -17.21
C TYR A 1007 29.51 9.53 -15.98
N LEU A 1008 30.49 10.42 -16.07
CA LEU A 1008 31.04 11.00 -14.87
C LEU A 1008 30.20 12.17 -14.40
N ASN A 1009 29.75 12.99 -15.34
CA ASN A 1009 28.77 14.00 -14.98
C ASN A 1009 27.57 13.35 -14.33
N THR A 1010 27.19 12.19 -14.84
CA THR A 1010 26.01 11.52 -14.31
C THR A 1010 26.23 11.05 -12.90
N GLY A 1011 27.27 10.25 -12.69
CA GLY A 1011 27.51 9.71 -11.37
C GLY A 1011 27.79 10.79 -10.36
N TYR A 1012 28.44 11.85 -10.79
CA TYR A 1012 28.64 13.02 -9.95
C TYR A 1012 27.31 13.54 -9.45
N GLN A 1013 26.37 13.72 -10.35
CA GLN A 1013 25.09 14.27 -9.93
C GLN A 1013 24.32 13.29 -9.06
N ARG A 1014 24.38 12.01 -9.41
CA ARG A 1014 23.71 11.00 -8.59
C ARG A 1014 24.27 11.04 -7.19
N GLN A 1015 25.56 11.36 -7.05
CA GLN A 1015 26.15 11.49 -5.75
C GLN A 1015 25.65 12.74 -5.05
N LEU A 1016 25.53 13.83 -5.79
CA LEU A 1016 24.95 15.05 -5.25
C LEU A 1016 23.60 14.79 -4.64
N ASN A 1017 22.89 13.80 -5.14
CA ASN A 1017 21.60 13.48 -4.58
C ASN A 1017 21.68 12.69 -3.27
N TYR A 1018 22.89 12.44 -2.74
CA TYR A 1018 23.06 11.75 -1.46
C TYR A 1018 23.71 12.60 -0.37
N LYS A 1019 23.72 13.92 -0.51
CA LYS A 1019 24.45 14.75 0.43
C LYS A 1019 23.57 15.20 1.60
N HIS A 1020 24.22 15.86 2.54
CA HIS A 1020 23.61 16.68 3.56
C HIS A 1020 23.83 18.15 3.24
N TYR A 1021 22.87 18.98 3.65
CA TYR A 1021 22.93 20.39 3.28
C TYR A 1021 24.14 21.08 3.87
N ASP A 1022 24.70 20.55 4.96
CA ASP A 1022 25.97 21.06 5.45
C ASP A 1022 27.06 20.98 4.40
N GLY A 1023 27.03 19.92 3.59
CA GLY A 1023 28.09 19.60 2.65
C GLY A 1023 28.50 18.15 2.70
N SER A 1024 28.15 17.45 3.76
CA SER A 1024 28.59 16.08 3.97
C SER A 1024 27.80 15.14 3.08
N TYR A 1025 28.05 13.85 3.24
CA TYR A 1025 27.41 12.84 2.43
C TYR A 1025 27.04 11.64 3.29
N SER A 1026 26.26 10.75 2.69
CA SER A 1026 25.78 9.57 3.38
C SER A 1026 25.36 8.54 2.35
N THR A 1027 24.94 7.38 2.85
CA THR A 1027 24.40 6.34 1.98
C THR A 1027 23.15 6.83 1.26
N PHE A 1028 22.27 7.51 1.99
CA PHE A 1028 20.98 7.94 1.46
C PHE A 1028 20.82 9.45 1.49
N GLY A 1029 20.83 10.04 2.68
CA GLY A 1029 20.76 11.48 2.83
C GLY A 1029 19.43 12.11 2.50
N GLU A 1030 19.39 12.76 1.33
CA GLU A 1030 18.32 13.67 0.92
C GLU A 1030 16.96 13.04 1.08
N ARG A 1031 15.93 13.87 1.17
CA ARG A 1031 14.53 13.56 1.36
C ARG A 1031 14.26 13.27 2.83
N TYR A 1032 15.28 13.28 3.68
CA TYR A 1032 15.07 13.23 5.12
C TYR A 1032 16.40 13.57 5.78
N GLY A 1033 16.34 14.53 6.71
CA GLY A 1033 17.52 14.92 7.47
C GLY A 1033 17.58 14.19 8.79
N ARG A 1034 17.04 12.97 8.82
CA ARG A 1034 17.00 12.15 10.02
C ARG A 1034 18.28 11.39 10.22
N ASN A 1035 19.42 12.06 10.07
CA ASN A 1035 20.70 11.38 10.01
C ASN A 1035 21.78 12.42 10.28
N GLN A 1036 23.00 11.92 10.29
CA GLN A 1036 24.18 12.74 10.12
C GLN A 1036 25.06 12.05 9.12
N GLY A 1037 25.54 12.81 8.14
CA GLY A 1037 26.35 12.24 7.10
C GLY A 1037 27.65 11.65 7.64
N ASN A 1038 28.36 11.00 6.74
CA ASN A 1038 29.61 10.34 7.07
C ASN A 1038 30.76 11.28 6.79
N THR A 1039 31.97 10.75 6.93
CA THR A 1039 33.19 11.49 6.82
C THR A 1039 34.12 10.84 5.81
N TRP A 1040 34.36 9.55 6.00
CA TRP A 1040 35.19 8.77 5.09
C TRP A 1040 34.68 8.89 3.68
N LEU A 1041 33.39 8.68 3.54
CA LEU A 1041 32.74 8.83 2.26
C LEU A 1041 33.03 10.18 1.68
N THR A 1042 32.91 11.22 2.50
CA THR A 1042 33.04 12.56 2.00
C THR A 1042 34.46 12.82 1.57
N ALA A 1043 35.40 12.15 2.20
CA ALA A 1043 36.79 12.35 1.83
C ALA A 1043 37.08 11.70 0.51
N PHE A 1044 36.59 10.47 0.34
CA PHE A 1044 36.66 9.83 -0.95
C PHE A 1044 36.05 10.72 -2.01
N VAL A 1045 34.93 11.36 -1.67
CA VAL A 1045 34.25 12.23 -2.62
C VAL A 1045 35.14 13.40 -2.96
N LEU A 1046 35.81 13.92 -1.96
CA LEU A 1046 36.57 15.13 -2.16
C LEU A 1046 37.76 14.83 -3.04
N LYS A 1047 38.39 13.70 -2.79
CA LYS A 1047 39.53 13.29 -3.59
C LYS A 1047 39.14 13.12 -5.03
N THR A 1048 38.05 12.39 -5.22
CA THR A 1048 37.59 12.13 -6.57
C THR A 1048 37.23 13.41 -7.27
N PHE A 1049 36.52 14.29 -6.58
CA PHE A 1049 36.10 15.54 -7.16
C PHE A 1049 37.30 16.38 -7.50
N ALA A 1050 38.38 16.21 -6.76
CA ALA A 1050 39.58 16.97 -7.05
C ALA A 1050 40.17 16.52 -8.36
N GLN A 1051 40.31 15.21 -8.53
CA GLN A 1051 40.86 14.73 -9.77
C GLN A 1051 39.93 15.03 -10.94
N ALA A 1052 38.64 15.04 -10.67
CA ALA A 1052 37.68 15.34 -11.72
C ALA A 1052 37.81 16.79 -12.15
N ARG A 1053 37.95 17.68 -11.18
CA ARG A 1053 38.35 19.06 -11.45
C ARG A 1053 39.63 19.09 -12.26
N ALA A 1054 40.52 18.13 -12.00
CA ALA A 1054 41.76 18.08 -12.76
C ALA A 1054 41.50 17.85 -14.23
N TYR A 1055 40.42 17.15 -14.53
CA TYR A 1055 40.15 17.00 -15.97
C TYR A 1055 39.10 18.04 -16.40
N ILE A 1056 37.92 17.97 -15.77
CA ILE A 1056 36.74 18.64 -16.29
C ILE A 1056 36.22 19.60 -15.23
N PHE A 1057 35.04 20.18 -15.48
CA PHE A 1057 34.49 21.19 -14.58
C PHE A 1057 33.58 20.61 -13.52
N ILE A 1058 33.57 21.29 -12.39
CA ILE A 1058 32.87 20.91 -11.17
C ILE A 1058 32.99 22.12 -10.24
N ASP A 1059 32.04 22.26 -9.30
CA ASP A 1059 31.96 23.48 -8.49
C ASP A 1059 32.75 23.36 -7.20
N GLU A 1060 33.30 24.50 -6.76
CA GLU A 1060 34.20 24.55 -5.62
C GLU A 1060 33.46 24.65 -4.29
N ALA A 1061 32.21 25.14 -4.34
CA ALA A 1061 31.43 25.28 -3.13
C ALA A 1061 31.34 23.97 -2.38
N HIS A 1062 31.28 22.87 -3.11
CA HIS A 1062 30.99 21.60 -2.48
C HIS A 1062 32.21 21.06 -1.77
N ILE A 1063 33.38 21.20 -2.40
CA ILE A 1063 34.60 20.78 -1.73
C ILE A 1063 34.81 21.61 -0.48
N THR A 1064 34.48 22.89 -0.58
CA THR A 1064 34.73 23.77 0.55
C THR A 1064 33.82 23.42 1.70
N GLN A 1065 32.56 23.13 1.40
CA GLN A 1065 31.62 22.79 2.44
C GLN A 1065 32.02 21.50 3.11
N ALA A 1066 32.41 20.50 2.32
CA ALA A 1066 32.80 19.23 2.92
C ALA A 1066 34.05 19.43 3.76
N LEU A 1067 34.88 20.36 3.33
CA LEU A 1067 36.12 20.61 4.03
C LEU A 1067 35.85 21.17 5.41
N ILE A 1068 35.08 22.25 5.46
CA ILE A 1068 34.80 22.87 6.73
C ILE A 1068 34.05 21.91 7.62
N TRP A 1069 33.27 21.02 7.03
CA TRP A 1069 32.62 20.01 7.84
C TRP A 1069 33.66 19.14 8.50
N LEU A 1070 34.67 18.75 7.73
CA LEU A 1070 35.71 17.90 8.26
C LEU A 1070 36.41 18.60 9.42
N SER A 1071 36.60 19.90 9.28
CA SER A 1071 37.25 20.64 10.35
C SER A 1071 36.37 20.68 11.57
N GLN A 1072 35.07 20.84 11.36
CA GLN A 1072 34.15 20.88 12.48
C GLN A 1072 34.20 19.59 13.26
N ARG A 1073 34.38 18.47 12.57
CA ARG A 1073 34.46 17.19 13.25
C ARG A 1073 35.86 16.87 13.72
N GLN A 1074 36.70 17.89 13.85
CA GLN A 1074 38.01 17.76 14.43
C GLN A 1074 37.94 18.00 15.93
N LYS A 1075 38.99 17.58 16.62
CA LYS A 1075 39.27 18.02 17.97
C LYS A 1075 40.61 18.75 18.00
N ASP A 1076 40.73 19.62 18.98
CA ASP A 1076 41.89 20.49 19.09
C ASP A 1076 43.18 19.68 19.14
N ASN A 1077 43.12 18.53 19.80
CA ASN A 1077 44.25 17.64 19.95
C ASN A 1077 43.95 16.26 19.41
N GLY A 1078 42.79 15.75 19.77
CA GLY A 1078 42.34 14.51 19.23
C GLY A 1078 42.08 14.70 17.76
N CYS A 1079 41.94 13.59 17.08
CA CYS A 1079 41.73 13.58 15.65
C CYS A 1079 40.23 13.69 15.39
N PHE A 1080 39.83 13.40 14.16
CA PHE A 1080 38.42 13.35 13.87
C PHE A 1080 37.82 12.07 14.42
N ARG A 1081 36.55 11.86 14.11
CA ARG A 1081 35.77 10.77 14.66
C ARG A 1081 35.11 9.96 13.57
N SER A 1082 35.01 8.67 13.81
CA SER A 1082 34.30 7.77 12.92
C SER A 1082 32.82 7.99 13.14
N SER A 1083 32.29 9.09 12.62
CA SER A 1083 30.86 9.34 12.62
C SER A 1083 30.18 8.39 11.64
N GLY A 1084 30.05 7.15 12.08
CA GLY A 1084 29.54 6.08 11.23
C GLY A 1084 28.13 6.31 10.72
N SER A 1085 28.01 6.44 9.39
CA SER A 1085 26.70 6.51 8.74
C SER A 1085 26.73 5.75 7.43
N LEU A 1086 27.51 4.68 7.38
CA LEU A 1086 27.72 3.88 6.18
C LEU A 1086 26.78 2.69 6.16
N LEU A 1087 26.98 1.85 5.15
CA LEU A 1087 26.31 0.56 5.04
C LEU A 1087 27.28 -0.61 5.01
N ASN A 1088 28.24 -0.59 4.09
CA ASN A 1088 29.19 -1.66 3.92
C ASN A 1088 30.60 -1.18 4.22
N ASN A 1089 31.46 -2.12 4.54
CA ASN A 1089 32.84 -1.87 4.91
C ASN A 1089 33.83 -2.43 3.91
N ALA A 1090 33.41 -3.40 3.11
CA ALA A 1090 34.25 -3.90 2.03
C ALA A 1090 34.52 -2.79 1.02
N ILE A 1091 33.60 -1.83 0.94
CA ILE A 1091 33.79 -0.63 0.14
C ILE A 1091 35.08 0.07 0.53
N LYS A 1092 35.45 0.01 1.81
CA LYS A 1092 36.54 0.78 2.36
C LYS A 1092 37.76 -0.12 2.54
N GLY A 1093 38.94 0.48 2.51
CA GLY A 1093 40.19 -0.21 2.62
C GLY A 1093 40.93 -0.02 3.93
N GLY A 1094 40.24 -0.10 5.06
CA GLY A 1094 40.90 -0.04 6.35
C GLY A 1094 40.04 -0.63 7.45
N VAL A 1095 40.44 -0.32 8.68
CA VAL A 1095 39.82 -0.88 9.88
C VAL A 1095 39.03 0.18 10.64
N GLU A 1096 38.83 1.34 10.04
CA GLU A 1096 38.08 2.45 10.64
C GLU A 1096 38.71 2.96 11.92
N ASP A 1097 40.00 2.72 12.15
CA ASP A 1097 40.67 3.37 13.26
C ASP A 1097 40.64 4.88 13.07
N GLU A 1098 40.30 5.60 14.14
CA GLU A 1098 40.19 7.05 14.09
C GLU A 1098 41.47 7.68 13.58
N VAL A 1099 42.60 7.10 13.93
CA VAL A 1099 43.87 7.60 13.42
C VAL A 1099 43.89 7.44 11.91
N THR A 1100 43.66 6.23 11.46
CA THR A 1100 43.69 5.95 10.03
C THR A 1100 42.62 6.75 9.33
N LEU A 1101 41.49 6.94 10.00
CA LEU A 1101 40.42 7.76 9.45
C LEU A 1101 40.93 9.15 9.12
N SER A 1102 41.35 9.85 10.16
CA SER A 1102 41.94 11.16 10.01
C SER A 1102 43.08 11.16 9.01
N ALA A 1103 43.78 10.05 8.92
CA ALA A 1103 44.97 9.98 8.11
C ALA A 1103 44.61 9.97 6.65
N TYR A 1104 43.71 9.07 6.28
CA TYR A 1104 43.15 9.04 4.94
C TYR A 1104 42.54 10.38 4.61
N ILE A 1105 41.98 11.05 5.62
CA ILE A 1105 41.41 12.35 5.35
C ILE A 1105 42.50 13.30 4.92
N THR A 1106 43.41 13.58 5.83
CA THR A 1106 44.44 14.58 5.60
C THR A 1106 45.25 14.31 4.35
N ILE A 1107 45.36 13.05 3.96
CA ILE A 1107 46.05 12.81 2.70
C ILE A 1107 45.16 13.19 1.53
N ALA A 1108 43.89 12.81 1.59
CA ALA A 1108 43.00 13.19 0.50
C ALA A 1108 42.90 14.70 0.42
N LEU A 1109 43.09 15.34 1.55
CA LEU A 1109 43.29 16.76 1.57
C LEU A 1109 44.54 17.11 0.81
N LEU A 1110 45.67 16.69 1.31
CA LEU A 1110 46.93 17.28 0.89
C LEU A 1110 47.24 17.02 -0.56
N GLU A 1111 46.57 16.06 -1.18
CA GLU A 1111 46.67 15.95 -2.62
C GLU A 1111 46.06 17.16 -3.28
N ILE A 1112 45.15 17.85 -2.60
CA ILE A 1112 44.65 19.13 -3.05
C ILE A 1112 45.84 20.07 -2.89
N PRO A 1113 45.88 21.16 -3.59
CA PRO A 1113 46.86 22.18 -3.24
C PRO A 1113 46.56 22.78 -1.89
N LEU A 1114 47.28 22.32 -0.89
CA LEU A 1114 47.06 22.75 0.48
C LEU A 1114 48.38 23.04 1.16
N THR A 1115 48.36 24.05 2.00
CA THR A 1115 49.55 24.41 2.75
C THR A 1115 49.65 23.55 3.98
N VAL A 1116 50.84 23.00 4.20
CA VAL A 1116 51.08 22.26 5.43
C VAL A 1116 50.94 23.18 6.63
N THR A 1117 51.15 24.48 6.44
CA THR A 1117 51.00 25.46 7.50
C THR A 1117 49.56 25.81 7.78
N HIS A 1118 48.63 25.31 6.97
CA HIS A 1118 47.21 25.53 7.24
C HIS A 1118 46.87 24.98 8.64
N PRO A 1119 45.85 25.54 9.29
CA PRO A 1119 45.58 25.12 10.67
C PRO A 1119 45.20 23.68 10.85
N VAL A 1120 44.12 23.27 10.19
CA VAL A 1120 43.48 22.00 10.49
C VAL A 1120 44.47 20.89 10.25
N VAL A 1121 45.21 21.04 9.18
CA VAL A 1121 46.22 20.08 8.84
C VAL A 1121 47.32 20.08 9.87
N ARG A 1122 47.63 21.24 10.44
CA ARG A 1122 48.65 21.31 11.48
C ARG A 1122 48.25 20.43 12.64
N ASN A 1123 47.01 20.56 13.05
CA ASN A 1123 46.55 19.79 14.19
C ASN A 1123 46.46 18.33 13.83
N ALA A 1124 46.10 18.06 12.57
CA ALA A 1124 46.08 16.71 12.08
C ALA A 1124 47.47 16.13 12.13
N LEU A 1125 48.47 16.95 11.91
CA LEU A 1125 49.82 16.46 11.87
C LEU A 1125 50.31 16.14 13.25
N PHE A 1126 49.84 16.90 14.22
CA PHE A 1126 50.09 16.52 15.60
C PHE A 1126 49.50 15.15 15.88
N CYS A 1127 48.24 14.94 15.50
CA CYS A 1127 47.62 13.63 15.57
C CYS A 1127 48.49 12.58 14.93
N LEU A 1128 48.97 12.89 13.74
CA LEU A 1128 49.68 11.92 12.96
C LEU A 1128 50.96 11.53 13.65
N GLU A 1129 51.71 12.52 14.08
CA GLU A 1129 52.98 12.29 14.75
C GLU A 1129 52.76 11.46 15.99
N SER A 1130 51.74 11.82 16.75
CA SER A 1130 51.52 11.20 18.04
C SER A 1130 51.16 9.74 17.86
N ALA A 1131 50.16 9.51 17.03
CA ALA A 1131 49.68 8.16 16.84
C ALA A 1131 50.76 7.32 16.18
N TRP A 1132 51.54 7.96 15.31
CA TRP A 1132 52.66 7.28 14.68
C TRP A 1132 53.65 6.80 15.70
N LYS A 1133 54.01 7.70 16.61
CA LYS A 1133 55.08 7.40 17.54
C LYS A 1133 54.65 6.30 18.48
N THR A 1134 53.39 6.35 18.93
CA THR A 1134 52.93 5.29 19.83
C THR A 1134 52.85 3.96 19.09
N ALA A 1135 52.49 3.97 17.82
CA ALA A 1135 52.53 2.72 17.07
C ALA A 1135 53.96 2.28 16.83
N GLN A 1136 54.84 3.24 16.64
CA GLN A 1136 56.23 2.98 16.35
C GLN A 1136 56.89 2.29 17.54
N GLU A 1137 56.91 2.98 18.67
CA GLU A 1137 57.39 2.37 19.90
C GLU A 1137 56.47 1.24 20.33
N GLY A 1138 55.20 1.32 19.94
CA GLY A 1138 54.34 0.18 20.10
C GLY A 1138 54.89 -1.02 19.36
N ASP A 1139 55.03 -2.11 20.09
CA ASP A 1139 55.43 -3.36 19.48
C ASP A 1139 54.47 -3.78 18.38
N HIS A 1140 53.21 -3.36 18.47
CA HIS A 1140 52.25 -3.50 17.39
C HIS A 1140 51.41 -2.23 17.33
N GLY A 1141 51.16 -1.77 16.11
CA GLY A 1141 50.28 -0.65 15.84
C GLY A 1141 49.43 -0.89 14.63
N SER A 1142 48.97 -2.14 14.45
CA SER A 1142 48.51 -2.76 13.21
C SER A 1142 49.69 -3.18 12.33
N HIS A 1143 50.90 -2.79 12.66
CA HIS A 1143 52.17 -3.13 12.02
C HIS A 1143 52.35 -2.65 10.59
N VAL A 1144 51.30 -2.21 9.91
CA VAL A 1144 51.38 -1.98 8.46
C VAL A 1144 50.64 -0.75 7.94
N TYR A 1145 49.34 -0.71 8.18
CA TYR A 1145 48.44 0.01 7.30
C TYR A 1145 48.34 1.46 7.72
N THR A 1146 47.90 1.63 8.96
CA THR A 1146 48.17 2.82 9.75
C THR A 1146 49.51 3.42 9.38
N LYS A 1147 50.54 2.59 9.39
CA LYS A 1147 51.89 3.11 9.37
C LYS A 1147 52.22 3.66 8.00
N ALA A 1148 51.87 2.93 6.97
CA ALA A 1148 52.19 3.37 5.63
C ALA A 1148 51.34 4.57 5.26
N LEU A 1149 50.12 4.61 5.77
CA LEU A 1149 49.28 5.75 5.48
C LEU A 1149 49.86 6.98 6.14
N LEU A 1150 50.29 6.82 7.38
CA LEU A 1150 51.05 7.85 8.07
C LEU A 1150 52.23 8.28 7.23
N ALA A 1151 52.87 7.30 6.62
CA ALA A 1151 54.04 7.57 5.82
C ALA A 1151 53.69 8.53 4.71
N TYR A 1152 52.56 8.28 4.07
CA TYR A 1152 52.20 9.11 2.95
C TYR A 1152 51.83 10.49 3.39
N ALA A 1153 51.26 10.59 4.59
CA ALA A 1153 50.94 11.91 5.11
C ALA A 1153 52.20 12.72 5.31
N PHE A 1154 53.18 12.11 5.98
CA PHE A 1154 54.48 12.72 6.13
C PHE A 1154 55.06 13.07 4.77
N ALA A 1155 54.80 12.21 3.80
CA ALA A 1155 55.34 12.40 2.47
C ALA A 1155 54.80 13.68 1.88
N LEU A 1156 53.56 13.96 2.16
CA LEU A 1156 53.00 15.23 1.70
C LEU A 1156 53.61 16.39 2.43
N ALA A 1157 53.89 16.19 3.71
CA ALA A 1157 54.28 17.32 4.55
C ALA A 1157 55.56 17.97 4.05
N GLY A 1158 56.65 17.22 4.09
CA GLY A 1158 57.97 17.78 4.04
C GLY A 1158 58.89 17.02 4.97
N ASN A 1159 58.33 16.27 5.91
CA ASN A 1159 59.13 15.51 6.85
C ASN A 1159 59.76 14.33 6.13
N GLN A 1160 60.75 14.65 5.32
CA GLN A 1160 61.55 13.62 4.69
C GLN A 1160 62.18 12.72 5.74
N ASP A 1161 62.54 13.28 6.89
CA ASP A 1161 63.11 12.46 7.94
C ASP A 1161 62.10 11.43 8.43
N LYS A 1162 60.91 11.90 8.78
CA LYS A 1162 59.88 10.99 9.27
C LYS A 1162 59.46 10.04 8.18
N ARG A 1163 59.44 10.56 6.94
CA ARG A 1163 59.18 9.72 5.79
C ARG A 1163 60.08 8.53 5.78
N LYS A 1164 61.38 8.79 5.79
CA LYS A 1164 62.32 7.71 5.61
C LYS A 1164 62.34 6.82 6.81
N GLU A 1165 62.05 7.37 7.98
CA GLU A 1165 61.99 6.57 9.19
C GLU A 1165 60.91 5.51 9.07
N VAL A 1166 59.67 5.95 8.88
CA VAL A 1166 58.57 5.00 8.87
C VAL A 1166 58.62 4.16 7.62
N LEU A 1167 59.18 4.71 6.55
CA LEU A 1167 59.52 3.94 5.37
C LEU A 1167 60.35 2.73 5.73
N LYS A 1168 61.42 2.98 6.48
CA LYS A 1168 62.27 1.88 6.91
C LYS A 1168 61.50 0.92 7.79
N SER A 1169 60.64 1.46 8.64
CA SER A 1169 59.90 0.60 9.57
C SER A 1169 59.02 -0.36 8.79
N LEU A 1170 58.48 0.09 7.67
CA LEU A 1170 57.72 -0.79 6.81
C LEU A 1170 58.64 -1.76 6.10
N ASN A 1171 59.76 -1.25 5.57
CA ASN A 1171 60.69 -2.08 4.83
C ASN A 1171 61.29 -3.17 5.70
N GLU A 1172 61.23 -3.01 7.03
CA GLU A 1172 61.68 -4.05 7.94
C GLU A 1172 60.78 -5.27 7.89
N GLU A 1173 59.48 -5.06 8.09
CA GLU A 1173 58.53 -6.15 8.20
C GLU A 1173 57.95 -6.43 6.81
N ALA A 1174 58.79 -7.08 6.00
CA ALA A 1174 58.58 -7.16 4.57
C ALA A 1174 58.00 -8.50 4.14
N VAL A 1175 57.31 -8.46 3.00
CA VAL A 1175 56.88 -9.65 2.29
C VAL A 1175 57.45 -9.54 0.88
N LYS A 1176 58.68 -9.03 0.80
CA LYS A 1176 59.39 -8.89 -0.46
C LYS A 1176 59.75 -10.26 -1.05
N LYS A 1177 59.84 -10.32 -2.38
CA LYS A 1177 59.96 -11.57 -3.13
C LYS A 1177 61.08 -11.52 -4.17
N ASP A 1178 61.05 -12.52 -5.05
CA ASP A 1178 62.10 -12.81 -6.04
C ASP A 1178 62.43 -11.67 -7.00
N ASN A 1179 61.41 -10.97 -7.49
CA ASN A 1179 61.63 -9.96 -8.52
C ASN A 1179 60.78 -8.72 -8.28
N SER A 1180 60.23 -8.59 -7.09
CA SER A 1180 59.29 -7.54 -6.75
C SER A 1180 58.95 -7.73 -5.29
N VAL A 1181 58.08 -6.87 -4.75
CA VAL A 1181 57.76 -6.92 -3.32
C VAL A 1181 56.31 -6.54 -3.10
N HIS A 1182 55.88 -6.66 -1.85
CA HIS A 1182 54.57 -6.22 -1.43
C HIS A 1182 54.47 -6.32 0.09
N TRP A 1183 53.32 -5.91 0.60
CA TRP A 1183 52.97 -5.96 2.01
C TRP A 1183 51.59 -6.54 2.17
N GLU A 1184 51.22 -6.80 3.41
CA GLU A 1184 49.98 -7.41 3.82
C GLU A 1184 49.48 -6.72 5.08
N ARG A 1185 48.37 -7.22 5.62
CA ARG A 1185 48.04 -7.08 7.03
C ARG A 1185 48.94 -8.11 7.73
N PRO A 1186 48.85 -8.35 9.05
CA PRO A 1186 49.95 -9.11 9.68
C PRO A 1186 49.93 -10.63 9.40
N GLN A 1187 49.59 -11.01 8.18
CA GLN A 1187 49.82 -12.32 7.57
C GLN A 1187 48.87 -13.40 8.07
N LYS A 1188 48.17 -13.14 9.19
CA LYS A 1188 47.07 -13.92 9.73
C LYS A 1188 46.49 -13.05 10.85
N PRO A 1189 45.17 -12.91 10.98
CA PRO A 1189 44.63 -12.36 12.22
C PRO A 1189 44.57 -13.44 13.28
N LYS A 1190 45.36 -13.25 14.34
CA LYS A 1190 45.60 -14.29 15.33
C LYS A 1190 44.32 -14.70 16.04
N ALA A 1191 43.41 -13.75 16.25
CA ALA A 1191 42.14 -14.05 16.87
C ALA A 1191 41.33 -14.95 15.93
N PRO A 1192 40.26 -15.59 16.41
CA PRO A 1192 39.40 -16.37 15.50
C PRO A 1192 38.80 -15.46 14.44
N VAL A 1193 38.99 -15.83 13.17
CA VAL A 1193 38.79 -14.91 12.07
C VAL A 1193 38.52 -15.68 10.77
N GLY A 1194 37.93 -14.99 9.81
CA GLY A 1194 37.99 -15.40 8.42
C GLY A 1194 36.82 -16.26 7.99
N HIS A 1195 37.06 -17.57 7.89
CA HIS A 1195 36.05 -18.61 7.56
C HIS A 1195 35.59 -18.52 6.10
N PHE A 1196 35.14 -17.34 5.65
CA PHE A 1196 35.16 -17.00 4.22
C PHE A 1196 34.59 -15.59 4.12
N TYR A 1197 34.56 -15.00 2.91
CA TYR A 1197 33.81 -13.80 2.57
C TYR A 1197 34.37 -12.54 3.21
N GLU A 1198 35.49 -12.62 3.92
CA GLU A 1198 36.16 -11.46 4.50
C GLU A 1198 35.21 -10.76 5.48
N PRO A 1199 34.80 -11.42 6.56
CA PRO A 1199 33.77 -10.84 7.44
C PRO A 1199 34.33 -9.64 8.17
N GLN A 1200 33.83 -8.46 7.82
CA GLN A 1200 34.25 -7.20 8.43
C GLN A 1200 35.72 -6.91 8.16
N ALA A 1201 36.30 -7.53 7.11
CA ALA A 1201 37.75 -7.48 6.94
C ALA A 1201 38.16 -7.79 5.50
N PRO A 1202 37.90 -6.88 4.54
CA PRO A 1202 38.17 -7.18 3.11
C PRO A 1202 39.63 -7.38 2.73
N SER A 1203 40.55 -7.36 3.69
CA SER A 1203 41.95 -7.70 3.53
C SER A 1203 42.79 -6.60 2.90
N ALA A 1204 42.14 -5.58 2.34
CA ALA A 1204 42.68 -4.24 2.08
C ALA A 1204 44.16 -4.25 1.73
N GLU A 1205 44.55 -5.16 0.86
CA GLU A 1205 45.94 -5.58 0.81
C GLU A 1205 46.73 -4.74 -0.15
N VAL A 1206 46.07 -4.20 -1.16
CA VAL A 1206 46.72 -3.49 -2.23
C VAL A 1206 46.47 -2.00 -2.12
N GLU A 1207 45.32 -1.63 -1.57
CA GLU A 1207 45.04 -0.24 -1.26
C GLU A 1207 46.18 0.35 -0.45
N MET A 1208 46.80 -0.45 0.39
CA MET A 1208 47.93 0.05 1.16
C MET A 1208 49.16 0.19 0.27
N THR A 1209 49.53 -0.88 -0.43
CA THR A 1209 50.75 -0.90 -1.20
C THR A 1209 50.71 0.14 -2.28
N SER A 1210 49.55 0.28 -2.88
CA SER A 1210 49.29 1.39 -3.78
C SER A 1210 49.64 2.70 -3.12
N TYR A 1211 49.26 2.84 -1.87
CA TYR A 1211 49.53 4.08 -1.18
C TYR A 1211 51.00 4.16 -0.82
N VAL A 1212 51.61 3.00 -0.51
CA VAL A 1212 53.05 2.97 -0.24
C VAL A 1212 53.79 3.53 -1.43
N LEU A 1213 53.29 3.26 -2.61
CA LEU A 1213 53.95 3.64 -3.83
C LEU A 1213 54.14 5.14 -3.87
N LEU A 1214 53.05 5.85 -3.63
CA LEU A 1214 53.06 7.30 -3.70
C LEU A 1214 54.05 7.87 -2.72
N ALA A 1215 54.10 7.28 -1.53
CA ALA A 1215 55.01 7.76 -0.52
C ALA A 1215 56.42 7.64 -1.02
N TYR A 1216 56.75 6.47 -1.54
CA TYR A 1216 58.05 6.30 -2.15
C TYR A 1216 58.20 7.22 -3.33
N LEU A 1217 57.16 7.35 -4.12
CA LEU A 1217 57.26 8.14 -5.33
C LEU A 1217 57.37 9.61 -5.05
N THR A 1218 56.49 10.10 -4.22
CA THR A 1218 56.06 11.46 -4.33
C THR A 1218 56.85 12.35 -3.39
N ALA A 1219 57.35 13.44 -3.93
CA ALA A 1219 58.14 14.42 -3.20
C ALA A 1219 58.25 15.64 -4.10
N GLN A 1220 58.89 16.67 -3.59
CA GLN A 1220 58.75 17.97 -4.21
C GLN A 1220 59.66 18.17 -5.42
N PRO A 1221 60.98 18.08 -5.31
CA PRO A 1221 61.81 18.61 -6.40
C PRO A 1221 61.78 17.75 -7.65
N ALA A 1222 62.23 16.51 -7.51
CA ALA A 1222 62.12 15.42 -8.46
C ALA A 1222 62.60 14.17 -7.74
N PRO A 1223 61.93 13.03 -7.86
CA PRO A 1223 62.35 11.87 -7.08
C PRO A 1223 63.67 11.27 -7.53
N THR A 1224 64.11 10.34 -6.72
CA THR A 1224 65.42 9.72 -6.82
C THR A 1224 65.32 8.43 -7.61
N SER A 1225 66.32 7.58 -7.47
CA SER A 1225 66.34 6.24 -8.02
C SER A 1225 65.67 5.21 -7.11
N GLU A 1226 66.04 5.19 -5.83
CA GLU A 1226 65.71 4.06 -4.95
C GLU A 1226 64.21 3.95 -4.73
N ASP A 1227 63.58 5.08 -4.47
CA ASP A 1227 62.13 5.19 -4.52
C ASP A 1227 61.57 4.46 -5.73
N LEU A 1228 62.11 4.75 -6.91
CA LEU A 1228 61.55 4.21 -8.12
C LEU A 1228 61.79 2.72 -8.22
N THR A 1229 62.88 2.25 -7.63
CA THR A 1229 63.15 0.82 -7.69
C THR A 1229 62.12 0.05 -6.89
N SER A 1230 61.96 0.43 -5.63
CA SER A 1230 60.98 -0.26 -4.79
C SER A 1230 59.57 -0.06 -5.36
N ALA A 1231 59.34 1.08 -5.99
CA ALA A 1231 58.07 1.34 -6.66
C ALA A 1231 57.83 0.29 -7.72
N THR A 1232 58.70 0.26 -8.70
CA THR A 1232 58.70 -0.75 -9.75
C THR A 1232 58.44 -2.14 -9.22
N ASN A 1233 59.09 -2.50 -8.12
CA ASN A 1233 58.85 -3.81 -7.51
C ASN A 1233 57.38 -4.00 -7.22
N ILE A 1234 56.84 -3.15 -6.35
CA ILE A 1234 55.44 -3.33 -5.98
C ILE A 1234 54.53 -3.13 -7.19
N VAL A 1235 54.95 -2.30 -8.15
CA VAL A 1235 54.15 -2.01 -9.33
C VAL A 1235 53.92 -3.27 -10.13
N LYS A 1236 54.97 -4.04 -10.33
CA LYS A 1236 54.85 -5.22 -11.14
C LYS A 1236 54.12 -6.32 -10.36
N TRP A 1237 54.34 -6.37 -9.04
CA TRP A 1237 53.46 -7.16 -8.17
C TRP A 1237 52.02 -6.81 -8.44
N ILE A 1238 51.77 -5.53 -8.62
CA ILE A 1238 50.43 -4.99 -8.63
C ILE A 1238 49.74 -5.32 -9.93
N THR A 1239 50.33 -4.90 -11.05
CA THR A 1239 49.76 -5.19 -12.34
C THR A 1239 49.64 -6.69 -12.57
N LYS A 1240 50.51 -7.48 -11.94
CA LYS A 1240 50.27 -8.91 -11.95
C LYS A 1240 49.05 -9.26 -11.14
N GLN A 1241 48.78 -8.51 -10.07
CA GLN A 1241 47.57 -8.69 -9.32
C GLN A 1241 46.35 -8.10 -10.02
N GLN A 1242 46.53 -7.53 -11.22
CA GLN A 1242 45.39 -7.06 -11.97
C GLN A 1242 44.44 -8.21 -12.28
N ASN A 1243 43.15 -7.91 -12.23
CA ASN A 1243 42.11 -8.92 -12.38
C ASN A 1243 41.66 -9.04 -13.82
N ALA A 1244 41.30 -10.27 -14.19
CA ALA A 1244 40.87 -10.54 -15.56
C ALA A 1244 39.53 -9.88 -15.85
N GLN A 1245 38.63 -9.86 -14.86
CA GLN A 1245 37.33 -9.24 -15.04
C GLN A 1245 37.49 -7.78 -15.42
N GLY A 1246 38.53 -7.14 -14.92
CA GLY A 1246 38.70 -5.72 -15.04
C GLY A 1246 38.88 -5.14 -13.67
N GLY A 1247 40.01 -4.48 -13.49
CA GLY A 1247 40.35 -3.89 -12.23
C GLY A 1247 40.93 -4.90 -11.28
N PHE A 1248 40.59 -4.72 -10.01
CA PHE A 1248 41.17 -5.45 -8.91
C PHE A 1248 40.02 -5.81 -7.98
N SER A 1249 40.35 -6.32 -6.79
CA SER A 1249 39.37 -6.99 -5.95
C SER A 1249 38.22 -6.08 -5.53
N SER A 1250 38.41 -4.78 -5.59
CA SER A 1250 37.40 -3.85 -5.12
C SER A 1250 37.62 -2.52 -5.81
N THR A 1251 36.96 -1.48 -5.28
CA THR A 1251 36.97 -0.15 -5.87
C THR A 1251 38.05 0.72 -5.25
N GLN A 1252 38.26 0.57 -3.95
CA GLN A 1252 39.14 1.48 -3.24
C GLN A 1252 40.58 1.22 -3.63
N ASP A 1253 41.03 -0.01 -3.39
CA ASP A 1253 42.36 -0.43 -3.79
C ASP A 1253 42.58 -0.17 -5.26
N THR A 1254 41.54 -0.39 -6.06
CA THR A 1254 41.66 -0.20 -7.49
C THR A 1254 41.94 1.25 -7.81
N VAL A 1255 41.08 2.12 -7.28
CA VAL A 1255 41.22 3.56 -7.38
C VAL A 1255 42.64 3.98 -7.10
N VAL A 1256 43.14 3.56 -5.94
CA VAL A 1256 44.37 4.17 -5.48
C VAL A 1256 45.57 3.58 -6.20
N ALA A 1257 45.51 2.30 -6.53
CA ALA A 1257 46.58 1.71 -7.33
C ALA A 1257 46.64 2.38 -8.67
N LEU A 1258 45.47 2.73 -9.19
CA LEU A 1258 45.44 3.39 -10.48
C LEU A 1258 46.05 4.77 -10.37
N HIS A 1259 45.69 5.51 -9.34
CA HIS A 1259 46.32 6.79 -9.04
C HIS A 1259 47.82 6.66 -9.03
N ALA A 1260 48.30 5.65 -8.33
CA ALA A 1260 49.72 5.54 -8.07
C ALA A 1260 50.46 5.18 -9.33
N LEU A 1261 49.89 4.26 -10.10
CA LEU A 1261 50.50 3.86 -11.34
C LEU A 1261 50.41 5.00 -12.34
N SER A 1262 49.39 5.83 -12.20
CA SER A 1262 49.25 6.99 -13.05
C SER A 1262 50.44 7.88 -12.91
N LYS A 1263 50.68 8.33 -11.70
CA LYS A 1263 51.78 9.25 -11.52
C LYS A 1263 53.10 8.53 -11.67
N TYR A 1264 53.09 7.20 -11.48
CA TYR A 1264 54.27 6.43 -11.80
C TYR A 1264 54.63 6.66 -13.23
N GLY A 1265 53.63 6.70 -14.08
CA GLY A 1265 53.90 6.92 -15.49
C GLY A 1265 54.16 8.37 -15.78
N ALA A 1266 53.56 9.25 -14.99
CA ALA A 1266 53.84 10.68 -15.11
C ALA A 1266 55.33 10.93 -14.95
N ALA A 1267 55.95 10.10 -14.15
CA ALA A 1267 57.39 10.07 -14.03
C ALA A 1267 58.04 9.28 -15.15
N THR A 1268 57.71 8.00 -15.24
CA THR A 1268 58.57 7.03 -15.90
C THR A 1268 58.27 6.92 -17.38
N PHE A 1269 57.05 6.53 -17.71
CA PHE A 1269 56.70 6.43 -19.12
C PHE A 1269 56.61 7.84 -19.68
N THR A 1270 57.73 8.30 -20.20
CA THR A 1270 57.86 9.68 -20.63
C THR A 1270 57.47 9.73 -22.09
N ARG A 1271 56.20 10.07 -22.32
CA ARG A 1271 55.57 10.11 -23.68
C ARG A 1271 56.48 10.75 -24.72
N THR A 1272 57.24 11.79 -24.34
CA THR A 1272 58.08 12.50 -25.30
C THR A 1272 59.46 11.86 -25.39
N GLY A 1273 60.06 11.50 -24.25
CA GLY A 1273 61.41 10.95 -24.24
C GLY A 1273 61.50 9.66 -25.05
N LYS A 1274 62.16 9.72 -26.21
CA LYS A 1274 62.03 8.67 -27.20
C LYS A 1274 63.32 8.43 -27.99
N ALA A 1275 64.48 8.61 -27.38
CA ALA A 1275 65.75 8.47 -28.10
C ALA A 1275 66.81 7.83 -27.23
N ALA A 1276 66.47 6.77 -26.53
CA ALA A 1276 67.43 6.09 -25.68
C ALA A 1276 68.51 5.43 -26.51
N GLN A 1277 69.67 5.19 -25.89
CA GLN A 1277 70.75 4.40 -26.46
C GLN A 1277 71.55 3.79 -25.34
N VAL A 1278 71.17 2.58 -24.96
CA VAL A 1278 71.84 1.81 -23.93
C VAL A 1278 73.09 1.18 -24.51
N THR A 1279 74.06 0.91 -23.64
CA THR A 1279 75.25 0.19 -24.03
C THR A 1279 75.83 -0.46 -22.79
N ILE A 1280 76.34 -1.68 -22.96
CA ILE A 1280 76.76 -2.53 -21.85
C ILE A 1280 78.24 -2.86 -22.05
N GLN A 1281 79.03 -2.66 -21.02
CA GLN A 1281 80.46 -2.96 -21.02
C GLN A 1281 80.81 -3.68 -19.75
N SER A 1282 81.93 -4.41 -19.76
CA SER A 1282 82.34 -5.15 -18.59
C SER A 1282 83.80 -5.54 -18.68
N SER A 1283 84.28 -6.23 -17.64
CA SER A 1283 85.63 -6.78 -17.63
C SER A 1283 85.90 -7.65 -18.83
N GLY A 1284 85.16 -8.75 -18.95
CA GLY A 1284 85.48 -9.78 -19.90
C GLY A 1284 84.97 -9.53 -21.31
N THR A 1285 85.07 -8.28 -21.76
CA THR A 1285 84.80 -7.85 -23.14
C THR A 1285 83.52 -8.44 -23.73
N PHE A 1286 82.53 -8.70 -22.89
CA PHE A 1286 81.29 -9.33 -23.32
C PHE A 1286 80.35 -8.18 -23.60
N SER A 1287 80.59 -7.47 -24.68
CA SER A 1287 79.85 -6.26 -25.00
C SER A 1287 78.40 -6.62 -25.29
N SER A 1288 77.60 -5.58 -25.40
CA SER A 1288 76.21 -5.72 -25.78
C SER A 1288 75.67 -4.33 -25.99
N LYS A 1289 74.78 -4.20 -26.98
CA LYS A 1289 74.29 -2.91 -27.42
C LYS A 1289 72.88 -3.09 -27.92
N PHE A 1290 72.03 -2.11 -27.59
CA PHE A 1290 70.60 -2.22 -27.75
C PHE A 1290 70.10 -0.89 -28.28
N GLN A 1291 68.79 -0.76 -28.31
CA GLN A 1291 68.12 0.50 -28.57
C GLN A 1291 66.65 0.32 -28.26
N VAL A 1292 66.04 1.39 -27.77
CA VAL A 1292 64.71 1.38 -27.21
C VAL A 1292 64.02 2.65 -27.66
N ASP A 1293 62.91 2.51 -28.36
CA ASP A 1293 62.21 3.61 -29.00
C ASP A 1293 60.71 3.45 -28.79
N ASN A 1294 60.00 4.55 -29.03
CA ASN A 1294 58.55 4.53 -29.05
C ASN A 1294 58.04 3.41 -29.91
N ASN A 1295 58.66 3.22 -31.07
CA ASN A 1295 58.20 2.22 -32.02
C ASN A 1295 58.35 0.82 -31.46
N ASN A 1296 59.30 0.62 -30.53
CA ASN A 1296 59.46 -0.64 -29.82
C ASN A 1296 59.31 -0.42 -28.33
N ARG A 1297 58.35 0.45 -28.00
CA ARG A 1297 58.03 0.86 -26.66
C ARG A 1297 58.01 -0.29 -25.68
N LEU A 1298 57.14 -1.25 -25.90
CA LEU A 1298 56.90 -2.32 -24.96
C LEU A 1298 57.87 -3.49 -25.14
N LEU A 1299 58.95 -3.28 -25.88
CA LEU A 1299 59.77 -4.40 -26.27
C LEU A 1299 60.62 -4.93 -25.13
N LEU A 1300 60.97 -6.21 -25.22
CA LEU A 1300 61.90 -6.87 -24.33
C LEU A 1300 63.07 -7.41 -25.14
N GLN A 1301 64.11 -6.62 -25.25
CA GLN A 1301 65.34 -6.99 -25.94
C GLN A 1301 66.26 -7.63 -24.93
N GLN A 1302 66.47 -8.93 -25.05
CA GLN A 1302 67.13 -9.74 -24.06
C GLN A 1302 68.58 -10.00 -24.45
N VAL A 1303 69.35 -10.55 -23.51
CA VAL A 1303 70.73 -10.95 -23.74
C VAL A 1303 71.18 -11.85 -22.58
N SER A 1304 72.00 -12.83 -22.91
CA SER A 1304 72.52 -13.77 -21.92
C SER A 1304 73.81 -13.23 -21.31
N LEU A 1305 74.19 -13.86 -20.21
CA LEU A 1305 75.27 -13.36 -19.36
C LEU A 1305 76.06 -14.56 -18.81
N PRO A 1306 77.20 -14.91 -19.40
CA PRO A 1306 77.82 -16.20 -19.08
C PRO A 1306 78.87 -16.24 -17.97
N GLU A 1307 79.52 -15.13 -17.63
CA GLU A 1307 80.70 -15.18 -16.76
C GLU A 1307 80.29 -15.39 -15.31
N LEU A 1308 81.08 -16.16 -14.57
CA LEU A 1308 80.88 -16.25 -13.12
C LEU A 1308 80.89 -14.89 -12.47
N PRO A 1309 81.99 -14.14 -12.51
CA PRO A 1309 82.01 -12.86 -11.81
C PRO A 1309 81.20 -11.84 -12.61
N GLY A 1310 80.53 -10.95 -11.90
CA GLY A 1310 79.91 -9.83 -12.54
C GLY A 1310 80.85 -8.65 -12.51
N GLU A 1311 81.03 -8.04 -13.65
CA GLU A 1311 81.79 -6.82 -13.80
C GLU A 1311 81.02 -5.90 -14.72
N TYR A 1312 79.71 -6.02 -14.65
CA TYR A 1312 78.88 -5.60 -15.75
C TYR A 1312 78.58 -4.12 -15.62
N SER A 1313 79.31 -3.33 -16.37
CA SER A 1313 79.22 -1.88 -16.27
C SER A 1313 78.24 -1.36 -17.30
N MET A 1314 77.10 -0.89 -16.83
CA MET A 1314 76.07 -0.37 -17.70
C MET A 1314 76.38 1.06 -18.07
N LYS A 1315 75.65 1.55 -19.07
CA LYS A 1315 75.67 2.95 -19.44
C LYS A 1315 74.53 3.19 -20.39
N VAL A 1316 73.74 4.24 -20.13
CA VAL A 1316 72.58 4.58 -20.92
C VAL A 1316 72.64 6.06 -21.23
N THR A 1317 71.90 6.49 -22.25
CA THR A 1317 71.95 7.87 -22.73
C THR A 1317 70.57 8.30 -23.16
N GLY A 1318 70.52 9.45 -23.82
CA GLY A 1318 69.29 9.93 -24.45
C GLY A 1318 68.17 10.12 -23.45
N GLU A 1319 66.94 9.95 -23.91
CA GLU A 1319 65.73 10.15 -23.11
C GLU A 1319 65.01 8.83 -22.92
N GLY A 1320 64.05 8.83 -22.01
CA GLY A 1320 63.23 7.65 -21.80
C GLY A 1320 63.85 6.63 -20.89
N CYS A 1321 63.04 6.08 -20.01
CA CYS A 1321 63.51 5.24 -18.94
C CYS A 1321 63.82 3.83 -19.42
N VAL A 1322 64.39 3.04 -18.52
CA VAL A 1322 64.71 1.64 -18.74
C VAL A 1322 64.63 0.91 -17.43
N TYR A 1323 64.04 -0.27 -17.43
CA TYR A 1323 63.96 -1.11 -16.26
C TYR A 1323 64.76 -2.39 -16.50
N LEU A 1324 65.92 -2.49 -15.86
CA LEU A 1324 66.86 -3.55 -16.15
C LEU A 1324 66.77 -4.62 -15.08
N GLN A 1325 65.77 -5.49 -15.23
CA GLN A 1325 65.65 -6.70 -14.44
C GLN A 1325 66.77 -7.65 -14.86
N THR A 1326 67.67 -7.94 -13.93
CA THR A 1326 68.79 -8.83 -14.14
C THR A 1326 68.76 -9.93 -13.10
N SER A 1327 69.17 -11.12 -13.50
CA SER A 1327 69.09 -12.29 -12.63
C SER A 1327 70.32 -13.15 -12.80
N LEU A 1328 70.32 -14.28 -12.11
CA LEU A 1328 71.38 -15.26 -12.22
C LEU A 1328 70.98 -16.54 -11.48
N LYS A 1329 71.43 -17.67 -12.01
CA LYS A 1329 71.08 -18.95 -11.41
C LYS A 1329 72.17 -19.98 -11.67
N TYR A 1330 72.16 -21.03 -10.84
CA TYR A 1330 73.22 -22.02 -10.83
C TYR A 1330 72.88 -23.11 -9.80
N ASN A 1331 73.69 -24.17 -9.79
CA ASN A 1331 73.45 -25.36 -8.99
C ASN A 1331 74.37 -25.37 -7.77
N ILE A 1332 73.87 -25.97 -6.67
CA ILE A 1332 74.55 -25.98 -5.38
C ILE A 1332 74.46 -27.36 -4.74
N LEU A 1333 74.89 -27.46 -3.47
CA LEU A 1333 74.95 -28.66 -2.63
C LEU A 1333 75.96 -29.68 -3.13
N PRO A 1334 77.25 -29.36 -3.13
CA PRO A 1334 78.30 -30.39 -3.09
C PRO A 1334 78.90 -30.66 -1.71
N GLU A 1335 78.36 -30.03 -0.66
CA GLU A 1335 78.93 -30.09 0.69
C GLU A 1335 77.83 -30.55 1.64
N LYS A 1336 78.07 -30.39 2.95
CA LYS A 1336 77.11 -30.63 4.02
C LYS A 1336 76.88 -32.12 4.24
N GLU A 1337 77.97 -32.90 4.19
CA GLU A 1337 77.98 -34.29 4.61
C GLU A 1337 79.17 -34.44 5.58
N GLU A 1338 78.93 -34.20 6.86
CA GLU A 1338 79.94 -34.28 7.90
C GLU A 1338 79.87 -35.65 8.58
N PHE A 1339 80.73 -35.85 9.59
CA PHE A 1339 80.76 -37.08 10.39
C PHE A 1339 80.50 -36.76 11.86
N PRO A 1340 79.22 -36.59 12.28
CA PRO A 1340 78.95 -36.50 13.73
C PRO A 1340 78.88 -37.85 14.42
N PHE A 1341 78.78 -37.82 15.77
CA PHE A 1341 78.57 -39.04 16.55
C PHE A 1341 77.23 -39.66 16.20
N ALA A 1342 76.14 -38.94 16.49
CA ALA A 1342 74.80 -39.29 16.02
C ALA A 1342 74.23 -40.59 16.58
N LEU A 1343 74.93 -41.24 17.52
CA LEU A 1343 74.50 -42.51 18.11
C LEU A 1343 74.23 -43.55 17.01
N GLY A 1344 75.30 -43.91 16.30
CA GLY A 1344 75.20 -44.89 15.23
C GLY A 1344 74.32 -44.42 14.09
N SER B 26 6.71 -0.67 66.27
CA SER B 26 7.45 -1.84 65.79
C SER B 26 7.27 -1.98 64.28
N GLY B 27 6.06 -2.34 63.86
CA GLY B 27 5.80 -2.50 62.45
C GLY B 27 4.42 -3.08 62.21
N LYS B 28 4.22 -3.62 60.98
CA LYS B 28 2.91 -4.12 60.58
C LYS B 28 2.83 -5.63 60.70
N PRO B 29 1.64 -6.27 61.23
CA PRO B 29 1.06 -7.85 61.53
C PRO B 29 0.81 -8.55 60.19
N GLN B 30 1.75 -9.38 59.70
CA GLN B 30 1.58 -9.92 58.37
C GLN B 30 1.48 -11.44 58.37
N TYR B 31 1.22 -11.96 57.19
CA TYR B 31 0.65 -13.28 57.00
C TYR B 31 0.89 -13.76 55.59
N MET B 32 0.41 -14.96 55.30
CA MET B 32 0.25 -15.39 53.93
C MET B 32 -0.61 -16.64 53.92
N VAL B 33 -1.19 -16.96 52.77
CA VAL B 33 -1.98 -18.16 52.56
C VAL B 33 -1.65 -18.71 51.20
N LEU B 34 -1.44 -20.01 51.14
CA LEU B 34 -1.04 -20.66 49.92
C LEU B 34 -2.04 -21.71 49.49
N VAL B 35 -2.19 -21.84 48.18
CA VAL B 35 -3.02 -22.88 47.62
C VAL B 35 -2.77 -23.00 46.12
N PRO B 36 -2.78 -24.21 45.58
CA PRO B 36 -2.82 -24.35 44.13
C PRO B 36 -4.12 -23.81 43.58
N SER B 37 -4.16 -23.63 42.26
CA SER B 37 -5.35 -23.13 41.59
C SER B 37 -6.12 -24.26 40.92
N LEU B 38 -5.48 -25.40 40.75
CA LEU B 38 -6.21 -26.63 40.51
C LEU B 38 -6.80 -27.08 41.83
N LEU B 39 -7.82 -27.90 41.75
CA LEU B 39 -8.34 -28.55 42.93
C LEU B 39 -8.84 -29.92 42.57
N HIS B 40 -8.01 -30.91 42.81
CA HIS B 40 -8.43 -32.27 42.71
C HIS B 40 -9.60 -32.51 43.64
N THR B 41 -10.72 -32.98 43.11
CA THR B 41 -11.95 -33.11 43.86
C THR B 41 -12.07 -34.50 44.45
N GLU B 42 -13.15 -34.67 45.22
CA GLU B 42 -13.51 -35.91 45.89
C GLU B 42 -12.36 -36.49 46.71
N THR B 43 -11.49 -35.61 47.18
CA THR B 43 -10.49 -35.94 48.16
C THR B 43 -10.00 -34.61 48.68
N THR B 44 -8.99 -34.66 49.51
CA THR B 44 -8.42 -33.46 50.07
C THR B 44 -7.31 -32.96 49.18
N GLU B 45 -7.15 -31.65 49.16
CA GLU B 45 -5.95 -31.03 48.64
C GLU B 45 -5.58 -29.97 49.66
N LYS B 46 -4.39 -30.11 50.21
CA LYS B 46 -3.98 -29.39 51.40
C LYS B 46 -3.63 -27.94 51.09
N GLY B 47 -4.36 -27.04 51.72
CA GLY B 47 -4.06 -25.62 51.66
C GLY B 47 -3.41 -25.15 52.95
N CYS B 48 -2.36 -24.34 52.86
CA CYS B 48 -1.57 -23.96 54.02
C CYS B 48 -1.39 -22.45 54.08
N VAL B 49 -0.88 -22.01 55.22
CA VAL B 49 -1.08 -20.66 55.69
C VAL B 49 0.07 -20.22 56.58
N LEU B 50 0.30 -18.92 56.61
CA LEU B 50 1.13 -18.28 57.59
C LEU B 50 0.43 -17.04 58.10
N LEU B 51 0.63 -16.77 59.37
CA LEU B 51 0.23 -15.51 59.98
C LEU B 51 1.39 -15.05 60.85
N SER B 52 1.50 -13.75 61.14
CA SER B 52 2.71 -13.37 61.90
C SER B 52 2.63 -11.97 62.51
N TYR B 53 3.56 -11.64 63.40
CA TYR B 53 3.64 -10.28 64.00
C TYR B 53 2.64 -10.10 65.14
N LEU B 54 1.47 -9.47 64.94
CA LEU B 54 0.71 -9.12 66.17
C LEU B 54 -0.77 -9.51 66.16
N ASN B 55 -1.46 -9.13 67.25
CA ASN B 55 -2.89 -9.41 67.47
C ASN B 55 -3.10 -10.89 67.16
N GLU B 56 -2.46 -11.78 67.94
CA GLU B 56 -2.55 -13.18 67.54
C GLU B 56 -3.97 -13.74 67.55
N THR B 57 -4.83 -13.18 68.39
CA THR B 57 -6.15 -13.77 68.58
C THR B 57 -7.00 -13.52 67.34
N VAL B 58 -6.68 -14.25 66.29
CA VAL B 58 -7.22 -14.04 64.96
C VAL B 58 -8.21 -15.14 64.65
N THR B 59 -8.91 -14.96 63.55
CA THR B 59 -9.52 -16.07 62.85
C THR B 59 -9.34 -15.87 61.36
N VAL B 60 -9.19 -16.98 60.66
CA VAL B 60 -9.15 -17.02 59.22
C VAL B 60 -10.35 -17.77 58.73
N SER B 61 -10.77 -17.48 57.51
CA SER B 61 -11.67 -18.41 56.85
C SER B 61 -11.62 -18.23 55.35
N ALA B 62 -11.29 -19.31 54.66
CA ALA B 62 -11.42 -19.41 53.22
C ALA B 62 -12.85 -19.78 52.88
N SER B 63 -13.36 -19.25 51.77
CA SER B 63 -14.72 -19.48 51.33
C SER B 63 -14.69 -19.86 49.86
N LEU B 64 -14.90 -21.13 49.60
CA LEU B 64 -14.94 -21.68 48.26
C LEU B 64 -16.38 -21.68 47.82
N GLU B 65 -16.73 -20.82 46.87
CA GLU B 65 -18.12 -20.45 46.63
C GLU B 65 -18.47 -20.50 45.15
N SER B 66 -19.56 -21.18 44.86
CA SER B 66 -20.04 -21.34 43.50
C SER B 66 -20.46 -19.98 43.00
N VAL B 67 -19.89 -19.59 41.87
CA VAL B 67 -20.24 -18.35 41.24
C VAL B 67 -21.69 -18.41 40.82
N ARG B 68 -22.08 -19.53 40.24
CA ARG B 68 -23.47 -19.72 39.84
C ARG B 68 -24.12 -20.76 40.72
N GLY B 69 -25.43 -20.71 40.75
CA GLY B 69 -26.14 -21.56 41.67
C GLY B 69 -25.82 -21.11 43.07
N ASN B 70 -25.50 -22.09 43.92
CA ASN B 70 -25.16 -21.78 45.34
C ASN B 70 -24.45 -22.94 46.06
N ARG B 71 -23.11 -22.88 46.18
CA ARG B 71 -22.42 -23.87 46.97
C ARG B 71 -21.42 -23.13 47.83
N SER B 72 -21.06 -23.74 48.95
CA SER B 72 -20.05 -23.16 49.82
C SER B 72 -19.47 -24.27 50.68
N LEU B 73 -18.24 -24.64 50.38
CA LEU B 73 -17.49 -25.56 51.22
C LEU B 73 -16.73 -24.73 52.23
N PHE B 74 -17.44 -23.84 52.93
CA PHE B 74 -16.85 -22.92 53.88
C PHE B 74 -16.10 -23.70 54.95
N THR B 75 -15.04 -23.08 55.46
CA THR B 75 -14.29 -23.58 56.59
C THR B 75 -13.53 -22.40 57.16
N ASP B 76 -13.04 -22.55 58.38
CA ASP B 76 -12.38 -21.46 59.06
C ASP B 76 -11.37 -22.01 60.05
N LEU B 77 -10.54 -21.11 60.56
CA LEU B 77 -9.59 -21.51 61.60
C LEU B 77 -9.24 -20.32 62.48
N GLU B 78 -8.89 -20.62 63.73
CA GLU B 78 -8.38 -19.66 64.69
C GLU B 78 -6.90 -19.93 64.86
N ALA B 79 -6.08 -18.90 64.68
CA ALA B 79 -4.67 -19.07 64.44
C ALA B 79 -3.84 -18.16 65.34
N GLU B 80 -2.53 -18.22 65.14
CA GLU B 80 -1.53 -17.50 65.91
C GLU B 80 -0.55 -16.83 64.94
N ASN B 81 0.23 -15.91 65.47
CA ASN B 81 1.36 -15.40 64.73
C ASN B 81 2.36 -16.52 64.47
N ASP B 82 3.16 -16.31 63.43
CA ASP B 82 4.47 -16.93 63.29
C ASP B 82 4.44 -18.45 63.24
N VAL B 83 3.32 -19.03 62.87
CA VAL B 83 3.21 -20.48 62.74
C VAL B 83 2.79 -20.80 61.32
N LEU B 84 3.29 -21.93 60.82
CA LEU B 84 2.86 -22.49 59.55
C LEU B 84 2.03 -23.71 59.87
N HIS B 85 0.72 -23.60 59.65
CA HIS B 85 -0.20 -24.69 59.83
C HIS B 85 -0.75 -25.08 58.47
N CYS B 86 -1.01 -26.37 58.29
CA CYS B 86 -1.51 -26.91 57.05
C CYS B 86 -2.88 -27.51 57.28
N VAL B 87 -3.90 -26.86 56.75
CA VAL B 87 -5.27 -27.36 56.77
C VAL B 87 -5.50 -28.16 55.49
N ALA B 88 -6.31 -29.19 55.63
CA ALA B 88 -6.67 -30.06 54.52
C ALA B 88 -8.18 -30.00 54.32
N PHE B 89 -8.66 -29.05 53.52
CA PHE B 89 -10.04 -29.14 53.09
C PHE B 89 -10.14 -30.22 52.03
N ALA B 90 -11.36 -30.50 51.62
CA ALA B 90 -11.62 -31.44 50.55
C ALA B 90 -12.91 -31.02 49.84
N VAL B 91 -13.15 -31.61 48.68
CA VAL B 91 -14.15 -31.11 47.77
C VAL B 91 -15.01 -32.26 47.26
N PRO B 92 -16.33 -32.13 47.25
CA PRO B 92 -17.16 -33.20 46.71
C PRO B 92 -17.30 -33.01 45.22
N LYS B 93 -18.07 -33.85 44.55
CA LYS B 93 -18.28 -33.65 43.14
C LYS B 93 -19.05 -32.36 42.90
N SER B 94 -19.18 -32.05 41.61
CA SER B 94 -19.93 -30.90 41.16
C SER B 94 -20.97 -31.37 40.17
N SER B 95 -21.62 -30.39 39.54
CA SER B 95 -22.50 -30.69 38.42
C SER B 95 -21.67 -31.07 37.20
N SER B 96 -20.86 -30.14 36.73
CA SER B 96 -20.10 -30.35 35.52
C SER B 96 -18.75 -30.93 35.84
N ASN B 97 -18.07 -31.37 34.79
CA ASN B 97 -16.75 -31.95 34.94
C ASN B 97 -15.76 -30.92 35.43
N GLU B 98 -15.52 -29.92 34.62
CA GLU B 98 -14.43 -28.98 34.80
C GLU B 98 -15.00 -27.58 34.90
N GLU B 99 -14.56 -26.84 35.91
CA GLU B 99 -15.15 -25.55 36.18
C GLU B 99 -14.14 -24.67 36.88
N VAL B 100 -14.51 -23.43 36.94
CA VAL B 100 -13.87 -22.46 37.79
C VAL B 100 -14.43 -22.62 39.19
N MET B 101 -13.82 -21.89 40.11
CA MET B 101 -14.51 -21.46 41.30
C MET B 101 -13.88 -20.17 41.80
N PHE B 102 -14.74 -19.26 42.29
CA PHE B 102 -14.30 -18.17 43.15
C PHE B 102 -13.74 -18.79 44.42
N LEU B 103 -12.80 -18.09 45.04
CA LEU B 103 -12.33 -18.44 46.36
C LEU B 103 -11.95 -17.17 47.08
N THR B 104 -12.62 -16.90 48.19
CA THR B 104 -12.44 -15.70 48.97
C THR B 104 -12.03 -16.10 50.37
N VAL B 105 -11.14 -15.33 50.97
CA VAL B 105 -10.70 -15.55 52.32
C VAL B 105 -11.17 -14.38 53.17
N GLN B 106 -11.54 -14.69 54.41
CA GLN B 106 -11.77 -13.71 55.44
C GLN B 106 -10.75 -13.94 56.54
N VAL B 107 -10.14 -12.86 56.97
CA VAL B 107 -9.24 -12.86 58.11
C VAL B 107 -9.75 -11.84 59.10
N LYS B 108 -9.74 -12.21 60.37
CA LYS B 108 -10.34 -11.39 61.41
C LYS B 108 -9.43 -11.48 62.62
N GLY B 109 -8.53 -10.51 62.71
CA GLY B 109 -7.80 -10.29 63.93
C GLY B 109 -8.76 -9.86 65.00
N PRO B 110 -8.30 -9.83 66.24
CA PRO B 110 -9.15 -9.28 67.29
C PRO B 110 -9.48 -7.83 67.02
N THR B 111 -8.64 -7.14 66.25
CA THR B 111 -8.86 -5.71 65.89
C THR B 111 -8.51 -5.51 64.42
N GLN B 112 -7.95 -6.54 63.78
CA GLN B 112 -7.56 -6.48 62.35
C GLN B 112 -8.55 -7.28 61.51
N GLU B 113 -8.62 -6.94 60.22
CA GLU B 113 -9.48 -7.56 59.22
C GLU B 113 -8.69 -7.69 57.93
N PHE B 114 -8.89 -8.80 57.24
CA PHE B 114 -8.42 -8.85 55.88
C PHE B 114 -9.28 -9.81 55.07
N LYS B 115 -9.64 -9.39 53.86
CA LYS B 115 -10.42 -10.20 52.93
C LYS B 115 -9.80 -10.11 51.55
N LYS B 116 -9.75 -11.23 50.85
CA LYS B 116 -9.20 -11.28 49.51
C LYS B 116 -9.82 -12.45 48.79
N ARG B 117 -10.00 -12.30 47.47
CA ARG B 117 -10.52 -13.36 46.64
C ARG B 117 -9.82 -13.39 45.29
N THR B 118 -9.88 -14.56 44.71
CA THR B 118 -9.56 -14.80 43.31
C THR B 118 -10.19 -16.13 42.97
N THR B 119 -9.78 -16.69 41.85
CA THR B 119 -10.49 -17.79 41.24
C THR B 119 -9.64 -19.05 41.31
N VAL B 120 -10.30 -20.17 41.15
CA VAL B 120 -9.69 -21.46 41.26
C VAL B 120 -10.28 -22.37 40.21
N MET B 121 -9.50 -23.31 39.79
CA MET B 121 -9.94 -24.36 38.91
C MET B 121 -10.33 -25.55 39.76
N VAL B 122 -11.40 -26.14 39.41
CA VAL B 122 -11.94 -27.32 40.04
C VAL B 122 -12.08 -28.40 39.00
N LYS B 123 -12.24 -29.63 39.44
CA LYS B 123 -12.31 -30.70 38.47
C LYS B 123 -12.84 -31.99 39.08
N ASN B 124 -13.96 -32.44 38.54
CA ASN B 124 -14.38 -33.82 38.75
C ASN B 124 -13.40 -34.66 37.95
N GLU B 125 -12.41 -35.16 38.64
CA GLU B 125 -11.28 -35.80 38.00
C GLU B 125 -11.67 -37.10 37.33
N ASP B 126 -10.68 -37.75 36.77
CA ASP B 126 -10.78 -39.13 36.34
C ASP B 126 -9.69 -39.96 36.98
N SER B 127 -10.10 -40.89 37.81
CA SER B 127 -9.21 -41.76 38.51
C SER B 127 -8.21 -42.42 37.58
N LEU B 128 -7.12 -42.85 38.17
CA LEU B 128 -6.01 -43.44 37.44
C LEU B 128 -6.10 -44.94 37.60
N VAL B 129 -6.35 -45.60 36.48
CA VAL B 129 -6.88 -46.95 36.45
C VAL B 129 -6.26 -47.67 35.28
N PHE B 130 -6.08 -48.97 35.42
CA PHE B 130 -5.39 -49.69 34.37
C PHE B 130 -5.51 -51.18 34.57
N VAL B 131 -4.73 -51.96 33.81
CA VAL B 131 -5.08 -53.39 33.51
C VAL B 131 -3.79 -54.22 33.46
N GLN B 132 -3.79 -55.43 34.07
CA GLN B 132 -2.74 -56.37 33.81
C GLN B 132 -3.36 -57.56 33.10
N THR B 133 -2.71 -58.01 32.03
CA THR B 133 -3.12 -59.17 31.26
C THR B 133 -2.23 -60.36 31.55
N ASP B 134 -2.55 -61.46 30.90
CA ASP B 134 -1.73 -62.64 30.99
C ASP B 134 -0.43 -62.52 30.20
N LYS B 135 -0.50 -61.99 28.98
CA LYS B 135 0.60 -62.06 28.03
C LYS B 135 0.48 -60.88 27.08
N SER B 136 1.50 -60.71 26.25
CA SER B 136 1.45 -59.82 25.10
C SER B 136 0.49 -60.28 24.05
N ILE B 137 0.56 -61.56 23.69
CA ILE B 137 -0.11 -62.12 22.52
C ILE B 137 -0.57 -63.51 22.91
N TYR B 138 -1.50 -64.04 22.13
CA TYR B 138 -2.21 -65.25 22.47
C TYR B 138 -2.52 -66.05 21.22
N LYS B 139 -2.54 -67.37 21.36
CA LYS B 139 -2.94 -68.26 20.29
C LYS B 139 -4.32 -68.86 20.59
N PRO B 140 -5.06 -69.25 19.56
CA PRO B 140 -6.47 -69.56 19.74
C PRO B 140 -6.72 -70.75 20.66
N GLY B 141 -7.98 -70.92 21.04
CA GLY B 141 -8.39 -71.98 21.93
C GLY B 141 -8.13 -71.71 23.39
N GLN B 142 -7.22 -70.79 23.72
CA GLN B 142 -6.83 -70.51 25.09
C GLN B 142 -7.51 -69.25 25.57
N THR B 143 -8.06 -69.32 26.78
CA THR B 143 -8.72 -68.18 27.39
C THR B 143 -7.72 -67.06 27.54
N VAL B 144 -8.22 -65.85 27.69
CA VAL B 144 -7.37 -64.71 28.00
C VAL B 144 -7.71 -64.31 29.42
N LYS B 145 -6.71 -63.95 30.19
CA LYS B 145 -6.86 -63.68 31.61
C LYS B 145 -6.18 -62.37 31.97
N PHE B 146 -6.95 -61.43 32.50
CA PHE B 146 -6.42 -60.11 32.80
C PHE B 146 -7.07 -59.56 34.03
N ARG B 147 -6.57 -58.40 34.43
CA ARG B 147 -6.98 -57.75 35.65
C ARG B 147 -7.04 -56.27 35.41
N VAL B 148 -7.62 -55.55 36.37
CA VAL B 148 -7.77 -54.12 36.30
C VAL B 148 -7.27 -53.49 37.59
N VAL B 149 -7.09 -52.17 37.57
CA VAL B 149 -6.62 -51.43 38.74
C VAL B 149 -7.42 -50.14 38.91
N SER B 150 -7.66 -49.79 40.17
CA SER B 150 -8.24 -48.51 40.54
C SER B 150 -7.46 -47.88 41.70
N MET B 151 -7.33 -46.54 41.64
CA MET B 151 -6.55 -45.77 42.60
C MET B 151 -7.04 -44.33 42.54
N ASP B 152 -6.29 -43.43 43.18
CA ASP B 152 -6.48 -41.99 43.00
C ASP B 152 -5.14 -41.26 43.11
N GLU B 153 -5.23 -39.93 43.22
CA GLU B 153 -4.07 -39.03 43.15
C GLU B 153 -2.95 -39.50 44.05
N ASN B 154 -3.19 -39.47 45.35
CA ASN B 154 -2.44 -40.34 46.21
C ASN B 154 -2.70 -41.75 45.76
N PHE B 155 -1.63 -42.50 45.60
CA PHE B 155 -1.80 -43.84 45.07
C PHE B 155 -2.21 -44.82 46.15
N HIS B 156 -2.71 -44.34 47.26
CA HIS B 156 -3.55 -45.16 48.08
C HIS B 156 -4.67 -45.69 47.20
N PRO B 157 -5.02 -46.96 47.29
CA PRO B 157 -5.88 -47.54 46.27
C PRO B 157 -7.34 -47.18 46.52
N LEU B 158 -8.16 -47.46 45.51
CA LEU B 158 -9.51 -46.95 45.45
C LEU B 158 -10.49 -48.06 45.10
N ASN B 159 -11.40 -48.34 46.01
CA ASN B 159 -12.53 -49.22 45.76
C ASN B 159 -13.68 -48.43 45.19
N GLU B 160 -14.24 -48.92 44.07
CA GLU B 160 -15.26 -48.15 43.39
C GLU B 160 -16.04 -49.06 42.46
N LEU B 161 -17.22 -48.58 42.07
CA LEU B 161 -18.08 -49.23 41.12
C LEU B 161 -17.69 -48.78 39.72
N ILE B 162 -18.12 -49.53 38.72
CA ILE B 162 -17.71 -49.31 37.34
C ILE B 162 -18.93 -49.34 36.43
N PRO B 163 -19.00 -48.50 35.40
CA PRO B 163 -20.06 -48.70 34.42
C PRO B 163 -19.78 -49.88 33.50
N LEU B 164 -18.56 -50.02 33.01
CA LEU B 164 -18.29 -50.94 31.92
C LEU B 164 -16.86 -51.43 31.91
N VAL B 165 -16.69 -52.64 31.39
CA VAL B 165 -15.46 -53.11 30.77
C VAL B 165 -15.87 -54.00 29.63
N TYR B 166 -15.11 -53.98 28.54
CA TYR B 166 -15.39 -54.92 27.49
C TYR B 166 -14.16 -55.18 26.64
N ILE B 167 -14.29 -56.21 25.81
CA ILE B 167 -13.35 -56.52 24.76
C ILE B 167 -14.00 -56.16 23.44
N GLN B 168 -13.22 -55.63 22.52
CA GLN B 168 -13.70 -55.27 21.21
C GLN B 168 -13.10 -56.22 20.19
N ASP B 169 -13.89 -56.85 19.53
CA ASP B 169 -13.43 -57.74 18.49
C ASP B 169 -12.80 -56.92 17.36
N PRO B 170 -11.61 -57.32 16.86
CA PRO B 170 -10.86 -56.45 15.92
C PRO B 170 -11.58 -55.84 14.73
N LYS B 171 -12.74 -56.34 14.35
CA LYS B 171 -13.42 -55.81 13.17
C LYS B 171 -13.96 -54.41 13.38
N GLY B 172 -14.03 -53.94 14.61
CA GLY B 172 -14.87 -52.81 14.97
C GLY B 172 -16.09 -53.20 15.77
N ASN B 173 -16.11 -54.42 16.30
CA ASN B 173 -17.27 -54.98 16.97
C ASN B 173 -16.84 -55.59 18.31
N ARG B 174 -17.81 -56.05 19.10
CA ARG B 174 -17.51 -56.64 20.40
C ARG B 174 -17.28 -58.13 20.22
N ILE B 175 -16.99 -58.77 21.33
CA ILE B 175 -16.97 -60.21 21.43
C ILE B 175 -17.78 -60.65 22.65
N ALA B 176 -18.08 -59.71 23.54
CA ALA B 176 -18.42 -60.07 24.89
C ALA B 176 -18.72 -58.80 25.67
N GLN B 177 -18.99 -58.97 26.96
CA GLN B 177 -19.14 -57.84 27.87
C GLN B 177 -19.24 -58.31 29.30
N TRP B 178 -18.70 -57.49 30.21
CA TRP B 178 -18.89 -57.61 31.64
C TRP B 178 -19.26 -56.21 32.11
N GLN B 179 -20.01 -56.12 33.19
CA GLN B 179 -20.64 -54.85 33.49
C GLN B 179 -21.02 -54.70 34.95
N SER B 180 -21.12 -53.43 35.35
CA SER B 180 -21.76 -52.98 36.57
C SER B 180 -21.29 -53.74 37.80
N PHE B 181 -20.02 -53.56 38.13
CA PHE B 181 -19.37 -54.27 39.20
C PHE B 181 -18.53 -53.30 40.01
N GLN B 182 -17.92 -53.82 41.06
CA GLN B 182 -17.35 -53.01 42.11
C GLN B 182 -16.06 -53.64 42.60
N LEU B 183 -15.06 -52.81 42.84
CA LEU B 183 -13.76 -53.30 43.26
C LEU B 183 -13.63 -53.20 44.76
N GLU B 184 -13.09 -54.24 45.34
CA GLU B 184 -12.96 -54.40 46.78
C GLU B 184 -11.53 -54.30 47.22
N GLY B 185 -10.59 -54.76 46.42
CA GLY B 185 -9.20 -54.53 46.68
C GLY B 185 -8.75 -53.29 45.95
N GLY B 186 -9.71 -52.52 45.47
CA GLY B 186 -9.46 -51.62 44.38
C GLY B 186 -9.14 -52.34 43.09
N LEU B 187 -9.37 -53.64 43.03
CA LEU B 187 -9.19 -54.39 41.82
C LEU B 187 -10.18 -55.54 41.80
N LYS B 188 -10.11 -56.27 40.70
CA LYS B 188 -10.89 -57.46 40.46
C LYS B 188 -10.36 -57.99 39.15
N GLN B 189 -10.57 -59.26 38.91
CA GLN B 189 -9.84 -59.98 37.89
C GLN B 189 -10.82 -60.63 36.94
N PHE B 190 -10.47 -60.61 35.66
CA PHE B 190 -11.39 -61.01 34.61
C PHE B 190 -10.68 -61.85 33.57
N SER B 191 -11.44 -62.77 32.98
CA SER B 191 -10.91 -63.60 31.91
C SER B 191 -11.94 -63.66 30.81
N PHE B 192 -11.64 -64.46 29.81
CA PHE B 192 -12.59 -64.66 28.74
C PHE B 192 -12.14 -65.86 27.92
N PRO B 193 -13.07 -66.70 27.46
CA PRO B 193 -12.67 -67.83 26.63
C PRO B 193 -12.79 -67.56 25.15
N LEU B 194 -11.92 -68.19 24.37
CA LEU B 194 -11.98 -68.08 22.92
C LEU B 194 -12.83 -69.19 22.32
N SER B 195 -13.47 -68.89 21.18
CA SER B 195 -14.05 -69.93 20.35
C SER B 195 -12.94 -70.70 19.65
N SER B 196 -13.34 -71.64 18.80
CA SER B 196 -12.35 -72.49 18.16
C SER B 196 -11.65 -71.78 17.03
N GLU B 197 -12.37 -71.01 16.24
CA GLU B 197 -11.84 -70.38 15.03
C GLU B 197 -12.37 -68.96 14.86
N PRO B 198 -12.25 -68.11 15.88
CA PRO B 198 -12.58 -66.70 15.69
C PRO B 198 -11.39 -65.96 15.09
N PHE B 199 -11.51 -64.64 15.09
CA PHE B 199 -10.76 -63.82 14.15
C PHE B 199 -9.26 -63.90 14.41
N GLN B 200 -8.52 -63.19 13.58
CA GLN B 200 -7.09 -62.99 13.75
C GLN B 200 -6.76 -61.50 13.67
N GLY B 201 -5.65 -61.13 14.30
CA GLY B 201 -5.21 -59.75 14.38
C GLY B 201 -5.17 -59.30 15.82
N SER B 202 -5.44 -58.00 15.99
CA SER B 202 -5.15 -57.31 17.24
C SER B 202 -6.41 -57.08 18.06
N TYR B 203 -6.57 -57.83 19.11
CA TYR B 203 -7.72 -57.74 19.98
C TYR B 203 -7.52 -56.64 21.01
N LYS B 204 -8.60 -56.25 21.70
CA LYS B 204 -8.60 -55.04 22.50
C LYS B 204 -9.55 -55.20 23.68
N VAL B 205 -8.99 -55.22 24.89
CA VAL B 205 -9.76 -55.03 26.10
C VAL B 205 -9.70 -53.56 26.47
N VAL B 206 -10.80 -53.03 26.94
CA VAL B 206 -11.11 -51.61 26.84
C VAL B 206 -12.13 -51.28 27.91
N VAL B 207 -12.12 -50.02 28.37
CA VAL B 207 -12.96 -49.56 29.45
C VAL B 207 -13.34 -48.12 29.24
N GLN B 208 -14.47 -47.73 29.84
CA GLN B 208 -14.97 -46.37 29.89
C GLN B 208 -15.18 -46.06 31.36
N LYS B 209 -15.50 -44.81 31.65
CA LYS B 209 -15.84 -44.40 33.00
C LYS B 209 -17.17 -43.68 33.04
N LYS B 210 -17.70 -43.60 34.24
CA LYS B 210 -19.00 -42.96 34.47
C LYS B 210 -19.00 -41.53 33.99
N SER B 211 -17.85 -40.88 34.02
CA SER B 211 -17.72 -39.56 33.42
C SER B 211 -17.89 -39.64 31.92
N GLY B 212 -17.23 -40.63 31.35
CA GLY B 212 -16.88 -40.63 29.95
C GLY B 212 -15.42 -40.87 29.70
N GLY B 213 -14.63 -41.09 30.75
CA GLY B 213 -13.23 -41.36 30.57
C GLY B 213 -13.01 -42.74 29.97
N ARG B 214 -12.23 -42.76 28.89
CA ARG B 214 -11.97 -43.96 28.13
C ARG B 214 -10.52 -44.37 28.26
N THR B 215 -10.31 -45.67 28.38
CA THR B 215 -8.99 -46.24 28.53
C THR B 215 -8.86 -47.48 27.71
N GLU B 216 -7.65 -47.98 27.59
CA GLU B 216 -7.30 -49.00 26.63
C GLU B 216 -6.48 -50.11 27.25
N HIS B 217 -6.51 -51.25 26.59
CA HIS B 217 -5.46 -52.25 26.73
C HIS B 217 -5.52 -53.20 25.56
N PRO B 218 -4.72 -53.00 24.53
CA PRO B 218 -4.72 -53.95 23.42
C PRO B 218 -4.02 -55.25 23.77
N PHE B 219 -4.19 -56.20 22.87
CA PHE B 219 -3.56 -57.51 22.98
C PHE B 219 -3.82 -58.27 21.71
N THR B 220 -2.77 -58.89 21.22
CA THR B 220 -2.76 -59.44 19.88
C THR B 220 -3.11 -60.91 19.92
N VAL B 221 -3.66 -61.40 18.81
CA VAL B 221 -3.95 -62.81 18.65
C VAL B 221 -3.54 -63.20 17.25
N GLU B 222 -2.92 -64.38 17.14
CA GLU B 222 -2.52 -64.94 15.85
C GLU B 222 -2.08 -66.37 16.11
N GLU B 223 -1.65 -67.04 15.04
CA GLU B 223 -0.93 -68.30 15.14
C GLU B 223 0.56 -68.04 14.94
N PHE B 224 1.39 -68.58 15.83
CA PHE B 224 2.77 -68.14 15.97
C PHE B 224 3.59 -69.22 16.64
N VAL B 225 4.90 -69.06 16.57
CA VAL B 225 5.85 -70.00 17.15
C VAL B 225 5.95 -69.72 18.64
N LEU B 226 6.38 -70.74 19.38
CA LEU B 226 6.90 -70.54 20.71
C LEU B 226 8.40 -70.50 20.56
N PRO B 227 9.01 -69.36 20.28
CA PRO B 227 10.44 -69.35 19.98
C PRO B 227 11.26 -69.61 21.22
N LYS B 228 12.55 -69.85 20.98
CA LYS B 228 13.43 -70.43 21.98
C LYS B 228 14.80 -69.77 21.96
N PHE B 229 14.89 -68.57 21.41
CA PHE B 229 16.15 -67.84 21.43
C PHE B 229 15.87 -66.40 21.08
N GLU B 230 16.92 -65.62 21.14
CA GLU B 230 16.96 -64.33 20.48
C GLU B 230 18.40 -63.91 20.32
N VAL B 231 18.80 -63.76 19.08
CA VAL B 231 20.07 -63.13 18.78
C VAL B 231 20.12 -61.77 19.46
N GLN B 232 21.33 -61.33 19.78
CA GLN B 232 21.46 -59.99 20.30
C GLN B 232 22.76 -59.37 19.84
N VAL B 233 22.63 -58.35 19.05
CA VAL B 233 23.76 -57.59 18.54
C VAL B 233 24.31 -56.73 19.64
N THR B 234 25.63 -56.55 19.60
CA THR B 234 26.29 -55.44 20.26
C THR B 234 26.80 -54.54 19.15
N VAL B 235 26.03 -53.51 18.84
CA VAL B 235 26.37 -52.52 17.84
C VAL B 235 25.99 -51.19 18.47
N PRO B 236 26.66 -50.08 18.14
CA PRO B 236 26.25 -48.78 18.69
C PRO B 236 24.79 -48.47 18.44
N LYS B 237 24.08 -48.23 19.53
CA LYS B 237 22.87 -47.44 19.48
C LYS B 237 23.06 -46.17 18.71
N ILE B 238 24.24 -45.58 18.77
CA ILE B 238 24.49 -44.30 18.16
C ILE B 238 25.83 -44.34 17.45
N ILE B 239 25.85 -43.79 16.27
CA ILE B 239 27.05 -43.60 15.47
C ILE B 239 26.96 -42.17 14.98
N THR B 240 28.07 -41.61 14.61
CA THR B 240 28.15 -40.24 14.12
C THR B 240 28.99 -40.17 12.85
N ILE B 241 29.36 -38.94 12.51
CA ILE B 241 30.06 -38.67 11.27
C ILE B 241 31.43 -39.32 11.29
N LEU B 242 32.29 -38.88 12.19
CA LEU B 242 33.72 -39.10 12.07
C LEU B 242 34.05 -40.51 12.52
N GLU B 243 33.55 -41.47 11.74
CA GLU B 243 33.56 -42.86 12.13
C GLU B 243 34.01 -43.71 10.97
N GLU B 244 35.32 -43.98 10.94
CA GLU B 244 35.90 -44.88 9.97
C GLU B 244 35.45 -46.32 10.16
N GLU B 245 35.09 -46.65 11.39
CA GLU B 245 34.75 -48.05 11.71
C GLU B 245 33.65 -48.00 12.74
N MET B 246 33.08 -49.16 12.94
CA MET B 246 31.97 -49.28 13.86
C MET B 246 32.07 -50.66 14.48
N ASN B 247 32.41 -50.69 15.78
CA ASN B 247 32.60 -51.96 16.54
C ASN B 247 31.28 -52.72 16.72
N VAL B 248 31.02 -53.72 15.88
CA VAL B 248 29.84 -54.56 16.03
C VAL B 248 30.28 -55.90 16.57
N SER B 249 29.40 -56.50 17.32
CA SER B 249 29.54 -57.88 17.75
C SER B 249 28.12 -58.35 17.95
N VAL B 250 27.92 -59.65 17.96
CA VAL B 250 26.60 -60.19 18.14
C VAL B 250 26.69 -61.41 19.01
N CYS B 251 25.65 -61.60 19.82
CA CYS B 251 25.54 -62.76 20.67
C CYS B 251 24.07 -63.12 20.79
N GLY B 252 23.79 -64.40 20.78
CA GLY B 252 22.44 -64.86 20.86
C GLY B 252 22.19 -65.73 22.05
N LEU B 253 21.16 -65.39 22.78
CA LEU B 253 20.77 -66.18 23.91
C LEU B 253 20.08 -67.44 23.43
N TYR B 254 19.63 -68.23 24.38
CA TYR B 254 18.88 -69.43 24.12
C TYR B 254 17.91 -69.59 25.27
N THR B 255 17.28 -70.74 25.35
CA THR B 255 16.66 -71.11 26.61
C THR B 255 17.74 -71.27 27.65
N TYR B 256 17.55 -70.65 28.81
CA TYR B 256 18.60 -70.52 29.82
C TYR B 256 19.79 -69.74 29.30
N GLY B 257 19.57 -68.89 28.29
CA GLY B 257 20.60 -68.00 27.81
C GLY B 257 21.84 -68.67 27.29
N LYS B 258 21.74 -69.92 26.91
CA LYS B 258 22.92 -70.67 26.55
C LYS B 258 23.51 -70.19 25.23
N PRO B 259 24.78 -70.46 24.98
CA PRO B 259 25.35 -70.15 23.66
C PRO B 259 25.01 -71.24 22.67
N VAL B 260 24.27 -70.85 21.64
CA VAL B 260 23.68 -71.77 20.67
C VAL B 260 24.63 -71.89 19.49
N PRO B 261 24.69 -73.02 18.80
CA PRO B 261 25.37 -73.06 17.51
C PRO B 261 24.41 -72.84 16.36
N GLY B 262 24.99 -72.43 15.24
CA GLY B 262 24.21 -72.04 14.09
C GLY B 262 25.04 -71.13 13.21
N HIS B 263 24.39 -70.29 12.42
CA HIS B 263 25.08 -69.32 11.58
C HIS B 263 24.42 -67.97 11.79
N VAL B 264 25.21 -66.92 11.61
CA VAL B 264 24.79 -65.55 11.87
C VAL B 264 25.01 -64.72 10.61
N THR B 265 24.07 -63.80 10.35
CA THR B 265 24.21 -62.85 9.25
C THR B 265 23.26 -61.68 9.50
N VAL B 266 23.54 -60.56 8.85
CA VAL B 266 22.88 -59.30 9.13
C VAL B 266 22.61 -58.55 7.85
N SER B 267 21.73 -57.55 7.95
CA SER B 267 21.66 -56.44 7.01
C SER B 267 21.75 -55.18 7.84
N ILE B 268 22.95 -54.79 8.14
CA ILE B 268 23.22 -53.40 8.44
C ILE B 268 22.77 -52.60 7.23
N CYS B 269 22.15 -51.45 7.48
CA CYS B 269 21.57 -50.69 6.38
C CYS B 269 21.57 -49.21 6.69
N ARG B 270 21.86 -48.44 5.65
CA ARG B 270 21.55 -47.03 5.59
C ARG B 270 20.21 -46.91 4.88
N LYS B 271 19.59 -45.75 4.97
CA LYS B 271 18.27 -45.53 4.40
C LYS B 271 18.24 -44.25 3.58
N TYR B 272 17.11 -44.08 2.88
CA TYR B 272 16.83 -42.87 2.11
C TYR B 272 17.86 -42.69 1.00
N SER B 273 17.96 -43.67 0.12
CA SER B 273 18.93 -43.65 -0.96
C SER B 273 18.50 -42.62 -2.02
N ASP B 274 19.20 -42.57 -3.15
CA ASP B 274 18.78 -41.76 -4.28
C ASP B 274 17.49 -42.27 -4.93
N ALA B 275 17.00 -43.45 -4.54
CA ALA B 275 15.76 -43.98 -5.07
C ALA B 275 14.60 -43.01 -4.88
N SER B 276 13.55 -43.22 -5.68
CA SER B 276 12.39 -42.34 -5.63
C SER B 276 11.35 -42.79 -4.60
N ASP B 277 11.69 -43.74 -3.73
CA ASP B 277 10.78 -44.39 -2.79
C ASP B 277 9.52 -44.92 -3.46
N CYS B 278 9.62 -45.29 -4.73
CA CYS B 278 8.45 -45.65 -5.52
C CYS B 278 8.94 -46.23 -6.84
N HIS B 279 7.98 -46.66 -7.65
CA HIS B 279 8.28 -47.23 -8.96
C HIS B 279 9.17 -48.47 -8.81
N GLY B 280 8.95 -49.22 -7.73
CA GLY B 280 9.78 -50.36 -7.41
C GLY B 280 11.10 -50.02 -6.76
N GLU B 281 11.39 -48.75 -6.56
CA GLU B 281 12.68 -48.35 -6.01
C GLU B 281 12.66 -48.43 -4.49
N ASP B 282 13.24 -49.50 -3.95
CA ASP B 282 13.42 -49.62 -2.51
C ASP B 282 14.37 -48.53 -2.07
N SER B 283 13.93 -47.71 -1.10
CA SER B 283 14.71 -46.55 -0.70
C SER B 283 16.02 -46.90 -0.03
N GLN B 284 16.23 -48.17 0.32
CA GLN B 284 17.45 -48.56 1.00
C GLN B 284 18.67 -48.33 0.12
N ALA B 285 19.62 -47.59 0.66
CA ALA B 285 20.97 -47.50 0.12
C ALA B 285 21.74 -48.64 0.77
N PHE B 286 23.07 -48.50 0.82
CA PHE B 286 24.01 -49.57 1.12
C PHE B 286 23.55 -50.44 2.27
N CYS B 287 23.22 -51.68 1.93
CA CYS B 287 22.90 -52.71 2.89
C CYS B 287 23.95 -53.81 2.77
N GLU B 288 25.04 -53.63 3.49
CA GLU B 288 26.10 -54.63 3.58
C GLU B 288 25.63 -55.75 4.47
N LYS B 289 26.07 -56.96 4.17
CA LYS B 289 25.83 -58.12 5.01
C LYS B 289 27.16 -58.71 5.43
N PHE B 290 27.23 -59.08 6.69
CA PHE B 290 28.41 -59.69 7.29
C PHE B 290 27.93 -60.95 7.97
N SER B 291 28.61 -62.04 7.70
CA SER B 291 28.18 -63.36 8.13
C SER B 291 29.17 -63.96 9.10
N GLY B 292 28.72 -65.03 9.76
CA GLY B 292 29.59 -65.82 10.60
C GLY B 292 28.91 -67.12 10.95
N GLN B 293 29.72 -68.11 11.26
CA GLN B 293 29.22 -69.35 11.83
C GLN B 293 29.09 -69.11 13.32
N LEU B 294 27.90 -69.34 13.84
CA LEU B 294 27.62 -69.05 15.24
C LEU B 294 28.42 -70.01 16.11
N ASN B 295 29.47 -69.49 16.76
CA ASN B 295 30.29 -70.35 17.58
C ASN B 295 29.47 -70.90 18.75
N SER B 296 29.55 -72.22 18.91
CA SER B 296 28.67 -72.93 19.81
C SER B 296 28.87 -72.47 21.25
N HIS B 297 30.09 -72.12 21.59
CA HIS B 297 30.42 -71.46 22.85
C HIS B 297 30.81 -70.04 22.53
N GLY B 298 30.24 -69.11 23.25
CA GLY B 298 30.48 -67.73 22.96
C GLY B 298 29.64 -67.28 21.79
N CYS B 299 30.12 -66.23 21.13
CA CYS B 299 29.28 -65.42 20.28
C CYS B 299 30.14 -64.68 19.26
N PHE B 300 29.50 -63.82 18.48
CA PHE B 300 30.06 -63.30 17.24
C PHE B 300 30.70 -61.93 17.42
N TYR B 301 31.71 -61.66 16.57
CA TYR B 301 32.40 -60.38 16.52
C TYR B 301 32.51 -59.92 15.07
N GLN B 302 32.44 -58.60 14.86
CA GLN B 302 32.72 -58.02 13.55
C GLN B 302 32.89 -56.51 13.60
N GLN B 303 34.11 -56.04 13.31
CA GLN B 303 34.36 -54.57 13.26
C GLN B 303 34.22 -54.08 11.80
N VAL B 304 33.12 -53.38 11.51
CA VAL B 304 32.80 -52.93 10.17
C VAL B 304 33.37 -51.54 9.95
N LYS B 305 33.84 -51.29 8.73
CA LYS B 305 34.21 -49.96 8.27
C LYS B 305 32.98 -49.31 7.69
N THR B 306 32.84 -48.02 7.98
CA THR B 306 31.63 -47.29 7.67
C THR B 306 31.82 -46.30 6.54
N LYS B 307 32.91 -46.42 5.79
CA LYS B 307 33.12 -45.61 4.60
C LYS B 307 32.01 -45.83 3.57
N VAL B 308 31.56 -47.08 3.42
CA VAL B 308 30.60 -47.43 2.39
C VAL B 308 29.24 -46.77 2.61
N PHE B 309 28.96 -46.28 3.81
CA PHE B 309 27.68 -45.67 4.09
C PHE B 309 27.67 -44.17 3.84
N GLN B 310 28.84 -43.53 3.75
CA GLN B 310 28.94 -42.11 3.44
C GLN B 310 28.21 -41.28 4.48
N LEU B 311 28.79 -41.28 5.68
CA LEU B 311 28.10 -40.85 6.89
C LEU B 311 27.89 -39.35 6.82
N LYS B 312 27.01 -38.93 5.91
CA LYS B 312 27.02 -37.57 5.40
C LYS B 312 25.59 -37.08 5.20
N ARG B 313 25.52 -35.91 4.55
CA ARG B 313 24.32 -35.11 4.38
C ARG B 313 23.10 -35.93 4.00
N LYS B 314 23.17 -36.60 2.85
CA LYS B 314 21.98 -37.20 2.27
C LYS B 314 22.08 -38.70 2.33
N GLU B 315 22.56 -39.18 3.46
CA GLU B 315 22.71 -40.60 3.75
C GLU B 315 22.17 -40.75 5.16
N TYR B 316 21.03 -41.45 5.30
CA TYR B 316 20.15 -41.23 6.44
C TYR B 316 20.30 -42.28 7.53
N GLU B 317 19.46 -42.18 8.56
CA GLU B 317 19.59 -42.92 9.82
C GLU B 317 19.69 -44.42 9.63
N MET B 318 20.59 -45.04 10.37
CA MET B 318 21.12 -46.37 10.06
C MET B 318 20.23 -47.46 10.64
N LYS B 319 19.89 -48.44 9.80
CA LYS B 319 19.02 -49.54 10.18
C LYS B 319 19.77 -50.84 10.01
N LEU B 320 19.54 -51.77 10.91
CA LEU B 320 20.47 -52.87 11.13
C LEU B 320 19.72 -54.06 11.67
N HIS B 321 19.76 -55.15 10.93
CA HIS B 321 18.77 -56.20 11.02
C HIS B 321 19.46 -57.54 10.86
N THR B 322 19.52 -58.28 11.95
CA THR B 322 20.52 -59.30 12.17
C THR B 322 19.85 -60.62 12.54
N GLU B 323 20.21 -61.65 11.80
CA GLU B 323 19.41 -62.87 11.74
C GLU B 323 20.35 -64.05 11.71
N ALA B 324 20.10 -64.99 12.58
CA ALA B 324 20.94 -66.17 12.72
C ALA B 324 20.14 -67.40 12.36
N GLN B 325 20.83 -68.37 11.81
CA GLN B 325 20.26 -69.68 11.52
C GLN B 325 20.79 -70.63 12.57
N ILE B 326 19.93 -71.00 13.49
CA ILE B 326 20.23 -72.11 14.36
C ILE B 326 20.48 -73.33 13.49
N GLN B 327 21.57 -74.02 13.75
CA GLN B 327 21.81 -75.28 13.09
C GLN B 327 20.69 -76.26 13.39
N GLU B 328 20.61 -77.29 12.55
CA GLU B 328 19.71 -78.44 12.61
C GLU B 328 18.22 -78.08 12.66
N GLU B 329 17.85 -76.81 12.46
CA GLU B 329 16.44 -76.42 12.38
C GLU B 329 16.11 -75.45 11.26
N GLY B 330 17.05 -74.65 10.79
CA GLY B 330 16.76 -73.74 9.70
C GLY B 330 15.83 -72.61 10.03
N THR B 331 15.62 -72.33 11.32
CA THR B 331 14.76 -71.24 11.75
C THR B 331 15.62 -70.04 12.10
N VAL B 332 15.07 -68.84 11.93
CA VAL B 332 15.75 -67.58 12.21
C VAL B 332 14.76 -66.60 12.78
N VAL B 333 15.26 -65.60 13.49
CA VAL B 333 14.51 -64.39 13.81
C VAL B 333 15.49 -63.23 13.78
N GLU B 334 14.95 -62.03 13.60
CA GLU B 334 15.73 -60.82 13.42
C GLU B 334 15.58 -59.87 14.60
N LEU B 335 16.59 -59.02 14.78
CA LEU B 335 16.59 -57.96 15.78
C LEU B 335 16.66 -56.62 15.07
N THR B 336 15.57 -55.88 15.13
CA THR B 336 15.58 -54.47 14.75
C THR B 336 16.08 -53.70 15.96
N GLY B 337 17.28 -53.14 15.84
CA GLY B 337 17.90 -52.48 16.96
C GLY B 337 18.94 -51.48 16.50
N ARG B 338 19.20 -50.53 17.39
CA ARG B 338 20.12 -49.42 17.12
C ARG B 338 19.69 -48.66 15.86
N GLN B 339 18.40 -48.72 15.57
CA GLN B 339 17.89 -48.25 14.29
C GLN B 339 17.91 -46.73 14.20
N SER B 340 17.83 -46.06 15.34
CA SER B 340 17.83 -44.61 15.40
C SER B 340 19.18 -44.04 15.75
N SER B 341 20.26 -44.69 15.32
CA SER B 341 21.58 -44.15 15.60
C SER B 341 21.73 -42.82 14.90
N GLU B 342 21.58 -41.75 15.68
CA GLU B 342 21.59 -40.43 15.09
C GLU B 342 23.02 -40.19 14.64
N ILE B 343 23.19 -40.30 13.34
CA ILE B 343 24.43 -39.91 12.73
C ILE B 343 24.31 -38.40 12.69
N THR B 344 24.69 -37.77 13.78
CA THR B 344 24.31 -36.40 14.03
C THR B 344 25.11 -35.47 13.15
N ARG B 345 24.57 -34.27 12.99
CA ARG B 345 25.39 -33.15 12.56
C ARG B 345 26.10 -32.51 13.73
N THR B 346 25.57 -32.64 14.95
CA THR B 346 26.04 -31.84 16.07
C THR B 346 26.99 -32.64 16.93
N ILE B 347 28.17 -32.09 17.16
CA ILE B 347 29.29 -32.82 17.71
C ILE B 347 29.90 -31.99 18.82
N THR B 348 30.71 -32.62 19.64
CA THR B 348 31.49 -31.91 20.65
C THR B 348 30.54 -31.29 21.67
N LYS B 349 29.44 -32.01 21.92
CA LYS B 349 28.27 -31.44 22.57
C LYS B 349 28.43 -31.38 24.08
N LEU B 350 28.40 -30.16 24.62
CA LEU B 350 28.54 -29.95 26.04
C LEU B 350 27.18 -29.90 26.68
N SER B 351 27.10 -29.39 27.91
CA SER B 351 25.80 -29.17 28.53
C SER B 351 25.88 -28.40 29.84
N PHE B 352 24.87 -27.58 30.09
CA PHE B 352 24.55 -27.15 31.44
C PHE B 352 23.90 -28.33 32.14
N VAL B 353 24.16 -28.43 33.44
CA VAL B 353 23.48 -29.41 34.26
C VAL B 353 23.02 -28.75 35.54
N LYS B 354 23.94 -28.08 36.23
CA LYS B 354 23.63 -27.35 37.46
C LYS B 354 23.90 -25.91 37.10
N VAL B 355 22.89 -25.32 36.51
CA VAL B 355 22.90 -23.95 36.04
C VAL B 355 21.79 -23.22 36.75
N ASP B 356 21.96 -21.93 36.93
CA ASP B 356 20.95 -21.12 37.54
C ASP B 356 20.06 -20.52 36.49
N SER B 357 18.79 -20.45 36.82
CA SER B 357 17.86 -19.68 36.03
C SER B 357 17.95 -18.22 36.37
N HIS B 358 18.76 -17.83 37.35
CA HIS B 358 18.79 -16.44 37.77
C HIS B 358 20.15 -16.05 38.33
N PHE B 359 20.27 -14.74 38.51
CA PHE B 359 21.38 -14.07 39.16
C PHE B 359 20.80 -12.84 39.83
N ARG B 360 21.59 -12.12 40.61
CA ARG B 360 21.10 -10.89 41.21
C ARG B 360 22.25 -9.91 41.40
N GLN B 361 21.88 -8.70 41.82
CA GLN B 361 22.75 -7.55 41.84
C GLN B 361 23.68 -7.51 43.02
N GLY B 362 23.62 -8.50 43.90
CA GLY B 362 24.35 -8.45 45.15
C GLY B 362 24.95 -9.80 45.45
N ILE B 363 25.34 -10.52 44.41
CA ILE B 363 25.66 -11.93 44.61
C ILE B 363 26.39 -12.48 43.38
N PRO B 364 27.29 -13.47 43.54
CA PRO B 364 27.78 -14.19 42.37
C PRO B 364 26.96 -15.44 42.13
N PHE B 365 26.87 -15.87 40.88
CA PHE B 365 26.41 -17.21 40.61
C PHE B 365 27.50 -17.99 39.92
N PHE B 366 27.23 -19.28 39.75
CA PHE B 366 28.14 -20.16 39.05
C PHE B 366 27.33 -21.28 38.42
N GLY B 367 27.03 -21.13 37.13
CA GLY B 367 26.60 -22.24 36.32
C GLY B 367 27.69 -23.29 36.32
N GLN B 368 27.42 -24.40 36.98
CA GLN B 368 28.33 -25.52 36.96
C GLN B 368 28.03 -26.34 35.71
N VAL B 369 28.99 -26.36 34.79
CA VAL B 369 28.75 -26.81 33.43
C VAL B 369 29.72 -27.92 33.11
N ARG B 370 29.34 -28.76 32.19
CA ARG B 370 30.12 -29.90 31.79
C ARG B 370 30.25 -29.91 30.28
N LEU B 371 31.01 -30.90 29.81
CA LEU B 371 31.16 -31.13 28.39
C LEU B 371 31.17 -32.61 28.11
N VAL B 372 30.62 -32.99 26.96
CA VAL B 372 30.77 -34.31 26.39
C VAL B 372 30.93 -34.09 24.89
N ASP B 373 31.19 -35.17 24.16
CA ASP B 373 30.92 -35.24 22.74
C ASP B 373 29.99 -36.39 22.47
N GLY B 374 28.94 -36.10 21.71
CA GLY B 374 28.23 -37.13 21.00
C GLY B 374 27.68 -38.23 21.87
N LYS B 375 28.39 -39.36 21.85
CA LYS B 375 27.90 -40.60 22.43
C LYS B 375 27.47 -40.44 23.88
N GLY B 376 28.17 -39.61 24.65
CA GLY B 376 27.84 -39.44 26.05
C GLY B 376 28.94 -39.79 27.01
N VAL B 377 30.18 -39.59 26.59
CA VAL B 377 31.34 -39.83 27.42
C VAL B 377 32.17 -38.55 27.48
N PRO B 378 32.41 -37.97 28.66
CA PRO B 378 33.01 -36.64 28.71
C PRO B 378 34.43 -36.61 28.16
N ILE B 379 34.97 -35.41 28.08
CA ILE B 379 36.31 -35.14 27.58
C ILE B 379 37.21 -34.81 28.77
N PRO B 380 38.48 -35.20 28.74
CA PRO B 380 39.46 -34.55 29.60
C PRO B 380 40.24 -33.47 28.87
N ASN B 381 40.51 -32.36 29.55
CA ASN B 381 41.55 -31.41 29.18
C ASN B 381 41.33 -30.82 27.79
N LYS B 382 40.27 -30.01 27.68
CA LYS B 382 39.98 -29.29 26.45
C LYS B 382 39.55 -27.88 26.79
N VAL B 383 40.42 -26.94 26.47
CA VAL B 383 40.23 -25.57 26.91
C VAL B 383 39.10 -24.94 26.13
N ILE B 384 38.47 -23.93 26.73
CA ILE B 384 37.29 -23.29 26.16
C ILE B 384 37.32 -21.81 26.51
N PHE B 385 36.34 -21.14 25.90
CA PHE B 385 36.12 -19.69 26.04
C PHE B 385 34.69 -19.42 26.52
N ILE B 386 34.63 -18.91 27.78
CA ILE B 386 33.36 -18.43 28.29
C ILE B 386 33.13 -17.04 27.73
N ARG B 387 31.86 -16.71 27.52
CA ARG B 387 31.46 -15.48 26.87
C ARG B 387 30.55 -14.70 27.79
N GLY B 388 31.15 -13.89 28.65
CA GLY B 388 30.38 -12.98 29.47
C GLY B 388 29.99 -11.77 28.67
N ASN B 389 28.70 -11.45 28.70
CA ASN B 389 28.13 -10.42 27.85
C ASN B 389 27.25 -9.52 28.66
N GLU B 390 27.48 -8.21 28.53
CA GLU B 390 27.02 -7.15 29.48
C GLU B 390 27.83 -7.30 30.76
N ALA B 391 28.17 -8.54 31.15
CA ALA B 391 29.09 -8.73 32.29
C ALA B 391 30.49 -8.75 31.67
N ASN B 392 30.51 -8.75 30.34
CA ASN B 392 31.72 -8.66 29.53
C ASN B 392 32.79 -9.63 30.04
N TYR B 393 32.36 -10.62 30.81
CA TYR B 393 33.27 -11.57 31.42
C TYR B 393 33.58 -12.62 30.38
N TYR B 394 34.29 -12.21 29.36
CA TYR B 394 34.80 -13.14 28.36
C TYR B 394 36.02 -13.79 28.98
N SER B 395 35.94 -15.09 29.18
CA SER B 395 36.98 -15.80 29.90
C SER B 395 37.01 -17.24 29.46
N ASN B 396 38.00 -17.92 30.06
CA ASN B 396 38.40 -19.26 29.60
C ASN B 396 38.40 -20.35 30.67
N ALA B 397 38.22 -21.59 30.22
CA ALA B 397 38.40 -22.72 31.13
C ALA B 397 38.70 -23.95 30.30
N THR B 398 38.59 -25.12 30.93
CA THR B 398 38.81 -26.37 30.23
C THR B 398 37.97 -27.47 30.83
N THR B 399 38.19 -28.67 30.32
CA THR B 399 37.60 -29.89 30.84
C THR B 399 38.42 -30.44 31.99
N ASP B 400 37.75 -30.89 33.03
CA ASP B 400 38.36 -31.73 34.05
C ASP B 400 38.26 -33.17 33.57
N GLU B 401 38.52 -34.11 34.49
CA GLU B 401 38.38 -35.53 34.16
C GLU B 401 36.97 -35.85 33.70
N HIS B 402 35.98 -35.17 34.25
CA HIS B 402 34.59 -35.31 33.88
C HIS B 402 34.10 -34.19 32.97
N GLY B 403 34.99 -33.34 32.49
CA GLY B 403 34.58 -32.23 31.64
C GLY B 403 33.82 -31.15 32.36
N LEU B 404 33.71 -31.26 33.66
CA LEU B 404 32.93 -30.34 34.46
C LEU B 404 33.69 -29.06 34.70
N VAL B 405 32.93 -27.98 34.86
CA VAL B 405 33.48 -26.69 35.21
C VAL B 405 32.56 -26.11 36.28
N GLN B 406 33.14 -25.36 37.21
CA GLN B 406 32.37 -24.41 38.01
C GLN B 406 32.88 -23.04 37.65
N PHE B 407 32.40 -22.51 36.54
CA PHE B 407 32.64 -21.12 36.24
C PHE B 407 31.72 -20.32 37.13
N SER B 408 32.23 -19.19 37.60
CA SER B 408 31.49 -18.26 38.41
C SER B 408 31.64 -16.89 37.80
N ILE B 409 30.80 -15.96 38.25
CA ILE B 409 30.72 -14.64 37.64
C ILE B 409 30.47 -13.60 38.72
N ASN B 410 31.22 -12.48 38.69
CA ASN B 410 30.99 -11.20 39.45
C ASN B 410 29.84 -10.45 38.72
N THR B 411 28.82 -9.97 39.46
CA THR B 411 27.51 -9.57 38.97
C THR B 411 27.16 -8.21 39.55
N THR B 412 27.61 -7.14 38.89
CA THR B 412 27.24 -5.78 39.32
C THR B 412 26.92 -5.02 38.04
N ASN B 413 25.72 -5.22 37.53
CA ASN B 413 25.50 -5.03 36.10
C ASN B 413 24.06 -4.62 35.85
N VAL B 414 23.74 -4.48 34.57
CA VAL B 414 22.41 -4.21 34.05
C VAL B 414 21.61 -5.49 33.85
N MET B 415 20.31 -5.34 33.50
CA MET B 415 19.29 -6.37 33.70
C MET B 415 19.55 -7.72 33.01
N GLY B 416 19.47 -7.76 31.69
CA GLY B 416 19.32 -9.06 31.06
C GLY B 416 20.62 -9.71 30.66
N THR B 417 21.11 -10.59 31.51
CA THR B 417 22.36 -11.29 31.27
C THR B 417 22.09 -12.52 30.41
N SER B 418 23.08 -12.87 29.60
CA SER B 418 22.88 -13.75 28.46
C SER B 418 24.21 -14.35 28.04
N LEU B 419 24.30 -15.67 28.09
CA LEU B 419 25.56 -16.35 28.29
C LEU B 419 25.82 -17.45 27.29
N THR B 420 27.09 -17.82 27.20
CA THR B 420 27.52 -18.97 26.42
C THR B 420 29.02 -19.17 26.59
N VAL B 421 29.48 -20.32 26.10
CA VAL B 421 30.87 -20.75 26.12
C VAL B 421 31.08 -21.54 24.85
N ARG B 422 32.33 -21.65 24.41
CA ARG B 422 32.60 -22.46 23.23
C ARG B 422 33.97 -23.10 23.34
N VAL B 423 34.21 -24.02 22.42
CA VAL B 423 35.49 -24.70 22.28
C VAL B 423 36.02 -24.47 20.86
N ASN B 424 35.12 -24.19 19.93
CA ASN B 424 35.43 -23.61 18.64
C ASN B 424 34.71 -22.27 18.55
N TYR B 425 34.75 -21.64 17.38
CA TYR B 425 34.21 -20.30 17.23
C TYR B 425 32.79 -20.36 16.68
N LYS B 426 32.18 -19.16 16.57
CA LYS B 426 30.76 -19.02 16.27
C LYS B 426 30.46 -19.32 14.81
N ASP B 427 30.76 -20.55 14.39
CA ASP B 427 30.53 -20.99 13.03
C ASP B 427 30.90 -22.46 12.93
N ARG B 428 30.30 -23.19 11.98
CA ARG B 428 30.70 -24.57 11.69
C ARG B 428 31.97 -24.49 10.86
N SER B 429 33.04 -24.05 11.53
CA SER B 429 34.22 -23.41 10.97
C SER B 429 34.70 -24.00 9.66
N PRO B 430 34.91 -25.32 9.54
CA PRO B 430 35.38 -25.84 8.25
C PRO B 430 34.22 -26.07 7.28
N CYS B 431 34.12 -25.23 6.26
CA CYS B 431 33.11 -25.34 5.20
C CYS B 431 31.71 -25.37 5.78
N TYR B 432 31.32 -24.27 6.41
CA TYR B 432 29.98 -24.19 6.96
C TYR B 432 28.92 -23.95 5.90
N GLY B 433 29.20 -23.10 4.91
CA GLY B 433 28.23 -22.77 3.88
C GLY B 433 28.49 -23.40 2.53
N TYR B 434 27.77 -24.48 2.22
CA TYR B 434 27.67 -24.96 0.85
C TYR B 434 26.28 -25.42 0.46
N GLN B 435 25.35 -25.64 1.40
CA GLN B 435 24.07 -26.31 1.23
C GLN B 435 24.26 -27.81 1.10
N TRP B 436 25.48 -28.31 1.19
CA TRP B 436 25.73 -29.75 1.17
C TRP B 436 26.78 -30.11 2.20
N VAL B 437 26.65 -29.51 3.38
CA VAL B 437 27.55 -29.73 4.49
C VAL B 437 26.79 -30.44 5.60
N SER B 438 27.47 -31.41 6.23
CA SER B 438 26.88 -32.24 7.28
C SER B 438 27.84 -32.21 8.46
N GLU B 439 27.62 -31.25 9.37
CA GLU B 439 28.44 -31.07 10.56
C GLU B 439 27.85 -29.96 11.43
N GLU B 440 28.06 -30.03 12.74
CA GLU B 440 27.67 -28.96 13.64
C GLU B 440 28.32 -29.22 15.00
N HIS B 441 28.33 -28.18 15.83
CA HIS B 441 28.74 -28.28 17.22
C HIS B 441 27.67 -27.67 18.08
N GLU B 442 27.39 -28.31 19.21
CA GLU B 442 26.40 -27.78 20.13
C GLU B 442 26.85 -26.42 20.63
N GLU B 443 25.88 -25.56 20.87
CA GLU B 443 26.12 -24.20 21.29
C GLU B 443 25.66 -24.04 22.72
N ALA B 444 26.62 -23.83 23.62
CA ALA B 444 26.31 -23.56 25.01
C ALA B 444 25.38 -22.37 25.09
N HIS B 445 24.17 -22.60 25.59
CA HIS B 445 23.19 -21.54 25.66
C HIS B 445 22.31 -21.71 26.88
N HIS B 446 22.00 -20.58 27.48
CA HIS B 446 21.15 -20.49 28.65
C HIS B 446 20.97 -19.03 28.93
N THR B 447 19.84 -18.71 29.52
CA THR B 447 19.52 -17.38 29.93
C THR B 447 19.03 -17.45 31.35
N ALA B 448 19.07 -16.31 32.01
CA ALA B 448 18.73 -16.26 33.41
C ALA B 448 18.50 -14.80 33.77
N TYR B 449 17.52 -14.58 34.64
CA TYR B 449 17.00 -13.26 34.91
C TYR B 449 17.23 -12.93 36.37
N LEU B 450 16.84 -11.73 36.76
CA LEU B 450 17.08 -11.26 38.11
C LEU B 450 15.79 -10.89 38.80
N VAL B 451 15.88 -10.80 40.10
CA VAL B 451 14.74 -10.45 40.91
C VAL B 451 14.45 -8.97 40.80
N PHE B 452 13.24 -8.63 41.15
CA PHE B 452 12.89 -7.31 41.64
C PHE B 452 12.88 -7.39 43.16
N SER B 453 13.47 -6.41 43.81
CA SER B 453 13.63 -6.44 45.26
C SER B 453 13.98 -5.05 45.78
N PRO B 454 12.99 -4.22 46.07
CA PRO B 454 13.29 -2.92 46.68
C PRO B 454 13.83 -3.05 48.08
N SER B 455 13.68 -4.23 48.68
CA SER B 455 14.47 -4.57 49.85
C SER B 455 15.94 -4.53 49.55
N LYS B 456 16.31 -4.72 48.30
CA LYS B 456 17.70 -4.84 47.90
C LYS B 456 18.34 -6.04 48.59
N SER B 457 17.52 -7.04 48.85
CA SER B 457 17.96 -8.28 49.47
C SER B 457 17.25 -9.40 48.71
N PHE B 458 17.79 -10.61 48.82
CA PHE B 458 17.25 -11.70 48.04
C PHE B 458 17.89 -13.00 48.49
N VAL B 459 17.34 -14.12 48.02
CA VAL B 459 17.97 -15.43 48.31
C VAL B 459 18.00 -16.23 47.01
N HIS B 460 19.11 -16.16 46.27
CA HIS B 460 19.45 -17.27 45.41
C HIS B 460 19.69 -18.52 46.23
N LEU B 461 19.56 -19.65 45.55
CA LEU B 461 19.81 -20.96 46.11
C LEU B 461 20.67 -21.81 45.19
N GLU B 462 21.28 -22.80 45.81
CA GLU B 462 22.14 -23.74 45.13
C GLU B 462 21.38 -25.06 45.00
N PRO B 463 20.79 -25.36 43.87
CA PRO B 463 20.24 -26.69 43.68
C PRO B 463 21.20 -27.84 43.84
N MET B 464 20.66 -29.03 43.73
CA MET B 464 21.41 -30.25 43.51
C MET B 464 20.91 -30.86 42.20
N SER B 465 20.88 -29.99 41.21
CA SER B 465 20.08 -30.19 40.02
C SER B 465 20.66 -31.33 39.20
N HIS B 466 20.42 -32.53 39.68
CA HIS B 466 20.69 -33.74 38.93
C HIS B 466 19.84 -34.84 39.51
N GLU B 467 20.15 -36.09 39.17
CA GLU B 467 19.40 -37.24 39.66
C GLU B 467 19.31 -37.24 41.17
N LEU B 468 18.28 -37.87 41.70
CA LEU B 468 17.89 -37.75 43.10
C LEU B 468 17.40 -39.08 43.64
N PRO B 469 17.98 -39.63 44.71
CA PRO B 469 17.58 -40.97 45.16
C PRO B 469 16.18 -40.97 45.75
N CYS B 470 15.82 -42.11 46.30
CA CYS B 470 14.62 -42.30 47.10
C CYS B 470 14.97 -42.84 48.47
N GLY B 471 14.11 -42.51 49.43
CA GLY B 471 14.28 -43.05 50.76
C GLY B 471 15.56 -42.62 51.43
N HIS B 472 16.04 -41.43 51.09
CA HIS B 472 17.20 -40.82 51.70
C HIS B 472 16.76 -39.45 52.16
N THR B 473 17.75 -38.63 52.48
CA THR B 473 17.52 -37.22 52.71
C THR B 473 18.41 -36.46 51.75
N GLN B 474 18.37 -35.15 51.85
CA GLN B 474 19.41 -34.38 51.21
C GLN B 474 19.69 -33.13 52.00
N THR B 475 20.97 -32.77 52.04
CA THR B 475 21.42 -31.53 52.64
C THR B 475 21.24 -30.45 51.60
N VAL B 476 20.75 -29.36 52.01
CA VAL B 476 20.36 -28.28 51.13
C VAL B 476 20.85 -26.96 51.69
N GLN B 477 21.17 -26.04 50.79
CA GLN B 477 21.89 -24.82 51.14
C GLN B 477 21.29 -23.61 50.42
N ALA B 478 21.51 -22.45 51.02
CA ALA B 478 21.09 -21.16 50.47
C ALA B 478 22.20 -20.14 50.58
N HIS B 479 21.98 -18.98 49.96
CA HIS B 479 22.91 -17.86 49.95
C HIS B 479 22.10 -16.62 50.27
N TYR B 480 22.00 -16.30 51.55
CA TYR B 480 21.05 -15.30 52.01
C TYR B 480 21.71 -13.97 52.26
N ILE B 481 20.97 -12.90 52.01
CA ILE B 481 21.40 -11.55 52.31
C ILE B 481 20.19 -10.81 52.82
N LEU B 482 20.45 -9.77 53.57
CA LEU B 482 19.40 -8.98 54.17
C LEU B 482 19.92 -7.57 54.30
N ASN B 483 19.73 -6.77 53.26
CA ASN B 483 20.04 -5.36 53.32
C ASN B 483 19.15 -4.75 54.37
N GLY B 484 19.74 -4.40 55.51
CA GLY B 484 18.98 -3.78 56.57
C GLY B 484 18.21 -4.74 57.44
N GLY B 485 17.80 -5.90 56.92
CA GLY B 485 17.19 -6.98 57.67
C GLY B 485 16.04 -6.50 58.52
N THR B 486 16.09 -6.88 59.80
CA THR B 486 15.20 -6.23 60.76
C THR B 486 15.63 -4.79 60.89
N LEU B 487 15.11 -3.96 59.99
CA LEU B 487 15.40 -2.53 60.00
C LEU B 487 15.08 -1.94 61.36
N LEU B 488 13.87 -2.22 61.83
CA LEU B 488 13.53 -2.15 63.25
C LEU B 488 13.19 -3.55 63.74
N GLY B 489 12.12 -4.09 63.19
CA GLY B 489 11.63 -5.44 63.41
C GLY B 489 11.80 -5.94 64.82
N LEU B 490 12.45 -7.09 64.91
CA LEU B 490 12.73 -7.73 66.17
C LEU B 490 14.10 -8.39 65.99
N LYS B 491 14.48 -9.23 66.94
CA LYS B 491 15.86 -9.72 66.90
C LYS B 491 16.03 -10.75 65.80
N LYS B 492 15.42 -11.92 65.94
CA LYS B 492 15.71 -13.01 65.03
C LYS B 492 14.75 -12.97 63.85
N LEU B 493 14.89 -13.95 62.96
CA LEU B 493 14.05 -14.02 61.78
C LEU B 493 13.80 -15.46 61.40
N SER B 494 12.77 -15.64 60.58
CA SER B 494 12.30 -16.96 60.19
C SER B 494 12.50 -17.21 58.72
N PHE B 495 12.76 -18.47 58.42
CA PHE B 495 12.63 -19.03 57.10
C PHE B 495 11.44 -19.99 57.04
N TYR B 496 10.79 -20.03 55.88
CA TYR B 496 9.61 -20.86 55.65
C TYR B 496 9.71 -21.53 54.31
N TYR B 497 9.63 -22.84 54.31
CA TYR B 497 9.85 -23.62 53.11
C TYR B 497 8.73 -24.62 52.89
N LEU B 498 8.39 -24.82 51.61
CA LEU B 498 7.27 -25.66 51.16
C LEU B 498 7.70 -26.49 49.99
N ILE B 499 7.15 -27.69 49.90
CA ILE B 499 7.50 -28.63 48.86
C ILE B 499 6.22 -29.12 48.24
N MET B 500 5.78 -28.41 47.21
CA MET B 500 4.64 -28.78 46.39
C MET B 500 4.97 -30.05 45.60
N ALA B 501 3.93 -30.72 45.11
CA ALA B 501 4.07 -31.92 44.31
C ALA B 501 2.70 -32.39 43.88
N LYS B 502 2.66 -32.98 42.70
CA LYS B 502 1.44 -33.49 42.11
C LYS B 502 0.32 -32.49 42.16
N GLY B 503 0.68 -31.24 41.97
CA GLY B 503 -0.27 -30.16 42.00
C GLY B 503 -0.71 -29.76 43.38
N GLY B 504 -0.19 -30.43 44.38
CA GLY B 504 -0.47 -30.06 45.75
C GLY B 504 0.72 -30.24 46.65
N ILE B 505 0.47 -30.52 47.91
CA ILE B 505 1.50 -30.44 48.93
C ILE B 505 1.63 -31.77 49.64
N VAL B 506 2.87 -32.14 49.91
CA VAL B 506 3.22 -33.42 50.49
C VAL B 506 3.99 -33.17 51.79
N ARG B 507 4.85 -32.15 51.80
CA ARG B 507 5.65 -31.82 52.98
C ARG B 507 5.71 -30.32 53.13
N THR B 508 6.31 -29.90 54.22
CA THR B 508 6.31 -28.50 54.61
C THR B 508 7.24 -28.29 55.78
N GLY B 509 7.21 -27.07 56.33
CA GLY B 509 7.99 -26.75 57.52
C GLY B 509 8.55 -25.34 57.46
N THR B 510 9.48 -25.07 58.37
CA THR B 510 10.03 -23.73 58.53
C THR B 510 11.42 -23.79 59.13
N HIS B 511 11.94 -22.61 59.47
CA HIS B 511 13.19 -22.42 60.18
C HIS B 511 13.30 -20.96 60.57
N GLY B 512 14.29 -20.63 61.38
CA GLY B 512 14.66 -19.25 61.61
C GLY B 512 16.06 -19.09 62.15
N LEU B 513 16.44 -17.83 62.34
CA LEU B 513 17.80 -17.55 62.80
C LEU B 513 17.86 -16.18 63.47
N LEU B 514 18.66 -16.13 64.53
CA LEU B 514 19.06 -14.87 65.16
C LEU B 514 19.83 -14.05 64.16
N VAL B 515 19.40 -12.80 63.97
CA VAL B 515 20.04 -11.96 62.98
C VAL B 515 21.38 -11.48 63.52
N LYS B 516 22.34 -11.31 62.62
CA LYS B 516 23.39 -10.33 62.85
C LYS B 516 22.82 -8.95 62.53
N GLN B 517 22.95 -8.04 63.49
CA GLN B 517 22.00 -6.94 63.64
C GLN B 517 21.86 -6.09 62.39
N GLU B 518 22.97 -5.77 61.73
CA GLU B 518 22.89 -5.08 60.44
C GLU B 518 23.92 -5.62 59.46
N ASP B 519 24.27 -6.90 59.53
CA ASP B 519 25.31 -7.49 58.72
C ASP B 519 24.75 -8.63 57.89
N MET B 520 25.28 -8.76 56.67
CA MET B 520 24.94 -9.86 55.77
C MET B 520 25.66 -11.14 56.09
N LYS B 521 24.96 -12.08 56.72
CA LYS B 521 25.48 -13.43 56.86
C LYS B 521 25.13 -14.26 55.63
N GLY B 522 25.96 -15.24 55.33
CA GLY B 522 25.94 -15.86 54.01
C GLY B 522 25.22 -17.17 53.83
N HIS B 523 25.50 -18.17 54.66
CA HIS B 523 25.18 -19.55 54.33
C HIS B 523 24.42 -20.23 55.43
N PHE B 524 23.16 -20.55 55.13
CA PHE B 524 22.30 -21.34 55.98
C PHE B 524 21.85 -22.56 55.19
N SER B 525 21.76 -23.70 55.86
CA SER B 525 21.46 -24.96 55.23
C SER B 525 20.22 -25.60 55.83
N ILE B 526 19.53 -26.35 54.97
CA ILE B 526 18.31 -27.06 55.29
C ILE B 526 18.46 -28.45 54.71
N SER B 527 17.58 -29.36 55.09
CA SER B 527 17.55 -30.68 54.51
C SER B 527 16.14 -31.23 54.51
N ILE B 528 15.91 -32.30 53.75
CA ILE B 528 14.56 -32.82 53.61
C ILE B 528 14.62 -34.25 53.11
N PRO B 529 13.63 -35.04 53.50
CA PRO B 529 13.62 -36.47 53.18
C PRO B 529 12.97 -36.76 51.85
N VAL B 530 13.27 -37.95 51.35
CA VAL B 530 13.00 -38.33 49.99
C VAL B 530 12.19 -39.61 49.98
N LYS B 531 11.27 -39.72 50.93
CA LYS B 531 10.59 -40.98 51.17
C LYS B 531 9.78 -41.41 49.94
N SER B 532 8.67 -40.72 49.71
CA SER B 532 7.73 -41.00 48.65
C SER B 532 6.62 -39.98 48.83
N ASP B 533 5.51 -40.19 48.16
CA ASP B 533 4.34 -39.34 48.33
C ASP B 533 4.56 -38.00 47.65
N ILE B 534 5.68 -37.90 46.95
CA ILE B 534 6.19 -36.66 46.42
C ILE B 534 6.63 -36.98 45.02
N ALA B 535 6.21 -36.16 44.08
CA ALA B 535 6.17 -36.52 42.68
C ALA B 535 7.56 -36.85 42.15
N PRO B 536 7.66 -37.47 40.98
CA PRO B 536 8.94 -37.53 40.29
C PRO B 536 9.50 -36.16 40.05
N VAL B 537 8.64 -35.18 39.94
CA VAL B 537 8.98 -33.78 40.12
C VAL B 537 8.88 -33.47 41.59
N ALA B 538 9.78 -32.64 42.07
CA ALA B 538 9.55 -31.94 43.32
C ALA B 538 10.02 -30.51 43.17
N ARG B 539 9.10 -29.60 43.36
CA ARG B 539 9.40 -28.20 43.47
C ARG B 539 9.73 -27.91 44.91
N LEU B 540 10.81 -27.17 45.12
CA LEU B 540 11.03 -26.50 46.37
C LEU B 540 11.05 -25.01 46.12
N LEU B 541 10.53 -24.28 47.05
CA LEU B 541 10.73 -22.85 47.12
C LEU B 541 11.09 -22.54 48.56
N ILE B 542 11.29 -21.27 48.83
CA ILE B 542 11.47 -20.79 50.19
C ILE B 542 11.40 -19.28 50.17
N TYR B 543 10.94 -18.71 51.26
CA TYR B 543 10.53 -17.33 51.30
C TYR B 543 10.46 -16.89 52.75
N ALA B 544 10.80 -15.62 52.97
CA ALA B 544 11.02 -15.05 54.32
C ALA B 544 10.58 -13.58 54.30
N VAL B 545 9.84 -13.16 55.33
CA VAL B 545 8.97 -12.01 55.25
C VAL B 545 9.18 -11.14 56.47
N LEU B 546 8.82 -9.87 56.33
CA LEU B 546 9.20 -8.82 57.25
C LEU B 546 8.00 -7.98 57.65
N PRO B 547 7.81 -7.63 58.93
CA PRO B 547 6.61 -6.88 59.32
C PRO B 547 6.54 -5.50 58.69
N THR B 548 7.65 -5.05 58.13
CA THR B 548 7.72 -3.84 57.32
C THR B 548 6.72 -3.83 56.18
N GLY B 549 6.39 -5.00 55.64
CA GLY B 549 5.65 -5.10 54.41
C GLY B 549 6.48 -5.52 53.23
N ASP B 550 7.59 -6.20 53.46
CA ASP B 550 8.49 -6.61 52.40
C ASP B 550 8.96 -8.05 52.61
N VAL B 551 9.30 -8.71 51.52
CA VAL B 551 9.43 -10.15 51.50
C VAL B 551 10.10 -10.58 50.21
N ILE B 552 10.72 -11.76 50.25
CA ILE B 552 11.27 -12.39 49.07
C ILE B 552 11.03 -13.89 49.13
N GLY B 553 11.49 -14.56 48.10
CA GLY B 553 11.57 -16.00 48.12
C GLY B 553 12.00 -16.49 46.75
N ASP B 554 12.45 -17.73 46.72
CA ASP B 554 13.01 -18.24 45.48
C ASP B 554 12.86 -19.75 45.39
N SER B 555 12.80 -20.17 44.14
CA SER B 555 12.35 -21.47 43.66
C SER B 555 13.35 -22.58 43.86
N ALA B 556 12.99 -23.70 43.25
CA ALA B 556 13.82 -24.85 42.96
C ALA B 556 13.09 -25.70 41.97
N LYS B 557 13.61 -26.89 41.76
CA LYS B 557 13.00 -27.88 40.92
C LYS B 557 13.87 -29.12 41.04
N TYR B 558 13.25 -30.27 41.09
CA TYR B 558 13.95 -31.51 41.41
C TYR B 558 13.39 -32.63 40.56
N ASP B 559 14.25 -33.24 39.79
CA ASP B 559 13.88 -34.47 39.11
C ASP B 559 13.97 -35.57 40.14
N VAL B 560 12.84 -35.85 40.78
CA VAL B 560 12.80 -36.93 41.74
C VAL B 560 12.66 -38.25 40.99
N GLU B 561 13.15 -39.31 41.60
CA GLU B 561 13.08 -40.62 40.99
C GLU B 561 11.75 -41.27 41.29
N ASN B 562 11.52 -42.43 40.67
CA ASN B 562 10.27 -43.13 40.79
C ASN B 562 10.50 -44.33 41.69
N CYS B 563 10.12 -44.13 42.95
CA CYS B 563 10.32 -45.07 44.10
C CYS B 563 9.05 -44.98 44.94
N LEU B 564 8.33 -46.09 45.12
CA LEU B 564 7.02 -46.00 45.83
C LEU B 564 7.12 -46.41 47.30
N ALA B 565 6.09 -46.03 48.07
CA ALA B 565 5.86 -46.36 49.46
C ALA B 565 6.09 -47.83 49.74
N ASN B 566 5.24 -48.68 49.20
CA ASN B 566 5.38 -50.08 49.52
C ASN B 566 6.53 -50.66 48.74
N LYS B 567 7.71 -50.49 49.29
CA LYS B 567 8.83 -51.30 48.87
C LYS B 567 8.42 -52.76 48.96
N VAL B 568 8.90 -53.54 48.02
CA VAL B 568 8.47 -54.91 47.88
C VAL B 568 9.40 -55.58 46.90
N ASP B 569 9.51 -56.89 47.04
CA ASP B 569 10.43 -57.65 46.23
C ASP B 569 9.92 -59.08 46.24
N LEU B 570 10.51 -59.90 45.40
CA LEU B 570 10.13 -61.28 45.26
C LEU B 570 11.34 -62.15 45.46
N SER B 571 11.08 -63.36 45.97
CA SER B 571 12.12 -64.38 46.02
C SER B 571 11.44 -65.73 46.08
N PHE B 572 12.24 -66.78 45.95
CA PHE B 572 11.75 -68.09 45.59
C PHE B 572 12.81 -69.11 45.90
N SER B 573 12.39 -70.31 46.17
CA SER B 573 13.34 -71.39 46.32
C SER B 573 14.05 -71.58 45.00
N PRO B 574 15.40 -71.61 44.98
CA PRO B 574 16.15 -71.25 43.77
C PRO B 574 15.91 -72.12 42.55
N SER B 575 16.56 -71.77 41.43
CA SER B 575 16.48 -72.50 40.17
C SER B 575 16.64 -74.00 40.39
N GLN B 576 15.98 -74.78 39.54
CA GLN B 576 15.67 -76.18 39.81
C GLN B 576 15.95 -77.01 38.56
N SER B 577 15.48 -78.26 38.57
CA SER B 577 15.63 -79.16 37.45
C SER B 577 14.36 -79.18 36.63
N LEU B 578 14.37 -80.02 35.62
CA LEU B 578 13.33 -80.02 34.60
C LEU B 578 11.94 -80.26 35.20
N PRO B 579 11.61 -81.45 35.80
CA PRO B 579 10.31 -81.58 36.49
C PRO B 579 10.34 -81.23 37.97
N ALA B 580 11.34 -80.47 38.44
CA ALA B 580 11.55 -80.33 39.88
C ALA B 580 10.39 -79.59 40.53
N SER B 581 9.29 -80.32 40.71
CA SER B 581 7.96 -79.78 40.91
C SER B 581 7.85 -78.84 42.10
N HIS B 582 8.05 -79.36 43.31
CA HIS B 582 7.78 -78.60 44.52
C HIS B 582 8.66 -77.36 44.54
N ALA B 583 8.04 -76.21 44.75
CA ALA B 583 8.73 -74.98 44.45
C ALA B 583 7.97 -73.80 45.04
N HIS B 584 8.64 -73.10 45.96
CA HIS B 584 8.04 -72.02 46.73
C HIS B 584 8.25 -70.69 46.03
N LEU B 585 7.52 -69.67 46.48
CA LEU B 585 7.82 -68.31 46.08
C LEU B 585 7.34 -67.35 47.13
N ARG B 586 8.07 -66.25 47.28
CA ARG B 586 8.04 -65.41 48.45
C ARG B 586 8.06 -63.95 48.04
N VAL B 587 7.33 -63.15 48.80
CA VAL B 587 7.38 -61.71 48.69
C VAL B 587 7.30 -61.14 50.09
N THR B 588 7.91 -59.97 50.28
CA THR B 588 7.79 -59.21 51.50
C THR B 588 7.23 -57.85 51.16
N ALA B 589 6.09 -57.50 51.76
CA ALA B 589 5.57 -56.18 51.59
C ALA B 589 4.84 -55.78 52.87
N ALA B 590 4.14 -54.66 52.81
CA ALA B 590 3.41 -54.14 53.95
C ALA B 590 2.44 -55.19 54.47
N PRO B 591 2.09 -55.12 55.74
CA PRO B 591 1.68 -56.32 56.46
C PRO B 591 0.26 -56.78 56.19
N GLN B 592 -0.64 -55.88 55.77
CA GLN B 592 -2.01 -56.26 55.46
C GLN B 592 -2.28 -55.78 54.04
N SER B 593 -1.90 -56.60 53.07
CA SER B 593 -1.82 -56.13 51.69
C SER B 593 -2.32 -57.23 50.75
N VAL B 594 -2.38 -56.88 49.48
CA VAL B 594 -3.07 -57.68 48.49
C VAL B 594 -2.36 -57.53 47.16
N CYS B 595 -2.11 -58.66 46.51
CA CYS B 595 -1.05 -58.74 45.52
C CYS B 595 -1.54 -59.24 44.19
N ALA B 596 -0.74 -58.96 43.16
CA ALA B 596 -0.99 -59.37 41.79
C ALA B 596 0.20 -60.15 41.29
N LEU B 597 -0.05 -61.36 40.83
CA LEU B 597 0.93 -62.42 40.78
C LEU B 597 0.93 -63.07 39.40
N ARG B 598 1.88 -62.70 38.57
CA ARG B 598 2.01 -63.24 37.23
C ARG B 598 3.30 -64.01 37.08
N ALA B 599 3.21 -65.21 36.55
CA ALA B 599 4.36 -65.93 36.06
C ALA B 599 4.07 -66.55 34.70
N VAL B 600 4.93 -66.27 33.72
CA VAL B 600 4.69 -66.54 32.32
C VAL B 600 5.92 -67.20 31.73
N ASP B 601 5.74 -67.92 30.63
CA ASP B 601 6.87 -68.34 29.82
C ASP B 601 7.38 -67.16 29.01
N GLN B 602 8.70 -67.01 28.96
CA GLN B 602 9.34 -65.90 28.27
C GLN B 602 9.71 -66.28 26.84
N SER B 603 8.76 -66.89 26.16
CA SER B 603 8.85 -67.24 24.75
C SER B 603 7.77 -66.52 23.97
N VAL B 604 6.60 -66.40 24.59
CA VAL B 604 5.61 -65.45 24.10
C VAL B 604 6.18 -64.06 24.23
N LEU B 605 7.03 -63.85 25.22
CA LEU B 605 7.20 -62.55 25.77
C LEU B 605 8.54 -62.00 25.38
N LEU B 606 9.52 -62.89 25.26
CA LEU B 606 10.64 -62.57 24.42
C LEU B 606 10.18 -62.30 23.00
N MET B 607 9.15 -63.02 22.55
CA MET B 607 8.67 -62.84 21.18
C MET B 607 8.01 -61.48 21.07
N LYS B 608 7.29 -61.06 22.11
CA LYS B 608 6.80 -59.71 22.11
C LYS B 608 6.69 -59.19 23.54
N PRO B 609 7.12 -57.96 23.81
CA PRO B 609 7.10 -57.47 25.19
C PRO B 609 5.71 -57.38 25.77
N ASP B 610 5.69 -57.10 27.06
CA ASP B 610 4.46 -56.78 27.78
C ASP B 610 4.14 -55.33 27.44
N ALA B 611 3.16 -54.75 28.12
CA ALA B 611 2.72 -53.39 27.84
C ALA B 611 3.15 -52.52 29.00
N GLU B 612 4.24 -51.78 28.79
CA GLU B 612 4.60 -50.55 29.49
C GLU B 612 4.28 -50.56 30.98
N LEU B 613 4.88 -51.48 31.73
CA LEU B 613 4.61 -51.63 33.15
C LEU B 613 5.83 -51.27 33.97
N SER B 614 5.66 -50.31 34.87
CA SER B 614 6.64 -49.92 35.86
C SER B 614 5.96 -48.93 36.79
N ALA B 615 6.73 -48.41 37.73
CA ALA B 615 6.23 -47.29 38.52
C ALA B 615 6.06 -46.07 37.64
N SER B 616 6.99 -45.88 36.71
CA SER B 616 6.93 -44.76 35.79
C SER B 616 5.64 -44.74 35.02
N SER B 617 5.21 -45.91 34.57
CA SER B 617 3.94 -46.05 33.87
C SER B 617 2.83 -45.39 34.66
N VAL B 618 2.80 -45.68 35.95
CA VAL B 618 1.80 -45.09 36.78
C VAL B 618 2.01 -43.60 36.83
N TYR B 619 3.26 -43.21 36.89
CA TYR B 619 3.56 -41.80 37.03
C TYR B 619 3.15 -41.05 35.77
N ASN B 620 3.53 -41.54 34.60
CA ASN B 620 3.20 -40.79 33.40
C ASN B 620 1.79 -41.08 32.94
N LEU B 621 1.12 -42.04 33.56
CA LEU B 621 -0.32 -42.11 33.41
C LEU B 621 -1.05 -41.02 34.14
N LEU B 622 -0.34 -40.24 34.93
CA LEU B 622 -1.00 -39.39 35.87
C LEU B 622 -1.47 -38.10 35.22
N PRO B 623 -2.52 -37.50 35.75
CA PRO B 623 -2.90 -36.15 35.34
C PRO B 623 -2.14 -35.04 36.02
N GLU B 624 -1.51 -34.18 35.24
CA GLU B 624 -0.76 -33.04 35.77
C GLU B 624 0.37 -33.52 36.67
N LYS B 625 1.32 -34.19 36.03
CA LYS B 625 2.62 -34.47 36.62
C LYS B 625 3.10 -33.28 37.41
N ASP B 626 3.18 -32.17 36.69
CA ASP B 626 3.50 -30.90 37.27
C ASP B 626 2.27 -30.03 37.26
N LEU B 627 2.31 -29.05 38.11
CA LEU B 627 1.36 -27.97 38.11
C LEU B 627 2.22 -26.74 37.99
N THR B 628 2.23 -26.19 36.79
CA THR B 628 3.21 -25.20 36.42
C THR B 628 2.59 -24.34 35.35
N GLY B 629 2.48 -23.06 35.63
CA GLY B 629 1.54 -22.26 34.91
C GLY B 629 0.17 -22.56 35.44
N PHE B 630 -0.64 -21.54 35.58
CA PHE B 630 -2.03 -21.78 35.73
C PHE B 630 -2.57 -22.42 34.46
N PRO B 631 -3.76 -22.95 34.50
CA PRO B 631 -4.42 -23.33 33.26
C PRO B 631 -4.80 -22.14 32.40
N GLY B 632 -5.55 -22.41 31.35
CA GLY B 632 -5.95 -21.41 30.42
C GLY B 632 -7.08 -20.51 30.88
N PRO B 633 -8.25 -21.08 31.21
CA PRO B 633 -9.47 -20.27 31.29
C PRO B 633 -9.38 -19.12 32.27
N LEU B 634 -8.82 -19.42 33.42
CA LEU B 634 -8.37 -18.42 34.37
C LEU B 634 -7.20 -17.67 33.77
N ASN B 635 -7.28 -16.35 33.84
CA ASN B 635 -6.24 -15.53 33.22
C ASN B 635 -5.20 -15.08 34.25
N ASP B 636 -5.65 -14.36 35.26
CA ASP B 636 -4.74 -13.64 36.15
C ASP B 636 -5.55 -12.97 37.23
N GLN B 637 -4.86 -12.24 38.09
CA GLN B 637 -5.46 -11.21 38.91
C GLN B 637 -4.65 -9.94 38.72
N ASP B 638 -5.31 -8.89 38.23
CA ASP B 638 -4.67 -7.61 38.06
C ASP B 638 -4.70 -6.82 39.37
N ASN B 639 -3.90 -5.75 39.41
CA ASN B 639 -3.90 -4.80 40.51
C ASN B 639 -4.18 -3.40 39.97
N GLU B 640 -4.23 -2.41 40.87
CA GLU B 640 -4.58 -1.06 40.49
C GLU B 640 -3.41 -0.09 40.38
N ASP B 641 -2.35 -0.29 41.16
CA ASP B 641 -1.36 0.77 41.37
C ASP B 641 -0.66 1.13 40.07
N CYS B 642 -0.99 2.30 39.54
CA CYS B 642 -0.33 2.87 38.37
C CYS B 642 0.65 3.92 38.85
N ILE B 643 1.81 3.93 38.23
CA ILE B 643 2.93 4.74 38.67
C ILE B 643 3.30 5.70 37.56
N ASN B 644 2.41 5.85 36.57
CA ASN B 644 2.75 6.57 35.37
C ASN B 644 2.84 8.05 35.65
N ARG B 645 4.02 8.61 35.43
CA ARG B 645 4.17 10.06 35.51
C ARG B 645 3.68 10.68 34.22
N HIS B 646 3.15 11.90 34.34
CA HIS B 646 2.78 12.66 33.15
C HIS B 646 3.99 12.83 32.25
N ASN B 647 5.11 13.22 32.85
CA ASN B 647 6.41 13.10 32.25
C ASN B 647 7.31 12.37 33.23
N VAL B 648 8.28 11.64 32.69
CA VAL B 648 8.80 10.46 33.36
C VAL B 648 9.70 10.83 34.53
N TYR B 649 9.97 12.12 34.70
CA TYR B 649 10.48 12.62 35.96
C TYR B 649 11.87 12.08 36.26
N ILE B 650 12.67 11.87 35.20
CA ILE B 650 13.97 11.23 35.34
C ILE B 650 14.94 12.37 35.67
N ASN B 651 14.92 12.80 36.91
CA ASN B 651 15.78 13.88 37.31
C ASN B 651 17.23 13.42 37.31
N GLY B 652 18.10 14.40 37.30
CA GLY B 652 19.50 14.20 36.97
C GLY B 652 19.87 15.11 35.82
N ILE B 653 20.74 14.61 34.98
CA ILE B 653 21.20 15.42 33.85
C ILE B 653 20.04 15.69 32.91
N THR B 654 19.26 14.67 32.59
CA THR B 654 18.23 14.80 31.58
C THR B 654 17.15 13.77 31.84
N TYR B 655 16.06 13.88 31.09
CA TYR B 655 14.92 13.00 31.19
C TYR B 655 14.91 12.01 30.04
N THR B 656 14.16 10.93 30.23
CA THR B 656 14.18 9.80 29.32
C THR B 656 13.02 8.88 29.71
N PRO B 657 12.34 8.26 28.75
CA PRO B 657 10.93 7.91 28.95
C PRO B 657 10.66 6.73 29.87
N VAL B 658 9.40 6.30 29.95
CA VAL B 658 9.02 5.13 30.71
C VAL B 658 9.12 3.90 29.81
N SER B 659 9.30 2.75 30.44
CA SER B 659 9.09 1.47 29.76
C SER B 659 8.98 0.39 30.82
N SER B 660 8.16 -0.61 30.52
CA SER B 660 8.03 -1.76 31.39
C SER B 660 9.35 -2.51 31.45
N THR B 661 9.55 -3.24 32.54
CA THR B 661 10.71 -4.08 32.64
C THR B 661 10.46 -5.41 31.96
N ASN B 662 11.42 -6.30 32.14
CA ASN B 662 11.18 -7.72 31.98
C ASN B 662 12.13 -8.42 32.94
N GLU B 663 11.64 -8.64 34.15
CA GLU B 663 12.39 -9.37 35.16
C GLU B 663 11.44 -10.30 35.88
N LYS B 664 11.98 -10.99 36.88
CA LYS B 664 11.23 -12.00 37.59
C LYS B 664 10.56 -11.39 38.82
N ASP B 665 9.61 -12.13 39.38
CA ASP B 665 8.84 -11.70 40.54
C ASP B 665 8.48 -12.89 41.41
N MET B 666 8.38 -12.62 42.70
CA MET B 666 7.94 -13.62 43.65
C MET B 666 6.55 -14.10 43.31
N TYR B 667 5.67 -13.16 42.94
CA TYR B 667 4.41 -13.47 42.29
C TYR B 667 4.59 -14.56 41.26
N SER B 668 5.59 -14.40 40.43
CA SER B 668 5.81 -15.32 39.33
C SER B 668 6.60 -16.52 39.78
N PHE B 669 7.33 -16.41 40.87
CA PHE B 669 7.92 -17.61 41.44
C PHE B 669 6.82 -18.55 41.85
N LEU B 670 5.79 -18.02 42.47
CA LEU B 670 4.70 -18.84 42.94
C LEU B 670 3.73 -19.19 41.83
N GLU B 671 3.81 -18.47 40.71
CA GLU B 671 2.96 -18.81 39.58
C GLU B 671 3.56 -19.95 38.80
N ASP B 672 4.85 -19.85 38.52
CA ASP B 672 5.56 -20.97 37.93
C ASP B 672 5.55 -22.14 38.87
N MET B 673 5.54 -21.87 40.17
CA MET B 673 5.46 -22.92 41.16
C MET B 673 4.29 -23.81 40.88
N GLY B 674 3.16 -23.21 40.58
CA GLY B 674 1.93 -23.92 40.29
C GLY B 674 0.71 -23.30 40.93
N LEU B 675 0.92 -22.34 41.80
CA LEU B 675 -0.09 -22.01 42.78
C LEU B 675 -0.30 -20.52 42.89
N LYS B 676 -1.05 -20.14 43.91
CA LYS B 676 -1.47 -18.77 44.09
C LYS B 676 -1.60 -18.49 45.57
N ALA B 677 -1.59 -17.22 45.92
CA ALA B 677 -1.72 -16.80 47.29
C ALA B 677 -2.50 -15.50 47.37
N PHE B 678 -2.99 -15.23 48.57
CA PHE B 678 -3.69 -14.00 48.90
C PHE B 678 -2.86 -13.29 49.96
N THR B 679 -2.48 -12.06 49.69
CA THR B 679 -1.68 -11.30 50.65
C THR B 679 -1.57 -9.87 50.15
N ASN B 680 -1.69 -8.95 51.10
CA ASN B 680 -1.61 -7.52 50.85
C ASN B 680 -0.24 -7.04 50.44
N SER B 681 0.78 -7.82 50.74
CA SER B 681 2.13 -7.33 50.74
C SER B 681 2.58 -6.91 49.36
N LYS B 682 3.81 -6.42 49.32
CA LYS B 682 4.46 -6.02 48.08
C LYS B 682 5.15 -7.23 47.53
N ILE B 683 4.47 -7.89 46.60
CA ILE B 683 5.01 -8.99 45.84
C ILE B 683 5.17 -8.62 44.39
N ARG B 684 4.12 -8.08 43.82
CA ARG B 684 4.10 -7.81 42.40
C ARG B 684 4.94 -6.60 42.07
N LYS B 685 5.64 -6.71 40.97
CA LYS B 685 6.29 -5.52 40.50
C LYS B 685 5.24 -4.47 40.15
N PRO B 686 5.40 -3.25 40.59
CA PRO B 686 4.32 -2.28 40.38
C PRO B 686 4.25 -1.90 38.94
N LYS B 687 3.58 -2.76 38.20
CA LYS B 687 3.34 -2.54 36.80
C LYS B 687 2.36 -1.39 36.62
N MET B 688 2.88 -0.26 36.16
CA MET B 688 2.09 0.91 35.87
C MET B 688 0.94 0.61 34.92
N CYS B 689 -0.03 1.51 34.92
CA CYS B 689 -1.13 1.38 33.99
C CYS B 689 -0.64 1.65 32.57
N PRO B 690 -1.20 0.96 31.57
CA PRO B 690 -0.69 1.11 30.22
C PRO B 690 -1.01 2.48 29.67
N GLN B 691 -0.62 2.68 28.41
CA GLN B 691 -0.67 4.00 27.81
C GLN B 691 -2.11 4.38 27.50
N LEU B 692 -2.58 5.47 28.13
CA LEU B 692 -3.94 5.96 27.93
C LEU B 692 -4.13 6.65 26.58
N GLN B 693 -3.07 6.77 25.78
CA GLN B 693 -3.17 7.38 24.46
C GLN B 693 -3.62 6.34 23.43
N GLN B 694 -4.69 6.65 22.72
CA GLN B 694 -5.26 5.78 21.69
C GLN B 694 -5.88 6.68 20.62
N TYR B 695 -6.62 6.07 19.70
CA TYR B 695 -7.39 6.80 18.69
C TYR B 695 -8.85 6.38 18.76
N THR B 730 9.86 -89.20 31.78
CA THR B 730 9.98 -88.76 33.17
C THR B 730 9.10 -87.55 33.49
N VAL B 731 8.39 -87.03 32.49
CA VAL B 731 7.71 -85.74 32.58
C VAL B 731 6.41 -85.81 31.82
N ARG B 732 5.45 -84.98 32.22
CA ARG B 732 4.05 -85.08 31.78
C ARG B 732 3.45 -83.69 31.71
N LYS B 733 3.52 -83.08 30.52
CA LYS B 733 3.27 -81.65 30.34
C LYS B 733 1.96 -81.18 30.97
N TYR B 734 2.01 -79.97 31.52
CA TYR B 734 0.90 -79.17 31.99
C TYR B 734 0.91 -77.88 31.19
N PHE B 735 0.08 -76.91 31.55
CA PHE B 735 -0.21 -75.87 30.58
C PHE B 735 0.95 -74.91 30.41
N PRO B 736 1.51 -74.78 29.20
CA PRO B 736 2.51 -73.75 28.99
C PRO B 736 1.90 -72.39 28.74
N GLU B 737 2.79 -71.42 28.52
CA GLU B 737 2.48 -70.01 28.24
C GLU B 737 1.90 -69.28 29.43
N THR B 738 1.61 -69.96 30.52
CA THR B 738 1.05 -69.38 31.73
C THR B 738 1.61 -70.24 32.85
N TRP B 739 2.36 -69.62 33.77
CA TRP B 739 2.83 -70.38 34.93
C TRP B 739 2.00 -70.05 36.16
N ILE B 740 1.88 -68.78 36.51
CA ILE B 740 1.18 -68.41 37.73
C ILE B 740 0.40 -67.13 37.50
N TRP B 741 -0.82 -67.13 38.04
CA TRP B 741 -1.79 -66.07 37.77
C TRP B 741 -2.81 -66.15 38.88
N ASP B 742 -2.68 -65.31 39.89
CA ASP B 742 -3.39 -65.57 41.13
C ASP B 742 -3.23 -64.39 42.08
N LEU B 743 -3.76 -64.55 43.28
CA LEU B 743 -3.70 -63.58 44.35
C LEU B 743 -3.28 -64.24 45.66
N VAL B 744 -2.68 -63.46 46.54
CA VAL B 744 -2.41 -63.87 47.91
C VAL B 744 -2.44 -62.62 48.80
N VAL B 745 -2.19 -62.84 50.08
CA VAL B 745 -2.02 -61.75 51.03
C VAL B 745 -0.70 -61.93 51.77
N VAL B 746 0.15 -60.89 51.73
CA VAL B 746 1.29 -60.78 52.62
C VAL B 746 0.70 -60.56 54.01
N ASN B 747 0.97 -61.49 54.89
CA ASN B 747 0.58 -61.37 56.28
C ASN B 747 1.47 -60.31 56.93
N SER B 748 1.35 -60.16 58.23
CA SER B 748 2.21 -59.24 58.94
C SER B 748 3.60 -59.81 59.22
N ALA B 749 3.97 -60.90 58.55
CA ALA B 749 5.34 -61.37 58.54
C ALA B 749 5.77 -61.89 57.16
N GLY B 750 5.00 -61.62 56.12
CA GLY B 750 5.44 -61.90 54.76
C GLY B 750 4.87 -63.16 54.16
N VAL B 751 4.64 -63.16 52.86
CA VAL B 751 3.95 -64.25 52.20
C VAL B 751 4.95 -65.31 51.79
N ALA B 752 4.42 -66.47 51.42
CA ALA B 752 5.18 -67.46 50.68
C ALA B 752 4.16 -68.43 50.09
N GLU B 753 4.34 -68.75 48.82
CA GLU B 753 3.44 -69.66 48.14
C GLU B 753 4.22 -70.65 47.30
N VAL B 754 3.59 -71.78 47.01
CA VAL B 754 4.21 -72.88 46.29
C VAL B 754 3.40 -73.16 45.03
N GLY B 755 3.78 -72.52 43.93
CA GLY B 755 3.51 -73.07 42.62
C GLY B 755 4.37 -74.28 42.37
N VAL B 756 4.41 -74.74 41.13
CA VAL B 756 5.01 -76.03 40.82
C VAL B 756 5.75 -75.96 39.49
N THR B 757 6.88 -76.64 39.42
CA THR B 757 7.67 -76.73 38.19
C THR B 757 6.89 -77.53 37.16
N VAL B 758 6.28 -76.82 36.22
CA VAL B 758 5.63 -77.43 35.06
C VAL B 758 6.66 -78.24 34.26
N PRO B 759 6.25 -79.28 33.50
CA PRO B 759 7.23 -80.07 32.74
C PRO B 759 7.48 -79.59 31.31
N ASP B 760 8.64 -79.98 30.80
CA ASP B 760 8.94 -79.91 29.37
C ASP B 760 8.88 -78.47 28.88
N THR B 761 9.65 -77.62 29.55
CA THR B 761 9.61 -76.19 29.22
C THR B 761 10.76 -75.50 29.93
N ILE B 762 11.53 -74.72 29.17
CA ILE B 762 12.86 -74.29 29.57
C ILE B 762 13.08 -72.92 28.97
N THR B 763 13.29 -71.91 29.81
CA THR B 763 13.74 -70.60 29.36
C THR B 763 13.96 -69.69 30.56
N GLU B 764 14.02 -68.40 30.27
CA GLU B 764 13.61 -67.34 31.17
C GLU B 764 12.15 -67.53 31.55
N TRP B 765 11.82 -67.39 32.84
CA TRP B 765 10.46 -67.52 33.32
C TRP B 765 10.14 -66.32 34.18
N LYS B 766 9.68 -65.27 33.54
CA LYS B 766 9.43 -64.02 34.23
C LYS B 766 8.42 -64.25 35.34
N ALA B 767 8.55 -63.44 36.36
CA ALA B 767 7.61 -63.37 37.45
C ALA B 767 7.00 -62.00 37.40
N GLY B 768 5.83 -61.88 38.00
CA GLY B 768 5.17 -60.61 38.06
C GLY B 768 4.63 -60.40 39.45
N ALA B 769 4.69 -59.17 39.89
CA ALA B 769 4.40 -58.85 41.25
C ALA B 769 3.94 -57.40 41.34
N PHE B 770 2.83 -57.18 42.00
CA PHE B 770 2.20 -55.89 42.06
C PHE B 770 1.11 -56.02 43.10
N CYS B 771 1.07 -55.09 44.04
CA CYS B 771 0.23 -55.28 45.20
C CYS B 771 -0.33 -53.99 45.72
N LEU B 772 -1.14 -54.14 46.76
CA LEU B 772 -1.85 -53.03 47.33
C LEU B 772 -2.22 -53.24 48.78
N SER B 773 -2.58 -52.14 49.39
CA SER B 773 -3.29 -52.08 50.65
C SER B 773 -3.70 -50.63 50.78
N GLU B 774 -4.51 -50.33 51.81
CA GLU B 774 -4.98 -48.97 51.95
C GLU B 774 -3.82 -48.01 52.19
N ASP B 775 -2.98 -48.29 53.17
CA ASP B 775 -2.04 -47.29 53.69
C ASP B 775 -0.76 -47.23 52.89
N ALA B 776 -0.23 -48.36 52.46
CA ALA B 776 1.07 -48.40 51.83
C ALA B 776 1.03 -48.07 50.34
N GLY B 777 -0.11 -47.64 49.81
CA GLY B 777 -0.23 -47.40 48.39
C GLY B 777 -0.12 -48.67 47.57
N LEU B 778 0.72 -48.63 46.54
CA LEU B 778 1.01 -49.75 45.67
C LEU B 778 2.50 -49.96 45.54
N GLY B 779 2.88 -50.80 44.59
CA GLY B 779 4.27 -50.96 44.29
C GLY B 779 4.60 -52.11 43.39
N ILE B 780 5.89 -52.36 43.29
CA ILE B 780 6.47 -53.14 42.23
C ILE B 780 7.58 -53.96 42.82
N SER B 781 7.73 -55.16 42.32
CA SER B 781 8.94 -55.95 42.46
C SER B 781 9.49 -56.18 41.07
N SER B 782 10.70 -56.71 41.04
CA SER B 782 11.42 -56.89 39.80
C SER B 782 11.11 -58.21 39.12
N THR B 783 11.96 -58.59 38.18
CA THR B 783 11.72 -59.61 37.18
C THR B 783 12.23 -60.98 37.59
N ALA B 784 11.51 -61.70 38.43
CA ALA B 784 12.03 -62.96 38.91
C ALA B 784 12.00 -64.05 37.84
N SER B 785 13.16 -64.63 37.55
CA SER B 785 13.26 -65.81 36.72
C SER B 785 13.56 -67.03 37.55
N LEU B 786 12.91 -68.15 37.21
CA LEU B 786 12.82 -69.31 38.07
C LEU B 786 13.11 -70.54 37.25
N ARG B 787 14.22 -70.45 36.53
CA ARG B 787 14.58 -71.34 35.45
C ARG B 787 14.83 -72.77 35.92
N ALA B 788 14.29 -73.73 35.19
CA ALA B 788 14.73 -75.12 35.27
C ALA B 788 15.70 -75.40 34.13
N PHE B 789 16.14 -76.64 34.06
CA PHE B 789 17.09 -77.11 33.05
C PHE B 789 17.17 -78.61 33.19
N GLN B 790 17.86 -79.24 32.25
CA GLN B 790 18.24 -80.61 32.35
C GLN B 790 19.63 -80.73 31.73
N PRO B 791 20.54 -81.50 32.33
CA PRO B 791 21.86 -81.64 31.71
C PRO B 791 21.78 -82.34 30.37
N PHE B 792 20.73 -83.12 30.16
CA PHE B 792 20.56 -83.87 28.93
C PHE B 792 19.08 -84.14 28.77
N PHE B 793 18.53 -83.67 27.66
CA PHE B 793 17.11 -83.78 27.36
C PHE B 793 16.97 -83.65 25.85
N VAL B 794 15.73 -83.56 25.40
CA VAL B 794 15.43 -83.44 23.98
C VAL B 794 14.39 -82.36 23.76
N GLU B 795 14.40 -81.79 22.55
CA GLU B 795 13.45 -80.78 22.12
C GLU B 795 13.10 -81.04 20.66
N LEU B 796 11.96 -80.50 20.24
CA LEU B 796 11.53 -80.52 18.86
C LEU B 796 11.54 -79.12 18.27
N THR B 797 11.31 -79.07 16.96
CA THR B 797 11.00 -77.83 16.28
C THR B 797 9.94 -78.14 15.23
N MET B 798 8.76 -77.58 15.42
CA MET B 798 7.65 -77.82 14.50
C MET B 798 6.73 -76.62 14.55
N PRO B 799 6.03 -76.32 13.47
CA PRO B 799 5.15 -75.16 13.48
C PRO B 799 3.91 -75.38 14.32
N TYR B 800 3.12 -74.31 14.41
CA TYR B 800 1.81 -74.35 15.05
C TYR B 800 0.96 -75.49 14.53
N SER B 801 1.02 -75.78 13.24
CA SER B 801 0.00 -76.61 12.64
C SER B 801 0.45 -77.16 11.30
N VAL B 802 -0.43 -77.96 10.71
CA VAL B 802 -0.24 -78.58 9.41
C VAL B 802 -1.62 -78.72 8.75
N ILE B 803 -1.66 -79.27 7.53
CA ILE B 803 -2.92 -79.65 6.88
C ILE B 803 -3.01 -81.15 6.89
N ARG B 804 -4.23 -81.65 7.08
CA ARG B 804 -4.48 -83.09 7.17
C ARG B 804 -3.99 -83.87 5.98
N GLY B 805 -3.94 -83.24 4.81
CA GLY B 805 -3.61 -83.96 3.60
C GLY B 805 -2.14 -84.18 3.37
N GLU B 806 -1.40 -83.10 3.13
CA GLU B 806 -0.05 -83.24 2.62
C GLU B 806 0.89 -83.67 3.75
N ALA B 807 2.04 -84.19 3.35
CA ALA B 807 3.02 -84.76 4.27
C ALA B 807 4.04 -83.71 4.63
N PHE B 808 4.97 -84.09 5.50
CA PHE B 808 5.85 -83.13 6.12
C PHE B 808 6.83 -83.88 7.01
N THR B 809 7.89 -83.17 7.38
CA THR B 809 8.91 -83.75 8.24
C THR B 809 8.60 -83.44 9.69
N LEU B 810 9.51 -83.88 10.55
CA LEU B 810 9.42 -83.62 11.98
C LEU B 810 10.79 -83.86 12.58
N LYS B 811 11.44 -82.78 13.00
CA LYS B 811 12.79 -82.83 13.54
C LYS B 811 12.75 -82.73 15.05
N ALA B 812 13.42 -83.68 15.72
CA ALA B 812 13.52 -83.72 17.17
C ALA B 812 14.98 -83.55 17.52
N THR B 813 15.29 -82.45 18.18
CA THR B 813 16.66 -82.06 18.47
C THR B 813 17.00 -82.39 19.91
N VAL B 814 18.11 -83.09 20.08
CA VAL B 814 18.54 -83.55 21.38
C VAL B 814 19.90 -82.94 21.66
N LEU B 815 20.03 -82.40 22.86
CA LEU B 815 21.09 -81.47 23.19
C LEU B 815 21.70 -81.88 24.52
N ASN B 816 23.02 -82.10 24.50
CA ASN B 816 23.75 -82.59 25.66
C ASN B 816 24.67 -81.49 26.16
N TYR B 817 24.54 -81.15 27.44
CA TYR B 817 25.32 -80.11 28.07
C TYR B 817 26.21 -80.62 29.20
N LEU B 818 25.81 -81.70 29.87
CA LEU B 818 26.68 -82.33 30.83
C LEU B 818 27.93 -82.85 30.11
N PRO B 819 29.09 -82.87 30.78
CA PRO B 819 30.31 -83.28 30.06
C PRO B 819 30.31 -84.73 29.62
N LYS B 820 29.41 -85.55 30.15
CA LYS B 820 29.52 -86.99 30.01
C LYS B 820 28.96 -87.37 28.64
N CYS B 821 29.82 -87.30 27.63
CA CYS B 821 29.44 -87.60 26.27
C CYS B 821 29.00 -89.05 26.17
N ILE B 822 27.69 -89.26 26.03
CA ILE B 822 27.08 -90.56 26.18
C ILE B 822 26.10 -90.80 25.04
N ARG B 823 26.02 -92.05 24.61
CA ARG B 823 25.07 -92.44 23.59
C ARG B 823 23.69 -92.58 24.20
N VAL B 824 22.68 -92.47 23.35
CA VAL B 824 21.28 -92.47 23.75
C VAL B 824 20.49 -93.12 22.64
N SER B 825 19.41 -93.79 23.00
CA SER B 825 18.52 -94.43 22.04
C SER B 825 17.21 -93.66 21.97
N VAL B 826 17.08 -92.82 20.95
CA VAL B 826 15.89 -91.99 20.76
C VAL B 826 14.89 -92.76 19.93
N GLN B 827 13.62 -92.55 20.23
CA GLN B 827 12.52 -93.19 19.53
C GLN B 827 11.30 -92.29 19.64
N LEU B 828 10.18 -92.78 19.12
CA LEU B 828 8.89 -92.14 19.28
C LEU B 828 7.80 -93.18 19.17
N GLU B 829 6.72 -92.98 19.93
CA GLU B 829 5.55 -93.86 19.85
C GLU B 829 4.73 -93.44 18.64
N ALA B 830 4.19 -94.43 17.94
CA ALA B 830 3.36 -94.21 16.75
C ALA B 830 1.90 -94.49 17.05
N SER B 831 1.02 -93.69 16.49
CA SER B 831 -0.39 -93.64 16.84
C SER B 831 -1.23 -93.66 15.58
N PRO B 832 -2.57 -93.69 15.70
CA PRO B 832 -3.40 -93.74 14.49
C PRO B 832 -3.64 -92.39 13.85
N ALA B 833 -3.19 -91.30 14.45
CA ALA B 833 -3.64 -89.99 13.98
C ALA B 833 -2.80 -89.46 12.84
N PHE B 834 -1.93 -90.26 12.26
CA PHE B 834 -0.96 -89.77 11.30
C PHE B 834 -0.32 -90.99 10.65
N LEU B 835 0.75 -90.74 9.89
CA LEU B 835 1.60 -91.81 9.37
C LEU B 835 3.01 -91.25 9.26
N ALA B 836 3.83 -91.45 10.29
CA ALA B 836 5.19 -90.94 10.31
C ALA B 836 6.20 -92.03 10.00
N VAL B 837 7.38 -91.60 9.57
CA VAL B 837 8.49 -92.49 9.22
C VAL B 837 9.78 -91.74 9.53
N PRO B 838 10.83 -92.41 10.00
CA PRO B 838 12.12 -91.74 10.18
C PRO B 838 12.83 -91.56 8.86
N VAL B 839 14.08 -91.10 8.97
CA VAL B 839 14.92 -90.79 7.83
C VAL B 839 16.22 -91.57 7.87
N GLU B 840 16.84 -91.68 9.04
CA GLU B 840 18.10 -92.38 9.21
C GLU B 840 18.08 -93.20 10.48
N LYS B 841 16.95 -93.86 10.74
CA LYS B 841 16.86 -94.74 11.91
C LYS B 841 17.91 -95.83 11.87
N GLU B 842 18.24 -96.33 10.67
CA GLU B 842 19.19 -97.42 10.53
C GLU B 842 20.52 -97.09 11.17
N GLN B 843 20.96 -95.84 11.08
CA GLN B 843 22.23 -95.46 11.67
C GLN B 843 22.11 -95.49 13.18
N ALA B 844 23.17 -95.95 13.84
CA ALA B 844 23.27 -95.94 15.28
C ALA B 844 24.05 -94.71 15.70
N PRO B 845 23.45 -93.70 16.33
CA PRO B 845 24.25 -92.56 16.81
C PRO B 845 25.36 -93.01 17.76
N HIS B 846 26.47 -92.29 17.70
CA HIS B 846 27.62 -92.66 18.52
C HIS B 846 27.51 -92.06 19.92
N CYS B 847 27.27 -90.74 20.01
CA CYS B 847 27.08 -90.02 21.26
C CYS B 847 26.93 -88.54 20.95
N ILE B 848 26.63 -87.72 21.96
CA ILE B 848 26.78 -86.28 21.85
C ILE B 848 27.30 -85.76 23.18
N CYS B 849 28.24 -84.82 23.14
CA CYS B 849 28.98 -84.39 24.31
C CYS B 849 28.41 -83.08 24.87
N ALA B 850 29.09 -82.51 25.85
CA ALA B 850 28.70 -81.21 26.37
C ALA B 850 28.73 -80.17 25.27
N ASN B 851 27.59 -79.53 25.03
CA ASN B 851 27.36 -78.71 23.85
C ASN B 851 27.46 -79.55 22.58
N GLY B 852 27.24 -80.85 22.72
CA GLY B 852 27.04 -81.73 21.60
C GLY B 852 25.55 -81.92 21.47
N ARG B 853 25.05 -81.77 20.25
CA ARG B 853 23.62 -81.88 19.99
C ARG B 853 23.41 -82.43 18.59
N GLN B 854 22.72 -83.56 18.49
CA GLN B 854 22.29 -84.11 17.22
C GLN B 854 20.78 -83.93 17.12
N THR B 855 20.23 -84.37 15.99
CA THR B 855 18.83 -84.16 15.69
C THR B 855 18.34 -85.33 14.85
N VAL B 856 17.09 -85.71 15.07
CA VAL B 856 16.46 -86.82 14.38
C VAL B 856 15.22 -86.31 13.70
N SER B 857 15.09 -86.61 12.41
CA SER B 857 13.92 -86.21 11.63
C SER B 857 12.91 -87.34 11.56
N TRP B 858 11.71 -86.97 11.12
CA TRP B 858 10.65 -87.94 10.90
C TRP B 858 9.72 -87.40 9.84
N ALA B 859 9.56 -88.18 8.77
CA ALA B 859 8.73 -87.82 7.63
C ALA B 859 7.33 -88.33 7.93
N VAL B 860 6.31 -87.50 7.68
CA VAL B 860 4.96 -87.79 8.13
C VAL B 860 3.93 -87.03 7.34
N THR B 861 2.70 -87.55 7.34
CA THR B 861 1.51 -86.80 7.04
C THR B 861 0.56 -87.07 8.20
N PRO B 862 -0.50 -86.28 8.39
CA PRO B 862 -1.47 -86.58 9.43
C PRO B 862 -2.64 -87.41 8.93
N LYS B 863 -3.43 -87.89 9.87
CA LYS B 863 -4.73 -88.47 9.59
C LYS B 863 -5.87 -87.79 10.33
N SER B 864 -5.76 -87.62 11.64
CA SER B 864 -6.88 -87.09 12.42
C SER B 864 -6.95 -85.58 12.23
N LEU B 865 -7.93 -84.94 12.88
CA LEU B 865 -8.13 -83.50 12.76
C LEU B 865 -8.07 -82.81 14.12
N GLY B 866 -7.57 -81.58 14.10
CA GLY B 866 -7.64 -80.69 15.25
C GLY B 866 -6.36 -80.56 16.05
N ASN B 867 -6.53 -80.54 17.39
CA ASN B 867 -5.45 -80.51 18.43
C ASN B 867 -4.86 -81.92 18.45
N VAL B 868 -3.55 -82.06 18.15
CA VAL B 868 -2.97 -83.33 17.77
C VAL B 868 -1.64 -83.54 18.46
N ASN B 869 -1.66 -84.44 19.45
CA ASN B 869 -0.48 -84.77 20.30
C ASN B 869 0.60 -85.51 19.50
N PHE B 870 1.83 -85.43 20.01
CA PHE B 870 3.03 -86.08 19.50
C PHE B 870 3.87 -86.41 20.71
N THR B 871 4.57 -87.55 20.64
CA THR B 871 5.32 -88.06 21.78
C THR B 871 6.67 -88.59 21.31
N VAL B 872 7.70 -88.35 22.12
CA VAL B 872 9.07 -88.76 21.84
C VAL B 872 9.62 -89.43 23.07
N SER B 873 10.81 -90.03 22.93
CA SER B 873 11.49 -90.68 24.03
C SER B 873 12.94 -90.93 23.65
N ALA B 874 13.85 -90.73 24.60
CA ALA B 874 15.23 -91.13 24.46
C ALA B 874 15.82 -91.37 25.83
N GLU B 875 16.73 -92.34 25.93
CA GLU B 875 17.28 -92.78 27.20
C GLU B 875 18.73 -93.14 27.01
N ALA B 876 19.57 -92.69 27.92
CA ALA B 876 21.00 -92.80 27.74
C ALA B 876 21.44 -94.25 27.67
N LEU B 877 22.28 -94.54 26.67
CA LEU B 877 22.77 -95.88 26.42
C LEU B 877 24.13 -96.05 27.07
N GLU B 878 24.47 -97.30 27.39
CA GLU B 878 25.67 -97.62 28.16
C GLU B 878 26.44 -98.77 27.51
N SER B 879 27.69 -98.92 27.96
CA SER B 879 28.51 -100.08 27.63
C SER B 879 28.72 -100.22 26.13
N GLN B 880 28.75 -99.08 25.44
CA GLN B 880 29.03 -98.97 24.01
C GLN B 880 30.23 -98.07 23.83
N GLU B 881 31.30 -98.36 24.56
CA GLU B 881 32.46 -97.48 24.60
C GLU B 881 33.20 -97.53 23.27
N LEU B 882 32.59 -96.95 22.24
CA LEU B 882 33.15 -96.89 20.89
C LEU B 882 33.41 -95.47 20.42
N CYS B 883 32.60 -94.51 20.87
CA CYS B 883 32.74 -93.13 20.40
C CYS B 883 33.78 -92.38 21.25
N GLY B 884 33.54 -92.31 22.56
CA GLY B 884 34.43 -91.68 23.51
C GLY B 884 35.25 -92.68 24.28
N THR B 885 35.65 -92.30 25.49
CA THR B 885 36.42 -93.17 26.36
C THR B 885 35.54 -94.07 27.21
N GLU B 886 34.40 -93.56 27.67
CA GLU B 886 33.49 -94.32 28.53
C GLU B 886 32.06 -93.87 28.25
N VAL B 887 31.10 -94.66 28.71
CA VAL B 887 29.68 -94.35 28.52
C VAL B 887 28.91 -95.05 29.64
N PRO B 888 28.98 -94.57 30.89
CA PRO B 888 28.27 -95.25 31.99
C PRO B 888 26.76 -95.14 31.90
N SER B 889 26.24 -93.92 31.69
CA SER B 889 24.81 -93.69 31.57
C SER B 889 24.07 -94.15 32.83
N VAL B 890 24.28 -93.42 33.91
CA VAL B 890 23.56 -93.68 35.16
C VAL B 890 22.80 -92.43 35.62
N PRO B 891 21.79 -91.96 34.89
CA PRO B 891 20.91 -90.94 35.47
C PRO B 891 19.90 -91.50 36.46
N GLU B 892 19.18 -90.59 37.11
CA GLU B 892 18.22 -90.91 38.16
C GLU B 892 16.97 -91.54 37.55
N HIS B 893 15.95 -91.82 38.38
CA HIS B 893 14.71 -92.44 37.94
C HIS B 893 14.14 -91.80 36.67
N GLY B 894 14.35 -90.50 36.49
CA GLY B 894 14.02 -89.85 35.24
C GLY B 894 15.14 -89.98 34.23
N ARG B 895 15.62 -91.21 34.02
CA ARG B 895 16.67 -91.47 33.04
C ARG B 895 16.30 -91.02 31.64
N LYS B 896 15.01 -90.91 31.35
CA LYS B 896 14.51 -90.62 30.02
C LYS B 896 13.57 -89.43 30.10
N ASP B 897 13.81 -88.43 29.27
CA ASP B 897 12.91 -87.31 29.14
C ASP B 897 11.95 -87.60 28.00
N THR B 898 10.85 -88.27 28.31
CA THR B 898 9.71 -88.33 27.41
C THR B 898 9.27 -86.90 27.22
N VAL B 899 8.82 -86.56 26.02
CA VAL B 899 8.32 -85.22 25.76
C VAL B 899 7.10 -85.34 24.86
N ILE B 900 5.92 -85.23 25.50
CA ILE B 900 4.60 -85.28 24.80
C ILE B 900 4.24 -83.85 24.36
N LYS B 901 4.25 -83.62 23.05
CA LYS B 901 3.97 -82.34 22.46
C LYS B 901 2.83 -82.46 21.45
N PRO B 902 1.77 -81.65 21.56
CA PRO B 902 0.82 -81.56 20.44
C PRO B 902 1.12 -80.44 19.48
N LEU B 903 0.34 -80.45 18.41
CA LEU B 903 0.26 -79.35 17.48
C LEU B 903 -1.15 -79.37 16.95
N LEU B 904 -1.38 -78.70 15.83
CA LEU B 904 -2.73 -78.52 15.31
C LEU B 904 -2.77 -78.99 13.86
N VAL B 905 -3.98 -79.23 13.36
CA VAL B 905 -4.14 -79.55 11.95
C VAL B 905 -5.53 -79.14 11.49
N GLU B 906 -5.59 -78.50 10.31
CA GLU B 906 -6.83 -78.22 9.60
C GLU B 906 -7.04 -79.28 8.54
N PRO B 907 -8.28 -79.51 8.13
CA PRO B 907 -8.53 -80.59 7.19
C PRO B 907 -7.99 -80.24 5.81
N GLU B 908 -8.17 -81.18 4.90
CA GLU B 908 -7.42 -81.17 3.66
C GLU B 908 -7.94 -80.09 2.71
N GLY B 909 -7.00 -79.42 2.06
CA GLY B 909 -7.30 -78.68 0.86
C GLY B 909 -7.70 -77.24 1.11
N LEU B 910 -7.99 -76.55 0.01
CA LEU B 910 -8.35 -75.15 0.06
C LEU B 910 -9.67 -74.98 0.76
N GLU B 911 -9.63 -74.47 1.98
CA GLU B 911 -10.82 -74.01 2.67
C GLU B 911 -11.45 -72.87 1.88
N LYS B 912 -12.73 -72.64 2.13
CA LYS B 912 -13.41 -71.47 1.60
C LYS B 912 -14.58 -71.17 2.51
N GLU B 913 -15.32 -70.12 2.18
CA GLU B 913 -16.34 -69.53 3.04
C GLU B 913 -17.69 -69.56 2.35
N THR B 914 -18.72 -69.17 3.12
CA THR B 914 -20.06 -69.02 2.58
C THR B 914 -20.74 -67.88 3.32
N THR B 915 -20.80 -66.70 2.71
CA THR B 915 -21.35 -65.52 3.38
C THR B 915 -22.87 -65.58 3.44
N PHE B 916 -23.40 -65.18 4.59
CA PHE B 916 -24.84 -65.12 4.79
C PHE B 916 -25.19 -63.95 5.70
N ASN B 917 -26.48 -63.80 5.95
CA ASN B 917 -27.02 -62.68 6.69
C ASN B 917 -28.52 -62.86 6.84
N SER B 918 -29.11 -62.02 7.69
CA SER B 918 -30.55 -61.88 7.77
C SER B 918 -30.87 -60.84 8.83
N LEU B 919 -32.07 -60.31 8.73
CA LEU B 919 -32.51 -59.18 9.53
C LEU B 919 -34.02 -59.26 9.68
N LEU B 920 -34.50 -58.98 10.89
CA LEU B 920 -35.91 -58.80 11.16
C LEU B 920 -36.07 -57.68 12.16
N CYS B 921 -37.30 -57.18 12.31
CA CYS B 921 -37.59 -56.12 13.26
C CYS B 921 -39.08 -56.03 13.53
N PRO B 922 -39.64 -56.97 14.29
CA PRO B 922 -41.04 -56.84 14.70
C PRO B 922 -41.19 -55.69 15.67
N SER B 923 -42.05 -54.74 15.32
CA SER B 923 -42.40 -53.63 16.21
C SER B 923 -43.84 -53.82 16.72
N GLY B 924 -43.93 -54.56 17.81
CA GLY B 924 -45.21 -54.87 18.42
C GLY B 924 -45.83 -56.13 17.88
N GLY B 925 -45.11 -56.87 17.04
CA GLY B 925 -45.67 -58.02 16.34
C GLY B 925 -44.77 -59.21 16.42
N GLU B 926 -44.35 -59.69 15.27
CA GLU B 926 -43.57 -60.92 15.17
C GLU B 926 -43.01 -61.05 13.78
N VAL B 927 -41.92 -61.79 13.68
CA VAL B 927 -41.34 -62.19 12.41
C VAL B 927 -40.71 -63.55 12.67
N SER B 928 -40.35 -64.23 11.59
CA SER B 928 -39.52 -65.42 11.67
C SER B 928 -38.72 -65.52 10.39
N GLU B 929 -37.87 -66.52 10.33
CA GLU B 929 -37.17 -66.81 9.09
C GLU B 929 -36.60 -68.20 9.18
N GLU B 930 -36.14 -68.68 8.03
CA GLU B 930 -35.43 -69.94 7.93
C GLU B 930 -34.33 -69.74 6.91
N LEU B 931 -33.19 -70.34 7.16
CA LEU B 931 -32.07 -70.26 6.25
C LEU B 931 -31.36 -71.59 6.25
N SER B 932 -31.35 -72.20 5.08
CA SER B 932 -31.08 -73.62 4.93
C SER B 932 -29.82 -73.75 4.11
N LEU B 933 -28.89 -74.55 4.60
CA LEU B 933 -27.47 -74.36 4.34
C LEU B 933 -26.85 -75.73 4.27
N LYS B 934 -26.76 -76.25 3.06
CA LYS B 934 -26.40 -77.63 2.82
C LYS B 934 -25.63 -77.64 1.52
N LEU B 935 -24.39 -78.10 1.58
CA LEU B 935 -23.52 -78.12 0.43
C LEU B 935 -22.66 -79.38 0.49
N PRO B 936 -23.02 -80.41 -0.27
CA PRO B 936 -22.12 -81.54 -0.51
C PRO B 936 -21.34 -81.47 -1.81
N PRO B 937 -21.35 -80.38 -2.61
CA PRO B 937 -20.71 -80.53 -3.92
C PRO B 937 -19.19 -80.56 -3.80
N ASN B 938 -18.63 -81.77 -3.91
CA ASN B 938 -17.18 -81.97 -3.95
C ASN B 938 -16.52 -81.35 -2.71
N VAL B 939 -16.91 -81.88 -1.56
CA VAL B 939 -16.48 -81.41 -0.26
C VAL B 939 -16.20 -82.62 0.61
N VAL B 940 -15.33 -82.42 1.58
CA VAL B 940 -14.90 -83.47 2.49
C VAL B 940 -15.77 -83.44 3.73
N GLU B 941 -15.82 -84.58 4.42
CA GLU B 941 -16.71 -84.76 5.54
C GLU B 941 -16.41 -83.79 6.66
N GLU B 942 -17.47 -83.27 7.27
CA GLU B 942 -17.47 -82.45 8.46
C GLU B 942 -16.60 -81.20 8.33
N SER B 943 -16.28 -80.77 7.12
CA SER B 943 -15.54 -79.53 6.96
C SER B 943 -16.37 -78.31 7.28
N ALA B 944 -17.65 -78.47 7.61
CA ALA B 944 -18.52 -77.37 7.89
C ALA B 944 -18.75 -77.21 9.38
N ARG B 945 -18.53 -75.99 9.85
CA ARG B 945 -18.89 -75.57 11.19
C ARG B 945 -19.42 -74.16 11.03
N ALA B 946 -20.73 -74.01 11.07
CA ALA B 946 -21.36 -72.79 10.61
C ALA B 946 -21.65 -71.85 11.75
N SER B 947 -22.03 -70.64 11.39
CA SER B 947 -21.81 -69.50 12.27
C SER B 947 -22.85 -68.42 12.04
N VAL B 948 -23.63 -68.13 13.07
CA VAL B 948 -24.55 -66.99 13.12
C VAL B 948 -24.12 -66.05 14.23
N SER B 949 -24.49 -64.78 14.07
CA SER B 949 -24.28 -63.79 15.12
C SER B 949 -25.47 -62.83 15.15
N VAL B 950 -26.08 -62.71 16.32
CA VAL B 950 -27.19 -61.81 16.60
C VAL B 950 -26.65 -60.46 17.00
N LEU B 951 -27.19 -59.36 16.47
CA LEU B 951 -26.52 -58.08 16.80
C LEU B 951 -27.33 -56.84 16.42
N GLY B 952 -26.85 -55.67 16.83
CA GLY B 952 -27.49 -54.40 16.46
C GLY B 952 -26.41 -53.37 16.16
N ASP B 953 -26.05 -53.30 14.88
CA ASP B 953 -24.73 -52.82 14.40
C ASP B 953 -24.81 -51.30 14.23
N ILE B 954 -25.18 -50.60 15.30
CA ILE B 954 -25.37 -49.13 15.19
C ILE B 954 -24.11 -48.41 15.70
N LEU B 955 -23.20 -49.13 16.38
CA LEU B 955 -22.25 -48.38 17.21
C LEU B 955 -20.80 -48.82 17.05
N GLY B 956 -20.49 -49.63 16.05
CA GLY B 956 -19.11 -50.03 15.86
C GLY B 956 -18.19 -48.89 15.48
N SER B 957 -18.77 -47.75 15.07
CA SER B 957 -18.02 -46.56 14.68
C SER B 957 -18.56 -45.29 15.29
N ALA B 958 -19.68 -45.35 15.99
CA ALA B 958 -20.42 -44.13 16.30
C ALA B 958 -19.83 -43.38 17.49
N MET B 959 -18.61 -43.72 17.91
CA MET B 959 -17.93 -42.96 18.95
C MET B 959 -17.09 -41.83 18.37
N GLN B 960 -16.08 -42.19 17.60
CA GLN B 960 -14.97 -41.27 17.35
C GLN B 960 -15.34 -40.20 16.37
N ASN B 961 -15.84 -40.61 15.19
CA ASN B 961 -16.20 -39.66 14.13
C ASN B 961 -17.21 -38.64 14.62
N THR B 962 -17.96 -38.99 15.65
CA THR B 962 -19.10 -38.19 16.02
C THR B 962 -18.67 -36.96 16.79
N GLN B 963 -18.10 -37.17 17.96
CA GLN B 963 -17.80 -36.04 18.83
C GLN B 963 -16.53 -35.35 18.38
N ASN B 964 -15.62 -36.09 17.77
CA ASN B 964 -14.40 -35.51 17.22
C ASN B 964 -14.72 -34.38 16.25
N LEU B 965 -15.84 -34.50 15.55
CA LEU B 965 -16.05 -33.75 14.34
C LEU B 965 -17.00 -32.60 14.58
N LEU B 966 -16.50 -31.59 15.26
CA LEU B 966 -17.33 -30.50 15.74
C LEU B 966 -16.45 -29.29 15.90
N GLN B 967 -16.53 -28.36 14.97
CA GLN B 967 -15.40 -27.50 14.69
C GLN B 967 -15.84 -26.08 14.43
N MET B 968 -14.91 -25.24 14.51
CA MET B 968 -15.14 -23.83 14.31
C MET B 968 -15.55 -23.59 12.87
N PRO B 969 -16.46 -22.67 12.62
CA PRO B 969 -16.64 -22.16 11.27
C PRO B 969 -15.78 -20.94 11.04
N TYR B 970 -15.16 -20.92 9.88
CA TYR B 970 -14.36 -19.79 9.46
C TYR B 970 -14.19 -19.86 7.95
N GLY B 971 -13.28 -19.07 7.43
CA GLY B 971 -12.92 -19.20 6.04
C GLY B 971 -13.87 -18.46 5.11
N CYS B 972 -13.84 -18.90 3.86
CA CYS B 972 -14.64 -18.30 2.82
C CYS B 972 -16.06 -18.82 2.89
N GLY B 973 -16.89 -18.48 1.89
CA GLY B 973 -18.22 -19.02 1.83
C GLY B 973 -18.21 -20.52 1.69
N GLU B 974 -17.31 -21.04 0.86
CA GLU B 974 -17.27 -22.47 0.62
C GLU B 974 -16.88 -23.20 1.89
N GLN B 975 -15.66 -22.94 2.36
CA GLN B 975 -15.09 -23.65 3.50
C GLN B 975 -16.00 -23.57 4.71
N ASN B 976 -16.72 -22.46 4.84
CA ASN B 976 -17.62 -22.30 5.98
C ASN B 976 -18.65 -23.40 5.98
N MET B 977 -19.18 -23.70 4.81
CA MET B 977 -20.13 -24.79 4.72
C MET B 977 -19.44 -26.11 4.99
N VAL B 978 -18.19 -26.23 4.55
CA VAL B 978 -17.47 -27.47 4.66
C VAL B 978 -17.36 -27.88 6.11
N LEU B 979 -17.28 -26.88 6.97
CA LEU B 979 -17.19 -27.09 8.40
C LEU B 979 -18.50 -26.77 9.07
N PHE B 980 -19.39 -26.04 8.42
CA PHE B 980 -20.72 -25.88 8.96
C PHE B 980 -21.47 -27.18 8.82
N ALA B 981 -21.67 -27.54 7.58
CA ALA B 981 -22.53 -28.64 7.18
C ALA B 981 -22.33 -29.94 7.93
N PRO B 982 -21.11 -30.37 8.23
CA PRO B 982 -20.97 -31.64 8.95
C PRO B 982 -21.59 -31.62 10.31
N ASN B 983 -21.77 -30.42 10.86
CA ASN B 983 -22.13 -30.31 12.30
C ASN B 983 -23.56 -30.81 12.56
N ILE B 984 -24.34 -31.08 11.50
CA ILE B 984 -25.77 -31.02 11.67
C ILE B 984 -26.39 -32.39 11.53
N TYR B 985 -25.74 -33.24 10.72
CA TYR B 985 -26.25 -34.58 10.51
C TYR B 985 -25.83 -35.47 11.65
N VAL B 986 -24.53 -35.45 11.92
CA VAL B 986 -23.94 -35.99 13.13
C VAL B 986 -24.75 -35.61 14.35
N LEU B 987 -25.22 -34.36 14.39
CA LEU B 987 -26.03 -33.93 15.50
C LEU B 987 -27.22 -34.85 15.65
N ASP B 988 -27.79 -35.25 14.53
CA ASP B 988 -28.85 -36.23 14.58
C ASP B 988 -28.29 -37.58 14.98
N TYR B 989 -27.10 -37.91 14.49
CA TYR B 989 -26.47 -39.18 14.82
C TYR B 989 -26.32 -39.28 16.31
N LEU B 990 -25.79 -38.24 16.91
CA LEU B 990 -25.71 -38.17 18.35
C LEU B 990 -27.10 -38.23 18.95
N ASN B 991 -28.02 -37.52 18.35
CA ASN B 991 -29.30 -37.47 19.10
C ASN B 991 -30.30 -38.55 18.66
N GLU B 992 -30.01 -39.26 17.56
CA GLU B 992 -30.90 -40.34 17.16
C GLU B 992 -30.39 -41.67 17.70
N THR B 993 -29.08 -41.91 17.56
CA THR B 993 -28.50 -43.04 18.24
C THR B 993 -28.32 -42.79 19.73
N GLN B 994 -28.47 -41.55 20.17
CA GLN B 994 -28.57 -41.13 21.55
C GLN B 994 -27.24 -41.10 22.29
N GLN B 995 -26.11 -41.11 21.60
CA GLN B 995 -24.82 -40.89 22.23
C GLN B 995 -24.53 -39.40 22.17
N LEU B 996 -25.15 -38.68 23.10
CA LEU B 996 -25.18 -37.23 23.07
C LEU B 996 -24.68 -36.68 24.40
N THR B 997 -24.88 -35.37 24.55
CA THR B 997 -25.01 -34.70 25.84
C THR B 997 -25.37 -33.25 25.55
N PRO B 998 -26.07 -32.58 26.47
CA PRO B 998 -26.44 -31.18 26.20
C PRO B 998 -25.27 -30.25 25.97
N GLU B 999 -24.08 -30.60 26.42
CA GLU B 999 -22.97 -29.66 26.38
C GLU B 999 -22.32 -29.69 25.00
N ILE B 1000 -21.88 -30.87 24.58
CA ILE B 1000 -21.31 -31.00 23.25
C ILE B 1000 -22.36 -30.61 22.23
N LYS B 1001 -23.61 -30.86 22.55
CA LYS B 1001 -24.70 -30.24 21.83
C LYS B 1001 -24.54 -28.74 21.85
N SER B 1002 -24.41 -28.17 23.05
CA SER B 1002 -24.25 -26.73 23.15
C SER B 1002 -22.96 -26.28 22.52
N LYS B 1003 -21.93 -27.13 22.57
CA LYS B 1003 -20.64 -26.77 22.03
C LYS B 1003 -20.75 -26.43 20.56
N ALA B 1004 -21.39 -27.31 19.82
CA ALA B 1004 -21.42 -27.16 18.39
C ALA B 1004 -22.61 -26.32 17.95
N ILE B 1005 -23.58 -26.14 18.84
CA ILE B 1005 -24.68 -25.23 18.55
C ILE B 1005 -24.15 -23.84 18.27
N GLY B 1006 -23.10 -23.46 18.98
CA GLY B 1006 -22.56 -22.15 18.78
C GLY B 1006 -21.97 -22.00 17.39
N TYR B 1007 -21.27 -23.03 16.94
CA TYR B 1007 -20.80 -23.06 15.56
C TYR B 1007 -21.95 -22.84 14.60
N LEU B 1008 -23.08 -23.51 14.85
CA LEU B 1008 -24.17 -23.51 13.90
C LEU B 1008 -24.67 -22.11 13.65
N ASN B 1009 -24.89 -21.39 14.73
CA ASN B 1009 -25.35 -20.04 14.58
C ASN B 1009 -24.26 -19.22 13.92
N THR B 1010 -23.01 -19.53 14.25
CA THR B 1010 -21.91 -18.79 13.66
C THR B 1010 -21.80 -19.09 12.17
N GLY B 1011 -21.56 -20.35 11.84
CA GLY B 1011 -21.31 -20.70 10.45
C GLY B 1011 -22.50 -20.43 9.58
N TYR B 1012 -23.70 -20.50 10.16
CA TYR B 1012 -24.86 -19.98 9.48
C TYR B 1012 -24.65 -18.53 9.13
N GLN B 1013 -24.11 -17.78 10.07
CA GLN B 1013 -24.09 -16.34 9.93
C GLN B 1013 -22.90 -15.87 9.14
N ARG B 1014 -21.73 -16.49 9.35
CA ARG B 1014 -20.57 -16.12 8.56
C ARG B 1014 -20.85 -16.35 7.09
N GLN B 1015 -21.70 -17.32 6.78
CA GLN B 1015 -22.11 -17.59 5.41
C GLN B 1015 -22.75 -16.36 4.80
N LEU B 1016 -23.54 -15.67 5.60
CA LEU B 1016 -24.34 -14.57 5.12
C LEU B 1016 -23.49 -13.46 4.53
N ASN B 1017 -22.24 -13.38 4.94
CA ASN B 1017 -21.35 -12.40 4.36
C ASN B 1017 -20.91 -12.78 2.96
N TYR B 1018 -21.22 -13.98 2.48
CA TYR B 1018 -20.77 -14.44 1.19
C TYR B 1018 -21.85 -14.50 0.12
N LYS B 1019 -23.11 -14.22 0.45
CA LYS B 1019 -24.19 -14.42 -0.50
C LYS B 1019 -24.47 -13.13 -1.29
N HIS B 1020 -25.55 -13.16 -2.04
CA HIS B 1020 -26.02 -12.07 -2.87
C HIS B 1020 -27.29 -11.48 -2.29
N TYR B 1021 -27.71 -10.36 -2.88
CA TYR B 1021 -28.96 -9.73 -2.46
C TYR B 1021 -30.16 -10.35 -3.14
N ASP B 1022 -29.95 -10.98 -4.28
CA ASP B 1022 -31.02 -11.75 -4.89
C ASP B 1022 -31.38 -12.96 -4.05
N GLY B 1023 -30.46 -13.41 -3.20
CA GLY B 1023 -30.63 -14.55 -2.35
C GLY B 1023 -29.66 -15.65 -2.66
N SER B 1024 -29.15 -15.70 -3.87
CA SER B 1024 -28.20 -16.73 -4.22
C SER B 1024 -26.88 -16.51 -3.50
N TYR B 1025 -26.09 -17.57 -3.46
CA TYR B 1025 -24.90 -17.65 -2.62
C TYR B 1025 -23.68 -17.81 -3.50
N SER B 1026 -22.52 -17.44 -2.97
CA SER B 1026 -21.25 -17.50 -3.69
C SER B 1026 -20.15 -17.90 -2.75
N THR B 1027 -18.98 -18.17 -3.34
CA THR B 1027 -17.79 -18.36 -2.55
C THR B 1027 -17.48 -17.10 -1.75
N PHE B 1028 -17.20 -16.01 -2.45
CA PHE B 1028 -16.91 -14.73 -1.83
C PHE B 1028 -18.09 -13.77 -1.92
N GLY B 1029 -18.55 -13.49 -3.12
CA GLY B 1029 -19.74 -12.70 -3.31
C GLY B 1029 -19.64 -11.25 -2.89
N GLU B 1030 -20.25 -10.94 -1.74
CA GLU B 1030 -20.43 -9.56 -1.31
C GLU B 1030 -19.10 -8.85 -1.20
N ARG B 1031 -19.13 -7.54 -1.42
CA ARG B 1031 -18.00 -6.64 -1.55
C ARG B 1031 -17.40 -6.77 -2.94
N TYR B 1032 -17.99 -7.60 -3.81
CA TYR B 1032 -17.68 -7.64 -5.23
C TYR B 1032 -19.03 -7.56 -5.92
N GLY B 1033 -19.54 -6.33 -6.07
CA GLY B 1033 -20.93 -6.14 -6.44
C GLY B 1033 -21.26 -6.71 -7.80
N ARG B 1034 -20.40 -6.43 -8.77
CA ARG B 1034 -20.57 -6.96 -10.12
C ARG B 1034 -20.01 -8.37 -10.16
N ASN B 1035 -20.86 -9.33 -9.78
CA ASN B 1035 -20.62 -10.77 -9.91
C ASN B 1035 -21.94 -11.47 -9.66
N GLN B 1036 -21.98 -12.73 -10.09
CA GLN B 1036 -23.14 -13.59 -9.91
C GLN B 1036 -22.69 -14.83 -9.17
N GLY B 1037 -23.65 -15.53 -8.60
CA GLY B 1037 -23.35 -16.61 -7.69
C GLY B 1037 -23.29 -17.97 -8.37
N ASN B 1038 -23.19 -18.98 -7.53
CA ASN B 1038 -23.12 -20.38 -7.93
C ASN B 1038 -24.42 -21.09 -7.61
N THR B 1039 -24.59 -22.24 -8.25
CA THR B 1039 -25.72 -23.11 -8.00
C THR B 1039 -25.42 -24.11 -6.90
N TRP B 1040 -24.47 -25.00 -7.18
CA TRP B 1040 -24.35 -26.25 -6.46
C TRP B 1040 -24.28 -26.04 -4.97
N LEU B 1041 -23.51 -25.04 -4.59
CA LEU B 1041 -23.50 -24.60 -3.22
C LEU B 1041 -24.90 -24.23 -2.77
N THR B 1042 -25.61 -23.46 -3.59
CA THR B 1042 -26.87 -22.90 -3.15
C THR B 1042 -27.88 -23.99 -2.90
N ALA B 1043 -27.69 -25.13 -3.53
CA ALA B 1043 -28.48 -26.30 -3.17
C ALA B 1043 -27.86 -26.97 -1.97
N PHE B 1044 -26.54 -27.07 -1.95
CA PHE B 1044 -25.85 -27.77 -0.89
C PHE B 1044 -26.23 -27.20 0.45
N VAL B 1045 -26.04 -25.89 0.59
CA VAL B 1045 -26.49 -25.16 1.75
C VAL B 1045 -27.95 -25.40 2.00
N LEU B 1046 -28.74 -25.48 0.94
CA LEU B 1046 -30.16 -25.42 1.12
C LEU B 1046 -30.65 -26.71 1.72
N LYS B 1047 -29.99 -27.81 1.36
CA LYS B 1047 -30.27 -29.07 2.02
C LYS B 1047 -30.07 -28.92 3.51
N THR B 1048 -28.93 -28.37 3.88
CA THR B 1048 -28.54 -28.33 5.27
C THR B 1048 -29.46 -27.43 6.05
N PHE B 1049 -29.90 -26.36 5.42
CA PHE B 1049 -30.85 -25.45 6.03
C PHE B 1049 -32.06 -26.19 6.53
N ALA B 1050 -32.50 -27.19 5.80
CA ALA B 1050 -33.72 -27.87 6.16
C ALA B 1050 -33.51 -28.68 7.42
N GLN B 1051 -32.47 -29.48 7.42
CA GLN B 1051 -32.19 -30.30 8.57
C GLN B 1051 -31.84 -29.42 9.76
N ALA B 1052 -31.07 -28.37 9.50
CA ALA B 1052 -30.69 -27.47 10.57
C ALA B 1052 -31.89 -26.73 11.09
N ARG B 1053 -32.91 -26.56 10.25
CA ARG B 1053 -34.18 -26.03 10.72
C ARG B 1053 -34.73 -26.88 11.83
N ALA B 1054 -34.46 -28.18 11.78
CA ALA B 1054 -35.14 -29.12 12.66
C ALA B 1054 -34.79 -28.89 14.11
N TYR B 1055 -33.51 -28.63 14.40
CA TYR B 1055 -33.06 -28.37 15.75
C TYR B 1055 -33.13 -26.90 16.10
N ILE B 1056 -32.60 -26.07 15.23
CA ILE B 1056 -32.24 -24.72 15.58
C ILE B 1056 -33.01 -23.84 14.62
N PHE B 1057 -32.90 -22.54 14.78
CA PHE B 1057 -33.76 -21.63 14.06
C PHE B 1057 -33.03 -21.03 12.87
N ILE B 1058 -33.83 -20.57 11.92
CA ILE B 1058 -33.32 -20.02 10.67
C ILE B 1058 -34.49 -19.34 9.97
N ASP B 1059 -34.18 -18.43 9.09
CA ASP B 1059 -35.19 -17.65 8.38
C ASP B 1059 -35.67 -18.40 7.13
N GLU B 1060 -36.97 -18.68 7.10
CA GLU B 1060 -37.57 -19.36 5.96
C GLU B 1060 -37.45 -18.56 4.69
N ALA B 1061 -37.30 -17.25 4.82
CA ALA B 1061 -37.06 -16.45 3.64
C ALA B 1061 -35.77 -16.87 2.96
N HIS B 1062 -34.80 -17.37 3.72
CA HIS B 1062 -33.48 -17.60 3.16
C HIS B 1062 -33.35 -19.00 2.58
N ILE B 1063 -34.45 -19.76 2.55
CA ILE B 1063 -34.51 -20.90 1.63
C ILE B 1063 -35.13 -20.47 0.33
N THR B 1064 -36.18 -19.68 0.43
CA THR B 1064 -37.01 -19.36 -0.69
C THR B 1064 -36.29 -18.46 -1.65
N GLN B 1065 -35.77 -17.35 -1.14
CA GLN B 1065 -35.02 -16.42 -1.96
C GLN B 1065 -33.84 -17.11 -2.61
N ALA B 1066 -33.37 -18.20 -2.01
CA ALA B 1066 -32.37 -19.03 -2.66
C ALA B 1066 -33.04 -20.04 -3.57
N LEU B 1067 -34.23 -20.49 -3.19
CA LEU B 1067 -34.92 -21.49 -3.99
C LEU B 1067 -35.26 -20.96 -5.36
N ILE B 1068 -36.02 -19.87 -5.38
CA ILE B 1068 -36.67 -19.40 -6.59
C ILE B 1068 -35.65 -19.10 -7.64
N TRP B 1069 -34.48 -18.68 -7.21
CA TRP B 1069 -33.34 -18.51 -8.09
C TRP B 1069 -33.12 -19.77 -8.92
N LEU B 1070 -33.25 -20.92 -8.27
CA LEU B 1070 -32.99 -22.17 -8.95
C LEU B 1070 -33.96 -22.38 -10.08
N SER B 1071 -35.21 -22.08 -9.83
CA SER B 1071 -36.20 -22.20 -10.87
C SER B 1071 -35.95 -21.19 -11.95
N GLN B 1072 -35.48 -20.02 -11.56
CA GLN B 1072 -35.19 -18.99 -12.54
C GLN B 1072 -34.01 -19.39 -13.40
N ARG B 1073 -33.29 -20.44 -13.02
CA ARG B 1073 -32.27 -21.02 -13.86
C ARG B 1073 -32.78 -22.16 -14.72
N GLN B 1074 -34.07 -22.49 -14.66
CA GLN B 1074 -34.54 -23.67 -15.36
C GLN B 1074 -35.12 -23.36 -16.72
N LYS B 1075 -35.11 -24.38 -17.57
CA LYS B 1075 -35.59 -24.34 -18.94
C LYS B 1075 -37.07 -24.71 -18.97
N ASP B 1076 -37.55 -24.95 -20.18
CA ASP B 1076 -38.88 -25.53 -20.35
C ASP B 1076 -38.90 -26.98 -19.88
N ASN B 1077 -38.06 -27.77 -20.46
CA ASN B 1077 -37.96 -29.19 -20.27
C ASN B 1077 -36.54 -29.61 -19.99
N GLY B 1078 -35.57 -28.89 -20.54
CA GLY B 1078 -34.21 -29.13 -20.17
C GLY B 1078 -34.00 -28.78 -18.71
N CYS B 1079 -32.93 -29.35 -18.16
CA CYS B 1079 -32.57 -29.07 -16.78
C CYS B 1079 -31.94 -27.68 -16.67
N PHE B 1080 -32.17 -27.04 -15.53
CA PHE B 1080 -31.48 -25.80 -15.21
C PHE B 1080 -29.96 -25.94 -15.36
N ARG B 1081 -29.31 -24.80 -15.54
CA ARG B 1081 -27.91 -24.78 -15.94
C ARG B 1081 -27.01 -24.71 -14.73
N SER B 1082 -25.71 -24.75 -15.00
CA SER B 1082 -24.67 -24.56 -14.00
C SER B 1082 -24.03 -23.21 -14.26
N SER B 1083 -24.32 -22.25 -13.40
CA SER B 1083 -23.62 -20.97 -13.43
C SER B 1083 -22.38 -21.11 -12.55
N GLY B 1084 -21.46 -21.95 -13.03
CA GLY B 1084 -20.22 -22.21 -12.32
C GLY B 1084 -19.41 -20.98 -11.96
N SER B 1085 -19.37 -20.69 -10.66
CA SER B 1085 -18.57 -19.59 -10.11
C SER B 1085 -17.83 -20.07 -8.88
N LEU B 1086 -17.25 -21.26 -8.96
CA LEU B 1086 -16.72 -21.98 -7.82
C LEU B 1086 -15.24 -21.67 -7.62
N LEU B 1087 -14.63 -22.42 -6.69
CA LEU B 1087 -13.18 -22.43 -6.50
C LEU B 1087 -12.58 -23.80 -6.62
N ASN B 1088 -13.25 -24.82 -6.12
CA ASN B 1088 -12.72 -26.17 -6.12
C ASN B 1088 -13.86 -27.15 -6.24
N ASN B 1089 -13.52 -28.38 -6.57
CA ASN B 1089 -14.48 -29.43 -6.87
C ASN B 1089 -14.32 -30.65 -5.98
N ALA B 1090 -13.21 -30.75 -5.23
CA ALA B 1090 -13.02 -31.86 -4.31
C ALA B 1090 -14.16 -31.95 -3.32
N ILE B 1091 -14.63 -30.79 -2.88
CA ILE B 1091 -15.83 -30.66 -2.09
C ILE B 1091 -16.98 -31.46 -2.69
N LYS B 1092 -17.07 -31.50 -4.02
CA LYS B 1092 -18.20 -32.08 -4.72
C LYS B 1092 -17.82 -33.45 -5.26
N GLY B 1093 -18.73 -34.41 -5.11
CA GLY B 1093 -18.51 -35.78 -5.51
C GLY B 1093 -19.15 -36.22 -6.80
N GLY B 1094 -19.49 -35.30 -7.69
CA GLY B 1094 -20.08 -35.64 -8.96
C GLY B 1094 -19.25 -35.16 -10.13
N VAL B 1095 -19.92 -35.15 -11.29
CA VAL B 1095 -19.27 -34.89 -12.58
C VAL B 1095 -19.63 -33.55 -13.16
N GLU B 1096 -20.44 -32.76 -12.48
CA GLU B 1096 -20.84 -31.43 -12.91
C GLU B 1096 -21.70 -31.47 -14.17
N ASP B 1097 -22.29 -32.61 -14.49
CA ASP B 1097 -23.33 -32.62 -15.51
C ASP B 1097 -24.59 -31.98 -14.97
N GLU B 1098 -25.30 -31.27 -15.85
CA GLU B 1098 -26.59 -30.71 -15.46
C GLU B 1098 -27.54 -31.82 -15.06
N VAL B 1099 -27.34 -33.01 -15.62
CA VAL B 1099 -27.97 -34.21 -15.11
C VAL B 1099 -27.72 -34.35 -13.63
N THR B 1100 -26.46 -34.59 -13.30
CA THR B 1100 -26.10 -34.97 -11.94
C THR B 1100 -26.29 -33.81 -10.99
N LEU B 1101 -25.88 -32.63 -11.45
CA LEU B 1101 -26.13 -31.40 -10.73
C LEU B 1101 -27.60 -31.28 -10.36
N SER B 1102 -28.45 -31.36 -11.37
CA SER B 1102 -29.86 -31.23 -11.12
C SER B 1102 -30.38 -32.38 -10.30
N ALA B 1103 -29.75 -33.53 -10.45
CA ALA B 1103 -30.20 -34.68 -9.72
C ALA B 1103 -29.99 -34.48 -8.23
N TYR B 1104 -28.83 -33.96 -7.86
CA TYR B 1104 -28.56 -33.71 -6.46
C TYR B 1104 -29.39 -32.53 -5.96
N ILE B 1105 -29.98 -31.78 -6.88
CA ILE B 1105 -30.77 -30.63 -6.49
C ILE B 1105 -32.15 -31.08 -6.06
N THR B 1106 -32.86 -31.72 -6.98
CA THR B 1106 -34.22 -32.16 -6.75
C THR B 1106 -34.36 -32.98 -5.47
N ILE B 1107 -33.30 -33.65 -5.07
CA ILE B 1107 -33.33 -34.38 -3.82
C ILE B 1107 -33.18 -33.41 -2.67
N ALA B 1108 -32.31 -32.43 -2.86
CA ALA B 1108 -32.13 -31.43 -1.82
C ALA B 1108 -33.37 -30.59 -1.74
N LEU B 1109 -34.10 -30.53 -2.84
CA LEU B 1109 -35.46 -30.08 -2.73
C LEU B 1109 -36.25 -31.05 -1.89
N LEU B 1110 -36.36 -32.27 -2.35
CA LEU B 1110 -37.42 -33.14 -1.85
C LEU B 1110 -37.21 -33.57 -0.41
N GLU B 1111 -36.05 -33.35 0.18
CA GLU B 1111 -35.94 -33.53 1.61
C GLU B 1111 -36.77 -32.49 2.33
N ILE B 1112 -37.06 -31.38 1.67
CA ILE B 1112 -38.05 -30.45 2.15
C ILE B 1112 -39.35 -31.22 2.01
N PRO B 1113 -40.35 -30.96 2.79
CA PRO B 1113 -41.65 -31.55 2.47
C PRO B 1113 -42.20 -30.90 1.23
N LEU B 1114 -42.09 -31.58 0.11
CA LEU B 1114 -42.49 -31.04 -1.18
C LEU B 1114 -43.43 -31.98 -1.91
N THR B 1115 -44.37 -31.38 -2.61
CA THR B 1115 -45.22 -32.15 -3.50
C THR B 1115 -44.49 -32.36 -4.81
N VAL B 1116 -44.57 -33.58 -5.31
CA VAL B 1116 -44.16 -33.84 -6.68
C VAL B 1116 -45.04 -33.10 -7.67
N THR B 1117 -46.20 -32.62 -7.22
CA THR B 1117 -47.04 -31.76 -8.01
C THR B 1117 -46.42 -30.40 -8.23
N HIS B 1118 -45.32 -30.09 -7.55
CA HIS B 1118 -44.68 -28.81 -7.71
C HIS B 1118 -44.31 -28.58 -9.17
N PRO B 1119 -44.38 -27.34 -9.65
CA PRO B 1119 -44.06 -27.12 -11.06
C PRO B 1119 -42.67 -27.58 -11.42
N VAL B 1120 -41.71 -27.14 -10.65
CA VAL B 1120 -40.32 -27.38 -10.95
C VAL B 1120 -40.04 -28.86 -10.97
N VAL B 1121 -40.42 -29.53 -9.89
CA VAL B 1121 -40.18 -30.95 -9.84
C VAL B 1121 -40.95 -31.64 -10.93
N ARG B 1122 -42.11 -31.12 -11.28
CA ARG B 1122 -42.86 -31.69 -12.39
C ARG B 1122 -42.05 -31.56 -13.66
N ASN B 1123 -41.29 -30.48 -13.77
CA ASN B 1123 -40.39 -30.35 -14.91
C ASN B 1123 -39.16 -31.20 -14.72
N ALA B 1124 -38.82 -31.48 -13.47
CA ALA B 1124 -37.59 -32.18 -13.20
C ALA B 1124 -37.64 -33.59 -13.74
N LEU B 1125 -38.71 -34.28 -13.45
CA LEU B 1125 -38.71 -35.69 -13.73
C LEU B 1125 -38.66 -35.94 -15.21
N PHE B 1126 -39.25 -35.02 -15.97
CA PHE B 1126 -39.10 -35.04 -17.41
C PHE B 1126 -37.63 -34.96 -17.78
N CYS B 1127 -36.86 -34.12 -17.07
CA CYS B 1127 -35.41 -34.23 -17.20
C CYS B 1127 -34.95 -35.59 -16.78
N LEU B 1128 -35.31 -35.98 -15.57
CA LEU B 1128 -34.68 -37.11 -14.94
C LEU B 1128 -35.01 -38.39 -15.66
N GLU B 1129 -36.29 -38.62 -15.86
CA GLU B 1129 -36.76 -39.77 -16.59
C GLU B 1129 -36.09 -39.84 -17.96
N SER B 1130 -36.17 -38.74 -18.68
CA SER B 1130 -35.53 -38.68 -19.99
C SER B 1130 -34.03 -38.82 -19.82
N ALA B 1131 -33.50 -38.26 -18.75
CA ALA B 1131 -32.08 -38.40 -18.51
C ALA B 1131 -31.74 -39.84 -18.20
N TRP B 1132 -32.69 -40.58 -17.66
CA TRP B 1132 -32.44 -41.98 -17.41
C TRP B 1132 -32.46 -42.77 -18.69
N LYS B 1133 -33.49 -42.56 -19.50
CA LYS B 1133 -33.64 -43.32 -20.72
C LYS B 1133 -32.48 -43.08 -21.67
N THR B 1134 -31.86 -41.89 -21.58
CA THR B 1134 -30.64 -41.64 -22.31
C THR B 1134 -29.54 -42.63 -21.93
N ALA B 1135 -29.54 -43.05 -20.66
CA ALA B 1135 -28.54 -43.99 -20.16
C ALA B 1135 -29.11 -45.37 -19.91
N GLN B 1136 -30.43 -45.48 -19.75
CA GLN B 1136 -31.05 -46.73 -19.37
C GLN B 1136 -30.78 -47.81 -20.42
N GLU B 1137 -31.29 -47.61 -21.62
CA GLU B 1137 -30.90 -48.46 -22.74
C GLU B 1137 -29.45 -48.23 -23.12
N GLY B 1138 -28.90 -47.09 -22.75
CA GLY B 1138 -27.53 -46.78 -23.11
C GLY B 1138 -26.56 -47.75 -22.46
N ASP B 1139 -25.60 -48.19 -23.26
CA ASP B 1139 -24.52 -49.02 -22.77
C ASP B 1139 -23.63 -48.31 -21.78
N HIS B 1140 -23.74 -46.99 -21.65
CA HIS B 1140 -22.99 -46.26 -20.65
C HIS B 1140 -23.71 -44.95 -20.34
N GLY B 1141 -23.82 -44.65 -19.05
CA GLY B 1141 -24.18 -43.34 -18.58
C GLY B 1141 -23.28 -43.03 -17.41
N SER B 1142 -22.05 -43.56 -17.48
CA SER B 1142 -21.09 -43.76 -16.41
C SER B 1142 -21.46 -44.95 -15.53
N HIS B 1143 -22.63 -45.57 -15.72
CA HIS B 1143 -23.02 -46.86 -15.16
C HIS B 1143 -23.30 -46.86 -13.66
N VAL B 1144 -22.95 -45.80 -12.93
CA VAL B 1144 -22.97 -45.88 -11.47
C VAL B 1144 -23.71 -44.73 -10.80
N TYR B 1145 -23.19 -43.52 -10.97
CA TYR B 1145 -23.40 -42.50 -9.95
C TYR B 1145 -24.63 -41.70 -10.29
N THR B 1146 -24.76 -41.38 -11.56
CA THR B 1146 -25.97 -40.82 -12.10
C THR B 1146 -27.07 -41.81 -11.80
N LYS B 1147 -26.83 -43.04 -12.27
CA LYS B 1147 -27.80 -44.10 -12.10
C LYS B 1147 -28.12 -44.29 -10.64
N ALA B 1148 -27.12 -44.11 -9.81
CA ALA B 1148 -27.34 -44.12 -8.38
C ALA B 1148 -28.16 -42.91 -7.96
N LEU B 1149 -27.69 -41.73 -8.34
CA LEU B 1149 -28.29 -40.53 -7.80
C LEU B 1149 -29.69 -40.37 -8.30
N LEU B 1150 -29.93 -40.80 -9.52
CA LEU B 1150 -31.26 -40.81 -10.06
C LEU B 1150 -32.16 -41.66 -9.20
N ALA B 1151 -31.60 -42.70 -8.61
CA ALA B 1151 -32.39 -43.69 -7.93
C ALA B 1151 -33.11 -43.08 -6.75
N TYR B 1152 -32.39 -42.34 -5.94
CA TYR B 1152 -32.99 -41.77 -4.76
C TYR B 1152 -34.07 -40.81 -5.16
N ALA B 1153 -33.80 -40.02 -6.18
CA ALA B 1153 -34.75 -39.02 -6.61
C ALA B 1153 -36.08 -39.65 -6.96
N PHE B 1154 -36.00 -40.82 -7.57
CA PHE B 1154 -37.22 -41.58 -7.83
C PHE B 1154 -37.86 -42.03 -6.54
N ALA B 1155 -37.03 -42.27 -5.52
CA ALA B 1155 -37.53 -42.82 -4.28
C ALA B 1155 -38.49 -41.88 -3.60
N LEU B 1156 -38.30 -40.59 -3.81
CA LEU B 1156 -39.04 -39.62 -3.04
C LEU B 1156 -40.46 -39.51 -3.52
N ALA B 1157 -40.65 -39.67 -4.82
CA ALA B 1157 -41.75 -39.01 -5.49
C ALA B 1157 -43.08 -39.66 -5.15
N GLY B 1158 -43.11 -40.98 -5.17
CA GLY B 1158 -44.34 -41.72 -5.33
C GLY B 1158 -44.10 -42.82 -6.32
N ASN B 1159 -43.03 -42.71 -7.10
CA ASN B 1159 -42.62 -43.77 -8.01
C ASN B 1159 -42.07 -44.92 -7.20
N GLN B 1160 -43.01 -45.68 -6.63
CA GLN B 1160 -42.67 -46.92 -5.95
C GLN B 1160 -42.03 -47.92 -6.91
N ASP B 1161 -42.21 -47.72 -8.22
CA ASP B 1161 -41.79 -48.70 -9.20
C ASP B 1161 -40.49 -48.27 -9.88
N LYS B 1162 -40.38 -46.99 -10.22
CA LYS B 1162 -39.29 -46.56 -11.10
C LYS B 1162 -37.95 -46.86 -10.48
N ARG B 1163 -37.88 -46.75 -9.16
CA ARG B 1163 -36.74 -47.23 -8.40
C ARG B 1163 -36.40 -48.66 -8.79
N LYS B 1164 -37.41 -49.50 -8.89
CA LYS B 1164 -37.23 -50.93 -8.79
C LYS B 1164 -36.38 -51.46 -9.92
N GLU B 1165 -36.64 -50.94 -11.11
CA GLU B 1165 -36.06 -51.53 -12.30
C GLU B 1165 -34.68 -50.97 -12.59
N VAL B 1166 -34.23 -50.01 -11.77
CA VAL B 1166 -32.94 -49.38 -12.02
C VAL B 1166 -31.98 -49.70 -10.90
N LEU B 1167 -32.46 -49.70 -9.66
CA LEU B 1167 -31.67 -50.28 -8.58
C LEU B 1167 -31.31 -51.70 -8.93
N LYS B 1168 -32.21 -52.37 -9.64
CA LYS B 1168 -31.86 -53.53 -10.42
C LYS B 1168 -30.55 -53.30 -11.16
N SER B 1169 -30.51 -52.29 -12.03
CA SER B 1169 -29.32 -52.05 -12.83
C SER B 1169 -28.14 -51.69 -11.96
N LEU B 1170 -28.41 -51.02 -10.85
CA LEU B 1170 -27.32 -50.68 -9.94
C LEU B 1170 -26.90 -51.91 -9.19
N ASN B 1171 -27.86 -52.67 -8.71
CA ASN B 1171 -27.58 -53.95 -8.06
C ASN B 1171 -26.95 -54.91 -9.04
N GLU B 1172 -27.26 -54.75 -10.33
CA GLU B 1172 -26.70 -55.64 -11.33
C GLU B 1172 -25.19 -55.47 -11.40
N GLU B 1173 -24.73 -54.22 -11.46
CA GLU B 1173 -23.32 -53.93 -11.65
C GLU B 1173 -22.67 -53.84 -10.28
N ALA B 1174 -22.83 -54.91 -9.51
CA ALA B 1174 -22.44 -54.93 -8.11
C ALA B 1174 -20.96 -55.22 -7.99
N VAL B 1175 -20.33 -54.56 -7.01
CA VAL B 1175 -18.96 -54.81 -6.63
C VAL B 1175 -18.98 -55.32 -5.20
N LYS B 1176 -20.01 -56.10 -4.89
CA LYS B 1176 -20.19 -56.61 -3.55
C LYS B 1176 -19.04 -57.50 -3.14
N LYS B 1177 -18.91 -57.70 -1.83
CA LYS B 1177 -17.73 -58.27 -1.21
C LYS B 1177 -18.11 -59.34 -0.19
N ASP B 1178 -17.07 -59.86 0.45
CA ASP B 1178 -17.10 -60.93 1.43
C ASP B 1178 -18.29 -60.85 2.36
N ASN B 1179 -18.48 -59.70 3.00
CA ASN B 1179 -19.51 -59.56 4.02
C ASN B 1179 -20.34 -58.30 3.83
N SER B 1180 -20.24 -57.64 2.69
CA SER B 1180 -21.00 -56.42 2.46
C SER B 1180 -21.10 -56.18 0.97
N VAL B 1181 -21.61 -55.01 0.63
CA VAL B 1181 -21.88 -54.63 -0.75
C VAL B 1181 -21.33 -53.24 -0.98
N HIS B 1182 -20.78 -53.02 -2.16
CA HIS B 1182 -20.44 -51.65 -2.52
C HIS B 1182 -20.28 -51.56 -4.01
N TRP B 1183 -20.15 -50.33 -4.47
CA TRP B 1183 -20.02 -49.99 -5.86
C TRP B 1183 -18.83 -49.06 -6.03
N GLU B 1184 -18.45 -48.85 -7.28
CA GLU B 1184 -17.28 -48.03 -7.59
C GLU B 1184 -17.44 -47.47 -8.98
N ARG B 1185 -16.84 -46.32 -9.19
CA ARG B 1185 -16.61 -45.81 -10.53
C ARG B 1185 -15.68 -46.79 -11.24
N PRO B 1186 -15.55 -46.69 -12.56
CA PRO B 1186 -14.94 -47.78 -13.34
C PRO B 1186 -13.52 -48.17 -12.95
N GLN B 1187 -12.84 -47.35 -12.15
CA GLN B 1187 -11.52 -47.64 -11.61
C GLN B 1187 -10.41 -47.50 -12.64
N LYS B 1188 -10.76 -47.16 -13.88
CA LYS B 1188 -9.80 -47.01 -14.96
C LYS B 1188 -10.40 -46.10 -16.01
N PRO B 1189 -10.42 -44.78 -15.79
CA PRO B 1189 -10.97 -43.87 -16.81
C PRO B 1189 -10.25 -44.02 -18.14
N LYS B 1190 -11.03 -44.19 -19.21
CA LYS B 1190 -10.46 -44.58 -20.49
C LYS B 1190 -9.59 -43.46 -21.05
N ALA B 1191 -9.96 -42.23 -20.79
CA ALA B 1191 -9.17 -41.09 -21.21
C ALA B 1191 -7.95 -41.03 -20.31
N PRO B 1192 -6.94 -40.21 -20.64
CA PRO B 1192 -5.79 -40.09 -19.74
C PRO B 1192 -6.19 -39.48 -18.41
N VAL B 1193 -5.40 -39.79 -17.39
CA VAL B 1193 -5.64 -39.37 -16.01
C VAL B 1193 -4.35 -38.84 -15.42
N GLY B 1194 -4.43 -38.24 -14.24
CA GLY B 1194 -3.30 -37.62 -13.59
C GLY B 1194 -2.51 -38.60 -12.74
N HIS B 1195 -1.82 -38.05 -11.73
CA HIS B 1195 -0.83 -38.78 -10.95
C HIS B 1195 -1.18 -38.87 -9.47
N PHE B 1196 -1.41 -37.75 -8.80
CA PHE B 1196 -1.58 -37.73 -7.35
C PHE B 1196 -3.04 -37.88 -6.96
N TYR B 1197 -3.40 -39.03 -6.41
CA TYR B 1197 -4.75 -39.30 -5.90
C TYR B 1197 -5.79 -39.20 -7.01
N GLU B 1198 -5.35 -39.42 -8.26
CA GLU B 1198 -6.17 -39.18 -9.45
C GLU B 1198 -6.74 -37.77 -9.37
N PRO B 1199 -5.91 -36.73 -9.56
CA PRO B 1199 -6.41 -35.36 -9.40
C PRO B 1199 -7.40 -35.00 -10.50
N GLN B 1200 -8.21 -34.00 -10.20
CA GLN B 1200 -9.41 -33.68 -10.98
C GLN B 1200 -10.43 -34.82 -10.95
N ALA B 1201 -10.35 -35.69 -9.94
CA ALA B 1201 -11.25 -36.81 -9.76
C ALA B 1201 -11.29 -37.23 -8.30
N PRO B 1202 -12.20 -36.70 -7.47
CA PRO B 1202 -12.24 -37.12 -6.07
C PRO B 1202 -12.64 -38.56 -5.91
N SER B 1203 -13.23 -39.16 -6.94
CA SER B 1203 -13.56 -40.58 -7.01
C SER B 1203 -14.82 -40.95 -6.24
N ALA B 1204 -15.33 -40.06 -5.39
CA ALA B 1204 -16.67 -40.08 -4.80
C ALA B 1204 -17.15 -41.47 -4.41
N GLU B 1205 -16.24 -42.27 -3.89
CA GLU B 1205 -16.48 -43.71 -3.73
C GLU B 1205 -17.66 -43.99 -2.84
N VAL B 1206 -17.84 -43.17 -1.82
CA VAL B 1206 -18.69 -43.55 -0.72
C VAL B 1206 -20.02 -42.84 -0.82
N GLU B 1207 -19.96 -41.55 -1.10
CA GLU B 1207 -21.14 -40.69 -1.14
C GLU B 1207 -22.25 -41.32 -1.98
N MET B 1208 -21.86 -41.98 -3.06
CA MET B 1208 -22.83 -42.64 -3.89
C MET B 1208 -23.50 -43.77 -3.15
N THR B 1209 -22.70 -44.53 -2.41
CA THR B 1209 -23.21 -45.75 -1.83
C THR B 1209 -24.20 -45.44 -0.73
N SER B 1210 -23.96 -44.37 -0.02
CA SER B 1210 -24.99 -43.85 0.86
C SER B 1210 -26.20 -43.44 0.06
N TYR B 1211 -25.95 -42.80 -1.06
CA TYR B 1211 -27.03 -42.37 -1.91
C TYR B 1211 -27.72 -43.58 -2.51
N VAL B 1212 -26.96 -44.62 -2.80
CA VAL B 1212 -27.55 -45.90 -3.14
C VAL B 1212 -28.37 -46.36 -1.97
N LEU B 1213 -27.78 -46.28 -0.80
CA LEU B 1213 -28.41 -46.82 0.40
C LEU B 1213 -29.70 -46.09 0.69
N LEU B 1214 -29.78 -44.83 0.27
CA LEU B 1214 -30.96 -44.03 0.55
C LEU B 1214 -32.21 -44.66 -0.04
N ALA B 1215 -32.11 -45.11 -1.27
CA ALA B 1215 -33.33 -45.43 -2.02
C ALA B 1215 -34.00 -46.65 -1.42
N TYR B 1216 -33.19 -47.62 -1.03
CA TYR B 1216 -33.75 -48.82 -0.44
C TYR B 1216 -34.51 -48.53 0.82
N LEU B 1217 -34.03 -47.53 1.57
CA LEU B 1217 -34.65 -47.14 2.86
C LEU B 1217 -35.96 -46.38 2.61
N THR B 1218 -35.91 -45.35 1.76
CA THR B 1218 -37.11 -44.49 1.55
C THR B 1218 -38.24 -45.32 0.94
N ALA B 1219 -39.47 -45.13 1.44
CA ALA B 1219 -40.66 -45.87 0.94
C ALA B 1219 -41.90 -45.34 1.67
N GLN B 1220 -42.89 -44.83 0.94
CA GLN B 1220 -43.87 -43.94 1.52
C GLN B 1220 -44.54 -44.53 2.76
N PRO B 1221 -45.08 -45.76 2.72
CA PRO B 1221 -45.82 -46.20 3.92
C PRO B 1221 -44.90 -46.55 5.09
N ALA B 1222 -44.01 -47.51 4.84
CA ALA B 1222 -42.86 -47.87 5.64
C ALA B 1222 -42.20 -49.03 4.90
N PRO B 1223 -40.94 -49.33 5.15
CA PRO B 1223 -40.20 -50.21 4.25
C PRO B 1223 -40.39 -51.66 4.58
N THR B 1224 -39.61 -52.47 3.87
CA THR B 1224 -39.68 -53.91 3.94
C THR B 1224 -38.55 -54.47 4.78
N SER B 1225 -38.45 -55.78 4.76
CA SER B 1225 -37.28 -56.50 5.20
C SER B 1225 -36.19 -56.47 4.14
N GLU B 1226 -36.60 -56.63 2.88
CA GLU B 1226 -35.66 -56.97 1.82
C GLU B 1226 -34.68 -55.83 1.59
N ASP B 1227 -35.23 -54.65 1.34
CA ASP B 1227 -34.40 -53.45 1.28
C ASP B 1227 -33.54 -53.31 2.51
N LEU B 1228 -34.07 -53.68 3.68
CA LEU B 1228 -33.32 -53.48 4.91
C LEU B 1228 -32.13 -54.42 4.99
N THR B 1229 -32.06 -55.41 4.12
CA THR B 1229 -30.92 -56.32 4.12
C THR B 1229 -29.76 -55.71 3.37
N SER B 1230 -30.02 -55.30 2.14
CA SER B 1230 -29.00 -54.63 1.34
C SER B 1230 -28.53 -53.36 2.03
N ALA B 1231 -29.49 -52.59 2.53
CA ALA B 1231 -29.17 -51.33 3.20
C ALA B 1231 -28.34 -51.57 4.44
N THR B 1232 -28.42 -52.78 4.99
CA THR B 1232 -27.58 -53.13 6.11
C THR B 1232 -26.21 -53.56 5.62
N ASN B 1233 -26.21 -54.49 4.67
CA ASN B 1233 -24.95 -55.00 4.12
C ASN B 1233 -24.08 -53.87 3.64
N ILE B 1234 -24.69 -52.88 3.03
CA ILE B 1234 -23.91 -51.79 2.45
C ILE B 1234 -23.28 -50.97 3.56
N VAL B 1235 -23.98 -50.84 4.68
CA VAL B 1235 -23.47 -50.03 5.78
C VAL B 1235 -22.19 -50.64 6.31
N LYS B 1236 -22.10 -51.95 6.25
CA LYS B 1236 -20.94 -52.63 6.79
C LYS B 1236 -19.68 -52.26 6.04
N TRP B 1237 -19.83 -51.87 4.78
CA TRP B 1237 -18.73 -51.28 4.05
C TRP B 1237 -18.46 -49.87 4.53
N ILE B 1238 -19.53 -49.14 4.87
CA ILE B 1238 -19.44 -47.72 5.11
C ILE B 1238 -18.58 -47.41 6.33
N THR B 1239 -19.01 -47.89 7.49
CA THR B 1239 -18.29 -47.68 8.73
C THR B 1239 -16.83 -48.09 8.60
N LYS B 1240 -16.58 -49.22 7.94
CA LYS B 1240 -15.23 -49.67 7.71
C LYS B 1240 -14.44 -48.68 6.89
N GLN B 1241 -15.11 -47.84 6.10
CA GLN B 1241 -14.47 -46.86 5.26
C GLN B 1241 -14.40 -45.50 5.94
N GLN B 1242 -14.37 -45.49 7.26
CA GLN B 1242 -14.32 -44.25 8.02
C GLN B 1242 -12.91 -43.88 8.43
N ASN B 1243 -12.67 -42.58 8.50
CA ASN B 1243 -11.36 -42.01 8.73
C ASN B 1243 -11.07 -41.93 10.21
N ALA B 1244 -9.95 -42.53 10.61
CA ALA B 1244 -9.56 -42.54 12.01
C ALA B 1244 -9.34 -41.13 12.53
N GLN B 1245 -8.87 -40.23 11.67
CA GLN B 1245 -8.83 -38.83 12.04
C GLN B 1245 -10.20 -38.32 12.38
N GLY B 1246 -11.21 -38.83 11.72
CA GLY B 1246 -12.58 -38.44 11.94
C GLY B 1246 -13.15 -38.17 10.57
N GLY B 1247 -14.46 -38.02 10.51
CA GLY B 1247 -15.14 -37.84 9.25
C GLY B 1247 -14.85 -38.94 8.26
N PHE B 1248 -14.93 -38.61 6.98
CA PHE B 1248 -14.51 -39.50 5.92
C PHE B 1248 -13.59 -38.70 5.02
N SER B 1249 -13.26 -39.24 3.86
CA SER B 1249 -12.22 -38.65 3.00
C SER B 1249 -12.52 -37.20 2.65
N SER B 1250 -13.78 -36.81 2.71
CA SER B 1250 -14.19 -35.49 2.30
C SER B 1250 -15.30 -35.02 3.24
N THR B 1251 -15.97 -33.97 2.81
CA THR B 1251 -17.13 -33.44 3.47
C THR B 1251 -18.41 -34.07 2.97
N GLN B 1252 -18.51 -34.24 1.66
CA GLN B 1252 -19.78 -34.55 1.06
C GLN B 1252 -20.22 -35.94 1.44
N ASP B 1253 -19.40 -36.93 1.12
CA ASP B 1253 -19.62 -38.28 1.60
C ASP B 1253 -19.81 -38.29 3.09
N THR B 1254 -19.02 -37.48 3.79
CA THR B 1254 -19.03 -37.50 5.23
C THR B 1254 -20.36 -37.03 5.76
N VAL B 1255 -21.10 -36.30 4.92
CA VAL B 1255 -22.38 -35.64 5.33
C VAL B 1255 -23.58 -36.45 4.84
N VAL B 1256 -23.36 -37.56 4.13
CA VAL B 1256 -24.51 -38.31 3.54
C VAL B 1256 -24.69 -39.68 4.23
N ALA B 1257 -23.59 -40.37 4.50
CA ALA B 1257 -23.61 -41.66 5.16
C ALA B 1257 -24.31 -41.51 6.48
N LEU B 1258 -23.89 -40.52 7.23
CA LEU B 1258 -24.52 -40.22 8.48
C LEU B 1258 -25.98 -39.85 8.25
N HIS B 1259 -26.25 -39.13 7.17
CA HIS B 1259 -27.63 -38.81 6.84
C HIS B 1259 -28.41 -40.07 6.61
N ALA B 1260 -27.81 -41.02 5.90
CA ALA B 1260 -28.51 -42.26 5.65
C ALA B 1260 -28.52 -43.12 6.89
N LEU B 1261 -27.42 -43.11 7.62
CA LEU B 1261 -27.36 -43.88 8.85
C LEU B 1261 -28.36 -43.35 9.84
N SER B 1262 -28.65 -42.07 9.75
CA SER B 1262 -29.72 -41.51 10.55
C SER B 1262 -31.04 -42.13 10.20
N LYS B 1263 -31.47 -41.94 8.96
CA LYS B 1263 -32.80 -42.39 8.61
C LYS B 1263 -32.84 -43.90 8.61
N TYR B 1264 -31.71 -44.55 8.33
CA TYR B 1264 -31.57 -45.92 8.77
C TYR B 1264 -31.81 -45.98 10.25
N GLY B 1265 -31.01 -45.24 10.98
CA GLY B 1265 -31.06 -45.30 12.42
C GLY B 1265 -32.42 -44.90 12.95
N ALA B 1266 -33.11 -44.04 12.22
CA ALA B 1266 -34.29 -43.40 12.77
C ALA B 1266 -35.46 -44.37 12.87
N ALA B 1267 -35.33 -45.55 12.27
CA ALA B 1267 -36.32 -46.61 12.44
C ALA B 1267 -35.66 -47.87 12.95
N THR B 1268 -34.45 -48.12 12.48
CA THR B 1268 -33.73 -49.34 12.86
C THR B 1268 -33.42 -49.27 14.35
N PHE B 1269 -32.67 -48.26 14.75
CA PHE B 1269 -32.34 -48.07 16.15
C PHE B 1269 -33.58 -47.60 16.88
N THR B 1270 -34.56 -48.47 17.04
CA THR B 1270 -35.80 -48.14 17.72
C THR B 1270 -35.46 -47.84 19.17
N ARG B 1271 -35.82 -46.64 19.63
CA ARG B 1271 -35.48 -46.20 21.02
C ARG B 1271 -36.49 -46.76 22.03
N THR B 1272 -37.40 -47.63 21.59
CA THR B 1272 -38.40 -48.20 22.47
C THR B 1272 -38.46 -49.72 22.37
N GLY B 1273 -38.12 -50.27 21.21
CA GLY B 1273 -38.11 -51.71 21.04
C GLY B 1273 -37.08 -52.35 21.96
N LYS B 1274 -37.54 -53.08 23.00
CA LYS B 1274 -36.71 -53.34 24.16
C LYS B 1274 -36.92 -54.72 24.78
N ALA B 1275 -37.65 -55.61 24.11
CA ALA B 1275 -38.00 -56.89 24.72
C ALA B 1275 -37.95 -58.00 23.69
N ALA B 1276 -37.03 -57.88 22.74
CA ALA B 1276 -36.92 -58.86 21.68
C ALA B 1276 -36.54 -60.23 22.24
N GLN B 1277 -37.25 -61.27 21.80
CA GLN B 1277 -37.02 -62.63 22.24
C GLN B 1277 -36.86 -63.52 21.01
N VAL B 1278 -35.62 -63.80 20.67
CA VAL B 1278 -35.29 -64.62 19.52
C VAL B 1278 -35.13 -66.06 19.97
N THR B 1279 -35.57 -66.97 19.12
CA THR B 1279 -35.56 -68.39 19.40
C THR B 1279 -35.28 -69.13 18.10
N ILE B 1280 -34.29 -70.01 18.14
CA ILE B 1280 -33.82 -70.73 16.97
C ILE B 1280 -34.36 -72.16 17.02
N GLN B 1281 -34.60 -72.74 15.84
CA GLN B 1281 -35.00 -74.13 15.75
C GLN B 1281 -34.50 -74.71 14.43
N SER B 1282 -34.04 -75.95 14.47
CA SER B 1282 -33.43 -76.62 13.34
C SER B 1282 -34.08 -77.96 13.09
N SER B 1283 -33.77 -78.55 11.94
CA SER B 1283 -34.22 -79.90 11.62
C SER B 1283 -33.72 -80.88 12.66
N GLY B 1284 -32.47 -80.69 13.09
CA GLY B 1284 -31.89 -81.55 14.11
C GLY B 1284 -32.21 -81.08 15.51
N THR B 1285 -33.24 -80.23 15.67
CA THR B 1285 -33.63 -79.58 16.92
C THR B 1285 -32.44 -79.05 17.70
N PHE B 1286 -31.42 -78.59 16.98
CA PHE B 1286 -30.25 -77.95 17.57
C PHE B 1286 -30.66 -76.55 18.01
N SER B 1287 -31.23 -76.45 19.20
CA SER B 1287 -31.91 -75.25 19.63
C SER B 1287 -30.89 -74.22 20.09
N SER B 1288 -31.34 -72.98 20.18
CA SER B 1288 -30.52 -71.87 20.60
C SER B 1288 -31.45 -70.71 20.92
N LYS B 1289 -31.15 -70.01 22.01
CA LYS B 1289 -32.02 -68.97 22.54
C LYS B 1289 -31.21 -67.87 23.18
N PHE B 1290 -31.63 -66.64 22.93
CA PHE B 1290 -30.85 -65.46 23.23
C PHE B 1290 -31.79 -64.34 23.65
N GLN B 1291 -31.27 -63.13 23.78
CA GLN B 1291 -32.07 -61.96 24.08
C GLN B 1291 -31.29 -60.70 23.75
N VAL B 1292 -32.02 -59.65 23.37
CA VAL B 1292 -31.44 -58.39 22.91
C VAL B 1292 -32.31 -57.25 23.42
N ASP B 1293 -31.84 -56.54 24.44
CA ASP B 1293 -32.44 -55.28 24.87
C ASP B 1293 -31.40 -54.16 24.84
N ASN B 1294 -31.71 -52.98 25.39
CA ASN B 1294 -30.79 -51.85 25.25
C ASN B 1294 -29.55 -52.05 26.09
N ASN B 1295 -29.69 -52.73 27.22
CA ASN B 1295 -28.53 -52.94 28.09
C ASN B 1295 -27.44 -53.70 27.37
N ASN B 1296 -27.83 -54.53 26.40
CA ASN B 1296 -26.91 -55.20 25.52
C ASN B 1296 -27.01 -54.69 24.09
N ARG B 1297 -27.17 -53.38 23.94
CA ARG B 1297 -27.57 -52.85 22.66
C ARG B 1297 -26.54 -53.11 21.57
N LEU B 1298 -25.28 -52.75 21.80
CA LEU B 1298 -24.22 -53.05 20.83
C LEU B 1298 -23.76 -54.50 20.92
N LEU B 1299 -24.37 -55.28 21.81
CA LEU B 1299 -23.88 -56.63 22.05
C LEU B 1299 -23.92 -57.48 20.79
N LEU B 1300 -23.07 -58.48 20.78
CA LEU B 1300 -23.01 -59.49 19.73
C LEU B 1300 -22.93 -60.85 20.42
N GLN B 1301 -24.08 -61.43 20.72
CA GLN B 1301 -24.12 -62.85 21.03
C GLN B 1301 -23.68 -63.58 19.77
N GLN B 1302 -22.87 -64.61 19.95
CA GLN B 1302 -22.41 -65.45 18.86
C GLN B 1302 -22.59 -66.91 19.23
N VAL B 1303 -22.72 -67.77 18.22
CA VAL B 1303 -23.12 -69.14 18.46
C VAL B 1303 -22.78 -69.98 17.23
N SER B 1304 -22.22 -71.16 17.48
CA SER B 1304 -21.69 -72.01 16.44
C SER B 1304 -22.68 -73.10 16.06
N LEU B 1305 -22.58 -73.55 14.81
CA LEU B 1305 -23.60 -74.40 14.21
C LEU B 1305 -22.92 -75.54 13.46
N PRO B 1306 -22.88 -76.76 14.02
CA PRO B 1306 -22.03 -77.81 13.43
C PRO B 1306 -22.71 -78.74 12.43
N GLU B 1307 -24.05 -78.85 12.48
CA GLU B 1307 -24.72 -79.78 11.60
C GLU B 1307 -24.47 -79.40 10.16
N LEU B 1308 -24.01 -80.39 9.39
CA LEU B 1308 -23.71 -80.14 7.98
C LEU B 1308 -24.93 -79.73 7.17
N PRO B 1309 -26.11 -80.30 7.40
CA PRO B 1309 -27.31 -79.79 6.70
C PRO B 1309 -27.91 -78.61 7.46
N GLY B 1310 -28.13 -77.49 6.76
CA GLY B 1310 -28.74 -76.33 7.36
C GLY B 1310 -30.24 -76.32 7.14
N GLU B 1311 -30.98 -76.27 8.24
CA GLU B 1311 -32.43 -76.18 8.26
C GLU B 1311 -32.88 -75.25 9.37
N TYR B 1312 -32.21 -74.12 9.48
CA TYR B 1312 -32.24 -73.38 10.72
C TYR B 1312 -33.34 -72.35 10.69
N SER B 1313 -34.41 -72.64 11.40
CA SER B 1313 -35.64 -71.89 11.36
C SER B 1313 -35.61 -70.80 12.42
N MET B 1314 -35.37 -69.58 11.99
CA MET B 1314 -35.37 -68.46 12.89
C MET B 1314 -36.78 -68.13 13.30
N LYS B 1315 -36.99 -67.97 14.59
CA LYS B 1315 -38.24 -67.47 15.12
C LYS B 1315 -37.92 -66.36 16.11
N VAL B 1316 -38.79 -65.37 16.13
CA VAL B 1316 -38.56 -64.10 16.80
C VAL B 1316 -39.88 -63.65 17.40
N THR B 1317 -39.82 -62.59 18.19
CA THR B 1317 -41.00 -61.86 18.62
C THR B 1317 -40.57 -60.54 19.22
N GLY B 1318 -41.52 -59.88 19.86
CA GLY B 1318 -41.23 -58.75 20.70
C GLY B 1318 -40.81 -57.54 19.90
N GLU B 1319 -39.96 -56.70 20.49
CA GLU B 1319 -39.61 -55.40 19.94
C GLU B 1319 -38.13 -55.15 20.13
N GLY B 1320 -37.57 -54.35 19.22
CA GLY B 1320 -36.16 -54.07 19.18
C GLY B 1320 -35.50 -54.67 17.96
N CYS B 1321 -35.15 -53.79 17.02
CA CYS B 1321 -34.58 -54.23 15.76
C CYS B 1321 -33.28 -54.96 16.00
N VAL B 1322 -33.00 -55.91 15.11
CA VAL B 1322 -31.86 -56.79 15.20
C VAL B 1322 -31.32 -57.00 13.81
N TYR B 1323 -30.08 -57.44 13.72
CA TYR B 1323 -29.53 -57.93 12.48
C TYR B 1323 -28.71 -59.16 12.80
N LEU B 1324 -28.86 -60.19 11.97
CA LEU B 1324 -28.28 -61.50 12.21
C LEU B 1324 -27.36 -61.86 11.06
N GLN B 1325 -26.06 -61.74 11.30
CA GLN B 1325 -25.06 -62.12 10.34
C GLN B 1325 -24.83 -63.61 10.48
N THR B 1326 -24.60 -64.28 9.36
CA THR B 1326 -24.33 -65.70 9.37
C THR B 1326 -23.32 -66.03 8.28
N SER B 1327 -22.65 -67.17 8.43
CA SER B 1327 -21.87 -67.74 7.34
C SER B 1327 -21.38 -69.11 7.73
N LEU B 1328 -20.50 -69.65 6.90
CA LEU B 1328 -19.91 -70.96 7.09
C LEU B 1328 -18.73 -71.12 6.14
N LYS B 1329 -17.88 -72.07 6.44
CA LYS B 1329 -16.68 -72.34 5.67
C LYS B 1329 -16.47 -73.84 5.51
N TYR B 1330 -15.66 -74.22 4.53
CA TYR B 1330 -15.47 -75.62 4.19
C TYR B 1330 -14.37 -75.70 3.13
N ASN B 1331 -13.96 -76.91 2.78
CA ASN B 1331 -12.95 -77.17 1.77
C ASN B 1331 -13.60 -77.67 0.48
N ILE B 1332 -12.83 -77.58 -0.61
CA ILE B 1332 -13.23 -78.06 -1.92
C ILE B 1332 -12.03 -78.75 -2.55
N LEU B 1333 -12.13 -79.07 -3.83
CA LEU B 1333 -11.10 -79.79 -4.57
C LEU B 1333 -10.91 -81.20 -4.02
N PRO B 1334 -11.87 -82.09 -4.23
CA PRO B 1334 -11.55 -83.51 -4.07
C PRO B 1334 -10.63 -84.00 -5.18
N GLU B 1335 -10.94 -83.69 -6.45
CA GLU B 1335 -10.12 -84.12 -7.58
C GLU B 1335 -9.69 -82.96 -8.48
N LYS B 1336 -10.64 -82.19 -9.02
CA LYS B 1336 -10.40 -81.09 -9.97
C LYS B 1336 -9.34 -81.43 -11.02
N GLU B 1337 -9.68 -82.41 -11.85
CA GLU B 1337 -8.86 -82.74 -13.02
C GLU B 1337 -8.55 -81.50 -13.87
N SER C 26 43.66 25.99 44.39
CA SER C 26 42.39 25.74 45.07
C SER C 26 41.46 24.91 44.21
N GLY C 27 40.81 25.58 43.25
CA GLY C 27 39.88 24.94 42.35
C GLY C 27 40.46 24.81 40.96
N LYS C 28 39.62 24.68 39.92
CA LYS C 28 40.16 24.42 38.61
C LYS C 28 40.42 25.73 37.86
N PRO C 29 41.31 25.70 36.87
CA PRO C 29 41.64 26.94 36.17
C PRO C 29 40.76 27.12 34.95
N GLN C 30 40.49 28.38 34.63
CA GLN C 30 39.44 28.71 33.68
C GLN C 30 39.83 29.84 32.74
N TYR C 31 39.04 29.97 31.69
CA TYR C 31 39.20 30.95 30.65
C TYR C 31 37.87 31.09 29.92
N MET C 32 37.69 32.23 29.26
CA MET C 32 36.48 32.39 28.47
C MET C 32 36.62 33.62 27.60
N VAL C 33 36.19 33.53 26.35
CA VAL C 33 36.40 34.55 25.33
C VAL C 33 35.17 34.63 24.47
N LEU C 34 34.72 35.84 24.22
CA LEU C 34 33.40 36.07 23.69
C LEU C 34 33.48 36.91 22.44
N VAL C 35 32.61 36.59 21.48
CA VAL C 35 32.70 37.19 20.15
C VAL C 35 31.48 36.82 19.32
N PRO C 36 31.00 37.71 18.47
CA PRO C 36 30.04 37.30 17.46
C PRO C 36 30.65 36.28 16.53
N SER C 37 29.76 35.67 15.75
CA SER C 37 30.11 34.80 14.65
C SER C 37 30.03 35.55 13.34
N LEU C 38 29.19 36.56 13.30
CA LEU C 38 29.06 37.42 12.15
C LEU C 38 30.00 38.58 12.35
N LEU C 39 30.68 38.96 11.29
CA LEU C 39 31.64 40.04 11.31
C LEU C 39 31.33 41.04 10.23
N HIS C 40 31.73 42.24 10.49
CA HIS C 40 31.81 43.26 9.46
C HIS C 40 33.26 43.43 9.04
N THR C 41 33.47 44.33 8.10
CA THR C 41 34.80 44.73 7.65
C THR C 41 34.86 46.25 7.59
N GLU C 42 35.99 46.74 7.11
CA GLU C 42 36.15 48.17 6.89
C GLU C 42 36.10 48.93 8.21
N THR C 43 36.31 48.21 9.30
CA THR C 43 36.17 48.72 10.64
C THR C 43 36.67 47.63 11.57
N THR C 44 36.45 47.85 12.85
CA THR C 44 36.82 46.90 13.88
C THR C 44 35.56 46.24 14.40
N GLU C 45 35.76 45.10 15.04
CA GLU C 45 34.71 44.50 15.82
C GLU C 45 35.37 43.93 17.05
N LYS C 46 35.00 44.47 18.20
CA LYS C 46 35.67 44.15 19.44
C LYS C 46 35.08 42.90 20.06
N GLY C 47 35.95 42.12 20.69
CA GLY C 47 35.56 40.99 21.50
C GLY C 47 36.16 41.14 22.88
N CYS C 48 35.92 40.19 23.78
CA CYS C 48 36.45 40.26 25.13
C CYS C 48 36.76 38.87 25.65
N VAL C 49 37.25 38.85 26.88
CA VAL C 49 37.87 37.67 27.46
C VAL C 49 37.75 37.70 28.97
N LEU C 50 37.57 36.52 29.54
CA LEU C 50 37.90 36.26 30.92
C LEU C 50 39.08 35.31 30.97
N LEU C 51 39.95 35.57 31.92
CA LEU C 51 40.89 34.58 32.44
C LEU C 51 40.84 34.65 33.96
N SER C 52 41.42 33.65 34.60
CA SER C 52 41.77 33.68 36.02
C SER C 52 42.55 32.42 36.32
N TYR C 53 43.00 32.28 37.58
CA TYR C 53 43.22 30.99 38.29
C TYR C 53 44.51 30.26 37.90
N LEU C 54 45.57 30.42 38.70
CA LEU C 54 46.87 29.65 38.66
C LEU C 54 47.78 29.83 37.43
N ASN C 55 49.06 30.15 37.69
CA ASN C 55 50.06 30.25 36.59
C ASN C 55 49.51 31.20 35.50
N GLU C 56 49.08 32.41 35.91
CA GLU C 56 48.43 33.42 35.10
C GLU C 56 49.38 34.23 34.23
N THR C 57 50.66 33.93 34.27
CA THR C 57 51.63 34.55 33.38
C THR C 57 51.44 33.94 32.00
N VAL C 58 50.31 34.28 31.37
CA VAL C 58 49.79 33.59 30.21
C VAL C 58 49.55 34.60 29.11
N THR C 59 49.54 34.09 27.88
CA THR C 59 49.26 34.87 26.69
C THR C 59 48.10 34.24 25.96
N VAL C 60 47.55 34.96 25.02
CA VAL C 60 46.49 34.45 24.18
C VAL C 60 46.67 34.94 22.77
N SER C 61 45.98 34.29 21.84
CA SER C 61 46.01 34.71 20.45
C SER C 61 44.83 34.13 19.71
N ALA C 62 44.11 34.99 19.01
CA ALA C 62 43.03 34.59 18.11
C ALA C 62 43.54 34.61 16.68
N SER C 63 43.63 33.43 16.11
CA SER C 63 44.22 33.24 14.79
C SER C 63 43.10 33.12 13.78
N LEU C 64 42.82 34.21 13.09
CA LEU C 64 41.93 34.20 11.95
C LEU C 64 42.71 33.71 10.75
N GLU C 65 42.09 32.84 9.96
CA GLU C 65 42.78 32.16 8.87
C GLU C 65 41.81 31.75 7.78
N SER C 66 42.12 32.16 6.54
CA SER C 66 41.36 31.75 5.38
C SER C 66 41.67 30.28 5.12
N VAL C 67 40.65 29.46 5.18
CA VAL C 67 40.80 28.04 4.94
C VAL C 67 41.32 27.78 3.54
N ARG C 68 40.72 28.46 2.57
CA ARG C 68 41.14 28.31 1.19
C ARG C 68 42.18 29.36 0.89
N GLY C 69 43.22 28.96 0.20
CA GLY C 69 44.31 29.87 -0.08
C GLY C 69 45.09 30.13 1.18
N ASN C 70 45.34 31.40 1.47
CA ASN C 70 46.14 31.77 2.67
C ASN C 70 45.95 33.25 3.04
N ARG C 71 45.60 33.51 4.30
CA ARG C 71 45.47 34.84 4.85
C ARG C 71 45.74 34.72 6.34
N SER C 72 45.81 35.85 7.03
CA SER C 72 45.80 35.83 8.49
C SER C 72 45.66 37.24 9.01
N LEU C 73 44.74 37.41 9.95
CA LEU C 73 44.66 38.62 10.76
C LEU C 73 45.05 38.20 12.18
N PHE C 74 46.35 38.11 12.43
CA PHE C 74 46.88 37.64 13.68
C PHE C 74 46.84 38.76 14.72
N THR C 75 46.53 38.39 15.95
CA THR C 75 46.54 39.30 17.08
C THR C 75 46.72 38.47 18.35
N ASP C 76 47.05 39.13 19.45
CA ASP C 76 47.31 38.45 20.71
C ASP C 76 47.05 39.38 21.90
N LEU C 77 47.11 38.81 23.10
CA LEU C 77 47.07 39.62 24.30
C LEU C 77 47.81 38.94 25.42
N GLU C 78 48.42 39.76 26.27
CA GLU C 78 48.93 39.33 27.56
C GLU C 78 47.79 38.97 28.48
N ALA C 79 47.80 37.72 28.93
CA ALA C 79 46.69 37.19 29.72
C ALA C 79 46.99 37.36 31.20
N GLU C 80 46.16 38.15 31.88
CA GLU C 80 46.12 38.27 33.33
C GLU C 80 44.90 37.53 33.85
N ASN C 81 44.63 37.69 35.14
CA ASN C 81 43.56 36.95 35.79
C ASN C 81 42.32 37.79 35.95
N ASP C 82 41.18 37.10 36.07
CA ASP C 82 39.90 37.58 36.58
C ASP C 82 39.59 39.01 36.22
N VAL C 83 39.93 39.41 35.00
CA VAL C 83 39.76 40.77 34.53
C VAL C 83 39.07 40.70 33.19
N LEU C 84 38.28 41.73 32.88
CA LEU C 84 37.70 41.88 31.57
C LEU C 84 38.42 43.04 30.92
N HIS C 85 39.33 42.70 30.01
CA HIS C 85 39.84 43.63 29.03
C HIS C 85 39.34 43.21 27.67
N CYS C 86 38.89 44.17 26.89
CA CYS C 86 38.36 43.92 25.55
C CYS C 86 39.31 44.48 24.50
N VAL C 87 39.82 43.59 23.66
CA VAL C 87 40.66 43.96 22.53
C VAL C 87 39.78 44.14 21.30
N ALA C 88 40.18 45.08 20.45
CA ALA C 88 39.52 45.32 19.17
C ALA C 88 40.53 45.07 18.05
N PHE C 89 40.43 43.92 17.41
CA PHE C 89 41.06 43.72 16.11
C PHE C 89 40.23 44.46 15.06
N ALA C 90 40.61 44.28 13.80
CA ALA C 90 39.83 44.77 12.69
C ALA C 90 40.21 44.02 11.42
N VAL C 91 39.54 44.37 10.34
CA VAL C 91 39.50 43.54 9.14
C VAL C 91 39.76 44.33 7.88
N PRO C 92 40.53 43.78 6.91
CA PRO C 92 40.57 44.36 5.57
C PRO C 92 39.58 43.68 4.65
N LYS C 93 39.52 44.10 3.40
CA LYS C 93 38.69 43.36 2.45
C LYS C 93 39.26 41.97 2.21
N SER C 94 38.57 41.23 1.37
CA SER C 94 38.98 39.92 0.91
C SER C 94 38.72 39.79 -0.58
N SER C 95 39.06 38.62 -1.10
CA SER C 95 38.75 38.31 -2.48
C SER C 95 37.25 38.27 -2.68
N SER C 96 36.60 37.28 -2.06
CA SER C 96 35.18 37.13 -2.21
C SER C 96 34.45 38.23 -1.47
N ASN C 97 33.27 38.55 -1.95
CA ASN C 97 32.36 39.39 -1.19
C ASN C 97 32.10 38.78 0.17
N GLU C 98 31.47 37.62 0.17
CA GLU C 98 31.14 36.88 1.36
C GLU C 98 32.01 35.64 1.43
N GLU C 99 32.21 35.14 2.63
CA GLU C 99 32.95 33.92 2.85
C GLU C 99 32.73 33.49 4.27
N VAL C 100 33.15 32.26 4.57
CA VAL C 100 33.32 31.85 5.99
C VAL C 100 34.81 31.97 6.32
N MET C 101 35.15 32.20 7.59
CA MET C 101 36.51 31.93 7.98
C MET C 101 36.50 30.99 9.17
N PHE C 102 37.51 30.14 9.21
CA PHE C 102 37.92 29.51 10.45
C PHE C 102 38.47 30.63 11.32
N LEU C 103 38.12 30.61 12.60
CA LEU C 103 38.92 31.24 13.62
C LEU C 103 39.36 30.18 14.59
N THR C 104 40.63 30.22 14.94
CA THR C 104 41.22 29.39 15.97
C THR C 104 41.89 30.31 16.95
N VAL C 105 41.71 30.03 18.24
CA VAL C 105 42.34 30.80 19.30
C VAL C 105 43.33 29.88 19.98
N GLN C 106 44.39 30.48 20.54
CA GLN C 106 45.45 29.77 21.22
C GLN C 106 45.70 30.44 22.56
N VAL C 107 45.98 29.63 23.58
CA VAL C 107 46.35 30.08 24.90
C VAL C 107 47.60 29.32 25.29
N LYS C 108 48.56 30.04 25.85
CA LYS C 108 49.84 29.45 26.22
C LYS C 108 50.25 30.01 27.56
N GLY C 109 49.81 29.35 28.62
CA GLY C 109 50.33 29.60 29.93
C GLY C 109 51.60 28.82 30.09
N PRO C 110 52.35 29.10 31.14
CA PRO C 110 53.63 28.42 31.33
C PRO C 110 53.46 26.95 31.60
N THR C 111 52.32 26.56 32.19
CA THR C 111 52.03 25.14 32.51
C THR C 111 50.69 24.75 31.88
N GLN C 112 49.80 25.74 31.70
CA GLN C 112 48.46 25.49 31.10
C GLN C 112 48.39 26.18 29.73
N GLU C 113 47.78 25.51 28.75
CA GLU C 113 47.65 26.04 27.41
C GLU C 113 46.24 25.72 26.96
N PHE C 114 45.76 26.46 25.98
CA PHE C 114 44.51 26.02 25.38
C PHE C 114 44.36 26.61 24.00
N LYS C 115 43.80 25.80 23.10
CA LYS C 115 43.57 26.24 21.73
C LYS C 115 42.22 25.71 21.28
N LYS C 116 41.44 26.58 20.64
CA LYS C 116 40.10 26.18 20.23
C LYS C 116 39.64 27.07 19.10
N ARG C 117 38.80 26.51 18.23
CA ARG C 117 38.48 27.09 16.95
C ARG C 117 37.03 26.86 16.59
N THR C 118 36.64 27.47 15.50
CA THR C 118 35.35 27.21 14.87
C THR C 118 35.38 27.82 13.49
N THR C 119 34.22 27.84 12.88
CA THR C 119 34.00 28.48 11.59
C THR C 119 33.24 29.75 11.87
N VAL C 120 33.55 30.76 11.12
CA VAL C 120 33.03 32.09 11.35
C VAL C 120 32.64 32.65 10.01
N MET C 121 31.77 33.63 10.01
CA MET C 121 31.34 34.30 8.80
C MET C 121 32.16 35.55 8.63
N VAL C 122 32.24 36.01 7.41
CA VAL C 122 32.91 37.24 7.04
C VAL C 122 32.16 37.84 5.87
N LYS C 123 32.33 39.14 5.68
CA LYS C 123 31.49 39.84 4.72
C LYS C 123 32.11 41.15 4.29
N ASN C 124 32.61 41.16 3.05
CA ASN C 124 33.14 42.40 2.49
C ASN C 124 31.92 43.27 2.32
N GLU C 125 31.60 43.96 3.39
CA GLU C 125 30.24 44.43 3.59
C GLU C 125 29.87 45.52 2.62
N ASP C 126 28.65 45.96 2.80
CA ASP C 126 28.17 47.21 2.24
C ASP C 126 27.95 48.17 3.38
N SER C 127 28.31 49.41 3.13
CA SER C 127 28.00 50.46 4.06
C SER C 127 26.50 50.71 4.08
N LEU C 128 26.09 51.66 4.91
CA LEU C 128 24.71 52.08 5.06
C LEU C 128 24.65 53.52 4.60
N VAL C 129 24.04 53.71 3.45
CA VAL C 129 24.34 54.81 2.57
C VAL C 129 23.08 55.22 1.86
N PHE C 130 22.95 56.50 1.63
CA PHE C 130 21.66 57.03 1.24
C PHE C 130 21.79 58.50 0.89
N VAL C 131 20.65 59.16 0.78
CA VAL C 131 20.59 60.44 0.03
C VAL C 131 19.65 61.38 0.78
N GLN C 132 19.93 62.69 0.76
CA GLN C 132 18.87 63.61 1.15
C GLN C 132 18.59 64.49 -0.05
N THR C 133 17.34 64.54 -0.45
CA THR C 133 16.86 65.28 -1.59
C THR C 133 16.15 66.53 -1.16
N ASP C 134 16.09 67.49 -2.07
CA ASP C 134 15.29 68.67 -1.83
C ASP C 134 13.84 68.33 -1.60
N LYS C 135 13.33 67.31 -2.27
CA LYS C 135 11.89 67.06 -2.25
C LYS C 135 11.62 65.58 -2.40
N SER C 136 10.33 65.29 -2.36
CA SER C 136 9.78 64.00 -2.73
C SER C 136 9.01 64.05 -4.05
N ILE C 137 8.98 65.20 -4.72
CA ILE C 137 8.11 65.40 -5.88
C ILE C 137 8.54 66.68 -6.59
N TYR C 138 8.31 66.72 -7.90
CA TYR C 138 8.66 67.87 -8.73
C TYR C 138 7.63 68.08 -9.82
N LYS C 139 7.70 69.26 -10.41
CA LYS C 139 6.92 69.62 -11.58
C LYS C 139 7.84 69.96 -12.75
N PRO C 140 7.29 70.07 -13.95
CA PRO C 140 8.10 70.42 -15.12
C PRO C 140 8.94 71.67 -14.94
N GLY C 141 9.98 71.77 -15.76
CA GLY C 141 10.79 72.95 -15.84
C GLY C 141 11.78 73.16 -14.73
N GLN C 142 11.73 72.35 -13.68
CA GLN C 142 12.52 72.58 -12.49
C GLN C 142 13.87 71.88 -12.57
N THR C 143 14.54 71.80 -11.43
CA THR C 143 15.76 71.03 -11.27
C THR C 143 15.70 70.32 -9.93
N VAL C 144 16.46 69.24 -9.79
CA VAL C 144 16.50 68.49 -8.55
C VAL C 144 17.77 68.90 -7.82
N LYS C 145 17.80 68.70 -6.51
CA LYS C 145 19.04 68.82 -5.74
C LYS C 145 19.01 67.82 -4.59
N PHE C 146 20.11 67.07 -4.44
CA PHE C 146 20.21 66.11 -3.36
C PHE C 146 21.65 65.96 -2.89
N ARG C 147 21.78 65.41 -1.68
CA ARG C 147 23.06 65.01 -1.11
C ARG C 147 23.01 63.51 -0.92
N VAL C 148 24.12 62.97 -0.41
CA VAL C 148 24.29 61.55 -0.20
C VAL C 148 24.68 61.36 1.25
N VAL C 149 24.94 60.11 1.65
CA VAL C 149 25.50 59.78 2.95
C VAL C 149 26.41 58.56 2.82
N SER C 150 27.44 58.53 3.64
CA SER C 150 28.15 57.29 3.96
C SER C 150 28.34 57.18 5.46
N MET C 151 28.45 55.93 5.93
CA MET C 151 28.53 55.61 7.34
C MET C 151 29.06 54.19 7.48
N ASP C 152 29.14 53.71 8.72
CA ASP C 152 29.51 52.33 9.02
C ASP C 152 28.77 51.89 10.28
N GLU C 153 29.22 50.77 10.88
CA GLU C 153 28.61 50.23 12.09
C GLU C 153 28.41 51.30 13.13
N ASN C 154 29.50 51.83 13.65
CA ASN C 154 29.38 53.11 14.30
C ASN C 154 29.07 54.12 13.24
N PHE C 155 28.18 55.05 13.60
CA PHE C 155 27.67 56.08 12.67
C PHE C 155 28.68 57.23 12.59
N HIS C 156 29.82 57.08 13.28
CA HIS C 156 31.01 57.76 12.88
C HIS C 156 31.16 57.62 11.37
N PRO C 157 31.01 58.68 10.58
CA PRO C 157 30.93 58.52 9.14
C PRO C 157 32.27 58.12 8.54
N LEU C 158 32.32 58.13 7.21
CA LEU C 158 33.49 57.70 6.47
C LEU C 158 33.58 58.43 5.14
N ASN C 159 34.80 58.59 4.66
CA ASN C 159 35.08 59.21 3.37
C ASN C 159 35.63 58.16 2.41
N GLU C 160 34.96 58.00 1.28
CA GLU C 160 35.31 56.94 0.35
C GLU C 160 34.95 57.39 -1.05
N LEU C 161 35.24 56.50 -2.01
CA LEU C 161 35.10 56.80 -3.43
C LEU C 161 33.95 55.98 -3.98
N ILE C 162 33.22 56.59 -4.90
CA ILE C 162 31.94 56.05 -5.32
C ILE C 162 32.06 55.53 -6.75
N PRO C 163 31.78 54.25 -6.99
CA PRO C 163 31.63 53.81 -8.38
C PRO C 163 30.64 54.61 -9.19
N LEU C 164 29.47 54.92 -8.64
CA LEU C 164 28.45 55.54 -9.45
C LEU C 164 27.36 56.14 -8.58
N VAL C 165 26.70 57.16 -9.12
CA VAL C 165 25.36 57.57 -8.72
C VAL C 165 24.63 58.01 -9.97
N TYR C 166 23.33 57.78 -10.05
CA TYR C 166 22.62 58.33 -11.19
C TYR C 166 21.14 58.48 -10.93
N ILE C 167 20.45 58.89 -11.98
CA ILE C 167 19.00 58.98 -11.99
C ILE C 167 18.52 58.29 -13.24
N GLN C 168 17.33 57.72 -13.16
CA GLN C 168 16.76 56.90 -14.21
C GLN C 168 15.37 57.42 -14.51
N ASP C 169 15.03 57.48 -15.78
CA ASP C 169 13.72 57.95 -16.15
C ASP C 169 12.69 56.87 -15.90
N PRO C 170 11.40 57.20 -16.05
CA PRO C 170 10.37 56.19 -15.79
C PRO C 170 10.34 55.03 -16.79
N LYS C 171 11.26 54.97 -17.76
CA LYS C 171 11.29 53.92 -18.78
C LYS C 171 12.51 53.02 -18.69
N GLY C 172 13.38 53.20 -17.71
CA GLY C 172 14.70 52.60 -17.76
C GLY C 172 15.69 53.39 -18.59
N ASN C 173 15.26 54.48 -19.20
CA ASN C 173 16.15 55.42 -19.88
C ASN C 173 16.97 56.20 -18.86
N ARG C 174 18.26 55.87 -18.75
CA ARG C 174 19.17 56.69 -17.96
C ARG C 174 19.17 58.12 -18.46
N ILE C 175 18.66 59.04 -17.65
CA ILE C 175 18.63 60.42 -18.08
C ILE C 175 20.01 61.03 -18.11
N ALA C 176 20.94 60.53 -17.32
CA ALA C 176 22.11 61.32 -16.99
C ALA C 176 23.07 60.45 -16.22
N GLN C 177 24.10 61.09 -15.65
CA GLN C 177 25.06 60.39 -14.84
C GLN C 177 26.02 61.34 -14.15
N TRP C 178 26.41 60.99 -12.93
CA TRP C 178 27.52 61.59 -12.21
C TRP C 178 28.27 60.43 -11.58
N GLN C 179 29.59 60.49 -11.59
CA GLN C 179 30.33 59.28 -11.37
C GLN C 179 31.74 59.54 -10.85
N SER C 180 32.27 58.48 -10.26
CA SER C 180 33.68 58.31 -9.95
C SER C 180 34.21 59.48 -9.14
N PHE C 181 33.67 59.64 -7.94
CA PHE C 181 33.99 60.75 -7.06
C PHE C 181 34.15 60.25 -5.65
N GLN C 182 34.67 61.12 -4.81
CA GLN C 182 35.06 60.80 -3.45
C GLN C 182 34.45 61.80 -2.49
N LEU C 183 34.27 61.36 -1.25
CA LEU C 183 33.56 62.17 -0.28
C LEU C 183 34.50 62.75 0.75
N GLU C 184 34.25 64.01 1.11
CA GLU C 184 35.00 64.70 2.14
C GLU C 184 34.18 64.73 3.41
N GLY C 185 32.90 65.10 3.26
CA GLY C 185 31.99 65.13 4.42
C GLY C 185 31.49 63.73 4.75
N GLY C 186 31.91 62.72 3.97
CA GLY C 186 31.06 61.56 3.90
C GLY C 186 29.74 61.85 3.23
N LEU C 187 29.53 63.09 2.79
CA LEU C 187 28.40 63.44 1.96
C LEU C 187 28.89 64.45 0.96
N LYS C 188 27.98 64.81 0.07
CA LYS C 188 28.28 65.68 -1.04
C LYS C 188 26.98 65.94 -1.72
N GLN C 189 26.89 67.06 -2.41
CA GLN C 189 25.63 67.56 -2.92
C GLN C 189 25.60 67.43 -4.42
N PHE C 190 24.41 67.23 -4.95
CA PHE C 190 24.22 66.99 -6.36
C PHE C 190 22.89 67.57 -6.79
N SER C 191 22.79 67.74 -8.10
CA SER C 191 21.59 68.28 -8.71
C SER C 191 21.36 67.56 -10.02
N PHE C 192 20.38 68.06 -10.71
CA PHE C 192 20.18 67.71 -12.09
C PHE C 192 19.17 68.67 -12.69
N PRO C 193 19.41 69.19 -13.86
CA PRO C 193 18.42 70.05 -14.47
C PRO C 193 17.41 69.27 -15.27
N LEU C 194 16.13 69.56 -15.04
CA LEU C 194 15.09 69.01 -15.89
C LEU C 194 14.95 69.81 -17.17
N SER C 195 14.73 69.11 -18.27
CA SER C 195 14.48 69.76 -19.54
C SER C 195 13.09 70.38 -19.53
N SER C 196 12.68 70.89 -20.68
CA SER C 196 11.40 71.56 -20.77
C SER C 196 10.23 70.59 -20.76
N GLU C 197 10.32 69.51 -21.52
CA GLU C 197 9.26 68.50 -21.60
C GLU C 197 9.85 67.09 -21.62
N PRO C 198 10.61 66.72 -20.60
CA PRO C 198 11.10 65.34 -20.50
C PRO C 198 10.02 64.45 -19.91
N PHE C 199 10.43 63.24 -19.56
CA PHE C 199 9.48 62.19 -19.19
C PHE C 199 8.59 62.61 -18.05
N GLN C 200 7.37 62.10 -18.08
CA GLN C 200 6.47 62.10 -16.94
C GLN C 200 6.30 60.68 -16.46
N GLY C 201 6.51 60.49 -15.17
CA GLY C 201 6.37 59.21 -14.56
C GLY C 201 7.16 59.16 -13.29
N SER C 202 7.17 57.99 -12.67
CA SER C 202 7.89 57.82 -11.43
C SER C 202 9.37 57.82 -11.73
N TYR C 203 9.95 59.00 -11.72
CA TYR C 203 11.39 59.13 -11.81
C TYR C 203 12.03 58.38 -10.65
N LYS C 204 13.34 58.15 -10.75
CA LYS C 204 14.02 57.34 -9.76
C LYS C 204 15.46 57.75 -9.67
N VAL C 205 15.83 58.38 -8.57
CA VAL C 205 17.21 58.60 -8.23
C VAL C 205 17.72 57.35 -7.53
N VAL C 206 18.80 56.78 -8.05
CA VAL C 206 19.22 55.41 -7.75
C VAL C 206 20.71 55.32 -7.94
N VAL C 207 21.35 54.49 -7.13
CA VAL C 207 22.79 54.29 -7.18
C VAL C 207 23.14 52.84 -6.90
N GLN C 208 24.44 52.58 -6.77
CA GLN C 208 24.98 51.26 -6.50
C GLN C 208 26.35 51.44 -5.87
N LYS C 209 26.94 50.33 -5.44
CA LYS C 209 28.27 50.31 -4.88
C LYS C 209 29.13 49.28 -5.55
N LYS C 210 30.39 49.25 -5.13
CA LYS C 210 31.41 48.48 -5.84
C LYS C 210 31.21 46.98 -5.68
N SER C 211 30.40 46.57 -4.71
CA SER C 211 29.94 45.19 -4.71
C SER C 211 28.95 45.00 -5.83
N GLY C 212 28.23 46.06 -6.15
CA GLY C 212 27.03 45.98 -6.93
C GLY C 212 25.78 46.11 -6.12
N GLY C 213 25.90 46.33 -4.82
CA GLY C 213 24.73 46.47 -3.99
C GLY C 213 23.95 47.72 -4.34
N ARG C 214 22.65 47.55 -4.45
CA ARG C 214 21.79 48.55 -5.03
C ARG C 214 21.14 49.37 -3.93
N THR C 215 20.82 50.60 -4.28
CA THR C 215 20.23 51.53 -3.35
C THR C 215 19.47 52.59 -4.10
N GLU C 216 18.37 53.05 -3.52
CA GLU C 216 17.37 53.82 -4.23
C GLU C 216 17.04 55.10 -3.52
N HIS C 217 16.39 55.99 -4.26
CA HIS C 217 15.61 57.09 -3.70
C HIS C 217 14.64 57.42 -4.82
N PRO C 218 13.53 56.74 -4.91
CA PRO C 218 12.52 57.13 -5.88
C PRO C 218 11.97 58.51 -5.62
N PHE C 219 11.36 59.04 -6.67
CA PHE C 219 10.63 60.28 -6.59
C PHE C 219 9.86 60.49 -7.88
N THR C 220 8.61 60.88 -7.72
CA THR C 220 7.70 61.07 -8.83
C THR C 220 7.92 62.45 -9.40
N VAL C 221 7.43 62.65 -10.62
CA VAL C 221 7.36 63.96 -11.23
C VAL C 221 6.03 64.07 -11.94
N GLU C 222 5.44 65.26 -11.91
CA GLU C 222 4.15 65.54 -12.53
C GLU C 222 3.85 67.01 -12.24
N GLU C 223 2.86 67.54 -12.93
CA GLU C 223 2.34 68.85 -12.57
C GLU C 223 1.43 68.74 -11.35
N PHE C 224 1.27 69.85 -10.63
CA PHE C 224 0.40 69.94 -9.48
C PHE C 224 0.36 71.37 -8.99
N VAL C 225 -0.71 71.71 -8.31
CA VAL C 225 -0.92 73.05 -7.78
C VAL C 225 -0.55 73.06 -6.31
N LEU C 226 -0.05 74.18 -5.87
CA LEU C 226 0.51 74.34 -4.55
C LEU C 226 -0.63 74.46 -3.53
N PRO C 227 -0.96 73.41 -2.77
CA PRO C 227 -2.13 73.48 -1.90
C PRO C 227 -1.91 74.37 -0.69
N LYS C 228 -2.98 74.53 0.09
CA LYS C 228 -3.04 75.47 1.19
C LYS C 228 -3.68 74.86 2.42
N PHE C 229 -3.88 73.54 2.43
CA PHE C 229 -4.81 72.96 3.39
C PHE C 229 -4.68 71.44 3.43
N GLU C 230 -5.10 70.87 4.55
CA GLU C 230 -5.38 69.44 4.67
C GLU C 230 -6.74 69.23 5.31
N VAL C 231 -7.58 68.50 4.63
CA VAL C 231 -8.70 67.85 5.31
C VAL C 231 -8.08 66.94 6.37
N GLN C 232 -8.58 66.98 7.60
CA GLN C 232 -7.96 66.16 8.63
C GLN C 232 -8.92 65.91 9.77
N VAL C 233 -8.85 64.72 10.31
CA VAL C 233 -9.98 64.07 10.95
C VAL C 233 -9.52 63.20 12.09
N THR C 234 -10.50 62.62 12.76
CA THR C 234 -10.28 61.72 13.88
C THR C 234 -11.44 60.74 13.93
N VAL C 235 -11.11 59.45 13.86
CA VAL C 235 -12.08 58.37 13.89
C VAL C 235 -11.34 57.25 14.61
N PRO C 236 -12.02 56.24 15.16
CA PRO C 236 -11.32 55.03 15.56
C PRO C 236 -10.34 54.54 14.51
N LYS C 237 -9.07 54.58 14.89
CA LYS C 237 -8.08 53.73 14.25
C LYS C 237 -8.48 52.29 14.32
N ILE C 238 -9.22 51.90 15.34
CA ILE C 238 -9.73 50.55 15.45
C ILE C 238 -11.18 50.64 15.87
N ILE C 239 -12.00 49.80 15.30
CA ILE C 239 -13.41 49.71 15.63
C ILE C 239 -13.80 48.25 15.53
N THR C 240 -14.12 47.65 16.67
CA THR C 240 -14.17 46.21 16.83
C THR C 240 -15.60 45.70 16.62
N ILE C 241 -15.84 44.45 17.03
CA ILE C 241 -17.14 43.82 16.90
C ILE C 241 -18.19 44.63 17.65
N LEU C 242 -18.04 44.72 18.97
CA LEU C 242 -19.12 45.24 19.82
C LEU C 242 -19.03 46.76 19.79
N GLU C 243 -19.45 47.31 18.67
CA GLU C 243 -19.41 48.75 18.48
C GLU C 243 -20.77 49.21 18.00
N GLU C 244 -21.54 49.75 18.93
CA GLU C 244 -22.91 50.14 18.70
C GLU C 244 -23.00 51.36 17.78
N GLU C 245 -21.93 52.14 17.78
CA GLU C 245 -21.87 53.38 16.97
C GLU C 245 -20.41 53.78 16.80
N MET C 246 -20.14 54.68 15.86
CA MET C 246 -18.79 55.12 15.59
C MET C 246 -18.70 56.63 15.78
N ASN C 247 -17.76 57.03 16.65
CA ASN C 247 -17.45 58.45 16.99
C ASN C 247 -16.60 59.05 15.87
N VAL C 248 -17.04 60.18 15.29
CA VAL C 248 -16.45 60.78 14.11
C VAL C 248 -16.17 62.25 14.40
N SER C 249 -15.26 62.83 13.60
CA SER C 249 -15.23 64.26 13.40
C SER C 249 -14.18 64.59 12.36
N VAL C 250 -14.10 65.88 12.06
CA VAL C 250 -13.15 66.41 11.13
C VAL C 250 -12.66 67.75 11.64
N CYS C 251 -11.38 68.01 11.50
CA CYS C 251 -10.86 69.35 11.66
C CYS C 251 -9.78 69.57 10.62
N GLY C 252 -10.21 70.00 9.45
CA GLY C 252 -9.32 70.15 8.33
C GLY C 252 -8.56 71.44 8.38
N LEU C 253 -7.26 71.31 8.56
CA LEU C 253 -6.38 72.45 8.72
C LEU C 253 -6.33 73.27 7.44
N TYR C 254 -5.56 74.35 7.50
CA TYR C 254 -5.45 75.30 6.42
C TYR C 254 -4.04 75.86 6.47
N THR C 255 -3.75 76.88 5.66
CA THR C 255 -2.60 77.74 5.92
C THR C 255 -2.58 78.15 7.37
N TYR C 256 -1.46 77.91 8.05
CA TYR C 256 -1.31 78.25 9.46
C TYR C 256 -2.20 77.41 10.36
N GLY C 257 -2.80 76.35 9.81
CA GLY C 257 -3.69 75.53 10.61
C GLY C 257 -4.95 76.22 11.04
N LYS C 258 -5.31 77.32 10.40
CA LYS C 258 -6.51 78.01 10.76
C LYS C 258 -7.73 77.12 10.51
N PRO C 259 -8.83 77.36 11.21
CA PRO C 259 -10.12 76.82 10.77
C PRO C 259 -10.67 77.65 9.61
N VAL C 260 -10.95 76.96 8.50
CA VAL C 260 -11.34 77.58 7.24
C VAL C 260 -12.76 77.14 6.87
N PRO C 261 -13.63 78.03 6.39
CA PRO C 261 -15.01 77.62 6.13
C PRO C 261 -15.18 76.88 4.82
N GLY C 262 -16.42 76.48 4.57
CA GLY C 262 -16.78 75.75 3.38
C GLY C 262 -17.81 74.68 3.69
N HIS C 263 -17.91 73.73 2.77
CA HIS C 263 -18.74 72.55 2.93
C HIS C 263 -17.83 71.34 2.89
N VAL C 264 -18.28 70.27 3.54
CA VAL C 264 -17.52 69.03 3.60
C VAL C 264 -18.46 67.85 3.50
N THR C 265 -17.97 66.76 2.93
CA THR C 265 -18.64 65.47 3.00
C THR C 265 -17.58 64.39 2.97
N VAL C 266 -17.93 63.27 3.59
CA VAL C 266 -17.00 62.23 3.95
C VAL C 266 -17.65 60.90 3.68
N SER C 267 -16.84 59.90 3.37
CA SER C 267 -17.32 58.58 3.02
C SER C 267 -16.53 57.55 3.81
N ILE C 268 -16.97 57.33 5.02
CA ILE C 268 -16.77 56.06 5.68
C ILE C 268 -17.10 54.94 4.70
N CYS C 269 -16.27 53.89 4.67
CA CYS C 269 -16.42 52.87 3.65
C CYS C 269 -15.94 51.50 4.13
N ARG C 270 -16.92 50.68 4.53
CA ARG C 270 -16.78 49.23 4.57
C ARG C 270 -16.63 48.75 3.14
N LYS C 271 -16.10 47.54 2.95
CA LYS C 271 -15.58 47.12 1.66
C LYS C 271 -15.96 45.70 1.29
N TYR C 272 -15.91 45.40 -0.01
CA TYR C 272 -15.79 44.05 -0.53
C TYR C 272 -17.00 43.18 -0.17
N SER C 273 -18.21 43.61 -0.58
CA SER C 273 -19.43 42.93 -0.20
C SER C 273 -19.85 41.87 -1.24
N ASP C 274 -21.06 41.31 -1.04
CA ASP C 274 -21.51 40.05 -1.64
C ASP C 274 -21.42 40.01 -3.16
N ALA C 275 -21.31 41.15 -3.84
CA ALA C 275 -21.16 41.10 -5.29
C ALA C 275 -19.86 40.38 -5.66
N SER C 276 -19.80 39.90 -6.90
CA SER C 276 -18.64 39.13 -7.33
C SER C 276 -17.41 40.00 -7.57
N ASP C 277 -17.57 41.33 -7.56
CA ASP C 277 -16.54 42.37 -7.67
C ASP C 277 -15.85 42.42 -9.03
N CYS C 278 -16.30 41.64 -10.01
CA CYS C 278 -15.51 41.34 -11.19
C CYS C 278 -16.29 41.74 -12.44
N HIS C 279 -15.94 42.89 -13.00
CA HIS C 279 -16.25 43.26 -14.38
C HIS C 279 -17.73 43.63 -14.62
N GLY C 280 -18.58 43.42 -13.64
CA GLY C 280 -19.92 44.00 -13.63
C GLY C 280 -20.37 44.41 -12.25
N GLU C 281 -19.46 44.28 -11.28
CA GLU C 281 -19.80 44.32 -9.86
C GLU C 281 -18.79 45.21 -9.16
N ASP C 282 -19.28 46.26 -8.53
CA ASP C 282 -18.42 47.13 -7.77
C ASP C 282 -18.17 46.52 -6.39
N SER C 283 -16.91 46.44 -5.99
CA SER C 283 -16.58 45.93 -4.67
C SER C 283 -17.08 46.86 -3.57
N GLN C 284 -17.36 48.12 -3.91
CA GLN C 284 -17.70 49.10 -2.90
C GLN C 284 -18.93 48.68 -2.13
N ALA C 285 -18.71 48.38 -0.88
CA ALA C 285 -19.73 47.95 0.03
C ALA C 285 -20.33 49.19 0.68
N PHE C 286 -21.03 49.02 1.80
CA PHE C 286 -21.85 50.09 2.35
C PHE C 286 -20.97 51.25 2.76
N CYS C 287 -21.00 52.29 1.95
CA CYS C 287 -20.36 53.55 2.26
C CYS C 287 -21.44 54.57 2.59
N GLU C 288 -21.54 54.89 3.87
CA GLU C 288 -22.38 55.99 4.31
C GLU C 288 -21.62 57.26 3.99
N LYS C 289 -22.29 58.22 3.37
CA LYS C 289 -21.70 59.52 3.10
C LYS C 289 -22.31 60.52 4.06
N PHE C 290 -21.45 61.19 4.82
CA PHE C 290 -21.88 62.11 5.86
C PHE C 290 -21.30 63.49 5.56
N SER C 291 -22.15 64.50 5.61
CA SER C 291 -21.82 65.84 5.15
C SER C 291 -21.70 66.78 6.33
N GLY C 292 -20.90 67.81 6.15
CA GLY C 292 -20.87 68.92 7.07
C GLY C 292 -20.70 70.22 6.31
N GLN C 293 -21.12 71.29 6.95
CA GLN C 293 -20.77 72.63 6.51
C GLN C 293 -19.60 73.03 7.37
N LEU C 294 -18.51 73.41 6.72
CA LEU C 294 -17.33 73.85 7.44
C LEU C 294 -17.55 75.27 7.89
N ASN C 295 -17.73 75.45 9.19
CA ASN C 295 -17.85 76.77 9.76
C ASN C 295 -16.53 77.51 9.65
N SER C 296 -16.58 78.81 9.91
CA SER C 296 -15.39 79.63 9.81
C SER C 296 -14.38 79.25 10.87
N HIS C 297 -14.75 79.38 12.14
CA HIS C 297 -13.89 79.02 13.26
C HIS C 297 -14.31 77.65 13.77
N GLY C 298 -13.34 76.85 14.16
CA GLY C 298 -13.63 75.54 14.65
C GLY C 298 -13.74 74.56 13.51
N CYS C 299 -14.35 73.42 13.83
CA CYS C 299 -14.21 72.24 13.01
C CYS C 299 -15.45 71.37 13.17
N PHE C 300 -15.76 70.59 12.14
CA PHE C 300 -17.05 69.91 12.03
C PHE C 300 -16.98 68.52 12.67
N TYR C 301 -18.13 68.08 13.20
CA TYR C 301 -18.24 66.86 13.98
C TYR C 301 -19.35 65.98 13.44
N GLN C 302 -19.27 64.70 13.81
CA GLN C 302 -20.27 63.73 13.39
C GLN C 302 -20.21 62.50 14.29
N GLN C 303 -21.36 61.83 14.46
CA GLN C 303 -21.51 60.57 15.26
C GLN C 303 -22.28 59.58 14.38
N VAL C 304 -21.64 58.50 13.94
CA VAL C 304 -22.24 57.63 12.94
C VAL C 304 -22.37 56.22 13.49
N LYS C 305 -23.53 55.63 13.28
CA LYS C 305 -23.81 54.27 13.72
C LYS C 305 -23.28 53.30 12.67
N THR C 306 -22.77 52.18 13.15
CA THR C 306 -22.22 51.14 12.30
C THR C 306 -23.12 49.90 12.24
N LYS C 307 -24.37 50.02 12.69
CA LYS C 307 -25.35 48.97 12.49
C LYS C 307 -25.42 48.55 11.02
N VAL C 308 -25.49 49.52 10.12
CA VAL C 308 -25.74 49.22 8.72
C VAL C 308 -24.57 48.51 8.08
N PHE C 309 -23.35 48.73 8.55
CA PHE C 309 -22.23 48.01 7.98
C PHE C 309 -22.30 46.53 8.26
N GLN C 310 -23.02 46.12 9.29
CA GLN C 310 -22.99 44.73 9.74
C GLN C 310 -21.54 44.35 10.03
N LEU C 311 -21.00 45.02 11.02
CA LEU C 311 -19.60 44.84 11.38
C LEU C 311 -19.47 43.45 11.99
N LYS C 312 -19.52 42.44 11.13
CA LYS C 312 -19.92 41.11 11.51
C LYS C 312 -19.15 40.14 10.63
N ARG C 313 -19.62 38.89 10.60
CA ARG C 313 -18.93 37.73 10.06
C ARG C 313 -18.16 38.00 8.78
N LYS C 314 -18.86 38.37 7.74
CA LYS C 314 -18.26 38.45 6.41
C LYS C 314 -18.67 39.76 5.77
N GLU C 315 -18.02 40.83 6.22
CA GLU C 315 -17.86 42.09 5.46
C GLU C 315 -16.45 42.60 5.76
N TYR C 316 -15.77 43.20 4.79
CA TYR C 316 -14.35 43.57 5.00
C TYR C 316 -14.14 44.87 5.77
N GLU C 317 -12.85 45.18 5.97
CA GLU C 317 -12.22 46.22 6.78
C GLU C 317 -12.68 47.61 6.41
N MET C 318 -12.34 48.59 7.23
CA MET C 318 -13.02 49.88 7.24
C MET C 318 -12.13 50.98 6.69
N LYS C 319 -12.52 51.53 5.55
CA LYS C 319 -11.81 52.61 4.89
C LYS C 319 -12.75 53.79 4.86
N LEU C 320 -12.19 54.99 4.93
CA LEU C 320 -13.00 56.18 5.23
C LEU C 320 -12.32 57.40 4.62
N HIS C 321 -13.10 58.16 3.85
CA HIS C 321 -12.54 59.13 2.91
C HIS C 321 -13.31 60.43 3.00
N THR C 322 -12.58 61.49 3.28
CA THR C 322 -13.11 62.73 3.80
C THR C 322 -12.70 63.90 2.92
N GLU C 323 -13.69 64.69 2.54
CA GLU C 323 -13.54 65.60 1.41
C GLU C 323 -14.22 66.92 1.72
N ALA C 324 -13.41 67.94 1.88
CA ALA C 324 -13.89 69.28 2.14
C ALA C 324 -14.19 69.96 0.82
N GLN C 325 -15.46 70.18 0.54
CA GLN C 325 -15.85 71.02 -0.57
C GLN C 325 -15.62 72.45 -0.12
N ILE C 326 -14.36 72.85 -0.16
CA ILE C 326 -13.92 74.12 0.39
C ILE C 326 -14.59 75.24 -0.38
N GLN C 327 -15.23 76.16 0.34
CA GLN C 327 -15.80 77.30 -0.34
C GLN C 327 -14.68 78.17 -0.92
N GLU C 328 -15.06 79.02 -1.86
CA GLU C 328 -14.27 80.07 -2.50
C GLU C 328 -13.02 79.56 -3.24
N GLU C 329 -12.74 78.26 -3.25
CA GLU C 329 -11.75 77.69 -4.17
C GLU C 329 -12.21 76.40 -4.84
N GLY C 330 -13.07 75.61 -4.20
CA GLY C 330 -13.54 74.37 -4.80
C GLY C 330 -12.46 73.31 -4.97
N THR C 331 -11.27 73.51 -4.43
CA THR C 331 -10.23 72.50 -4.50
C THR C 331 -10.51 71.43 -3.45
N VAL C 332 -11.29 70.44 -3.82
CA VAL C 332 -11.59 69.32 -2.95
C VAL C 332 -10.37 68.44 -2.90
N VAL C 333 -10.03 67.97 -1.70
CA VAL C 333 -8.94 67.01 -1.54
C VAL C 333 -9.32 66.06 -0.42
N GLU C 334 -8.67 64.90 -0.39
CA GLU C 334 -9.03 63.82 0.50
C GLU C 334 -7.80 63.12 1.07
N LEU C 335 -7.99 62.50 2.24
CA LEU C 335 -7.00 61.68 2.91
C LEU C 335 -7.67 60.41 3.38
N THR C 336 -6.90 59.34 3.41
CA THR C 336 -7.39 58.02 3.74
C THR C 336 -6.68 57.56 5.02
N GLY C 337 -7.35 57.75 6.15
CA GLY C 337 -6.77 57.50 7.47
C GLY C 337 -7.64 56.59 8.32
N ARG C 338 -7.07 56.06 9.41
CA ARG C 338 -7.68 55.02 10.24
C ARG C 338 -8.25 53.88 9.40
N GLN C 339 -7.54 53.56 8.31
CA GLN C 339 -8.08 52.66 7.32
C GLN C 339 -8.06 51.21 7.77
N SER C 340 -7.18 50.86 8.70
CA SER C 340 -7.05 49.48 9.15
C SER C 340 -7.90 49.19 10.37
N SER C 341 -8.99 49.93 10.58
CA SER C 341 -9.80 49.70 11.75
C SER C 341 -10.49 48.36 11.64
N GLU C 342 -9.97 47.39 12.39
CA GLU C 342 -10.41 46.01 12.28
C GLU C 342 -11.57 45.81 13.19
N ILE C 343 -12.58 45.14 12.67
CA ILE C 343 -13.70 44.70 13.47
C ILE C 343 -13.25 43.35 14.01
N THR C 344 -12.43 43.42 15.04
CA THR C 344 -11.62 42.27 15.43
C THR C 344 -12.45 41.29 16.21
N ARG C 345 -12.60 40.09 15.66
CA ARG C 345 -13.29 39.00 16.34
C ARG C 345 -12.78 38.82 17.75
N THR C 346 -11.49 39.01 17.97
CA THR C 346 -10.87 38.96 19.28
C THR C 346 -11.24 40.22 20.04
N ILE C 347 -11.56 40.04 21.31
CA ILE C 347 -11.95 41.15 22.16
C ILE C 347 -11.73 40.72 23.60
N THR C 348 -11.69 41.72 24.47
CA THR C 348 -11.21 41.57 25.83
C THR C 348 -9.74 41.12 25.81
N LYS C 349 -8.98 41.65 24.86
CA LYS C 349 -7.61 41.18 24.65
C LYS C 349 -6.72 41.64 25.78
N LEU C 350 -6.32 40.69 26.62
CA LEU C 350 -5.39 41.02 27.68
C LEU C 350 -4.02 41.15 27.05
N SER C 351 -3.00 41.38 27.86
CA SER C 351 -1.65 41.31 27.33
C SER C 351 -0.65 40.70 28.28
N PHE C 352 0.29 39.98 27.69
CA PHE C 352 1.58 39.71 28.29
C PHE C 352 2.49 40.88 27.94
N VAL C 353 3.24 41.35 28.93
CA VAL C 353 4.15 42.46 28.71
C VAL C 353 5.52 42.12 29.26
N LYS C 354 5.57 41.75 30.54
CA LYS C 354 6.81 41.42 31.21
C LYS C 354 6.92 39.91 31.30
N VAL C 355 6.38 39.26 30.28
CA VAL C 355 6.21 37.83 30.29
C VAL C 355 7.58 37.21 30.24
N ASP C 356 8.02 36.71 31.37
CA ASP C 356 9.29 36.05 31.40
C ASP C 356 9.25 34.79 30.58
N SER C 357 10.40 34.40 30.09
CA SER C 357 10.55 33.27 29.21
C SER C 357 10.98 32.03 29.94
N HIS C 358 11.24 32.11 31.23
CA HIS C 358 11.93 31.03 31.91
C HIS C 358 11.54 30.97 33.37
N PHE C 359 12.07 29.93 34.01
CA PHE C 359 11.72 29.50 35.34
C PHE C 359 12.71 28.42 35.72
N ARG C 360 12.82 28.14 37.00
CA ARG C 360 13.66 27.03 37.45
C ARG C 360 13.07 26.43 38.72
N GLN C 361 13.57 25.26 39.09
CA GLN C 361 13.02 24.50 40.18
C GLN C 361 13.69 24.80 41.50
N GLY C 362 14.24 25.99 41.66
CA GLY C 362 14.80 26.40 42.92
C GLY C 362 14.46 27.84 43.18
N ILE C 363 13.31 28.27 42.68
CA ILE C 363 13.07 29.70 42.57
C ILE C 363 11.60 30.02 42.33
N PRO C 364 11.09 31.14 42.84
CA PRO C 364 9.87 31.73 42.28
C PRO C 364 10.13 32.74 41.20
N PHE C 365 9.33 32.72 40.14
CA PHE C 365 9.24 33.86 39.25
C PHE C 365 7.89 34.51 39.35
N PHE C 366 7.76 35.60 38.62
CA PHE C 366 6.48 36.20 38.36
C PHE C 366 6.54 36.89 37.00
N GLY C 367 5.79 36.37 36.05
CA GLY C 367 5.40 37.11 34.88
C GLY C 367 4.44 38.21 35.32
N GLN C 368 4.84 39.44 35.11
CA GLN C 368 3.93 40.56 35.28
C GLN C 368 3.15 40.72 33.98
N VAL C 369 1.83 40.64 34.09
CA VAL C 369 0.96 40.44 32.95
C VAL C 369 -0.13 41.49 32.99
N ARG C 370 -0.62 41.83 31.82
CA ARG C 370 -1.42 43.01 31.59
C ARG C 370 -2.80 42.60 31.09
N LEU C 371 -3.76 43.49 31.25
CA LEU C 371 -5.00 43.42 30.50
C LEU C 371 -5.23 44.73 29.76
N VAL C 372 -5.74 44.61 28.54
CA VAL C 372 -6.12 45.72 27.71
C VAL C 372 -7.42 45.30 27.01
N ASP C 373 -7.92 46.17 26.13
CA ASP C 373 -8.90 45.73 25.16
C ASP C 373 -8.94 46.67 23.98
N GLY C 374 -9.27 46.10 22.82
CA GLY C 374 -9.80 46.86 21.72
C GLY C 374 -8.90 47.97 21.25
N LYS C 375 -9.30 49.19 21.60
CA LYS C 375 -8.53 50.38 21.27
C LYS C 375 -7.09 50.29 21.75
N GLY C 376 -6.82 49.51 22.78
CA GLY C 376 -5.50 49.44 23.38
C GLY C 376 -5.49 50.23 24.66
N VAL C 377 -6.58 50.09 25.41
CA VAL C 377 -6.82 50.87 26.62
C VAL C 377 -7.13 49.88 27.74
N PRO C 378 -6.61 50.07 28.94
CA PRO C 378 -6.84 49.08 29.98
C PRO C 378 -8.23 49.19 30.58
N ILE C 379 -8.72 48.07 31.11
CA ILE C 379 -9.90 48.02 31.96
C ILE C 379 -9.47 47.60 33.35
N PRO C 380 -9.97 48.22 34.40
CA PRO C 380 -9.75 47.67 35.74
C PRO C 380 -10.89 46.81 36.20
N ASN C 381 -10.59 45.90 37.12
CA ASN C 381 -11.58 45.13 37.86
C ASN C 381 -12.39 44.22 36.93
N LYS C 382 -11.69 43.24 36.37
CA LYS C 382 -12.31 42.17 35.61
C LYS C 382 -11.57 40.89 35.92
N VAL C 383 -12.26 39.96 36.57
CA VAL C 383 -11.60 38.81 37.18
C VAL C 383 -11.23 37.83 36.10
N ILE C 384 -10.26 36.96 36.40
CA ILE C 384 -9.76 36.00 35.44
C ILE C 384 -9.32 34.74 36.18
N PHE C 385 -9.05 33.72 35.35
CA PHE C 385 -8.64 32.38 35.78
C PHE C 385 -7.25 32.06 35.22
N ILE C 386 -6.29 31.95 36.14
CA ILE C 386 -4.92 31.58 35.79
C ILE C 386 -4.84 30.08 35.74
N ARG C 387 -4.02 29.57 34.83
CA ARG C 387 -3.93 28.15 34.53
C ARG C 387 -2.51 27.66 34.70
N GLY C 388 -2.27 26.90 35.77
CA GLY C 388 -1.00 26.24 35.97
C GLY C 388 -1.09 24.80 35.54
N ASN C 389 -0.61 24.53 34.34
CA ASN C 389 -0.70 23.21 33.74
C ASN C 389 0.63 22.50 33.87
N GLU C 390 0.61 21.40 34.61
CA GLU C 390 1.75 20.58 35.00
C GLU C 390 2.55 21.26 36.11
N ALA C 391 2.08 22.44 36.51
CA ALA C 391 2.29 22.99 37.88
C ALA C 391 0.98 22.90 38.67
N ASN C 392 -0.11 22.49 37.99
CA ASN C 392 -1.40 22.27 38.62
C ASN C 392 -1.81 23.49 39.44
N TYR C 393 -1.24 24.64 39.06
CA TYR C 393 -1.40 25.89 39.76
C TYR C 393 -2.46 26.67 39.02
N TYR C 394 -3.69 26.22 39.12
CA TYR C 394 -4.83 26.98 38.66
C TYR C 394 -5.07 28.08 39.67
N SER C 395 -5.52 29.23 39.21
CA SER C 395 -5.61 30.37 40.09
C SER C 395 -6.46 31.43 39.43
N ASN C 396 -6.74 32.46 40.24
CA ASN C 396 -7.67 33.55 39.84
C ASN C 396 -7.20 34.95 40.24
N ALA C 397 -7.32 35.93 39.33
CA ALA C 397 -7.07 37.30 39.76
C ALA C 397 -7.98 38.20 38.96
N THR C 398 -7.74 39.50 39.07
CA THR C 398 -8.52 40.49 38.35
C THR C 398 -7.64 41.62 37.91
N THR C 399 -8.25 42.51 37.15
CA THR C 399 -7.57 43.71 36.67
C THR C 399 -7.45 44.70 37.80
N ASP C 400 -6.25 45.22 37.99
CA ASP C 400 -6.02 46.35 38.87
C ASP C 400 -6.41 47.63 38.14
N GLU C 401 -6.03 48.77 38.70
CA GLU C 401 -6.28 50.05 38.05
C GLU C 401 -5.72 50.09 36.64
N HIS C 402 -4.58 49.44 36.42
CA HIS C 402 -3.95 49.36 35.12
C HIS C 402 -4.11 48.00 34.47
N GLY C 403 -4.93 47.12 35.02
CA GLY C 403 -5.17 45.83 34.39
C GLY C 403 -3.97 44.92 34.41
N LEU C 404 -3.01 45.22 35.26
CA LEU C 404 -1.78 44.48 35.37
C LEU C 404 -1.85 43.61 36.60
N VAL C 405 -1.15 42.48 36.54
CA VAL C 405 -1.12 41.53 37.62
C VAL C 405 0.29 41.05 37.82
N GLN C 406 0.54 40.49 38.98
CA GLN C 406 1.75 39.74 39.24
C GLN C 406 1.34 38.35 39.68
N PHE C 407 1.00 37.50 38.73
CA PHE C 407 0.92 36.08 39.01
C PHE C 407 2.34 35.64 39.31
N SER C 408 2.48 34.63 40.14
CA SER C 408 3.76 34.29 40.71
C SER C 408 3.64 32.88 41.29
N ILE C 409 4.68 32.07 41.08
CA ILE C 409 4.53 30.62 41.13
C ILE C 409 5.68 30.01 41.92
N ASN C 410 5.33 29.07 42.83
CA ASN C 410 6.25 28.10 43.54
C ASN C 410 6.52 26.95 42.54
N THR C 411 7.77 26.49 42.39
CA THR C 411 8.25 25.70 41.26
C THR C 411 8.95 24.45 41.77
N THR C 412 8.24 23.34 41.99
CA THR C 412 8.82 22.00 42.34
C THR C 412 8.04 21.01 41.48
N ASN C 413 8.30 21.05 40.16
CA ASN C 413 7.40 20.58 39.12
C ASN C 413 8.22 19.93 38.02
N VAL C 414 7.54 19.55 36.94
CA VAL C 414 8.12 18.84 35.81
C VAL C 414 8.57 19.83 34.73
N MET C 415 9.41 19.36 33.81
CA MET C 415 10.17 20.22 32.89
C MET C 415 9.38 21.27 32.13
N GLY C 416 8.45 20.86 31.27
CA GLY C 416 7.89 21.76 30.28
C GLY C 416 6.66 22.45 30.83
N THR C 417 6.89 23.60 31.43
CA THR C 417 5.82 24.41 31.96
C THR C 417 5.21 25.22 30.83
N SER C 418 3.90 25.37 30.87
CA SER C 418 3.12 25.86 29.77
C SER C 418 1.86 26.51 30.32
N LEU C 419 1.71 27.80 30.06
CA LEU C 419 0.94 28.66 30.93
C LEU C 419 -0.07 29.50 30.16
N THR C 420 -1.05 30.04 30.89
CA THR C 420 -2.07 30.89 30.34
C THR C 420 -3.01 31.36 31.44
N VAL C 421 -3.75 32.42 31.12
CA VAL C 421 -4.83 32.95 31.95
C VAL C 421 -5.94 33.32 30.99
N ARG C 422 -7.16 33.42 31.50
CA ARG C 422 -8.28 33.78 30.65
C ARG C 422 -9.31 34.58 31.43
N VAL C 423 -10.11 35.30 30.66
CA VAL C 423 -11.34 35.88 31.15
C VAL C 423 -12.57 35.14 30.62
N ASN C 424 -12.39 34.28 29.61
CA ASN C 424 -13.41 33.34 29.17
C ASN C 424 -12.80 31.94 29.15
N TYR C 425 -13.47 30.98 28.52
CA TYR C 425 -13.13 29.56 28.65
C TYR C 425 -12.72 29.01 27.29
N LYS C 426 -12.46 27.69 27.26
CA LYS C 426 -11.86 27.04 26.09
C LYS C 426 -12.87 26.84 24.96
N ASP C 427 -13.55 27.90 24.55
CA ASP C 427 -14.46 27.86 23.42
C ASP C 427 -14.97 29.26 23.17
N ARG C 428 -15.39 29.53 21.93
CA ARG C 428 -16.03 30.79 21.60
C ARG C 428 -17.45 30.72 22.09
N SER C 429 -17.68 31.21 23.31
CA SER C 429 -18.99 31.14 23.96
C SER C 429 -20.15 31.54 23.06
N PRO C 430 -20.06 32.59 22.22
CA PRO C 430 -21.12 32.81 21.22
C PRO C 430 -20.91 32.04 19.93
N CYS C 431 -21.75 31.04 19.70
CA CYS C 431 -21.95 30.38 18.40
C CYS C 431 -20.63 30.08 17.69
N TYR C 432 -19.79 29.31 18.39
CA TYR C 432 -18.46 28.96 17.92
C TYR C 432 -18.50 28.27 16.57
N GLY C 433 -19.06 27.06 16.52
CA GLY C 433 -18.98 26.25 15.32
C GLY C 433 -20.12 26.49 14.35
N TYR C 434 -20.45 27.77 14.11
CA TYR C 434 -21.49 28.13 13.17
C TYR C 434 -20.96 28.36 11.77
N GLN C 435 -19.66 28.60 11.59
CA GLN C 435 -19.03 28.90 10.31
C GLN C 435 -19.48 30.23 9.73
N TRP C 436 -20.26 31.01 10.47
CA TRP C 436 -20.79 32.26 9.99
C TRP C 436 -20.84 33.30 11.09
N VAL C 437 -19.91 33.20 12.04
CA VAL C 437 -19.87 34.08 13.20
C VAL C 437 -18.40 34.38 13.51
N SER C 438 -18.10 35.65 13.78
CA SER C 438 -16.74 36.17 13.84
C SER C 438 -16.46 36.84 15.16
N GLU C 439 -16.76 36.16 16.27
CA GLU C 439 -16.51 36.67 17.61
C GLU C 439 -15.44 35.81 18.28
N GLU C 440 -14.56 36.44 19.04
CA GLU C 440 -13.45 35.74 19.66
C GLU C 440 -12.96 36.53 20.87
N HIS C 441 -12.11 35.90 21.66
CA HIS C 441 -11.37 36.54 22.73
C HIS C 441 -9.92 36.20 22.52
N GLU C 442 -9.03 37.10 22.93
CA GLU C 442 -7.62 36.81 22.86
C GLU C 442 -7.29 35.61 23.74
N GLU C 443 -6.33 34.83 23.28
CA GLU C 443 -5.82 33.69 24.03
C GLU C 443 -4.45 34.06 24.56
N ALA C 444 -4.44 34.61 25.77
CA ALA C 444 -3.25 34.66 26.59
C ALA C 444 -2.50 33.35 26.48
N HIS C 445 -1.26 33.43 26.04
CA HIS C 445 -0.50 32.24 25.77
C HIS C 445 0.98 32.53 25.90
N HIS C 446 1.71 31.54 26.38
CA HIS C 446 3.14 31.65 26.54
C HIS C 446 3.69 30.30 26.98
N THR C 447 4.91 30.04 26.57
CA THR C 447 5.68 28.92 27.05
C THR C 447 6.99 29.47 27.58
N ALA C 448 7.52 28.79 28.58
CA ALA C 448 8.80 29.16 29.15
C ALA C 448 9.55 27.88 29.45
N TYR C 449 10.86 28.00 29.62
CA TYR C 449 11.73 26.85 29.74
C TYR C 449 12.65 27.00 30.94
N LEU C 450 13.38 25.95 31.22
CA LEU C 450 14.29 25.89 32.35
C LEU C 450 15.71 25.65 31.89
N VAL C 451 16.64 25.99 32.75
CA VAL C 451 18.03 25.77 32.46
C VAL C 451 18.39 24.31 32.71
N PHE C 452 19.56 23.96 32.25
CA PHE C 452 20.35 22.88 32.81
C PHE C 452 21.39 23.54 33.70
N SER C 453 21.39 23.14 34.96
CA SER C 453 22.45 23.53 35.87
C SER C 453 22.86 22.30 36.68
N PRO C 454 23.95 21.60 36.32
CA PRO C 454 24.29 20.39 37.05
C PRO C 454 24.68 20.66 38.49
N SER C 455 25.07 21.89 38.79
CA SER C 455 25.13 22.34 40.16
C SER C 455 23.78 22.32 40.82
N LYS C 456 22.73 22.56 40.04
CA LYS C 456 21.40 22.99 40.47
C LYS C 456 21.43 24.43 40.92
N SER C 457 22.56 25.11 40.76
CA SER C 457 22.71 26.52 41.02
C SER C 457 22.29 27.24 39.76
N PHE C 458 21.71 28.41 39.90
CA PHE C 458 21.30 29.12 38.71
C PHE C 458 20.97 30.56 39.07
N VAL C 459 20.84 31.36 38.03
CA VAL C 459 20.41 32.74 38.12
C VAL C 459 19.20 32.87 37.23
N HIS C 460 18.50 33.97 37.37
CA HIS C 460 17.40 34.30 36.49
C HIS C 460 16.99 35.71 36.83
N LEU C 461 16.69 36.51 35.80
CA LEU C 461 16.63 37.95 35.99
C LEU C 461 15.28 38.56 35.68
N GLU C 462 15.08 39.73 36.26
CA GLU C 462 13.84 40.47 36.21
C GLU C 462 14.08 41.70 35.37
N PRO C 463 13.83 41.67 34.07
CA PRO C 463 14.08 42.85 33.24
C PRO C 463 13.32 44.08 33.70
N MET C 464 13.72 45.20 33.10
CA MET C 464 12.88 46.38 33.03
C MET C 464 12.18 46.39 31.67
N SER C 465 11.58 45.25 31.37
CA SER C 465 11.15 44.98 30.02
C SER C 465 10.00 45.89 29.66
N HIS C 466 10.34 47.04 29.10
CA HIS C 466 9.35 48.00 28.64
C HIS C 466 10.10 49.01 27.81
N GLU C 467 9.43 50.06 27.35
CA GLU C 467 10.05 51.13 26.57
C GLU C 467 11.19 51.78 27.37
N LEU C 468 12.40 51.62 26.84
CA LEU C 468 13.60 52.06 27.54
C LEU C 468 13.94 53.51 27.17
N PRO C 469 14.37 54.34 28.12
CA PRO C 469 14.85 55.67 27.77
C PRO C 469 16.19 55.65 27.05
N CYS C 470 16.64 56.83 26.66
CA CYS C 470 18.04 57.11 26.42
C CYS C 470 18.38 58.38 27.18
N GLY C 471 19.68 58.64 27.31
CA GLY C 471 20.10 59.71 28.18
C GLY C 471 19.78 59.43 29.64
N HIS C 472 19.70 58.16 30.01
CA HIS C 472 19.37 57.76 31.36
C HIS C 472 20.16 56.51 31.68
N THR C 473 19.84 55.91 32.81
CA THR C 473 20.55 54.74 33.30
C THR C 473 19.57 53.68 33.74
N GLN C 474 20.11 52.57 34.23
CA GLN C 474 19.25 51.64 34.91
C GLN C 474 20.04 50.81 35.89
N THR C 475 19.34 50.40 36.95
CA THR C 475 19.82 49.41 37.89
C THR C 475 18.99 48.17 37.69
N VAL C 476 19.62 47.04 37.89
CA VAL C 476 19.08 45.77 37.44
C VAL C 476 19.37 44.73 38.49
N GLN C 477 18.31 44.11 38.98
CA GLN C 477 18.42 43.10 40.01
C GLN C 477 18.50 41.72 39.39
N ALA C 478 19.32 40.87 40.02
CA ALA C 478 19.41 39.47 39.70
C ALA C 478 19.17 38.65 40.95
N HIS C 479 18.86 37.38 40.74
CA HIS C 479 18.52 36.46 41.81
C HIS C 479 19.45 35.26 41.69
N TYR C 480 20.33 35.10 42.67
CA TYR C 480 21.48 34.21 42.55
C TYR C 480 21.35 33.05 43.52
N ILE C 481 21.41 31.86 42.97
CA ILE C 481 21.16 30.63 43.71
C ILE C 481 22.33 29.72 43.46
N LEU C 482 22.92 29.24 44.55
CA LEU C 482 24.23 28.64 44.53
C LEU C 482 24.25 27.45 45.48
N ASN C 483 24.11 26.26 44.92
CA ASN C 483 24.29 25.06 45.73
C ASN C 483 25.75 24.96 46.09
N GLY C 484 26.09 25.45 47.28
CA GLY C 484 27.44 25.39 47.77
C GLY C 484 28.33 26.52 47.31
N GLY C 485 28.15 27.01 46.08
CA GLY C 485 29.02 28.06 45.59
C GLY C 485 30.45 27.64 45.65
N THR C 486 31.23 28.29 46.52
CA THR C 486 32.57 27.81 46.80
C THR C 486 32.44 26.48 47.53
N LEU C 487 32.46 25.39 46.77
CA LEU C 487 32.42 24.07 47.38
C LEU C 487 33.67 23.86 48.22
N LEU C 488 34.82 24.08 47.62
CA LEU C 488 36.03 24.40 48.35
C LEU C 488 36.44 25.84 48.06
N GLY C 489 36.66 26.16 46.80
CA GLY C 489 36.71 27.51 46.26
C GLY C 489 37.30 28.58 47.13
N LEU C 490 36.61 29.71 47.15
CA LEU C 490 37.15 30.91 47.75
C LEU C 490 36.00 31.81 48.17
N LYS C 491 36.31 32.89 48.88
CA LYS C 491 35.24 33.77 49.34
C LYS C 491 34.72 34.65 48.22
N LYS C 492 35.61 35.19 47.41
CA LYS C 492 35.22 36.17 46.43
C LYS C 492 34.79 35.46 45.16
N LEU C 493 33.60 35.81 44.66
CA LEU C 493 33.10 35.30 43.40
C LEU C 493 32.55 36.46 42.60
N SER C 494 33.01 36.55 41.36
CA SER C 494 32.85 37.75 40.57
C SER C 494 31.61 37.66 39.71
N PHE C 495 31.17 38.82 39.28
CA PHE C 495 30.11 38.98 38.32
C PHE C 495 30.56 39.87 37.16
N TYR C 496 30.17 39.44 35.96
CA TYR C 496 30.72 39.92 34.70
C TYR C 496 29.61 40.02 33.69
N TYR C 497 29.33 41.22 33.25
CA TYR C 497 28.17 41.47 32.43
C TYR C 497 28.55 42.22 31.17
N LEU C 498 27.74 42.02 30.13
CA LEU C 498 28.00 42.49 28.77
C LEU C 498 26.71 42.99 28.17
N ILE C 499 26.76 44.18 27.63
CA ILE C 499 25.71 44.65 26.76
C ILE C 499 26.36 44.86 25.42
N MET C 500 26.08 43.95 24.52
CA MET C 500 26.41 44.14 23.13
C MET C 500 25.28 44.87 22.45
N ALA C 501 25.43 45.01 21.15
CA ALA C 501 24.45 45.68 20.33
C ALA C 501 24.90 45.56 18.92
N LYS C 502 23.95 45.67 18.01
CA LYS C 502 24.27 45.92 16.63
C LYS C 502 25.07 44.78 16.01
N GLY C 503 24.99 43.62 16.66
CA GLY C 503 25.88 42.54 16.32
C GLY C 503 27.27 42.71 16.82
N GLY C 504 27.57 43.85 17.43
CA GLY C 504 28.92 44.15 17.87
C GLY C 504 29.10 43.91 19.35
N ILE C 505 29.91 44.76 19.99
CA ILE C 505 29.94 44.93 21.44
C ILE C 505 30.04 46.42 21.66
N VAL C 506 29.27 46.93 22.61
CA VAL C 506 29.07 48.37 22.74
C VAL C 506 29.53 48.83 24.14
N ARG C 507 29.26 48.04 25.18
CA ARG C 507 29.74 48.32 26.52
C ARG C 507 29.92 47.04 27.30
N THR C 508 30.44 47.19 28.50
CA THR C 508 30.62 46.06 29.40
C THR C 508 31.05 46.54 30.78
N GLY C 509 31.18 45.59 31.71
CA GLY C 509 31.77 45.86 33.01
C GLY C 509 31.75 44.59 33.84
N THR C 510 31.71 44.78 35.17
CA THR C 510 31.78 43.67 36.10
C THR C 510 31.20 44.05 37.47
N HIS C 511 31.38 43.11 38.41
CA HIS C 511 30.89 43.19 39.77
C HIS C 511 31.40 41.92 40.45
N GLY C 512 31.12 41.73 41.73
CA GLY C 512 31.35 40.42 42.31
C GLY C 512 30.76 40.30 43.69
N LEU C 513 31.18 39.28 44.41
CA LEU C 513 30.79 39.19 45.81
C LEU C 513 31.70 38.25 46.58
N LEU C 514 32.06 38.70 47.79
CA LEU C 514 32.58 37.86 48.86
C LEU C 514 31.44 37.00 49.38
N VAL C 515 31.58 35.69 49.25
CA VAL C 515 30.43 34.83 49.39
C VAL C 515 30.17 34.53 50.86
N LYS C 516 28.90 34.48 51.23
CA LYS C 516 28.55 33.65 52.35
C LYS C 516 28.70 32.18 51.93
N GLN C 517 29.04 31.34 52.90
CA GLN C 517 29.78 30.13 52.58
C GLN C 517 28.95 29.11 51.80
N GLU C 518 27.83 28.69 52.37
CA GLU C 518 27.12 27.50 51.92
C GLU C 518 25.62 27.74 51.85
N ASP C 519 25.22 28.94 51.43
CA ASP C 519 23.81 29.32 51.31
C ASP C 519 23.55 29.97 49.95
N MET C 520 22.30 30.35 49.75
CA MET C 520 21.71 30.76 48.48
C MET C 520 21.27 32.20 48.47
N LYS C 521 22.11 33.09 48.99
CA LYS C 521 21.82 34.52 49.18
C LYS C 521 21.07 35.13 48.01
N GLY C 522 20.14 36.03 48.29
CA GLY C 522 19.11 36.34 47.33
C GLY C 522 19.40 37.39 46.27
N HIS C 523 19.69 38.63 46.67
CA HIS C 523 19.52 39.77 45.79
C HIS C 523 20.65 40.79 45.90
N PHE C 524 20.71 41.64 44.89
CA PHE C 524 21.56 42.81 44.74
C PHE C 524 21.22 43.37 43.37
N SER C 525 21.83 44.47 42.99
CA SER C 525 21.62 45.02 41.65
C SER C 525 22.91 45.57 41.05
N ILE C 526 22.74 46.23 39.91
CA ILE C 526 23.82 46.75 39.09
C ILE C 526 23.51 48.20 38.78
N SER C 527 24.34 48.82 37.95
CA SER C 527 24.01 50.05 37.27
C SER C 527 24.37 49.91 35.80
N ILE C 528 23.64 50.62 34.95
CA ILE C 528 24.03 50.74 33.55
C ILE C 528 23.58 52.05 32.95
N PRO C 529 24.30 52.60 31.98
CA PRO C 529 23.84 53.75 31.21
C PRO C 529 23.27 53.37 29.86
N VAL C 530 22.53 54.33 29.30
CA VAL C 530 21.74 54.13 28.11
C VAL C 530 22.01 55.26 27.13
N LYS C 531 23.22 55.78 27.14
CA LYS C 531 23.49 56.97 26.36
C LYS C 531 23.31 56.76 24.87
N SER C 532 24.25 56.03 24.26
CA SER C 532 24.24 55.80 22.83
C SER C 532 25.31 54.80 22.43
N ASP C 533 25.61 54.73 21.13
CA ASP C 533 26.49 53.74 20.54
C ASP C 533 25.81 52.39 20.48
N ILE C 534 24.56 52.36 20.89
CA ILE C 534 23.90 51.15 21.33
C ILE C 534 22.53 51.09 20.69
N ALA C 535 22.16 49.92 20.21
CA ALA C 535 21.13 49.80 19.19
C ALA C 535 19.75 49.83 19.80
N PRO C 536 18.72 49.82 18.96
CA PRO C 536 17.38 49.44 19.39
C PRO C 536 17.39 48.17 20.20
N VAL C 537 18.22 47.25 19.81
CA VAL C 537 18.50 46.14 20.68
C VAL C 537 19.37 46.63 21.81
N ALA C 538 19.11 46.11 22.99
CA ALA C 538 20.11 46.04 24.01
C ALA C 538 20.01 44.66 24.62
N ARG C 539 20.77 43.76 24.07
CA ARG C 539 20.98 42.46 24.66
C ARG C 539 21.83 42.65 25.88
N LEU C 540 21.55 41.89 26.91
CA LEU C 540 22.42 41.76 28.06
C LEU C 540 22.63 40.30 28.35
N LEU C 541 23.68 39.99 29.05
CA LEU C 541 23.71 38.80 29.84
C LEU C 541 24.62 39.04 31.02
N ILE C 542 24.74 38.02 31.86
CA ILE C 542 25.63 38.04 32.98
C ILE C 542 25.70 36.63 33.52
N TYR C 543 26.87 36.27 34.04
CA TYR C 543 27.16 34.86 34.28
C TYR C 543 28.03 34.69 35.53
N ALA C 544 27.68 33.70 36.34
CA ALA C 544 28.24 33.52 37.68
C ALA C 544 29.10 32.28 37.67
N VAL C 545 30.39 32.48 37.52
CA VAL C 545 31.32 31.43 37.20
C VAL C 545 31.86 30.77 38.44
N LEU C 546 32.17 29.49 38.31
CA LEU C 546 32.70 28.66 39.39
C LEU C 546 34.09 28.15 39.02
N PRO C 547 35.12 28.34 39.85
CA PRO C 547 36.42 27.73 39.54
C PRO C 547 36.44 26.21 39.50
N THR C 548 35.33 25.56 39.85
CA THR C 548 35.17 24.14 39.65
C THR C 548 35.34 23.72 38.21
N GLY C 549 34.99 24.60 37.28
CA GLY C 549 34.87 24.23 35.88
C GLY C 549 33.46 24.30 35.36
N ASP C 550 32.65 25.22 35.89
CA ASP C 550 31.31 25.44 35.39
C ASP C 550 30.87 26.87 35.67
N VAL C 551 29.74 27.24 35.08
CA VAL C 551 29.20 28.57 35.22
C VAL C 551 27.70 28.47 35.13
N ILE C 552 27.06 29.57 35.47
CA ILE C 552 25.67 29.83 35.15
C ILE C 552 25.62 31.23 34.61
N GLY C 553 24.46 31.61 34.13
CA GLY C 553 24.28 32.92 33.54
C GLY C 553 23.02 32.88 32.71
N ASP C 554 22.42 34.04 32.58
CA ASP C 554 21.11 34.12 31.97
C ASP C 554 21.00 35.36 31.11
N SER C 555 20.24 35.20 30.05
CA SER C 555 20.13 36.13 28.96
C SER C 555 19.24 37.30 29.33
N ALA C 556 18.94 38.11 28.32
CA ALA C 556 18.28 39.36 28.53
C ALA C 556 18.08 40.04 27.19
N LYS C 557 17.41 41.17 27.23
CA LYS C 557 17.14 41.97 26.06
C LYS C 557 16.43 43.21 26.54
N TYR C 558 16.69 44.34 25.90
CA TYR C 558 16.03 45.59 26.24
C TYR C 558 15.74 46.31 24.94
N ASP C 559 14.45 46.45 24.64
CA ASP C 559 14.02 47.12 23.44
C ASP C 559 14.32 48.59 23.66
N VAL C 560 15.46 48.99 23.10
CA VAL C 560 15.92 50.36 23.23
C VAL C 560 15.08 51.26 22.34
N GLU C 561 15.17 52.56 22.58
CA GLU C 561 14.51 53.54 21.73
C GLU C 561 15.53 54.12 20.75
N ASN C 562 15.01 54.69 19.66
CA ASN C 562 15.89 55.17 18.61
C ASN C 562 16.60 56.44 19.07
N CYS C 563 17.85 56.31 19.53
CA CYS C 563 18.56 57.46 20.16
C CYS C 563 20.02 57.53 19.67
N LEU C 564 20.50 58.72 19.30
CA LEU C 564 21.87 58.84 18.71
C LEU C 564 22.93 59.30 19.72
N ALA C 565 24.20 59.01 19.39
CA ALA C 565 25.42 59.55 19.94
C ALA C 565 25.32 61.06 20.07
N ASN C 566 25.21 61.75 18.95
CA ASN C 566 25.14 63.20 19.02
C ASN C 566 23.73 63.62 19.33
N LYS C 567 23.52 64.13 20.53
CA LYS C 567 22.42 65.04 20.73
C LYS C 567 22.58 66.20 19.75
N VAL C 568 21.46 66.72 19.27
CA VAL C 568 21.51 67.80 18.30
C VAL C 568 20.12 68.35 18.16
N ASP C 569 20.03 69.59 17.73
CA ASP C 569 18.76 70.26 17.60
C ASP C 569 18.95 71.50 16.77
N LEU C 570 17.86 72.21 16.61
CA LEU C 570 17.81 73.44 15.87
C LEU C 570 16.96 74.44 16.62
N SER C 571 17.21 75.71 16.34
CA SER C 571 16.42 76.80 16.89
C SER C 571 16.52 77.97 15.94
N PHE C 572 15.88 79.07 16.28
CA PHE C 572 15.75 80.12 15.29
C PHE C 572 15.14 81.35 15.93
N SER C 573 15.54 82.51 15.46
CA SER C 573 14.81 83.71 15.75
C SER C 573 13.37 83.50 15.36
N PRO C 574 12.41 83.73 16.24
CA PRO C 574 11.11 83.05 16.12
C PRO C 574 10.32 83.37 14.87
N SER C 575 9.18 82.69 14.73
CA SER C 575 8.32 82.82 13.56
C SER C 575 7.97 84.27 13.28
N GLN C 576 8.24 84.71 12.04
CA GLN C 576 8.07 86.13 11.68
C GLN C 576 7.09 86.25 10.51
N SER C 577 5.87 86.74 10.77
CA SER C 577 4.85 86.90 9.70
C SER C 577 5.21 88.08 8.79
N LEU C 578 4.84 88.02 7.51
CA LEU C 578 5.07 89.14 6.55
C LEU C 578 6.51 89.13 6.04
N PRO C 579 6.75 88.88 4.72
CA PRO C 579 8.09 88.86 4.12
C PRO C 579 9.21 89.75 4.68
N ALA C 580 9.56 89.60 5.97
CA ALA C 580 10.68 90.37 6.55
C ALA C 580 11.94 89.50 6.58
N SER C 581 12.80 89.69 5.57
CA SER C 581 13.85 88.77 5.20
C SER C 581 14.66 88.29 6.38
N HIS C 582 15.24 89.25 7.10
CA HIS C 582 16.28 88.94 8.06
C HIS C 582 15.70 88.19 9.23
N ALA C 583 15.91 86.88 9.22
CA ALA C 583 15.40 86.04 10.28
C ALA C 583 16.36 84.86 10.45
N HIS C 584 17.17 84.92 11.50
CA HIS C 584 18.22 83.93 11.74
C HIS C 584 17.60 82.58 12.05
N LEU C 585 18.32 81.53 11.67
CA LEU C 585 18.04 80.20 12.17
C LEU C 585 19.31 79.62 12.73
N ARG C 586 19.15 78.85 13.79
CA ARG C 586 20.19 78.56 14.76
C ARG C 586 20.24 77.07 15.03
N VAL C 587 21.45 76.53 15.15
CA VAL C 587 21.60 75.13 15.51
C VAL C 587 22.64 74.97 16.61
N THR C 588 22.34 74.06 17.53
CA THR C 588 23.30 73.53 18.48
C THR C 588 23.63 72.12 18.03
N ALA C 589 24.86 71.70 18.29
CA ALA C 589 25.37 70.46 17.77
C ALA C 589 26.70 70.20 18.43
N ALA C 590 27.28 69.03 18.16
CA ALA C 590 28.63 68.78 18.61
C ALA C 590 29.55 69.82 17.99
N PRO C 591 30.64 70.17 18.68
CA PRO C 591 31.26 71.47 18.44
C PRO C 591 31.95 71.59 17.10
N GLN C 592 32.25 70.49 16.44
CA GLN C 592 32.96 70.52 15.16
C GLN C 592 32.23 69.57 14.22
N SER C 593 31.18 70.08 13.59
CA SER C 593 30.37 69.26 12.69
C SER C 593 29.79 70.14 11.60
N VAL C 594 28.91 69.56 10.80
CA VAL C 594 28.45 70.16 9.57
C VAL C 594 27.19 69.43 9.13
N CYS C 595 26.27 70.20 8.56
CA CYS C 595 24.87 69.84 8.60
C CYS C 595 24.24 69.73 7.23
N ALA C 596 23.10 69.05 7.18
CA ALA C 596 22.21 69.12 6.04
C ALA C 596 21.03 70.01 6.41
N LEU C 597 20.67 70.89 5.49
CA LEU C 597 19.90 72.06 5.81
C LEU C 597 18.68 72.16 4.93
N ARG C 598 17.66 71.42 5.29
CA ARG C 598 16.46 71.32 4.49
C ARG C 598 15.37 72.15 5.12
N ALA C 599 14.87 73.12 4.37
CA ALA C 599 13.59 73.73 4.65
C ALA C 599 12.72 73.61 3.41
N VAL C 600 11.42 73.67 3.61
CA VAL C 600 10.45 73.47 2.55
C VAL C 600 9.17 74.20 2.89
N ASP C 601 8.70 74.98 1.93
CA ASP C 601 7.30 75.35 1.89
C ASP C 601 6.52 74.07 1.77
N GLN C 602 5.81 73.71 2.83
CA GLN C 602 5.26 72.37 2.93
C GLN C 602 3.86 72.29 2.34
N SER C 603 3.70 72.89 1.16
CA SER C 603 2.40 72.91 0.52
C SER C 603 2.12 71.63 -0.25
N VAL C 604 2.81 71.43 -1.37
CA VAL C 604 2.66 70.17 -2.08
C VAL C 604 3.25 69.04 -1.26
N LEU C 605 4.11 69.39 -0.29
CA LEU C 605 4.61 68.40 0.64
C LEU C 605 3.59 68.12 1.74
N LEU C 606 2.57 68.95 1.87
CA LEU C 606 1.35 68.47 2.52
C LEU C 606 0.63 67.53 1.59
N MET C 607 0.63 67.83 0.29
CA MET C 607 -0.07 66.95 -0.63
C MET C 607 0.59 65.58 -0.69
N LYS C 608 1.87 65.52 -1.10
CA LYS C 608 2.65 64.32 -0.92
C LYS C 608 3.46 64.42 0.37
N PRO C 609 3.59 63.37 1.15
CA PRO C 609 4.58 63.38 2.23
C PRO C 609 6.00 63.45 1.69
N ASP C 610 6.93 63.52 2.61
CA ASP C 610 8.30 63.08 2.38
C ASP C 610 8.34 61.57 2.56
N ALA C 611 9.52 61.02 2.77
CA ALA C 611 9.75 59.59 2.68
C ALA C 611 10.85 59.17 3.65
N GLU C 612 10.50 58.21 4.51
CA GLU C 612 11.39 57.47 5.41
C GLU C 612 12.54 58.28 5.98
N LEU C 613 12.25 59.47 6.49
CA LEU C 613 13.29 60.35 7.02
C LEU C 613 13.11 60.49 8.51
N SER C 614 13.94 59.75 9.24
CA SER C 614 14.03 59.83 10.69
C SER C 614 15.26 59.04 11.11
N ALA C 615 15.59 59.15 12.39
CA ALA C 615 16.70 58.39 12.94
C ALA C 615 16.43 56.91 12.85
N SER C 616 15.19 56.52 13.10
CA SER C 616 14.77 55.15 12.94
C SER C 616 15.05 54.63 11.54
N SER C 617 14.93 55.49 10.55
CA SER C 617 15.17 55.06 9.18
C SER C 617 16.61 54.62 9.02
N VAL C 618 17.51 55.45 9.52
CA VAL C 618 18.91 55.08 9.54
C VAL C 618 19.07 53.79 10.29
N TYR C 619 18.30 53.62 11.35
CA TYR C 619 18.52 52.48 12.19
C TYR C 619 18.13 51.20 11.46
N ASN C 620 16.94 51.17 10.88
CA ASN C 620 16.51 49.92 10.28
C ASN C 620 17.13 49.71 8.91
N LEU C 621 17.73 50.74 8.33
CA LEU C 621 18.52 50.51 7.13
C LEU C 621 19.83 49.81 7.44
N LEU C 622 20.12 49.62 8.70
CA LEU C 622 21.23 48.81 9.09
C LEU C 622 21.11 47.41 8.50
N PRO C 623 22.21 46.76 8.28
CA PRO C 623 22.16 45.31 8.26
C PRO C 623 22.00 44.77 9.63
N GLU C 624 21.26 43.69 9.77
CA GLU C 624 21.14 42.92 11.02
C GLU C 624 20.94 43.85 12.20
N LYS C 625 19.79 44.51 12.13
CA LYS C 625 19.27 45.32 13.23
C LYS C 625 19.52 44.65 14.56
N ASP C 626 19.17 43.38 14.64
CA ASP C 626 19.56 42.52 15.74
C ASP C 626 20.39 41.40 15.14
N LEU C 627 21.20 40.80 15.97
CA LEU C 627 21.87 39.57 15.62
C LEU C 627 21.44 38.52 16.62
N THR C 628 20.93 37.43 16.09
CA THR C 628 20.50 36.32 16.91
C THR C 628 20.53 35.10 16.02
N GLY C 629 20.93 33.99 16.59
CA GLY C 629 21.13 32.82 15.79
C GLY C 629 22.40 32.96 14.99
N PHE C 630 23.14 31.89 14.86
CA PHE C 630 24.19 31.91 13.90
C PHE C 630 23.56 32.01 12.51
N PRO C 631 24.25 32.59 11.54
CA PRO C 631 23.68 32.69 10.19
C PRO C 631 23.54 31.34 9.51
N GLY C 632 23.25 31.39 8.22
CA GLY C 632 22.87 30.24 7.45
C GLY C 632 23.90 29.14 7.33
N PRO C 633 24.98 29.40 6.60
CA PRO C 633 25.79 28.31 6.03
C PRO C 633 26.43 27.43 7.09
N LEU C 634 27.14 28.09 7.98
CA LEU C 634 27.59 27.47 9.21
C LEU C 634 26.44 26.81 9.91
N ASN C 635 26.76 25.78 10.68
CA ASN C 635 25.74 25.02 11.40
C ASN C 635 25.95 25.10 12.90
N ASP C 636 27.10 24.70 13.38
CA ASP C 636 27.26 24.43 14.80
C ASP C 636 28.72 24.23 15.11
N GLN C 637 28.98 23.91 16.37
CA GLN C 637 30.22 23.30 16.83
C GLN C 637 29.77 22.13 17.69
N ASP C 638 29.48 21.00 17.04
CA ASP C 638 29.02 19.83 17.76
C ASP C 638 30.07 19.37 18.76
N ASN C 639 29.59 18.63 19.77
CA ASN C 639 30.41 18.02 20.79
C ASN C 639 30.34 16.50 20.63
N GLU C 640 31.16 15.79 21.42
CA GLU C 640 31.38 14.37 21.24
C GLU C 640 30.99 13.51 22.44
N ASP C 641 30.75 14.11 23.60
CA ASP C 641 30.47 13.33 24.80
C ASP C 641 29.07 12.71 24.75
N CYS C 642 28.98 11.45 24.31
CA CYS C 642 27.75 10.68 24.33
C CYS C 642 27.76 9.76 25.55
N ILE C 643 26.57 9.45 26.05
CA ILE C 643 26.43 8.72 27.29
C ILE C 643 25.39 7.61 27.19
N ASN C 644 25.05 7.18 25.97
CA ASN C 644 23.99 6.21 25.80
C ASN C 644 24.31 4.92 26.53
N ARG C 645 23.58 4.67 27.61
CA ARG C 645 23.77 3.47 28.37
C ARG C 645 23.30 2.27 27.56
N HIS C 646 23.77 1.09 27.95
CA HIS C 646 23.21 -0.13 27.38
C HIS C 646 21.71 -0.19 27.64
N ASN C 647 21.28 0.28 28.80
CA ASN C 647 19.90 0.63 29.10
C ASN C 647 19.92 1.68 30.19
N VAL C 648 18.95 2.58 30.24
CA VAL C 648 19.13 3.76 31.15
C VAL C 648 19.26 3.37 32.64
N TYR C 649 19.12 2.09 32.98
CA TYR C 649 19.39 1.60 34.37
C TYR C 649 18.62 2.33 35.49
N ILE C 650 17.28 2.36 35.45
CA ILE C 650 16.51 2.95 36.58
C ILE C 650 16.39 1.93 37.73
N ASN C 651 17.44 1.77 38.55
CA ASN C 651 17.44 0.90 39.70
C ASN C 651 16.17 1.22 40.49
N GLY C 652 15.13 0.43 40.27
CA GLY C 652 13.84 0.79 40.81
C GLY C 652 12.68 0.19 40.04
N ILE C 653 11.81 1.06 39.57
CA ILE C 653 10.49 0.64 39.14
C ILE C 653 10.56 -0.29 37.93
N THR C 654 11.34 0.08 36.93
CA THR C 654 11.56 -0.71 35.72
C THR C 654 12.95 -0.33 35.25
N TYR C 655 13.21 -0.46 33.96
CA TYR C 655 14.20 0.38 33.31
C TYR C 655 13.53 1.30 32.31
N THR C 656 14.01 2.55 32.32
CA THR C 656 13.61 3.63 31.45
C THR C 656 14.42 3.56 30.14
N PRO C 657 13.85 3.93 28.98
CA PRO C 657 14.66 3.94 27.75
C PRO C 657 15.49 5.20 27.56
N VAL C 658 16.05 5.31 26.37
CA VAL C 658 16.69 6.53 25.89
C VAL C 658 15.63 7.43 25.29
N SER C 659 15.72 8.72 25.62
CA SER C 659 15.19 9.75 24.74
C SER C 659 15.78 11.09 25.16
N SER C 660 16.05 11.94 24.17
CA SER C 660 16.63 13.24 24.43
C SER C 660 15.70 14.09 25.28
N THR C 661 16.28 15.13 25.85
CA THR C 661 15.53 16.15 26.54
C THR C 661 15.18 17.27 25.58
N ASN C 662 14.57 18.30 26.14
CA ASN C 662 14.39 19.56 25.45
C ASN C 662 14.26 20.63 26.53
N GLU C 663 15.38 21.30 26.80
CA GLU C 663 15.37 22.38 27.75
C GLU C 663 16.45 23.38 27.36
N LYS C 664 16.57 24.43 28.17
CA LYS C 664 17.39 25.55 27.78
C LYS C 664 18.79 25.42 28.35
N ASP C 665 19.72 26.18 27.74
CA ASP C 665 21.15 26.03 28.00
C ASP C 665 21.84 27.38 27.89
N MET C 666 23.01 27.45 28.52
CA MET C 666 23.85 28.63 28.43
C MET C 666 24.34 28.83 27.01
N TYR C 667 24.83 27.76 26.40
CA TYR C 667 25.21 27.83 25.00
C TYR C 667 24.08 28.38 24.18
N SER C 668 22.87 27.97 24.49
CA SER C 668 21.71 28.53 23.83
C SER C 668 21.50 29.98 24.23
N PHE C 669 21.79 30.32 25.48
CA PHE C 669 21.66 31.71 25.88
C PHE C 669 22.58 32.57 25.05
N LEU C 670 23.79 32.09 24.82
CA LEU C 670 24.80 32.86 24.13
C LEU C 670 24.65 32.78 22.63
N GLU C 671 23.88 31.82 22.15
CA GLU C 671 23.65 31.70 20.72
C GLU C 671 22.47 32.55 20.32
N ASP C 672 21.39 32.48 21.09
CA ASP C 672 20.32 33.44 20.92
C ASP C 672 20.81 34.84 21.20
N MET C 673 21.86 34.95 22.02
CA MET C 673 22.53 36.22 22.18
C MET C 673 22.94 36.74 20.84
N GLY C 674 23.45 35.85 20.01
CA GLY C 674 23.87 36.17 18.67
C GLY C 674 25.33 35.92 18.42
N LEU C 675 26.03 35.26 19.34
CA LEU C 675 27.47 35.21 19.29
C LEU C 675 27.97 33.82 19.64
N LYS C 676 29.29 33.72 19.82
CA LYS C 676 29.94 32.48 20.17
C LYS C 676 31.04 32.77 21.17
N ALA C 677 31.42 31.73 21.90
CA ALA C 677 32.55 31.82 22.82
C ALA C 677 33.27 30.50 22.88
N PHE C 678 34.42 30.54 23.53
CA PHE C 678 35.25 29.39 23.79
C PHE C 678 35.52 29.32 25.28
N THR C 679 35.30 28.15 25.87
CA THR C 679 35.69 27.86 27.25
C THR C 679 36.05 26.38 27.30
N ASN C 680 36.05 25.83 28.50
CA ASN C 680 36.06 24.38 28.70
C ASN C 680 34.96 23.94 29.65
N SER C 681 34.33 24.87 30.34
CA SER C 681 33.22 24.56 31.22
C SER C 681 32.10 23.87 30.47
N LYS C 682 31.31 23.11 31.21
CA LYS C 682 30.24 22.33 30.63
C LYS C 682 29.08 23.25 30.35
N ILE C 683 29.17 23.99 29.26
CA ILE C 683 28.13 24.92 28.84
C ILE C 683 26.97 24.17 28.24
N ARG C 684 27.22 23.46 27.16
CA ARG C 684 26.15 22.76 26.50
C ARG C 684 25.73 21.58 27.34
N LYS C 685 24.45 21.27 27.24
CA LYS C 685 23.95 20.08 27.89
C LYS C 685 24.70 18.86 27.38
N PRO C 686 24.84 17.83 28.18
CA PRO C 686 25.59 16.65 27.72
C PRO C 686 24.80 15.81 26.74
N LYS C 687 24.36 16.42 25.65
CA LYS C 687 23.66 15.69 24.62
C LYS C 687 24.53 14.57 24.11
N MET C 688 23.88 13.56 23.57
CA MET C 688 24.51 12.27 23.37
C MET C 688 24.15 11.69 22.02
N CYS C 689 24.75 10.55 21.73
CA CYS C 689 24.80 10.08 20.36
C CYS C 689 23.45 9.49 19.96
N PRO C 690 23.13 9.51 18.67
CA PRO C 690 21.90 8.88 18.23
C PRO C 690 22.04 7.37 18.24
N GLN C 691 21.02 6.70 17.73
CA GLN C 691 21.01 5.24 17.72
C GLN C 691 21.81 4.73 16.53
N LEU C 692 23.06 4.36 16.81
CA LEU C 692 23.97 3.93 15.74
C LEU C 692 23.47 2.67 15.05
N GLN C 693 22.79 1.81 15.78
CA GLN C 693 22.34 0.55 15.21
C GLN C 693 21.25 0.82 14.19
N GLN C 694 21.46 0.36 12.97
CA GLN C 694 20.57 0.68 11.87
C GLN C 694 20.42 -0.54 10.96
N TYR C 695 19.50 -0.42 10.01
CA TYR C 695 19.22 -1.50 9.05
C TYR C 695 19.97 -1.26 7.75
N THR C 730 3.01 94.62 -2.15
CA THR C 730 4.09 94.71 -1.17
C THR C 730 4.95 93.46 -1.11
N VAL C 731 4.85 92.61 -2.13
CA VAL C 731 5.43 91.27 -2.07
C VAL C 731 5.97 90.91 -3.45
N ARG C 732 7.07 90.16 -3.44
CA ARG C 732 7.87 89.89 -4.64
C ARG C 732 8.27 88.42 -4.61
N LYS C 733 7.63 87.62 -5.45
CA LYS C 733 7.73 86.17 -5.32
C LYS C 733 9.15 85.68 -5.51
N TYR C 734 9.78 85.31 -4.39
CA TYR C 734 11.03 84.52 -4.34
C TYR C 734 10.65 83.03 -4.28
N PHE C 735 11.61 82.13 -4.47
CA PHE C 735 11.25 80.83 -5.02
C PHE C 735 10.52 79.96 -4.00
N PRO C 736 9.42 79.31 -4.40
CA PRO C 736 8.73 78.44 -3.46
C PRO C 736 9.16 77.01 -3.56
N GLU C 737 8.55 76.20 -2.70
CA GLU C 737 8.75 74.76 -2.62
C GLU C 737 10.22 74.39 -2.43
N THR C 738 11.02 75.35 -1.99
CA THR C 738 12.37 75.18 -1.55
C THR C 738 12.62 76.48 -0.79
N TRP C 739 13.10 76.37 0.45
CA TRP C 739 13.56 77.55 1.18
C TRP C 739 15.04 77.42 1.49
N ILE C 740 15.42 76.37 2.19
CA ILE C 740 16.78 76.28 2.71
C ILE C 740 17.34 74.94 2.32
N TRP C 741 18.51 75.02 1.69
CA TRP C 741 19.18 73.87 1.12
C TRP C 741 20.63 74.28 1.02
N ASP C 742 21.41 73.95 2.01
CA ASP C 742 22.75 74.49 2.07
C ASP C 742 23.53 73.74 3.12
N LEU C 743 24.71 74.23 3.42
CA LEU C 743 25.58 73.66 4.42
C LEU C 743 26.23 74.74 5.27
N VAL C 744 26.45 74.41 6.53
CA VAL C 744 27.23 75.23 7.45
C VAL C 744 27.91 74.28 8.40
N VAL C 745 29.08 74.66 8.83
CA VAL C 745 29.83 73.92 9.82
C VAL C 745 29.53 74.51 11.19
N VAL C 746 29.55 73.66 12.20
CA VAL C 746 29.26 74.06 13.57
C VAL C 746 30.57 74.49 14.18
N ASN C 747 30.62 75.77 14.55
CA ASN C 747 31.69 76.29 15.39
C ASN C 747 31.69 75.57 16.73
N SER C 748 32.70 75.80 17.54
CA SER C 748 32.80 75.06 18.79
C SER C 748 31.83 75.55 19.86
N ALA C 749 30.88 76.45 19.51
CA ALA C 749 29.90 76.94 20.48
C ALA C 749 28.50 77.12 19.89
N GLY C 750 28.19 76.50 18.75
CA GLY C 750 26.85 76.56 18.20
C GLY C 750 26.70 77.59 17.10
N VAL C 751 25.87 77.29 16.12
CA VAL C 751 25.84 78.00 14.85
C VAL C 751 24.49 78.62 14.60
N ALA C 752 24.46 79.50 13.60
CA ALA C 752 23.23 79.91 12.96
C ALA C 752 23.53 80.31 11.54
N GLU C 753 22.50 80.30 10.73
CA GLU C 753 22.45 81.05 9.49
C GLU C 753 21.24 81.95 9.55
N VAL C 754 21.06 82.75 8.50
CA VAL C 754 19.82 83.48 8.28
C VAL C 754 19.28 83.04 6.93
N GLY C 755 18.51 81.95 6.94
CA GLY C 755 17.52 81.77 5.92
C GLY C 755 16.55 82.90 5.95
N VAL C 756 15.91 83.12 4.82
CA VAL C 756 15.35 84.43 4.50
C VAL C 756 13.90 84.29 4.08
N THR C 757 13.10 85.24 4.56
CA THR C 757 11.67 85.26 4.34
C THR C 757 11.34 85.41 2.85
N VAL C 758 10.33 84.67 2.38
CA VAL C 758 9.88 84.62 0.99
C VAL C 758 8.36 84.79 0.96
N PRO C 759 7.75 85.49 -0.04
CA PRO C 759 6.39 86.03 0.17
C PRO C 759 5.20 85.23 -0.32
N ASP C 760 4.04 85.50 0.29
CA ASP C 760 2.75 84.94 -0.08
C ASP C 760 2.77 83.44 -0.17
N THR C 761 3.52 82.85 0.73
CA THR C 761 3.74 81.42 0.76
C THR C 761 3.54 81.03 2.22
N ILE C 762 2.28 80.78 2.55
CA ILE C 762 1.75 80.92 3.90
C ILE C 762 1.16 79.58 4.29
N THR C 763 1.86 78.84 5.13
CA THR C 763 1.48 77.46 5.39
C THR C 763 2.34 76.87 6.50
N GLU C 764 2.26 75.56 6.62
CA GLU C 764 3.34 74.75 7.17
C GLU C 764 4.65 75.02 6.43
N TRP C 765 5.69 75.35 7.19
CA TRP C 765 7.01 75.67 6.68
C TRP C 765 8.05 74.87 7.44
N LYS C 766 8.33 73.67 6.97
CA LYS C 766 9.16 72.78 7.76
C LYS C 766 10.63 73.05 7.47
N ALA C 767 11.46 72.53 8.33
CA ALA C 767 12.87 72.85 8.42
C ALA C 767 13.62 71.59 8.79
N GLY C 768 13.91 70.76 7.79
CA GLY C 768 14.56 69.49 8.03
C GLY C 768 15.93 69.71 8.63
N ALA C 769 16.48 68.65 9.21
CA ALA C 769 17.66 68.76 10.04
C ALA C 769 18.49 67.50 9.97
N PHE C 770 19.81 67.69 9.96
CA PHE C 770 20.77 66.60 10.06
C PHE C 770 22.18 67.18 10.08
N CYS C 771 23.10 66.47 10.73
CA CYS C 771 24.51 66.81 10.61
C CYS C 771 25.37 65.59 10.86
N LEU C 772 26.67 65.83 10.86
CA LEU C 772 27.64 64.77 11.03
C LEU C 772 29.02 65.29 11.35
N SER C 773 29.81 64.42 11.95
CA SER C 773 31.25 64.55 12.00
C SER C 773 31.82 63.26 12.55
N GLU C 774 33.13 63.24 12.70
CA GLU C 774 33.83 62.02 13.09
C GLU C 774 33.43 61.54 14.48
N ASP C 775 33.36 62.41 15.47
CA ASP C 775 33.35 61.96 16.86
C ASP C 775 31.96 61.62 17.39
N ALA C 776 30.95 62.43 17.08
CA ALA C 776 29.63 62.24 17.66
C ALA C 776 28.71 61.41 16.79
N GLY C 777 29.20 60.88 15.68
CA GLY C 777 28.33 60.25 14.70
C GLY C 777 27.54 61.30 13.96
N LEU C 778 26.34 60.95 13.50
CA LEU C 778 25.42 61.89 12.89
C LEU C 778 24.44 62.41 13.94
N GLY C 779 23.38 63.04 13.45
CA GLY C 779 22.26 63.33 14.31
C GLY C 779 21.03 63.83 13.59
N ILE C 780 20.01 64.08 14.39
CA ILE C 780 18.64 64.16 13.96
C ILE C 780 17.97 65.21 14.80
N SER C 781 17.05 65.92 14.20
CA SER C 781 16.10 66.73 14.93
C SER C 781 14.99 67.19 14.01
N SER C 782 13.92 67.64 14.62
CA SER C 782 12.69 67.89 13.89
C SER C 782 12.65 69.26 13.24
N THR C 783 11.48 69.59 12.71
CA THR C 783 11.30 70.73 11.83
C THR C 783 10.81 71.97 12.55
N ALA C 784 11.68 72.96 12.55
CA ALA C 784 11.29 74.31 12.88
C ALA C 784 10.22 74.81 11.93
N SER C 785 9.03 75.05 12.46
CA SER C 785 7.89 75.50 11.67
C SER C 785 7.84 77.01 11.56
N LEU C 786 8.67 77.57 10.68
CA LEU C 786 8.78 79.00 10.55
C LEU C 786 7.63 79.57 9.75
N ARG C 787 6.42 79.34 10.22
CA ARG C 787 5.24 79.79 9.49
C ARG C 787 5.11 81.29 9.62
N ALA C 788 5.18 81.96 8.49
CA ALA C 788 4.88 83.37 8.41
C ALA C 788 3.36 83.54 8.50
N PHE C 789 2.86 84.73 8.23
CA PHE C 789 1.43 84.99 8.27
C PHE C 789 1.13 86.24 7.46
N GLN C 790 -0.14 86.62 7.44
CA GLN C 790 -0.60 87.96 7.14
C GLN C 790 -2.05 88.05 7.63
N PRO C 791 -2.41 88.99 8.50
CA PRO C 791 -3.81 89.05 8.94
C PRO C 791 -4.77 89.38 7.82
N PHE C 792 -4.28 89.95 6.74
CA PHE C 792 -5.13 90.30 5.61
C PHE C 792 -4.27 90.27 4.36
N PHE C 793 -4.71 89.50 3.37
CA PHE C 793 -4.03 89.37 2.10
C PHE C 793 -5.06 89.01 1.05
N VAL C 794 -4.58 88.63 -0.12
CA VAL C 794 -5.41 88.06 -1.17
C VAL C 794 -4.72 86.81 -1.68
N GLU C 795 -5.49 85.75 -1.86
CA GLU C 795 -5.03 84.51 -2.45
C GLU C 795 -5.76 84.28 -3.77
N LEU C 796 -5.11 83.57 -4.67
CA LEU C 796 -5.64 83.23 -5.98
C LEU C 796 -6.20 81.82 -5.96
N THR C 797 -6.73 81.40 -7.10
CA THR C 797 -7.07 80.00 -7.29
C THR C 797 -7.09 79.73 -8.78
N MET C 798 -6.05 79.08 -9.26
CA MET C 798 -5.89 78.88 -10.69
C MET C 798 -4.94 77.71 -10.92
N PRO C 799 -5.11 76.95 -12.01
CA PRO C 799 -4.28 75.75 -12.19
C PRO C 799 -2.81 76.06 -12.40
N TYR C 800 -1.99 75.03 -12.36
CA TYR C 800 -0.60 75.17 -12.79
C TYR C 800 -0.52 75.61 -14.24
N SER C 801 -1.49 75.19 -15.07
CA SER C 801 -1.43 75.41 -16.50
C SER C 801 -2.81 75.59 -17.10
N VAL C 802 -2.82 76.18 -18.29
CA VAL C 802 -4.01 76.38 -19.10
C VAL C 802 -3.64 76.05 -20.54
N ILE C 803 -4.59 76.31 -21.45
CA ILE C 803 -4.35 76.20 -22.89
C ILE C 803 -4.51 77.58 -23.49
N ARG C 804 -3.71 77.86 -24.51
CA ARG C 804 -3.77 79.16 -25.17
C ARG C 804 -5.15 79.42 -25.77
N GLY C 805 -5.87 78.36 -26.13
CA GLY C 805 -7.12 78.49 -26.85
C GLY C 805 -8.32 78.91 -26.03
N GLU C 806 -8.74 78.07 -25.10
CA GLU C 806 -10.04 78.27 -24.45
C GLU C 806 -9.91 79.23 -23.27
N ALA C 807 -11.04 79.86 -22.94
CA ALA C 807 -11.10 80.86 -21.89
C ALA C 807 -11.28 80.18 -20.53
N PHE C 808 -10.98 80.94 -19.48
CA PHE C 808 -11.11 80.42 -18.14
C PHE C 808 -11.22 81.56 -17.15
N THR C 809 -12.02 81.34 -16.12
CA THR C 809 -12.10 82.27 -15.01
C THR C 809 -10.84 82.16 -14.17
N LEU C 810 -10.37 83.31 -13.71
CA LEU C 810 -9.39 83.38 -12.64
C LEU C 810 -10.09 83.97 -11.43
N LYS C 811 -10.06 83.24 -10.32
CA LYS C 811 -10.81 83.58 -9.13
C LYS C 811 -9.84 84.09 -8.07
N ALA C 812 -10.00 85.36 -7.69
CA ALA C 812 -9.10 86.05 -6.76
C ALA C 812 -9.80 86.21 -5.42
N THR C 813 -9.37 85.43 -4.43
CA THR C 813 -10.01 85.40 -3.12
C THR C 813 -9.21 86.21 -2.11
N VAL C 814 -9.95 86.99 -1.32
CA VAL C 814 -9.37 87.95 -0.39
C VAL C 814 -9.90 87.65 0.99
N LEU C 815 -9.00 87.64 1.97
CA LEU C 815 -9.25 87.10 3.29
C LEU C 815 -8.86 88.10 4.37
N ASN C 816 -9.62 88.13 5.46
CA ASN C 816 -9.38 89.04 6.58
C ASN C 816 -9.37 88.27 7.90
N TYR C 817 -8.40 88.60 8.76
CA TYR C 817 -8.30 88.06 10.12
C TYR C 817 -8.11 89.11 11.20
N LEU C 818 -7.52 90.26 10.90
CA LEU C 818 -7.37 91.26 11.94
C LEU C 818 -8.75 91.87 12.24
N PRO C 819 -9.00 92.30 13.48
CA PRO C 819 -10.39 92.64 13.85
C PRO C 819 -11.02 93.72 12.99
N LYS C 820 -10.21 94.56 12.35
CA LYS C 820 -10.78 95.58 11.49
C LYS C 820 -11.42 94.94 10.27
N CYS C 821 -12.56 95.51 9.88
CA CYS C 821 -13.39 95.01 8.80
C CYS C 821 -13.47 96.09 7.74
N ILE C 822 -12.80 95.85 6.62
CA ILE C 822 -12.55 96.90 5.64
C ILE C 822 -12.82 96.35 4.25
N ARG C 823 -13.41 97.21 3.42
CA ARG C 823 -13.52 96.96 2.00
C ARG C 823 -12.13 96.87 1.39
N VAL C 824 -12.06 96.43 0.14
CA VAL C 824 -10.81 96.36 -0.59
C VAL C 824 -11.05 96.79 -2.03
N SER C 825 -10.02 97.35 -2.63
CA SER C 825 -9.94 97.53 -4.08
C SER C 825 -8.97 96.49 -4.62
N VAL C 826 -9.43 95.25 -4.76
CA VAL C 826 -8.62 94.17 -5.29
C VAL C 826 -8.77 94.15 -6.81
N GLN C 827 -7.66 93.97 -7.49
CA GLN C 827 -7.64 94.07 -8.96
C GLN C 827 -6.29 93.57 -9.45
N LEU C 828 -6.08 93.72 -10.76
CA LEU C 828 -4.83 93.31 -11.40
C LEU C 828 -4.73 93.97 -12.76
N GLU C 829 -3.55 94.51 -13.05
CA GLU C 829 -3.29 95.21 -14.32
C GLU C 829 -3.41 94.21 -15.46
N ALA C 830 -4.13 94.59 -16.51
CA ALA C 830 -4.23 93.79 -17.71
C ALA C 830 -3.04 94.09 -18.62
N SER C 831 -2.25 93.05 -18.85
CA SER C 831 -0.95 93.07 -19.50
C SER C 831 -1.01 92.24 -20.77
N PRO C 832 -0.19 92.52 -21.78
CA PRO C 832 -0.50 92.02 -23.12
C PRO C 832 -0.44 90.51 -23.29
N ALA C 833 0.04 89.74 -22.31
CA ALA C 833 0.20 88.32 -22.52
C ALA C 833 -1.07 87.52 -22.30
N PHE C 834 -2.22 88.18 -22.20
CA PHE C 834 -3.49 87.53 -21.92
C PHE C 834 -4.60 88.55 -22.12
N LEU C 835 -5.81 88.14 -21.74
CA LEU C 835 -6.95 89.06 -21.68
C LEU C 835 -7.78 88.74 -20.44
N ALA C 836 -7.82 89.66 -19.47
CA ALA C 836 -8.68 89.54 -18.30
C ALA C 836 -9.97 90.33 -18.46
N VAL C 837 -11.04 89.82 -17.85
CA VAL C 837 -12.33 90.52 -17.77
C VAL C 837 -13.01 90.13 -16.46
N PRO C 838 -13.23 91.07 -15.50
CA PRO C 838 -13.95 90.68 -14.30
C PRO C 838 -15.43 90.47 -14.56
N VAL C 839 -16.16 90.10 -13.51
CA VAL C 839 -17.61 89.95 -13.58
C VAL C 839 -18.29 90.71 -12.45
N GLU C 840 -17.57 91.03 -11.38
CA GLU C 840 -18.15 91.67 -10.20
C GLU C 840 -17.36 92.91 -9.79
N LYS C 841 -17.01 93.75 -10.78
CA LYS C 841 -16.37 95.03 -10.48
C LYS C 841 -17.39 96.09 -10.11
N GLU C 842 -18.36 96.35 -11.01
CA GLU C 842 -19.26 97.48 -10.86
C GLU C 842 -19.95 97.49 -9.51
N GLN C 843 -20.39 96.32 -9.05
CA GLN C 843 -20.77 96.17 -7.66
C GLN C 843 -19.49 96.12 -6.83
N ALA C 844 -19.17 97.22 -6.21
CA ALA C 844 -17.96 97.25 -5.42
C ALA C 844 -18.12 96.33 -4.21
N PRO C 845 -17.02 95.83 -3.65
CA PRO C 845 -17.15 95.03 -2.42
C PRO C 845 -17.73 95.86 -1.29
N HIS C 846 -18.21 95.15 -0.28
CA HIS C 846 -18.81 95.79 0.90
C HIS C 846 -17.80 95.86 2.04
N CYS C 847 -17.30 94.71 2.49
CA CYS C 847 -16.29 94.62 3.53
C CYS C 847 -15.99 93.14 3.76
N ILE C 848 -14.89 92.87 4.45
CA ILE C 848 -14.68 91.56 5.07
C ILE C 848 -14.00 91.78 6.40
N CYS C 849 -14.49 91.11 7.44
CA CYS C 849 -14.03 91.30 8.81
C CYS C 849 -13.13 90.14 9.21
N ALA C 850 -12.62 90.21 10.44
CA ALA C 850 -11.76 89.17 10.99
C ALA C 850 -12.39 87.80 10.83
N ASN C 851 -11.69 86.94 10.08
CA ASN C 851 -12.16 85.62 9.70
C ASN C 851 -13.29 85.74 8.68
N GLY C 852 -13.24 86.83 7.91
CA GLY C 852 -14.14 87.04 6.80
C GLY C 852 -13.32 87.20 5.53
N ARG C 853 -13.81 86.60 4.45
CA ARG C 853 -13.11 86.59 3.18
C ARG C 853 -14.09 86.75 2.02
N GLN C 854 -13.61 87.37 0.95
CA GLN C 854 -14.38 87.56 -0.27
C GLN C 854 -13.61 86.97 -1.43
N THR C 855 -14.30 86.83 -2.56
CA THR C 855 -13.69 86.31 -3.77
C THR C 855 -14.41 86.88 -4.98
N VAL C 856 -13.66 87.04 -6.06
CA VAL C 856 -14.13 87.61 -7.30
C VAL C 856 -13.65 86.71 -8.44
N SER C 857 -13.94 87.13 -9.67
CA SER C 857 -13.58 86.36 -10.85
C SER C 857 -13.01 87.29 -11.91
N TRP C 858 -12.19 86.70 -12.76
CA TRP C 858 -11.83 87.33 -14.03
C TRP C 858 -11.93 86.27 -15.11
N ALA C 859 -12.89 86.43 -16.00
CA ALA C 859 -12.98 85.57 -17.16
C ALA C 859 -11.81 85.91 -18.04
N VAL C 860 -10.71 85.17 -17.87
CA VAL C 860 -9.43 85.52 -18.45
C VAL C 860 -9.09 84.50 -19.53
N THR C 861 -8.20 84.88 -20.45
CA THR C 861 -7.67 83.94 -21.41
C THR C 861 -6.27 84.41 -21.79
N PRO C 862 -5.32 83.50 -21.98
CA PRO C 862 -3.96 83.95 -22.32
C PRO C 862 -3.82 84.27 -23.79
N LYS C 863 -2.73 84.97 -24.08
CA LYS C 863 -2.35 85.28 -25.46
C LYS C 863 -0.95 84.79 -25.79
N SER C 864 0.00 84.94 -24.89
CA SER C 864 1.34 84.44 -25.12
C SER C 864 1.41 82.95 -24.79
N LEU C 865 2.62 82.40 -24.86
CA LEU C 865 2.88 81.02 -24.46
C LEU C 865 4.04 80.97 -23.49
N GLY C 866 3.89 80.09 -22.50
CA GLY C 866 4.86 79.94 -21.41
C GLY C 866 4.34 80.43 -20.07
N ASN C 867 5.27 80.74 -19.14
CA ASN C 867 4.99 81.24 -17.76
C ASN C 867 4.73 82.75 -17.81
N VAL C 868 3.56 83.22 -17.34
CA VAL C 868 3.08 84.59 -17.55
C VAL C 868 2.52 85.12 -16.25
N ASN C 869 3.26 86.07 -15.66
CA ASN C 869 2.96 86.71 -14.35
C ASN C 869 1.51 87.18 -14.22
N PHE C 870 0.94 87.03 -13.02
CA PHE C 870 -0.39 87.51 -12.70
C PHE C 870 -0.30 88.39 -11.47
N THR C 871 -0.08 89.68 -11.69
CA THR C 871 0.23 90.63 -10.64
C THR C 871 -1.06 91.30 -10.18
N VAL C 872 -1.54 90.87 -9.02
CA VAL C 872 -2.88 91.22 -8.54
C VAL C 872 -2.73 92.04 -7.27
N SER C 873 -3.41 93.17 -7.21
CA SER C 873 -3.15 94.21 -6.23
C SER C 873 -4.44 94.59 -5.52
N ALA C 874 -4.35 94.81 -4.20
CA ALA C 874 -5.50 95.01 -3.35
C ALA C 874 -5.09 95.79 -2.11
N GLU C 875 -5.98 96.67 -1.64
CA GLU C 875 -5.66 97.55 -0.52
C GLU C 875 -6.91 97.98 0.21
N ALA C 876 -6.74 98.26 1.50
CA ALA C 876 -7.83 98.70 2.36
C ALA C 876 -8.15 100.18 2.12
N LEU C 877 -9.24 100.63 2.72
CA LEU C 877 -9.85 101.92 2.45
C LEU C 877 -10.36 102.55 3.74
N GLU C 878 -10.68 103.84 3.67
CA GLU C 878 -10.97 104.67 4.84
C GLU C 878 -12.22 105.52 4.61
N SER C 879 -12.91 105.80 5.71
CA SER C 879 -14.01 106.77 5.76
C SER C 879 -15.13 106.41 4.79
N GLN C 880 -15.46 105.12 4.76
CA GLN C 880 -16.60 104.60 3.99
C GLN C 880 -17.39 103.68 4.90
N GLU C 881 -17.68 104.16 6.10
CA GLU C 881 -18.26 103.33 7.15
C GLU C 881 -19.71 103.00 6.84
N LEU C 882 -19.93 102.18 5.81
CA LEU C 882 -21.25 101.72 5.41
C LEU C 882 -21.50 100.25 5.71
N CYS C 883 -20.44 99.45 5.80
CA CYS C 883 -20.57 98.01 6.04
C CYS C 883 -20.54 97.70 7.53
N GLY C 884 -19.53 98.22 8.24
CA GLY C 884 -19.37 97.98 9.66
C GLY C 884 -19.43 99.26 10.47
N THR C 885 -18.82 99.25 11.64
CA THR C 885 -18.88 100.41 12.52
C THR C 885 -17.84 101.46 12.12
N GLU C 886 -16.60 101.05 11.92
CA GLU C 886 -15.51 101.96 11.57
C GLU C 886 -14.56 101.27 10.59
N VAL C 887 -13.77 102.08 9.89
CA VAL C 887 -12.84 101.57 8.89
C VAL C 887 -11.54 102.37 8.95
N PRO C 888 -10.77 102.24 10.04
CA PRO C 888 -9.54 103.05 10.17
C PRO C 888 -8.53 102.78 9.07
N SER C 889 -8.13 101.53 8.87
CA SER C 889 -7.37 101.11 7.70
C SER C 889 -6.05 101.86 7.57
N VAL C 890 -5.15 101.60 8.51
CA VAL C 890 -3.82 102.19 8.51
C VAL C 890 -2.77 101.10 8.68
N PRO C 891 -2.51 100.28 7.66
CA PRO C 891 -1.45 99.27 7.76
C PRO C 891 -0.11 99.83 7.31
N GLU C 892 0.89 98.95 7.21
CA GLU C 892 2.26 99.35 6.97
C GLU C 892 2.40 99.98 5.59
N HIS C 893 3.64 100.39 5.27
CA HIS C 893 3.99 100.71 3.90
C HIS C 893 3.64 99.57 2.96
N GLY C 894 3.71 98.34 3.45
CA GLY C 894 3.25 97.18 2.71
C GLY C 894 1.80 96.87 3.01
N ARG C 895 0.96 97.90 3.10
CA ARG C 895 -0.44 97.68 3.40
C ARG C 895 -1.18 96.93 2.30
N LYS C 896 -0.60 96.80 1.11
CA LYS C 896 -1.27 96.25 -0.05
C LYS C 896 -0.49 95.05 -0.57
N ASP C 897 -1.20 93.94 -0.77
CA ASP C 897 -0.60 92.66 -1.15
C ASP C 897 -0.64 92.53 -2.68
N THR C 898 0.42 92.97 -3.34
CA THR C 898 0.53 92.93 -4.81
C THR C 898 1.39 91.73 -5.20
N VAL C 899 0.78 90.77 -5.89
CA VAL C 899 1.27 89.40 -5.94
C VAL C 899 1.54 88.98 -7.37
N ILE C 900 2.82 89.05 -7.76
CA ILE C 900 3.28 88.65 -9.13
C ILE C 900 3.46 87.12 -9.15
N LYS C 901 2.56 86.44 -9.87
CA LYS C 901 2.55 84.98 -9.96
C LYS C 901 2.40 84.54 -11.42
N PRO C 902 3.47 83.82 -12.07
CA PRO C 902 3.83 83.10 -13.57
C PRO C 902 3.22 81.69 -13.67
N LEU C 903 2.19 81.52 -14.51
CA LEU C 903 1.54 80.23 -14.63
C LEU C 903 1.64 79.76 -16.08
N LEU C 904 1.56 78.45 -16.26
CA LEU C 904 1.85 77.80 -17.52
C LEU C 904 0.67 77.91 -18.48
N VAL C 905 0.97 77.76 -19.77
CA VAL C 905 -0.03 77.56 -20.80
C VAL C 905 0.56 76.65 -21.87
N GLU C 906 -0.29 75.88 -22.55
CA GLU C 906 0.08 75.18 -23.77
C GLU C 906 -0.62 75.80 -24.96
N PRO C 907 -0.07 75.64 -26.16
CA PRO C 907 -0.70 76.25 -27.33
C PRO C 907 -2.04 75.60 -27.63
N GLU C 908 -2.90 76.36 -28.29
CA GLU C 908 -4.29 75.98 -28.47
C GLU C 908 -4.41 74.68 -29.28
N GLY C 909 -5.39 73.86 -28.88
CA GLY C 909 -5.89 72.80 -29.73
C GLY C 909 -5.35 71.42 -29.37
N LEU C 910 -5.92 70.42 -30.02
CA LEU C 910 -5.46 69.05 -29.87
C LEU C 910 -4.04 68.91 -30.36
N GLU C 911 -3.11 68.81 -29.43
CA GLU C 911 -1.73 68.51 -29.77
C GLU C 911 -1.63 67.08 -30.25
N LYS C 912 -0.50 66.77 -30.88
CA LYS C 912 -0.21 65.40 -31.24
C LYS C 912 1.26 65.31 -31.58
N GLU C 913 1.75 64.08 -31.64
CA GLU C 913 3.17 63.79 -31.68
C GLU C 913 3.61 63.46 -33.09
N THR C 914 4.90 63.16 -33.21
CA THR C 914 5.42 62.46 -34.38
C THR C 914 6.80 61.93 -34.03
N THR C 915 7.12 60.74 -34.56
CA THR C 915 8.26 59.95 -34.13
C THR C 915 9.11 59.49 -35.29
N PHE C 916 10.38 59.29 -34.99
CA PHE C 916 11.35 58.76 -35.95
C PHE C 916 12.42 58.00 -35.17
N ASN C 917 13.38 57.45 -35.90
CA ASN C 917 14.48 56.74 -35.28
C ASN C 917 15.57 56.49 -36.30
N SER C 918 16.51 55.64 -35.91
CA SER C 918 17.59 55.24 -36.80
C SER C 918 18.47 54.20 -36.14
N LEU C 919 19.49 53.81 -36.88
CA LEU C 919 20.68 53.16 -36.38
C LEU C 919 21.73 53.44 -37.43
N LEU C 920 22.95 53.70 -37.00
CA LEU C 920 24.09 53.78 -37.89
C LEU C 920 25.33 53.31 -37.15
N CYS C 921 25.68 52.04 -37.30
CA CYS C 921 26.77 51.40 -36.58
C CYS C 921 27.90 50.98 -37.52
N PRO C 922 28.75 51.92 -37.91
CA PRO C 922 30.01 51.54 -38.58
C PRO C 922 30.97 50.95 -37.58
N SER C 923 31.26 49.67 -37.74
CA SER C 923 32.24 48.98 -36.92
C SER C 923 33.60 48.93 -37.62
N GLY C 924 34.12 50.13 -37.88
CA GLY C 924 35.43 50.28 -38.46
C GLY C 924 35.49 51.29 -39.58
N GLY C 925 34.39 51.98 -39.86
CA GLY C 925 34.33 52.90 -40.98
C GLY C 925 33.49 54.13 -40.68
N GLU C 926 32.48 54.37 -41.51
CA GLU C 926 31.67 55.56 -41.39
C GLU C 926 30.28 55.29 -41.93
N VAL C 927 29.34 56.10 -41.46
CA VAL C 927 27.97 56.15 -41.96
C VAL C 927 27.50 57.58 -41.75
N SER C 928 26.49 57.98 -42.52
CA SER C 928 25.80 59.23 -42.24
C SER C 928 24.36 59.08 -42.68
N GLU C 929 23.56 60.09 -42.38
CA GLU C 929 22.15 60.03 -42.66
C GLU C 929 21.54 61.41 -42.49
N GLU C 930 20.28 61.53 -42.87
CA GLU C 930 19.54 62.78 -42.82
C GLU C 930 18.11 62.45 -42.46
N LEU C 931 17.44 63.41 -41.84
CA LEU C 931 16.03 63.27 -41.56
C LEU C 931 15.38 64.64 -41.56
N SER C 932 14.44 64.82 -42.45
CA SER C 932 13.80 66.10 -42.72
C SER C 932 12.32 65.96 -42.40
N LEU C 933 11.75 67.03 -41.88
CA LEU C 933 10.61 66.94 -40.99
C LEU C 933 9.73 68.16 -41.19
N LYS C 934 8.54 67.93 -41.73
CA LYS C 934 7.65 69.04 -42.04
C LYS C 934 6.23 68.49 -41.95
N LEU C 935 5.47 69.05 -41.02
CA LEU C 935 4.02 68.98 -41.08
C LEU C 935 3.47 70.33 -40.68
N PRO C 936 3.51 71.32 -41.58
CA PRO C 936 2.69 72.51 -41.41
C PRO C 936 1.42 72.52 -42.26
N PRO C 937 0.63 71.40 -42.38
CA PRO C 937 -0.75 71.57 -42.87
C PRO C 937 -1.75 71.75 -41.76
N ASN C 938 -2.41 72.91 -41.71
CA ASN C 938 -3.51 73.12 -40.79
C ASN C 938 -3.05 72.93 -39.34
N VAL C 939 -2.06 73.73 -38.97
CA VAL C 939 -1.48 73.71 -37.63
C VAL C 939 -1.45 75.14 -37.12
N VAL C 940 -0.81 75.35 -35.98
CA VAL C 940 -0.46 76.68 -35.50
C VAL C 940 1.03 76.67 -35.16
N GLU C 941 1.64 77.86 -35.16
CA GLU C 941 3.08 77.98 -35.32
C GLU C 941 3.85 77.37 -34.17
N GLU C 942 4.91 76.64 -34.52
CA GLU C 942 6.08 76.44 -33.67
C GLU C 942 5.84 75.52 -32.48
N SER C 943 4.61 75.06 -32.27
CA SER C 943 4.38 73.90 -31.41
C SER C 943 5.06 72.68 -32.00
N ALA C 944 5.32 72.71 -33.28
CA ALA C 944 6.41 71.95 -33.87
C ALA C 944 7.65 72.09 -33.00
N ARG C 945 8.07 70.99 -32.41
CA ARG C 945 9.27 70.91 -31.62
C ARG C 945 9.66 69.45 -31.58
N ALA C 946 10.93 69.16 -31.34
CA ALA C 946 11.33 67.76 -31.32
C ALA C 946 12.63 67.58 -30.55
N SER C 947 13.04 66.32 -30.42
CA SER C 947 14.10 65.94 -29.50
C SER C 947 14.62 64.57 -29.92
N VAL C 948 15.95 64.45 -29.93
CA VAL C 948 16.61 63.28 -30.48
C VAL C 948 17.12 62.43 -29.34
N SER C 949 17.74 61.31 -29.69
CA SER C 949 18.25 60.38 -28.71
C SER C 949 19.52 59.75 -29.25
N VAL C 950 20.43 59.40 -28.37
CA VAL C 950 21.75 58.89 -28.72
C VAL C 950 22.23 57.91 -27.65
N LEU C 951 22.39 56.65 -28.01
CA LEU C 951 22.67 55.61 -27.03
C LEU C 951 22.85 54.23 -27.63
N GLY C 952 23.15 53.24 -26.78
CA GLY C 952 22.83 51.85 -27.06
C GLY C 952 21.86 51.30 -26.05
N ASP C 953 20.86 50.53 -26.50
CA ASP C 953 19.59 50.40 -25.79
C ASP C 953 19.46 49.07 -25.09
N ILE C 954 20.56 48.48 -24.70
CA ILE C 954 20.57 47.06 -24.42
C ILE C 954 20.35 46.68 -22.96
N LEU C 955 20.60 47.60 -22.03
CA LEU C 955 20.69 47.24 -20.60
C LEU C 955 19.48 47.61 -19.77
N GLY C 956 18.43 48.18 -20.36
CA GLY C 956 17.30 48.64 -19.56
C GLY C 956 16.61 47.53 -18.79
N SER C 957 16.78 46.27 -19.23
CA SER C 957 16.21 45.10 -18.59
C SER C 957 17.27 44.07 -18.25
N ALA C 958 18.54 44.41 -18.41
CA ALA C 958 19.57 43.40 -18.33
C ALA C 958 19.70 42.83 -16.93
N MET C 959 19.49 43.64 -15.92
CA MET C 959 19.83 43.23 -14.56
C MET C 959 18.83 42.21 -14.05
N GLN C 960 17.57 42.61 -14.04
CA GLN C 960 16.56 41.90 -13.29
C GLN C 960 16.41 40.48 -13.81
N ASN C 961 15.89 40.35 -15.04
CA ASN C 961 15.58 39.06 -15.64
C ASN C 961 16.77 38.12 -15.58
N THR C 962 17.97 38.65 -15.80
CA THR C 962 19.16 37.83 -15.74
C THR C 962 19.35 37.24 -14.36
N GLN C 963 19.58 38.07 -13.36
CA GLN C 963 19.94 37.55 -12.05
C GLN C 963 18.79 36.80 -11.42
N ASN C 964 17.59 37.35 -11.55
CA ASN C 964 16.37 36.65 -11.15
C ASN C 964 16.37 35.24 -11.67
N LEU C 965 16.62 35.08 -12.96
CA LEU C 965 16.17 33.87 -13.60
C LEU C 965 17.30 32.87 -13.71
N LEU C 966 17.61 32.28 -12.58
CA LEU C 966 18.44 31.10 -12.48
C LEU C 966 17.86 30.30 -11.36
N GLN C 967 17.60 29.03 -11.60
CA GLN C 967 16.75 28.26 -10.72
C GLN C 967 17.20 26.83 -10.73
N MET C 968 16.78 26.19 -9.79
CA MET C 968 17.03 24.78 -9.66
C MET C 968 16.27 24.05 -10.73
N PRO C 969 16.78 22.92 -11.20
CA PRO C 969 15.93 21.99 -11.92
C PRO C 969 15.15 21.09 -10.98
N TYR C 970 13.87 20.98 -11.26
CA TYR C 970 13.04 19.95 -10.67
C TYR C 970 11.95 19.62 -11.68
N GLY C 971 10.95 18.90 -11.22
CA GLY C 971 9.80 18.67 -12.05
C GLY C 971 10.03 17.59 -13.09
N CYS C 972 9.01 17.42 -13.91
CA CYS C 972 9.06 16.43 -14.97
C CYS C 972 9.98 16.90 -16.08
N GLY C 973 10.03 16.11 -17.14
CA GLY C 973 10.83 16.49 -18.28
C GLY C 973 10.42 17.83 -18.84
N GLU C 974 9.12 18.09 -18.87
CA GLU C 974 8.65 19.37 -19.37
C GLU C 974 9.17 20.49 -18.48
N GLN C 975 8.83 20.43 -17.19
CA GLN C 975 9.32 21.41 -16.23
C GLN C 975 10.84 21.46 -16.22
N ASN C 976 11.48 20.31 -16.38
CA ASN C 976 12.93 20.30 -16.30
C ASN C 976 13.53 21.11 -17.43
N MET C 977 13.06 20.89 -18.64
CA MET C 977 13.52 21.70 -19.74
C MET C 977 13.15 23.16 -19.51
N VAL C 978 11.97 23.38 -18.95
CA VAL C 978 11.45 24.72 -18.79
C VAL C 978 12.40 25.55 -17.97
N LEU C 979 12.97 24.93 -16.96
CA LEU C 979 13.91 25.61 -16.09
C LEU C 979 15.35 25.41 -16.52
N PHE C 980 15.61 24.49 -17.44
CA PHE C 980 16.97 24.26 -17.92
C PHE C 980 17.27 25.29 -18.97
N ALA C 981 16.50 25.24 -20.04
CA ALA C 981 16.74 26.02 -21.25
C ALA C 981 16.95 27.50 -21.04
N PRO C 982 16.24 28.19 -20.15
CA PRO C 982 16.44 29.63 -20.04
C PRO C 982 17.86 30.00 -19.73
N ASN C 983 18.54 29.09 -19.05
CA ASN C 983 19.79 29.41 -18.37
C ASN C 983 20.85 29.82 -19.36
N ILE C 984 20.71 29.36 -20.58
CA ILE C 984 21.84 29.27 -21.48
C ILE C 984 21.80 30.45 -22.42
N TYR C 985 20.61 30.74 -22.89
CA TYR C 985 20.39 32.00 -23.56
C TYR C 985 20.55 33.14 -22.58
N VAL C 986 20.33 32.88 -21.29
CA VAL C 986 20.64 33.88 -20.29
C VAL C 986 22.14 34.12 -20.25
N LEU C 987 22.91 33.04 -20.14
CA LEU C 987 24.35 33.18 -20.11
C LEU C 987 24.85 33.93 -21.32
N ASP C 988 24.19 33.66 -22.45
CA ASP C 988 24.52 34.34 -23.73
C ASP C 988 24.26 35.84 -23.52
N TYR C 989 23.14 36.17 -22.86
CA TYR C 989 22.82 37.56 -22.57
C TYR C 989 23.94 38.19 -21.80
N LEU C 990 24.40 37.46 -20.79
CA LEU C 990 25.39 37.98 -19.88
C LEU C 990 26.69 38.23 -20.62
N ASN C 991 27.15 37.17 -21.30
CA ASN C 991 28.40 37.19 -22.11
C ASN C 991 28.34 38.32 -23.15
N GLU C 992 27.33 38.29 -24.03
CA GLU C 992 27.18 39.34 -25.07
C GLU C 992 27.23 40.71 -24.41
N THR C 993 26.28 40.99 -23.52
CA THR C 993 26.25 42.27 -22.82
C THR C 993 27.40 42.42 -21.84
N GLN C 994 28.16 41.36 -21.59
CA GLN C 994 29.38 41.37 -20.82
C GLN C 994 29.14 41.42 -19.32
N GLN C 995 27.90 41.56 -18.88
CA GLN C 995 27.55 41.67 -17.47
C GLN C 995 27.70 40.29 -16.83
N LEU C 996 28.95 39.83 -16.64
CA LEU C 996 29.05 38.43 -16.13
C LEU C 996 30.16 38.22 -15.09
N THR C 997 29.76 37.68 -13.93
CA THR C 997 30.72 37.27 -12.93
C THR C 997 30.88 35.75 -13.01
N PRO C 998 32.03 35.21 -12.63
CA PRO C 998 32.17 33.76 -12.56
C PRO C 998 31.29 33.09 -11.53
N GLU C 999 30.69 33.85 -10.61
CA GLU C 999 29.99 33.25 -9.49
C GLU C 999 28.62 32.74 -9.91
N ILE C 1000 27.78 33.66 -10.37
CA ILE C 1000 26.53 33.30 -11.02
C ILE C 1000 26.81 32.34 -12.16
N LYS C 1001 28.02 32.37 -12.74
CA LYS C 1001 28.36 31.57 -13.94
C LYS C 1001 28.52 30.12 -13.50
N SER C 1002 29.16 29.95 -12.34
CA SER C 1002 29.33 28.61 -11.81
C SER C 1002 28.02 28.09 -11.24
N LYS C 1003 27.23 28.99 -10.64
CA LYS C 1003 25.91 28.62 -10.14
C LYS C 1003 25.07 28.05 -11.26
N ALA C 1004 24.99 28.79 -12.35
CA ALA C 1004 24.22 28.36 -13.48
C ALA C 1004 24.78 27.08 -14.06
N ILE C 1005 26.10 26.91 -14.00
CA ILE C 1005 26.70 25.71 -14.54
C ILE C 1005 26.22 24.49 -13.79
N GLY C 1006 26.22 24.57 -12.47
CA GLY C 1006 25.71 23.46 -11.69
C GLY C 1006 24.26 23.21 -11.98
N TYR C 1007 23.47 24.28 -12.02
CA TYR C 1007 22.09 24.19 -12.49
C TYR C 1007 21.99 23.44 -13.80
N LEU C 1008 22.88 23.75 -14.74
CA LEU C 1008 22.77 23.18 -16.08
C LEU C 1008 23.01 21.70 -16.05
N ASN C 1009 24.10 21.31 -15.44
CA ASN C 1009 24.44 19.89 -15.42
C ASN C 1009 23.33 19.10 -14.76
N THR C 1010 22.76 19.65 -13.68
CA THR C 1010 21.72 18.94 -12.97
C THR C 1010 20.49 18.78 -13.84
N GLY C 1011 20.03 19.86 -14.46
CA GLY C 1011 18.83 19.78 -15.27
C GLY C 1011 19.03 18.87 -16.45
N TYR C 1012 20.22 18.89 -17.01
CA TYR C 1012 20.57 18.02 -18.11
C TYR C 1012 20.32 16.58 -17.73
N GLN C 1013 20.88 16.18 -16.62
CA GLN C 1013 20.84 14.77 -16.28
C GLN C 1013 19.46 14.36 -15.82
N ARG C 1014 18.77 15.26 -15.13
CA ARG C 1014 17.37 15.00 -14.79
C ARG C 1014 16.55 14.81 -16.07
N GLN C 1015 16.98 15.45 -17.15
CA GLN C 1015 16.33 15.24 -18.42
C GLN C 1015 16.65 13.87 -18.94
N LEU C 1016 17.91 13.48 -18.81
CA LEU C 1016 18.35 12.18 -19.26
C LEU C 1016 17.55 11.06 -18.61
N ASN C 1017 17.06 11.29 -17.41
CA ASN C 1017 16.25 10.23 -16.82
C ASN C 1017 14.89 10.06 -17.49
N TYR C 1018 14.44 11.00 -18.32
CA TYR C 1018 13.12 10.92 -18.94
C TYR C 1018 13.13 10.55 -20.42
N LYS C 1019 14.25 10.04 -20.95
CA LYS C 1019 14.34 9.88 -22.40
C LYS C 1019 13.80 8.53 -22.85
N HIS C 1020 13.95 8.30 -24.15
CA HIS C 1020 13.70 7.03 -24.81
C HIS C 1020 15.01 6.46 -25.35
N TYR C 1021 15.14 5.15 -25.27
CA TYR C 1021 16.40 4.54 -25.68
C TYR C 1021 16.63 4.63 -27.18
N ASP C 1022 15.58 4.91 -27.94
CA ASP C 1022 15.79 5.32 -29.33
C ASP C 1022 16.62 6.58 -29.41
N GLY C 1023 16.45 7.47 -28.44
CA GLY C 1023 17.04 8.79 -28.44
C GLY C 1023 16.05 9.89 -28.16
N SER C 1024 14.78 9.56 -28.02
CA SER C 1024 13.72 10.53 -27.95
C SER C 1024 13.45 10.86 -26.50
N TYR C 1025 12.45 11.70 -26.27
CA TYR C 1025 12.18 12.22 -24.94
C TYR C 1025 10.69 12.27 -24.73
N SER C 1026 10.29 11.84 -23.54
CA SER C 1026 8.93 12.00 -23.07
C SER C 1026 8.99 12.59 -21.67
N THR C 1027 7.83 12.88 -21.11
CA THR C 1027 7.80 13.55 -19.82
C THR C 1027 8.19 12.59 -18.71
N PHE C 1028 7.90 11.30 -18.87
CA PHE C 1028 8.34 10.27 -17.95
C PHE C 1028 9.24 9.24 -18.60
N GLY C 1029 8.76 8.53 -19.61
CA GLY C 1029 9.56 7.53 -20.28
C GLY C 1029 9.95 6.32 -19.45
N GLU C 1030 11.22 6.32 -19.02
CA GLU C 1030 11.92 5.18 -18.46
C GLU C 1030 11.16 4.51 -17.33
N ARG C 1031 11.54 3.27 -17.04
CA ARG C 1031 10.94 2.36 -16.07
C ARG C 1031 9.71 1.70 -16.66
N TYR C 1032 9.36 2.01 -17.90
CA TYR C 1032 8.35 1.28 -18.63
C TYR C 1032 8.41 1.75 -20.08
N GLY C 1033 8.39 0.79 -21.01
CA GLY C 1033 8.43 1.08 -22.42
C GLY C 1033 7.03 1.13 -23.01
N ARG C 1034 6.07 1.52 -22.18
CA ARG C 1034 4.66 1.54 -22.56
C ARG C 1034 4.27 2.86 -23.14
N ASN C 1035 5.10 3.41 -24.02
CA ASN C 1035 4.89 4.75 -24.53
C ASN C 1035 5.68 4.91 -25.82
N GLN C 1036 5.44 6.02 -26.48
CA GLN C 1036 6.29 6.53 -27.52
C GLN C 1036 6.56 7.99 -27.19
N GLY C 1037 7.78 8.42 -27.42
CA GLY C 1037 8.15 9.76 -27.06
C GLY C 1037 7.57 10.79 -28.00
N ASN C 1038 7.59 12.03 -27.52
CA ASN C 1038 7.14 13.18 -28.29
C ASN C 1038 8.27 13.65 -29.19
N THR C 1039 7.94 14.60 -30.05
CA THR C 1039 8.86 15.19 -30.99
C THR C 1039 9.25 16.59 -30.57
N TRP C 1040 8.25 17.45 -30.43
CA TRP C 1040 8.45 18.86 -30.15
C TRP C 1040 9.39 19.07 -28.98
N LEU C 1041 9.11 18.34 -27.91
CA LEU C 1041 9.99 18.30 -26.78
C LEU C 1041 11.40 18.00 -27.23
N THR C 1042 11.56 16.97 -28.03
CA THR C 1042 12.89 16.51 -28.37
C THR C 1042 13.61 17.57 -29.20
N ALA C 1043 12.85 18.36 -29.93
CA ALA C 1043 13.47 19.40 -30.74
C ALA C 1043 13.93 20.54 -29.87
N PHE C 1044 13.06 20.97 -28.96
CA PHE C 1044 13.47 21.89 -27.92
C PHE C 1044 14.75 21.40 -27.25
N VAL C 1045 14.79 20.10 -26.95
CA VAL C 1045 15.96 19.50 -26.31
C VAL C 1045 17.15 19.63 -27.21
N LEU C 1046 16.93 19.42 -28.49
CA LEU C 1046 18.03 19.43 -29.42
C LEU C 1046 18.66 20.80 -29.46
N LYS C 1047 17.81 21.80 -29.49
CA LYS C 1047 18.28 23.17 -29.53
C LYS C 1047 19.08 23.50 -28.30
N THR C 1048 18.50 23.18 -27.15
CA THR C 1048 19.16 23.52 -25.90
C THR C 1048 20.48 22.79 -25.79
N PHE C 1049 20.49 21.53 -26.21
CA PHE C 1049 21.71 20.75 -26.27
C PHE C 1049 22.73 21.43 -27.16
N ALA C 1050 22.25 22.05 -28.23
CA ALA C 1050 23.18 22.70 -29.14
C ALA C 1050 23.89 23.82 -28.45
N GLN C 1051 23.14 24.67 -27.80
CA GLN C 1051 23.75 25.84 -27.21
C GLN C 1051 24.61 25.45 -26.00
N ALA C 1052 24.20 24.41 -25.29
CA ALA C 1052 24.99 23.96 -24.16
C ALA C 1052 26.31 23.41 -24.64
N ARG C 1053 26.27 22.67 -25.74
CA ARG C 1053 27.50 22.36 -26.47
C ARG C 1053 28.27 23.64 -26.75
N ALA C 1054 27.56 24.69 -27.14
CA ALA C 1054 28.21 25.92 -27.60
C ALA C 1054 29.05 26.55 -26.51
N TYR C 1055 28.84 26.11 -25.28
CA TYR C 1055 29.75 26.60 -24.24
C TYR C 1055 30.40 25.40 -23.56
N ILE C 1056 29.56 24.43 -23.13
CA ILE C 1056 30.03 23.45 -22.22
C ILE C 1056 29.93 22.08 -22.91
N PHE C 1057 30.26 21.04 -22.17
CA PHE C 1057 30.36 19.73 -22.80
C PHE C 1057 29.01 19.02 -22.77
N ILE C 1058 28.77 18.23 -23.80
CA ILE C 1058 27.54 17.50 -24.00
C ILE C 1058 27.78 16.49 -25.11
N ASP C 1059 27.04 15.39 -25.07
CA ASP C 1059 27.26 14.25 -25.95
C ASP C 1059 26.56 14.45 -27.29
N GLU C 1060 27.32 14.33 -28.37
CA GLU C 1060 26.75 14.44 -29.71
C GLU C 1060 25.86 13.26 -30.02
N ALA C 1061 26.14 12.13 -29.37
CA ALA C 1061 25.35 10.93 -29.55
C ALA C 1061 23.88 11.23 -29.42
N HIS C 1062 23.54 12.06 -28.45
CA HIS C 1062 22.13 12.24 -28.14
C HIS C 1062 21.45 13.09 -29.20
N ILE C 1063 22.14 14.09 -29.74
CA ILE C 1063 21.51 14.89 -30.78
C ILE C 1063 21.33 14.06 -32.02
N THR C 1064 22.30 13.20 -32.31
CA THR C 1064 22.21 12.43 -33.52
C THR C 1064 21.11 11.41 -33.41
N GLN C 1065 20.93 10.86 -32.23
CA GLN C 1065 19.86 9.89 -32.05
C GLN C 1065 18.50 10.54 -32.16
N ALA C 1066 18.34 11.70 -31.53
CA ALA C 1066 17.06 12.40 -31.63
C ALA C 1066 16.82 12.83 -33.07
N LEU C 1067 17.89 13.06 -33.79
CA LEU C 1067 17.78 13.51 -35.16
C LEU C 1067 17.26 12.40 -36.05
N ILE C 1068 17.89 11.24 -35.97
CA ILE C 1068 17.40 10.11 -36.75
C ILE C 1068 15.99 9.78 -36.36
N TRP C 1069 15.66 9.99 -35.09
CA TRP C 1069 14.31 9.71 -34.63
C TRP C 1069 13.32 10.63 -35.32
N LEU C 1070 13.69 11.91 -35.44
CA LEU C 1070 12.88 12.84 -36.20
C LEU C 1070 12.69 12.34 -37.62
N SER C 1071 13.79 11.94 -38.25
CA SER C 1071 13.73 11.45 -39.62
C SER C 1071 12.77 10.29 -39.72
N GLN C 1072 12.84 9.40 -38.76
CA GLN C 1072 11.96 8.27 -38.76
C GLN C 1072 10.51 8.69 -38.62
N ARG C 1073 10.27 9.84 -37.98
CA ARG C 1073 8.95 10.44 -38.03
C ARG C 1073 8.82 11.42 -39.16
N GLN C 1074 9.57 11.23 -40.23
CA GLN C 1074 9.40 12.02 -41.43
C GLN C 1074 8.72 11.20 -42.52
N LYS C 1075 7.95 11.91 -43.33
CA LYS C 1075 7.33 11.36 -44.52
C LYS C 1075 8.14 11.77 -45.72
N ASP C 1076 7.98 10.99 -46.78
CA ASP C 1076 8.70 11.26 -48.01
C ASP C 1076 8.39 12.65 -48.54
N ASN C 1077 7.12 13.05 -48.42
CA ASN C 1077 6.63 14.30 -48.97
C ASN C 1077 5.96 15.14 -47.92
N GLY C 1078 5.15 14.53 -47.09
CA GLY C 1078 4.56 15.23 -45.98
C GLY C 1078 5.63 15.50 -44.96
N CYS C 1079 5.22 16.21 -43.92
CA CYS C 1079 6.11 16.69 -42.89
C CYS C 1079 6.17 15.68 -41.75
N PHE C 1080 6.69 16.11 -40.60
CA PHE C 1080 6.61 15.27 -39.40
C PHE C 1080 5.19 15.25 -38.87
N ARG C 1081 4.98 14.43 -37.84
CA ARG C 1081 3.69 14.29 -37.20
C ARG C 1081 3.79 14.59 -35.73
N SER C 1082 2.75 15.21 -35.19
CA SER C 1082 2.67 15.49 -33.77
C SER C 1082 2.39 14.17 -33.07
N SER C 1083 3.47 13.43 -32.81
CA SER C 1083 3.38 12.21 -32.02
C SER C 1083 3.18 12.60 -30.55
N GLY C 1084 1.97 13.06 -30.26
CA GLY C 1084 1.62 13.64 -28.96
C GLY C 1084 1.75 12.74 -27.76
N SER C 1085 2.64 13.09 -26.84
CA SER C 1085 2.79 12.41 -25.55
C SER C 1085 3.10 13.42 -24.46
N LEU C 1086 2.56 14.62 -24.58
CA LEU C 1086 2.88 15.75 -23.72
C LEU C 1086 1.99 15.77 -22.49
N LEU C 1087 2.11 16.84 -21.72
CA LEU C 1087 1.25 17.11 -20.58
C LEU C 1087 0.58 18.47 -20.67
N ASN C 1088 1.29 19.49 -21.14
CA ASN C 1088 0.72 20.82 -21.30
C ASN C 1088 1.27 21.48 -22.54
N ASN C 1089 0.66 22.60 -22.91
CA ASN C 1089 0.88 23.26 -24.18
C ASN C 1089 1.34 24.71 -24.02
N ALA C 1090 1.00 25.36 -22.90
CA ALA C 1090 1.52 26.70 -22.65
C ALA C 1090 3.03 26.68 -22.58
N ILE C 1091 3.60 25.53 -22.23
CA ILE C 1091 5.02 25.28 -22.42
C ILE C 1091 5.44 25.60 -23.85
N LYS C 1092 4.57 25.30 -24.80
CA LYS C 1092 4.87 25.43 -26.22
C LYS C 1092 4.28 26.74 -26.74
N GLY C 1093 4.86 27.24 -27.81
CA GLY C 1093 4.47 28.49 -28.43
C GLY C 1093 3.86 28.38 -29.81
N GLY C 1094 3.01 27.39 -30.05
CA GLY C 1094 2.31 27.30 -31.32
C GLY C 1094 0.99 26.58 -31.13
N VAL C 1095 0.45 26.08 -32.25
CA VAL C 1095 -0.86 25.44 -32.29
C VAL C 1095 -0.75 23.96 -32.59
N GLU C 1096 0.45 23.41 -32.51
CA GLU C 1096 0.71 22.00 -32.83
C GLU C 1096 0.36 21.66 -34.27
N ASP C 1097 0.23 22.65 -35.16
CA ASP C 1097 0.12 22.37 -36.58
C ASP C 1097 1.36 21.61 -37.03
N GLU C 1098 1.12 20.50 -37.72
CA GLU C 1098 2.19 19.62 -38.18
C GLU C 1098 3.25 20.38 -38.97
N VAL C 1099 2.83 21.37 -39.74
CA VAL C 1099 3.81 22.10 -40.51
C VAL C 1099 4.61 22.99 -39.61
N THR C 1100 3.95 23.70 -38.71
CA THR C 1100 4.66 24.50 -37.73
C THR C 1100 5.52 23.63 -36.85
N LEU C 1101 5.05 22.43 -36.57
CA LEU C 1101 5.82 21.49 -35.78
C LEU C 1101 7.12 21.18 -36.45
N SER C 1102 7.01 20.61 -37.65
CA SER C 1102 8.15 20.37 -38.51
C SER C 1102 9.00 21.61 -38.68
N ALA C 1103 8.37 22.78 -38.64
CA ALA C 1103 9.07 24.01 -38.92
C ALA C 1103 9.99 24.36 -37.77
N TYR C 1104 9.44 24.34 -36.57
CA TYR C 1104 10.24 24.52 -35.38
C TYR C 1104 11.33 23.48 -35.33
N ILE C 1105 11.05 22.28 -35.82
CA ILE C 1105 12.07 21.26 -35.82
C ILE C 1105 13.21 21.71 -36.70
N THR C 1106 12.94 21.79 -37.99
CA THR C 1106 13.98 22.04 -38.97
C THR C 1106 14.72 23.34 -38.72
N ILE C 1107 14.05 24.32 -38.14
CA ILE C 1107 14.74 25.56 -37.87
C ILE C 1107 15.69 25.38 -36.71
N ALA C 1108 15.22 24.67 -35.68
CA ALA C 1108 16.12 24.37 -34.58
C ALA C 1108 17.24 23.46 -35.06
N LEU C 1109 16.97 22.73 -36.12
CA LEU C 1109 18.03 21.97 -36.73
C LEU C 1109 19.05 22.91 -37.35
N LEU C 1110 18.62 23.70 -38.31
CA LEU C 1110 19.56 24.50 -39.07
C LEU C 1110 20.34 25.48 -38.22
N GLU C 1111 19.87 25.79 -37.02
CA GLU C 1111 20.72 26.54 -36.11
C GLU C 1111 21.98 25.75 -35.75
N ILE C 1112 21.94 24.43 -35.91
CA ILE C 1112 23.09 23.56 -35.76
C ILE C 1112 23.95 23.84 -36.99
N PRO C 1113 25.22 23.49 -37.00
CA PRO C 1113 25.95 23.54 -38.26
C PRO C 1113 25.42 22.51 -39.23
N LEU C 1114 24.59 22.97 -40.16
CA LEU C 1114 23.87 22.07 -41.05
C LEU C 1114 23.93 22.52 -42.50
N THR C 1115 24.09 21.54 -43.37
CA THR C 1115 24.06 21.80 -44.80
C THR C 1115 22.62 21.96 -45.24
N VAL C 1116 22.28 23.17 -45.68
CA VAL C 1116 20.92 23.47 -46.15
C VAL C 1116 20.51 22.52 -47.26
N THR C 1117 21.47 21.96 -47.97
CA THR C 1117 21.22 20.97 -48.99
C THR C 1117 21.03 19.56 -48.44
N HIS C 1118 20.99 19.40 -47.11
CA HIS C 1118 20.82 18.06 -46.54
C HIS C 1118 19.56 17.40 -47.08
N PRO C 1119 19.54 16.07 -47.16
CA PRO C 1119 18.33 15.41 -47.65
C PRO C 1119 17.08 15.75 -46.87
N VAL C 1120 17.12 15.48 -45.57
CA VAL C 1120 15.94 15.65 -44.72
C VAL C 1120 15.42 17.05 -44.86
N VAL C 1121 16.31 18.00 -44.82
CA VAL C 1121 15.87 19.37 -44.73
C VAL C 1121 15.36 19.81 -46.07
N ARG C 1122 15.91 19.26 -47.15
CA ARG C 1122 15.37 19.50 -48.47
C ARG C 1122 13.91 19.09 -48.50
N ASN C 1123 13.63 17.94 -47.90
CA ASN C 1123 12.26 17.44 -47.90
C ASN C 1123 11.39 18.36 -47.07
N ALA C 1124 11.92 18.77 -45.93
CA ALA C 1124 11.23 19.71 -45.08
C ALA C 1124 10.92 20.96 -45.83
N LEU C 1125 11.83 21.37 -46.67
CA LEU C 1125 11.67 22.63 -47.32
C LEU C 1125 10.61 22.54 -48.37
N PHE C 1126 10.50 21.38 -49.00
CA PHE C 1126 9.38 21.18 -49.90
C PHE C 1126 8.07 21.32 -49.12
N CYS C 1127 8.00 20.69 -47.94
CA CYS C 1127 6.87 20.89 -47.06
C CYS C 1127 6.62 22.36 -46.81
N LEU C 1128 7.66 23.04 -46.43
CA LEU C 1128 7.56 24.41 -45.99
C LEU C 1128 7.09 25.28 -47.12
N GLU C 1129 7.57 25.01 -48.31
CA GLU C 1129 7.30 25.86 -49.44
C GLU C 1129 5.87 25.70 -49.88
N SER C 1130 5.47 24.45 -50.07
CA SER C 1130 4.08 24.14 -50.38
C SER C 1130 3.18 24.74 -49.33
N ALA C 1131 3.60 24.61 -48.09
CA ALA C 1131 2.83 25.08 -46.96
C ALA C 1131 2.68 26.58 -47.01
N TRP C 1132 3.76 27.27 -47.36
CA TRP C 1132 3.71 28.72 -47.44
C TRP C 1132 2.79 29.15 -48.54
N LYS C 1133 2.84 28.46 -49.67
CA LYS C 1133 1.98 28.81 -50.78
C LYS C 1133 0.52 28.70 -50.39
N THR C 1134 0.15 27.57 -49.77
CA THR C 1134 -1.25 27.40 -49.39
C THR C 1134 -1.64 28.39 -48.30
N ALA C 1135 -0.70 28.73 -47.41
CA ALA C 1135 -0.96 29.74 -46.41
C ALA C 1135 -1.19 31.11 -47.02
N GLN C 1136 -0.46 31.38 -48.09
CA GLN C 1136 -0.32 32.72 -48.61
C GLN C 1136 -1.41 33.04 -49.61
N GLU C 1137 -1.52 32.23 -50.67
CA GLU C 1137 -2.53 32.48 -51.68
C GLU C 1137 -3.93 32.35 -51.12
N GLY C 1138 -4.18 31.31 -50.32
CA GLY C 1138 -5.32 31.34 -49.44
C GLY C 1138 -5.21 32.53 -48.49
N ASP C 1139 -6.34 33.19 -48.27
CA ASP C 1139 -6.34 34.41 -47.48
C ASP C 1139 -5.74 34.22 -46.10
N HIS C 1140 -5.84 33.01 -45.55
CA HIS C 1140 -5.42 32.72 -44.19
C HIS C 1140 -4.52 31.49 -44.18
N GLY C 1141 -3.46 31.57 -43.41
CA GLY C 1141 -2.58 30.45 -43.15
C GLY C 1141 -2.13 30.51 -41.71
N SER C 1142 -3.04 30.96 -40.85
CA SER C 1142 -2.83 31.53 -39.53
C SER C 1142 -2.38 32.98 -39.60
N HIS C 1143 -2.02 33.50 -40.78
CA HIS C 1143 -1.78 34.91 -41.04
C HIS C 1143 -0.54 35.49 -40.37
N VAL C 1144 0.09 34.79 -39.41
CA VAL C 1144 1.13 35.40 -38.58
C VAL C 1144 2.37 34.54 -38.41
N TYR C 1145 2.19 33.44 -37.66
CA TYR C 1145 3.27 32.81 -36.85
C TYR C 1145 3.87 31.65 -37.64
N THR C 1146 3.01 30.70 -38.05
CA THR C 1146 3.32 29.87 -39.18
C THR C 1146 4.20 30.63 -40.16
N LYS C 1147 3.72 31.80 -40.56
CA LYS C 1147 4.35 32.51 -41.65
C LYS C 1147 5.70 33.03 -41.25
N ALA C 1148 5.83 33.50 -40.01
CA ALA C 1148 7.10 34.08 -39.62
C ALA C 1148 8.13 33.00 -39.37
N LEU C 1149 7.68 31.87 -38.83
CA LEU C 1149 8.62 30.77 -38.63
C LEU C 1149 9.10 30.26 -39.97
N LEU C 1150 8.18 30.23 -40.93
CA LEU C 1150 8.58 30.00 -42.31
C LEU C 1150 9.62 30.99 -42.73
N ALA C 1151 9.43 32.25 -42.36
CA ALA C 1151 10.38 33.29 -42.72
C ALA C 1151 11.76 32.93 -42.23
N TYR C 1152 11.84 32.39 -41.03
CA TYR C 1152 13.15 32.16 -40.45
C TYR C 1152 13.83 31.00 -41.13
N ALA C 1153 13.08 29.95 -41.41
CA ALA C 1153 13.70 28.80 -42.05
C ALA C 1153 14.16 29.18 -43.45
N PHE C 1154 13.32 29.96 -44.14
CA PHE C 1154 13.73 30.53 -45.41
C PHE C 1154 15.01 31.32 -45.24
N ALA C 1155 15.14 31.99 -44.10
CA ALA C 1155 16.34 32.76 -43.83
C ALA C 1155 17.55 31.86 -43.74
N LEU C 1156 17.36 30.68 -43.16
CA LEU C 1156 18.46 29.75 -43.07
C LEU C 1156 18.91 29.26 -44.41
N ALA C 1157 17.95 29.10 -45.32
CA ALA C 1157 18.26 28.45 -46.59
C ALA C 1157 19.38 29.14 -47.34
N GLY C 1158 19.17 30.41 -47.64
CA GLY C 1158 19.78 31.04 -48.79
C GLY C 1158 18.70 31.70 -49.58
N ASN C 1159 17.45 31.26 -49.37
CA ASN C 1159 16.27 31.81 -50.03
C ASN C 1159 15.95 33.18 -49.44
N GLN C 1160 16.87 34.12 -49.69
CA GLN C 1160 16.65 35.49 -49.29
C GLN C 1160 15.43 36.07 -50.00
N ASP C 1161 15.20 35.64 -51.24
CA ASP C 1161 14.02 36.11 -51.96
C ASP C 1161 12.75 35.71 -51.24
N LYS C 1162 12.59 34.40 -51.00
CA LYS C 1162 11.44 33.90 -50.25
C LYS C 1162 11.41 34.56 -48.88
N ARG C 1163 12.59 34.76 -48.29
CA ARG C 1163 12.71 35.35 -46.96
C ARG C 1163 12.01 36.69 -46.92
N LYS C 1164 12.48 37.61 -47.74
CA LYS C 1164 11.95 38.96 -47.69
C LYS C 1164 10.51 38.99 -48.16
N GLU C 1165 10.15 38.06 -49.05
CA GLU C 1165 8.77 38.02 -49.51
C GLU C 1165 7.83 37.77 -48.34
N VAL C 1166 8.06 36.67 -47.63
CA VAL C 1166 7.18 36.35 -46.51
C VAL C 1166 7.39 37.36 -45.39
N LEU C 1167 8.57 37.97 -45.34
CA LEU C 1167 8.79 39.05 -44.40
C LEU C 1167 7.81 40.17 -44.68
N LYS C 1168 7.64 40.48 -45.94
CA LYS C 1168 6.73 41.53 -46.32
C LYS C 1168 5.30 41.11 -46.04
N SER C 1169 5.03 39.81 -46.16
CA SER C 1169 3.72 39.31 -45.81
C SER C 1169 3.46 39.49 -44.31
N LEU C 1170 4.52 39.42 -43.52
CA LEU C 1170 4.38 39.69 -42.09
C LEU C 1170 4.14 41.17 -41.86
N ASN C 1171 4.89 42.01 -42.57
CA ASN C 1171 4.68 43.44 -42.49
C ASN C 1171 3.31 43.85 -43.04
N GLU C 1172 2.67 42.95 -43.79
CA GLU C 1172 1.34 43.24 -44.32
C GLU C 1172 0.37 43.51 -43.19
N GLU C 1173 0.29 42.58 -42.24
CA GLU C 1173 -0.60 42.71 -41.09
C GLU C 1173 0.20 43.26 -39.91
N ALA C 1174 0.83 44.40 -40.17
CA ALA C 1174 1.76 44.98 -39.21
C ALA C 1174 1.01 45.75 -38.13
N VAL C 1175 1.62 45.78 -36.95
CA VAL C 1175 0.96 46.25 -35.73
C VAL C 1175 1.77 47.39 -35.13
N LYS C 1176 2.34 48.23 -35.98
CA LYS C 1176 3.23 49.29 -35.52
C LYS C 1176 2.54 50.22 -34.52
N LYS C 1177 3.35 50.71 -33.57
CA LYS C 1177 2.90 51.41 -32.38
C LYS C 1177 3.48 52.81 -32.37
N ASP C 1178 3.25 53.50 -31.26
CA ASP C 1178 3.77 54.84 -31.02
C ASP C 1178 5.27 54.91 -31.24
N ASN C 1179 5.99 53.88 -30.79
CA ASN C 1179 7.44 53.91 -30.82
C ASN C 1179 8.06 52.56 -31.17
N SER C 1180 7.26 51.58 -31.57
CA SER C 1180 7.79 50.29 -31.95
C SER C 1180 6.67 49.49 -32.60
N VAL C 1181 6.93 48.21 -32.89
CA VAL C 1181 5.97 47.36 -33.60
C VAL C 1181 5.96 45.99 -32.97
N HIS C 1182 5.06 45.16 -33.49
CA HIS C 1182 4.98 43.75 -33.10
C HIS C 1182 3.97 43.08 -34.02
N TRP C 1183 3.65 41.83 -33.70
CA TRP C 1183 2.44 41.15 -34.16
C TRP C 1183 1.79 40.41 -33.01
N GLU C 1184 0.53 40.12 -33.20
CA GLU C 1184 -0.24 39.19 -32.39
C GLU C 1184 -0.46 37.93 -33.22
N ARG C 1185 -1.26 37.02 -32.67
CA ARG C 1185 -2.08 36.11 -33.43
C ARG C 1185 -3.23 36.99 -33.90
N PRO C 1186 -4.26 36.52 -34.59
CA PRO C 1186 -5.11 37.51 -35.28
C PRO C 1186 -6.02 38.36 -34.37
N GLN C 1187 -5.46 38.86 -33.25
CA GLN C 1187 -6.02 39.91 -32.41
C GLN C 1187 -7.22 39.49 -31.57
N LYS C 1188 -7.82 38.34 -31.88
CA LYS C 1188 -8.90 37.65 -31.20
C LYS C 1188 -9.01 36.33 -31.94
N PRO C 1189 -9.24 35.20 -31.27
CA PRO C 1189 -9.67 34.01 -32.01
C PRO C 1189 -11.17 34.09 -32.28
N LYS C 1190 -11.54 34.00 -33.56
CA LYS C 1190 -12.88 34.30 -34.02
C LYS C 1190 -13.97 33.51 -33.30
N ALA C 1191 -13.71 32.22 -33.04
CA ALA C 1191 -14.68 31.34 -32.39
C ALA C 1191 -14.87 31.78 -30.93
N PRO C 1192 -15.88 31.24 -30.22
CA PRO C 1192 -15.98 31.52 -28.79
C PRO C 1192 -14.80 30.91 -28.05
N VAL C 1193 -14.08 31.76 -27.29
CA VAL C 1193 -12.75 31.44 -26.78
C VAL C 1193 -12.50 32.27 -25.52
N GLY C 1194 -11.51 31.83 -24.75
CA GLY C 1194 -10.89 32.67 -23.74
C GLY C 1194 -11.44 32.40 -22.34
N HIS C 1195 -12.36 33.27 -21.91
CA HIS C 1195 -13.07 33.25 -20.60
C HIS C 1195 -12.12 33.52 -19.43
N PHE C 1196 -11.05 32.72 -19.28
CA PHE C 1196 -9.90 33.14 -18.46
C PHE C 1196 -8.86 32.03 -18.64
N TYR C 1197 -7.66 32.21 -18.07
CA TYR C 1197 -6.63 31.17 -17.87
C TYR C 1197 -5.93 30.78 -19.16
N GLU C 1198 -6.27 31.41 -20.30
CA GLU C 1198 -5.61 31.14 -21.57
C GLU C 1198 -5.75 29.67 -21.91
N PRO C 1199 -6.96 29.11 -21.88
CA PRO C 1199 -7.12 27.66 -21.92
C PRO C 1199 -6.88 27.15 -23.32
N GLN C 1200 -5.85 26.33 -23.48
CA GLN C 1200 -5.44 25.83 -24.80
C GLN C 1200 -5.06 26.98 -25.73
N ALA C 1201 -4.56 28.08 -25.17
CA ALA C 1201 -4.27 29.27 -25.96
C ALA C 1201 -3.36 30.24 -25.21
N PRO C 1202 -2.06 29.95 -25.07
CA PRO C 1202 -1.21 30.76 -24.18
C PRO C 1202 -0.83 32.14 -24.72
N SER C 1203 -1.44 32.55 -25.83
CA SER C 1203 -1.36 33.88 -26.41
C SER C 1203 -0.05 34.18 -27.13
N ALA C 1204 0.97 33.33 -26.93
CA ALA C 1204 2.10 33.13 -27.85
C ALA C 1204 2.56 34.37 -28.59
N GLU C 1205 2.67 35.49 -27.88
CA GLU C 1205 2.67 36.78 -28.56
C GLU C 1205 4.07 37.29 -28.82
N VAL C 1206 5.07 36.70 -28.19
CA VAL C 1206 6.40 37.28 -28.20
C VAL C 1206 7.32 36.49 -29.10
N GLU C 1207 7.38 35.18 -28.88
CA GLU C 1207 8.20 34.27 -29.67
C GLU C 1207 7.94 34.45 -31.16
N MET C 1208 6.71 34.79 -31.52
CA MET C 1208 6.44 35.19 -32.89
C MET C 1208 7.33 36.35 -33.29
N THR C 1209 7.59 37.27 -32.36
CA THR C 1209 8.44 38.40 -32.68
C THR C 1209 9.89 38.03 -32.50
N SER C 1210 10.17 37.09 -31.62
CA SER C 1210 11.55 36.72 -31.36
C SER C 1210 12.17 36.16 -32.60
N TYR C 1211 11.48 35.23 -33.22
CA TYR C 1211 11.99 34.64 -34.42
C TYR C 1211 11.98 35.67 -35.53
N VAL C 1212 11.04 36.61 -35.47
CA VAL C 1212 11.11 37.72 -36.39
C VAL C 1212 12.37 38.50 -36.12
N LEU C 1213 12.75 38.59 -34.85
CA LEU C 1213 13.97 39.31 -34.52
C LEU C 1213 15.17 38.53 -34.98
N LEU C 1214 15.02 37.22 -35.19
CA LEU C 1214 15.99 36.51 -36.00
C LEU C 1214 15.80 36.80 -37.47
N ALA C 1215 14.54 36.89 -37.89
CA ALA C 1215 14.18 36.89 -39.30
C ALA C 1215 14.84 38.04 -40.00
N TYR C 1216 14.57 39.24 -39.53
CA TYR C 1216 15.18 40.41 -40.11
C TYR C 1216 16.68 40.33 -39.97
N LEU C 1217 17.14 39.63 -38.96
CA LEU C 1217 18.52 39.70 -38.59
C LEU C 1217 19.41 38.86 -39.46
N THR C 1218 19.20 37.56 -39.46
CA THR C 1218 20.28 36.65 -39.75
C THR C 1218 20.33 36.33 -41.24
N ALA C 1219 21.54 36.35 -41.77
CA ALA C 1219 21.81 36.17 -43.19
C ALA C 1219 23.26 35.73 -43.31
N GLN C 1220 23.71 35.59 -44.54
CA GLN C 1220 25.06 35.09 -44.74
C GLN C 1220 26.11 36.18 -44.53
N PRO C 1221 26.11 37.28 -45.28
CA PRO C 1221 27.29 38.14 -45.26
C PRO C 1221 27.41 39.01 -44.02
N ALA C 1222 26.43 39.91 -43.84
CA ALA C 1222 26.21 40.72 -42.66
C ALA C 1222 24.96 41.55 -42.90
N PRO C 1223 24.42 42.22 -41.90
CA PRO C 1223 23.13 42.88 -42.08
C PRO C 1223 23.24 44.34 -42.47
N THR C 1224 22.07 44.93 -42.60
CA THR C 1224 21.84 46.23 -43.20
C THR C 1224 21.29 47.20 -42.17
N SER C 1225 20.79 48.33 -42.65
CA SER C 1225 20.00 49.24 -41.84
C SER C 1225 18.61 48.69 -41.54
N GLU C 1226 17.79 48.46 -42.57
CA GLU C 1226 16.34 48.31 -42.41
C GLU C 1226 16.00 47.18 -41.47
N ASP C 1227 16.62 46.02 -41.72
CA ASP C 1227 16.52 44.89 -40.82
C ASP C 1227 16.72 45.30 -39.37
N LEU C 1228 17.82 45.99 -39.10
CA LEU C 1228 18.17 46.26 -37.72
C LEU C 1228 17.27 47.34 -37.14
N THR C 1229 16.73 48.20 -37.99
CA THR C 1229 15.79 49.20 -37.50
C THR C 1229 14.53 48.52 -36.98
N SER C 1230 13.95 47.67 -37.81
CA SER C 1230 12.76 46.96 -37.41
C SER C 1230 13.05 46.09 -36.19
N ALA C 1231 14.25 45.50 -36.17
CA ALA C 1231 14.68 44.72 -35.02
C ALA C 1231 14.60 45.53 -33.76
N THR C 1232 15.23 46.69 -33.77
CA THR C 1232 15.30 47.51 -32.59
C THR C 1232 13.91 47.92 -32.14
N ASN C 1233 13.03 48.19 -33.09
CA ASN C 1233 11.67 48.52 -32.74
C ASN C 1233 11.07 47.43 -31.90
N ILE C 1234 11.10 46.22 -32.44
CA ILE C 1234 10.48 45.14 -31.69
C ILE C 1234 11.29 44.83 -30.44
N VAL C 1235 12.58 45.13 -30.43
CA VAL C 1235 13.37 44.90 -29.24
C VAL C 1235 12.86 45.76 -28.12
N LYS C 1236 12.50 46.99 -28.45
CA LYS C 1236 11.93 47.87 -27.45
C LYS C 1236 10.61 47.31 -26.98
N TRP C 1237 9.79 46.82 -27.92
CA TRP C 1237 8.57 46.10 -27.54
C TRP C 1237 8.88 44.97 -26.61
N ILE C 1238 9.98 44.28 -26.88
CA ILE C 1238 10.34 43.08 -26.15
C ILE C 1238 10.68 43.42 -24.72
N THR C 1239 11.70 44.25 -24.55
CA THR C 1239 12.18 44.54 -23.21
C THR C 1239 11.10 45.22 -22.37
N LYS C 1240 10.28 46.08 -22.97
CA LYS C 1240 9.18 46.61 -22.20
C LYS C 1240 8.14 45.54 -21.92
N GLN C 1241 8.05 44.52 -22.76
CA GLN C 1241 7.18 43.39 -22.48
C GLN C 1241 7.81 42.44 -21.48
N GLN C 1242 9.06 42.66 -21.11
CA GLN C 1242 9.68 41.83 -20.10
C GLN C 1242 8.98 41.98 -18.74
N ASN C 1243 8.98 40.89 -17.99
CA ASN C 1243 8.21 40.76 -16.76
C ASN C 1243 9.08 40.98 -15.54
N ALA C 1244 8.51 41.63 -14.53
CA ALA C 1244 9.28 42.05 -13.38
C ALA C 1244 9.58 40.90 -12.44
N GLN C 1245 8.73 39.88 -12.41
CA GLN C 1245 8.99 38.74 -11.55
C GLN C 1245 10.24 38.02 -11.99
N GLY C 1246 10.57 38.11 -13.27
CA GLY C 1246 11.68 37.36 -13.82
C GLY C 1246 11.23 36.71 -15.10
N GLY C 1247 12.12 36.58 -16.06
CA GLY C 1247 11.75 36.01 -17.34
C GLY C 1247 10.67 36.79 -18.06
N PHE C 1248 9.79 36.03 -18.71
CA PHE C 1248 8.66 36.54 -19.44
C PHE C 1248 7.48 35.66 -19.08
N SER C 1249 6.42 35.77 -19.87
CA SER C 1249 5.21 35.01 -19.60
C SER C 1249 5.45 33.52 -19.51
N SER C 1250 6.49 33.02 -20.17
CA SER C 1250 6.75 31.61 -20.20
C SER C 1250 8.23 31.39 -20.37
N THR C 1251 8.60 30.17 -20.73
CA THR C 1251 9.97 29.75 -20.95
C THR C 1251 10.31 29.78 -22.43
N GLN C 1252 9.32 29.50 -23.26
CA GLN C 1252 9.55 29.41 -24.69
C GLN C 1252 9.94 30.76 -25.25
N ASP C 1253 9.01 31.71 -25.14
CA ASP C 1253 9.24 33.09 -25.50
C ASP C 1253 10.52 33.61 -24.88
N THR C 1254 10.79 33.22 -23.64
CA THR C 1254 11.92 33.75 -22.94
C THR C 1254 13.21 33.30 -23.60
N VAL C 1255 13.29 31.99 -23.87
CA VAL C 1255 14.45 31.43 -24.57
C VAL C 1255 14.67 32.17 -25.88
N VAL C 1256 13.61 32.27 -26.66
CA VAL C 1256 13.82 32.72 -28.03
C VAL C 1256 14.15 34.19 -28.05
N ALA C 1257 13.51 34.97 -27.19
CA ALA C 1257 13.83 36.38 -27.09
C ALA C 1257 15.26 36.56 -26.70
N LEU C 1258 15.72 35.75 -25.76
CA LEU C 1258 17.07 35.92 -25.29
C LEU C 1258 18.04 35.54 -26.37
N HIS C 1259 17.72 34.51 -27.14
CA HIS C 1259 18.57 34.14 -28.26
C HIS C 1259 18.69 35.29 -29.23
N ALA C 1260 17.55 35.90 -29.54
CA ALA C 1260 17.56 36.94 -30.56
C ALA C 1260 18.28 38.17 -30.04
N LEU C 1261 18.05 38.50 -28.80
CA LEU C 1261 18.70 39.65 -28.21
C LEU C 1261 20.18 39.41 -28.10
N SER C 1262 20.55 38.17 -27.81
CA SER C 1262 21.96 37.85 -27.64
C SER C 1262 22.69 38.03 -28.94
N LYS C 1263 22.10 37.53 -30.02
CA LYS C 1263 22.77 37.66 -31.29
C LYS C 1263 22.71 39.10 -31.76
N TYR C 1264 21.65 39.81 -31.37
CA TYR C 1264 21.60 41.25 -31.59
C TYR C 1264 22.85 41.87 -31.07
N GLY C 1265 23.19 41.54 -29.84
CA GLY C 1265 24.35 42.15 -29.24
C GLY C 1265 25.61 41.60 -29.86
N ALA C 1266 25.56 40.32 -30.21
CA ALA C 1266 26.73 39.63 -30.72
C ALA C 1266 27.18 40.25 -32.03
N ALA C 1267 26.25 40.89 -32.73
CA ALA C 1267 26.60 41.74 -33.85
C ALA C 1267 26.89 43.16 -33.39
N THR C 1268 25.92 43.75 -32.72
CA THR C 1268 25.97 45.18 -32.45
C THR C 1268 26.94 45.49 -31.34
N PHE C 1269 26.70 44.90 -30.18
CA PHE C 1269 27.50 45.22 -29.02
C PHE C 1269 28.92 44.76 -29.26
N THR C 1270 29.73 45.70 -29.71
CA THR C 1270 31.16 45.49 -29.83
C THR C 1270 31.76 45.83 -28.49
N ARG C 1271 32.12 44.79 -27.73
CA ARG C 1271 32.75 44.98 -26.40
C ARG C 1271 34.09 45.71 -26.58
N THR C 1272 34.65 45.67 -27.80
CA THR C 1272 35.90 46.32 -28.11
C THR C 1272 35.68 47.71 -28.69
N GLY C 1273 34.65 47.88 -29.54
CA GLY C 1273 34.48 49.10 -30.28
C GLY C 1273 34.17 50.27 -29.38
N LYS C 1274 35.10 51.22 -29.30
CA LYS C 1274 35.19 52.11 -28.15
C LYS C 1274 35.61 53.53 -28.50
N ALA C 1275 35.44 53.94 -29.76
CA ALA C 1275 36.02 55.20 -30.21
C ALA C 1275 35.08 55.92 -31.16
N ALA C 1276 33.81 55.96 -30.80
CA ALA C 1276 32.82 56.62 -31.63
C ALA C 1276 33.09 58.11 -31.72
N GLN C 1277 32.42 58.77 -32.66
CA GLN C 1277 32.39 60.22 -32.76
C GLN C 1277 31.31 60.60 -33.76
N VAL C 1278 30.69 61.75 -33.55
CA VAL C 1278 29.45 62.12 -34.23
C VAL C 1278 29.41 63.61 -34.48
N THR C 1279 28.69 63.98 -35.54
CA THR C 1279 28.21 65.34 -35.74
C THR C 1279 26.84 65.27 -36.37
N ILE C 1280 25.93 66.10 -35.89
CA ILE C 1280 24.66 66.36 -36.55
C ILE C 1280 24.77 67.74 -37.18
N GLN C 1281 24.33 67.86 -38.42
CA GLN C 1281 24.38 69.12 -39.15
C GLN C 1281 23.05 69.34 -39.85
N SER C 1282 22.45 70.49 -39.58
CA SER C 1282 21.23 70.92 -40.25
C SER C 1282 21.64 72.02 -41.20
N SER C 1283 20.84 72.25 -42.24
CA SER C 1283 21.15 73.33 -43.17
C SER C 1283 21.12 74.69 -42.48
N GLY C 1284 20.34 74.80 -41.40
CA GLY C 1284 20.30 76.01 -40.61
C GLY C 1284 21.43 76.15 -39.60
N THR C 1285 22.46 75.29 -39.71
CA THR C 1285 23.63 75.37 -38.86
C THR C 1285 23.27 75.25 -37.38
N PHE C 1286 22.29 74.43 -37.06
CA PHE C 1286 22.00 74.03 -35.68
C PHE C 1286 22.95 72.87 -35.40
N SER C 1287 24.18 73.21 -35.04
CA SER C 1287 25.21 72.19 -34.84
C SER C 1287 24.94 71.43 -33.55
N SER C 1288 25.64 70.32 -33.41
CA SER C 1288 25.47 69.43 -32.27
C SER C 1288 26.54 68.36 -32.34
N LYS C 1289 27.14 68.07 -31.19
CA LYS C 1289 28.25 67.12 -31.10
C LYS C 1289 28.21 66.38 -29.78
N PHE C 1290 28.55 65.09 -29.82
CA PHE C 1290 28.28 64.16 -28.73
C PHE C 1290 29.38 63.11 -28.70
N GLN C 1291 29.16 62.07 -27.91
CA GLN C 1291 29.97 60.86 -27.94
C GLN C 1291 29.26 59.76 -27.17
N VAL C 1292 29.44 58.52 -27.64
CA VAL C 1292 28.95 57.31 -26.99
C VAL C 1292 30.15 56.37 -26.87
N ASP C 1293 30.41 55.89 -25.66
CA ASP C 1293 31.57 55.06 -25.36
C ASP C 1293 31.18 54.10 -24.24
N ASN C 1294 32.04 53.10 -23.97
CA ASN C 1294 31.69 52.07 -23.00
C ASN C 1294 31.46 52.68 -21.62
N ASN C 1295 32.23 53.68 -21.27
CA ASN C 1295 32.09 54.27 -19.95
C ASN C 1295 30.72 54.92 -19.81
N ASN C 1296 30.16 55.40 -20.91
CA ASN C 1296 28.85 56.01 -20.94
C ASN C 1296 27.88 55.18 -21.76
N ARG C 1297 27.96 53.86 -21.60
CA ARG C 1297 27.39 52.97 -22.60
C ARG C 1297 25.88 53.10 -22.64
N LEU C 1298 25.23 53.02 -21.48
CA LEU C 1298 23.78 53.21 -21.45
C LEU C 1298 23.39 54.67 -21.38
N LEU C 1299 24.30 55.58 -21.64
CA LEU C 1299 23.96 56.98 -21.56
C LEU C 1299 22.94 57.37 -22.61
N LEU C 1300 22.34 58.53 -22.42
CA LEU C 1300 21.33 59.08 -23.29
C LEU C 1300 21.50 60.58 -23.33
N GLN C 1301 22.27 61.08 -24.27
CA GLN C 1301 22.55 62.50 -24.42
C GLN C 1301 21.49 63.14 -25.29
N GLN C 1302 20.32 63.37 -24.70
CA GLN C 1302 19.20 63.99 -25.40
C GLN C 1302 19.55 65.41 -25.83
N VAL C 1303 18.87 65.90 -26.87
CA VAL C 1303 19.04 67.27 -27.34
C VAL C 1303 17.85 67.66 -28.21
N SER C 1304 17.37 68.88 -27.98
CA SER C 1304 16.03 69.32 -28.46
C SER C 1304 16.18 70.19 -29.71
N LEU C 1305 15.06 70.42 -30.40
CA LEU C 1305 15.03 70.65 -31.85
C LEU C 1305 13.92 71.65 -32.20
N PRO C 1306 14.24 72.87 -32.65
CA PRO C 1306 13.18 73.87 -32.90
C PRO C 1306 12.70 74.05 -34.34
N GLU C 1307 13.46 73.65 -35.37
CA GLU C 1307 13.13 74.05 -36.74
C GLU C 1307 11.89 73.29 -37.23
N LEU C 1308 10.83 74.05 -37.52
CA LEU C 1308 9.63 73.48 -38.14
C LEU C 1308 9.97 72.63 -39.35
N PRO C 1309 10.84 73.07 -40.26
CA PRO C 1309 11.34 72.15 -41.28
C PRO C 1309 12.53 71.37 -40.74
N GLY C 1310 12.55 70.07 -41.02
CA GLY C 1310 13.73 69.29 -40.74
C GLY C 1310 14.72 69.38 -41.87
N GLU C 1311 15.97 69.72 -41.55
CA GLU C 1311 17.07 69.71 -42.52
C GLU C 1311 18.22 68.88 -41.96
N TYR C 1312 17.89 67.94 -41.09
CA TYR C 1312 18.84 67.53 -40.08
C TYR C 1312 19.67 66.36 -40.56
N SER C 1313 20.91 66.64 -40.89
CA SER C 1313 21.80 65.67 -41.50
C SER C 1313 22.60 64.98 -40.42
N MET C 1314 22.33 63.70 -40.24
CA MET C 1314 23.09 62.89 -39.31
C MET C 1314 24.45 62.57 -39.89
N LYS C 1315 25.39 62.26 -39.02
CA LYS C 1315 26.69 61.78 -39.42
C LYS C 1315 27.37 61.21 -38.19
N VAL C 1316 27.87 59.99 -38.31
CA VAL C 1316 28.53 59.30 -37.21
C VAL C 1316 29.74 58.59 -37.77
N THR C 1317 30.65 58.20 -36.89
CA THR C 1317 31.94 57.67 -37.30
C THR C 1317 32.41 56.64 -36.28
N GLY C 1318 33.63 56.18 -36.50
CA GLY C 1318 34.37 55.44 -35.49
C GLY C 1318 33.79 54.05 -35.26
N GLU C 1319 33.84 53.60 -34.01
CA GLU C 1319 33.47 52.26 -33.60
C GLU C 1319 32.46 52.36 -32.47
N GLY C 1320 31.61 51.33 -32.34
CA GLY C 1320 30.63 51.27 -31.26
C GLY C 1320 29.22 51.64 -31.66
N CYS C 1321 28.32 50.70 -31.50
CA CYS C 1321 26.99 50.83 -32.05
C CYS C 1321 26.13 51.81 -31.26
N VAL C 1322 25.15 52.36 -31.96
CA VAL C 1322 24.31 53.43 -31.46
C VAL C 1322 22.89 53.24 -31.97
N TYR C 1323 21.93 53.36 -31.08
CA TYR C 1323 20.52 53.45 -31.46
C TYR C 1323 20.05 54.86 -31.14
N LEU C 1324 19.49 55.51 -32.15
CA LEU C 1324 19.12 56.90 -32.09
C LEU C 1324 17.63 57.00 -32.33
N GLN C 1325 17.00 57.94 -31.66
CA GLN C 1325 15.55 58.04 -31.62
C GLN C 1325 15.21 59.51 -31.55
N THR C 1326 14.22 59.90 -32.33
CA THR C 1326 13.79 61.29 -32.36
C THR C 1326 12.29 61.36 -32.60
N SER C 1327 11.67 62.37 -32.04
CA SER C 1327 10.23 62.54 -32.15
C SER C 1327 9.85 63.98 -31.88
N LEU C 1328 8.57 64.26 -32.08
CA LEU C 1328 8.09 65.61 -32.29
C LEU C 1328 6.67 65.72 -31.76
N LYS C 1329 6.20 66.96 -31.61
CA LYS C 1329 4.79 67.22 -31.39
C LYS C 1329 4.37 68.52 -32.03
N TYR C 1330 3.05 68.73 -32.08
CA TYR C 1330 2.46 69.84 -32.81
C TYR C 1330 0.96 69.80 -32.61
N ASN C 1331 0.28 70.81 -33.18
CA ASN C 1331 -1.13 71.08 -32.95
C ASN C 1331 -1.85 71.17 -34.29
N ILE C 1332 -3.05 70.59 -34.36
CA ILE C 1332 -3.83 70.52 -35.58
C ILE C 1332 -5.31 70.82 -35.30
N LEU C 1333 -6.17 70.60 -36.31
CA LEU C 1333 -7.60 70.90 -36.33
C LEU C 1333 -7.87 72.40 -36.24
N PRO C 1334 -7.44 73.19 -37.22
CA PRO C 1334 -8.03 74.53 -37.43
C PRO C 1334 -9.10 74.57 -38.52
N GLU C 1335 -9.51 73.43 -39.06
CA GLU C 1335 -10.36 73.37 -40.24
C GLU C 1335 -11.59 72.52 -39.91
N LYS C 1336 -12.33 72.13 -40.95
CA LYS C 1336 -13.47 71.22 -40.87
C LYS C 1336 -14.65 71.85 -40.14
N GLU C 1337 -15.02 73.07 -40.54
CA GLU C 1337 -16.29 73.70 -40.17
C GLU C 1337 -16.93 74.14 -41.49
N GLU C 1338 -17.62 73.20 -42.14
CA GLU C 1338 -18.26 73.44 -43.43
C GLU C 1338 -19.78 73.56 -43.23
N PHE C 1339 -20.47 73.99 -44.29
CA PHE C 1339 -21.90 74.28 -44.25
C PHE C 1339 -22.63 73.45 -45.32
N PRO C 1340 -22.89 72.16 -45.05
CA PRO C 1340 -23.83 71.43 -45.92
C PRO C 1340 -25.27 71.81 -45.60
N PHE C 1341 -26.23 71.20 -46.27
CA PHE C 1341 -27.63 71.45 -45.95
C PHE C 1341 -27.91 70.94 -44.54
N ALA C 1342 -27.67 69.64 -44.32
CA ALA C 1342 -27.80 69.02 -43.00
C ALA C 1342 -29.22 69.14 -42.43
N LEU C 1343 -30.20 69.41 -43.30
CA LEU C 1343 -31.59 69.63 -42.89
C LEU C 1343 -31.65 70.72 -41.81
N GLY C 1344 -31.12 71.89 -42.13
CA GLY C 1344 -31.12 73.01 -41.21
C GLY C 1344 -30.21 72.79 -40.02
N SER D 26 -43.75 -22.45 -45.05
CA SER D 26 -44.11 -21.04 -44.88
C SER D 26 -43.22 -20.39 -43.84
N GLY D 27 -43.53 -20.63 -42.57
CA GLY D 27 -42.80 -20.04 -41.47
C GLY D 27 -43.15 -20.76 -40.19
N LYS D 28 -42.77 -20.12 -39.05
CA LYS D 28 -42.95 -20.80 -37.77
C LYS D 28 -44.25 -20.34 -37.09
N PRO D 29 -44.96 -21.22 -36.18
CA PRO D 29 -46.35 -21.18 -35.19
C PRO D 29 -45.99 -20.24 -34.03
N GLN D 30 -46.41 -18.97 -34.10
CA GLN D 30 -45.92 -18.05 -33.08
C GLN D 30 -47.04 -17.44 -32.25
N TYR D 31 -46.65 -17.09 -31.03
CA TYR D 31 -47.55 -16.76 -29.95
C TYR D 31 -46.93 -15.66 -29.12
N MET D 32 -47.73 -15.11 -28.23
CA MET D 32 -47.20 -14.12 -27.30
C MET D 32 -48.24 -13.87 -26.23
N VAL D 33 -47.82 -13.90 -24.98
CA VAL D 33 -48.70 -13.71 -23.82
C VAL D 33 -48.08 -12.68 -22.92
N LEU D 34 -48.92 -11.96 -22.21
CA LEU D 34 -48.49 -10.80 -21.49
C LEU D 34 -49.20 -10.74 -20.15
N VAL D 35 -48.49 -10.20 -19.17
CA VAL D 35 -49.08 -9.96 -17.87
C VAL D 35 -48.16 -9.08 -17.05
N PRO D 36 -48.69 -8.16 -16.26
CA PRO D 36 -47.87 -7.50 -15.26
C PRO D 36 -47.28 -8.51 -14.30
N SER D 37 -46.16 -8.12 -13.69
CA SER D 37 -45.52 -8.98 -12.70
C SER D 37 -46.08 -8.72 -11.31
N LEU D 38 -46.77 -7.62 -11.12
CA LEU D 38 -47.61 -7.43 -9.97
C LEU D 38 -48.93 -8.14 -10.20
N LEU D 39 -49.64 -8.40 -9.12
CA LEU D 39 -50.97 -8.94 -9.20
C LEU D 39 -51.82 -8.34 -8.11
N HIS D 40 -52.54 -7.31 -8.44
CA HIS D 40 -53.57 -6.81 -7.57
C HIS D 40 -54.62 -7.91 -7.42
N THR D 41 -54.68 -8.54 -6.26
CA THR D 41 -55.55 -9.69 -6.08
C THR D 41 -56.88 -9.27 -5.50
N GLU D 42 -57.66 -10.28 -5.11
CA GLU D 42 -59.05 -10.15 -4.65
C GLU D 42 -59.88 -9.27 -5.57
N THR D 43 -59.54 -9.32 -6.85
CA THR D 43 -60.30 -8.75 -7.94
C THR D 43 -59.60 -9.23 -9.19
N THR D 44 -60.05 -8.78 -10.33
CA THR D 44 -59.46 -9.21 -11.58
C THR D 44 -58.24 -8.37 -11.88
N GLU D 45 -57.30 -8.97 -12.56
CA GLU D 45 -56.27 -8.24 -13.27
C GLU D 45 -56.10 -8.93 -14.61
N LYS D 46 -56.38 -8.17 -15.66
CA LYS D 46 -56.54 -8.69 -17.01
C LYS D 46 -55.19 -9.06 -17.62
N GLY D 47 -55.09 -10.30 -18.08
CA GLY D 47 -53.96 -10.76 -18.85
C GLY D 47 -54.41 -11.17 -20.24
N CYS D 48 -53.62 -10.88 -21.27
CA CYS D 48 -54.02 -11.14 -22.65
C CYS D 48 -52.89 -11.78 -23.43
N VAL D 49 -53.19 -12.07 -24.68
CA VAL D 49 -52.44 -13.05 -25.44
C VAL D 49 -52.58 -12.80 -26.94
N LEU D 50 -51.55 -13.16 -27.68
CA LEU D 50 -51.58 -13.25 -29.10
C LEU D 50 -51.11 -14.63 -29.50
N LEU D 51 -51.70 -15.13 -30.58
CA LEU D 51 -51.35 -16.40 -31.18
C LEU D 51 -51.44 -16.24 -32.68
N SER D 52 -50.54 -16.91 -33.41
CA SER D 52 -50.67 -16.95 -34.86
C SER D 52 -49.76 -18.00 -35.46
N TYR D 53 -50.00 -18.23 -36.76
CA TYR D 53 -48.99 -18.68 -37.77
C TYR D 53 -49.24 -20.14 -38.18
N LEU D 54 -49.65 -21.00 -37.24
CA LEU D 54 -49.83 -22.45 -37.55
C LEU D 54 -50.66 -23.14 -36.47
N ASN D 55 -51.24 -24.28 -36.83
CA ASN D 55 -51.99 -25.20 -35.93
C ASN D 55 -52.83 -24.42 -34.91
N GLU D 56 -53.94 -23.81 -35.34
CA GLU D 56 -54.71 -22.98 -34.42
C GLU D 56 -55.45 -23.79 -33.35
N THR D 57 -55.68 -25.07 -33.59
CA THR D 57 -56.45 -25.87 -32.66
C THR D 57 -55.64 -26.12 -31.41
N VAL D 58 -55.53 -25.06 -30.60
CA VAL D 58 -54.65 -25.01 -29.46
C VAL D 58 -55.47 -24.98 -28.20
N THR D 59 -54.78 -25.08 -27.09
CA THR D 59 -55.25 -24.47 -25.86
C THR D 59 -54.04 -23.92 -25.13
N VAL D 60 -54.31 -22.96 -24.26
CA VAL D 60 -53.32 -22.38 -23.38
C VAL D 60 -53.73 -22.63 -21.95
N SER D 61 -52.78 -22.49 -21.04
CA SER D 61 -53.13 -22.41 -19.63
C SER D 61 -51.99 -21.79 -18.86
N ALA D 62 -52.23 -20.63 -18.28
CA ALA D 62 -51.38 -20.04 -17.28
C ALA D 62 -51.69 -20.70 -15.95
N SER D 63 -50.66 -20.92 -15.14
CA SER D 63 -50.77 -21.61 -13.87
C SER D 63 -50.05 -20.79 -12.81
N LEU D 64 -50.82 -20.02 -12.08
CA LEU D 64 -50.33 -19.32 -10.90
C LEU D 64 -50.34 -20.33 -9.77
N GLU D 65 -49.16 -20.75 -9.34
CA GLU D 65 -49.02 -21.86 -8.40
C GLU D 65 -48.11 -21.49 -7.25
N SER D 66 -48.64 -21.69 -6.05
CA SER D 66 -47.86 -21.41 -4.82
C SER D 66 -46.59 -22.28 -4.86
N VAL D 67 -45.43 -21.62 -4.81
CA VAL D 67 -44.15 -22.26 -4.75
C VAL D 67 -44.11 -23.19 -3.55
N ARG D 68 -44.63 -22.81 -2.38
CA ARG D 68 -44.65 -23.69 -1.18
C ARG D 68 -46.07 -24.21 -0.95
N GLY D 69 -46.27 -25.08 0.04
CA GLY D 69 -47.60 -25.64 0.33
C GLY D 69 -48.25 -26.20 -0.92
N ASN D 70 -49.50 -25.80 -1.20
CA ASN D 70 -50.22 -26.28 -2.41
C ASN D 70 -51.38 -25.33 -2.73
N ARG D 71 -51.23 -24.56 -3.82
CA ARG D 71 -52.28 -23.60 -4.28
C ARG D 71 -52.16 -23.47 -5.80
N SER D 72 -53.28 -23.31 -6.51
CA SER D 72 -53.25 -23.21 -7.95
C SER D 72 -54.57 -22.63 -8.41
N LEU D 73 -54.53 -21.43 -8.94
CA LEU D 73 -55.69 -20.80 -9.56
C LEU D 73 -55.58 -21.09 -11.04
N PHE D 74 -55.55 -22.36 -11.38
CA PHE D 74 -55.45 -22.83 -12.76
C PHE D 74 -56.50 -22.16 -13.61
N THR D 75 -56.14 -21.94 -14.87
CA THR D 75 -57.04 -21.40 -15.86
C THR D 75 -56.52 -21.84 -17.22
N ASP D 76 -57.36 -21.71 -18.24
CA ASP D 76 -57.02 -22.16 -19.57
C ASP D 76 -57.80 -21.37 -20.61
N LEU D 77 -57.36 -21.48 -21.84
CA LEU D 77 -58.15 -20.96 -22.95
C LEU D 77 -57.82 -21.74 -24.21
N GLU D 78 -58.83 -21.82 -25.07
CA GLU D 78 -58.72 -22.38 -26.41
C GLU D 78 -58.94 -21.24 -27.39
N ALA D 79 -57.97 -21.02 -28.28
CA ALA D 79 -57.95 -19.82 -29.09
C ALA D 79 -57.50 -20.13 -30.50
N GLU D 80 -57.38 -19.07 -31.30
CA GLU D 80 -57.13 -19.11 -32.72
C GLU D 80 -55.81 -18.44 -33.02
N ASN D 81 -55.32 -18.65 -34.24
CA ASN D 81 -54.26 -17.81 -34.75
C ASN D 81 -54.72 -16.36 -34.79
N ASP D 82 -53.74 -15.47 -34.85
CA ASP D 82 -53.89 -14.05 -35.15
C ASP D 82 -55.09 -13.36 -34.50
N VAL D 83 -55.24 -13.52 -33.20
CA VAL D 83 -56.23 -12.76 -32.47
C VAL D 83 -55.63 -12.31 -31.15
N LEU D 84 -56.04 -11.13 -30.71
CA LEU D 84 -55.77 -10.64 -29.37
C LEU D 84 -57.06 -10.77 -28.60
N HIS D 85 -57.06 -11.67 -27.63
CA HIS D 85 -58.17 -11.85 -26.72
C HIS D 85 -57.66 -11.67 -25.31
N CYS D 86 -58.43 -10.97 -24.49
CA CYS D 86 -58.06 -10.64 -23.13
C CYS D 86 -58.85 -11.51 -22.18
N VAL D 87 -58.13 -12.32 -21.40
CA VAL D 87 -58.72 -13.05 -20.29
C VAL D 87 -58.58 -12.20 -19.04
N ALA D 88 -59.62 -12.20 -18.24
CA ALA D 88 -59.64 -11.52 -16.97
C ALA D 88 -59.82 -12.58 -15.90
N PHE D 89 -58.71 -13.22 -15.53
CA PHE D 89 -58.67 -14.04 -14.34
C PHE D 89 -58.79 -13.16 -13.11
N ALA D 90 -58.71 -13.80 -11.95
CA ALA D 90 -58.65 -13.09 -10.69
C ALA D 90 -58.09 -14.01 -9.62
N VAL D 91 -57.72 -13.42 -8.49
CA VAL D 91 -56.97 -14.09 -7.44
C VAL D 91 -57.58 -13.70 -6.11
N PRO D 92 -57.65 -14.60 -5.13
CA PRO D 92 -58.21 -14.23 -3.85
C PRO D 92 -57.16 -13.58 -2.99
N LYS D 93 -57.46 -13.39 -1.71
CA LYS D 93 -56.42 -13.06 -0.77
C LYS D 93 -55.52 -14.27 -0.54
N SER D 94 -54.56 -14.08 0.35
CA SER D 94 -53.66 -15.15 0.73
C SER D 94 -53.30 -14.99 2.20
N SER D 95 -52.34 -15.81 2.63
CA SER D 95 -51.88 -15.75 4.01
C SER D 95 -51.06 -14.50 4.25
N SER D 96 -49.89 -14.44 3.63
CA SER D 96 -49.00 -13.33 3.84
C SER D 96 -49.47 -12.15 3.01
N ASN D 97 -49.11 -10.95 3.47
CA ASN D 97 -49.47 -9.74 2.76
C ASN D 97 -48.94 -9.77 1.34
N GLU D 98 -47.63 -9.76 1.24
CA GLU D 98 -46.92 -9.55 -0.01
C GLU D 98 -46.04 -10.75 -0.25
N GLU D 99 -45.97 -11.18 -1.51
CA GLU D 99 -45.26 -12.41 -1.81
C GLU D 99 -44.90 -12.44 -3.28
N VAL D 100 -43.97 -13.35 -3.61
CA VAL D 100 -43.72 -13.70 -5.03
C VAL D 100 -44.57 -14.92 -5.35
N MET D 101 -45.03 -15.05 -6.60
CA MET D 101 -45.58 -16.32 -7.01
C MET D 101 -44.88 -16.80 -8.27
N PHE D 102 -44.67 -18.10 -8.32
CA PHE D 102 -44.44 -18.82 -9.55
C PHE D 102 -45.66 -18.65 -10.43
N LEU D 103 -45.43 -18.27 -11.69
CA LEU D 103 -46.42 -18.42 -12.73
C LEU D 103 -45.78 -19.20 -13.85
N THR D 104 -46.44 -20.25 -14.27
CA THR D 104 -46.05 -21.06 -15.40
C THR D 104 -47.21 -21.07 -16.37
N VAL D 105 -46.91 -21.07 -17.66
CA VAL D 105 -47.93 -21.18 -18.69
C VAL D 105 -47.64 -22.43 -19.49
N GLN D 106 -48.71 -23.15 -19.83
CA GLN D 106 -48.65 -24.26 -20.76
C GLN D 106 -49.40 -23.85 -22.01
N VAL D 107 -48.84 -24.20 -23.15
CA VAL D 107 -49.50 -24.10 -24.43
C VAL D 107 -49.42 -25.46 -25.06
N LYS D 108 -50.50 -25.85 -25.74
CA LYS D 108 -50.62 -27.19 -26.28
C LYS D 108 -51.37 -27.06 -27.59
N GLY D 109 -50.63 -26.85 -28.67
CA GLY D 109 -51.19 -26.93 -29.98
C GLY D 109 -51.57 -28.35 -30.27
N PRO D 110 -52.26 -28.58 -31.38
CA PRO D 110 -52.63 -29.94 -31.74
C PRO D 110 -51.42 -30.83 -31.95
N THR D 111 -50.27 -30.23 -32.27
CA THR D 111 -49.01 -31.00 -32.49
C THR D 111 -47.82 -30.17 -31.97
N GLN D 112 -48.11 -29.09 -31.23
CA GLN D 112 -47.02 -28.22 -30.70
C GLN D 112 -47.34 -27.81 -29.25
N GLU D 113 -46.41 -28.08 -28.34
CA GLU D 113 -46.54 -27.74 -26.94
C GLU D 113 -45.57 -26.61 -26.64
N PHE D 114 -45.94 -25.76 -25.69
CA PHE D 114 -44.95 -24.82 -25.20
C PHE D 114 -45.21 -24.53 -23.75
N LYS D 115 -44.13 -24.41 -22.98
CA LYS D 115 -44.21 -24.16 -21.54
C LYS D 115 -43.19 -23.11 -21.13
N LYS D 116 -43.61 -22.17 -20.30
CA LYS D 116 -42.73 -21.12 -19.80
C LYS D 116 -43.22 -20.68 -18.44
N ARG D 117 -42.28 -20.29 -17.59
CA ARG D 117 -42.60 -19.77 -16.28
C ARG D 117 -41.67 -18.63 -15.89
N THR D 118 -42.05 -17.99 -14.82
CA THR D 118 -41.28 -16.93 -14.19
C THR D 118 -41.90 -16.67 -12.83
N THR D 119 -41.49 -15.58 -12.21
CA THR D 119 -41.93 -15.19 -10.90
C THR D 119 -42.80 -13.97 -11.02
N VAL D 120 -43.74 -13.85 -10.11
CA VAL D 120 -44.72 -12.79 -10.12
C VAL D 120 -44.91 -12.29 -8.72
N MET D 121 -45.21 -11.03 -8.62
CA MET D 121 -45.45 -10.38 -7.36
C MET D 121 -46.94 -10.38 -7.08
N VAL D 122 -47.26 -10.74 -5.90
CA VAL D 122 -48.63 -10.78 -5.39
C VAL D 122 -48.73 -9.93 -4.15
N LYS D 123 -49.95 -9.53 -3.83
CA LYS D 123 -50.14 -8.60 -2.74
C LYS D 123 -51.56 -8.65 -2.24
N ASN D 124 -51.70 -8.91 -0.96
CA ASN D 124 -52.96 -8.67 -0.28
C ASN D 124 -53.01 -7.16 -0.07
N GLU D 125 -53.48 -6.50 -1.10
CA GLU D 125 -53.56 -5.05 -1.17
C GLU D 125 -54.26 -4.44 0.01
N ASP D 126 -54.05 -3.15 0.16
CA ASP D 126 -54.93 -2.30 0.91
C ASP D 126 -55.72 -1.43 -0.03
N SER D 127 -57.01 -1.36 0.19
CA SER D 127 -57.79 -0.37 -0.48
C SER D 127 -57.27 1.02 -0.12
N LEU D 128 -57.62 1.99 -0.94
CA LEU D 128 -57.25 3.39 -0.70
C LEU D 128 -58.53 4.10 -0.32
N VAL D 129 -58.49 4.73 0.84
CA VAL D 129 -59.65 5.02 1.67
C VAL D 129 -59.39 6.34 2.35
N PHE D 130 -60.44 7.01 2.76
CA PHE D 130 -60.23 8.36 3.24
C PHE D 130 -61.46 8.90 3.94
N VAL D 131 -61.42 10.20 4.22
CA VAL D 131 -62.45 10.92 4.93
C VAL D 131 -62.84 12.18 4.18
N GLN D 132 -64.08 12.56 4.38
CA GLN D 132 -64.51 13.93 4.28
C GLN D 132 -65.09 14.31 5.63
N THR D 133 -64.71 15.48 6.12
CA THR D 133 -65.17 16.02 7.38
C THR D 133 -66.13 17.17 7.15
N ASP D 134 -66.54 17.75 8.26
CA ASP D 134 -67.14 19.07 8.18
C ASP D 134 -66.11 20.13 7.99
N LYS D 135 -64.98 20.00 8.67
CA LYS D 135 -64.11 21.13 8.88
C LYS D 135 -62.71 20.65 9.19
N SER D 136 -61.83 21.63 9.32
CA SER D 136 -60.50 21.47 9.86
C SER D 136 -60.41 21.94 11.30
N ILE D 137 -61.13 23.00 11.64
CA ILE D 137 -60.96 23.69 12.90
C ILE D 137 -62.33 23.88 13.53
N TYR D 138 -62.42 23.61 14.81
CA TYR D 138 -63.65 23.72 15.56
C TYR D 138 -63.37 24.54 16.81
N LYS D 139 -64.43 25.07 17.39
CA LYS D 139 -64.32 25.76 18.65
C LYS D 139 -65.26 25.14 19.66
N PRO D 140 -64.92 25.22 20.96
CA PRO D 140 -65.45 24.24 21.93
C PRO D 140 -66.96 24.18 22.03
N GLY D 141 -67.45 23.01 22.42
CA GLY D 141 -68.87 22.77 22.59
C GLY D 141 -69.60 22.43 21.32
N GLN D 142 -69.04 22.75 20.17
CA GLN D 142 -69.55 22.32 18.89
C GLN D 142 -69.36 20.83 18.75
N THR D 143 -69.82 20.31 17.63
CA THR D 143 -69.81 18.88 17.36
C THR D 143 -69.11 18.63 16.04
N VAL D 144 -68.84 17.35 15.76
CA VAL D 144 -68.05 16.97 14.60
C VAL D 144 -68.92 16.09 13.71
N LYS D 145 -68.66 16.14 12.42
CA LYS D 145 -69.35 15.28 11.46
C LYS D 145 -68.43 15.01 10.28
N PHE D 146 -68.15 13.74 10.03
CA PHE D 146 -67.34 13.32 8.90
C PHE D 146 -67.90 12.03 8.32
N ARG D 147 -67.20 11.54 7.29
CA ARG D 147 -67.58 10.33 6.61
C ARG D 147 -66.33 9.58 6.19
N VAL D 148 -66.53 8.42 5.59
CA VAL D 148 -65.48 7.49 5.24
C VAL D 148 -65.75 6.94 3.84
N VAL D 149 -64.74 6.34 3.22
CA VAL D 149 -64.83 5.81 1.87
C VAL D 149 -63.95 4.57 1.75
N SER D 150 -64.43 3.60 0.99
CA SER D 150 -63.65 2.46 0.54
C SER D 150 -63.62 2.42 -0.97
N MET D 151 -62.62 1.75 -1.52
CA MET D 151 -62.39 1.68 -2.96
C MET D 151 -61.57 0.44 -3.27
N ASP D 152 -61.27 0.25 -4.55
CA ASP D 152 -60.34 -0.77 -5.02
C ASP D 152 -59.34 -0.12 -5.97
N GLU D 153 -58.60 -0.95 -6.71
CA GLU D 153 -57.75 -0.46 -7.80
C GLU D 153 -58.56 0.44 -8.72
N ASN D 154 -59.56 -0.12 -9.37
CA ASN D 154 -60.58 0.69 -9.97
C ASN D 154 -61.27 1.48 -8.89
N PHE D 155 -61.92 2.56 -9.28
CA PHE D 155 -62.50 3.41 -8.25
C PHE D 155 -63.99 3.22 -8.16
N HIS D 156 -64.45 2.07 -8.59
CA HIS D 156 -65.79 1.65 -8.24
C HIS D 156 -65.82 1.38 -6.75
N PRO D 157 -66.88 1.73 -6.04
CA PRO D 157 -66.84 1.57 -4.59
C PRO D 157 -66.90 0.11 -4.19
N LEU D 158 -66.84 -0.11 -2.89
CA LEU D 158 -66.81 -1.43 -2.30
C LEU D 158 -67.43 -1.37 -0.92
N ASN D 159 -68.24 -2.37 -0.60
CA ASN D 159 -68.82 -2.51 0.71
C ASN D 159 -68.03 -3.53 1.52
N GLU D 160 -67.50 -3.07 2.64
CA GLU D 160 -66.63 -3.91 3.43
C GLU D 160 -66.77 -3.56 4.90
N LEU D 161 -66.28 -4.47 5.71
CA LEU D 161 -66.33 -4.36 7.15
C LEU D 161 -65.07 -3.66 7.62
N ILE D 162 -65.24 -2.62 8.41
CA ILE D 162 -64.10 -1.90 8.93
C ILE D 162 -63.75 -2.47 10.28
N PRO D 163 -62.51 -2.88 10.52
CA PRO D 163 -62.16 -3.32 11.87
C PRO D 163 -62.22 -2.20 12.89
N LEU D 164 -61.98 -0.95 12.50
CA LEU D 164 -62.01 0.11 13.48
C LEU D 164 -62.00 1.50 12.83
N VAL D 165 -62.62 2.44 13.54
CA VAL D 165 -62.55 3.87 13.26
C VAL D 165 -62.49 4.56 14.59
N TYR D 166 -61.49 5.43 14.80
CA TYR D 166 -61.43 6.12 16.06
C TYR D 166 -60.85 7.51 15.93
N ILE D 167 -60.91 8.20 17.06
CA ILE D 167 -60.48 9.57 17.21
C ILE D 167 -59.29 9.59 18.16
N GLN D 168 -58.41 10.55 17.98
CA GLN D 168 -57.23 10.70 18.80
C GLN D 168 -57.15 12.15 19.26
N ASP D 169 -56.69 12.33 20.31
CA ASP D 169 -56.65 13.54 21.09
C ASP D 169 -55.20 13.92 21.35
N PRO D 170 -54.86 15.21 21.46
CA PRO D 170 -53.45 15.60 21.39
C PRO D 170 -52.49 14.97 22.39
N LYS D 171 -52.99 14.39 23.47
CA LYS D 171 -52.13 13.93 24.56
C LYS D 171 -51.88 12.44 24.51
N GLY D 172 -51.67 11.88 23.33
CA GLY D 172 -51.48 10.45 23.21
C GLY D 172 -52.71 9.67 23.56
N ASN D 173 -53.87 10.32 23.64
CA ASN D 173 -55.06 9.71 24.18
C ASN D 173 -56.21 9.76 23.19
N ARG D 174 -57.26 9.01 23.48
CA ARG D 174 -58.43 8.93 22.65
C ARG D 174 -59.48 9.85 23.21
N ILE D 175 -60.67 9.78 22.64
CA ILE D 175 -61.84 10.41 23.20
C ILE D 175 -63.06 9.51 23.12
N ALA D 176 -62.99 8.47 22.29
CA ALA D 176 -64.20 7.83 21.83
C ALA D 176 -63.82 6.59 21.05
N GLN D 177 -64.82 5.99 20.43
CA GLN D 177 -64.58 4.85 19.56
C GLN D 177 -65.87 4.48 18.84
N TRP D 178 -65.72 4.03 17.61
CA TRP D 178 -66.75 3.36 16.86
C TRP D 178 -66.09 2.15 16.23
N GLN D 179 -66.79 1.04 16.18
CA GLN D 179 -66.14 -0.24 15.95
C GLN D 179 -67.03 -1.23 15.21
N SER D 180 -66.36 -2.12 14.50
CA SER D 180 -66.94 -3.34 13.91
C SER D 180 -68.21 -3.09 13.12
N PHE D 181 -68.09 -2.38 12.00
CA PHE D 181 -69.21 -2.03 11.16
C PHE D 181 -68.86 -2.27 9.71
N GLN D 182 -69.87 -2.12 8.87
CA GLN D 182 -69.80 -2.45 7.46
C GLN D 182 -70.42 -1.32 6.66
N LEU D 183 -70.04 -1.25 5.39
CA LEU D 183 -70.48 -0.19 4.50
C LEU D 183 -71.46 -0.73 3.50
N GLU D 184 -72.26 0.15 2.94
CA GLU D 184 -73.41 -0.19 2.11
C GLU D 184 -73.37 0.49 0.76
N GLY D 185 -72.95 1.75 0.71
CA GLY D 185 -72.57 2.36 -0.54
C GLY D 185 -71.07 2.53 -0.50
N GLY D 186 -70.40 1.67 0.28
CA GLY D 186 -69.00 1.85 0.55
C GLY D 186 -68.69 3.12 1.30
N LEU D 187 -69.68 3.75 1.92
CA LEU D 187 -69.44 4.92 2.73
C LEU D 187 -70.34 4.87 3.95
N LYS D 188 -70.18 5.88 4.80
CA LYS D 188 -70.91 5.98 6.05
C LYS D 188 -70.53 7.30 6.67
N GLN D 189 -71.31 7.71 7.64
CA GLN D 189 -71.12 8.94 8.37
C GLN D 189 -71.04 8.64 9.84
N PHE D 190 -70.17 9.36 10.53
CA PHE D 190 -70.06 9.32 11.98
C PHE D 190 -70.05 10.75 12.49
N SER D 191 -70.43 10.90 13.75
CA SER D 191 -70.43 12.20 14.39
C SER D 191 -70.01 12.03 15.83
N PHE D 192 -69.81 13.15 16.50
CA PHE D 192 -69.39 13.09 17.89
C PHE D 192 -69.49 14.47 18.50
N PRO D 193 -69.91 14.59 19.76
CA PRO D 193 -69.99 15.90 20.40
C PRO D 193 -68.82 16.19 21.31
N LEU D 194 -68.43 17.45 21.44
CA LEU D 194 -67.37 17.83 22.35
C LEU D 194 -67.93 18.39 23.65
N SER D 195 -67.12 18.27 24.71
CA SER D 195 -67.45 18.84 26.00
C SER D 195 -67.23 20.35 25.97
N SER D 196 -67.33 20.96 27.15
CA SER D 196 -67.29 22.41 27.22
C SER D 196 -65.89 22.95 27.02
N GLU D 197 -64.90 22.35 27.68
CA GLU D 197 -63.52 22.84 27.62
C GLU D 197 -62.54 21.67 27.56
N PRO D 198 -62.63 20.82 26.55
CA PRO D 198 -61.58 19.83 26.33
C PRO D 198 -60.42 20.44 25.58
N PHE D 199 -59.51 19.57 25.17
CA PHE D 199 -58.15 20.00 24.87
C PHE D 199 -58.14 20.95 23.69
N GLN D 200 -57.00 21.57 23.49
CA GLN D 200 -56.75 22.42 22.35
C GLN D 200 -55.68 21.80 21.46
N GLY D 201 -55.67 22.23 20.20
CA GLY D 201 -54.60 21.92 19.28
C GLY D 201 -54.99 20.83 18.33
N SER D 202 -53.97 20.19 17.78
CA SER D 202 -54.12 19.29 16.65
C SER D 202 -54.76 17.98 17.09
N TYR D 203 -56.01 17.80 16.74
CA TYR D 203 -56.68 16.54 16.90
C TYR D 203 -56.34 15.61 15.74
N LYS D 204 -56.91 14.42 15.76
CA LYS D 204 -56.58 13.38 14.80
C LYS D 204 -57.69 12.37 14.79
N VAL D 205 -58.09 11.97 13.60
CA VAL D 205 -59.04 10.89 13.40
C VAL D 205 -58.39 9.89 12.46
N VAL D 206 -58.68 8.62 12.67
CA VAL D 206 -57.81 7.56 12.23
C VAL D 206 -58.64 6.33 11.97
N VAL D 207 -58.14 5.48 11.10
CA VAL D 207 -58.68 4.18 10.79
C VAL D 207 -57.54 3.20 10.67
N GLN D 208 -57.85 1.93 10.92
CA GLN D 208 -56.94 0.83 10.75
C GLN D 208 -57.57 -0.11 9.74
N LYS D 209 -56.80 -1.09 9.31
CA LYS D 209 -57.30 -2.13 8.44
C LYS D 209 -56.77 -3.47 8.88
N LYS D 210 -57.43 -4.52 8.40
CA LYS D 210 -57.05 -5.89 8.74
C LYS D 210 -55.60 -6.16 8.38
N SER D 211 -55.08 -5.44 7.41
CA SER D 211 -53.65 -5.40 7.12
C SER D 211 -52.87 -5.05 8.35
N GLY D 212 -53.36 -4.06 9.08
CA GLY D 212 -52.59 -3.32 10.04
C GLY D 212 -52.20 -1.94 9.59
N GLY D 213 -52.53 -1.57 8.36
CA GLY D 213 -52.24 -0.23 7.89
C GLY D 213 -53.05 0.80 8.64
N ARG D 214 -52.76 2.06 8.35
CA ARG D 214 -53.32 3.17 9.09
C ARG D 214 -53.52 4.36 8.18
N THR D 215 -54.51 5.17 8.53
CA THR D 215 -54.81 6.39 7.82
C THR D 215 -55.24 7.46 8.80
N GLU D 216 -55.36 8.67 8.31
CA GLU D 216 -55.57 9.85 9.13
C GLU D 216 -56.50 10.84 8.48
N HIS D 217 -56.86 11.85 9.25
CA HIS D 217 -57.47 13.06 8.73
C HIS D 217 -57.30 14.09 9.82
N PRO D 218 -56.19 14.78 9.87
CA PRO D 218 -56.00 15.79 10.89
C PRO D 218 -56.97 16.94 10.81
N PHE D 219 -57.05 17.62 11.93
CA PHE D 219 -58.01 18.66 12.19
C PHE D 219 -57.77 19.14 13.60
N THR D 220 -58.20 20.36 13.84
CA THR D 220 -57.76 21.12 14.97
C THR D 220 -58.94 21.64 15.75
N VAL D 221 -58.64 22.16 16.94
CA VAL D 221 -59.64 22.75 17.81
C VAL D 221 -59.02 23.97 18.45
N GLU D 222 -59.82 25.01 18.59
CA GLU D 222 -59.55 26.13 19.48
C GLU D 222 -60.76 27.03 19.40
N GLU D 223 -60.91 27.87 20.38
CA GLU D 223 -61.84 28.98 20.29
C GLU D 223 -61.20 30.09 19.49
N PHE D 224 -61.82 30.47 18.38
CA PHE D 224 -61.23 31.38 17.40
C PHE D 224 -62.29 32.35 16.90
N VAL D 225 -61.88 33.22 15.98
CA VAL D 225 -62.73 34.25 15.41
C VAL D 225 -63.10 33.87 13.98
N LEU D 226 -64.29 34.30 13.57
CA LEU D 226 -64.78 34.07 12.23
C LEU D 226 -64.33 35.23 11.35
N PRO D 227 -63.37 35.06 10.47
CA PRO D 227 -62.97 36.18 9.60
C PRO D 227 -64.03 36.46 8.56
N LYS D 228 -63.87 37.61 7.92
CA LYS D 228 -64.81 38.09 6.93
C LYS D 228 -64.09 38.77 5.76
N PHE D 229 -62.79 38.57 5.63
CA PHE D 229 -62.03 39.18 4.55
C PHE D 229 -60.70 38.46 4.44
N GLU D 230 -60.01 38.72 3.33
CA GLU D 230 -58.65 38.23 3.16
C GLU D 230 -57.84 39.18 2.31
N VAL D 231 -56.75 39.63 2.89
CA VAL D 231 -55.78 40.43 2.17
C VAL D 231 -55.21 39.60 1.03
N GLN D 232 -54.68 40.28 0.02
CA GLN D 232 -53.96 39.55 -1.00
C GLN D 232 -53.13 40.49 -1.85
N VAL D 233 -51.92 40.06 -2.17
CA VAL D 233 -51.08 40.73 -3.16
C VAL D 233 -51.26 40.03 -4.48
N THR D 234 -50.82 40.68 -5.54
CA THR D 234 -50.52 40.02 -6.80
C THR D 234 -49.06 40.34 -7.10
N VAL D 235 -48.17 39.60 -6.46
CA VAL D 235 -46.74 39.85 -6.51
C VAL D 235 -46.11 38.65 -7.22
N PRO D 236 -44.90 38.76 -7.76
CA PRO D 236 -44.24 37.57 -8.27
C PRO D 236 -44.14 36.49 -7.21
N LYS D 237 -44.81 35.39 -7.50
CA LYS D 237 -44.42 34.05 -7.00
C LYS D 237 -42.92 33.85 -7.23
N ILE D 238 -42.38 34.40 -8.33
CA ILE D 238 -41.07 34.04 -8.79
C ILE D 238 -40.37 35.30 -9.27
N ILE D 239 -39.11 35.41 -8.95
CA ILE D 239 -38.30 36.56 -9.25
C ILE D 239 -36.91 36.07 -9.58
N THR D 240 -36.15 36.87 -10.32
CA THR D 240 -34.80 36.53 -10.73
C THR D 240 -33.82 37.63 -10.34
N ILE D 241 -32.61 37.49 -10.85
CA ILE D 241 -31.52 38.38 -10.49
C ILE D 241 -31.75 39.74 -11.10
N LEU D 242 -31.91 39.77 -12.41
CA LEU D 242 -31.83 41.01 -13.19
C LEU D 242 -33.12 41.78 -12.96
N GLU D 243 -33.32 42.18 -11.72
CA GLU D 243 -34.58 42.72 -11.25
C GLU D 243 -34.29 43.87 -10.32
N GLU D 244 -34.21 45.06 -10.89
CA GLU D 244 -34.10 46.28 -10.14
C GLU D 244 -35.42 46.74 -9.57
N GLU D 245 -36.51 46.14 -10.05
CA GLU D 245 -37.86 46.58 -9.62
C GLU D 245 -38.78 45.37 -9.53
N MET D 246 -39.95 45.58 -8.95
CA MET D 246 -40.93 44.51 -8.80
C MET D 246 -42.33 45.09 -8.77
N ASN D 247 -43.18 44.62 -9.69
CA ASN D 247 -44.59 45.05 -9.77
C ASN D 247 -45.40 44.35 -8.67
N VAL D 248 -45.55 45.00 -7.50
CA VAL D 248 -46.30 44.48 -6.38
C VAL D 248 -47.57 45.30 -6.25
N SER D 249 -48.61 44.69 -5.67
CA SER D 249 -49.87 45.39 -5.53
C SER D 249 -50.82 44.51 -4.75
N VAL D 250 -51.56 45.15 -3.85
CA VAL D 250 -52.19 44.45 -2.75
C VAL D 250 -53.67 44.73 -2.75
N CYS D 251 -54.45 43.74 -2.33
CA CYS D 251 -55.89 43.74 -2.47
C CYS D 251 -56.50 42.85 -1.42
N GLY D 252 -57.58 43.33 -0.83
CA GLY D 252 -58.31 42.61 0.19
C GLY D 252 -59.75 42.43 -0.17
N LEU D 253 -60.13 41.18 -0.32
CA LEU D 253 -61.51 40.78 -0.57
C LEU D 253 -62.34 40.95 0.70
N TYR D 254 -63.55 40.38 0.69
CA TYR D 254 -64.52 40.63 1.75
C TYR D 254 -65.66 39.62 1.69
N THR D 255 -66.59 39.76 2.61
CA THR D 255 -67.95 39.26 2.40
C THR D 255 -68.39 39.69 1.02
N TYR D 256 -68.69 38.72 0.16
CA TYR D 256 -69.11 39.03 -1.20
C TYR D 256 -68.01 39.74 -2.00
N GLY D 257 -66.77 39.64 -1.54
CA GLY D 257 -65.62 40.11 -2.28
C GLY D 257 -65.61 41.59 -2.59
N LYS D 258 -66.16 42.39 -1.71
CA LYS D 258 -66.16 43.83 -1.94
C LYS D 258 -64.77 44.40 -1.67
N PRO D 259 -64.42 45.52 -2.29
CA PRO D 259 -63.18 46.19 -1.91
C PRO D 259 -63.39 46.94 -0.59
N VAL D 260 -62.60 46.53 0.39
CA VAL D 260 -62.80 46.92 1.79
C VAL D 260 -61.91 48.13 2.06
N PRO D 261 -62.27 49.02 3.00
CA PRO D 261 -61.38 50.15 3.30
C PRO D 261 -60.47 49.88 4.48
N GLY D 262 -59.34 50.56 4.47
CA GLY D 262 -58.44 50.55 5.60
C GLY D 262 -57.02 50.94 5.28
N HIS D 263 -56.08 50.50 6.11
CA HIS D 263 -54.67 50.77 5.91
C HIS D 263 -53.92 49.46 5.88
N VAL D 264 -52.79 49.45 5.17
CA VAL D 264 -52.08 48.23 4.84
C VAL D 264 -50.59 48.48 4.92
N THR D 265 -49.84 47.46 5.31
CA THR D 265 -48.39 47.47 5.21
C THR D 265 -47.94 46.06 4.85
N VAL D 266 -46.69 45.95 4.41
CA VAL D 266 -46.11 44.70 3.96
C VAL D 266 -44.82 44.45 4.72
N SER D 267 -44.40 43.18 4.76
CA SER D 267 -43.03 42.82 5.04
C SER D 267 -42.58 41.87 3.95
N ILE D 268 -42.18 42.44 2.86
CA ILE D 268 -41.30 41.76 1.92
C ILE D 268 -40.02 41.43 2.67
N CYS D 269 -39.49 40.24 2.48
CA CYS D 269 -38.42 39.78 3.37
C CYS D 269 -37.47 38.81 2.67
N ARG D 270 -36.24 39.28 2.44
CA ARG D 270 -35.09 38.44 2.17
C ARG D 270 -34.73 37.72 3.45
N LYS D 271 -33.90 36.69 3.37
CA LYS D 271 -33.49 35.95 4.55
C LYS D 271 -32.02 35.55 4.50
N TYR D 272 -31.59 34.86 5.57
CA TYR D 272 -30.22 34.35 5.73
C TYR D 272 -29.23 35.51 5.64
N SER D 273 -29.36 36.46 6.55
CA SER D 273 -28.56 37.68 6.57
C SER D 273 -27.12 37.33 6.98
N ASP D 274 -26.25 38.33 7.06
CA ASP D 274 -24.86 38.09 7.46
C ASP D 274 -24.73 37.74 8.93
N ALA D 275 -25.71 38.08 9.76
CA ALA D 275 -25.61 37.86 11.19
C ALA D 275 -25.60 36.37 11.52
N SER D 276 -25.58 36.06 12.81
CA SER D 276 -25.28 34.71 13.28
C SER D 276 -26.51 33.81 13.40
N ASP D 277 -27.71 34.30 13.09
CA ASP D 277 -29.01 33.65 13.34
C ASP D 277 -29.10 33.00 14.73
N CYS D 278 -28.46 33.61 15.72
CA CYS D 278 -28.34 33.05 17.06
C CYS D 278 -27.86 34.16 17.98
N HIS D 279 -27.93 33.91 19.27
CA HIS D 279 -27.49 34.89 20.28
C HIS D 279 -28.26 36.20 20.13
N GLY D 280 -29.56 36.10 19.89
CA GLY D 280 -30.37 37.27 19.64
C GLY D 280 -30.24 37.83 18.24
N GLU D 281 -29.32 37.34 17.43
CA GLU D 281 -29.22 37.81 16.06
C GLU D 281 -30.32 37.15 15.23
N ASP D 282 -31.23 37.96 14.71
CA ASP D 282 -32.30 37.48 13.86
C ASP D 282 -31.76 37.32 12.45
N SER D 283 -31.99 36.14 11.85
CA SER D 283 -31.46 35.86 10.53
C SER D 283 -32.03 36.78 9.46
N GLN D 284 -33.16 37.43 9.71
CA GLN D 284 -33.81 38.19 8.66
C GLN D 284 -32.93 39.35 8.24
N ALA D 285 -32.58 39.35 6.96
CA ALA D 285 -31.93 40.46 6.29
C ALA D 285 -33.01 41.47 5.98
N PHE D 286 -32.75 42.33 4.98
CA PHE D 286 -33.66 43.43 4.65
C PHE D 286 -35.09 42.93 4.55
N CYS D 287 -35.89 43.32 5.54
CA CYS D 287 -37.32 43.17 5.49
C CYS D 287 -37.90 44.55 5.19
N GLU D 288 -37.73 44.98 3.95
CA GLU D 288 -38.25 46.26 3.48
C GLU D 288 -39.75 46.23 3.59
N LYS D 289 -40.37 47.40 3.57
CA LYS D 289 -41.81 47.50 3.74
C LYS D 289 -42.37 48.67 2.95
N PHE D 290 -43.69 48.70 2.90
CA PHE D 290 -44.44 49.70 2.18
C PHE D 290 -45.80 49.78 2.86
N SER D 291 -46.06 50.88 3.52
CA SER D 291 -47.36 51.14 4.09
C SER D 291 -48.21 51.86 3.07
N GLY D 292 -49.52 51.90 3.32
CA GLY D 292 -50.42 52.58 2.42
C GLY D 292 -51.84 52.48 2.92
N GLN D 293 -52.68 53.38 2.42
CA GLN D 293 -54.10 53.36 2.73
C GLN D 293 -54.79 52.53 1.66
N LEU D 294 -55.67 51.65 2.09
CA LEU D 294 -56.44 50.81 1.18
C LEU D 294 -57.59 51.62 0.59
N ASN D 295 -57.66 51.66 -0.73
CA ASN D 295 -58.71 52.45 -1.37
C ASN D 295 -60.07 51.81 -1.18
N SER D 296 -61.10 52.61 -1.41
CA SER D 296 -62.45 52.13 -1.21
C SER D 296 -62.86 51.18 -2.32
N HIS D 297 -62.59 51.55 -3.56
CA HIS D 297 -62.93 50.76 -4.72
C HIS D 297 -61.65 50.43 -5.46
N GLY D 298 -61.54 49.20 -5.93
CA GLY D 298 -60.27 48.68 -6.33
C GLY D 298 -59.47 48.30 -5.11
N CYS D 299 -58.15 48.39 -5.25
CA CYS D 299 -57.23 47.84 -4.27
C CYS D 299 -55.89 48.53 -4.36
N PHE D 300 -55.00 48.17 -3.43
CA PHE D 300 -53.71 48.85 -3.25
C PHE D 300 -52.73 48.48 -4.35
N TYR D 301 -51.85 49.42 -4.68
CA TYR D 301 -50.80 49.25 -5.67
C TYR D 301 -49.47 49.76 -5.13
N GLN D 302 -48.40 49.04 -5.44
CA GLN D 302 -47.05 49.51 -5.13
C GLN D 302 -45.98 48.75 -5.91
N GLN D 303 -45.44 49.31 -7.01
CA GLN D 303 -44.39 48.65 -7.87
C GLN D 303 -42.99 48.99 -7.33
N VAL D 304 -42.44 48.10 -6.47
CA VAL D 304 -41.31 48.38 -5.60
C VAL D 304 -40.00 48.30 -6.38
N LYS D 305 -38.95 48.81 -5.74
CA LYS D 305 -37.58 48.65 -6.19
C LYS D 305 -36.91 47.57 -5.36
N THR D 306 -35.89 46.95 -5.93
CA THR D 306 -35.31 45.73 -5.38
C THR D 306 -33.81 45.81 -5.17
N LYS D 307 -33.21 47.00 -5.25
CA LYS D 307 -31.76 47.13 -5.08
C LYS D 307 -31.33 46.75 -3.67
N VAL D 308 -32.17 47.04 -2.67
CA VAL D 308 -31.81 46.77 -1.28
C VAL D 308 -31.56 45.31 -1.02
N PHE D 309 -32.15 44.43 -1.80
CA PHE D 309 -31.97 43.02 -1.58
C PHE D 309 -30.60 42.52 -2.00
N GLN D 310 -30.05 43.02 -3.11
CA GLN D 310 -28.82 42.49 -3.68
C GLN D 310 -29.00 41.00 -4.04
N LEU D 311 -29.74 40.80 -5.12
CA LEU D 311 -30.24 39.49 -5.52
C LEU D 311 -29.04 38.66 -6.00
N LYS D 312 -28.19 38.31 -5.06
CA LYS D 312 -26.89 37.75 -5.35
C LYS D 312 -26.67 36.56 -4.44
N ARG D 313 -25.41 36.13 -4.40
CA ARG D 313 -25.04 34.80 -3.90
C ARG D 313 -25.66 34.47 -2.55
N LYS D 314 -25.42 35.31 -1.55
CA LYS D 314 -25.60 34.91 -0.16
C LYS D 314 -26.59 35.82 0.55
N GLU D 315 -27.70 36.10 -0.11
CA GLU D 315 -28.87 36.64 0.57
C GLU D 315 -30.06 35.91 -0.02
N TYR D 316 -31.01 35.51 0.85
CA TYR D 316 -31.79 34.33 0.55
C TYR D 316 -33.29 34.54 0.36
N GLU D 317 -33.96 33.45 0.01
CA GLU D 317 -35.25 33.41 -0.66
C GLU D 317 -36.31 34.33 -0.09
N MET D 318 -37.11 34.88 -0.98
CA MET D 318 -37.89 36.08 -0.70
C MET D 318 -39.21 35.67 -0.05
N LYS D 319 -39.43 36.17 1.16
CA LYS D 319 -40.66 35.92 1.89
C LYS D 319 -41.43 37.22 1.98
N LEU D 320 -42.73 37.12 1.83
CA LEU D 320 -43.56 38.22 1.42
C LEU D 320 -44.86 38.11 2.21
N HIS D 321 -45.02 38.98 3.17
CA HIS D 321 -46.05 38.86 4.16
C HIS D 321 -46.65 40.25 4.33
N THR D 322 -47.95 40.36 4.11
CA THR D 322 -48.63 41.63 3.97
C THR D 322 -49.74 41.74 5.00
N GLU D 323 -49.89 42.93 5.55
CA GLU D 323 -50.59 43.14 6.80
C GLU D 323 -51.53 44.32 6.67
N ALA D 324 -52.81 44.08 6.93
CA ALA D 324 -53.85 45.07 6.68
C ALA D 324 -54.42 45.63 7.96
N GLN D 325 -54.08 46.87 8.25
CA GLN D 325 -54.72 47.61 9.34
C GLN D 325 -56.05 48.09 8.80
N ILE D 326 -57.04 47.23 8.85
CA ILE D 326 -58.33 47.54 8.24
C ILE D 326 -58.97 48.63 9.09
N GLN D 327 -59.97 49.29 8.54
CA GLN D 327 -60.65 50.32 9.31
C GLN D 327 -61.76 49.69 10.17
N GLU D 328 -62.22 50.46 11.15
CA GLU D 328 -63.33 50.20 12.07
C GLU D 328 -63.21 48.90 12.89
N GLU D 329 -62.06 48.22 12.87
CA GLU D 329 -61.86 47.08 13.76
C GLU D 329 -60.53 47.05 14.48
N GLY D 330 -59.49 47.69 13.96
CA GLY D 330 -58.15 47.39 14.45
C GLY D 330 -57.69 45.99 14.13
N THR D 331 -58.41 45.28 13.27
CA THR D 331 -58.11 43.89 12.96
C THR D 331 -57.18 43.83 11.75
N VAL D 332 -56.26 42.87 11.76
CA VAL D 332 -55.44 42.56 10.60
C VAL D 332 -55.34 41.05 10.54
N VAL D 333 -54.92 40.57 9.38
CA VAL D 333 -54.32 39.25 9.26
C VAL D 333 -53.28 39.41 8.17
N GLU D 334 -52.52 38.36 7.91
CA GLU D 334 -51.56 38.37 6.82
C GLU D 334 -51.57 37.08 6.03
N LEU D 335 -51.27 37.26 4.73
CA LEU D 335 -51.25 36.22 3.72
C LEU D 335 -49.80 35.85 3.46
N THR D 336 -49.52 34.56 3.42
CA THR D 336 -48.18 34.04 3.22
C THR D 336 -48.10 33.51 1.80
N GLY D 337 -47.56 34.33 0.89
CA GLY D 337 -47.61 34.02 -0.52
C GLY D 337 -46.30 34.34 -1.21
N ARG D 338 -46.05 33.62 -2.29
CA ARG D 338 -44.94 33.89 -3.21
C ARG D 338 -43.59 33.72 -2.54
N GLN D 339 -43.59 32.96 -1.44
CA GLN D 339 -42.42 32.90 -0.57
C GLN D 339 -41.25 32.19 -1.23
N SER D 340 -41.50 31.38 -2.26
CA SER D 340 -40.46 30.56 -2.87
C SER D 340 -39.91 31.17 -4.15
N SER D 341 -39.82 32.49 -4.20
CA SER D 341 -39.35 33.13 -5.42
C SER D 341 -37.86 32.95 -5.56
N GLU D 342 -37.49 31.81 -6.14
CA GLU D 342 -36.09 31.52 -6.40
C GLU D 342 -35.62 32.49 -7.45
N ILE D 343 -34.74 33.37 -7.02
CA ILE D 343 -33.83 34.02 -7.93
C ILE D 343 -32.75 33.01 -8.23
N THR D 344 -32.99 32.19 -9.23
CA THR D 344 -32.09 31.10 -9.53
C THR D 344 -30.80 31.63 -10.11
N ARG D 345 -29.96 30.69 -10.51
CA ARG D 345 -28.78 31.01 -11.31
C ARG D 345 -29.04 30.78 -12.79
N THR D 346 -29.70 29.68 -13.15
CA THR D 346 -29.95 29.35 -14.55
C THR D 346 -31.12 30.15 -15.06
N ILE D 347 -30.83 31.06 -15.97
CA ILE D 347 -31.83 31.88 -16.64
C ILE D 347 -31.75 31.54 -18.10
N THR D 348 -32.63 32.15 -18.91
CA THR D 348 -32.64 31.90 -20.33
C THR D 348 -33.04 30.44 -20.56
N LYS D 349 -33.81 29.92 -19.60
CA LYS D 349 -33.90 28.50 -19.32
C LYS D 349 -34.70 27.77 -20.37
N LEU D 350 -34.01 27.03 -21.20
CA LEU D 350 -34.63 26.34 -22.31
C LEU D 350 -35.31 25.10 -21.76
N SER D 351 -35.68 24.18 -22.63
CA SER D 351 -36.25 22.94 -22.15
C SER D 351 -36.18 21.83 -23.18
N PHE D 352 -36.79 20.70 -22.85
CA PHE D 352 -37.34 19.78 -23.82
C PHE D 352 -38.84 19.78 -23.58
N VAL D 353 -39.61 19.36 -24.57
CA VAL D 353 -41.01 19.07 -24.30
C VAL D 353 -41.36 17.75 -24.96
N LYS D 354 -41.06 17.63 -26.24
CA LYS D 354 -41.39 16.46 -27.03
C LYS D 354 -40.08 16.03 -27.64
N VAL D 355 -39.37 15.23 -26.87
CA VAL D 355 -38.10 14.66 -27.24
C VAL D 355 -38.32 13.19 -27.48
N ASP D 356 -37.54 12.63 -28.38
CA ASP D 356 -37.44 11.19 -28.45
C ASP D 356 -36.37 10.73 -27.48
N SER D 357 -36.72 9.75 -26.67
CA SER D 357 -35.74 9.12 -25.84
C SER D 357 -34.87 8.14 -26.61
N HIS D 358 -35.11 7.97 -27.91
CA HIS D 358 -34.40 6.98 -28.69
C HIS D 358 -34.20 7.43 -30.13
N PHE D 359 -33.59 6.54 -30.90
CA PHE D 359 -33.24 6.77 -32.29
C PHE D 359 -32.83 5.42 -32.85
N ARG D 360 -32.59 5.36 -34.16
CA ARG D 360 -32.14 4.11 -34.76
C ARG D 360 -31.21 4.40 -35.93
N GLN D 361 -30.64 3.31 -36.43
CA GLN D 361 -29.68 3.33 -37.51
C GLN D 361 -30.31 3.67 -38.85
N GLY D 362 -31.63 3.65 -38.94
CA GLY D 362 -32.32 3.80 -40.19
C GLY D 362 -33.45 4.78 -40.10
N ILE D 363 -33.25 5.87 -39.39
CA ILE D 363 -34.35 6.80 -39.12
C ILE D 363 -33.84 8.17 -38.72
N PRO D 364 -34.59 9.25 -39.00
CA PRO D 364 -34.39 10.50 -38.28
C PRO D 364 -35.40 10.68 -37.17
N PHE D 365 -34.99 11.30 -36.06
CA PHE D 365 -35.95 11.86 -35.13
C PHE D 365 -35.86 13.37 -35.14
N PHE D 366 -36.74 14.00 -34.37
CA PHE D 366 -36.79 15.44 -34.25
C PHE D 366 -37.33 15.78 -32.88
N GLY D 367 -36.43 16.16 -31.98
CA GLY D 367 -36.81 16.72 -30.71
C GLY D 367 -37.23 18.16 -30.89
N GLN D 368 -38.52 18.39 -30.91
CA GLN D 368 -39.03 19.74 -31.01
C GLN D 368 -38.98 20.36 -29.62
N VAL D 369 -38.38 21.54 -29.55
CA VAL D 369 -37.91 22.11 -28.30
C VAL D 369 -38.31 23.58 -28.28
N ARG D 370 -38.53 24.11 -27.09
CA ARG D 370 -38.87 25.49 -26.87
C ARG D 370 -37.83 26.14 -25.98
N LEU D 371 -38.10 27.38 -25.61
CA LEU D 371 -37.31 28.09 -24.62
C LEU D 371 -38.20 28.99 -23.79
N VAL D 372 -37.77 29.21 -22.56
CA VAL D 372 -38.34 30.18 -21.66
C VAL D 372 -37.18 30.74 -20.82
N ASP D 373 -37.45 31.81 -20.09
CA ASP D 373 -36.54 32.28 -19.07
C ASP D 373 -37.29 32.44 -17.76
N GLY D 374 -36.92 31.62 -16.79
CA GLY D 374 -37.36 31.89 -15.44
C GLY D 374 -38.86 31.87 -15.26
N LYS D 375 -39.41 33.09 -15.28
CA LYS D 375 -40.81 33.36 -14.94
C LYS D 375 -41.77 32.36 -15.55
N GLY D 376 -41.56 31.97 -16.80
CA GLY D 376 -42.46 31.04 -17.47
C GLY D 376 -42.93 31.45 -18.84
N VAL D 377 -42.21 32.37 -19.49
CA VAL D 377 -42.66 32.97 -20.74
C VAL D 377 -41.56 32.82 -21.79
N PRO D 378 -41.88 32.49 -23.04
CA PRO D 378 -40.82 32.24 -24.03
C PRO D 378 -40.33 33.51 -24.71
N ILE D 379 -39.44 33.31 -25.67
CA ILE D 379 -38.72 34.38 -26.36
C ILE D 379 -39.05 34.29 -27.85
N PRO D 380 -39.14 35.43 -28.56
CA PRO D 380 -39.06 35.38 -30.01
C PRO D 380 -37.68 35.69 -30.55
N ASN D 381 -37.26 34.90 -31.53
CA ASN D 381 -36.15 35.24 -32.42
C ASN D 381 -34.85 35.47 -31.65
N LYS D 382 -34.34 34.38 -31.10
CA LYS D 382 -33.04 34.35 -30.45
C LYS D 382 -32.32 33.10 -30.90
N VAL D 383 -31.23 33.29 -31.66
CA VAL D 383 -30.54 32.16 -32.25
C VAL D 383 -29.94 31.30 -31.16
N ILE D 384 -29.55 30.08 -31.52
CA ILE D 384 -28.85 29.18 -30.63
C ILE D 384 -27.86 28.34 -31.43
N PHE D 385 -27.21 27.46 -30.67
CA PHE D 385 -26.21 26.49 -31.17
C PHE D 385 -26.58 25.08 -30.71
N ILE D 386 -27.14 24.30 -31.66
CA ILE D 386 -27.41 22.90 -31.40
C ILE D 386 -26.09 22.14 -31.49
N ARG D 387 -25.93 21.17 -30.60
CA ARG D 387 -24.69 20.41 -30.48
C ARG D 387 -24.96 18.92 -30.61
N GLY D 388 -24.75 18.42 -31.81
CA GLY D 388 -24.81 17.00 -32.11
C GLY D 388 -23.45 16.37 -32.13
N ASN D 389 -23.31 15.31 -31.37
CA ASN D 389 -22.03 14.76 -31.01
C ASN D 389 -22.03 13.26 -31.25
N GLU D 390 -21.03 12.80 -32.00
CA GLU D 390 -20.84 11.43 -32.47
C GLU D 390 -21.77 11.11 -33.61
N ALA D 391 -22.68 12.05 -33.90
CA ALA D 391 -23.31 12.25 -35.22
C ALA D 391 -22.92 13.62 -35.77
N ASN D 392 -22.25 14.43 -34.93
CA ASN D 392 -21.53 15.62 -35.37
C ASN D 392 -22.49 16.65 -35.96
N TYR D 393 -23.72 16.63 -35.47
CA TYR D 393 -24.74 17.57 -35.91
C TYR D 393 -24.62 18.76 -34.98
N TYR D 394 -23.53 19.48 -35.09
CA TYR D 394 -23.47 20.81 -34.54
C TYR D 394 -24.29 21.64 -35.53
N SER D 395 -25.18 22.46 -34.99
CA SER D 395 -26.03 23.28 -35.83
C SER D 395 -26.62 24.41 -35.02
N ASN D 396 -27.26 25.33 -35.77
CA ASN D 396 -27.84 26.59 -35.24
C ASN D 396 -29.30 26.82 -35.60
N ALA D 397 -30.13 27.29 -34.65
CA ALA D 397 -31.48 27.73 -35.00
C ALA D 397 -31.84 28.85 -34.05
N THR D 398 -33.10 29.28 -34.11
CA THR D 398 -33.56 30.40 -33.31
C THR D 398 -34.91 30.10 -32.69
N THR D 399 -35.37 31.09 -31.93
CA THR D 399 -36.66 31.04 -31.29
C THR D 399 -37.74 31.50 -32.25
N ASP D 400 -38.86 30.80 -32.23
CA ASP D 400 -40.08 31.28 -32.86
C ASP D 400 -40.85 32.09 -31.84
N GLU D 401 -42.10 32.42 -32.18
CA GLU D 401 -42.97 33.18 -31.30
C GLU D 401 -43.08 32.58 -29.90
N HIS D 402 -43.02 31.25 -29.81
CA HIS D 402 -43.10 30.54 -28.55
C HIS D 402 -41.77 29.94 -28.13
N GLY D 403 -40.66 30.37 -28.74
CA GLY D 403 -39.39 29.75 -28.47
C GLY D 403 -39.20 28.40 -29.13
N LEU D 404 -40.25 27.91 -29.77
CA LEU D 404 -40.30 26.55 -30.25
C LEU D 404 -39.40 26.38 -31.45
N VAL D 405 -38.68 25.26 -31.46
CA VAL D 405 -37.74 24.93 -32.50
C VAL D 405 -37.94 23.46 -32.83
N GLN D 406 -37.67 23.09 -34.07
CA GLN D 406 -37.82 21.71 -34.51
C GLN D 406 -36.60 21.34 -35.34
N PHE D 407 -35.55 20.91 -34.66
CA PHE D 407 -34.42 20.35 -35.35
C PHE D 407 -34.73 18.92 -35.73
N SER D 408 -33.86 18.34 -36.55
CA SER D 408 -33.96 16.97 -37.00
C SER D 408 -32.57 16.53 -37.42
N ILE D 409 -32.33 15.22 -37.44
CA ILE D 409 -30.97 14.71 -37.59
C ILE D 409 -30.95 13.51 -38.51
N ASN D 410 -29.97 13.45 -39.46
CA ASN D 410 -29.58 12.25 -40.28
C ASN D 410 -28.71 11.34 -39.37
N THR D 411 -29.06 10.03 -39.28
CA THR D 411 -28.65 9.08 -38.27
C THR D 411 -28.07 7.84 -38.93
N THR D 412 -26.78 7.89 -39.27
CA THR D 412 -26.07 6.71 -39.75
C THR D 412 -24.73 6.72 -39.01
N ASN D 413 -24.76 6.26 -37.76
CA ASN D 413 -23.70 6.59 -36.83
C ASN D 413 -23.46 5.41 -35.90
N VAL D 414 -22.59 5.63 -34.93
CA VAL D 414 -22.24 4.67 -33.89
C VAL D 414 -23.22 4.75 -32.73
N MET D 415 -23.11 3.81 -31.78
CA MET D 415 -24.19 3.53 -30.82
C MET D 415 -24.61 4.71 -29.94
N GLY D 416 -23.82 5.07 -28.95
CA GLY D 416 -24.38 5.82 -27.84
C GLY D 416 -24.29 7.31 -27.96
N THR D 417 -25.39 7.91 -28.39
CA THR D 417 -25.44 9.34 -28.61
C THR D 417 -25.69 10.08 -27.31
N SER D 418 -25.55 11.39 -27.36
CA SER D 418 -25.63 12.25 -26.20
C SER D 418 -25.63 13.70 -26.66
N LEU D 419 -26.59 14.48 -26.17
CA LEU D 419 -27.03 15.68 -26.87
C LEU D 419 -27.16 16.88 -25.96
N THR D 420 -27.28 18.05 -26.59
CA THR D 420 -27.41 19.32 -25.92
C THR D 420 -27.51 20.45 -26.94
N VAL D 421 -27.94 21.60 -26.43
CA VAL D 421 -28.06 22.84 -27.18
C VAL D 421 -27.86 23.97 -26.19
N ARG D 422 -27.42 25.12 -26.68
CA ARG D 422 -27.29 26.28 -25.82
C ARG D 422 -27.51 27.54 -26.62
N VAL D 423 -27.77 28.63 -25.90
CA VAL D 423 -27.92 29.95 -26.45
C VAL D 423 -26.72 30.79 -26.07
N ASN D 424 -26.06 30.41 -24.98
CA ASN D 424 -24.75 30.92 -24.60
C ASN D 424 -23.73 29.79 -24.81
N TYR D 425 -22.46 30.10 -24.66
CA TYR D 425 -21.43 29.09 -24.80
C TYR D 425 -21.39 28.24 -23.53
N LYS D 426 -20.52 27.24 -23.52
CA LYS D 426 -20.55 26.21 -22.48
C LYS D 426 -19.94 26.66 -21.16
N ASP D 427 -20.38 27.81 -20.66
CA ASP D 427 -19.77 28.36 -19.46
C ASP D 427 -20.57 29.57 -19.00
N ARG D 428 -20.42 29.92 -17.71
CA ARG D 428 -21.16 31.02 -17.10
C ARG D 428 -20.44 32.32 -17.45
N SER D 429 -20.50 32.64 -18.75
CA SER D 429 -19.61 33.53 -19.47
C SER D 429 -19.09 34.73 -18.68
N PRO D 430 -19.94 35.54 -18.03
CA PRO D 430 -19.40 36.68 -17.29
C PRO D 430 -18.90 36.30 -15.91
N CYS D 431 -17.58 36.25 -15.73
CA CYS D 431 -16.92 36.05 -14.45
C CYS D 431 -17.47 34.81 -13.72
N TYR D 432 -17.15 33.64 -14.28
CA TYR D 432 -17.58 32.40 -13.66
C TYR D 432 -16.60 31.87 -12.62
N GLY D 433 -15.30 32.16 -12.77
CA GLY D 433 -14.35 31.78 -11.75
C GLY D 433 -14.06 32.89 -10.76
N TYR D 434 -14.79 32.91 -9.65
CA TYR D 434 -14.42 33.71 -8.49
C TYR D 434 -14.63 33.02 -7.16
N GLN D 435 -15.35 31.89 -7.11
CA GLN D 435 -15.88 31.25 -5.91
C GLN D 435 -17.01 32.08 -5.30
N TRP D 436 -17.42 33.18 -5.94
CA TRP D 436 -18.50 34.02 -5.44
C TRP D 436 -19.36 34.50 -6.60
N VAL D 437 -19.67 33.59 -7.51
CA VAL D 437 -20.41 33.89 -8.71
C VAL D 437 -21.81 33.31 -8.58
N SER D 438 -22.82 34.16 -8.84
CA SER D 438 -24.22 33.78 -8.61
C SER D 438 -25.04 34.14 -9.86
N GLU D 439 -25.01 33.24 -10.84
CA GLU D 439 -25.75 33.37 -12.09
C GLU D 439 -25.47 32.16 -12.97
N GLU D 440 -26.33 31.90 -13.94
CA GLU D 440 -26.12 30.78 -14.87
C GLU D 440 -27.11 30.91 -16.02
N HIS D 441 -27.01 29.97 -16.95
CA HIS D 441 -28.10 29.67 -17.88
C HIS D 441 -28.24 28.17 -17.93
N GLU D 442 -29.47 27.68 -17.92
CA GLU D 442 -29.69 26.26 -18.12
C GLU D 442 -29.22 25.85 -19.50
N GLU D 443 -28.74 24.61 -19.60
CA GLU D 443 -28.27 24.05 -20.86
C GLU D 443 -29.06 22.80 -21.17
N ALA D 444 -29.27 22.55 -22.46
CA ALA D 444 -30.07 21.43 -22.89
C ALA D 444 -29.33 20.14 -22.57
N HIS D 445 -30.02 19.22 -21.91
CA HIS D 445 -29.42 17.93 -21.60
C HIS D 445 -30.44 16.84 -21.77
N HIS D 446 -30.04 15.81 -22.52
CA HIS D 446 -30.88 14.66 -22.75
C HIS D 446 -30.00 13.59 -23.37
N THR D 447 -30.36 12.37 -23.08
CA THR D 447 -29.72 11.19 -23.63
C THR D 447 -30.77 10.34 -24.28
N ALA D 448 -30.35 9.58 -25.27
CA ALA D 448 -31.23 8.66 -25.96
C ALA D 448 -30.43 7.47 -26.42
N TYR D 449 -31.12 6.39 -26.76
CA TYR D 449 -30.52 5.12 -27.08
C TYR D 449 -31.20 4.52 -28.29
N LEU D 450 -30.74 3.35 -28.69
CA LEU D 450 -31.22 2.71 -29.91
C LEU D 450 -31.58 1.25 -29.67
N VAL D 451 -32.37 0.73 -30.58
CA VAL D 451 -32.84 -0.63 -30.47
C VAL D 451 -31.72 -1.59 -30.85
N PHE D 452 -31.96 -2.85 -30.56
CA PHE D 452 -31.31 -3.97 -31.20
C PHE D 452 -32.32 -4.54 -32.20
N SER D 453 -31.84 -4.86 -33.40
CA SER D 453 -32.70 -5.40 -34.45
C SER D 453 -31.83 -6.16 -35.45
N PRO D 454 -31.60 -7.46 -35.24
CA PRO D 454 -30.84 -8.21 -36.24
C PRO D 454 -31.60 -8.34 -37.53
N SER D 455 -32.92 -8.23 -37.47
CA SER D 455 -33.70 -7.99 -38.68
C SER D 455 -33.34 -6.67 -39.31
N LYS D 456 -32.98 -5.70 -38.48
CA LYS D 456 -32.55 -4.38 -38.87
C LYS D 456 -33.73 -3.52 -39.28
N SER D 457 -34.87 -3.76 -38.63
CA SER D 457 -36.10 -3.05 -38.88
C SER D 457 -36.68 -2.68 -37.53
N PHE D 458 -37.57 -1.69 -37.53
CA PHE D 458 -37.98 -1.12 -36.26
C PHE D 458 -39.08 -0.11 -36.49
N VAL D 459 -39.63 0.39 -35.39
CA VAL D 459 -40.69 1.38 -35.39
C VAL D 459 -40.25 2.52 -34.48
N HIS D 460 -40.54 3.73 -34.91
CA HIS D 460 -40.71 4.85 -34.01
C HIS D 460 -42.19 5.16 -33.84
N LEU D 461 -42.49 5.70 -32.68
CA LEU D 461 -43.76 6.33 -32.42
C LEU D 461 -43.52 7.78 -32.08
N GLU D 462 -44.23 8.65 -32.76
CA GLU D 462 -44.08 10.07 -32.56
C GLU D 462 -45.15 10.54 -31.59
N PRO D 463 -44.84 10.75 -30.32
CA PRO D 463 -45.90 11.11 -29.37
C PRO D 463 -46.65 12.38 -29.68
N MET D 464 -47.78 12.56 -29.00
CA MET D 464 -48.37 13.87 -28.79
C MET D 464 -47.96 14.34 -27.39
N SER D 465 -46.64 14.35 -27.21
CA SER D 465 -46.06 14.43 -25.89
C SER D 465 -46.23 15.83 -25.32
N HIS D 466 -47.42 16.04 -24.78
CA HIS D 466 -47.69 17.19 -23.96
C HIS D 466 -48.96 16.90 -23.19
N GLU D 467 -49.55 17.95 -22.61
CA GLU D 467 -50.85 17.89 -21.97
C GLU D 467 -51.87 17.12 -22.81
N LEU D 468 -52.71 16.32 -22.13
CA LEU D 468 -53.61 15.34 -22.70
C LEU D 468 -55.00 15.50 -22.14
N PRO D 469 -56.02 15.84 -22.91
CA PRO D 469 -57.35 16.05 -22.33
C PRO D 469 -57.97 14.73 -21.93
N CYS D 470 -59.24 14.82 -21.53
CA CYS D 470 -60.08 13.67 -21.24
C CYS D 470 -61.34 13.72 -22.08
N GLY D 471 -61.94 12.55 -22.27
CA GLY D 471 -63.19 12.51 -22.97
C GLY D 471 -63.07 12.92 -24.41
N HIS D 472 -61.93 12.64 -25.02
CA HIS D 472 -61.62 13.01 -26.39
C HIS D 472 -61.06 11.75 -27.02
N THR D 473 -60.40 11.92 -28.16
CA THR D 473 -59.51 10.92 -28.69
C THR D 473 -58.18 11.59 -28.96
N GLN D 474 -57.23 10.81 -29.44
CA GLN D 474 -56.15 11.41 -30.19
C GLN D 474 -55.71 10.44 -31.26
N THR D 475 -55.41 11.00 -32.42
CA THR D 475 -54.84 10.25 -33.53
C THR D 475 -53.36 10.20 -33.29
N VAL D 476 -52.81 9.10 -33.56
CA VAL D 476 -51.49 8.74 -33.08
C VAL D 476 -50.72 8.10 -34.21
N GLN D 477 -49.51 8.58 -34.43
CA GLN D 477 -48.73 8.23 -35.61
C GLN D 477 -47.46 7.50 -35.23
N ALA D 478 -47.01 6.65 -36.16
CA ALA D 478 -45.76 5.91 -36.03
C ALA D 478 -45.11 5.74 -37.39
N HIS D 479 -43.83 5.38 -37.37
CA HIS D 479 -42.98 5.33 -38.55
C HIS D 479 -42.33 3.96 -38.58
N TYR D 480 -42.67 3.19 -39.58
CA TYR D 480 -42.36 1.77 -39.63
C TYR D 480 -41.48 1.45 -40.82
N ILE D 481 -40.58 0.50 -40.62
CA ILE D 481 -39.78 -0.06 -41.69
C ILE D 481 -39.71 -1.54 -41.47
N LEU D 482 -39.50 -2.27 -42.55
CA LEU D 482 -39.56 -3.72 -42.52
C LEU D 482 -38.59 -4.21 -43.58
N ASN D 483 -37.36 -4.47 -43.18
CA ASN D 483 -36.36 -5.01 -44.09
C ASN D 483 -36.87 -6.31 -44.68
N GLY D 484 -37.12 -6.29 -45.99
CA GLY D 484 -37.67 -7.44 -46.65
C GLY D 484 -39.11 -7.78 -46.29
N GLY D 485 -39.74 -7.01 -45.41
CA GLY D 485 -41.14 -7.18 -45.06
C GLY D 485 -41.44 -8.59 -44.60
N THR D 486 -42.51 -9.15 -45.13
CA THR D 486 -42.63 -10.59 -45.14
C THR D 486 -41.52 -11.14 -46.01
N LEU D 487 -40.44 -11.56 -45.37
CA LEU D 487 -39.32 -12.15 -46.09
C LEU D 487 -39.79 -13.33 -46.92
N LEU D 488 -40.47 -14.28 -46.28
CA LEU D 488 -41.24 -15.29 -46.97
C LEU D 488 -42.72 -15.13 -46.67
N GLY D 489 -43.09 -15.36 -45.41
CA GLY D 489 -44.38 -15.10 -44.82
C GLY D 489 -45.57 -15.25 -45.71
N LEU D 490 -46.45 -14.27 -45.62
CA LEU D 490 -47.62 -14.16 -46.46
C LEU D 490 -47.76 -12.67 -46.76
N LYS D 491 -48.88 -12.27 -47.36
CA LYS D 491 -48.93 -10.91 -47.89
C LYS D 491 -48.97 -9.88 -46.78
N LYS D 492 -50.06 -9.81 -46.03
CA LYS D 492 -50.28 -8.62 -45.26
C LYS D 492 -49.69 -8.78 -43.87
N LEU D 493 -49.90 -7.78 -43.03
CA LEU D 493 -49.29 -7.75 -41.72
C LEU D 493 -50.17 -7.01 -40.74
N SER D 494 -49.93 -7.30 -39.46
CA SER D 494 -50.80 -6.83 -38.39
C SER D 494 -50.03 -6.09 -37.32
N PHE D 495 -50.56 -4.95 -36.97
CA PHE D 495 -50.16 -4.19 -35.82
C PHE D 495 -51.02 -4.52 -34.60
N TYR D 496 -50.36 -4.67 -33.44
CA TYR D 496 -51.00 -5.00 -32.18
C TYR D 496 -50.56 -4.01 -31.11
N TYR D 497 -51.52 -3.43 -30.40
CA TYR D 497 -51.23 -2.38 -29.45
C TYR D 497 -51.97 -2.62 -28.14
N LEU D 498 -51.24 -2.41 -27.03
CA LEU D 498 -51.78 -2.47 -25.67
C LEU D 498 -51.63 -1.13 -25.01
N ILE D 499 -52.53 -0.82 -24.10
CA ILE D 499 -52.48 0.39 -23.31
C ILE D 499 -52.70 0.00 -21.87
N MET D 500 -51.60 -0.01 -21.13
CA MET D 500 -51.58 -0.36 -19.72
C MET D 500 -52.06 0.82 -18.89
N ALA D 501 -52.55 0.50 -17.69
CA ALA D 501 -52.88 1.52 -16.72
C ALA D 501 -52.90 0.88 -15.35
N LYS D 502 -52.14 1.45 -14.45
CA LYS D 502 -52.24 1.16 -13.05
C LYS D 502 -51.95 -0.30 -12.78
N GLY D 503 -50.85 -0.73 -13.35
CA GLY D 503 -50.32 -2.02 -13.03
C GLY D 503 -50.92 -3.14 -13.83
N GLY D 504 -51.92 -2.83 -14.64
CA GLY D 504 -52.55 -3.82 -15.46
C GLY D 504 -52.88 -3.39 -16.87
N ILE D 505 -54.15 -3.48 -17.23
CA ILE D 505 -54.60 -3.20 -18.58
C ILE D 505 -55.94 -2.53 -18.47
N VAL D 506 -56.21 -1.60 -19.37
CA VAL D 506 -57.46 -0.87 -19.40
C VAL D 506 -58.08 -0.98 -20.80
N ARG D 507 -57.26 -0.90 -21.85
CA ARG D 507 -57.72 -0.98 -23.23
C ARG D 507 -56.73 -1.78 -24.03
N THR D 508 -57.08 -2.03 -25.28
CA THR D 508 -56.24 -2.86 -26.13
C THR D 508 -56.75 -2.82 -27.56
N GLY D 509 -56.18 -3.69 -28.41
CA GLY D 509 -56.66 -3.85 -29.76
C GLY D 509 -55.54 -4.25 -30.70
N THR D 510 -55.83 -4.15 -32.00
CA THR D 510 -54.84 -4.43 -33.04
C THR D 510 -55.18 -3.67 -34.31
N HIS D 511 -54.43 -3.96 -35.36
CA HIS D 511 -54.53 -3.32 -36.66
C HIS D 511 -53.65 -4.10 -37.62
N GLY D 512 -53.84 -3.90 -38.92
CA GLY D 512 -52.92 -4.39 -39.92
C GLY D 512 -52.95 -3.63 -41.22
N LEU D 513 -52.06 -4.03 -42.11
CA LEU D 513 -52.00 -3.43 -43.44
C LEU D 513 -51.42 -4.44 -44.41
N LEU D 514 -51.83 -4.30 -45.67
CA LEU D 514 -51.30 -5.07 -46.77
C LEU D 514 -49.91 -4.55 -47.11
N VAL D 515 -48.92 -5.44 -47.15
CA VAL D 515 -47.52 -4.97 -47.30
C VAL D 515 -47.24 -4.74 -48.79
N LYS D 516 -46.39 -3.76 -49.10
CA LYS D 516 -45.61 -3.81 -50.32
C LYS D 516 -44.62 -4.95 -50.19
N GLN D 517 -44.39 -5.64 -51.31
CA GLN D 517 -43.77 -6.96 -51.25
C GLN D 517 -42.38 -6.95 -50.61
N GLU D 518 -41.56 -5.96 -50.95
CA GLU D 518 -40.26 -5.81 -50.30
C GLU D 518 -39.90 -4.35 -50.04
N ASP D 519 -40.87 -3.45 -49.98
CA ASP D 519 -40.62 -2.01 -49.93
C ASP D 519 -40.91 -1.48 -48.53
N MET D 520 -40.14 -0.46 -48.17
CA MET D 520 -40.33 0.28 -46.91
C MET D 520 -41.34 1.38 -47.04
N LYS D 521 -42.57 1.16 -46.59
CA LYS D 521 -43.55 2.23 -46.52
C LYS D 521 -43.39 3.00 -45.21
N GLY D 522 -43.78 4.27 -45.23
CA GLY D 522 -43.48 5.17 -44.15
C GLY D 522 -44.47 5.24 -43.01
N HIS D 523 -45.70 5.61 -43.31
CA HIS D 523 -46.56 6.21 -42.30
C HIS D 523 -47.91 5.53 -42.19
N PHE D 524 -48.48 5.66 -41.00
CA PHE D 524 -49.71 5.02 -40.60
C PHE D 524 -50.06 5.54 -39.21
N SER D 525 -51.35 5.72 -38.96
CA SER D 525 -51.82 6.31 -37.71
C SER D 525 -52.83 5.42 -37.02
N ILE D 526 -52.94 5.62 -35.71
CA ILE D 526 -53.85 4.91 -34.83
C ILE D 526 -54.52 5.95 -33.97
N SER D 527 -55.67 5.61 -33.42
CA SER D 527 -56.42 6.50 -32.53
C SER D 527 -56.86 5.70 -31.32
N ILE D 528 -57.07 6.39 -30.19
CA ILE D 528 -57.60 5.74 -29.00
C ILE D 528 -58.27 6.76 -28.13
N PRO D 529 -59.35 6.36 -27.47
CA PRO D 529 -60.16 7.31 -26.72
C PRO D 529 -59.64 7.51 -25.32
N VAL D 530 -60.11 8.60 -24.72
CA VAL D 530 -59.52 9.16 -23.52
C VAL D 530 -60.58 9.23 -22.43
N LYS D 531 -61.43 8.22 -22.37
CA LYS D 531 -62.60 8.27 -21.51
C LYS D 531 -62.18 8.43 -20.05
N SER D 532 -61.66 7.35 -19.49
CA SER D 532 -61.17 7.27 -18.12
C SER D 532 -60.73 5.83 -17.96
N ASP D 533 -60.50 5.43 -16.71
CA ASP D 533 -60.09 4.07 -16.38
C ASP D 533 -58.62 3.87 -16.70
N ILE D 534 -58.00 4.91 -17.21
CA ILE D 534 -56.67 4.88 -17.76
C ILE D 534 -55.92 5.96 -17.02
N ALA D 535 -54.83 5.57 -16.37
CA ALA D 535 -54.27 6.31 -15.25
C ALA D 535 -53.91 7.73 -15.62
N PRO D 536 -53.56 8.59 -14.66
CA PRO D 536 -52.93 9.86 -15.02
C PRO D 536 -51.67 9.64 -15.81
N VAL D 537 -51.05 8.50 -15.64
CA VAL D 537 -50.14 7.92 -16.61
C VAL D 537 -50.95 7.11 -17.58
N ALA D 538 -50.60 7.20 -18.84
CA ALA D 538 -50.92 6.16 -19.79
C ALA D 538 -49.63 5.82 -20.49
N ARG D 539 -49.35 4.55 -20.52
CA ARG D 539 -48.29 4.00 -21.33
C ARG D 539 -48.95 3.45 -22.59
N LEU D 540 -48.44 3.84 -23.74
CA LEU D 540 -48.66 3.11 -24.95
C LEU D 540 -47.42 2.33 -25.30
N LEU D 541 -47.62 1.12 -25.76
CA LEU D 541 -46.63 0.44 -26.56
C LEU D 541 -47.32 0.01 -27.82
N ILE D 542 -46.57 -0.63 -28.69
CA ILE D 542 -47.12 -1.29 -29.86
C ILE D 542 -46.04 -2.16 -30.46
N TYR D 543 -46.47 -3.23 -31.10
CA TYR D 543 -45.56 -4.27 -31.52
C TYR D 543 -46.21 -5.10 -32.60
N ALA D 544 -45.37 -5.50 -33.55
CA ALA D 544 -45.78 -6.37 -34.69
C ALA D 544 -44.63 -7.33 -34.97
N VAL D 545 -44.95 -8.48 -35.55
CA VAL D 545 -44.10 -9.65 -35.41
C VAL D 545 -44.10 -10.46 -36.70
N LEU D 546 -43.01 -11.20 -36.91
CA LEU D 546 -42.72 -11.88 -38.15
C LEU D 546 -42.62 -13.38 -37.92
N PRO D 547 -43.36 -14.24 -38.65
CA PRO D 547 -43.36 -15.68 -38.36
C PRO D 547 -41.99 -16.34 -38.41
N THR D 548 -41.03 -15.66 -39.00
CA THR D 548 -39.62 -16.04 -38.96
C THR D 548 -39.11 -16.28 -37.57
N GLY D 549 -39.65 -15.53 -36.60
CA GLY D 549 -39.09 -15.47 -35.28
C GLY D 549 -38.57 -14.09 -34.92
N ASP D 550 -38.98 -13.07 -35.66
CA ASP D 550 -38.48 -11.72 -35.47
C ASP D 550 -39.64 -10.77 -35.20
N VAL D 551 -39.35 -9.72 -34.44
CA VAL D 551 -40.38 -8.88 -33.87
C VAL D 551 -39.76 -7.60 -33.31
N ILE D 552 -40.60 -6.57 -33.21
CA ILE D 552 -40.20 -5.32 -32.59
C ILE D 552 -41.36 -4.75 -31.81
N GLY D 553 -41.10 -3.62 -31.17
CA GLY D 553 -42.14 -2.82 -30.59
C GLY D 553 -41.49 -1.65 -29.88
N ASP D 554 -42.27 -0.59 -29.73
CA ASP D 554 -41.69 0.63 -29.18
C ASP D 554 -42.76 1.42 -28.45
N SER D 555 -42.29 2.11 -27.41
CA SER D 555 -43.06 2.55 -26.27
C SER D 555 -43.51 3.99 -26.40
N ALA D 556 -44.00 4.53 -25.29
CA ALA D 556 -44.57 5.84 -25.20
C ALA D 556 -44.71 6.22 -23.75
N LYS D 557 -45.42 7.30 -23.52
CA LYS D 557 -45.78 7.76 -22.18
C LYS D 557 -46.64 8.99 -22.34
N TYR D 558 -47.64 9.12 -21.48
CA TYR D 558 -48.71 10.08 -21.67
C TYR D 558 -49.07 10.71 -20.34
N ASP D 559 -48.82 12.00 -20.24
CA ASP D 559 -49.24 12.73 -19.07
C ASP D 559 -50.73 12.91 -19.13
N VAL D 560 -51.45 11.92 -18.61
CA VAL D 560 -52.89 11.92 -18.71
C VAL D 560 -53.45 12.81 -17.62
N GLU D 561 -54.60 13.41 -17.91
CA GLU D 561 -55.17 14.35 -16.98
C GLU D 561 -56.02 13.62 -15.95
N ASN D 562 -56.23 14.29 -14.83
CA ASN D 562 -57.04 13.77 -13.76
C ASN D 562 -58.48 14.13 -13.98
N CYS D 563 -59.14 13.28 -14.78
CA CYS D 563 -60.56 13.39 -15.22
C CYS D 563 -61.24 12.07 -14.86
N LEU D 564 -62.41 12.11 -14.22
CA LEU D 564 -63.03 10.84 -13.74
C LEU D 564 -64.19 10.38 -14.62
N ALA D 565 -64.46 9.06 -14.57
CA ALA D 565 -65.61 8.37 -15.11
C ALA D 565 -66.88 9.16 -14.92
N ASN D 566 -67.31 9.29 -13.68
CA ASN D 566 -68.56 9.97 -13.43
C ASN D 566 -68.33 11.45 -13.51
N LYS D 567 -68.32 11.96 -14.74
CA LYS D 567 -68.57 13.37 -14.95
C LYS D 567 -69.82 13.75 -14.19
N VAL D 568 -69.74 14.86 -13.48
CA VAL D 568 -70.78 15.22 -12.54
C VAL D 568 -70.56 16.65 -12.10
N ASP D 569 -71.65 17.29 -11.71
CA ASP D 569 -71.58 18.67 -11.32
C ASP D 569 -72.88 19.04 -10.64
N LEU D 570 -72.85 20.16 -9.96
CA LEU D 570 -73.94 20.65 -9.15
C LEU D 570 -74.38 21.99 -9.68
N SER D 571 -75.62 22.33 -9.35
CA SER D 571 -76.08 23.69 -9.49
C SER D 571 -77.23 23.91 -8.54
N PHE D 572 -77.64 25.17 -8.43
CA PHE D 572 -78.58 25.58 -7.40
C PHE D 572 -79.42 26.72 -7.93
N SER D 573 -80.62 26.84 -7.40
CA SER D 573 -81.42 28.00 -7.70
C SER D 573 -80.70 29.24 -7.20
N PRO D 574 -80.53 30.27 -8.02
CA PRO D 574 -79.39 31.18 -7.86
C PRO D 574 -79.34 32.01 -6.59
N SER D 575 -78.29 32.82 -6.49
CA SER D 575 -78.09 33.74 -5.38
C SER D 575 -79.31 34.59 -5.12
N GLN D 576 -79.37 35.12 -3.91
CA GLN D 576 -80.56 35.74 -3.34
C GLN D 576 -80.10 36.84 -2.40
N SER D 577 -81.01 37.30 -1.54
CA SER D 577 -80.68 38.30 -0.54
C SER D 577 -80.18 37.66 0.75
N LEU D 578 -79.81 38.51 1.69
CA LEU D 578 -79.25 38.17 2.98
C LEU D 578 -79.99 37.03 3.68
N PRO D 579 -81.29 37.16 4.09
CA PRO D 579 -81.98 36.01 4.70
C PRO D 579 -82.81 35.18 3.74
N ALA D 580 -82.63 35.35 2.43
CA ALA D 580 -83.68 34.98 1.49
C ALA D 580 -83.87 33.47 1.50
N SER D 581 -84.67 33.05 2.47
CA SER D 581 -84.75 31.70 2.97
C SER D 581 -84.81 30.62 1.90
N HIS D 582 -85.88 30.61 1.11
CA HIS D 582 -86.16 29.45 0.27
C HIS D 582 -85.08 29.32 -0.77
N ALA D 583 -84.56 28.11 -0.92
CA ALA D 583 -83.30 27.95 -1.60
C ALA D 583 -83.11 26.49 -1.99
N HIS D 584 -83.15 26.24 -3.29
CA HIS D 584 -83.11 24.90 -3.84
C HIS D 584 -81.67 24.52 -4.17
N LEU D 585 -81.49 23.25 -4.53
CA LEU D 585 -80.26 22.81 -5.14
C LEU D 585 -80.53 21.60 -6.00
N ARG D 586 -79.66 21.37 -6.99
CA ARG D 586 -79.82 20.32 -7.97
C ARG D 586 -78.46 19.77 -8.37
N VAL D 587 -78.44 18.50 -8.73
CA VAL D 587 -77.26 17.84 -9.25
C VAL D 587 -77.66 16.92 -10.39
N THR D 588 -76.81 16.87 -11.40
CA THR D 588 -76.88 15.87 -12.46
C THR D 588 -75.70 14.94 -12.28
N ALA D 589 -75.97 13.64 -12.21
CA ALA D 589 -74.91 12.66 -12.10
C ALA D 589 -75.43 11.33 -12.63
N ALA D 590 -74.71 10.25 -12.33
CA ALA D 590 -75.13 8.95 -12.76
C ALA D 590 -76.52 8.64 -12.22
N PRO D 591 -77.26 7.74 -12.88
CA PRO D 591 -78.71 7.70 -12.69
C PRO D 591 -79.15 6.91 -11.47
N GLN D 592 -78.38 5.93 -11.02
CA GLN D 592 -78.70 5.17 -9.81
C GLN D 592 -77.48 5.27 -8.91
N SER D 593 -77.44 6.33 -8.11
CA SER D 593 -76.19 6.80 -7.57
C SER D 593 -76.42 7.45 -6.21
N VAL D 594 -75.32 7.73 -5.53
CA VAL D 594 -75.31 8.17 -4.15
C VAL D 594 -74.42 9.38 -4.05
N CYS D 595 -74.78 10.31 -3.18
CA CYS D 595 -74.16 11.62 -3.22
C CYS D 595 -73.87 12.18 -1.83
N ALA D 596 -72.87 13.04 -1.79
CA ALA D 596 -72.26 13.51 -0.57
C ALA D 596 -72.07 15.02 -0.65
N LEU D 597 -72.66 15.72 0.30
CA LEU D 597 -73.08 17.09 0.11
C LEU D 597 -72.69 17.93 1.32
N ARG D 598 -71.66 18.74 1.16
CA ARG D 598 -71.11 19.52 2.24
C ARG D 598 -71.22 21.00 1.93
N ALA D 599 -72.16 21.67 2.60
CA ALA D 599 -72.20 23.12 2.58
C ALA D 599 -71.54 23.66 3.82
N VAL D 600 -71.06 24.89 3.73
CA VAL D 600 -70.48 25.57 4.87
C VAL D 600 -70.29 27.03 4.52
N ASP D 601 -70.18 27.85 5.55
CA ASP D 601 -69.66 29.20 5.41
C ASP D 601 -68.16 29.18 5.27
N GLN D 602 -67.65 30.02 4.38
CA GLN D 602 -66.23 30.05 4.06
C GLN D 602 -65.52 31.14 4.86
N SER D 603 -65.81 31.19 6.15
CA SER D 603 -65.12 32.12 7.04
C SER D 603 -63.97 31.41 7.74
N VAL D 604 -64.28 30.36 8.47
CA VAL D 604 -63.22 29.54 9.03
C VAL D 604 -62.44 28.91 7.90
N LEU D 605 -63.12 28.60 6.82
CA LEU D 605 -62.45 27.93 5.73
C LEU D 605 -61.61 28.90 4.95
N LEU D 606 -61.89 30.19 5.12
CA LEU D 606 -60.91 31.19 4.76
C LEU D 606 -59.84 31.28 5.83
N MET D 607 -60.24 31.12 7.09
CA MET D 607 -59.27 31.12 8.18
C MET D 607 -58.35 29.91 8.05
N LYS D 608 -58.84 28.85 7.41
CA LYS D 608 -57.97 27.74 7.15
C LYS D 608 -58.42 26.99 5.90
N PRO D 609 -57.50 26.49 5.10
CA PRO D 609 -57.89 25.64 3.98
C PRO D 609 -58.62 24.38 4.40
N ASP D 610 -59.09 23.68 3.38
CA ASP D 610 -59.65 22.36 3.49
C ASP D 610 -58.50 21.37 3.54
N ALA D 611 -58.80 20.09 3.40
CA ALA D 611 -57.79 19.05 3.25
C ALA D 611 -57.74 18.66 1.78
N GLU D 612 -56.94 19.41 1.03
CA GLU D 612 -56.35 18.99 -0.25
C GLU D 612 -57.26 18.21 -1.17
N LEU D 613 -58.51 18.58 -1.25
CA LEU D 613 -59.52 17.71 -1.83
C LEU D 613 -59.68 18.00 -3.31
N SER D 614 -59.54 16.96 -4.11
CA SER D 614 -59.70 17.02 -5.56
C SER D 614 -59.67 15.61 -6.08
N ALA D 615 -59.70 15.49 -7.41
CA ALA D 615 -59.55 14.19 -8.03
C ALA D 615 -58.12 13.71 -7.94
N SER D 616 -57.18 14.61 -8.18
CA SER D 616 -55.76 14.30 -8.11
C SER D 616 -55.40 13.66 -6.80
N SER D 617 -56.02 14.14 -5.73
CA SER D 617 -55.94 13.50 -4.43
C SER D 617 -56.14 12.01 -4.58
N VAL D 618 -57.19 11.65 -5.28
CA VAL D 618 -57.66 10.29 -5.28
C VAL D 618 -56.67 9.47 -6.04
N TYR D 619 -56.18 10.02 -7.13
CA TYR D 619 -55.12 9.41 -7.88
C TYR D 619 -53.92 9.18 -7.00
N ASN D 620 -53.42 10.22 -6.35
CA ASN D 620 -52.13 10.07 -5.70
C ASN D 620 -52.27 9.56 -4.28
N LEU D 621 -53.47 9.08 -3.93
CA LEU D 621 -53.66 8.34 -2.65
C LEU D 621 -53.29 6.87 -2.87
N LEU D 622 -52.80 6.52 -4.07
CA LEU D 622 -53.04 5.21 -4.54
C LEU D 622 -51.77 4.36 -4.49
N PRO D 623 -51.91 3.07 -4.41
CA PRO D 623 -50.74 2.22 -4.57
C PRO D 623 -50.25 2.15 -5.98
N GLU D 624 -49.05 2.66 -6.21
CA GLU D 624 -48.32 2.38 -7.44
C GLU D 624 -49.01 3.03 -8.64
N LYS D 625 -48.97 4.38 -8.59
CA LYS D 625 -49.31 5.26 -9.70
C LYS D 625 -48.92 4.64 -11.02
N ASP D 626 -47.64 4.36 -11.15
CA ASP D 626 -47.10 3.67 -12.28
C ASP D 626 -46.57 2.33 -11.83
N LEU D 627 -46.76 1.36 -12.67
CA LEU D 627 -46.01 0.13 -12.60
C LEU D 627 -44.91 0.32 -13.62
N THR D 628 -43.91 1.07 -13.18
CA THR D 628 -42.70 1.29 -13.94
C THR D 628 -41.58 0.63 -13.17
N GLY D 629 -40.84 -0.24 -13.85
CA GLY D 629 -39.90 -1.08 -13.17
C GLY D 629 -40.59 -2.22 -12.49
N PHE D 630 -39.98 -3.39 -12.57
CA PHE D 630 -40.39 -4.44 -11.70
C PHE D 630 -40.11 -4.03 -10.26
N PRO D 631 -40.66 -4.73 -9.32
CA PRO D 631 -40.17 -4.60 -7.94
C PRO D 631 -38.80 -5.19 -7.71
N GLY D 632 -38.42 -5.26 -6.45
CA GLY D 632 -37.11 -5.68 -6.07
C GLY D 632 -36.92 -7.18 -5.89
N PRO D 633 -37.75 -7.80 -5.03
CA PRO D 633 -37.51 -9.20 -4.64
C PRO D 633 -37.34 -10.15 -5.80
N LEU D 634 -38.08 -9.88 -6.86
CA LEU D 634 -37.83 -10.48 -8.15
C LEU D 634 -36.67 -9.78 -8.81
N ASN D 635 -35.72 -10.56 -9.32
CA ASN D 635 -34.54 -9.98 -9.93
C ASN D 635 -34.71 -9.87 -11.43
N ASP D 636 -34.92 -11.00 -12.09
CA ASP D 636 -34.81 -11.10 -13.53
C ASP D 636 -35.16 -12.51 -13.96
N GLN D 637 -35.05 -12.76 -15.25
CA GLN D 637 -34.98 -14.10 -15.79
C GLN D 637 -33.75 -14.17 -16.69
N ASP D 638 -32.78 -14.98 -16.29
CA ASP D 638 -31.59 -15.19 -17.08
C ASP D 638 -31.90 -16.14 -18.24
N ASN D 639 -31.04 -16.10 -19.25
CA ASN D 639 -31.08 -17.06 -20.34
C ASN D 639 -29.69 -17.67 -20.53
N GLU D 640 -29.62 -18.64 -21.44
CA GLU D 640 -28.48 -19.55 -21.53
C GLU D 640 -27.57 -19.29 -22.72
N ASP D 641 -28.10 -18.78 -23.82
CA ASP D 641 -27.37 -18.73 -25.08
C ASP D 641 -26.14 -17.85 -24.95
N CYS D 642 -24.97 -18.48 -24.85
CA CYS D 642 -23.69 -17.78 -24.78
C CYS D 642 -22.98 -17.96 -26.11
N ILE D 643 -22.62 -16.83 -26.71
CA ILE D 643 -22.03 -16.81 -28.04
C ILE D 643 -20.57 -16.46 -27.88
N ASN D 644 -20.02 -16.72 -26.69
CA ASN D 644 -18.63 -16.40 -26.43
C ASN D 644 -17.72 -17.26 -27.29
N ARG D 645 -17.07 -16.63 -28.27
CA ARG D 645 -16.03 -17.31 -29.00
C ARG D 645 -14.76 -17.34 -28.15
N HIS D 646 -13.96 -18.39 -28.37
CA HIS D 646 -12.68 -18.51 -27.68
C HIS D 646 -11.80 -17.31 -27.96
N ASN D 647 -11.69 -16.96 -29.23
CA ASN D 647 -11.22 -15.65 -29.67
C ASN D 647 -12.25 -15.10 -30.64
N VAL D 648 -12.25 -13.78 -30.80
CA VAL D 648 -13.47 -13.10 -31.24
C VAL D 648 -13.77 -13.32 -32.73
N TYR D 649 -12.85 -13.91 -33.47
CA TYR D 649 -13.12 -14.27 -34.88
C TYR D 649 -13.41 -13.02 -35.71
N ILE D 650 -12.74 -11.92 -35.43
CA ILE D 650 -13.11 -10.64 -36.02
C ILE D 650 -12.53 -10.67 -37.43
N ASN D 651 -13.28 -11.31 -38.33
CA ASN D 651 -12.83 -11.47 -39.70
C ASN D 651 -12.67 -10.10 -40.34
N GLY D 652 -11.79 -10.06 -41.33
CA GLY D 652 -11.28 -8.83 -41.86
C GLY D 652 -9.81 -8.69 -41.55
N ILE D 653 -9.42 -7.48 -41.19
CA ILE D 653 -8.00 -7.15 -41.15
C ILE D 653 -7.33 -7.77 -39.94
N THR D 654 -7.96 -7.70 -38.77
CA THR D 654 -7.31 -8.12 -37.55
C THR D 654 -8.37 -8.58 -36.56
N TYR D 655 -7.88 -9.07 -35.42
CA TYR D 655 -8.73 -9.55 -34.34
C TYR D 655 -8.59 -8.65 -33.12
N THR D 656 -9.74 -8.43 -32.48
CA THR D 656 -9.91 -7.42 -31.44
C THR D 656 -11.04 -7.88 -30.52
N PRO D 657 -10.94 -7.64 -29.19
CA PRO D 657 -11.68 -8.47 -28.23
C PRO D 657 -13.15 -8.08 -28.15
N VAL D 658 -13.87 -8.65 -27.19
CA VAL D 658 -15.30 -8.40 -27.03
C VAL D 658 -15.59 -7.66 -25.74
N SER D 659 -16.80 -7.12 -25.65
CA SER D 659 -17.34 -6.50 -24.45
C SER D 659 -18.86 -6.40 -24.64
N SER D 660 -19.53 -5.91 -23.60
CA SER D 660 -20.97 -5.74 -23.65
C SER D 660 -21.37 -4.54 -24.49
N THR D 661 -22.68 -4.40 -24.71
CA THR D 661 -23.24 -3.20 -25.27
C THR D 661 -23.84 -2.34 -24.17
N ASN D 662 -24.50 -1.29 -24.59
CA ASN D 662 -25.49 -0.62 -23.77
C ASN D 662 -26.52 -0.05 -24.74
N GLU D 663 -27.55 -0.84 -25.00
CA GLU D 663 -28.63 -0.41 -25.87
C GLU D 663 -29.95 -0.92 -25.31
N LYS D 664 -31.02 -0.45 -25.93
CA LYS D 664 -32.35 -0.71 -25.44
C LYS D 664 -32.91 -1.97 -26.08
N ASP D 665 -34.00 -2.48 -25.53
CA ASP D 665 -34.60 -3.74 -25.93
C ASP D 665 -36.11 -3.70 -25.72
N MET D 666 -36.80 -4.44 -26.58
CA MET D 666 -38.19 -4.79 -26.36
C MET D 666 -38.40 -5.28 -24.93
N TYR D 667 -37.62 -6.31 -24.58
CA TYR D 667 -37.47 -6.74 -23.19
C TYR D 667 -37.46 -5.56 -22.24
N SER D 668 -36.67 -4.57 -22.56
CA SER D 668 -36.55 -3.40 -21.71
C SER D 668 -37.70 -2.45 -21.93
N PHE D 669 -38.24 -2.41 -23.14
CA PHE D 669 -39.42 -1.59 -23.36
C PHE D 669 -40.56 -2.11 -22.52
N LEU D 670 -40.67 -3.41 -22.44
CA LEU D 670 -41.77 -4.04 -21.73
C LEU D 670 -41.51 -4.09 -20.24
N GLU D 671 -40.24 -3.98 -19.84
CA GLU D 671 -39.94 -3.95 -18.42
C GLU D 671 -40.19 -2.57 -17.87
N ASP D 672 -39.72 -1.54 -18.58
CA ASP D 672 -40.06 -0.18 -18.22
C ASP D 672 -41.56 0.00 -18.28
N MET D 673 -42.18 -0.61 -19.28
CA MET D 673 -43.62 -0.59 -19.40
C MET D 673 -44.26 -1.01 -18.11
N GLY D 674 -43.83 -2.14 -17.57
CA GLY D 674 -44.27 -2.61 -16.27
C GLY D 674 -44.38 -4.11 -16.16
N LEU D 675 -44.35 -4.82 -17.27
CA LEU D 675 -44.85 -6.17 -17.26
C LEU D 675 -43.83 -7.19 -17.71
N LYS D 676 -44.32 -8.42 -17.81
CA LYS D 676 -43.56 -9.56 -18.27
C LYS D 676 -44.40 -10.36 -19.23
N ALA D 677 -43.72 -11.18 -20.03
CA ALA D 677 -44.37 -11.97 -21.05
C ALA D 677 -43.63 -13.27 -21.23
N PHE D 678 -44.30 -14.23 -21.86
CA PHE D 678 -43.70 -15.49 -22.27
C PHE D 678 -43.79 -15.60 -23.78
N THR D 679 -42.67 -16.00 -24.37
CA THR D 679 -42.50 -16.03 -25.81
C THR D 679 -41.13 -16.62 -26.09
N ASN D 680 -41.04 -17.41 -27.16
CA ASN D 680 -39.79 -18.06 -27.53
C ASN D 680 -38.89 -17.20 -28.40
N SER D 681 -39.42 -16.12 -28.94
CA SER D 681 -38.75 -15.41 -30.01
C SER D 681 -37.47 -14.76 -29.50
N LYS D 682 -36.80 -14.08 -30.43
CA LYS D 682 -35.60 -13.33 -30.12
C LYS D 682 -36.05 -11.95 -29.69
N ILE D 683 -36.06 -11.74 -28.39
CA ILE D 683 -36.31 -10.44 -27.80
C ILE D 683 -35.08 -9.93 -27.10
N ARG D 684 -34.43 -10.80 -26.37
CA ARG D 684 -33.26 -10.39 -25.62
C ARG D 684 -32.08 -10.21 -26.54
N LYS D 685 -31.34 -9.18 -26.28
CA LYS D 685 -30.05 -9.13 -26.93
C LYS D 685 -29.22 -10.31 -26.47
N PRO D 686 -28.59 -11.03 -27.38
CA PRO D 686 -27.99 -12.31 -26.97
C PRO D 686 -26.77 -12.10 -26.11
N LYS D 687 -27.03 -11.62 -24.91
CA LYS D 687 -25.97 -11.26 -24.01
C LYS D 687 -25.25 -12.52 -23.57
N MET D 688 -24.14 -12.78 -24.24
CA MET D 688 -23.29 -13.92 -23.97
C MET D 688 -22.93 -14.03 -22.50
N CYS D 689 -22.55 -15.24 -22.13
CA CYS D 689 -22.13 -15.56 -20.78
C CYS D 689 -20.88 -14.79 -20.43
N PRO D 690 -20.67 -14.48 -19.16
CA PRO D 690 -19.56 -13.62 -18.79
C PRO D 690 -18.24 -14.33 -19.02
N GLN D 691 -17.17 -13.64 -18.63
CA GLN D 691 -15.84 -14.19 -18.83
C GLN D 691 -15.53 -15.14 -17.68
N LEU D 692 -15.49 -16.44 -17.98
CA LEU D 692 -15.30 -17.48 -16.99
C LEU D 692 -13.90 -17.53 -16.41
N GLN D 693 -12.97 -16.73 -16.94
CA GLN D 693 -11.62 -16.71 -16.42
C GLN D 693 -11.60 -15.97 -15.09
N GLN D 694 -11.08 -16.63 -14.05
CA GLN D 694 -11.00 -16.06 -12.72
C GLN D 694 -9.81 -16.68 -12.00
N TYR D 695 -9.38 -16.06 -10.91
CA TYR D 695 -8.26 -16.55 -10.12
C TYR D 695 -8.75 -17.38 -8.94
N THR D 730 -86.93 40.54 11.59
CA THR D 730 -87.23 39.76 10.39
C THR D 730 -86.32 38.55 10.22
N VAL D 731 -85.27 38.45 11.04
CA VAL D 731 -84.35 37.34 10.97
C VAL D 731 -84.04 36.86 12.38
N ARG D 732 -83.48 35.65 12.46
CA ARG D 732 -83.30 34.94 13.72
C ARG D 732 -82.05 34.08 13.58
N LYS D 733 -80.94 34.59 14.09
CA LYS D 733 -79.60 33.94 13.91
C LYS D 733 -79.64 32.43 14.14
N TYR D 734 -79.41 31.70 13.06
CA TYR D 734 -79.32 30.22 13.01
C TYR D 734 -77.85 29.84 12.79
N PHE D 735 -77.35 28.78 13.44
CA PHE D 735 -75.92 28.37 13.37
C PHE D 735 -75.22 28.74 12.05
N PRO D 736 -73.97 29.33 12.14
CA PRO D 736 -72.91 29.31 11.16
C PRO D 736 -72.01 28.12 11.37
N GLU D 737 -70.91 28.08 10.63
CA GLU D 737 -69.89 27.04 10.71
C GLU D 737 -70.39 25.71 10.20
N THR D 738 -71.58 25.67 9.65
CA THR D 738 -72.06 24.54 8.86
C THR D 738 -73.37 25.03 8.30
N TRP D 739 -73.70 24.56 7.08
CA TRP D 739 -75.02 24.84 6.52
C TRP D 739 -75.74 23.55 6.21
N ILE D 740 -75.07 22.62 5.53
CA ILE D 740 -75.73 21.46 4.98
C ILE D 740 -74.83 20.25 5.12
N TRP D 741 -75.46 19.14 5.43
CA TRP D 741 -74.78 17.85 5.46
C TRP D 741 -75.91 16.84 5.33
N ASP D 742 -75.71 15.88 4.46
CA ASP D 742 -76.71 14.87 4.20
C ASP D 742 -76.20 13.96 3.10
N LEU D 743 -76.87 12.82 2.96
CA LEU D 743 -76.85 12.02 1.76
C LEU D 743 -78.04 12.43 0.92
N VAL D 744 -77.93 12.24 -0.39
CA VAL D 744 -79.10 12.25 -1.26
C VAL D 744 -78.81 11.25 -2.37
N VAL D 745 -79.87 10.77 -2.99
CA VAL D 745 -79.77 9.82 -4.08
C VAL D 745 -80.31 10.48 -5.34
N VAL D 746 -79.64 10.22 -6.46
CA VAL D 746 -79.99 10.81 -7.73
C VAL D 746 -80.86 9.81 -8.48
N ASN D 747 -81.98 10.31 -8.96
CA ASN D 747 -82.88 9.53 -9.78
C ASN D 747 -82.22 9.28 -11.12
N SER D 748 -82.93 8.63 -12.03
CA SER D 748 -82.41 8.48 -13.37
C SER D 748 -82.64 9.71 -14.24
N ALA D 749 -82.93 10.88 -13.63
CA ALA D 749 -83.14 12.10 -14.39
C ALA D 749 -82.60 13.34 -13.67
N GLY D 750 -81.78 13.18 -12.65
CA GLY D 750 -81.22 14.32 -11.95
C GLY D 750 -82.00 14.70 -10.71
N VAL D 751 -81.29 15.16 -9.70
CA VAL D 751 -81.79 15.26 -8.34
C VAL D 751 -82.10 16.71 -7.99
N ALA D 752 -82.71 16.93 -6.82
CA ALA D 752 -82.86 18.27 -6.28
C ALA D 752 -82.93 18.20 -4.76
N GLU D 753 -82.57 19.31 -4.11
CA GLU D 753 -82.83 19.46 -2.69
C GLU D 753 -82.79 20.93 -2.30
N VAL D 754 -83.38 21.24 -1.14
CA VAL D 754 -83.62 22.60 -0.71
C VAL D 754 -83.05 22.79 0.70
N GLY D 755 -81.92 23.48 0.79
CA GLY D 755 -81.51 24.11 2.05
C GLY D 755 -82.16 25.47 2.18
N VAL D 756 -81.68 26.26 3.14
CA VAL D 756 -82.34 27.52 3.49
C VAL D 756 -81.30 28.58 3.85
N THR D 757 -81.64 29.83 3.51
CA THR D 757 -80.77 30.97 3.76
C THR D 757 -80.74 31.28 5.25
N VAL D 758 -79.72 30.75 5.91
CA VAL D 758 -79.31 31.14 7.26
C VAL D 758 -78.99 32.62 7.35
N PRO D 759 -79.24 33.31 8.51
CA PRO D 759 -79.14 34.76 8.53
C PRO D 759 -77.77 35.35 8.79
N ASP D 760 -77.53 36.52 8.21
CA ASP D 760 -76.45 37.42 8.59
C ASP D 760 -75.12 36.70 8.54
N THR D 761 -74.92 35.98 7.45
CA THR D 761 -73.64 35.28 7.22
C THR D 761 -73.30 35.42 5.73
N ILE D 762 -72.56 36.48 5.39
CA ILE D 762 -72.26 36.75 3.95
C ILE D 762 -70.80 36.43 3.68
N THR D 763 -70.57 35.46 2.77
CA THR D 763 -69.26 35.19 2.19
C THR D 763 -69.41 34.31 0.98
N GLU D 764 -68.29 33.74 0.55
CA GLU D 764 -68.27 32.48 -0.14
C GLU D 764 -68.89 31.41 0.75
N TRP D 765 -69.68 30.53 0.15
CA TRP D 765 -70.28 29.40 0.86
C TRP D 765 -70.09 28.18 -0.01
N LYS D 766 -68.93 27.58 0.10
CA LYS D 766 -68.57 26.51 -0.80
C LYS D 766 -69.48 25.33 -0.54
N ALA D 767 -69.37 24.34 -1.39
CA ALA D 767 -70.33 23.29 -1.48
C ALA D 767 -69.59 22.05 -1.91
N GLY D 768 -69.57 21.08 -1.03
CA GLY D 768 -68.76 19.92 -1.23
C GLY D 768 -69.64 18.81 -1.71
N ALA D 769 -69.65 18.66 -3.00
CA ALA D 769 -70.38 17.60 -3.66
C ALA D 769 -69.42 16.45 -3.83
N PHE D 770 -69.94 15.24 -3.66
CA PHE D 770 -69.17 14.04 -3.94
C PHE D 770 -70.19 12.93 -4.03
N CYS D 771 -69.94 11.96 -4.90
CA CYS D 771 -70.96 10.98 -5.19
C CYS D 771 -70.38 9.65 -5.61
N LEU D 772 -71.26 8.65 -5.69
CA LEU D 772 -70.85 7.31 -6.03
C LEU D 772 -71.95 6.49 -6.67
N SER D 773 -71.54 5.33 -7.18
CA SER D 773 -72.40 4.26 -7.65
C SER D 773 -71.50 3.10 -8.02
N GLU D 774 -72.09 1.90 -8.08
CA GLU D 774 -71.30 0.72 -8.37
C GLU D 774 -70.68 0.76 -9.75
N ASP D 775 -71.30 1.48 -10.68
CA ASP D 775 -70.98 1.36 -12.10
C ASP D 775 -70.12 2.51 -12.62
N ALA D 776 -70.24 3.68 -12.01
CA ALA D 776 -69.67 4.90 -12.58
C ALA D 776 -68.39 5.34 -11.90
N GLY D 777 -67.94 4.65 -10.87
CA GLY D 777 -66.86 5.15 -10.04
C GLY D 777 -67.29 6.40 -9.30
N LEU D 778 -66.42 6.92 -8.45
CA LEU D 778 -66.74 8.09 -7.65
C LEU D 778 -66.91 9.32 -8.52
N GLY D 779 -67.14 10.45 -7.86
CA GLY D 779 -67.36 11.68 -8.57
C GLY D 779 -67.20 12.95 -7.76
N ILE D 780 -66.86 14.03 -8.45
CA ILE D 780 -66.35 15.23 -7.82
C ILE D 780 -67.00 16.41 -8.51
N SER D 781 -67.24 17.45 -7.75
CA SER D 781 -67.78 18.67 -8.28
C SER D 781 -67.40 19.82 -7.37
N SER D 782 -67.40 21.01 -7.95
CA SER D 782 -66.72 22.16 -7.39
C SER D 782 -67.63 23.09 -6.59
N THR D 783 -67.15 24.29 -6.36
CA THR D 783 -67.65 25.23 -5.39
C THR D 783 -68.90 25.94 -5.82
N ALA D 784 -70.06 25.33 -5.68
CA ALA D 784 -71.26 26.13 -5.75
C ALA D 784 -71.27 27.11 -4.60
N SER D 785 -71.04 28.38 -4.90
CA SER D 785 -71.23 29.45 -3.92
C SER D 785 -72.64 29.97 -4.01
N LEU D 786 -73.21 30.31 -2.86
CA LEU D 786 -74.62 30.64 -2.76
C LEU D 786 -74.73 31.86 -1.88
N ARG D 787 -73.89 32.83 -2.22
CA ARG D 787 -73.72 34.08 -1.50
C ARG D 787 -75.05 34.77 -1.27
N ALA D 788 -75.18 35.37 -0.10
CA ALA D 788 -76.26 36.29 0.20
C ALA D 788 -75.73 37.69 0.40
N PHE D 789 -76.64 38.63 0.65
CA PHE D 789 -76.27 40.02 0.78
C PHE D 789 -77.49 40.83 1.14
N GLN D 790 -77.24 41.99 1.72
CA GLN D 790 -78.23 42.99 2.01
C GLN D 790 -77.45 44.26 1.72
N PRO D 791 -78.02 45.25 1.05
CA PRO D 791 -77.25 46.49 0.84
C PRO D 791 -77.03 47.24 2.13
N PHE D 792 -77.95 47.13 3.06
CA PHE D 792 -77.90 47.94 4.28
C PHE D 792 -78.28 47.02 5.42
N PHE D 793 -77.42 47.01 6.43
CA PHE D 793 -77.36 45.94 7.38
C PHE D 793 -76.24 46.27 8.33
N VAL D 794 -76.09 45.44 9.36
CA VAL D 794 -75.12 45.67 10.40
C VAL D 794 -74.48 44.34 10.77
N GLU D 795 -73.34 44.41 11.42
CA GLU D 795 -72.61 43.24 11.89
C GLU D 795 -71.47 43.72 12.77
N LEU D 796 -70.97 42.82 13.59
CA LEU D 796 -70.00 43.14 14.64
C LEU D 796 -68.60 42.69 14.24
N THR D 797 -67.66 43.09 15.09
CA THR D 797 -66.35 42.45 15.20
C THR D 797 -66.04 42.43 16.69
N MET D 798 -65.80 41.24 17.24
CA MET D 798 -65.58 41.13 18.67
C MET D 798 -64.82 39.84 18.93
N PRO D 799 -64.11 39.75 20.05
CA PRO D 799 -63.37 38.52 20.33
C PRO D 799 -64.31 37.37 20.65
N TYR D 800 -63.75 36.17 20.71
CA TYR D 800 -64.53 35.01 21.12
C TYR D 800 -65.11 35.21 22.51
N SER D 801 -64.28 35.62 23.46
CA SER D 801 -64.66 35.61 24.86
C SER D 801 -64.21 36.88 25.55
N VAL D 802 -64.64 36.97 26.80
CA VAL D 802 -64.41 38.11 27.66
C VAL D 802 -64.29 37.57 29.08
N ILE D 803 -64.09 38.46 30.05
CA ILE D 803 -64.12 38.10 31.46
C ILE D 803 -65.13 38.97 32.17
N ARG D 804 -65.70 38.41 33.24
CA ARG D 804 -66.75 39.06 34.02
C ARG D 804 -66.19 40.13 34.95
N GLY D 805 -64.88 40.17 35.15
CA GLY D 805 -64.27 41.15 36.02
C GLY D 805 -64.02 42.48 35.34
N GLU D 806 -63.17 42.47 34.32
CA GLU D 806 -62.84 43.70 33.61
C GLU D 806 -63.82 43.90 32.46
N ALA D 807 -63.73 45.06 31.83
CA ALA D 807 -64.65 45.47 30.78
C ALA D 807 -63.92 45.49 29.44
N PHE D 808 -64.66 45.88 28.40
CA PHE D 808 -64.14 45.85 27.06
C PHE D 808 -64.95 46.79 26.20
N THR D 809 -64.46 46.99 24.97
CA THR D 809 -65.17 47.78 23.97
C THR D 809 -65.93 46.85 23.05
N LEU D 810 -67.05 47.35 22.54
CA LEU D 810 -67.89 46.59 21.65
C LEU D 810 -68.25 47.46 20.45
N LYS D 811 -67.57 47.22 19.34
CA LYS D 811 -67.89 47.87 18.08
C LYS D 811 -68.91 47.04 17.34
N ALA D 812 -69.67 47.69 16.47
CA ALA D 812 -70.54 47.01 15.53
C ALA D 812 -70.85 47.98 14.40
N THR D 813 -70.26 47.72 13.24
CA THR D 813 -70.35 48.65 12.13
C THR D 813 -71.55 48.32 11.26
N VAL D 814 -72.23 49.37 10.81
CA VAL D 814 -73.39 49.27 9.95
C VAL D 814 -72.95 49.69 8.56
N LEU D 815 -73.23 48.84 7.58
CA LEU D 815 -72.63 48.94 6.27
C LEU D 815 -73.72 49.14 5.22
N ASN D 816 -73.64 50.25 4.49
CA ASN D 816 -74.60 50.58 3.45
C ASN D 816 -73.99 50.21 2.11
N TYR D 817 -74.76 49.50 1.29
CA TYR D 817 -74.31 49.04 -0.01
C TYR D 817 -75.32 49.28 -1.13
N LEU D 818 -76.40 50.00 -0.85
CA LEU D 818 -77.23 50.58 -1.90
C LEU D 818 -76.83 52.05 -2.12
N PRO D 819 -77.09 52.61 -3.31
CA PRO D 819 -76.71 54.02 -3.53
C PRO D 819 -77.40 55.02 -2.62
N LYS D 820 -78.49 54.64 -1.96
CA LYS D 820 -79.32 55.61 -1.26
C LYS D 820 -78.65 56.00 0.04
N CYS D 821 -77.95 57.12 0.03
CA CYS D 821 -77.28 57.60 1.23
C CYS D 821 -78.32 58.01 2.25
N ILE D 822 -78.43 57.23 3.32
CA ILE D 822 -79.56 57.29 4.23
C ILE D 822 -79.08 57.32 5.67
N ARG D 823 -79.79 58.08 6.49
CA ARG D 823 -79.59 58.07 7.92
C ARG D 823 -80.35 56.90 8.55
N VAL D 824 -79.80 56.36 9.62
CA VAL D 824 -80.33 55.18 10.27
C VAL D 824 -80.21 55.37 11.78
N SER D 825 -81.16 54.83 12.52
CA SER D 825 -81.19 54.92 13.97
C SER D 825 -80.83 53.58 14.57
N VAL D 826 -79.57 53.42 14.95
CA VAL D 826 -79.08 52.16 15.49
C VAL D 826 -79.28 52.14 17.00
N GLN D 827 -79.68 50.98 17.48
CA GLN D 827 -79.89 50.72 18.89
C GLN D 827 -79.23 49.39 19.21
N LEU D 828 -79.23 49.06 20.50
CA LEU D 828 -78.81 47.75 20.96
C LEU D 828 -79.66 47.36 22.15
N GLU D 829 -80.24 46.17 22.09
CA GLU D 829 -81.21 45.73 23.07
C GLU D 829 -80.47 45.25 24.32
N ALA D 830 -80.95 45.68 25.49
CA ALA D 830 -80.28 45.42 26.76
C ALA D 830 -80.89 44.23 27.47
N SER D 831 -80.07 43.56 28.28
CA SER D 831 -80.42 42.33 28.98
C SER D 831 -79.96 42.45 30.42
N PRO D 832 -80.19 41.42 31.25
CA PRO D 832 -79.65 41.46 32.61
C PRO D 832 -78.20 41.05 32.73
N ALA D 833 -77.67 40.27 31.79
CA ALA D 833 -76.49 39.46 32.09
C ALA D 833 -75.18 40.21 31.94
N PHE D 834 -75.19 41.51 31.73
CA PHE D 834 -73.99 42.27 31.48
C PHE D 834 -74.20 43.66 32.03
N LEU D 835 -73.35 44.59 31.64
CA LEU D 835 -73.58 46.02 31.85
C LEU D 835 -72.93 46.76 30.69
N ALA D 836 -73.73 47.30 29.78
CA ALA D 836 -73.23 48.08 28.66
C ALA D 836 -73.39 49.57 28.88
N VAL D 837 -72.53 50.33 28.20
CA VAL D 837 -72.60 51.78 28.16
C VAL D 837 -72.20 52.20 26.75
N PRO D 838 -72.83 53.20 26.17
CA PRO D 838 -72.38 53.72 24.87
C PRO D 838 -71.13 54.57 24.99
N VAL D 839 -70.73 55.12 23.85
CA VAL D 839 -69.62 56.06 23.76
C VAL D 839 -70.02 57.33 23.03
N GLU D 840 -70.79 57.21 21.95
CA GLU D 840 -71.18 58.35 21.12
C GLU D 840 -72.63 58.20 20.67
N LYS D 841 -73.53 57.78 21.58
CA LYS D 841 -74.94 57.66 21.24
C LYS D 841 -75.60 59.01 21.01
N GLU D 842 -75.13 60.05 21.70
CA GLU D 842 -75.83 61.34 21.66
C GLU D 842 -75.84 61.93 20.25
N GLN D 843 -74.77 61.73 19.49
CA GLN D 843 -74.67 62.34 18.18
C GLN D 843 -75.45 61.52 17.17
N ALA D 844 -76.14 62.22 16.27
CA ALA D 844 -76.93 61.57 15.23
C ALA D 844 -76.04 61.32 14.03
N PRO D 845 -75.85 60.07 13.58
CA PRO D 845 -75.21 59.87 12.28
C PRO D 845 -75.91 60.65 11.18
N HIS D 846 -75.12 61.35 10.37
CA HIS D 846 -75.71 62.07 9.25
C HIS D 846 -76.35 61.10 8.26
N CYS D 847 -75.55 60.21 7.68
CA CYS D 847 -76.01 59.19 6.74
C CYS D 847 -74.79 58.40 6.28
N ILE D 848 -75.00 57.34 5.51
CA ILE D 848 -73.89 56.62 4.88
C ILE D 848 -74.33 56.19 3.49
N CYS D 849 -73.46 56.39 2.52
CA CYS D 849 -73.80 56.17 1.12
C CYS D 849 -73.45 54.73 0.73
N ALA D 850 -73.56 54.42 -0.56
CA ALA D 850 -73.20 53.09 -1.04
C ALA D 850 -71.76 52.78 -0.67
N ASN D 851 -71.57 51.65 0.00
CA ASN D 851 -70.29 51.31 0.61
C ASN D 851 -69.94 52.29 1.72
N GLY D 852 -70.96 52.95 2.27
CA GLY D 852 -70.79 53.82 3.40
C GLY D 852 -70.90 52.98 4.65
N ARG D 853 -69.94 53.16 5.56
CA ARG D 853 -69.88 52.39 6.79
C ARG D 853 -69.38 53.25 7.93
N GLN D 854 -70.23 53.40 8.94
CA GLN D 854 -69.87 53.96 10.22
C GLN D 854 -69.81 52.82 11.22
N THR D 855 -69.40 53.14 12.44
CA THR D 855 -69.22 52.11 13.45
C THR D 855 -69.52 52.67 14.82
N VAL D 856 -70.04 51.81 15.67
CA VAL D 856 -70.68 52.19 16.92
C VAL D 856 -70.06 51.40 18.06
N SER D 857 -69.23 52.06 18.86
CA SER D 857 -68.56 51.45 19.99
C SER D 857 -69.45 51.50 21.24
N TRP D 858 -69.40 50.41 22.01
CA TRP D 858 -70.10 50.34 23.27
C TRP D 858 -69.16 49.81 24.33
N ALA D 859 -69.20 50.45 25.48
CA ALA D 859 -68.44 50.04 26.65
C ALA D 859 -69.32 49.08 27.46
N VAL D 860 -69.00 47.79 27.38
CA VAL D 860 -69.76 46.76 28.08
C VAL D 860 -68.81 45.80 28.76
N THR D 861 -69.29 45.21 29.86
CA THR D 861 -68.67 44.10 30.52
C THR D 861 -69.78 43.12 30.83
N PRO D 862 -69.51 41.83 30.93
CA PRO D 862 -70.56 40.87 31.24
C PRO D 862 -70.71 40.71 32.75
N LYS D 863 -71.82 40.12 33.13
CA LYS D 863 -72.10 39.85 34.52
C LYS D 863 -72.20 38.38 34.85
N SER D 864 -73.09 37.64 34.20
CA SER D 864 -73.20 36.22 34.44
C SER D 864 -72.08 35.51 33.69
N LEU D 865 -72.16 34.18 33.60
CA LEU D 865 -71.11 33.37 33.02
C LEU D 865 -71.70 32.35 32.06
N GLY D 866 -70.90 31.94 31.09
CA GLY D 866 -71.29 30.97 30.09
C GLY D 866 -71.36 31.53 28.69
N ASN D 867 -72.35 31.01 27.92
CA ASN D 867 -72.73 31.43 26.53
C ASN D 867 -73.62 32.67 26.69
N VAL D 868 -73.26 33.79 26.03
CA VAL D 868 -73.86 35.08 26.34
C VAL D 868 -74.36 35.74 25.07
N ASN D 869 -75.67 35.98 25.06
CA ASN D 869 -76.41 36.60 23.92
C ASN D 869 -76.15 38.10 23.86
N PHE D 870 -76.51 38.69 22.72
CA PHE D 870 -76.32 40.10 22.42
C PHE D 870 -77.18 40.38 21.20
N THR D 871 -77.89 41.52 21.24
CA THR D 871 -78.82 41.84 20.18
C THR D 871 -78.74 43.32 19.85
N VAL D 872 -78.79 43.60 18.55
CA VAL D 872 -78.62 44.94 18.00
C VAL D 872 -79.66 45.15 16.92
N SER D 873 -80.12 46.39 16.79
CA SER D 873 -81.11 46.73 15.77
C SER D 873 -80.87 48.14 15.27
N ALA D 874 -81.20 48.38 14.01
CA ALA D 874 -81.10 49.69 13.39
C ALA D 874 -82.07 49.77 12.23
N GLU D 875 -82.78 50.89 12.13
CA GLU D 875 -83.82 51.06 11.14
C GLU D 875 -83.59 52.38 10.42
N ALA D 876 -83.82 52.37 9.12
CA ALA D 876 -83.52 53.53 8.31
C ALA D 876 -84.42 54.69 8.70
N LEU D 877 -83.79 55.84 8.93
CA LEU D 877 -84.51 57.07 9.27
C LEU D 877 -84.76 57.86 8.01
N GLU D 878 -85.82 58.66 8.03
CA GLU D 878 -86.34 59.34 6.85
C GLU D 878 -86.69 60.78 7.19
N SER D 879 -87.00 61.55 6.13
CA SER D 879 -87.50 62.92 6.24
C SER D 879 -86.52 63.81 7.01
N GLN D 880 -85.23 63.52 6.83
CA GLN D 880 -84.15 64.28 7.43
C GLN D 880 -83.10 64.54 6.35
N GLU D 881 -83.58 65.08 5.23
CA GLU D 881 -82.75 65.31 4.06
C GLU D 881 -81.84 66.50 4.30
N LEU D 882 -80.93 66.37 5.26
CA LEU D 882 -80.01 67.42 5.66
C LEU D 882 -78.57 67.13 5.24
N CYS D 883 -78.18 65.85 5.23
CA CYS D 883 -76.83 65.49 4.82
C CYS D 883 -76.72 65.47 3.30
N GLY D 884 -77.60 64.71 2.65
CA GLY D 884 -77.63 64.58 1.21
C GLY D 884 -78.85 65.23 0.59
N THR D 885 -79.00 65.04 -0.72
CA THR D 885 -80.15 65.59 -1.43
C THR D 885 -81.45 64.90 -1.03
N GLU D 886 -81.37 63.67 -0.50
CA GLU D 886 -82.56 62.93 -0.11
C GLU D 886 -82.17 61.78 0.81
N VAL D 887 -83.13 61.32 1.61
CA VAL D 887 -82.96 60.17 2.49
C VAL D 887 -84.20 59.27 2.36
N PRO D 888 -84.27 58.35 1.37
CA PRO D 888 -85.51 57.58 1.16
C PRO D 888 -85.93 56.73 2.34
N SER D 889 -85.08 55.79 2.76
CA SER D 889 -85.32 54.93 3.92
C SER D 889 -86.66 54.20 3.81
N VAL D 890 -86.79 53.39 2.77
CA VAL D 890 -87.95 52.51 2.61
C VAL D 890 -87.51 51.10 2.22
N PRO D 891 -86.94 50.31 3.13
CA PRO D 891 -86.75 48.89 2.84
C PRO D 891 -88.04 48.10 2.96
N GLU D 892 -87.92 46.78 2.93
CA GLU D 892 -89.05 45.88 3.07
C GLU D 892 -89.62 45.92 4.48
N HIS D 893 -90.62 45.06 4.73
CA HIS D 893 -91.10 44.87 6.09
C HIS D 893 -89.98 44.43 7.03
N GLY D 894 -88.96 43.77 6.50
CA GLY D 894 -87.72 43.60 7.22
C GLY D 894 -86.92 44.88 7.12
N ARG D 895 -87.46 45.95 7.72
CA ARG D 895 -86.88 47.28 7.55
C ARG D 895 -85.55 47.44 8.27
N LYS D 896 -85.29 46.60 9.28
CA LYS D 896 -84.12 46.73 10.14
C LYS D 896 -83.39 45.39 10.18
N ASP D 897 -82.07 45.44 10.02
CA ASP D 897 -81.23 44.25 10.08
C ASP D 897 -80.94 43.94 11.54
N THR D 898 -81.79 43.12 12.16
CA THR D 898 -81.53 42.59 13.48
C THR D 898 -80.51 41.48 13.35
N VAL D 899 -79.48 41.51 14.19
CA VAL D 899 -78.30 40.65 14.07
C VAL D 899 -77.92 40.20 15.48
N ILE D 900 -78.33 38.99 15.86
CA ILE D 900 -78.17 38.49 17.27
C ILE D 900 -77.07 37.42 17.40
N LYS D 901 -75.88 37.84 17.81
CA LYS D 901 -74.69 37.02 17.94
C LYS D 901 -74.31 36.83 19.40
N PRO D 902 -74.38 35.61 19.95
CA PRO D 902 -73.85 35.41 21.30
C PRO D 902 -72.34 35.29 21.32
N LEU D 903 -71.75 35.11 22.51
CA LEU D 903 -70.30 34.91 22.60
C LEU D 903 -70.00 34.24 23.93
N LEU D 904 -68.73 34.33 24.33
CA LEU D 904 -68.16 33.52 25.39
C LEU D 904 -67.70 34.38 26.56
N VAL D 905 -67.62 33.80 27.74
CA VAL D 905 -67.04 34.49 28.89
C VAL D 905 -66.51 33.47 29.89
N GLU D 906 -65.32 33.74 30.43
CA GLU D 906 -64.81 33.06 31.62
C GLU D 906 -64.99 33.96 32.82
N PRO D 907 -64.98 33.42 34.03
CA PRO D 907 -65.12 34.26 35.20
C PRO D 907 -63.78 34.80 35.67
N GLU D 908 -63.85 35.76 36.57
CA GLU D 908 -62.69 36.56 36.91
C GLU D 908 -61.67 35.73 37.68
N GLY D 909 -60.53 36.35 37.95
CA GLY D 909 -59.48 35.75 38.75
C GLY D 909 -58.57 34.87 37.93
N LEU D 910 -57.32 34.81 38.38
CA LEU D 910 -56.32 33.98 37.72
C LEU D 910 -56.73 32.52 37.86
N GLU D 911 -57.22 31.96 36.76
CA GLU D 911 -57.52 30.55 36.67
C GLU D 911 -56.31 29.74 37.11
N LYS D 912 -56.56 28.55 37.63
CA LYS D 912 -55.49 27.68 38.03
C LYS D 912 -56.02 26.27 38.20
N GLU D 913 -55.10 25.32 38.30
CA GLU D 913 -55.41 23.89 38.23
C GLU D 913 -55.16 23.22 39.57
N THR D 914 -55.66 21.99 39.69
CA THR D 914 -55.32 21.10 40.79
C THR D 914 -55.34 19.67 40.28
N THR D 915 -54.18 19.05 40.18
CA THR D 915 -54.04 17.71 39.67
C THR D 915 -54.18 16.69 40.81
N PHE D 916 -54.85 15.59 40.48
CA PHE D 916 -54.93 14.46 41.38
C PHE D 916 -54.87 13.19 40.55
N ASN D 917 -54.94 12.06 41.23
CA ASN D 917 -54.75 10.79 40.56
C ASN D 917 -55.00 9.66 41.55
N SER D 918 -54.74 8.46 41.07
CA SER D 918 -54.88 7.24 41.83
C SER D 918 -54.38 6.10 40.98
N LEU D 919 -54.53 4.91 41.50
CA LEU D 919 -54.42 3.68 40.73
C LEU D 919 -55.03 2.58 41.56
N LEU D 920 -55.68 1.66 40.90
CA LEU D 920 -56.41 0.58 41.52
C LEU D 920 -56.26 -0.61 40.60
N CYS D 921 -56.13 -1.80 41.16
CA CYS D 921 -55.93 -2.98 40.33
C CYS D 921 -56.21 -4.25 41.10
N PRO D 922 -57.46 -4.50 41.48
CA PRO D 922 -57.81 -5.78 42.08
C PRO D 922 -57.65 -6.89 41.06
N SER D 923 -56.79 -7.86 41.38
CA SER D 923 -56.59 -9.01 40.52
C SER D 923 -57.41 -10.18 41.05
N GLY D 924 -58.71 -9.97 41.03
CA GLY D 924 -59.66 -11.00 41.43
C GLY D 924 -60.37 -10.71 42.73
N GLY D 925 -60.40 -9.45 43.15
CA GLY D 925 -61.01 -9.06 44.41
C GLY D 925 -61.79 -7.78 44.29
N GLU D 926 -61.41 -6.78 45.08
CA GLU D 926 -62.11 -5.51 45.11
C GLU D 926 -61.25 -4.49 45.82
N VAL D 927 -61.48 -3.23 45.50
CA VAL D 927 -60.81 -2.10 46.14
C VAL D 927 -61.80 -0.96 46.22
N SER D 928 -61.47 0.02 47.03
CA SER D 928 -62.16 1.29 47.05
C SER D 928 -61.14 2.39 47.24
N GLU D 929 -61.60 3.62 47.13
CA GLU D 929 -60.74 4.77 47.31
C GLU D 929 -61.63 6.00 47.36
N GLU D 930 -61.05 7.11 47.77
CA GLU D 930 -61.75 8.38 47.86
C GLU D 930 -60.82 9.48 47.40
N LEU D 931 -61.38 10.52 46.83
CA LEU D 931 -60.62 11.74 46.56
C LEU D 931 -61.45 12.90 47.06
N SER D 932 -61.13 13.34 48.26
CA SER D 932 -61.82 14.41 48.94
C SER D 932 -61.12 15.72 48.60
N LEU D 933 -61.90 16.70 48.17
CA LEU D 933 -61.39 17.82 47.36
C LEU D 933 -62.27 19.02 47.61
N LYS D 934 -61.79 19.94 48.43
CA LYS D 934 -62.50 21.18 48.74
C LYS D 934 -61.47 22.28 48.80
N LEU D 935 -61.80 23.42 48.20
CA LEU D 935 -60.94 24.59 48.22
C LEU D 935 -61.83 25.82 48.16
N PRO D 936 -62.29 26.28 49.32
CA PRO D 936 -63.02 27.56 49.39
C PRO D 936 -62.13 28.80 49.42
N PRO D 937 -60.84 28.74 49.77
CA PRO D 937 -60.19 30.00 50.18
C PRO D 937 -59.91 30.90 49.00
N ASN D 938 -60.28 32.18 49.14
CA ASN D 938 -59.95 33.25 48.20
C ASN D 938 -60.31 32.85 46.76
N VAL D 939 -61.45 32.18 46.64
CA VAL D 939 -62.03 31.85 45.35
C VAL D 939 -63.39 32.52 45.32
N VAL D 940 -64.04 32.39 44.20
CA VAL D 940 -65.39 32.89 44.01
C VAL D 940 -66.23 31.77 43.40
N GLU D 941 -67.55 31.94 43.47
CA GLU D 941 -68.48 30.85 43.26
C GLU D 941 -68.34 30.24 41.89
N GLU D 942 -68.58 28.94 41.82
CA GLU D 942 -68.77 28.16 40.60
C GLU D 942 -67.55 28.21 39.69
N SER D 943 -66.41 28.71 40.18
CA SER D 943 -65.24 28.88 39.34
C SER D 943 -64.57 27.55 39.00
N ALA D 944 -65.08 26.45 39.52
CA ALA D 944 -64.38 25.18 39.45
C ALA D 944 -65.29 24.07 38.97
N ARG D 945 -64.68 23.14 38.24
CA ARG D 945 -65.36 22.00 37.67
C ARG D 945 -64.30 20.92 37.53
N ALA D 946 -64.44 19.84 38.27
CA ALA D 946 -63.41 18.83 38.33
C ALA D 946 -63.68 17.76 37.30
N SER D 947 -62.74 16.82 37.20
CA SER D 947 -62.73 15.90 36.08
C SER D 947 -61.95 14.67 36.47
N VAL D 948 -62.42 13.51 36.03
CA VAL D 948 -61.77 12.23 36.25
C VAL D 948 -61.46 11.56 34.92
N SER D 949 -60.46 10.69 34.94
CA SER D 949 -60.12 9.84 33.81
C SER D 949 -60.36 8.40 34.21
N VAL D 950 -60.54 7.52 33.22
CA VAL D 950 -60.69 6.09 33.44
C VAL D 950 -60.19 5.35 32.21
N LEU D 951 -59.24 4.46 32.39
CA LEU D 951 -58.54 3.90 31.23
C LEU D 951 -57.58 2.78 31.53
N GLY D 952 -56.79 2.45 30.52
CA GLY D 952 -55.48 1.85 30.65
C GLY D 952 -54.53 2.62 29.77
N ASP D 953 -53.30 2.88 30.21
CA ASP D 953 -52.45 3.91 29.62
C ASP D 953 -51.07 3.43 29.23
N ILE D 954 -50.98 2.34 28.50
CA ILE D 954 -49.71 1.89 27.95
C ILE D 954 -49.55 2.25 26.48
N LEU D 955 -50.64 2.48 25.78
CA LEU D 955 -50.62 2.49 24.31
C LEU D 955 -50.68 3.86 23.70
N GLY D 956 -50.65 4.92 24.50
CA GLY D 956 -50.76 6.25 23.93
C GLY D 956 -49.66 6.60 22.95
N SER D 957 -48.53 5.89 23.04
CA SER D 957 -47.48 5.98 22.02
C SER D 957 -46.80 4.65 21.77
N ALA D 958 -47.32 3.56 22.30
CA ALA D 958 -46.65 2.27 22.12
C ALA D 958 -46.67 1.83 20.67
N MET D 959 -47.54 2.43 19.85
CA MET D 959 -47.75 1.95 18.48
C MET D 959 -46.45 2.00 17.68
N GLN D 960 -45.77 3.12 17.74
CA GLN D 960 -44.93 3.53 16.62
C GLN D 960 -43.48 3.22 16.89
N ASN D 961 -43.00 3.62 18.07
CA ASN D 961 -41.58 3.50 18.40
C ASN D 961 -41.16 2.03 18.39
N THR D 962 -42.13 1.15 18.51
CA THR D 962 -41.91 -0.25 18.22
C THR D 962 -41.31 -0.42 16.85
N GLN D 963 -42.12 -0.21 15.84
CA GLN D 963 -41.71 -0.54 14.49
C GLN D 963 -40.88 0.57 13.89
N ASN D 964 -40.79 1.70 14.59
CA ASN D 964 -39.82 2.71 14.23
C ASN D 964 -38.40 2.17 14.34
N LEU D 965 -38.21 1.11 15.12
CA LEU D 965 -36.88 0.79 15.59
C LEU D 965 -36.68 -0.70 15.72
N LEU D 966 -36.36 -1.33 14.58
CA LEU D 966 -35.69 -2.65 14.54
C LEU D 966 -34.59 -2.51 13.48
N GLN D 967 -33.39 -2.14 13.89
CA GLN D 967 -32.34 -1.87 12.88
C GLN D 967 -31.38 -3.05 12.72
N MET D 968 -30.71 -3.06 11.58
CA MET D 968 -29.61 -3.93 11.24
C MET D 968 -28.57 -3.88 12.34
N PRO D 969 -27.95 -5.00 12.67
CA PRO D 969 -26.69 -4.94 13.39
C PRO D 969 -25.52 -4.74 12.45
N TYR D 970 -24.71 -3.76 12.78
CA TYR D 970 -23.46 -3.54 12.08
C TYR D 970 -22.59 -2.65 12.96
N GLY D 971 -21.37 -2.44 12.52
CA GLY D 971 -20.52 -1.45 13.14
C GLY D 971 -19.55 -2.05 14.14
N CYS D 972 -18.99 -1.15 14.94
CA CYS D 972 -17.92 -1.49 15.86
C CYS D 972 -18.45 -2.34 17.01
N GLY D 973 -17.55 -2.70 17.92
CA GLY D 973 -17.98 -3.35 19.14
C GLY D 973 -19.00 -2.52 19.88
N GLU D 974 -18.79 -1.21 19.91
CA GLU D 974 -19.78 -0.32 20.50
C GLU D 974 -21.05 -0.33 19.69
N GLN D 975 -20.95 0.10 18.43
CA GLN D 975 -22.14 0.36 17.62
C GLN D 975 -22.97 -0.89 17.44
N ASN D 976 -22.34 -2.04 17.45
CA ASN D 976 -23.08 -3.28 17.27
C ASN D 976 -24.08 -3.46 18.39
N MET D 977 -23.61 -3.29 19.63
CA MET D 977 -24.51 -3.32 20.75
C MET D 977 -25.58 -2.26 20.60
N VAL D 978 -25.20 -1.12 20.05
CA VAL D 978 -26.01 0.07 20.15
C VAL D 978 -27.33 -0.13 19.42
N LEU D 979 -27.24 -0.70 18.23
CA LEU D 979 -28.44 -1.08 17.52
C LEU D 979 -28.91 -2.46 17.91
N PHE D 980 -28.07 -3.24 18.59
CA PHE D 980 -28.47 -4.58 18.96
C PHE D 980 -29.39 -4.57 20.15
N ALA D 981 -28.86 -4.11 21.27
CA ALA D 981 -29.57 -4.15 22.54
C ALA D 981 -30.97 -3.59 22.50
N PRO D 982 -31.27 -2.52 21.76
CA PRO D 982 -32.66 -2.06 21.71
C PRO D 982 -33.60 -3.05 21.11
N ASN D 983 -33.09 -4.05 20.41
CA ASN D 983 -33.96 -4.96 19.70
C ASN D 983 -34.79 -5.81 20.63
N ILE D 984 -34.45 -5.84 21.90
CA ILE D 984 -34.79 -6.97 22.73
C ILE D 984 -35.68 -6.53 23.86
N TYR D 985 -35.36 -5.39 24.43
CA TYR D 985 -36.26 -4.82 25.43
C TYR D 985 -37.52 -4.32 24.74
N VAL D 986 -37.42 -3.99 23.45
CA VAL D 986 -38.61 -3.69 22.67
C VAL D 986 -39.35 -4.96 22.32
N LEU D 987 -38.62 -6.03 22.05
CA LEU D 987 -39.25 -7.28 21.67
C LEU D 987 -40.25 -7.70 22.72
N ASP D 988 -39.88 -7.44 23.96
CA ASP D 988 -40.73 -7.73 25.15
C ASP D 988 -41.91 -6.74 25.16
N TYR D 989 -41.74 -5.55 24.58
CA TYR D 989 -42.79 -4.56 24.53
C TYR D 989 -43.84 -4.97 23.53
N LEU D 990 -43.39 -5.45 22.39
CA LEU D 990 -44.30 -6.05 21.43
C LEU D 990 -45.01 -7.22 22.06
N ASN D 991 -44.26 -8.02 22.82
CA ASN D 991 -44.80 -9.24 23.49
C ASN D 991 -45.78 -8.85 24.60
N GLU D 992 -45.30 -8.11 25.61
CA GLU D 992 -46.15 -7.70 26.77
C GLU D 992 -47.30 -6.80 26.31
N THR D 993 -47.02 -5.71 25.57
CA THR D 993 -48.17 -4.89 25.24
C THR D 993 -49.10 -5.57 24.25
N GLN D 994 -48.64 -6.65 23.61
CA GLN D 994 -49.41 -7.53 22.72
C GLN D 994 -49.55 -7.00 21.31
N GLN D 995 -48.67 -6.12 20.86
CA GLN D 995 -48.72 -5.58 19.50
C GLN D 995 -47.50 -6.10 18.75
N LEU D 996 -47.74 -6.98 17.79
CA LEU D 996 -46.67 -7.79 17.23
C LEU D 996 -47.14 -8.54 15.99
N THR D 997 -46.28 -9.45 15.55
CA THR D 997 -46.63 -10.53 14.65
C THR D 997 -45.42 -11.45 14.57
N PRO D 998 -45.60 -12.71 14.16
CA PRO D 998 -44.44 -13.59 14.00
C PRO D 998 -43.43 -13.11 12.97
N GLU D 999 -43.82 -12.20 12.07
CA GLU D 999 -42.94 -11.79 10.98
C GLU D 999 -41.90 -10.78 11.47
N ILE D 1000 -42.37 -9.64 11.96
CA ILE D 1000 -41.51 -8.67 12.61
C ILE D 1000 -40.73 -9.35 13.72
N LYS D 1001 -41.37 -10.29 14.42
CA LYS D 1001 -40.66 -11.13 15.35
C LYS D 1001 -39.52 -11.84 14.63
N SER D 1002 -39.87 -12.61 13.61
CA SER D 1002 -38.86 -13.35 12.89
C SER D 1002 -37.88 -12.41 12.21
N LYS D 1003 -38.33 -11.21 11.88
CA LYS D 1003 -37.48 -10.28 11.16
C LYS D 1003 -36.25 -9.93 11.98
N ALA D 1004 -36.45 -9.59 13.23
CA ALA D 1004 -35.36 -9.09 14.03
C ALA D 1004 -34.60 -10.22 14.67
N ILE D 1005 -35.24 -11.39 14.80
CA ILE D 1005 -34.51 -12.57 15.19
C ILE D 1005 -33.33 -12.77 14.26
N GLY D 1006 -33.54 -12.50 12.98
CA GLY D 1006 -32.43 -12.51 12.06
C GLY D 1006 -31.43 -11.42 12.38
N TYR D 1007 -31.93 -10.23 12.70
CA TYR D 1007 -31.03 -9.20 13.19
C TYR D 1007 -30.30 -9.67 14.43
N LEU D 1008 -31.01 -10.35 15.32
CA LEU D 1008 -30.51 -10.55 16.67
C LEU D 1008 -29.29 -11.44 16.66
N ASN D 1009 -29.40 -12.57 16.02
CA ASN D 1009 -28.34 -13.56 16.08
C ASN D 1009 -27.09 -13.01 15.44
N THR D 1010 -27.26 -12.13 14.45
CA THR D 1010 -26.12 -11.55 13.76
C THR D 1010 -25.29 -10.72 14.72
N GLY D 1011 -25.87 -9.63 15.21
CA GLY D 1011 -25.11 -8.73 16.05
C GLY D 1011 -24.62 -9.41 17.29
N TYR D 1012 -25.36 -10.39 17.78
CA TYR D 1012 -24.86 -11.26 18.81
C TYR D 1012 -23.56 -11.89 18.37
N GLN D 1013 -23.54 -12.34 17.13
CA GLN D 1013 -22.36 -13.00 16.62
C GLN D 1013 -21.32 -11.99 16.19
N ARG D 1014 -21.76 -10.85 15.63
CA ARG D 1014 -20.81 -9.84 15.24
C ARG D 1014 -20.05 -9.32 16.44
N GLN D 1015 -20.70 -9.31 17.59
CA GLN D 1015 -20.04 -8.86 18.80
C GLN D 1015 -18.95 -9.82 19.18
N LEU D 1016 -19.22 -11.10 18.97
CA LEU D 1016 -18.29 -12.13 19.41
C LEU D 1016 -17.00 -12.10 18.62
N ASN D 1017 -16.90 -11.28 17.58
CA ASN D 1017 -15.62 -10.97 16.97
C ASN D 1017 -14.94 -9.77 17.61
N TYR D 1018 -15.64 -9.00 18.44
CA TYR D 1018 -15.09 -7.79 19.01
C TYR D 1018 -14.50 -7.96 20.40
N LYS D 1019 -14.76 -9.09 21.06
CA LYS D 1019 -14.41 -9.24 22.46
C LYS D 1019 -13.03 -9.87 22.62
N HIS D 1020 -12.71 -10.26 23.85
CA HIS D 1020 -11.42 -10.81 24.22
C HIS D 1020 -11.56 -12.27 24.63
N TYR D 1021 -10.42 -12.93 24.70
CA TYR D 1021 -10.37 -14.34 25.09
C TYR D 1021 -10.50 -14.50 26.59
N ASP D 1022 -10.32 -13.44 27.37
CA ASP D 1022 -10.60 -13.52 28.78
C ASP D 1022 -12.09 -13.57 29.08
N GLY D 1023 -12.93 -13.44 28.07
CA GLY D 1023 -14.34 -13.25 28.22
C GLY D 1023 -14.71 -11.80 28.22
N SER D 1024 -13.79 -10.92 28.58
CA SER D 1024 -14.05 -9.51 28.53
C SER D 1024 -14.24 -9.07 27.08
N TYR D 1025 -14.82 -7.89 26.95
CA TYR D 1025 -15.23 -7.36 25.66
C TYR D 1025 -14.55 -6.03 25.45
N SER D 1026 -14.23 -5.74 24.19
CA SER D 1026 -13.58 -4.50 23.80
C SER D 1026 -14.36 -3.85 22.69
N THR D 1027 -13.91 -2.67 22.29
CA THR D 1027 -14.52 -2.00 21.17
C THR D 1027 -14.07 -2.59 19.85
N PHE D 1028 -12.76 -2.78 19.70
CA PHE D 1028 -12.20 -3.50 18.56
C PHE D 1028 -11.79 -4.91 18.91
N GLY D 1029 -10.86 -5.06 19.85
CA GLY D 1029 -10.45 -6.36 20.33
C GLY D 1029 -9.64 -7.17 19.34
N GLU D 1030 -10.27 -8.21 18.78
CA GLU D 1030 -9.56 -9.18 17.95
C GLU D 1030 -8.92 -8.47 16.77
N ARG D 1031 -7.86 -9.09 16.24
CA ARG D 1031 -6.95 -8.56 15.24
C ARG D 1031 -6.06 -7.50 15.88
N TYR D 1032 -6.10 -7.36 17.21
CA TYR D 1032 -5.21 -6.48 17.96
C TYR D 1032 -4.88 -7.23 19.25
N GLY D 1033 -3.79 -7.98 19.26
CA GLY D 1033 -3.57 -8.93 20.32
C GLY D 1033 -3.33 -8.27 21.67
N ARG D 1034 -2.27 -7.47 21.76
CA ARG D 1034 -1.86 -6.88 23.03
C ARG D 1034 -2.78 -5.71 23.35
N ASN D 1035 -3.86 -6.01 24.06
CA ASN D 1035 -4.91 -5.04 24.35
C ASN D 1035 -5.80 -5.60 25.44
N GLN D 1036 -6.50 -4.70 26.12
CA GLN D 1036 -7.47 -5.06 27.15
C GLN D 1036 -8.73 -4.25 26.90
N GLY D 1037 -9.87 -4.84 27.24
CA GLY D 1037 -11.14 -4.22 26.95
C GLY D 1037 -11.63 -3.32 28.05
N ASN D 1038 -12.95 -3.16 28.08
CA ASN D 1038 -13.65 -2.28 28.99
C ASN D 1038 -14.52 -3.10 29.94
N THR D 1039 -15.10 -2.40 30.92
CA THR D 1039 -16.08 -2.96 31.81
C THR D 1039 -17.49 -2.63 31.39
N TRP D 1040 -17.79 -1.32 31.39
CA TRP D 1040 -19.16 -0.84 31.31
C TRP D 1040 -19.89 -1.45 30.14
N LEU D 1041 -19.19 -1.49 29.03
CA LEU D 1041 -19.66 -2.21 27.89
C LEU D 1041 -19.93 -3.66 28.23
N THR D 1042 -19.01 -4.29 28.96
CA THR D 1042 -19.18 -5.71 29.24
C THR D 1042 -20.40 -5.94 30.10
N ALA D 1043 -20.77 -4.95 30.90
CA ALA D 1043 -21.99 -5.07 31.64
C ALA D 1043 -23.17 -4.94 30.70
N PHE D 1044 -23.11 -3.94 29.84
CA PHE D 1044 -24.22 -3.63 28.96
C PHE D 1044 -24.57 -4.83 28.13
N VAL D 1045 -23.55 -5.47 27.57
CA VAL D 1045 -23.79 -6.68 26.82
C VAL D 1045 -24.31 -7.76 27.73
N LEU D 1046 -23.83 -7.80 28.97
CA LEU D 1046 -24.25 -8.86 29.83
C LEU D 1046 -25.69 -8.68 30.23
N LYS D 1047 -26.10 -7.43 30.40
CA LYS D 1047 -27.50 -7.16 30.68
C LYS D 1047 -28.35 -7.67 29.53
N THR D 1048 -27.85 -7.52 28.32
CA THR D 1048 -28.65 -7.89 27.17
C THR D 1048 -28.69 -9.39 27.01
N PHE D 1049 -27.57 -10.04 27.23
CA PHE D 1049 -27.50 -11.49 27.14
C PHE D 1049 -28.51 -12.14 28.03
N ALA D 1050 -28.84 -11.51 29.14
CA ALA D 1050 -29.79 -12.09 30.06
C ALA D 1050 -31.17 -12.12 29.43
N GLN D 1051 -31.70 -10.94 29.15
CA GLN D 1051 -33.04 -10.84 28.61
C GLN D 1051 -33.13 -11.54 27.28
N ALA D 1052 -32.07 -11.44 26.50
CA ALA D 1052 -32.05 -12.09 25.20
C ALA D 1052 -32.12 -13.60 25.37
N ARG D 1053 -31.62 -14.11 26.50
CA ARG D 1053 -31.70 -15.53 26.75
C ARG D 1053 -33.14 -15.97 26.91
N ALA D 1054 -34.01 -15.04 27.25
CA ALA D 1054 -35.41 -15.38 27.46
C ALA D 1054 -36.06 -15.85 26.17
N TYR D 1055 -35.78 -15.20 25.06
CA TYR D 1055 -36.48 -15.66 23.85
C TYR D 1055 -35.58 -16.48 22.93
N ILE D 1056 -34.33 -16.02 22.72
CA ILE D 1056 -33.54 -16.63 21.67
C ILE D 1056 -32.35 -17.28 22.35
N PHE D 1057 -31.51 -17.95 21.58
CA PHE D 1057 -30.47 -18.78 22.15
C PHE D 1057 -29.12 -18.11 22.15
N ILE D 1058 -28.30 -18.54 23.11
CA ILE D 1058 -27.03 -17.92 23.41
C ILE D 1058 -26.28 -18.86 24.34
N ASP D 1059 -24.97 -18.76 24.35
CA ASP D 1059 -24.14 -19.67 25.15
C ASP D 1059 -23.89 -19.08 26.53
N GLU D 1060 -24.28 -19.83 27.55
CA GLU D 1060 -24.05 -19.43 28.92
C GLU D 1060 -22.58 -19.36 29.26
N ALA D 1061 -21.74 -20.06 28.50
CA ALA D 1061 -20.31 -20.01 28.76
C ALA D 1061 -19.77 -18.59 28.62
N HIS D 1062 -20.45 -17.75 27.83
CA HIS D 1062 -19.88 -16.45 27.50
C HIS D 1062 -20.27 -15.39 28.53
N ILE D 1063 -21.25 -15.67 29.38
CA ILE D 1063 -21.57 -14.71 30.43
C ILE D 1063 -20.61 -14.85 31.59
N THR D 1064 -20.26 -16.08 31.94
CA THR D 1064 -19.46 -16.33 33.11
C THR D 1064 -18.05 -15.85 32.88
N GLN D 1065 -17.50 -16.21 31.73
CA GLN D 1065 -16.19 -15.71 31.33
C GLN D 1065 -16.21 -14.19 31.27
N ALA D 1066 -17.38 -13.61 31.02
CA ALA D 1066 -17.52 -12.16 31.08
C ALA D 1066 -17.76 -11.72 32.50
N LEU D 1067 -18.41 -12.57 33.28
CA LEU D 1067 -18.72 -12.22 34.65
C LEU D 1067 -17.47 -12.09 35.48
N ILE D 1068 -16.75 -13.20 35.62
CA ILE D 1068 -15.65 -13.34 36.56
C ILE D 1068 -14.63 -12.26 36.37
N TRP D 1069 -14.47 -11.81 35.13
CA TRP D 1069 -13.59 -10.71 34.85
C TRP D 1069 -13.99 -9.49 35.63
N LEU D 1070 -15.30 -9.30 35.80
CA LEU D 1070 -15.77 -8.20 36.61
C LEU D 1070 -15.30 -8.36 38.04
N SER D 1071 -15.26 -9.58 38.51
CA SER D 1071 -14.83 -9.80 39.87
C SER D 1071 -13.35 -9.58 40.00
N GLN D 1072 -12.60 -9.91 38.96
CA GLN D 1072 -11.16 -9.76 39.01
C GLN D 1072 -10.77 -8.32 39.17
N ARG D 1073 -11.66 -7.40 38.84
CA ARG D 1073 -11.40 -6.01 39.06
C ARG D 1073 -11.75 -5.55 40.45
N GLN D 1074 -12.64 -6.24 41.12
CA GLN D 1074 -13.15 -5.72 42.38
C GLN D 1074 -12.08 -5.76 43.44
N LYS D 1075 -12.18 -4.84 44.37
CA LYS D 1075 -11.23 -4.75 45.46
C LYS D 1075 -11.65 -5.72 46.55
N ASP D 1076 -10.77 -5.87 47.53
CA ASP D 1076 -11.16 -6.56 48.75
C ASP D 1076 -12.40 -5.93 49.36
N ASN D 1077 -12.41 -4.63 49.47
CA ASN D 1077 -13.44 -3.90 50.19
C ASN D 1077 -14.01 -2.78 49.35
N GLY D 1078 -13.18 -2.07 48.60
CA GLY D 1078 -13.70 -1.14 47.64
C GLY D 1078 -14.25 -1.88 46.44
N CYS D 1079 -14.62 -1.12 45.41
CA CYS D 1079 -15.25 -1.71 44.25
C CYS D 1079 -14.40 -1.56 42.99
N PHE D 1080 -14.65 -2.46 42.05
CA PHE D 1080 -13.87 -2.60 40.82
C PHE D 1080 -13.69 -1.28 40.07
N ARG D 1081 -12.77 -1.32 39.10
CA ARG D 1081 -12.25 -0.14 38.43
C ARG D 1081 -12.73 -0.09 36.99
N SER D 1082 -12.59 1.08 36.39
CA SER D 1082 -12.96 1.31 35.01
C SER D 1082 -11.70 1.34 34.17
N SER D 1083 -11.46 0.26 33.44
CA SER D 1083 -10.41 0.22 32.43
C SER D 1083 -10.95 0.91 31.19
N GLY D 1084 -11.04 2.24 31.29
CA GLY D 1084 -11.52 3.08 30.21
C GLY D 1084 -10.81 2.87 28.90
N SER D 1085 -11.53 2.24 27.95
CA SER D 1085 -10.98 1.83 26.67
C SER D 1085 -12.00 2.08 25.56
N LEU D 1086 -12.81 3.12 25.71
CA LEU D 1086 -13.96 3.34 24.86
C LEU D 1086 -13.65 4.35 23.77
N LEU D 1087 -14.68 4.72 23.01
CA LEU D 1087 -14.59 5.72 21.97
C LEU D 1087 -15.61 6.81 22.08
N ASN D 1088 -16.72 6.59 22.77
CA ASN D 1088 -17.80 7.53 22.81
C ASN D 1088 -18.52 7.41 24.13
N ASN D 1089 -18.68 8.54 24.80
CA ASN D 1089 -19.34 8.61 26.08
C ASN D 1089 -20.84 8.77 25.96
N ALA D 1090 -21.32 9.29 24.82
CA ALA D 1090 -22.74 9.58 24.66
C ALA D 1090 -23.56 8.31 24.75
N ILE D 1091 -22.96 7.19 24.39
CA ILE D 1091 -23.59 5.88 24.55
C ILE D 1091 -24.00 5.66 25.99
N LYS D 1092 -23.23 6.17 26.93
CA LYS D 1092 -23.50 6.05 28.35
C LYS D 1092 -24.11 7.37 28.81
N GLY D 1093 -24.73 7.38 29.97
CA GLY D 1093 -25.35 8.54 30.55
C GLY D 1093 -24.74 9.03 31.82
N GLY D 1094 -24.14 8.16 32.63
CA GLY D 1094 -23.65 8.55 33.93
C GLY D 1094 -22.36 9.33 33.86
N VAL D 1095 -21.47 9.02 34.82
CA VAL D 1095 -20.30 9.84 35.10
C VAL D 1095 -19.02 9.05 35.13
N GLU D 1096 -19.08 7.73 34.97
CA GLU D 1096 -17.92 6.86 35.01
C GLU D 1096 -17.19 6.91 36.35
N ASP D 1097 -17.91 7.16 37.45
CA ASP D 1097 -17.38 6.82 38.76
C ASP D 1097 -17.53 5.32 38.99
N GLU D 1098 -16.52 4.73 39.64
CA GLU D 1098 -16.63 3.34 40.03
C GLU D 1098 -17.81 3.14 40.97
N VAL D 1099 -18.14 4.19 41.71
CA VAL D 1099 -19.40 4.21 42.44
C VAL D 1099 -20.54 3.90 41.49
N THR D 1100 -20.76 4.79 40.53
CA THR D 1100 -21.95 4.71 39.71
C THR D 1100 -21.86 3.53 38.77
N LEU D 1101 -20.67 3.35 38.19
CA LEU D 1101 -20.43 2.27 37.27
C LEU D 1101 -20.77 0.94 37.90
N SER D 1102 -20.31 0.75 39.12
CA SER D 1102 -20.60 -0.47 39.84
C SER D 1102 -22.07 -0.63 40.07
N ALA D 1103 -22.76 0.48 40.30
CA ALA D 1103 -24.17 0.38 40.59
C ALA D 1103 -24.93 -0.09 39.37
N TYR D 1104 -24.49 0.33 38.19
CA TYR D 1104 -25.09 -0.18 36.97
C TYR D 1104 -24.62 -1.58 36.69
N ILE D 1105 -23.53 -2.00 37.33
CA ILE D 1105 -23.05 -3.36 37.16
C ILE D 1105 -23.83 -4.29 38.04
N THR D 1106 -23.66 -4.13 39.33
CA THR D 1106 -24.31 -4.94 40.35
C THR D 1106 -25.79 -5.08 40.13
N ILE D 1107 -26.41 -4.09 39.49
CA ILE D 1107 -27.80 -4.23 39.12
C ILE D 1107 -27.91 -5.05 37.86
N ALA D 1108 -27.02 -4.81 36.91
CA ALA D 1108 -27.07 -5.57 35.68
C ALA D 1108 -26.72 -7.00 35.97
N LEU D 1109 -25.91 -7.20 36.99
CA LEU D 1109 -25.84 -8.49 37.63
C LEU D 1109 -27.22 -8.93 38.04
N LEU D 1110 -27.83 -8.14 38.92
CA LEU D 1110 -28.95 -8.66 39.67
C LEU D 1110 -30.24 -8.72 38.88
N GLU D 1111 -30.25 -8.24 37.65
CA GLU D 1111 -31.37 -8.57 36.78
C GLU D 1111 -31.39 -10.06 36.51
N ILE D 1112 -30.23 -10.70 36.61
CA ILE D 1112 -30.18 -12.14 36.68
C ILE D 1112 -30.73 -12.48 38.05
N PRO D 1113 -31.32 -13.60 38.24
CA PRO D 1113 -31.49 -14.09 39.59
C PRO D 1113 -30.15 -14.49 40.15
N LEU D 1114 -29.60 -13.63 41.01
CA LEU D 1114 -28.34 -13.88 41.68
C LEU D 1114 -28.55 -13.84 43.18
N THR D 1115 -27.86 -14.73 43.88
CA THR D 1115 -27.94 -14.72 45.32
C THR D 1115 -27.29 -13.46 45.84
N VAL D 1116 -27.98 -12.81 46.75
CA VAL D 1116 -27.36 -11.74 47.50
C VAL D 1116 -26.27 -12.29 48.38
N THR D 1117 -26.36 -13.58 48.71
CA THR D 1117 -25.32 -14.28 49.43
C THR D 1117 -24.12 -14.54 48.55
N HIS D 1118 -24.18 -14.21 47.28
CA HIS D 1118 -23.04 -14.30 46.42
C HIS D 1118 -21.90 -13.45 46.99
N PRO D 1119 -20.65 -13.89 46.86
CA PRO D 1119 -19.55 -13.11 47.42
C PRO D 1119 -19.51 -11.68 46.98
N VAL D 1120 -19.54 -11.50 45.67
CA VAL D 1120 -19.26 -10.21 45.08
C VAL D 1120 -20.25 -9.19 45.56
N VAL D 1121 -21.52 -9.44 45.28
CA VAL D 1121 -22.57 -8.53 45.65
C VAL D 1121 -22.52 -8.24 47.13
N ARG D 1122 -22.25 -9.25 47.95
CA ARG D 1122 -22.04 -9.01 49.36
C ARG D 1122 -20.87 -8.06 49.54
N ASN D 1123 -19.78 -8.36 48.87
CA ASN D 1123 -18.62 -7.49 48.94
C ASN D 1123 -18.87 -6.20 48.20
N ALA D 1124 -19.87 -6.18 47.33
CA ALA D 1124 -20.23 -4.94 46.68
C ALA D 1124 -20.90 -4.00 47.65
N LEU D 1125 -21.95 -4.48 48.28
CA LEU D 1125 -22.94 -3.64 48.92
C LEU D 1125 -22.35 -2.77 50.01
N PHE D 1126 -21.25 -3.21 50.59
CA PHE D 1126 -20.56 -2.37 51.56
C PHE D 1126 -20.00 -1.13 50.87
N CYS D 1127 -19.58 -1.26 49.60
CA CYS D 1127 -19.30 -0.05 48.83
C CYS D 1127 -20.53 0.79 48.74
N LEU D 1128 -21.65 0.13 48.55
CA LEU D 1128 -22.84 0.78 48.10
C LEU D 1128 -23.52 1.48 49.26
N GLU D 1129 -23.61 0.78 50.38
CA GLU D 1129 -24.06 1.40 51.60
C GLU D 1129 -23.17 2.58 51.95
N SER D 1130 -21.87 2.38 51.84
CA SER D 1130 -20.93 3.41 52.22
C SER D 1130 -21.00 4.57 51.26
N ALA D 1131 -20.86 4.26 49.98
CA ALA D 1131 -20.89 5.28 48.96
C ALA D 1131 -22.23 5.97 48.95
N TRP D 1132 -23.27 5.27 49.40
CA TRP D 1132 -24.53 5.94 49.64
C TRP D 1132 -24.41 6.92 50.78
N LYS D 1133 -23.95 6.42 51.93
CA LYS D 1133 -23.96 7.25 53.12
C LYS D 1133 -22.96 8.38 52.99
N THR D 1134 -21.96 8.20 52.14
CA THR D 1134 -21.04 9.28 51.83
C THR D 1134 -21.78 10.50 51.30
N ALA D 1135 -22.85 10.26 50.54
CA ALA D 1135 -23.60 11.33 49.88
C ALA D 1135 -24.98 11.51 50.45
N GLN D 1136 -25.55 10.44 51.02
CA GLN D 1136 -26.80 10.55 51.74
C GLN D 1136 -26.70 11.67 52.78
N GLU D 1137 -25.62 11.66 53.55
CA GLU D 1137 -25.32 12.77 54.44
C GLU D 1137 -24.66 13.90 53.69
N GLY D 1138 -23.91 13.57 52.64
CA GLY D 1138 -23.23 14.59 51.88
C GLY D 1138 -24.21 15.57 51.24
N ASP D 1139 -23.81 16.83 51.22
CA ASP D 1139 -24.60 17.85 50.57
C ASP D 1139 -24.67 17.65 49.06
N HIS D 1140 -23.75 16.87 48.49
CA HIS D 1140 -23.76 16.61 47.06
C HIS D 1140 -23.11 15.25 46.80
N GLY D 1141 -23.81 14.42 46.03
CA GLY D 1141 -23.26 13.17 45.55
C GLY D 1141 -23.66 12.99 44.11
N SER D 1142 -23.71 14.10 43.37
CA SER D 1142 -24.40 14.30 42.10
C SER D 1142 -25.90 14.50 42.30
N HIS D 1143 -26.43 14.33 43.49
CA HIS D 1143 -27.78 14.67 43.91
C HIS D 1143 -28.89 13.79 43.35
N VAL D 1144 -28.63 13.00 42.31
CA VAL D 1144 -29.68 12.22 41.68
C VAL D 1144 -29.29 10.81 41.25
N TYR D 1145 -28.31 10.72 40.37
CA TYR D 1145 -28.20 9.57 39.48
C TYR D 1145 -27.54 8.43 40.21
N THR D 1146 -26.36 8.73 40.76
CA THR D 1146 -25.71 8.00 41.82
C THR D 1146 -26.76 7.48 42.76
N LYS D 1147 -27.53 8.43 43.27
CA LYS D 1147 -28.44 8.11 44.34
C LYS D 1147 -29.54 7.23 43.84
N ALA D 1148 -30.08 7.58 42.69
CA ALA D 1148 -31.22 6.83 42.18
C ALA D 1148 -30.79 5.46 41.73
N LEU D 1149 -29.63 5.38 41.10
CA LEU D 1149 -29.16 4.10 40.63
C LEU D 1149 -28.91 3.18 41.79
N LEU D 1150 -28.26 3.72 42.81
CA LEU D 1150 -28.10 2.98 44.04
C LEU D 1150 -29.44 2.59 44.60
N ALA D 1151 -30.41 3.49 44.46
CA ALA D 1151 -31.72 3.25 45.01
C ALA D 1151 -32.31 1.98 44.41
N TYR D 1152 -32.27 1.88 43.10
CA TYR D 1152 -32.74 0.65 42.48
C TYR D 1152 -31.81 -0.47 42.79
N ALA D 1153 -30.53 -0.16 42.99
CA ALA D 1153 -29.57 -1.20 43.26
C ALA D 1153 -29.90 -1.87 44.59
N PHE D 1154 -30.36 -1.08 45.54
CA PHE D 1154 -30.83 -1.63 46.80
C PHE D 1154 -32.02 -2.53 46.58
N ALA D 1155 -32.75 -2.30 45.50
CA ALA D 1155 -34.11 -2.80 45.39
C ALA D 1155 -34.16 -4.31 45.27
N LEU D 1156 -33.02 -4.92 45.02
CA LEU D 1156 -33.04 -6.27 44.48
C LEU D 1156 -32.81 -7.29 45.56
N ALA D 1157 -32.02 -6.93 46.56
CA ALA D 1157 -31.45 -7.94 47.41
C ALA D 1157 -32.47 -8.46 48.40
N GLY D 1158 -33.27 -7.56 48.95
CA GLY D 1158 -34.01 -7.82 50.15
C GLY D 1158 -34.07 -6.59 51.03
N ASN D 1159 -33.31 -5.56 50.69
CA ASN D 1159 -33.30 -4.30 51.42
C ASN D 1159 -34.59 -3.55 51.16
N GLN D 1160 -35.68 -4.13 51.67
CA GLN D 1160 -37.00 -3.51 51.53
C GLN D 1160 -37.04 -2.14 52.21
N ASP D 1161 -36.13 -1.90 53.14
CA ASP D 1161 -36.17 -0.67 53.91
C ASP D 1161 -35.29 0.39 53.29
N LYS D 1162 -34.10 -0.02 52.83
CA LYS D 1162 -33.06 0.95 52.49
C LYS D 1162 -33.50 1.86 51.38
N ARG D 1163 -34.37 1.36 50.53
CA ARG D 1163 -35.02 2.18 49.52
C ARG D 1163 -35.76 3.34 50.16
N LYS D 1164 -36.36 3.10 51.30
CA LYS D 1164 -37.47 3.93 51.73
C LYS D 1164 -37.01 5.32 52.09
N GLU D 1165 -35.90 5.39 52.80
CA GLU D 1165 -35.36 6.67 53.21
C GLU D 1165 -34.76 7.39 52.01
N VAL D 1166 -34.34 6.64 51.00
CA VAL D 1166 -33.53 7.23 49.94
C VAL D 1166 -34.40 7.49 48.73
N LEU D 1167 -35.33 6.60 48.42
CA LEU D 1167 -36.33 6.91 47.44
C LEU D 1167 -37.05 8.16 47.83
N LYS D 1168 -37.30 8.29 49.13
CA LYS D 1168 -37.79 9.51 49.70
C LYS D 1168 -36.89 10.68 49.30
N SER D 1169 -35.59 10.52 49.50
CA SER D 1169 -34.69 11.62 49.21
C SER D 1169 -34.60 11.85 47.72
N LEU D 1170 -34.72 10.78 46.95
CA LEU D 1170 -34.90 10.96 45.52
C LEU D 1170 -36.24 11.62 45.26
N ASN D 1171 -37.26 11.16 45.98
CA ASN D 1171 -38.57 11.77 45.87
C ASN D 1171 -38.54 13.20 46.41
N GLU D 1172 -37.61 13.48 47.32
CA GLU D 1172 -37.50 14.81 47.87
C GLU D 1172 -37.08 15.80 46.79
N GLU D 1173 -35.90 15.59 46.22
CA GLU D 1173 -35.32 16.55 45.28
C GLU D 1173 -36.03 16.35 43.95
N ALA D 1174 -37.25 16.89 43.88
CA ALA D 1174 -38.20 16.56 42.83
C ALA D 1174 -38.17 17.57 41.69
N VAL D 1175 -38.46 17.07 40.50
CA VAL D 1175 -38.68 17.90 39.31
C VAL D 1175 -40.07 17.54 38.80
N LYS D 1176 -40.97 17.23 39.72
CA LYS D 1176 -42.28 16.76 39.31
C LYS D 1176 -43.12 17.90 38.77
N LYS D 1177 -44.12 17.55 37.98
CA LYS D 1177 -44.78 18.47 37.07
C LYS D 1177 -46.29 18.38 37.17
N ASP D 1178 -46.94 19.19 36.33
CA ASP D 1178 -48.38 19.40 36.24
C ASP D 1178 -49.21 18.15 36.48
N ASN D 1179 -48.85 17.06 35.82
CA ASN D 1179 -49.62 15.84 35.90
C ASN D 1179 -48.71 14.62 35.98
N SER D 1180 -47.44 14.82 36.28
CA SER D 1180 -46.47 13.75 36.21
C SER D 1180 -45.26 14.13 37.05
N VAL D 1181 -44.29 13.25 37.05
CA VAL D 1181 -43.16 13.33 37.96
C VAL D 1181 -41.90 12.97 37.20
N HIS D 1182 -40.84 13.71 37.45
CA HIS D 1182 -39.57 13.40 36.82
C HIS D 1182 -38.47 14.09 37.59
N TRP D 1183 -37.25 13.88 37.12
CA TRP D 1183 -36.04 14.28 37.80
C TRP D 1183 -35.06 14.90 36.81
N GLU D 1184 -34.01 15.51 37.33
CA GLU D 1184 -33.02 16.14 36.49
C GLU D 1184 -31.68 16.10 37.18
N ARG D 1185 -30.66 16.37 36.40
CA ARG D 1185 -29.36 16.73 36.91
C ARG D 1185 -29.48 18.19 37.34
N PRO D 1186 -28.42 18.77 37.89
CA PRO D 1186 -28.54 20.13 38.44
C PRO D 1186 -28.93 21.22 37.46
N GLN D 1187 -28.97 20.92 36.17
CA GLN D 1187 -29.39 21.83 35.11
C GLN D 1187 -28.31 22.86 34.76
N LYS D 1188 -27.26 22.95 35.56
CA LYS D 1188 -26.25 24.00 35.45
C LYS D 1188 -25.01 23.52 36.18
N PRO D 1189 -24.15 22.71 35.55
CA PRO D 1189 -22.92 22.28 36.24
C PRO D 1189 -22.07 23.46 36.68
N LYS D 1190 -21.43 23.30 37.84
CA LYS D 1190 -20.68 24.39 38.44
C LYS D 1190 -19.42 24.70 37.62
N ALA D 1191 -18.72 23.67 37.16
CA ALA D 1191 -17.51 23.85 36.39
C ALA D 1191 -17.88 24.29 34.97
N PRO D 1192 -16.95 24.83 34.19
CA PRO D 1192 -17.30 25.19 32.81
C PRO D 1192 -17.70 23.98 31.99
N VAL D 1193 -18.38 24.25 30.88
CA VAL D 1193 -18.88 23.22 29.99
C VAL D 1193 -18.67 23.69 28.55
N GLY D 1194 -18.93 22.81 27.59
CA GLY D 1194 -18.67 23.08 26.19
C GLY D 1194 -19.74 23.92 25.54
N HIS D 1195 -19.84 23.79 24.21
CA HIS D 1195 -20.71 24.65 23.40
C HIS D 1195 -21.84 23.87 22.75
N PHE D 1196 -21.54 22.80 22.00
CA PHE D 1196 -22.55 22.18 21.15
C PHE D 1196 -23.23 21.03 21.89
N TYR D 1197 -24.51 21.22 22.21
CA TYR D 1197 -25.33 20.22 22.90
C TYR D 1197 -24.78 19.85 24.27
N GLU D 1198 -24.04 20.78 24.90
CA GLU D 1198 -23.35 20.54 26.16
C GLU D 1198 -22.47 19.30 26.00
N PRO D 1199 -21.43 19.36 25.17
CA PRO D 1199 -20.66 18.16 24.86
C PRO D 1199 -19.91 17.65 26.07
N GLN D 1200 -19.54 16.38 26.02
CA GLN D 1200 -19.01 15.65 27.17
C GLN D 1200 -20.02 15.57 28.31
N ALA D 1201 -21.31 15.69 27.99
CA ALA D 1201 -22.38 15.68 28.97
C ALA D 1201 -23.73 15.47 28.28
N PRO D 1202 -24.09 14.24 27.92
CA PRO D 1202 -25.36 14.02 27.21
C PRO D 1202 -26.60 14.31 28.02
N SER D 1203 -26.45 14.55 29.33
CA SER D 1203 -27.52 14.94 30.24
C SER D 1203 -28.45 13.82 30.67
N ALA D 1204 -28.36 12.65 30.01
CA ALA D 1204 -28.81 11.35 30.51
C ALA D 1204 -30.07 11.42 31.34
N GLU D 1205 -31.09 12.07 30.81
CA GLU D 1205 -32.10 12.67 31.67
C GLU D 1205 -33.19 11.69 32.06
N VAL D 1206 -33.44 10.69 31.22
CA VAL D 1206 -34.62 9.87 31.39
C VAL D 1206 -34.25 8.47 31.82
N GLU D 1207 -33.11 8.01 31.32
CA GLU D 1207 -32.53 6.74 31.76
C GLU D 1207 -32.54 6.64 33.27
N MET D 1208 -32.26 7.75 33.93
CA MET D 1208 -32.34 7.80 35.38
C MET D 1208 -33.76 7.59 35.86
N THR D 1209 -34.72 8.25 35.21
CA THR D 1209 -36.08 8.24 35.73
C THR D 1209 -36.69 6.87 35.58
N SER D 1210 -36.39 6.24 34.46
CA SER D 1210 -36.74 4.85 34.29
C SER D 1210 -36.15 4.04 35.42
N TYR D 1211 -34.88 4.32 35.70
CA TYR D 1211 -34.23 3.63 36.77
C TYR D 1211 -34.86 4.00 38.09
N VAL D 1212 -35.31 5.25 38.21
CA VAL D 1212 -36.09 5.63 39.38
C VAL D 1212 -37.37 4.83 39.41
N LEU D 1213 -38.00 4.68 38.24
CA LEU D 1213 -39.25 3.95 38.16
C LEU D 1213 -39.00 2.49 38.46
N LEU D 1214 -37.83 2.00 38.08
CA LEU D 1214 -37.51 0.59 38.17
C LEU D 1214 -37.71 0.06 39.57
N ALA D 1215 -37.33 0.85 40.55
CA ALA D 1215 -37.31 0.34 41.90
C ALA D 1215 -38.70 0.17 42.43
N TYR D 1216 -39.51 1.21 42.34
CA TYR D 1216 -40.84 1.23 42.89
C TYR D 1216 -41.67 0.03 42.46
N LEU D 1217 -41.35 -0.49 41.26
CA LEU D 1217 -42.02 -1.71 40.73
C LEU D 1217 -41.43 -2.97 41.39
N THR D 1218 -40.11 -3.10 41.42
CA THR D 1218 -39.47 -4.35 41.92
C THR D 1218 -39.78 -4.58 43.40
N ALA D 1219 -40.10 -5.83 43.78
CA ALA D 1219 -40.41 -6.20 45.19
C ALA D 1219 -40.82 -7.68 45.23
N GLN D 1220 -40.08 -8.52 45.94
CA GLN D 1220 -40.17 -9.96 45.74
C GLN D 1220 -41.64 -10.42 45.71
N PRO D 1221 -42.42 -10.22 46.78
CA PRO D 1221 -43.72 -10.89 46.83
C PRO D 1221 -44.70 -10.32 45.82
N ALA D 1222 -44.86 -9.01 45.84
CA ALA D 1222 -45.63 -8.25 44.88
C ALA D 1222 -45.59 -6.79 45.31
N PRO D 1223 -45.97 -5.87 44.45
CA PRO D 1223 -45.91 -4.46 44.82
C PRO D 1223 -47.15 -4.02 45.57
N THR D 1224 -47.20 -2.73 45.80
CA THR D 1224 -48.29 -2.12 46.52
C THR D 1224 -49.25 -1.49 45.53
N SER D 1225 -50.14 -0.67 46.07
CA SER D 1225 -50.82 0.36 45.32
C SER D 1225 -49.97 1.62 45.24
N GLU D 1226 -49.19 1.87 46.28
CA GLU D 1226 -48.59 3.19 46.46
C GLU D 1226 -47.52 3.44 45.43
N ASP D 1227 -46.52 2.58 45.40
CA ASP D 1227 -45.43 2.66 44.44
C ASP D 1227 -45.94 2.78 43.01
N LEU D 1228 -47.07 2.14 42.71
CA LEU D 1228 -47.59 2.12 41.35
C LEU D 1228 -47.92 3.52 40.87
N THR D 1229 -48.31 4.39 41.79
CA THR D 1229 -48.79 5.69 41.41
C THR D 1229 -47.65 6.56 40.95
N SER D 1230 -46.61 6.62 41.76
CA SER D 1230 -45.33 7.16 41.32
C SER D 1230 -44.91 6.49 40.01
N ALA D 1231 -45.02 5.16 39.95
CA ALA D 1231 -44.65 4.46 38.73
C ALA D 1231 -45.57 4.84 37.60
N THR D 1232 -46.78 5.23 37.92
CA THR D 1232 -47.70 5.65 36.89
C THR D 1232 -47.38 7.06 36.43
N ASN D 1233 -47.41 8.02 37.35
CA ASN D 1233 -47.20 9.41 36.97
C ASN D 1233 -45.84 9.60 36.33
N ILE D 1234 -44.87 8.79 36.72
CA ILE D 1234 -43.54 8.94 36.16
C ILE D 1234 -43.53 8.46 34.72
N VAL D 1235 -44.29 7.40 34.44
CA VAL D 1235 -44.25 6.81 33.11
C VAL D 1235 -44.99 7.69 32.11
N LYS D 1236 -45.87 8.55 32.59
CA LYS D 1236 -46.51 9.45 31.67
C LYS D 1236 -45.52 10.47 31.13
N TRP D 1237 -44.49 10.77 31.92
CA TRP D 1237 -43.41 11.62 31.43
C TRP D 1237 -42.48 10.84 30.53
N ILE D 1238 -42.56 9.51 30.59
CA ILE D 1238 -41.68 8.68 29.77
C ILE D 1238 -42.12 8.70 28.32
N THR D 1239 -43.37 8.33 28.07
CA THR D 1239 -43.87 8.27 26.71
C THR D 1239 -43.76 9.61 26.00
N LYS D 1240 -44.09 10.68 26.68
CA LYS D 1240 -44.14 11.99 26.06
C LYS D 1240 -42.76 12.48 25.66
N GLN D 1241 -41.70 11.84 26.13
CA GLN D 1241 -40.34 12.18 25.76
C GLN D 1241 -39.84 11.29 24.64
N GLN D 1242 -40.74 10.66 23.91
CA GLN D 1242 -40.35 9.79 22.81
C GLN D 1242 -40.15 10.57 21.53
N ASN D 1243 -39.15 10.15 20.78
CA ASN D 1243 -38.80 10.76 19.51
C ASN D 1243 -39.50 10.05 18.37
N ALA D 1244 -40.18 10.82 17.53
CA ALA D 1244 -40.94 10.24 16.44
C ALA D 1244 -40.03 9.54 15.44
N GLN D 1245 -38.73 9.85 15.46
CA GLN D 1245 -37.78 9.04 14.71
C GLN D 1245 -37.69 7.63 15.28
N GLY D 1246 -38.16 7.43 16.50
CA GLY D 1246 -38.15 6.13 17.13
C GLY D 1246 -37.18 6.19 18.29
N GLY D 1247 -37.12 5.11 19.04
CA GLY D 1247 -36.36 5.05 20.28
C GLY D 1247 -36.54 6.27 21.15
N PHE D 1248 -35.45 6.65 21.79
CA PHE D 1248 -35.37 7.92 22.48
C PHE D 1248 -34.04 8.53 22.11
N SER D 1249 -33.64 9.59 22.80
CA SER D 1249 -32.53 10.42 22.36
C SER D 1249 -31.22 9.66 22.23
N SER D 1250 -31.11 8.48 22.83
CA SER D 1250 -29.89 7.71 22.84
C SER D 1250 -30.28 6.25 22.68
N THR D 1251 -29.31 5.38 22.94
CA THR D 1251 -29.49 3.95 22.90
C THR D 1251 -29.78 3.39 24.29
N GLN D 1252 -29.04 3.88 25.28
CA GLN D 1252 -29.23 3.42 26.64
C GLN D 1252 -30.60 3.82 27.12
N ASP D 1253 -30.93 5.09 26.90
CA ASP D 1253 -32.12 5.68 27.51
C ASP D 1253 -33.35 4.90 27.14
N THR D 1254 -33.40 4.45 25.89
CA THR D 1254 -34.57 3.72 25.46
C THR D 1254 -34.63 2.37 26.14
N VAL D 1255 -33.47 1.75 26.35
CA VAL D 1255 -33.43 0.37 26.78
C VAL D 1255 -34.10 0.22 28.12
N VAL D 1256 -33.54 0.88 29.11
CA VAL D 1256 -34.05 0.83 30.47
C VAL D 1256 -35.50 1.23 30.51
N ALA D 1257 -35.91 2.16 29.65
CA ALA D 1257 -37.29 2.58 29.64
C ALA D 1257 -38.19 1.41 29.32
N LEU D 1258 -37.98 0.84 28.15
CA LEU D 1258 -38.75 -0.30 27.75
C LEU D 1258 -38.54 -1.44 28.73
N HIS D 1259 -37.33 -1.54 29.28
CA HIS D 1259 -37.10 -2.51 30.34
C HIS D 1259 -38.02 -2.22 31.51
N ALA D 1260 -38.18 -0.94 31.82
CA ALA D 1260 -39.05 -0.60 32.94
C ALA D 1260 -40.50 -0.73 32.53
N LEU D 1261 -40.80 -0.30 31.32
CA LEU D 1261 -42.17 -0.27 30.88
C LEU D 1261 -42.66 -1.68 30.65
N SER D 1262 -41.74 -2.58 30.33
CA SER D 1262 -42.10 -3.98 30.18
C SER D 1262 -42.70 -4.51 31.44
N LYS D 1263 -41.87 -4.64 32.47
CA LYS D 1263 -42.29 -5.35 33.65
C LYS D 1263 -43.33 -4.55 34.40
N TYR D 1264 -43.46 -3.27 34.07
CA TYR D 1264 -44.68 -2.56 34.40
C TYR D 1264 -45.86 -3.36 33.90
N GLY D 1265 -45.78 -3.78 32.65
CA GLY D 1265 -46.92 -4.39 32.04
C GLY D 1265 -47.18 -5.79 32.57
N ALA D 1266 -46.12 -6.48 32.99
CA ALA D 1266 -46.29 -7.86 33.42
C ALA D 1266 -47.17 -7.95 34.65
N ALA D 1267 -47.31 -6.83 35.37
CA ALA D 1267 -48.25 -6.74 36.46
C ALA D 1267 -49.48 -5.97 36.01
N THR D 1268 -49.26 -4.80 35.45
CA THR D 1268 -50.34 -3.83 35.33
C THR D 1268 -51.28 -4.24 34.22
N PHE D 1269 -50.75 -4.36 33.01
CA PHE D 1269 -51.53 -4.80 31.88
C PHE D 1269 -51.75 -6.28 32.02
N THR D 1270 -52.69 -6.65 32.85
CA THR D 1270 -53.20 -8.01 32.87
C THR D 1270 -53.85 -8.25 31.52
N ARG D 1271 -53.24 -9.12 30.72
CA ARG D 1271 -53.73 -9.45 29.35
C ARG D 1271 -55.02 -10.28 29.43
N THR D 1272 -55.37 -10.76 30.62
CA THR D 1272 -56.58 -11.57 30.79
C THR D 1272 -57.57 -10.90 31.72
N GLY D 1273 -57.10 -10.08 32.66
CA GLY D 1273 -57.99 -9.37 33.55
C GLY D 1273 -58.76 -8.34 32.76
N LYS D 1274 -60.04 -8.63 32.49
CA LYS D 1274 -60.75 -7.98 31.41
C LYS D 1274 -62.21 -7.75 31.75
N ALA D 1275 -62.55 -7.75 33.04
CA ALA D 1275 -63.93 -7.83 33.49
C ALA D 1275 -64.18 -6.73 34.50
N ALA D 1276 -63.55 -5.59 34.29
CA ALA D 1276 -63.59 -4.54 35.28
C ALA D 1276 -64.95 -3.89 35.36
N GLN D 1277 -65.27 -3.34 36.52
CA GLN D 1277 -66.50 -2.61 36.75
C GLN D 1277 -66.24 -1.58 37.83
N VAL D 1278 -66.55 -0.34 37.51
CA VAL D 1278 -66.26 0.79 38.35
C VAL D 1278 -67.52 1.61 38.53
N THR D 1279 -67.70 2.09 39.74
CA THR D 1279 -68.94 2.71 40.15
C THR D 1279 -68.61 3.78 41.17
N ILE D 1280 -68.83 5.02 40.77
CA ILE D 1280 -68.40 6.17 41.54
C ILE D 1280 -69.62 6.75 42.26
N GLN D 1281 -69.44 7.06 43.53
CA GLN D 1281 -70.49 7.64 44.34
C GLN D 1281 -69.84 8.70 45.20
N SER D 1282 -70.66 9.51 45.85
CA SER D 1282 -70.12 10.57 46.69
C SER D 1282 -71.20 11.10 47.62
N SER D 1283 -70.90 12.23 48.24
CA SER D 1283 -71.83 12.95 49.08
C SER D 1283 -73.12 13.27 48.33
N GLY D 1284 -72.98 14.02 47.24
CA GLY D 1284 -74.13 14.56 46.53
C GLY D 1284 -74.75 13.63 45.51
N THR D 1285 -74.54 12.32 45.69
CA THR D 1285 -75.07 11.26 44.82
C THR D 1285 -74.92 11.57 43.33
N PHE D 1286 -73.85 12.28 42.96
CA PHE D 1286 -73.51 12.52 41.56
C PHE D 1286 -72.97 11.20 41.02
N SER D 1287 -73.86 10.23 40.87
CA SER D 1287 -73.50 8.84 40.68
C SER D 1287 -72.90 8.67 39.31
N SER D 1288 -72.28 7.50 39.09
CA SER D 1288 -71.63 7.21 37.83
C SER D 1288 -71.39 5.72 37.75
N LYS D 1289 -71.26 5.24 36.53
CA LYS D 1289 -71.06 3.83 36.26
C LYS D 1289 -70.45 3.66 34.88
N PHE D 1290 -69.51 2.72 34.79
CA PHE D 1290 -68.59 2.65 33.67
C PHE D 1290 -68.29 1.19 33.42
N GLN D 1291 -67.34 0.95 32.52
CA GLN D 1291 -66.79 -0.36 32.28
C GLN D 1291 -65.54 -0.24 31.43
N VAL D 1292 -64.59 -1.14 31.68
CA VAL D 1292 -63.26 -1.06 31.10
C VAL D 1292 -62.83 -2.48 30.77
N ASP D 1293 -62.88 -2.84 29.49
CA ASP D 1293 -62.55 -4.18 29.02
C ASP D 1293 -61.46 -4.17 27.95
N ASN D 1294 -61.17 -5.33 27.37
CA ASN D 1294 -60.08 -5.44 26.42
C ASN D 1294 -60.39 -4.65 25.16
N ASN D 1295 -61.61 -4.81 24.65
CA ASN D 1295 -61.98 -4.19 23.39
C ASN D 1295 -61.87 -2.67 23.49
N ASN D 1296 -62.02 -2.13 24.69
CA ASN D 1296 -61.84 -0.71 24.96
C ASN D 1296 -60.62 -0.45 25.83
N ARG D 1297 -59.63 -1.34 25.73
CA ARG D 1297 -58.49 -1.29 26.63
C ARG D 1297 -57.81 0.07 26.60
N LEU D 1298 -57.67 0.67 25.43
CA LEU D 1298 -57.05 1.98 25.31
C LEU D 1298 -58.06 3.10 25.46
N LEU D 1299 -59.27 2.79 25.86
CA LEU D 1299 -60.30 3.82 25.90
C LEU D 1299 -60.18 4.72 27.11
N LEU D 1300 -60.89 5.83 27.05
CA LEU D 1300 -60.89 6.88 28.06
C LEU D 1300 -62.31 7.36 28.22
N GLN D 1301 -62.99 6.82 29.20
CA GLN D 1301 -64.39 7.14 29.45
C GLN D 1301 -64.46 8.29 30.43
N GLN D 1302 -64.37 9.50 29.92
CA GLN D 1302 -64.36 10.69 30.74
C GLN D 1302 -65.75 10.98 31.30
N VAL D 1303 -65.79 11.87 32.28
CA VAL D 1303 -67.04 12.30 32.91
C VAL D 1303 -66.74 13.52 33.78
N SER D 1304 -67.77 14.34 33.98
CA SER D 1304 -67.64 15.57 34.73
C SER D 1304 -67.55 15.30 36.22
N LEU D 1305 -67.07 16.31 36.94
CA LEU D 1305 -67.12 16.33 38.40
C LEU D 1305 -67.20 17.80 38.82
N PRO D 1306 -68.37 18.40 38.87
CA PRO D 1306 -68.45 19.86 39.00
C PRO D 1306 -68.48 20.41 40.42
N GLU D 1307 -69.04 19.66 41.37
CA GLU D 1307 -69.38 20.22 42.67
C GLU D 1307 -68.14 20.64 43.44
N LEU D 1308 -68.26 21.72 44.24
CA LEU D 1308 -67.18 22.10 45.15
C LEU D 1308 -66.85 20.98 46.12
N PRO D 1309 -67.80 20.47 46.92
CA PRO D 1309 -67.42 19.51 47.96
C PRO D 1309 -66.97 18.19 47.35
N GLY D 1310 -65.73 17.81 47.65
CA GLY D 1310 -65.17 16.56 47.21
C GLY D 1310 -65.34 15.46 48.23
N GLU D 1311 -66.17 14.49 47.88
CA GLU D 1311 -66.48 13.33 48.73
C GLU D 1311 -66.58 12.10 47.87
N TYR D 1312 -65.74 12.05 46.86
CA TYR D 1312 -65.99 11.18 45.73
C TYR D 1312 -65.50 9.78 46.04
N SER D 1313 -66.43 8.92 46.40
CA SER D 1313 -66.11 7.59 46.86
C SER D 1313 -65.84 6.70 45.66
N MET D 1314 -64.57 6.51 45.35
CA MET D 1314 -64.20 5.61 44.29
C MET D 1314 -64.48 4.19 44.75
N LYS D 1315 -64.91 3.36 43.82
CA LYS D 1315 -65.06 1.94 44.09
C LYS D 1315 -64.92 1.17 42.80
N VAL D 1316 -64.45 -0.06 42.92
CA VAL D 1316 -64.02 -0.90 41.82
C VAL D 1316 -64.49 -2.31 42.11
N THR D 1317 -64.31 -3.19 41.13
CA THR D 1317 -64.40 -4.61 41.35
C THR D 1317 -63.75 -5.31 40.16
N GLY D 1318 -63.62 -6.62 40.28
CA GLY D 1318 -63.23 -7.45 39.16
C GLY D 1318 -61.75 -7.34 38.87
N GLU D 1319 -61.42 -7.30 37.58
CA GLU D 1319 -60.06 -7.49 37.09
C GLU D 1319 -59.74 -6.46 36.02
N GLY D 1320 -58.54 -5.88 36.12
CA GLY D 1320 -58.01 -4.98 35.11
C GLY D 1320 -57.63 -3.64 35.68
N CYS D 1321 -56.38 -3.29 35.49
CA CYS D 1321 -55.83 -2.07 36.04
C CYS D 1321 -56.47 -0.85 35.44
N VAL D 1322 -56.47 0.23 36.23
CA VAL D 1322 -57.14 1.47 35.91
C VAL D 1322 -56.35 2.62 36.51
N TYR D 1323 -56.22 3.71 35.78
CA TYR D 1323 -55.47 4.88 36.20
C TYR D 1323 -56.38 6.08 36.16
N LEU D 1324 -56.82 6.51 37.32
CA LEU D 1324 -57.95 7.41 37.42
C LEU D 1324 -57.43 8.82 37.64
N GLN D 1325 -56.87 9.39 36.60
CA GLN D 1325 -56.41 10.76 36.58
C GLN D 1325 -57.60 11.65 36.91
N THR D 1326 -57.45 12.44 37.97
CA THR D 1326 -58.51 13.33 38.40
C THR D 1326 -57.94 14.69 38.70
N SER D 1327 -58.75 15.72 38.51
CA SER D 1327 -58.26 17.05 38.75
C SER D 1327 -59.39 18.05 38.81
N LEU D 1328 -59.05 19.23 39.30
CA LEU D 1328 -59.93 20.37 39.32
C LEU D 1328 -59.10 21.60 39.04
N LYS D 1329 -59.77 22.65 38.61
CA LYS D 1329 -59.15 23.92 38.30
C LYS D 1329 -60.10 25.02 38.70
N TYR D 1330 -59.57 26.23 38.90
CA TYR D 1330 -60.40 27.31 39.39
C TYR D 1330 -59.61 28.61 39.34
N ASN D 1331 -60.26 29.71 39.74
CA ASN D 1331 -59.69 31.04 39.71
C ASN D 1331 -59.28 31.48 41.10
N ILE D 1332 -58.29 32.37 41.15
CA ILE D 1332 -57.78 32.94 42.39
C ILE D 1332 -57.54 34.42 42.20
N LEU D 1333 -56.87 35.05 43.17
CA LEU D 1333 -56.55 36.48 43.21
C LEU D 1333 -57.82 37.31 43.33
N PRO D 1334 -58.62 37.16 44.42
CA PRO D 1334 -59.65 38.16 44.68
C PRO D 1334 -59.06 39.44 45.28
N GLU D 1335 -58.17 39.33 46.27
CA GLU D 1335 -57.56 40.51 46.89
C GLU D 1335 -56.04 40.54 46.76
N LYS D 1336 -55.32 39.56 47.31
CA LYS D 1336 -53.85 39.50 47.38
C LYS D 1336 -53.23 40.87 47.61
N GLU D 1337 -53.58 41.48 48.74
CA GLU D 1337 -52.99 42.74 49.16
C GLU D 1337 -51.46 42.69 49.16
#